data_9MW9
#
_entry.id   9MW9
#
_cell.length_a   1.00
_cell.length_b   1.00
_cell.length_c   1.00
_cell.angle_alpha   90.00
_cell.angle_beta   90.00
_cell.angle_gamma   90.00
#
_symmetry.space_group_name_H-M   'P 1'
#
loop_
_entity.id
_entity.type
_entity.pdbx_description
1 polymer "RNA (5'-R(P*AP*AP*AP*A)-3')"
2 polymer 'Cat1 (CRISPR-associated TIR 1)'
#
loop_
_entity_poly.entity_id
_entity_poly.type
_entity_poly.pdbx_seq_one_letter_code
_entity_poly.pdbx_strand_id
1 'polyribonucleotide' AAAA e,f,g,h,i,j,k,c,d,a,b
2 'polypeptide(L)'
;MPQAFFSHNNKDKKIVLEVLEHLRQSLVATWIDQQSIPGGGSLIQQIIAGISKSQYFLAFLSNEYLKSDWCWDELEQAYA
LHQKGKVKIIPILLTNRAQLDLNALTDARRNFLESILTRLKYVEFDPHNMTRSLGSVAEALWQNEAVRFEPIRMIKVNGT
ELQVVEFKIPGSNLPVDFLHHWDLKIEDFIATSPNEQKPVKFDVPVALYGPGPNWLYAFLTLPFKNRNTVFVFNSRTSEY
ICVYSKSAGLAPGMVLKGHHHHH
;
G,H,E,F,A,B,C,D,I,J,K,L,M,N,O,P,Q,R,U,V,S,T
#
# COMPACT_ATOMS: atom_id res chain seq x y z
N PRO L 2 -37.92 -43.42 8.30
CA PRO L 2 -37.14 -43.93 7.17
C PRO L 2 -36.19 -42.91 6.60
N GLN L 3 -34.95 -43.31 6.34
CA GLN L 3 -33.93 -42.44 5.77
C GLN L 3 -34.16 -42.34 4.27
N ALA L 4 -33.59 -41.30 3.65
CA ALA L 4 -33.68 -41.11 2.22
C ALA L 4 -32.43 -40.38 1.72
N PHE L 5 -31.74 -41.00 0.77
CA PHE L 5 -30.57 -40.40 0.13
C PHE L 5 -30.95 -40.00 -1.30
N PHE L 6 -30.58 -38.78 -1.67
CA PHE L 6 -30.99 -38.21 -2.95
C PHE L 6 -29.81 -38.26 -3.92
N SER L 7 -30.03 -38.88 -5.08
CA SER L 7 -29.06 -38.88 -6.17
C SER L 7 -29.57 -37.96 -7.26
N HIS L 8 -28.80 -36.92 -7.57
CA HIS L 8 -29.25 -35.88 -8.48
C HIS L 8 -28.06 -35.15 -9.06
N ASN L 9 -28.33 -34.35 -10.09
CA ASN L 9 -27.32 -33.50 -10.70
C ASN L 9 -27.59 -32.03 -10.37
N ASN L 10 -26.56 -31.20 -10.54
CA ASN L 10 -26.66 -29.80 -10.15
C ASN L 10 -27.66 -29.02 -10.99
N LYS L 11 -27.84 -29.38 -12.27
CA LYS L 11 -28.79 -28.65 -13.10
C LYS L 11 -30.22 -28.84 -12.59
N ASP L 12 -30.57 -30.05 -12.18
CA ASP L 12 -31.89 -30.36 -11.67
C ASP L 12 -32.02 -30.10 -10.18
N LYS L 13 -31.06 -29.40 -9.58
CA LYS L 13 -31.06 -29.18 -8.14
C LYS L 13 -32.36 -28.51 -7.68
N LYS L 14 -32.85 -27.53 -8.45
CA LYS L 14 -34.05 -26.80 -8.07
C LYS L 14 -35.22 -27.74 -7.83
N ILE L 15 -35.32 -28.80 -8.63
CA ILE L 15 -36.40 -29.77 -8.46
C ILE L 15 -36.19 -30.65 -7.22
N VAL L 16 -34.96 -30.77 -6.74
CA VAL L 16 -34.67 -31.71 -5.65
C VAL L 16 -35.17 -31.17 -4.32
N LEU L 17 -34.87 -29.89 -4.01
CA LEU L 17 -35.04 -29.41 -2.64
C LEU L 17 -36.49 -29.46 -2.19
N GLU L 18 -37.41 -28.92 -3.00
CA GLU L 18 -38.82 -28.95 -2.60
C GLU L 18 -39.38 -30.36 -2.62
N VAL L 19 -38.80 -31.25 -3.42
CA VAL L 19 -39.12 -32.67 -3.28
C VAL L 19 -38.60 -33.18 -1.94
N LEU L 20 -37.36 -32.82 -1.59
CA LEU L 20 -36.84 -33.14 -0.27
C LEU L 20 -37.62 -32.44 0.83
N GLU L 21 -37.99 -31.18 0.59
CA GLU L 21 -38.75 -30.43 1.59
C GLU L 21 -40.10 -31.08 1.85
N HIS L 22 -40.77 -31.54 0.79
CA HIS L 22 -42.03 -32.25 0.97
C HIS L 22 -41.83 -33.56 1.72
N LEU L 23 -40.77 -34.29 1.39
CA LEU L 23 -40.48 -35.53 2.11
C LEU L 23 -40.13 -35.26 3.56
N ARG L 24 -39.37 -34.19 3.83
CA ARG L 24 -39.03 -33.85 5.21
C ARG L 24 -40.29 -33.56 6.02
N GLN L 25 -41.26 -32.86 5.42
CA GLN L 25 -42.51 -32.57 6.10
C GLN L 25 -43.28 -33.84 6.44
N SER L 26 -42.97 -34.96 5.78
CA SER L 26 -43.61 -36.24 6.07
C SER L 26 -42.82 -37.08 7.06
N LEU L 27 -42.02 -36.44 7.90
CA LEU L 27 -41.20 -37.12 8.91
C LEU L 27 -40.28 -38.16 8.29
N VAL L 28 -39.68 -37.83 7.14
CA VAL L 28 -38.72 -38.69 6.47
C VAL L 28 -37.36 -38.03 6.57
N ALA L 29 -36.39 -38.76 7.13
CA ALA L 29 -35.03 -38.23 7.23
C ALA L 29 -34.40 -38.22 5.84
N THR L 30 -33.87 -37.06 5.46
CA THR L 30 -33.26 -36.88 4.14
C THR L 30 -31.79 -36.53 4.28
N TRP L 31 -30.98 -37.16 3.44
CA TRP L 31 -29.54 -36.88 3.36
C TRP L 31 -29.22 -36.57 1.90
N ILE L 32 -29.01 -35.30 1.60
CA ILE L 32 -28.68 -34.90 0.23
C ILE L 32 -27.17 -34.74 0.04
N ASP L 33 -26.51 -34.03 0.95
CA ASP L 33 -25.04 -33.98 0.99
C ASP L 33 -24.56 -33.99 2.43
N SER L 42 -19.54 -39.62 0.83
CA SER L 42 -20.35 -39.96 -0.33
C SER L 42 -21.76 -40.34 0.10
N LEU L 43 -22.36 -41.28 -0.64
CA LEU L 43 -23.70 -41.76 -0.33
C LEU L 43 -23.70 -43.26 -0.13
N ILE L 44 -22.70 -43.94 -0.71
CA ILE L 44 -22.69 -45.40 -0.72
C ILE L 44 -22.45 -45.95 0.67
N GLN L 45 -21.47 -45.40 1.39
CA GLN L 45 -21.08 -45.98 2.67
C GLN L 45 -22.11 -45.77 3.78
N GLN L 46 -22.82 -44.64 3.77
CA GLN L 46 -23.88 -44.44 4.75
C GLN L 46 -25.11 -45.29 4.46
N ILE L 47 -25.16 -45.95 3.30
CA ILE L 47 -26.21 -46.95 3.08
C ILE L 47 -26.05 -48.09 4.06
N ILE L 48 -24.81 -48.47 4.35
CA ILE L 48 -24.52 -49.52 5.35
C ILE L 48 -24.46 -48.81 6.70
N ALA L 49 -25.64 -48.61 7.29
CA ALA L 49 -25.76 -47.93 8.57
C ALA L 49 -27.14 -48.12 9.17
N GLY L 50 -27.21 -48.43 10.45
CA GLY L 50 -28.48 -48.56 11.14
C GLY L 50 -29.04 -49.96 11.02
N ILE L 51 -30.32 -50.05 10.67
CA ILE L 51 -31.03 -51.32 10.61
C ILE L 51 -31.18 -51.71 9.14
N SER L 52 -31.61 -52.96 8.92
CA SER L 52 -31.82 -53.47 7.57
C SER L 52 -32.77 -52.58 6.78
N LYS L 53 -33.75 -51.97 7.43
CA LYS L 53 -34.55 -50.91 6.82
C LYS L 53 -33.72 -49.62 6.79
N SER L 54 -32.80 -49.58 5.82
CA SER L 54 -31.85 -48.48 5.73
C SER L 54 -32.49 -47.21 5.20
N GLN L 55 -32.94 -47.24 3.94
CA GLN L 55 -33.41 -46.04 3.26
C GLN L 55 -34.00 -46.45 1.92
N TYR L 56 -34.42 -45.45 1.13
CA TYR L 56 -34.79 -45.65 -0.27
C TYR L 56 -33.92 -44.75 -1.13
N PHE L 57 -33.18 -45.34 -2.06
CA PHE L 57 -32.38 -44.56 -2.99
C PHE L 57 -33.29 -43.79 -3.94
N LEU L 58 -33.10 -42.47 -4.01
CA LEU L 58 -33.88 -41.62 -4.89
C LEU L 58 -33.00 -41.20 -6.06
N ALA L 59 -33.13 -41.91 -7.17
CA ALA L 59 -32.36 -41.61 -8.37
C ALA L 59 -33.19 -40.69 -9.25
N PHE L 60 -32.79 -39.42 -9.33
CA PHE L 60 -33.49 -38.42 -10.12
C PHE L 60 -33.04 -38.54 -11.57
N LEU L 61 -33.60 -39.53 -12.26
CA LEU L 61 -33.26 -39.76 -13.66
C LEU L 61 -33.66 -38.54 -14.49
N SER L 62 -32.74 -38.13 -15.36
CA SER L 62 -32.94 -36.95 -16.21
C SER L 62 -32.11 -37.14 -17.47
N ASN L 63 -32.43 -36.34 -18.49
CA ASN L 63 -31.73 -36.47 -19.76
C ASN L 63 -30.24 -36.16 -19.59
N GLU L 64 -29.90 -35.25 -18.67
CA GLU L 64 -28.50 -34.91 -18.46
C GLU L 64 -27.89 -35.78 -17.35
N TYR L 65 -28.73 -36.31 -16.46
CA TYR L 65 -28.22 -37.06 -15.30
C TYR L 65 -27.34 -38.21 -15.74
N LEU L 66 -27.75 -38.93 -16.78
CA LEU L 66 -26.99 -40.07 -17.27
C LEU L 66 -25.82 -39.68 -18.15
N LYS L 67 -25.64 -38.40 -18.45
CA LYS L 67 -24.52 -37.94 -19.25
C LYS L 67 -23.27 -37.64 -18.44
N SER L 68 -23.31 -37.85 -17.13
CA SER L 68 -22.16 -37.62 -16.26
C SER L 68 -21.62 -38.97 -15.78
N ASP L 69 -20.35 -39.23 -16.06
CA ASP L 69 -19.72 -40.47 -15.61
C ASP L 69 -19.63 -40.53 -14.10
N TRP L 70 -19.52 -39.38 -13.44
CA TRP L 70 -19.57 -39.36 -11.98
C TRP L 70 -20.93 -39.78 -11.46
N CYS L 71 -21.99 -39.51 -12.22
CA CYS L 71 -23.33 -39.80 -11.73
C CYS L 71 -23.72 -41.26 -11.96
N TRP L 72 -23.04 -41.95 -12.89
CA TRP L 72 -23.46 -43.30 -13.23
C TRP L 72 -23.08 -44.32 -12.16
N ASP L 73 -21.85 -44.23 -11.62
CA ASP L 73 -21.36 -45.33 -10.80
C ASP L 73 -22.19 -45.55 -9.53
N GLU L 74 -22.60 -44.48 -8.82
CA GLU L 74 -23.35 -44.71 -7.58
C GLU L 74 -24.63 -45.45 -7.88
N LEU L 75 -25.27 -45.16 -9.01
CA LEU L 75 -26.42 -45.94 -9.45
C LEU L 75 -26.05 -47.41 -9.58
N GLU L 76 -24.85 -47.70 -10.10
CA GLU L 76 -24.39 -49.08 -10.18
C GLU L 76 -24.16 -49.68 -8.80
N GLN L 77 -23.38 -49.00 -7.96
CA GLN L 77 -23.08 -49.54 -6.63
C GLN L 77 -24.34 -49.63 -5.77
N ALA L 78 -25.20 -48.61 -5.83
CA ALA L 78 -26.46 -48.69 -5.10
C ALA L 78 -27.30 -49.85 -5.60
N TYR L 79 -27.36 -50.03 -6.93
CA TYR L 79 -28.01 -51.21 -7.48
C TYR L 79 -27.27 -52.48 -7.09
N ALA L 80 -25.94 -52.45 -7.07
CA ALA L 80 -25.17 -53.63 -6.73
C ALA L 80 -25.51 -54.14 -5.34
N LEU L 81 -25.60 -53.22 -4.36
CA LEU L 81 -26.00 -53.62 -3.02
C LEU L 81 -27.52 -53.63 -2.85
N HIS L 82 -28.27 -53.17 -3.86
CA HIS L 82 -29.71 -53.35 -3.83
C HIS L 82 -30.12 -54.80 -4.04
N GLN L 83 -29.33 -55.54 -4.83
CA GLN L 83 -29.57 -56.96 -4.99
C GLN L 83 -29.42 -57.70 -3.66
N LYS L 84 -28.53 -57.22 -2.79
CA LYS L 84 -28.38 -57.82 -1.47
C LYS L 84 -29.57 -57.55 -0.56
N GLY L 85 -30.50 -56.69 -0.97
CA GLY L 85 -31.63 -56.35 -0.15
C GLY L 85 -31.39 -55.30 0.90
N LYS L 86 -30.16 -54.76 0.98
CA LYS L 86 -29.87 -53.75 1.98
C LYS L 86 -30.67 -52.48 1.75
N VAL L 87 -30.82 -52.06 0.49
CA VAL L 87 -31.56 -50.87 0.14
C VAL L 87 -32.51 -51.19 -1.01
N LYS L 88 -33.52 -50.35 -1.16
CA LYS L 88 -34.41 -50.39 -2.30
C LYS L 88 -34.36 -49.05 -3.03
N ILE L 89 -34.28 -49.12 -4.35
CA ILE L 89 -34.12 -47.94 -5.20
C ILE L 89 -35.45 -47.68 -5.90
N ILE L 90 -35.85 -46.42 -5.95
CA ILE L 90 -36.96 -46.01 -6.81
C ILE L 90 -36.44 -44.91 -7.73
N PRO L 91 -36.78 -44.94 -9.02
CA PRO L 91 -36.26 -43.93 -9.95
C PRO L 91 -37.23 -42.76 -10.08
N ILE L 92 -36.67 -41.55 -10.06
CA ILE L 92 -37.44 -40.33 -10.28
C ILE L 92 -37.21 -39.90 -11.72
N LEU L 93 -38.24 -39.96 -12.55
CA LEU L 93 -38.14 -39.59 -13.95
C LEU L 93 -38.46 -38.11 -14.08
N LEU L 94 -37.41 -37.28 -14.18
CA LEU L 94 -37.62 -35.85 -14.41
C LEU L 94 -38.31 -35.62 -15.74
N THR L 95 -37.92 -36.36 -16.77
CA THR L 95 -38.59 -36.35 -18.06
C THR L 95 -39.22 -37.71 -18.31
N ASN L 96 -40.16 -37.74 -19.24
CA ASN L 96 -40.89 -38.96 -19.54
C ASN L 96 -39.96 -40.03 -20.13
N ARG L 97 -40.37 -41.29 -19.97
CA ARG L 97 -39.62 -42.41 -20.50
C ARG L 97 -39.46 -42.31 -22.02
N ALA L 98 -40.42 -41.67 -22.70
CA ALA L 98 -40.44 -41.69 -24.16
C ALA L 98 -39.20 -41.03 -24.75
N GLN L 99 -38.83 -39.85 -24.25
CA GLN L 99 -37.72 -39.09 -24.83
C GLN L 99 -36.46 -39.17 -23.98
N LEU L 100 -36.27 -40.22 -23.20
CA LEU L 100 -34.96 -40.50 -22.62
C LEU L 100 -33.98 -40.84 -23.72
N ASP L 101 -32.82 -40.21 -23.71
CA ASP L 101 -31.82 -40.42 -24.75
C ASP L 101 -31.00 -41.66 -24.42
N LEU L 102 -31.63 -42.82 -24.60
CA LEU L 102 -30.93 -44.08 -24.42
C LEU L 102 -29.92 -44.35 -25.51
N ASN L 103 -29.97 -43.59 -26.61
CA ASN L 103 -28.99 -43.74 -27.67
C ASN L 103 -27.63 -43.21 -27.22
N ALA L 104 -27.62 -42.19 -26.37
CA ALA L 104 -26.36 -41.59 -25.94
C ALA L 104 -25.50 -42.57 -25.17
N LEU L 105 -26.12 -43.40 -24.33
CA LEU L 105 -25.36 -44.32 -23.50
C LEU L 105 -24.76 -45.44 -24.34
N THR L 106 -23.73 -46.08 -23.79
CA THR L 106 -23.15 -47.26 -24.41
C THR L 106 -24.10 -48.44 -24.28
N ASP L 107 -23.75 -49.55 -24.93
CA ASP L 107 -24.60 -50.74 -24.88
C ASP L 107 -24.74 -51.25 -23.46
N ALA L 108 -23.63 -51.32 -22.72
CA ALA L 108 -23.69 -51.79 -21.34
C ALA L 108 -24.54 -50.85 -20.48
N ARG L 109 -24.35 -49.54 -20.64
CA ARG L 109 -25.13 -48.57 -19.87
C ARG L 109 -26.60 -48.63 -20.26
N ARG L 110 -26.90 -48.76 -21.55
CA ARG L 110 -28.30 -48.79 -21.99
C ARG L 110 -29.02 -50.01 -21.47
N ASN L 111 -28.40 -51.19 -21.57
CA ASN L 111 -29.03 -52.41 -21.07
C ASN L 111 -29.20 -52.36 -19.56
N PHE L 112 -28.20 -51.84 -18.85
CA PHE L 112 -28.31 -51.71 -17.41
C PHE L 112 -29.45 -50.79 -17.01
N LEU L 113 -29.57 -49.66 -17.72
CA LEU L 113 -30.69 -48.75 -17.45
C LEU L 113 -32.02 -49.40 -17.80
N GLU L 114 -32.08 -50.13 -18.92
CA GLU L 114 -33.31 -50.81 -19.28
C GLU L 114 -33.63 -51.93 -18.30
N SER L 115 -32.62 -52.61 -17.78
CA SER L 115 -32.85 -53.68 -16.82
C SER L 115 -33.50 -53.16 -15.55
N ILE L 116 -33.05 -52.01 -15.05
CA ILE L 116 -33.60 -51.48 -13.81
C ILE L 116 -34.91 -50.74 -14.05
N LEU L 117 -35.17 -50.25 -15.25
CA LEU L 117 -36.39 -49.50 -15.49
C LEU L 117 -37.60 -50.42 -15.61
N THR L 118 -37.41 -51.62 -16.17
CA THR L 118 -38.52 -52.53 -16.40
C THR L 118 -38.81 -53.40 -15.17
N ARG L 119 -37.81 -54.10 -14.67
CA ARG L 119 -38.01 -54.99 -13.53
C ARG L 119 -38.33 -54.24 -12.25
N LEU L 120 -38.04 -52.95 -12.20
CA LEU L 120 -38.26 -52.16 -11.00
C LEU L 120 -39.19 -50.99 -11.33
N LYS L 121 -40.22 -50.81 -10.49
CA LYS L 121 -41.25 -49.82 -10.76
C LYS L 121 -40.69 -48.41 -10.60
N TYR L 122 -41.00 -47.54 -11.57
CA TYR L 122 -40.61 -46.15 -11.53
C TYR L 122 -41.83 -45.26 -11.32
N VAL L 123 -41.58 -43.99 -11.02
CA VAL L 123 -42.63 -43.01 -10.77
C VAL L 123 -42.38 -41.81 -11.66
N GLU L 124 -43.42 -41.36 -12.36
CA GLU L 124 -43.33 -40.25 -13.29
C GLU L 124 -43.40 -38.92 -12.56
N PHE L 125 -42.61 -37.96 -13.03
CA PHE L 125 -42.55 -36.63 -12.43
C PHE L 125 -42.66 -35.58 -13.51
N ASP L 126 -43.47 -34.55 -13.27
CA ASP L 126 -43.57 -33.41 -14.18
C ASP L 126 -43.64 -32.11 -13.40
N PRO L 127 -42.88 -31.09 -13.80
CA PRO L 127 -42.97 -29.80 -13.11
C PRO L 127 -44.36 -29.21 -13.05
N HIS L 128 -45.19 -29.42 -14.08
CA HIS L 128 -46.45 -28.70 -14.20
C HIS L 128 -47.41 -29.03 -13.06
N ASN L 129 -47.64 -30.32 -12.83
CA ASN L 129 -48.56 -30.75 -11.77
C ASN L 129 -47.76 -31.21 -10.56
N MET L 130 -47.37 -30.23 -9.75
CA MET L 130 -46.54 -30.51 -8.58
C MET L 130 -47.29 -31.34 -7.55
N THR L 131 -48.58 -31.04 -7.34
CA THR L 131 -49.32 -31.71 -6.27
C THR L 131 -49.44 -33.21 -6.53
N ARG L 132 -49.70 -33.61 -7.76
CA ARG L 132 -49.80 -35.03 -8.05
C ARG L 132 -48.43 -35.69 -8.05
N SER L 133 -47.44 -35.00 -8.63
CA SER L 133 -46.10 -35.56 -8.72
C SER L 133 -45.50 -35.79 -7.33
N LEU L 134 -45.68 -34.82 -6.43
CA LEU L 134 -45.18 -34.98 -5.07
C LEU L 134 -45.88 -36.13 -4.35
N GLY L 135 -47.19 -36.27 -4.55
CA GLY L 135 -47.92 -37.36 -3.94
C GLY L 135 -47.45 -38.72 -4.43
N SER L 136 -47.18 -38.83 -5.74
CA SER L 136 -46.71 -40.09 -6.29
C SER L 136 -45.35 -40.47 -5.73
N VAL L 137 -44.45 -39.50 -5.59
CA VAL L 137 -43.14 -39.77 -5.02
C VAL L 137 -43.27 -40.26 -3.58
N ALA L 138 -44.11 -39.59 -2.79
CA ALA L 138 -44.35 -40.04 -1.42
C ALA L 138 -44.98 -41.42 -1.40
N GLU L 139 -45.94 -41.67 -2.30
CA GLU L 139 -46.54 -43.00 -2.40
C GLU L 139 -45.49 -44.05 -2.75
N ALA L 140 -44.60 -43.73 -3.68
CA ALA L 140 -43.51 -44.64 -4.01
C ALA L 140 -42.58 -44.84 -2.82
N LEU L 141 -42.60 -43.90 -1.87
CA LEU L 141 -41.77 -44.04 -0.67
C LEU L 141 -42.46 -44.92 0.37
N TRP L 142 -43.77 -44.74 0.55
CA TRP L 142 -44.51 -45.37 1.65
C TRP L 142 -45.16 -46.70 1.30
N GLN L 143 -45.02 -47.18 0.06
CA GLN L 143 -45.82 -48.32 -0.38
C GLN L 143 -45.46 -49.59 0.39
N ASN L 144 -44.17 -49.79 0.66
CA ASN L 144 -43.71 -50.98 1.37
C ASN L 144 -43.31 -50.67 2.81
N GLU L 145 -43.92 -49.66 3.41
CA GLU L 145 -43.60 -49.24 4.77
C GLU L 145 -44.74 -49.61 5.71
N ALA L 146 -44.47 -49.42 7.00
CA ALA L 146 -45.45 -49.52 8.06
C ALA L 146 -46.27 -48.24 8.10
N VAL L 147 -46.96 -48.00 9.23
CA VAL L 147 -47.87 -46.87 9.40
C VAL L 147 -47.33 -45.61 8.73
N ARG L 148 -48.17 -44.98 7.90
CA ARG L 148 -47.76 -43.90 7.03
C ARG L 148 -47.56 -42.62 7.83
N PHE L 149 -47.13 -41.56 7.14
CA PHE L 149 -46.98 -40.25 7.77
C PHE L 149 -47.22 -39.18 6.72
N GLU L 150 -48.42 -38.59 6.75
CA GLU L 150 -48.73 -37.49 5.86
C GLU L 150 -48.00 -36.23 6.29
N PRO L 151 -47.80 -35.28 5.38
CA PRO L 151 -47.08 -34.06 5.73
C PRO L 151 -47.78 -33.30 6.84
N ILE L 152 -46.97 -32.66 7.69
CA ILE L 152 -47.51 -31.90 8.82
C ILE L 152 -48.29 -30.70 8.31
N ARG L 153 -49.54 -30.59 8.75
CA ARG L 153 -50.41 -29.49 8.37
C ARG L 153 -50.75 -28.67 9.60
N MET L 154 -50.59 -27.35 9.49
CA MET L 154 -50.83 -26.44 10.61
C MET L 154 -52.22 -25.82 10.43
N ILE L 155 -53.08 -26.02 11.41
CA ILE L 155 -54.47 -25.58 11.35
C ILE L 155 -54.81 -24.82 12.63
N LYS L 156 -55.68 -23.83 12.51
CA LYS L 156 -56.17 -23.07 13.65
C LYS L 156 -57.58 -23.53 13.98
N VAL L 157 -57.75 -24.21 15.11
CA VAL L 157 -59.03 -24.75 15.54
C VAL L 157 -59.48 -23.98 16.76
N ASN L 158 -60.69 -23.41 16.68
CA ASN L 158 -61.28 -22.64 17.79
C ASN L 158 -60.36 -21.51 18.22
N GLY L 159 -59.67 -20.90 17.25
CA GLY L 159 -58.77 -19.81 17.54
C GLY L 159 -57.43 -20.22 18.12
N THR L 160 -57.15 -21.51 18.21
CA THR L 160 -55.89 -22.00 18.76
C THR L 160 -55.07 -22.59 17.62
N GLU L 161 -53.87 -22.03 17.42
CA GLU L 161 -52.99 -22.51 16.37
C GLU L 161 -52.43 -23.88 16.75
N LEU L 162 -52.30 -24.76 15.76
CA LEU L 162 -51.96 -26.14 16.06
C LEU L 162 -51.44 -26.81 14.78
N GLN L 163 -50.54 -27.77 14.96
CA GLN L 163 -50.02 -28.58 13.87
C GLN L 163 -50.39 -30.05 14.10
N VAL L 164 -50.72 -30.75 13.02
CA VAL L 164 -51.24 -32.10 13.08
C VAL L 164 -50.22 -33.06 12.50
N VAL L 165 -49.93 -34.12 13.23
CA VAL L 165 -49.08 -35.21 12.74
C VAL L 165 -50.02 -36.34 12.37
N GLU L 166 -50.38 -36.40 11.09
CA GLU L 166 -51.33 -37.39 10.60
C GLU L 166 -50.60 -38.68 10.24
N PHE L 167 -51.07 -39.78 10.80
CA PHE L 167 -50.51 -41.10 10.52
C PHE L 167 -51.63 -42.08 10.20
N LYS L 168 -51.42 -42.88 9.17
CA LYS L 168 -52.36 -43.92 8.78
C LYS L 168 -51.64 -45.25 8.65
N ILE L 169 -52.27 -46.31 9.12
CA ILE L 169 -51.69 -47.65 9.09
C ILE L 169 -52.17 -48.35 7.83
N PRO L 170 -51.27 -48.82 6.96
CA PRO L 170 -51.71 -49.70 5.87
C PRO L 170 -52.18 -51.03 6.43
N GLY L 171 -53.16 -51.63 5.77
CA GLY L 171 -53.80 -52.80 6.35
C GLY L 171 -54.58 -52.40 7.58
N SER L 172 -54.56 -53.27 8.59
CA SER L 172 -55.29 -53.01 9.84
C SER L 172 -54.51 -53.29 11.11
N ASN L 173 -53.44 -54.07 11.06
CA ASN L 173 -52.71 -54.46 12.27
C ASN L 173 -51.22 -54.31 12.07
N LEU L 174 -50.51 -54.18 13.19
CA LEU L 174 -49.06 -54.04 13.21
C LEU L 174 -48.44 -55.19 13.97
N PRO L 175 -47.20 -55.55 13.66
CA PRO L 175 -46.50 -56.54 14.50
C PRO L 175 -46.36 -56.05 15.92
N VAL L 176 -46.49 -56.98 16.87
CA VAL L 176 -46.45 -56.61 18.29
C VAL L 176 -45.06 -56.10 18.67
N ASP L 177 -44.03 -56.52 17.94
CA ASP L 177 -42.67 -56.07 18.16
C ASP L 177 -42.20 -55.01 17.16
N PHE L 178 -43.13 -54.34 16.48
CA PHE L 178 -42.77 -53.42 15.42
C PHE L 178 -41.92 -52.27 15.94
N LEU L 179 -42.22 -51.75 17.13
CA LEU L 179 -41.48 -50.62 17.66
C LEU L 179 -40.01 -50.92 17.85
N HIS L 180 -39.65 -52.20 18.00
CA HIS L 180 -38.25 -52.57 18.19
C HIS L 180 -37.42 -52.21 16.97
N HIS L 181 -37.94 -52.44 15.76
CA HIS L 181 -37.20 -52.25 14.54
C HIS L 181 -37.50 -50.92 13.85
N TRP L 182 -38.36 -50.10 14.43
CA TRP L 182 -38.69 -48.82 13.80
C TRP L 182 -37.51 -47.86 13.91
N ASP L 183 -37.38 -47.00 12.91
CA ASP L 183 -36.28 -46.04 12.80
C ASP L 183 -36.79 -44.61 12.65
N LEU L 184 -37.86 -44.27 13.37
CA LEU L 184 -38.51 -42.98 13.25
C LEU L 184 -38.43 -42.26 14.59
N LYS L 185 -37.22 -42.20 15.15
CA LYS L 185 -36.99 -41.46 16.38
C LYS L 185 -37.28 -39.99 16.15
N ILE L 186 -38.19 -39.43 16.95
CA ILE L 186 -38.83 -38.16 16.64
C ILE L 186 -38.05 -36.96 17.14
N GLU L 187 -37.04 -37.15 17.99
CA GLU L 187 -36.27 -36.01 18.51
C GLU L 187 -35.59 -35.20 17.43
N ASP L 188 -35.34 -35.79 16.26
CA ASP L 188 -34.61 -35.11 15.18
C ASP L 188 -35.51 -34.30 14.26
N PHE L 189 -36.81 -34.22 14.56
CA PHE L 189 -37.74 -33.46 13.72
C PHE L 189 -38.37 -32.30 14.46
N ILE L 190 -37.85 -31.94 15.63
CA ILE L 190 -38.38 -30.85 16.44
C ILE L 190 -37.44 -29.67 16.37
N ALA L 191 -37.95 -28.52 15.94
CA ALA L 191 -37.15 -27.32 15.85
C ALA L 191 -36.79 -26.81 17.24
N THR L 192 -35.54 -26.35 17.38
CA THR L 192 -35.10 -25.77 18.64
C THR L 192 -35.28 -24.26 18.69
N SER L 193 -35.31 -23.60 17.54
CA SER L 193 -35.51 -22.16 17.46
C SER L 193 -36.54 -21.86 16.37
N PRO L 194 -37.28 -20.76 16.52
CA PRO L 194 -38.31 -20.44 15.50
C PRO L 194 -37.73 -20.24 14.11
N ASN L 195 -36.55 -19.66 13.99
CA ASN L 195 -35.97 -19.40 12.68
C ASN L 195 -35.53 -20.68 11.98
N GLU L 196 -34.99 -21.64 12.73
CA GLU L 196 -34.55 -22.90 12.15
C GLU L 196 -35.73 -23.65 11.57
N GLN L 197 -35.54 -24.28 10.41
CA GLN L 197 -36.60 -25.04 9.77
C GLN L 197 -36.52 -26.49 10.21
N LYS L 198 -37.68 -27.09 10.43
CA LYS L 198 -37.83 -28.48 10.86
C LYS L 198 -39.25 -28.90 10.56
N PRO L 199 -39.51 -30.21 10.47
CA PRO L 199 -40.90 -30.66 10.25
C PRO L 199 -41.86 -30.19 11.33
N VAL L 200 -41.43 -30.15 12.59
CA VAL L 200 -42.28 -29.72 13.69
C VAL L 200 -41.83 -28.33 14.14
N LYS L 201 -42.75 -27.39 14.16
CA LYS L 201 -42.42 -26.02 14.53
C LYS L 201 -42.08 -25.92 16.01
N PHE L 202 -41.16 -25.01 16.32
CA PHE L 202 -40.73 -24.82 17.70
C PHE L 202 -41.84 -24.15 18.51
N ASP L 203 -42.16 -24.75 19.66
CA ASP L 203 -43.12 -24.34 20.68
C ASP L 203 -44.57 -24.41 20.22
N VAL L 204 -44.83 -24.75 18.97
CA VAL L 204 -46.20 -24.82 18.47
C VAL L 204 -46.83 -26.13 18.94
N PRO L 205 -48.03 -26.10 19.52
CA PRO L 205 -48.65 -27.34 19.99
C PRO L 205 -48.85 -28.34 18.85
N VAL L 206 -48.63 -29.61 19.14
CA VAL L 206 -48.69 -30.68 18.15
C VAL L 206 -49.79 -31.65 18.52
N ALA L 207 -50.63 -31.99 17.55
CA ALA L 207 -51.74 -32.91 17.75
C ALA L 207 -51.49 -34.19 16.98
N LEU L 208 -51.87 -35.31 17.60
CA LEU L 208 -51.76 -36.63 16.97
C LEU L 208 -53.15 -37.07 16.54
N TYR L 209 -53.31 -37.37 15.25
CA TYR L 209 -54.60 -37.69 14.67
C TYR L 209 -54.45 -38.95 13.84
N GLY L 210 -55.41 -39.88 13.99
CA GLY L 210 -55.40 -41.10 13.23
C GLY L 210 -55.59 -42.33 14.11
N PRO L 211 -56.34 -43.31 13.63
CA PRO L 211 -56.55 -44.52 14.43
C PRO L 211 -55.26 -45.31 14.60
N GLY L 212 -55.13 -45.97 15.74
CA GLY L 212 -53.95 -46.75 16.04
C GLY L 212 -53.98 -47.33 17.44
N PRO L 213 -53.00 -48.17 17.76
CA PRO L 213 -52.96 -48.79 19.09
C PRO L 213 -52.54 -47.79 20.15
N ASN L 214 -52.81 -48.17 21.41
CA ASN L 214 -52.48 -47.31 22.53
C ASN L 214 -50.97 -47.10 22.64
N TRP L 215 -50.18 -48.16 22.46
CA TRP L 215 -48.74 -48.04 22.63
C TRP L 215 -48.12 -47.14 21.57
N LEU L 216 -48.64 -47.18 20.33
CA LEU L 216 -48.08 -46.32 19.29
C LEU L 216 -48.32 -44.85 19.61
N TYR L 217 -49.51 -44.52 20.14
CA TYR L 217 -49.73 -43.16 20.58
C TYR L 217 -48.80 -42.77 21.72
N ALA L 218 -48.65 -43.66 22.72
CA ALA L 218 -47.79 -43.36 23.85
C ALA L 218 -46.34 -43.20 23.40
N PHE L 219 -45.90 -44.01 22.45
CA PHE L 219 -44.54 -43.88 21.94
C PHE L 219 -44.32 -42.53 21.27
N LEU L 220 -45.33 -42.01 20.57
CA LEU L 220 -45.17 -40.75 19.86
C LEU L 220 -45.19 -39.55 20.81
N THR L 221 -46.11 -39.54 21.77
CA THR L 221 -46.29 -38.35 22.60
C THR L 221 -45.19 -38.22 23.65
N LEU L 222 -44.63 -39.34 24.08
CA LEU L 222 -43.68 -39.31 25.20
C LEU L 222 -42.46 -38.44 24.94
N PRO L 223 -41.77 -38.51 23.79
CA PRO L 223 -40.60 -37.65 23.60
C PRO L 223 -40.89 -36.17 23.50
N PHE L 224 -42.17 -35.77 23.52
CA PHE L 224 -42.54 -34.36 23.40
C PHE L 224 -42.54 -33.63 24.74
N LYS L 225 -42.27 -34.32 25.84
CA LYS L 225 -42.21 -33.65 27.13
C LYS L 225 -41.07 -32.64 27.14
N ASN L 226 -41.32 -31.49 27.75
CA ASN L 226 -40.40 -30.36 27.83
C ASN L 226 -40.10 -29.74 26.47
N ARG L 227 -40.83 -30.14 25.42
CA ARG L 227 -40.58 -29.63 24.08
C ARG L 227 -41.78 -28.93 23.48
N ASN L 228 -42.97 -29.54 23.55
CA ASN L 228 -44.14 -28.97 22.90
C ASN L 228 -45.40 -29.41 23.63
N THR L 229 -46.43 -28.56 23.56
CA THR L 229 -47.75 -28.93 24.03
C THR L 229 -48.31 -30.02 23.14
N VAL L 230 -48.90 -31.05 23.73
CA VAL L 230 -49.34 -32.23 23.00
C VAL L 230 -50.85 -32.31 23.01
N PHE L 231 -51.44 -32.49 21.84
CA PHE L 231 -52.86 -32.76 21.69
C PHE L 231 -53.03 -34.14 21.07
N VAL L 232 -54.20 -34.74 21.29
CA VAL L 232 -54.49 -36.08 20.80
C VAL L 232 -55.96 -36.14 20.40
N PHE L 233 -56.28 -36.99 19.42
CA PHE L 233 -57.61 -37.08 18.85
C PHE L 233 -58.29 -38.35 19.35
N ASN L 234 -59.50 -38.19 19.88
CA ASN L 234 -60.32 -39.32 20.31
C ASN L 234 -61.54 -39.41 19.40
N SER L 235 -61.76 -40.60 18.84
CA SER L 235 -62.82 -40.80 17.86
C SER L 235 -64.18 -41.05 18.49
N ARG L 236 -64.26 -41.20 19.81
CA ARG L 236 -65.55 -41.40 20.46
C ARG L 236 -66.45 -40.19 20.26
N THR L 237 -65.89 -38.99 20.39
CA THR L 237 -66.64 -37.76 20.19
C THR L 237 -66.03 -36.86 19.12
N SER L 238 -64.84 -37.17 18.63
CA SER L 238 -64.18 -36.44 17.55
C SER L 238 -63.85 -34.99 17.90
N GLU L 239 -63.05 -34.78 18.94
CA GLU L 239 -62.34 -33.53 19.12
C GLU L 239 -60.91 -33.85 19.54
N TYR L 240 -60.15 -32.80 19.83
CA TYR L 240 -58.75 -32.93 20.24
C TYR L 240 -58.65 -32.80 21.76
N ILE L 241 -57.83 -33.64 22.36
CA ILE L 241 -57.65 -33.69 23.82
C ILE L 241 -56.24 -33.27 24.15
N CYS L 242 -56.10 -32.32 25.08
CA CYS L 242 -54.80 -31.84 25.51
C CYS L 242 -54.30 -32.68 26.67
N VAL L 243 -53.07 -33.18 26.56
CA VAL L 243 -52.46 -33.96 27.62
C VAL L 243 -51.30 -33.25 28.30
N TYR L 244 -50.51 -32.47 27.56
CA TYR L 244 -49.38 -31.74 28.11
C TYR L 244 -49.61 -30.24 27.93
N SER L 245 -49.23 -29.47 28.95
CA SER L 245 -49.39 -28.02 28.94
C SER L 245 -48.02 -27.38 29.11
N LYS L 246 -47.33 -27.14 28.00
CA LYS L 246 -46.06 -26.42 28.03
C LYS L 246 -46.19 -24.96 27.61
N SER L 247 -47.39 -24.51 27.27
CA SER L 247 -47.62 -23.15 26.82
C SER L 247 -48.64 -22.47 27.74
N ALA L 248 -48.47 -21.17 27.93
CA ALA L 248 -49.40 -20.40 28.75
C ALA L 248 -50.75 -20.28 28.07
N GLY L 249 -51.80 -20.24 28.87
CA GLY L 249 -53.16 -20.08 28.38
C GLY L 249 -53.91 -21.35 28.09
N LEU L 250 -53.27 -22.51 28.17
CA LEU L 250 -53.94 -23.79 27.95
C LEU L 250 -53.55 -24.77 29.05
N ALA L 251 -54.47 -25.67 29.36
CA ALA L 251 -54.32 -26.64 30.41
C ALA L 251 -54.68 -28.03 29.90
N PRO L 252 -54.12 -29.09 30.49
CA PRO L 252 -54.44 -30.44 30.02
C PRO L 252 -55.89 -30.82 30.33
N GLY L 253 -56.70 -30.95 29.29
CA GLY L 253 -58.09 -31.31 29.48
C GLY L 253 -59.03 -30.50 28.60
N MET L 254 -58.52 -29.44 27.99
CA MET L 254 -59.36 -28.64 27.10
C MET L 254 -59.59 -29.40 25.79
N VAL L 255 -60.64 -28.98 25.09
CA VAL L 255 -61.11 -29.65 23.88
C VAL L 255 -61.21 -28.65 22.75
N LEU L 256 -60.80 -29.07 21.56
CA LEU L 256 -60.89 -28.24 20.35
C LEU L 256 -61.88 -28.92 19.41
N LYS L 257 -63.11 -28.42 19.41
CA LYS L 257 -64.16 -29.02 18.59
C LYS L 257 -63.88 -28.82 17.11
N GLY L 258 -64.16 -29.84 16.32
CA GLY L 258 -63.94 -29.79 14.89
C GLY L 258 -65.16 -29.35 14.11
N PRO M 2 -56.16 -37.89 44.32
CA PRO M 2 -57.01 -37.25 45.32
C PRO M 2 -56.31 -37.08 46.67
N GLN M 3 -56.39 -35.89 47.25
CA GLN M 3 -55.79 -35.61 48.54
C GLN M 3 -56.64 -36.25 49.63
N ALA M 4 -56.02 -36.52 50.78
CA ALA M 4 -56.71 -37.10 51.92
C ALA M 4 -56.10 -36.55 53.21
N PHE M 5 -56.96 -36.05 54.09
CA PHE M 5 -56.54 -35.53 55.40
C PHE M 5 -56.92 -36.55 56.45
N PHE M 6 -55.96 -36.89 57.32
CA PHE M 6 -56.18 -37.91 58.35
C PHE M 6 -56.33 -37.22 59.70
N SER M 7 -57.45 -37.48 60.37
CA SER M 7 -57.69 -36.99 61.72
C SER M 7 -57.69 -38.19 62.65
N HIS M 8 -56.78 -38.17 63.65
CA HIS M 8 -56.58 -39.32 64.52
C HIS M 8 -55.90 -38.88 65.80
N ASN M 9 -55.96 -39.75 66.79
CA ASN M 9 -55.26 -39.55 68.05
C ASN M 9 -53.92 -40.30 68.03
N ASN M 10 -53.02 -39.91 68.93
CA ASN M 10 -51.72 -40.55 68.99
C ASN M 10 -51.80 -42.00 69.45
N LYS M 11 -52.92 -42.42 70.04
CA LYS M 11 -53.04 -43.79 70.50
C LYS M 11 -53.10 -44.77 69.33
N ASP M 12 -53.86 -44.46 68.29
CA ASP M 12 -53.97 -45.30 67.11
C ASP M 12 -52.95 -44.91 66.04
N LYS M 13 -51.82 -44.32 66.45
CA LYS M 13 -50.79 -43.95 65.48
C LYS M 13 -50.17 -45.18 64.85
N LYS M 14 -50.25 -46.33 65.52
CA LYS M 14 -49.68 -47.56 65.00
C LYS M 14 -50.39 -48.02 63.73
N ILE M 15 -51.70 -47.77 63.63
CA ILE M 15 -52.47 -48.34 62.54
C ILE M 15 -52.81 -47.33 61.44
N VAL M 16 -52.65 -46.04 61.70
CA VAL M 16 -53.05 -45.04 60.70
C VAL M 16 -52.11 -45.08 59.50
N LEU M 17 -50.80 -45.11 59.73
CA LEU M 17 -49.86 -45.04 58.63
C LEU M 17 -49.92 -46.31 57.78
N GLU M 18 -50.13 -47.46 58.41
CA GLU M 18 -50.29 -48.70 57.64
C GLU M 18 -51.54 -48.66 56.79
N VAL M 19 -52.60 -48.01 57.27
CA VAL M 19 -53.75 -47.71 56.40
C VAL M 19 -53.36 -46.64 55.39
N LEU M 20 -52.65 -45.61 55.83
CA LEU M 20 -52.23 -44.54 54.93
C LEU M 20 -51.25 -45.05 53.89
N GLU M 21 -50.34 -45.95 54.28
CA GLU M 21 -49.39 -46.49 53.32
C GLU M 21 -50.12 -47.24 52.21
N HIS M 22 -51.12 -48.03 52.56
CA HIS M 22 -51.92 -48.72 51.55
C HIS M 22 -52.62 -47.72 50.63
N LEU M 23 -53.17 -46.64 51.20
CA LEU M 23 -53.71 -45.57 50.38
C LEU M 23 -52.63 -44.90 49.55
N ARG M 24 -51.45 -44.69 50.14
CA ARG M 24 -50.34 -44.11 49.38
C ARG M 24 -49.93 -45.00 48.22
N GLN M 25 -49.90 -46.32 48.45
CA GLN M 25 -49.59 -47.25 47.37
C GLN M 25 -50.68 -47.25 46.29
N SER M 26 -51.83 -46.67 46.58
CA SER M 26 -52.94 -46.57 45.63
C SER M 26 -52.98 -45.22 44.93
N LEU M 27 -51.84 -44.53 44.83
CA LEU M 27 -51.74 -43.23 44.15
C LEU M 27 -52.71 -42.20 44.74
N VAL M 28 -52.86 -42.21 46.05
CA VAL M 28 -53.76 -41.29 46.75
C VAL M 28 -52.89 -40.35 47.59
N ALA M 29 -53.06 -39.05 47.39
CA ALA M 29 -52.30 -38.07 48.16
C ALA M 29 -52.81 -38.03 49.59
N THR M 30 -51.89 -37.99 50.55
CA THR M 30 -52.22 -37.99 51.97
C THR M 30 -51.51 -36.82 52.66
N TRP M 31 -52.18 -36.27 53.68
CA TRP M 31 -51.63 -35.18 54.48
C TRP M 31 -51.96 -35.47 55.95
N ILE M 32 -50.92 -35.58 56.77
CA ILE M 32 -51.11 -35.80 58.21
C ILE M 32 -50.91 -34.51 59.00
N ASP M 33 -49.70 -33.97 58.96
CA ASP M 33 -49.38 -32.76 59.70
C ASP M 33 -48.59 -31.79 58.83
N SER M 42 -52.11 -26.91 59.92
CA SER M 42 -53.13 -27.80 60.43
C SER M 42 -53.82 -28.55 59.29
N LEU M 43 -55.13 -28.75 59.41
CA LEU M 43 -55.91 -29.44 58.38
C LEU M 43 -57.12 -28.62 57.99
N ILE M 44 -57.58 -27.75 58.90
CA ILE M 44 -58.77 -26.95 58.62
C ILE M 44 -58.51 -25.97 57.49
N GLN M 45 -57.39 -25.24 57.57
CA GLN M 45 -57.03 -24.31 56.51
C GLN M 45 -56.51 -25.01 55.26
N GLN M 46 -55.99 -26.24 55.39
CA GLN M 46 -55.59 -26.99 54.22
C GLN M 46 -56.78 -27.50 53.42
N ILE M 47 -57.97 -27.47 54.02
CA ILE M 47 -59.18 -27.86 53.29
C ILE M 47 -59.42 -26.91 52.12
N ILE M 48 -59.27 -25.61 52.35
CA ILE M 48 -59.56 -24.60 51.32
C ILE M 48 -58.27 -24.45 50.51
N ALA M 49 -58.12 -25.34 49.53
CA ALA M 49 -56.94 -25.34 48.66
C ALA M 49 -57.19 -26.19 47.43
N GLY M 50 -56.93 -25.63 46.26
CA GLY M 50 -57.04 -26.38 45.01
C GLY M 50 -58.44 -26.31 44.45
N ILE M 51 -58.97 -27.45 44.04
CA ILE M 51 -60.27 -27.55 43.40
C ILE M 51 -61.29 -28.00 44.45
N SER M 52 -62.57 -27.86 44.09
CA SER M 52 -63.65 -28.32 44.96
C SER M 52 -63.51 -29.79 45.32
N LYS M 53 -62.96 -30.59 44.41
CA LYS M 53 -62.50 -31.94 44.74
C LYS M 53 -61.19 -31.85 45.52
N SER M 54 -61.30 -31.32 46.75
CA SER M 54 -60.13 -31.05 47.56
C SER M 54 -59.59 -32.33 48.18
N GLN M 55 -60.39 -32.98 49.02
CA GLN M 55 -59.96 -34.19 49.72
C GLN M 55 -61.21 -34.83 50.32
N TYR M 56 -61.04 -36.05 50.84
CA TYR M 56 -62.07 -36.73 51.62
C TYR M 56 -61.57 -36.90 53.04
N PHE M 57 -62.33 -36.41 54.00
CA PHE M 57 -61.94 -36.47 55.41
C PHE M 57 -62.08 -37.88 55.94
N LEU M 58 -61.04 -38.36 56.62
CA LEU M 58 -61.07 -39.67 57.27
C LEU M 58 -61.02 -39.47 58.78
N ALA M 59 -62.19 -39.47 59.41
CA ALA M 59 -62.28 -39.34 60.86
C ALA M 59 -62.13 -40.73 61.48
N PHE M 60 -60.95 -41.00 62.03
CA PHE M 60 -60.63 -42.33 62.54
C PHE M 60 -61.22 -42.45 63.96
N LEU M 61 -62.54 -42.63 64.00
CA LEU M 61 -63.26 -42.62 65.26
C LEU M 61 -62.79 -43.74 66.19
N SER M 62 -62.67 -43.41 67.47
CA SER M 62 -62.22 -44.36 68.48
C SER M 62 -62.73 -43.91 69.84
N ASN M 63 -62.64 -44.81 70.81
CA ASN M 63 -63.03 -44.46 72.18
C ASN M 63 -62.14 -43.35 72.73
N GLU M 64 -60.84 -43.43 72.46
CA GLU M 64 -59.92 -42.39 72.91
C GLU M 64 -60.11 -41.09 72.15
N TYR M 65 -60.38 -41.19 70.84
CA TYR M 65 -60.51 -40.00 70.00
C TYR M 65 -61.67 -39.15 70.49
N LEU M 66 -62.81 -39.77 70.82
CA LEU M 66 -63.94 -39.02 71.36
C LEU M 66 -63.63 -38.38 72.70
N LYS M 67 -62.58 -38.79 73.38
CA LYS M 67 -62.23 -38.23 74.68
C LYS M 67 -61.32 -37.01 74.59
N SER M 68 -60.98 -36.59 73.37
CA SER M 68 -60.07 -35.46 73.17
C SER M 68 -60.86 -34.27 72.64
N ASP M 69 -60.79 -33.14 73.36
CA ASP M 69 -61.48 -31.94 72.91
C ASP M 69 -60.79 -31.32 71.70
N TRP M 70 -59.46 -31.39 71.65
CA TRP M 70 -58.74 -30.89 70.48
C TRP M 70 -59.14 -31.64 69.22
N CYS M 71 -59.27 -32.96 69.32
CA CYS M 71 -59.67 -33.75 68.17
C CYS M 71 -61.14 -33.59 67.86
N TRP M 72 -61.96 -33.27 68.87
CA TRP M 72 -63.39 -33.13 68.66
C TRP M 72 -63.73 -31.89 67.84
N ASP M 73 -63.15 -30.73 68.19
CA ASP M 73 -63.52 -29.50 67.50
C ASP M 73 -63.05 -29.51 66.05
N GLU M 74 -61.98 -30.25 65.75
CA GLU M 74 -61.56 -30.40 64.37
C GLU M 74 -62.63 -31.08 63.54
N LEU M 75 -63.29 -32.09 64.11
CA LEU M 75 -64.40 -32.76 63.42
C LEU M 75 -65.57 -31.81 63.25
N GLU M 76 -65.78 -30.90 64.22
CA GLU M 76 -66.89 -29.96 64.12
C GLU M 76 -66.71 -29.01 62.95
N GLN M 77 -65.53 -28.39 62.84
CA GLN M 77 -65.28 -27.50 61.72
C GLN M 77 -65.25 -28.25 60.40
N ALA M 78 -64.69 -29.46 60.39
CA ALA M 78 -64.66 -30.25 59.17
C ALA M 78 -66.07 -30.59 58.69
N TYR M 79 -66.97 -30.96 59.61
CA TYR M 79 -68.33 -31.30 59.23
C TYR M 79 -69.14 -30.05 58.90
N ALA M 80 -68.89 -28.96 59.61
CA ALA M 80 -69.66 -27.73 59.37
C ALA M 80 -69.46 -27.22 57.95
N LEU M 81 -68.21 -27.20 57.47
CA LEU M 81 -67.94 -26.81 56.10
C LEU M 81 -68.25 -27.93 55.12
N HIS M 82 -68.35 -29.18 55.58
CA HIS M 82 -68.76 -30.27 54.71
C HIS M 82 -70.19 -30.09 54.22
N GLN M 83 -71.04 -29.47 55.04
CA GLN M 83 -72.40 -29.18 54.60
C GLN M 83 -72.41 -28.25 53.39
N LYS M 84 -71.39 -27.40 53.27
CA LYS M 84 -71.26 -26.54 52.09
C LYS M 84 -70.85 -27.32 50.85
N GLY M 85 -70.51 -28.59 50.98
CA GLY M 85 -70.05 -29.38 49.87
C GLY M 85 -68.58 -29.27 49.55
N LYS M 86 -67.82 -28.50 50.35
CA LYS M 86 -66.39 -28.34 50.08
C LYS M 86 -65.65 -29.67 50.27
N VAL M 87 -65.98 -30.42 51.32
CA VAL M 87 -65.31 -31.68 51.64
C VAL M 87 -66.37 -32.72 51.97
N LYS M 88 -65.98 -33.98 51.84
CA LYS M 88 -66.79 -35.10 52.28
C LYS M 88 -66.01 -35.93 53.29
N ILE M 89 -66.69 -36.38 54.33
CA ILE M 89 -66.07 -37.08 55.45
C ILE M 89 -66.40 -38.56 55.35
N ILE M 90 -65.39 -39.41 55.50
CA ILE M 90 -65.58 -40.86 55.61
C ILE M 90 -65.07 -41.29 56.97
N PRO M 91 -65.95 -41.51 57.94
CA PRO M 91 -65.50 -41.87 59.29
C PRO M 91 -65.17 -43.36 59.39
N ILE M 92 -64.06 -43.67 60.04
CA ILE M 92 -63.61 -45.05 60.21
C ILE M 92 -63.77 -45.41 61.69
N LEU M 93 -64.41 -46.55 61.96
CA LEU M 93 -64.58 -47.05 63.31
C LEU M 93 -63.54 -48.13 63.57
N LEU M 94 -62.53 -47.81 64.39
CA LEU M 94 -61.57 -48.83 64.80
C LEU M 94 -62.24 -49.87 65.69
N THR M 95 -63.21 -49.45 66.49
CA THR M 95 -64.06 -50.34 67.25
C THR M 95 -65.45 -50.37 66.64
N ASN M 96 -66.12 -51.52 66.78
CA ASN M 96 -67.43 -51.68 66.16
C ASN M 96 -68.43 -50.70 66.74
N ARG M 97 -69.58 -50.57 66.05
CA ARG M 97 -70.57 -49.57 66.40
C ARG M 97 -71.11 -49.78 67.81
N ALA M 98 -71.04 -51.02 68.32
CA ALA M 98 -71.65 -51.32 69.61
C ALA M 98 -70.91 -50.65 70.77
N GLN M 99 -69.59 -50.56 70.69
CA GLN M 99 -68.78 -50.26 71.87
C GLN M 99 -68.17 -48.86 71.89
N LEU M 100 -68.76 -47.89 71.19
CA LEU M 100 -68.34 -46.50 71.40
C LEU M 100 -68.90 -45.98 72.73
N ASP M 101 -68.12 -45.15 73.41
CA ASP M 101 -68.48 -44.61 74.72
C ASP M 101 -69.33 -43.35 74.51
N LEU M 102 -70.55 -43.56 74.00
CA LEU M 102 -71.46 -42.44 73.79
C LEU M 102 -72.06 -41.92 75.08
N ASN M 103 -71.95 -42.66 76.18
CA ASN M 103 -72.46 -42.18 77.45
C ASN M 103 -71.57 -41.10 78.05
N ALA M 104 -70.25 -41.25 77.88
CA ALA M 104 -69.32 -40.28 78.46
C ALA M 104 -69.47 -38.91 77.82
N LEU M 105 -69.71 -38.86 76.52
CA LEU M 105 -69.81 -37.59 75.81
C LEU M 105 -71.09 -36.85 76.20
N THR M 106 -71.05 -35.53 76.04
CA THR M 106 -72.17 -34.69 76.41
C THR M 106 -73.32 -34.88 75.42
N ASP M 107 -74.47 -34.28 75.74
CA ASP M 107 -75.64 -34.41 74.89
C ASP M 107 -75.42 -33.80 73.51
N ALA M 108 -74.78 -32.64 73.46
CA ALA M 108 -74.50 -32.00 72.17
C ALA M 108 -73.53 -32.85 71.33
N ARG M 109 -72.49 -33.38 71.97
CA ARG M 109 -71.53 -34.23 71.25
C ARG M 109 -72.19 -35.53 70.81
N ARG M 110 -73.01 -36.13 71.69
CA ARG M 110 -73.65 -37.40 71.35
C ARG M 110 -74.62 -37.24 70.19
N ASN M 111 -75.41 -36.17 70.20
CA ASN M 111 -76.31 -35.90 69.08
C ASN M 111 -75.53 -35.61 67.80
N PHE M 112 -74.43 -34.89 67.91
CA PHE M 112 -73.62 -34.56 66.73
C PHE M 112 -73.04 -35.82 66.11
N LEU M 113 -72.53 -36.73 66.93
CA LEU M 113 -71.93 -37.96 66.40
C LEU M 113 -72.99 -38.86 65.77
N GLU M 114 -74.18 -38.94 66.38
CA GLU M 114 -75.22 -39.81 65.86
C GLU M 114 -75.77 -39.30 64.54
N SER M 115 -75.82 -37.97 64.38
CA SER M 115 -76.31 -37.40 63.13
C SER M 115 -75.41 -37.79 61.95
N ILE M 116 -74.09 -37.69 62.13
CA ILE M 116 -73.17 -38.02 61.06
C ILE M 116 -72.94 -39.52 60.92
N LEU M 117 -73.24 -40.29 61.96
CA LEU M 117 -73.07 -41.74 61.86
C LEU M 117 -74.20 -42.38 61.06
N THR M 118 -75.41 -41.82 61.14
CA THR M 118 -76.56 -42.41 60.50
C THR M 118 -76.77 -41.91 59.07
N ARG M 119 -76.92 -40.59 58.90
CA ARG M 119 -77.18 -40.05 57.56
C ARG M 119 -75.98 -40.20 56.63
N LEU M 120 -74.79 -40.43 57.17
CA LEU M 120 -73.58 -40.54 56.37
C LEU M 120 -72.95 -41.91 56.64
N LYS M 121 -72.55 -42.58 55.56
CA LYS M 121 -72.07 -43.95 55.65
C LYS M 121 -70.71 -44.01 56.34
N TYR M 122 -70.56 -44.96 57.25
CA TYR M 122 -69.32 -45.22 57.97
C TYR M 122 -68.68 -46.51 57.45
N VAL M 123 -67.38 -46.63 57.69
CA VAL M 123 -66.62 -47.81 57.32
C VAL M 123 -66.09 -48.46 58.59
N GLU M 124 -66.42 -49.73 58.80
CA GLU M 124 -65.98 -50.47 59.97
C GLU M 124 -64.57 -51.00 59.76
N PHE M 125 -63.78 -50.99 60.83
CA PHE M 125 -62.39 -51.43 60.79
C PHE M 125 -62.14 -52.41 61.93
N ASP M 126 -61.51 -53.54 61.62
CA ASP M 126 -61.08 -54.50 62.63
C ASP M 126 -59.64 -54.90 62.30
N PRO M 127 -58.73 -54.83 63.26
CA PRO M 127 -57.33 -55.18 62.97
C PRO M 127 -57.14 -56.63 62.57
N HIS M 128 -58.06 -57.52 62.91
CA HIS M 128 -57.86 -58.95 62.66
C HIS M 128 -57.80 -59.25 61.17
N ASN M 129 -58.78 -58.77 60.41
CA ASN M 129 -58.81 -59.00 58.96
C ASN M 129 -58.33 -57.74 58.24
N MET M 130 -57.00 -57.66 58.11
CA MET M 130 -56.39 -56.51 57.46
C MET M 130 -56.79 -56.41 55.98
N THR M 131 -56.87 -57.55 55.30
CA THR M 131 -57.07 -57.53 53.85
C THR M 131 -58.41 -56.92 53.48
N ARG M 132 -59.51 -57.37 54.11
CA ARG M 132 -60.81 -56.83 53.73
C ARG M 132 -60.95 -55.39 54.22
N SER M 133 -60.42 -55.09 55.41
CA SER M 133 -60.53 -53.75 55.96
C SER M 133 -59.85 -52.73 55.08
N LEU M 134 -58.67 -53.06 54.54
CA LEU M 134 -57.98 -52.14 53.64
C LEU M 134 -58.77 -51.96 52.35
N GLY M 135 -59.47 -53.00 51.91
CA GLY M 135 -60.33 -52.86 50.73
C GLY M 135 -61.53 -51.97 50.98
N SER M 136 -62.12 -52.07 52.17
CA SER M 136 -63.34 -51.31 52.46
C SER M 136 -63.07 -49.81 52.46
N VAL M 137 -61.99 -49.37 53.09
CA VAL M 137 -61.66 -47.95 53.10
C VAL M 137 -61.33 -47.48 51.70
N ALA M 138 -60.61 -48.29 50.93
CA ALA M 138 -60.30 -47.94 49.55
C ALA M 138 -61.56 -47.86 48.70
N GLU M 139 -62.48 -48.82 48.90
CA GLU M 139 -63.71 -48.83 48.12
C GLU M 139 -64.55 -47.57 48.37
N ALA M 140 -64.70 -47.18 49.64
CA ALA M 140 -65.43 -45.96 49.95
C ALA M 140 -64.70 -44.74 49.43
N LEU M 141 -63.37 -44.81 49.33
CA LEU M 141 -62.60 -43.68 48.84
C LEU M 141 -62.88 -43.42 47.37
N TRP M 142 -63.02 -44.48 46.57
CA TRP M 142 -63.29 -44.36 45.15
C TRP M 142 -64.77 -44.54 44.80
N GLN M 143 -65.64 -44.70 45.79
CA GLN M 143 -67.05 -44.95 45.49
C GLN M 143 -67.69 -43.74 44.79
N ASN M 144 -67.40 -42.53 45.28
CA ASN M 144 -67.98 -41.31 44.74
C ASN M 144 -67.03 -40.58 43.80
N GLU M 145 -65.95 -41.23 43.38
CA GLU M 145 -64.91 -40.60 42.59
C GLU M 145 -64.88 -41.22 41.20
N ALA M 146 -64.21 -40.56 40.27
CA ALA M 146 -64.04 -41.03 38.90
C ALA M 146 -63.01 -42.15 38.88
N VAL M 147 -62.50 -42.48 37.69
CA VAL M 147 -61.67 -43.65 37.45
C VAL M 147 -60.70 -43.88 38.60
N ARG M 148 -60.74 -45.08 39.17
CA ARG M 148 -59.98 -45.42 40.36
C ARG M 148 -58.63 -46.01 39.98
N PHE M 149 -57.81 -46.24 41.01
CA PHE M 149 -56.50 -46.86 40.84
C PHE M 149 -56.38 -48.04 41.78
N GLU M 150 -55.51 -48.97 41.44
CA GLU M 150 -55.22 -50.10 42.30
C GLU M 150 -53.86 -49.95 42.95
N PRO M 151 -53.65 -50.55 44.13
CA PRO M 151 -52.31 -50.55 44.71
C PRO M 151 -51.31 -51.18 43.76
N ILE M 152 -50.19 -50.49 43.54
CA ILE M 152 -49.23 -50.94 42.56
C ILE M 152 -48.59 -52.25 43.02
N ARG M 153 -48.32 -53.14 42.07
CA ARG M 153 -47.81 -54.47 42.37
C ARG M 153 -46.43 -54.63 41.75
N MET M 154 -45.46 -55.01 42.58
CA MET M 154 -44.09 -55.20 42.13
C MET M 154 -43.97 -56.64 41.63
N ILE M 155 -44.15 -56.82 40.34
CA ILE M 155 -44.17 -58.15 39.73
C ILE M 155 -42.99 -58.28 38.77
N LYS M 156 -42.66 -59.52 38.47
CA LYS M 156 -41.59 -59.85 37.54
C LYS M 156 -42.16 -60.72 36.42
N VAL M 157 -42.01 -60.25 35.18
CA VAL M 157 -42.49 -60.96 34.00
C VAL M 157 -41.31 -61.22 33.08
N ASN M 158 -41.09 -62.49 32.74
CA ASN M 158 -40.02 -62.90 31.84
C ASN M 158 -38.65 -62.40 32.33
N GLY M 159 -38.46 -62.42 33.64
CA GLY M 159 -37.19 -62.01 34.22
C GLY M 159 -36.97 -60.52 34.30
N THR M 160 -38.00 -59.71 34.04
CA THR M 160 -37.89 -58.26 34.09
C THR M 160 -38.73 -57.72 35.22
N GLU M 161 -38.14 -56.85 36.05
CA GLU M 161 -38.84 -56.28 37.19
C GLU M 161 -39.70 -55.11 36.75
N LEU M 162 -40.97 -55.11 37.17
CA LEU M 162 -41.91 -54.06 36.82
C LEU M 162 -42.79 -53.74 38.02
N GLN M 163 -43.35 -52.53 38.01
CA GLN M 163 -44.37 -52.12 38.96
C GLN M 163 -45.61 -51.71 38.17
N VAL M 164 -46.60 -52.59 38.10
CA VAL M 164 -47.77 -52.36 37.25
C VAL M 164 -48.68 -51.34 37.93
N VAL M 165 -49.11 -50.35 37.15
CA VAL M 165 -50.07 -49.35 37.61
C VAL M 165 -51.39 -49.67 36.92
N GLU M 166 -52.33 -50.24 37.67
CA GLU M 166 -53.62 -50.65 37.13
C GLU M 166 -54.71 -49.71 37.62
N PHE M 167 -55.53 -49.23 36.69
CA PHE M 167 -56.65 -48.36 37.00
C PHE M 167 -57.93 -48.93 36.39
N LYS M 168 -59.05 -48.73 37.08
CA LYS M 168 -60.35 -49.22 36.64
C LYS M 168 -61.30 -48.05 36.42
N ILE M 169 -62.02 -48.10 35.31
CA ILE M 169 -62.96 -47.06 34.93
C ILE M 169 -64.37 -47.55 35.24
N PRO M 170 -65.08 -46.95 36.21
CA PRO M 170 -66.46 -47.36 36.49
C PRO M 170 -67.41 -46.79 35.44
N GLY M 171 -68.11 -47.68 34.74
CA GLY M 171 -69.02 -47.29 33.70
C GLY M 171 -68.42 -47.20 32.31
N SER M 172 -67.11 -47.31 32.19
CA SER M 172 -66.41 -47.28 30.90
C SER M 172 -66.75 -46.00 30.11
N ASN M 173 -66.87 -44.88 30.83
CA ASN M 173 -67.16 -43.61 30.19
C ASN M 173 -66.73 -42.49 31.12
N LEU M 174 -66.02 -41.51 30.58
CA LEU M 174 -65.58 -40.34 31.31
C LEU M 174 -65.96 -39.08 30.55
N PRO M 175 -66.14 -37.96 31.24
CA PRO M 175 -66.34 -36.68 30.54
C PRO M 175 -65.16 -36.39 29.64
N VAL M 176 -65.44 -35.78 28.49
CA VAL M 176 -64.40 -35.54 27.50
C VAL M 176 -63.36 -34.57 28.04
N ASP M 177 -63.78 -33.65 28.91
CA ASP M 177 -62.88 -32.70 29.57
C ASP M 177 -62.52 -33.15 30.98
N PHE M 178 -62.38 -34.46 31.19
CA PHE M 178 -62.12 -34.97 32.54
C PHE M 178 -60.78 -34.49 33.08
N LEU M 179 -59.75 -34.45 32.23
CA LEU M 179 -58.41 -34.10 32.70
C LEU M 179 -58.33 -32.68 33.24
N HIS M 180 -59.26 -31.80 32.85
CA HIS M 180 -59.22 -30.43 33.33
C HIS M 180 -59.47 -30.37 34.84
N HIS M 181 -60.40 -31.19 35.34
CA HIS M 181 -60.77 -31.17 36.75
C HIS M 181 -60.16 -32.31 37.55
N TRP M 182 -59.22 -33.05 36.96
CA TRP M 182 -58.57 -34.15 37.66
C TRP M 182 -57.29 -33.64 38.33
N ASP M 183 -57.26 -33.70 39.65
CA ASP M 183 -56.11 -33.22 40.42
C ASP M 183 -55.21 -34.41 40.79
N LEU M 184 -54.61 -35.00 39.76
CA LEU M 184 -53.68 -36.10 39.95
C LEU M 184 -52.40 -35.77 39.19
N LYS M 185 -51.39 -35.30 39.91
CA LYS M 185 -50.07 -35.02 39.35
C LYS M 185 -49.16 -36.17 39.75
N ILE M 186 -48.81 -37.02 38.77
CA ILE M 186 -48.09 -38.24 39.06
C ILE M 186 -46.61 -38.03 39.37
N GLU M 187 -46.07 -36.84 39.10
CA GLU M 187 -44.66 -36.60 39.38
C GLU M 187 -44.37 -36.67 40.87
N ASP M 188 -45.32 -36.24 41.71
CA ASP M 188 -45.12 -36.26 43.15
C ASP M 188 -45.09 -37.66 43.74
N PHE M 189 -45.47 -38.67 42.96
CA PHE M 189 -45.49 -40.06 43.43
C PHE M 189 -44.30 -40.86 42.93
N ILE M 190 -43.28 -40.21 42.37
CA ILE M 190 -42.11 -40.87 41.84
C ILE M 190 -40.95 -40.66 42.81
N ALA M 191 -40.26 -41.75 43.14
CA ALA M 191 -39.15 -41.68 44.07
C ALA M 191 -37.94 -41.02 43.41
N THR M 192 -37.38 -40.03 44.08
CA THR M 192 -36.17 -39.37 43.61
C THR M 192 -34.90 -40.13 43.97
N SER M 193 -34.96 -41.00 44.98
CA SER M 193 -33.82 -41.80 45.41
C SER M 193 -34.32 -43.18 45.82
N PRO M 194 -33.45 -44.19 45.77
CA PRO M 194 -33.88 -45.53 46.19
C PRO M 194 -34.36 -45.59 47.63
N ASN M 195 -33.76 -44.81 48.52
CA ASN M 195 -34.17 -44.81 49.92
C ASN M 195 -35.41 -43.97 50.18
N GLU M 196 -35.77 -43.08 49.26
CA GLU M 196 -36.98 -42.28 49.43
C GLU M 196 -38.22 -43.14 49.33
N GLN M 197 -39.21 -42.84 50.17
CA GLN M 197 -40.48 -43.58 50.15
C GLN M 197 -41.45 -42.84 49.23
N LYS M 198 -41.92 -43.55 48.22
CA LYS M 198 -42.87 -43.06 47.23
C LYS M 198 -43.61 -44.24 46.65
N PRO M 199 -44.82 -44.04 46.13
CA PRO M 199 -45.55 -45.16 45.50
C PRO M 199 -44.80 -45.79 44.35
N VAL M 200 -44.08 -45.01 43.55
CA VAL M 200 -43.35 -45.50 42.39
C VAL M 200 -41.88 -45.57 42.76
N LYS M 201 -41.27 -46.75 42.58
CA LYS M 201 -39.89 -46.95 42.97
C LYS M 201 -38.94 -46.20 42.04
N PHE M 202 -37.82 -45.77 42.59
CA PHE M 202 -36.81 -45.07 41.80
C PHE M 202 -36.17 -46.01 40.79
N ASP M 203 -36.11 -45.58 39.53
CA ASP M 203 -35.46 -46.26 38.42
C ASP M 203 -36.09 -47.61 38.07
N VAL M 204 -37.19 -47.99 38.71
CA VAL M 204 -37.83 -49.27 38.42
C VAL M 204 -38.85 -49.05 37.29
N PRO M 205 -38.80 -49.85 36.22
CA PRO M 205 -39.74 -49.65 35.11
C PRO M 205 -41.18 -49.81 35.57
N VAL M 206 -42.06 -48.99 34.98
CA VAL M 206 -43.47 -48.99 35.33
C VAL M 206 -44.27 -49.52 34.15
N ALA M 207 -45.48 -50.00 34.44
CA ALA M 207 -46.37 -50.55 33.45
C ALA M 207 -47.78 -50.02 33.66
N LEU M 208 -48.44 -49.67 32.56
CA LEU M 208 -49.81 -49.17 32.59
C LEU M 208 -50.76 -50.30 32.23
N TYR M 209 -51.83 -50.44 33.01
CA TYR M 209 -52.77 -51.55 32.86
C TYR M 209 -54.20 -51.02 32.89
N GLY M 210 -55.10 -51.79 32.30
CA GLY M 210 -56.52 -51.49 32.34
C GLY M 210 -57.01 -50.81 31.09
N PRO M 211 -58.28 -51.06 30.74
CA PRO M 211 -58.86 -50.40 29.57
C PRO M 211 -59.01 -48.90 29.81
N GLY M 212 -58.92 -48.14 28.72
CA GLY M 212 -59.06 -46.71 28.78
C GLY M 212 -58.80 -46.04 27.46
N PRO M 213 -59.25 -44.79 27.33
CA PRO M 213 -59.03 -44.05 26.09
C PRO M 213 -57.54 -43.73 25.90
N ASN M 214 -57.18 -43.48 24.64
CA ASN M 214 -55.79 -43.21 24.30
C ASN M 214 -55.28 -41.94 24.98
N TRP M 215 -56.15 -40.94 25.16
CA TRP M 215 -55.71 -39.71 25.81
C TRP M 215 -55.40 -39.94 27.28
N LEU M 216 -56.08 -40.89 27.92
CA LEU M 216 -55.74 -41.21 29.31
C LEU M 216 -54.38 -41.86 29.42
N TYR M 217 -54.06 -42.78 28.49
CA TYR M 217 -52.75 -43.41 28.50
C TYR M 217 -51.64 -42.40 28.24
N ALA M 218 -51.84 -41.52 27.26
CA ALA M 218 -50.83 -40.51 26.96
C ALA M 218 -50.63 -39.57 28.15
N PHE M 219 -51.71 -39.21 28.83
CA PHE M 219 -51.61 -38.29 29.96
C PHE M 219 -50.78 -38.90 31.08
N LEU M 220 -50.94 -40.20 31.35
CA LEU M 220 -50.17 -40.84 32.40
C LEU M 220 -48.74 -41.13 31.95
N THR M 221 -48.55 -41.49 30.68
CA THR M 221 -47.23 -41.89 30.21
C THR M 221 -46.29 -40.69 30.11
N LEU M 222 -46.81 -39.52 29.74
CA LEU M 222 -45.95 -38.39 29.40
C LEU M 222 -45.05 -37.93 30.55
N PRO M 223 -45.53 -37.76 31.80
CA PRO M 223 -44.64 -37.25 32.84
C PRO M 223 -43.52 -38.20 33.24
N PHE M 224 -43.43 -39.38 32.63
CA PHE M 224 -42.42 -40.36 33.00
C PHE M 224 -41.14 -40.24 32.19
N LYS M 225 -41.04 -39.25 31.30
CA LYS M 225 -39.81 -39.07 30.53
C LYS M 225 -38.66 -38.69 31.44
N ASN M 226 -37.50 -39.31 31.22
CA ASN M 226 -36.30 -39.11 32.04
C ASN M 226 -36.52 -39.47 33.50
N ARG M 227 -37.57 -40.23 33.81
CA ARG M 227 -37.83 -40.67 35.17
C ARG M 227 -37.85 -42.19 35.30
N ASN M 228 -38.59 -42.89 34.43
CA ASN M 228 -38.70 -44.33 34.53
C ASN M 228 -38.95 -44.92 33.15
N THR M 229 -38.47 -46.14 32.96
CA THR M 229 -38.84 -46.92 31.78
C THR M 229 -40.34 -47.25 31.87
N VAL M 230 -41.05 -47.09 30.76
CA VAL M 230 -42.50 -47.21 30.74
C VAL M 230 -42.91 -48.39 29.88
N PHE M 231 -43.81 -49.21 30.41
CA PHE M 231 -44.45 -50.29 29.66
C PHE M 231 -45.95 -50.05 29.62
N VAL M 232 -46.59 -50.56 28.57
CA VAL M 232 -48.04 -50.45 28.43
C VAL M 232 -48.60 -51.82 28.08
N PHE M 233 -49.89 -52.00 28.36
CA PHE M 233 -50.56 -53.27 28.15
C PHE M 233 -51.53 -53.15 26.97
N ASN M 234 -51.41 -54.08 26.03
CA ASN M 234 -52.30 -54.15 24.87
C ASN M 234 -53.12 -55.43 24.95
N SER M 235 -54.44 -55.30 24.91
CA SER M 235 -55.32 -56.46 25.01
C SER M 235 -55.45 -57.24 23.71
N ARG M 236 -54.93 -56.71 22.60
CA ARG M 236 -54.95 -57.45 21.35
C ARG M 236 -54.14 -58.73 21.46
N THR M 237 -52.98 -58.66 22.11
CA THR M 237 -52.12 -59.82 22.31
C THR M 237 -51.88 -60.12 23.79
N SER M 238 -52.52 -59.36 24.68
CA SER M 238 -52.36 -59.53 26.14
C SER M 238 -50.88 -59.57 26.54
N GLU M 239 -50.11 -58.62 26.01
CA GLU M 239 -48.69 -58.55 26.26
C GLU M 239 -48.30 -57.11 26.58
N TYR M 240 -47.21 -56.96 27.33
CA TYR M 240 -46.70 -55.64 27.68
C TYR M 240 -45.77 -55.13 26.58
N ILE M 241 -45.88 -53.83 26.30
CA ILE M 241 -45.14 -53.18 25.23
C ILE M 241 -44.26 -52.10 25.82
N CYS M 242 -42.98 -52.11 25.44
CA CYS M 242 -42.04 -51.10 25.89
C CYS M 242 -42.08 -49.90 24.96
N VAL M 243 -42.33 -48.72 25.52
CA VAL M 243 -42.39 -47.49 24.73
C VAL M 243 -41.29 -46.50 25.11
N TYR M 244 -40.64 -46.66 26.25
CA TYR M 244 -39.57 -45.78 26.68
C TYR M 244 -38.37 -46.61 27.09
N SER M 245 -37.18 -46.14 26.74
CA SER M 245 -35.93 -46.85 27.03
C SER M 245 -35.01 -45.95 27.85
N LYS M 246 -35.15 -46.02 29.17
CA LYS M 246 -34.21 -45.36 30.08
C LYS M 246 -33.27 -46.35 30.76
N SER M 247 -33.78 -47.52 31.14
CA SER M 247 -32.92 -48.56 31.70
C SER M 247 -32.13 -49.26 30.61
N ALA M 248 -30.96 -49.77 30.98
CA ALA M 248 -30.11 -50.47 30.04
C ALA M 248 -30.73 -51.83 29.68
N GLY M 249 -30.72 -52.16 28.40
CA GLY M 249 -31.19 -53.44 27.92
C GLY M 249 -32.67 -53.51 27.61
N LEU M 250 -33.43 -52.44 27.85
CA LEU M 250 -34.87 -52.42 27.57
C LEU M 250 -35.09 -51.60 26.31
N ALA M 251 -34.97 -52.25 25.16
CA ALA M 251 -35.19 -51.59 23.89
C ALA M 251 -36.66 -51.21 23.73
N PRO M 252 -36.95 -50.13 23.01
CA PRO M 252 -38.35 -49.72 22.83
C PRO M 252 -39.04 -50.62 21.82
N GLY M 253 -39.91 -51.50 22.32
CA GLY M 253 -40.59 -52.46 21.48
C GLY M 253 -40.54 -53.86 22.03
N MET M 254 -39.82 -54.05 23.13
CA MET M 254 -39.72 -55.36 23.76
C MET M 254 -41.08 -55.81 24.26
N VAL M 255 -41.34 -57.11 24.15
CA VAL M 255 -42.64 -57.70 24.45
C VAL M 255 -42.49 -58.63 25.64
N LEU M 256 -43.35 -58.45 26.64
CA LEU M 256 -43.38 -59.29 27.83
C LEU M 256 -44.73 -60.00 27.88
N LYS M 257 -44.69 -61.33 27.95
CA LYS M 257 -45.90 -62.14 27.97
C LYS M 257 -46.47 -62.10 29.39
N GLY M 258 -47.32 -61.11 29.65
CA GLY M 258 -47.91 -60.95 30.96
C GLY M 258 -49.17 -61.77 31.14
N PRO N 2 -12.70 -28.59 19.01
CA PRO N 2 -11.98 -29.11 17.84
C PRO N 2 -10.99 -28.11 17.27
N GLN N 3 -9.76 -28.53 17.05
CA GLN N 3 -8.71 -27.68 16.51
C GLN N 3 -8.84 -27.64 14.99
N ALA N 4 -8.28 -26.62 14.37
CA ALA N 4 -8.32 -26.46 12.93
C ALA N 4 -7.02 -25.84 12.42
N PHE N 5 -6.35 -26.54 11.51
CA PHE N 5 -5.13 -26.05 10.88
C PHE N 5 -5.45 -25.64 9.44
N PHE N 6 -4.99 -24.46 9.04
CA PHE N 6 -5.30 -23.92 7.73
C PHE N 6 -4.07 -24.03 6.84
N SER N 7 -4.22 -24.76 5.73
CA SER N 7 -3.17 -24.85 4.71
C SER N 7 -3.64 -24.05 3.50
N HIS N 8 -2.85 -23.05 3.10
CA HIS N 8 -3.28 -22.12 2.08
C HIS N 8 -2.07 -21.48 1.42
N ASN N 9 -2.31 -20.85 0.28
CA ASN N 9 -1.31 -20.03 -0.38
C ASN N 9 -1.57 -18.55 -0.10
N ASN N 10 -0.50 -17.75 -0.18
CA ASN N 10 -0.61 -16.33 0.15
C ASN N 10 -1.52 -15.57 -0.81
N LYS N 11 -1.72 -16.07 -2.03
CA LYS N 11 -2.62 -15.41 -2.95
C LYS N 11 -4.07 -15.53 -2.50
N ASP N 12 -4.43 -16.68 -1.93
CA ASP N 12 -5.77 -16.95 -1.45
C ASP N 12 -5.98 -16.48 0.00
N LYS N 13 -5.03 -15.70 0.53
CA LYS N 13 -5.06 -15.36 1.95
C LYS N 13 -6.35 -14.63 2.33
N LYS N 14 -6.78 -13.68 1.49
CA LYS N 14 -7.95 -12.87 1.83
C LYS N 14 -9.17 -13.73 2.14
N ILE N 15 -9.36 -14.82 1.41
CA ILE N 15 -10.46 -15.73 1.69
C ILE N 15 -10.25 -16.49 3.00
N VAL N 16 -9.01 -16.80 3.37
CA VAL N 16 -8.77 -17.65 4.52
C VAL N 16 -9.24 -16.97 5.82
N LEU N 17 -8.92 -15.69 5.99
CA LEU N 17 -9.22 -15.03 7.25
C LEU N 17 -10.71 -15.00 7.54
N GLU N 18 -11.53 -14.63 6.55
CA GLU N 18 -12.97 -14.55 6.82
C GLU N 18 -13.57 -15.93 7.00
N VAL N 19 -12.96 -16.96 6.40
CA VAL N 19 -13.32 -18.33 6.74
C VAL N 19 -12.85 -18.66 8.15
N LEU N 20 -11.60 -18.29 8.48
CA LEU N 20 -11.08 -18.53 9.82
C LEU N 20 -11.88 -17.76 10.86
N GLU N 21 -12.22 -16.50 10.57
CA GLU N 21 -12.98 -15.70 11.52
C GLU N 21 -14.35 -16.30 11.79
N HIS N 22 -15.02 -16.76 10.73
CA HIS N 22 -16.32 -17.41 10.90
C HIS N 22 -16.19 -18.69 11.70
N LEU N 23 -15.17 -19.50 11.39
CA LEU N 23 -14.93 -20.71 12.17
C LEU N 23 -14.59 -20.38 13.62
N ARG N 24 -13.84 -19.31 13.85
CA ARG N 24 -13.55 -18.90 15.22
C ARG N 24 -14.82 -18.55 15.97
N GLN N 25 -15.75 -17.85 15.30
CA GLN N 25 -17.04 -17.54 15.92
C GLN N 25 -17.82 -18.79 16.28
N SER N 26 -17.52 -19.93 15.65
CA SER N 26 -18.16 -21.19 15.98
C SER N 26 -17.42 -21.96 17.06
N LEU N 27 -16.66 -21.26 17.91
CA LEU N 27 -15.93 -21.88 19.02
C LEU N 27 -14.97 -22.95 18.55
N VAL N 28 -14.30 -22.72 17.42
CA VAL N 28 -13.35 -23.66 16.85
C VAL N 28 -11.96 -23.05 16.98
N ALA N 29 -11.03 -23.83 17.53
CA ALA N 29 -9.65 -23.37 17.68
C ALA N 29 -8.97 -23.37 16.31
N THR N 30 -8.49 -22.21 15.88
CA THR N 30 -7.85 -22.03 14.59
C THR N 30 -6.38 -21.70 14.77
N TRP N 31 -5.54 -22.33 13.95
CA TRP N 31 -4.10 -22.12 13.98
C TRP N 31 -3.63 -21.86 12.55
N ILE N 32 -3.31 -20.60 12.26
CA ILE N 32 -2.90 -20.22 10.92
C ILE N 32 -1.38 -20.15 10.78
N ASP N 33 -0.69 -19.59 11.78
CA ASP N 33 0.76 -19.58 11.78
C ASP N 33 1.30 -19.21 13.16
N SER N 42 5.60 -24.80 12.56
CA SER N 42 4.87 -25.16 11.36
C SER N 42 3.50 -25.74 11.71
N LEU N 43 3.06 -26.73 10.94
CA LEU N 43 1.74 -27.32 11.15
C LEU N 43 1.84 -28.83 11.31
N ILE N 44 2.81 -29.45 10.64
CA ILE N 44 2.93 -30.90 10.67
C ILE N 44 3.23 -31.39 12.07
N GLN N 45 4.16 -30.72 12.76
CA GLN N 45 4.46 -31.10 14.14
C GLN N 45 3.35 -30.70 15.11
N GLN N 46 2.60 -29.65 14.80
CA GLN N 46 1.45 -29.30 15.63
C GLN N 46 0.33 -30.33 15.54
N ILE N 47 0.35 -31.18 14.51
CA ILE N 47 -0.62 -32.27 14.42
C ILE N 47 -0.46 -33.21 15.61
N ILE N 48 0.78 -33.45 16.04
CA ILE N 48 1.04 -34.37 17.15
C ILE N 48 0.86 -33.55 18.42
N ALA N 49 -0.39 -33.46 18.86
CA ALA N 49 -0.74 -32.67 20.04
C ALA N 49 -2.17 -32.96 20.49
N GLY N 50 -2.37 -33.16 21.79
CA GLY N 50 -3.70 -33.26 22.34
C GLY N 50 -4.24 -34.68 22.29
N ILE N 51 -5.50 -34.81 21.89
CA ILE N 51 -6.21 -36.08 21.92
C ILE N 51 -6.31 -36.62 20.50
N SER N 52 -6.73 -37.88 20.39
CA SER N 52 -6.92 -38.51 19.08
C SER N 52 -7.83 -37.68 18.17
N LYS N 53 -8.84 -37.03 18.74
CA LYS N 53 -9.58 -36.00 18.02
C LYS N 53 -8.73 -34.73 17.96
N SER N 54 -7.69 -34.80 17.14
CA SER N 54 -6.70 -33.74 17.07
C SER N 54 -7.27 -32.48 16.43
N GLN N 55 -7.64 -32.56 15.16
CA GLN N 55 -8.04 -31.39 14.39
C GLN N 55 -8.57 -31.84 13.04
N TYR N 56 -8.90 -30.87 12.18
CA TYR N 56 -9.27 -31.11 10.79
C TYR N 56 -8.35 -30.30 9.90
N PHE N 57 -7.70 -30.98 8.95
CA PHE N 57 -6.82 -30.29 8.02
C PHE N 57 -7.65 -29.64 6.91
N LEU N 58 -7.64 -28.31 6.87
CA LEU N 58 -8.36 -27.55 5.84
C LEU N 58 -7.38 -27.21 4.73
N ALA N 59 -7.41 -28.00 3.66
CA ALA N 59 -6.56 -27.76 2.50
C ALA N 59 -7.30 -26.86 1.53
N PHE N 60 -6.91 -25.59 1.47
CA PHE N 60 -7.56 -24.61 0.59
C PHE N 60 -6.99 -24.79 -0.82
N LEU N 61 -7.50 -25.80 -1.51
CA LEU N 61 -7.01 -26.12 -2.84
C LEU N 61 -7.40 -25.05 -3.84
N SER N 62 -6.45 -24.68 -4.69
CA SER N 62 -6.67 -23.68 -5.72
C SER N 62 -5.63 -23.91 -6.82
N ASN N 63 -5.88 -23.29 -7.97
CA ASN N 63 -4.95 -23.43 -9.09
C ASN N 63 -3.57 -22.89 -8.72
N GLU N 64 -3.52 -21.78 -7.99
CA GLU N 64 -2.23 -21.27 -7.53
C GLU N 64 -1.66 -22.15 -6.43
N TYR N 65 -2.52 -22.74 -5.60
CA TYR N 65 -2.05 -23.48 -4.43
C TYR N 65 -1.21 -24.69 -4.83
N LEU N 66 -1.64 -25.42 -5.86
CA LEU N 66 -0.94 -26.65 -6.22
C LEU N 66 0.29 -26.40 -7.08
N LYS N 67 0.58 -25.15 -7.44
CA LYS N 67 1.81 -24.80 -8.13
C LYS N 67 2.98 -24.59 -7.18
N SER N 68 2.73 -24.60 -5.87
CA SER N 68 3.77 -24.38 -4.87
C SER N 68 4.25 -25.73 -4.36
N ASP N 69 5.56 -25.98 -4.51
CA ASP N 69 6.13 -27.22 -4.01
C ASP N 69 6.01 -27.31 -2.49
N TRP N 70 6.23 -26.19 -1.80
CA TRP N 70 6.14 -26.19 -0.34
C TRP N 70 4.76 -26.58 0.14
N CYS N 71 3.71 -26.07 -0.51
CA CYS N 71 2.36 -26.43 -0.13
C CYS N 71 2.07 -27.90 -0.42
N TRP N 72 2.77 -28.48 -1.40
CA TRP N 72 2.46 -29.85 -1.80
C TRP N 72 2.94 -30.86 -0.78
N ASP N 73 4.15 -30.68 -0.24
CA ASP N 73 4.65 -31.64 0.75
C ASP N 73 3.82 -31.59 2.02
N GLU N 74 3.35 -30.41 2.42
CA GLU N 74 2.49 -30.32 3.59
C GLU N 74 1.23 -31.15 3.39
N LEU N 75 0.65 -31.12 2.19
CA LEU N 75 -0.48 -31.98 1.88
C LEU N 75 -0.06 -33.45 1.90
N GLU N 76 1.16 -33.75 1.42
CA GLU N 76 1.61 -35.12 1.38
C GLU N 76 1.73 -35.72 2.78
N GLN N 77 2.43 -35.03 3.68
CA GLN N 77 2.57 -35.53 5.04
C GLN N 77 1.23 -35.54 5.75
N ALA N 78 0.39 -34.54 5.50
CA ALA N 78 -0.92 -34.50 6.14
C ALA N 78 -1.76 -35.72 5.75
N TYR N 79 -1.78 -36.06 4.47
CA TYR N 79 -2.54 -37.23 4.03
C TYR N 79 -1.85 -38.52 4.44
N ALA N 80 -0.52 -38.52 4.45
CA ALA N 80 0.21 -39.73 4.81
C ALA N 80 -0.11 -40.15 6.24
N LEU N 81 -0.14 -39.20 7.17
CA LEU N 81 -0.51 -39.53 8.54
C LEU N 81 -2.03 -39.53 8.74
N HIS N 82 -2.78 -38.98 7.78
CA HIS N 82 -4.24 -39.10 7.82
C HIS N 82 -4.67 -40.55 7.63
N GLN N 83 -3.86 -41.35 6.92
CA GLN N 83 -4.18 -42.76 6.75
C GLN N 83 -4.24 -43.49 8.09
N LYS N 84 -3.49 -43.02 9.08
CA LYS N 84 -3.61 -43.56 10.43
C LYS N 84 -4.89 -43.10 11.11
N GLY N 85 -5.63 -42.17 10.53
CA GLY N 85 -6.86 -41.69 11.10
C GLY N 85 -6.68 -40.67 12.22
N LYS N 86 -5.47 -40.18 12.44
CA LYS N 86 -5.24 -39.26 13.54
C LYS N 86 -5.78 -37.86 13.23
N VAL N 87 -5.74 -37.47 11.95
CA VAL N 87 -6.38 -36.24 11.50
C VAL N 87 -7.09 -36.53 10.19
N LYS N 88 -8.23 -35.88 9.99
CA LYS N 88 -8.98 -35.99 8.76
C LYS N 88 -8.92 -34.66 8.01
N ILE N 89 -8.81 -34.75 6.70
CA ILE N 89 -8.58 -33.59 5.83
C ILE N 89 -9.88 -33.24 5.12
N ILE N 90 -10.20 -31.96 5.09
CA ILE N 90 -11.30 -31.45 4.28
C ILE N 90 -10.73 -30.50 3.24
N PRO N 91 -10.73 -30.86 1.96
CA PRO N 91 -10.16 -29.96 0.94
C PRO N 91 -11.20 -28.94 0.48
N ILE N 92 -10.90 -27.67 0.71
CA ILE N 92 -11.73 -26.56 0.26
C ILE N 92 -11.27 -26.16 -1.12
N LEU N 93 -12.18 -26.21 -2.09
CA LEU N 93 -11.87 -25.82 -3.47
C LEU N 93 -12.24 -24.36 -3.66
N LEU N 94 -11.22 -23.50 -3.75
CA LEU N 94 -11.48 -22.10 -4.05
C LEU N 94 -12.10 -21.94 -5.43
N THR N 95 -11.64 -22.72 -6.39
CA THR N 95 -12.25 -22.81 -7.71
C THR N 95 -12.97 -24.15 -7.85
N ASN N 96 -14.03 -24.14 -8.65
CA ASN N 96 -14.80 -25.36 -8.87
C ASN N 96 -13.95 -26.41 -9.58
N ARG N 97 -14.30 -27.68 -9.35
CA ARG N 97 -13.49 -28.80 -9.82
C ARG N 97 -13.27 -28.77 -11.33
N ALA N 98 -14.19 -28.17 -12.08
CA ALA N 98 -14.13 -28.25 -13.53
C ALA N 98 -12.84 -27.68 -14.10
N GLN N 99 -12.47 -26.47 -13.70
CA GLN N 99 -11.29 -25.81 -14.25
C GLN N 99 -10.08 -25.91 -13.34
N LEU N 100 -9.96 -27.00 -12.58
CA LEU N 100 -8.73 -27.26 -11.86
C LEU N 100 -7.65 -27.70 -12.84
N ASP N 101 -6.50 -27.04 -12.80
CA ASP N 101 -5.43 -27.27 -13.78
C ASP N 101 -4.75 -28.59 -13.45
N LEU N 102 -5.41 -29.68 -13.85
CA LEU N 102 -4.86 -31.01 -13.63
C LEU N 102 -3.74 -31.36 -14.59
N ASN N 103 -3.66 -30.69 -15.74
CA ASN N 103 -2.59 -30.98 -16.70
C ASN N 103 -1.25 -30.47 -16.20
N ALA N 104 -1.26 -29.42 -15.38
CA ALA N 104 0.00 -28.82 -14.93
C ALA N 104 0.82 -29.79 -14.09
N LEU N 105 0.18 -30.51 -13.18
CA LEU N 105 0.91 -31.38 -12.27
C LEU N 105 1.45 -32.62 -12.99
N THR N 106 2.48 -33.21 -12.40
CA THR N 106 3.06 -34.43 -12.95
C THR N 106 2.09 -35.60 -12.76
N ASP N 107 2.49 -36.78 -13.26
CA ASP N 107 1.64 -37.95 -13.14
C ASP N 107 1.43 -38.35 -11.68
N ALA N 108 2.49 -38.32 -10.87
CA ALA N 108 2.36 -38.69 -9.47
C ALA N 108 1.47 -37.70 -8.72
N ARG N 109 1.66 -36.40 -8.96
CA ARG N 109 0.83 -35.41 -8.30
C ARG N 109 -0.62 -35.51 -8.76
N ARG N 110 -0.84 -35.69 -10.06
CA ARG N 110 -2.21 -35.78 -10.58
C ARG N 110 -2.92 -37.02 -10.03
N ASN N 111 -2.23 -38.16 -9.98
CA ASN N 111 -2.84 -39.36 -9.41
C ASN N 111 -3.13 -39.17 -7.94
N PHE N 112 -2.21 -38.53 -7.20
CA PHE N 112 -2.44 -38.25 -5.79
C PHE N 112 -3.64 -37.33 -5.61
N LEU N 113 -3.69 -36.22 -6.34
CA LEU N 113 -4.78 -35.27 -6.19
C LEU N 113 -6.11 -35.91 -6.58
N GLU N 114 -6.12 -36.69 -7.67
CA GLU N 114 -7.35 -37.36 -8.07
C GLU N 114 -7.78 -38.40 -7.05
N SER N 115 -6.81 -39.06 -6.41
CA SER N 115 -7.14 -40.08 -5.42
C SER N 115 -7.88 -39.48 -4.22
N ILE N 116 -7.40 -38.34 -3.72
CA ILE N 116 -8.00 -37.77 -2.52
C ILE N 116 -9.26 -36.97 -2.81
N LEU N 117 -9.52 -36.65 -4.08
CA LEU N 117 -10.73 -35.91 -4.41
C LEU N 117 -11.95 -36.82 -4.49
N THR N 118 -11.74 -38.09 -4.87
CA THR N 118 -12.85 -39.01 -5.07
C THR N 118 -13.24 -39.74 -3.78
N ARG N 119 -12.29 -40.46 -3.17
CA ARG N 119 -12.61 -41.24 -1.98
C ARG N 119 -12.90 -40.37 -0.76
N LEU N 120 -12.58 -39.09 -0.81
CA LEU N 120 -12.73 -38.19 0.33
C LEU N 120 -13.66 -37.05 -0.05
N LYS N 121 -14.58 -36.73 0.84
CA LYS N 121 -15.54 -35.67 0.57
C LYS N 121 -14.89 -34.29 0.64
N TYR N 122 -15.01 -33.53 -0.43
CA TYR N 122 -14.54 -32.15 -0.48
C TYR N 122 -15.73 -31.20 -0.49
N VAL N 123 -15.43 -29.92 -0.32
CA VAL N 123 -16.45 -28.88 -0.31
C VAL N 123 -16.07 -27.84 -1.36
N GLU N 124 -17.07 -27.21 -1.95
CA GLU N 124 -16.85 -26.18 -2.96
C GLU N 124 -17.03 -24.79 -2.35
N PHE N 125 -16.14 -23.89 -2.71
CA PHE N 125 -16.18 -22.51 -2.22
C PHE N 125 -16.27 -21.56 -3.39
N ASP N 126 -17.21 -20.62 -3.33
CA ASP N 126 -17.38 -19.64 -4.39
C ASP N 126 -17.40 -18.25 -3.77
N PRO N 127 -16.67 -17.29 -4.34
CA PRO N 127 -16.62 -15.94 -3.74
C PRO N 127 -17.95 -15.23 -3.74
N HIS N 128 -18.90 -15.63 -4.58
CA HIS N 128 -20.17 -14.91 -4.67
C HIS N 128 -21.06 -15.22 -3.48
N ASN N 129 -21.28 -16.51 -3.20
CA ASN N 129 -22.23 -16.94 -2.18
C ASN N 129 -21.49 -17.20 -0.85
N MET N 130 -21.22 -16.09 -0.15
CA MET N 130 -20.54 -16.18 1.14
C MET N 130 -21.34 -16.98 2.15
N THR N 131 -22.64 -16.73 2.25
CA THR N 131 -23.44 -17.35 3.31
C THR N 131 -23.52 -18.86 3.16
N ARG N 132 -23.67 -19.35 1.92
CA ARG N 132 -23.76 -20.79 1.71
C ARG N 132 -22.38 -21.44 1.77
N SER N 133 -21.35 -20.75 1.25
CA SER N 133 -20.01 -21.33 1.27
C SER N 133 -19.51 -21.50 2.70
N LEU N 134 -19.72 -20.50 3.55
CA LEU N 134 -19.21 -20.57 4.92
C LEU N 134 -19.93 -21.65 5.72
N GLY N 135 -21.25 -21.76 5.54
CA GLY N 135 -22.00 -22.80 6.23
C GLY N 135 -21.57 -24.19 5.81
N SER N 136 -21.34 -24.39 4.51
CA SER N 136 -20.94 -25.71 4.03
C SER N 136 -19.59 -26.13 4.60
N VAL N 137 -18.64 -25.19 4.66
CA VAL N 137 -17.35 -25.49 5.26
C VAL N 137 -17.52 -25.86 6.73
N ALA N 138 -18.32 -25.08 7.46
CA ALA N 138 -18.61 -25.40 8.85
C ALA N 138 -19.35 -26.73 8.97
N GLU N 139 -20.25 -27.00 8.02
CA GLU N 139 -21.00 -28.26 8.07
C GLU N 139 -20.07 -29.46 7.96
N ALA N 140 -19.10 -29.40 7.06
CA ALA N 140 -18.13 -30.48 6.95
C ALA N 140 -17.31 -30.63 8.23
N LEU N 141 -17.04 -29.50 8.89
CA LEU N 141 -16.29 -29.54 10.15
C LEU N 141 -17.07 -30.28 11.22
N TRP N 142 -18.37 -30.03 11.32
CA TRP N 142 -19.21 -30.57 12.38
C TRP N 142 -19.87 -31.89 12.00
N GLN N 143 -19.76 -32.34 10.75
CA GLN N 143 -20.55 -33.48 10.29
C GLN N 143 -20.14 -34.76 10.99
N ASN N 144 -18.84 -34.94 11.22
CA ASN N 144 -18.32 -36.11 11.94
C ASN N 144 -18.00 -35.80 13.40
N GLU N 145 -18.66 -34.81 13.97
CA GLU N 145 -18.33 -34.30 15.30
C GLU N 145 -19.50 -34.49 16.26
N ALA N 146 -19.21 -34.29 17.54
CA ALA N 146 -20.20 -34.26 18.61
C ALA N 146 -20.93 -32.93 18.56
N VAL N 147 -21.58 -32.56 19.67
CA VAL N 147 -22.49 -31.41 19.74
C VAL N 147 -21.95 -30.22 18.95
N ARG N 148 -22.83 -29.61 18.16
CA ARG N 148 -22.42 -28.56 17.24
C ARG N 148 -22.21 -27.25 18.01
N PHE N 149 -21.90 -26.19 17.25
CA PHE N 149 -21.76 -24.86 17.85
C PHE N 149 -22.03 -23.83 16.75
N GLU N 150 -23.22 -23.25 16.76
CA GLU N 150 -23.54 -22.18 15.84
C GLU N 150 -22.73 -20.94 16.21
N PRO N 151 -22.43 -20.07 15.23
CA PRO N 151 -21.67 -18.86 15.54
C PRO N 151 -22.38 -17.99 16.57
N ILE N 152 -21.59 -17.33 17.41
CA ILE N 152 -22.14 -16.50 18.46
C ILE N 152 -22.97 -15.37 17.84
N ARG N 153 -24.22 -15.26 18.26
CA ARG N 153 -25.13 -14.23 17.78
C ARG N 153 -25.23 -13.15 18.84
N MET N 154 -24.99 -11.90 18.44
CA MET N 154 -25.08 -10.77 19.36
C MET N 154 -26.47 -10.17 19.21
N ILE N 155 -27.36 -10.55 20.14
CA ILE N 155 -28.75 -10.17 20.07
C ILE N 155 -29.08 -9.23 21.23
N LYS N 156 -30.27 -8.64 21.17
CA LYS N 156 -30.77 -7.75 22.21
C LYS N 156 -32.22 -8.11 22.50
N VAL N 157 -32.51 -8.43 23.75
CA VAL N 157 -33.84 -8.88 24.16
C VAL N 157 -34.30 -8.03 25.33
N ASN N 158 -35.51 -7.47 25.22
CA ASN N 158 -36.16 -6.74 26.30
C ASN N 158 -35.29 -5.58 26.81
N GLY N 159 -34.52 -4.99 25.90
CA GLY N 159 -33.72 -3.83 26.20
C GLY N 159 -32.32 -4.10 26.68
N THR N 160 -31.97 -5.36 26.96
CA THR N 160 -30.62 -5.71 27.38
C THR N 160 -29.93 -6.48 26.27
N GLU N 161 -28.61 -6.35 26.21
CA GLU N 161 -27.81 -6.84 25.10
C GLU N 161 -26.91 -7.98 25.57
N LEU N 162 -26.93 -9.09 24.83
CA LEU N 162 -26.18 -10.28 25.21
C LEU N 162 -25.82 -11.09 23.98
N GLN N 163 -24.83 -11.95 24.14
CA GLN N 163 -24.41 -12.87 23.09
C GLN N 163 -24.88 -14.27 23.43
N VAL N 164 -25.49 -14.94 22.46
CA VAL N 164 -26.06 -16.26 22.67
C VAL N 164 -25.10 -17.30 22.10
N VAL N 165 -25.04 -18.45 22.77
CA VAL N 165 -24.21 -19.57 22.35
C VAL N 165 -25.14 -20.77 22.18
N GLU N 166 -25.59 -20.99 20.96
CA GLU N 166 -26.51 -22.07 20.64
C GLU N 166 -25.73 -23.27 20.12
N PHE N 167 -26.04 -24.45 20.64
CA PHE N 167 -25.39 -25.68 20.23
C PHE N 167 -26.45 -26.74 19.91
N LYS N 168 -26.17 -27.56 18.91
CA LYS N 168 -27.06 -28.64 18.51
C LYS N 168 -26.36 -29.97 18.74
N ILE N 169 -27.11 -30.95 19.25
CA ILE N 169 -26.60 -32.28 19.50
C ILE N 169 -27.09 -33.20 18.39
N PRO N 170 -26.24 -33.71 17.52
CA PRO N 170 -26.68 -34.71 16.54
C PRO N 170 -27.24 -35.92 17.26
N GLY N 171 -28.29 -36.50 16.68
CA GLY N 171 -29.01 -37.53 17.40
C GLY N 171 -29.74 -36.92 18.58
N SER N 172 -29.81 -37.68 19.67
CA SER N 172 -30.49 -37.18 20.86
C SER N 172 -29.68 -37.42 22.12
N ASN N 173 -28.78 -38.40 22.09
CA ASN N 173 -28.04 -38.81 23.27
C ASN N 173 -26.54 -38.64 23.04
N LEU N 174 -25.81 -38.54 24.14
CA LEU N 174 -24.36 -38.43 24.15
C LEU N 174 -23.76 -39.50 25.05
N PRO N 175 -22.51 -39.90 24.81
CA PRO N 175 -21.85 -40.79 25.75
C PRO N 175 -21.77 -40.17 27.13
N VAL N 176 -21.90 -41.01 28.15
CA VAL N 176 -21.91 -40.52 29.53
C VAL N 176 -20.57 -39.86 29.87
N ASP N 177 -19.46 -40.44 29.39
CA ASP N 177 -18.13 -39.92 29.61
C ASP N 177 -17.67 -39.02 28.47
N PHE N 178 -18.60 -38.31 27.83
CA PHE N 178 -18.25 -37.47 26.69
C PHE N 178 -17.29 -36.35 27.09
N LEU N 179 -17.53 -35.73 28.24
CA LEU N 179 -16.70 -34.59 28.66
C LEU N 179 -15.25 -34.99 28.89
N HIS N 180 -14.98 -36.26 29.16
CA HIS N 180 -13.61 -36.69 29.39
C HIS N 180 -12.74 -36.50 28.16
N HIS N 181 -13.26 -36.84 26.98
CA HIS N 181 -12.49 -36.78 25.75
C HIS N 181 -12.67 -35.46 25.00
N TRP N 182 -13.52 -34.57 25.47
CA TRP N 182 -13.77 -33.31 24.77
C TRP N 182 -12.58 -32.38 24.93
N ASP N 183 -12.45 -31.46 23.96
CA ASP N 183 -11.36 -30.49 23.92
C ASP N 183 -11.91 -29.10 23.64
N LEU N 184 -12.96 -28.71 24.35
CA LEU N 184 -13.60 -27.43 24.09
C LEU N 184 -13.53 -26.62 25.37
N LYS N 185 -12.33 -26.50 25.94
CA LYS N 185 -12.13 -25.58 27.05
C LYS N 185 -12.45 -24.16 26.61
N ILE N 186 -13.50 -23.59 27.21
CA ILE N 186 -14.10 -22.36 26.70
C ILE N 186 -13.35 -21.11 27.15
N GLU N 187 -12.57 -21.18 28.22
CA GLU N 187 -11.92 -20.00 28.78
C GLU N 187 -10.90 -19.38 27.84
N ASP N 188 -10.48 -20.08 26.79
CA ASP N 188 -9.57 -19.52 25.80
C ASP N 188 -10.30 -18.68 24.75
N PHE N 189 -11.63 -18.73 24.71
CA PHE N 189 -12.41 -17.97 23.74
C PHE N 189 -13.02 -16.72 24.35
N ILE N 190 -12.66 -16.37 25.58
CA ILE N 190 -13.19 -15.20 26.27
C ILE N 190 -12.18 -14.08 26.15
N ALA N 191 -12.60 -12.97 25.54
CA ALA N 191 -11.72 -11.82 25.40
C ALA N 191 -11.48 -11.16 26.76
N THR N 192 -10.27 -10.66 26.97
CA THR N 192 -9.93 -9.98 28.21
C THR N 192 -10.02 -8.47 28.09
N SER N 193 -10.01 -7.92 26.88
CA SER N 193 -10.12 -6.49 26.65
C SER N 193 -11.14 -6.22 25.55
N PRO N 194 -11.77 -5.04 25.56
CA PRO N 194 -12.77 -4.75 24.52
C PRO N 194 -12.21 -4.79 23.12
N ASN N 195 -10.97 -4.34 22.90
CA ASN N 195 -10.38 -4.39 21.57
C ASN N 195 -9.95 -5.79 21.18
N GLU N 196 -9.70 -6.66 22.16
CA GLU N 196 -9.32 -8.04 21.87
C GLU N 196 -10.43 -8.73 21.08
N GLN N 197 -10.07 -9.35 19.96
CA GLN N 197 -11.05 -10.04 19.12
C GLN N 197 -11.06 -11.52 19.48
N LYS N 198 -12.22 -11.99 19.94
CA LYS N 198 -12.41 -13.34 20.43
C LYS N 198 -13.86 -13.73 20.19
N PRO N 199 -14.18 -15.02 20.17
CA PRO N 199 -15.58 -15.43 19.99
C PRO N 199 -16.51 -14.85 21.04
N VAL N 200 -16.07 -14.75 22.29
CA VAL N 200 -16.90 -14.25 23.38
C VAL N 200 -16.44 -12.83 23.70
N LYS N 201 -17.37 -11.88 23.63
CA LYS N 201 -17.04 -10.49 23.88
C LYS N 201 -16.73 -10.26 25.36
N PHE N 202 -15.97 -9.20 25.63
CA PHE N 202 -15.54 -8.91 26.99
C PHE N 202 -16.67 -8.28 27.79
N ASP N 203 -16.99 -8.88 28.94
CA ASP N 203 -17.95 -8.36 29.90
C ASP N 203 -19.36 -8.34 29.34
N VAL N 204 -19.55 -8.81 28.12
CA VAL N 204 -20.88 -8.88 27.53
C VAL N 204 -21.63 -10.09 28.10
N PRO N 205 -22.90 -9.96 28.48
CA PRO N 205 -23.64 -11.11 28.98
C PRO N 205 -23.68 -12.25 27.97
N VAL N 206 -23.57 -13.48 28.48
CA VAL N 206 -23.49 -14.68 27.66
C VAL N 206 -24.71 -15.55 27.95
N ALA N 207 -25.38 -16.00 26.89
CA ALA N 207 -26.55 -16.84 27.00
C ALA N 207 -26.29 -18.18 26.32
N LEU N 208 -26.79 -19.25 26.92
CA LEU N 208 -26.66 -20.60 26.38
C LEU N 208 -28.01 -21.07 25.88
N TYR N 209 -28.05 -21.56 24.64
CA TYR N 209 -29.28 -21.97 23.99
C TYR N 209 -29.13 -23.37 23.43
N GLY N 210 -30.21 -24.12 23.46
CA GLY N 210 -30.23 -25.46 22.91
C GLY N 210 -30.53 -26.52 23.94
N PRO N 211 -31.20 -27.59 23.53
CA PRO N 211 -31.55 -28.64 24.49
C PRO N 211 -30.37 -29.57 24.73
N GLY N 212 -30.18 -29.94 25.99
CA GLY N 212 -29.09 -30.80 26.37
C GLY N 212 -29.17 -31.26 27.80
N PRO N 213 -28.25 -32.12 28.21
CA PRO N 213 -28.27 -32.64 29.57
C PRO N 213 -27.86 -31.57 30.58
N ASN N 214 -28.21 -31.83 31.84
CA ASN N 214 -27.92 -30.87 32.90
C ASN N 214 -26.42 -30.69 33.09
N TRP N 215 -25.65 -31.78 33.00
CA TRP N 215 -24.21 -31.67 33.21
C TRP N 215 -23.53 -30.87 32.10
N LEU N 216 -24.06 -30.92 30.88
CA LEU N 216 -23.50 -30.11 29.81
C LEU N 216 -23.66 -28.63 30.10
N TYR N 217 -24.81 -28.22 30.61
CA TYR N 217 -25.02 -26.82 30.96
C TYR N 217 -24.09 -26.39 32.09
N ALA N 218 -23.98 -27.23 33.13
CA ALA N 218 -23.13 -26.88 34.26
C ALA N 218 -21.67 -26.76 33.83
N PHE N 219 -21.21 -27.67 32.96
CA PHE N 219 -19.85 -27.61 32.46
C PHE N 219 -19.56 -26.34 31.68
N LEU N 220 -20.59 -25.71 31.10
CA LEU N 220 -20.38 -24.54 30.26
C LEU N 220 -20.46 -23.24 31.05
N THR N 221 -21.40 -23.12 32.00
CA THR N 221 -21.52 -21.89 32.77
C THR N 221 -20.42 -21.76 33.81
N LEU N 222 -19.87 -22.89 34.28
CA LEU N 222 -18.91 -22.84 35.37
C LEU N 222 -17.66 -22.03 35.05
N PRO N 223 -17.02 -22.18 33.89
CA PRO N 223 -15.83 -21.36 33.62
C PRO N 223 -16.11 -19.87 33.48
N PHE N 224 -17.37 -19.45 33.47
CA PHE N 224 -17.72 -18.06 33.28
C PHE N 224 -17.76 -17.25 34.57
N LYS N 225 -17.44 -17.87 35.71
CA LYS N 225 -17.40 -17.13 36.96
C LYS N 225 -16.30 -16.07 36.91
N ASN N 226 -16.60 -14.89 37.46
CA ASN N 226 -15.71 -13.74 37.47
C ASN N 226 -15.39 -13.22 36.08
N ARG N 227 -16.08 -13.70 35.05
CA ARG N 227 -15.84 -13.24 33.68
C ARG N 227 -17.04 -12.53 33.09
N ASN N 228 -18.21 -13.18 33.03
CA ASN N 228 -19.38 -12.59 32.43
C ASN N 228 -20.62 -13.09 33.17
N THR N 229 -21.72 -12.34 33.03
CA THR N 229 -23.01 -12.84 33.47
C THR N 229 -23.47 -13.95 32.55
N VAL N 230 -24.17 -14.93 33.11
CA VAL N 230 -24.57 -16.13 32.38
C VAL N 230 -26.09 -16.18 32.32
N PHE N 231 -26.61 -16.41 31.12
CA PHE N 231 -28.04 -16.66 30.91
C PHE N 231 -28.20 -18.06 30.33
N VAL N 232 -29.28 -18.73 30.72
CA VAL N 232 -29.62 -20.04 30.21
C VAL N 232 -31.06 -20.00 29.70
N PHE N 233 -31.37 -20.89 28.75
CA PHE N 233 -32.68 -20.90 28.12
C PHE N 233 -33.47 -22.10 28.63
N ASN N 234 -34.65 -21.84 29.19
CA ASN N 234 -35.54 -22.89 29.68
C ASN N 234 -36.75 -22.99 28.76
N SER N 235 -37.00 -24.20 28.26
CA SER N 235 -38.07 -24.40 27.30
C SER N 235 -39.45 -24.47 27.93
N ARG N 236 -39.53 -24.51 29.27
CA ARG N 236 -40.84 -24.54 29.91
C ARG N 236 -41.64 -23.26 29.62
N THR N 237 -40.97 -22.11 29.66
CA THR N 237 -41.60 -20.84 29.31
C THR N 237 -40.89 -20.15 28.15
N SER N 238 -39.88 -20.80 27.56
CA SER N 238 -39.15 -20.25 26.42
C SER N 238 -38.56 -18.88 26.73
N GLU N 239 -37.87 -18.78 27.87
CA GLU N 239 -37.31 -17.53 28.34
C GLU N 239 -35.89 -17.75 28.87
N TYR N 240 -35.09 -16.68 28.81
CA TYR N 240 -33.75 -16.73 29.37
C TYR N 240 -33.79 -16.45 30.87
N ILE N 241 -32.93 -17.15 31.61
CA ILE N 241 -32.85 -17.04 33.06
C ILE N 241 -31.44 -16.63 33.44
N CYS N 242 -31.33 -15.63 34.32
CA CYS N 242 -30.03 -15.14 34.78
C CYS N 242 -29.60 -15.93 36.01
N VAL N 243 -28.39 -16.48 35.96
CA VAL N 243 -27.82 -17.25 37.06
C VAL N 243 -26.65 -16.52 37.70
N TYR N 244 -25.87 -15.79 36.92
CA TYR N 244 -24.74 -15.02 37.42
C TYR N 244 -24.95 -13.54 37.11
N SER N 245 -24.59 -12.69 38.07
CA SER N 245 -24.72 -11.25 37.94
C SER N 245 -23.38 -10.61 38.30
N LYS N 246 -22.52 -10.47 37.30
CA LYS N 246 -21.23 -9.81 37.46
C LYS N 246 -21.26 -8.34 37.09
N SER N 247 -22.41 -7.80 36.70
CA SER N 247 -22.51 -6.41 36.30
C SER N 247 -23.71 -5.76 36.99
N ALA N 248 -23.62 -4.44 37.17
CA ALA N 248 -24.69 -3.69 37.80
C ALA N 248 -25.92 -3.65 36.89
N GLY N 249 -27.08 -3.57 37.52
CA GLY N 249 -28.34 -3.57 36.80
C GLY N 249 -28.88 -4.94 36.47
N LEU N 250 -28.14 -6.01 36.78
CA LEU N 250 -28.56 -7.38 36.53
C LEU N 250 -28.60 -8.14 37.84
N ALA N 251 -29.68 -8.87 38.06
CA ALA N 251 -29.82 -9.68 39.27
C ALA N 251 -29.96 -11.15 38.90
N PRO N 252 -29.43 -12.06 39.70
CA PRO N 252 -29.56 -13.48 39.36
C PRO N 252 -31.00 -13.96 39.54
N GLY N 253 -31.68 -14.22 38.43
CA GLY N 253 -33.05 -14.67 38.46
C GLY N 253 -34.02 -13.83 37.65
N MET N 254 -33.56 -12.78 36.98
CA MET N 254 -34.44 -12.02 36.11
C MET N 254 -34.71 -12.80 34.83
N VAL N 255 -35.85 -12.53 34.21
CA VAL N 255 -36.33 -13.29 33.07
C VAL N 255 -36.53 -12.36 31.88
N LEU N 256 -36.09 -12.81 30.71
CA LEU N 256 -36.23 -12.07 29.46
C LEU N 256 -37.22 -12.81 28.57
N LYS N 257 -38.24 -12.10 28.10
CA LYS N 257 -39.25 -12.70 27.23
C LYS N 257 -38.66 -12.92 25.84
N GLY N 258 -38.49 -14.18 25.47
CA GLY N 258 -37.93 -14.52 24.17
C GLY N 258 -38.97 -14.60 23.07
N PRO O 2 -32.70 -19.73 53.42
CA PRO O 2 -33.46 -19.20 54.55
C PRO O 2 -32.65 -19.19 55.84
N GLN O 3 -32.59 -18.02 56.49
CA GLN O 3 -31.87 -17.87 57.76
C GLN O 3 -32.82 -18.24 58.90
N ALA O 4 -32.25 -18.56 60.05
CA ALA O 4 -33.03 -18.96 61.23
C ALA O 4 -32.46 -18.28 62.47
N PHE O 5 -33.36 -17.83 63.35
CA PHE O 5 -32.98 -17.18 64.59
C PHE O 5 -33.36 -18.07 65.76
N PHE O 6 -32.43 -18.23 66.71
CA PHE O 6 -32.59 -19.16 67.82
C PHE O 6 -32.77 -18.36 69.10
N SER O 7 -33.95 -18.49 69.71
CA SER O 7 -34.24 -17.85 71.00
C SER O 7 -34.48 -18.95 72.03
N HIS O 8 -33.59 -19.05 73.02
CA HIS O 8 -33.60 -20.18 73.93
C HIS O 8 -33.00 -19.78 75.27
N ASN O 9 -33.21 -20.64 76.26
CA ASN O 9 -32.63 -20.48 77.58
C ASN O 9 -31.36 -21.32 77.70
N ASN O 10 -30.44 -20.85 78.54
CA ASN O 10 -29.12 -21.46 78.62
C ASN O 10 -29.14 -22.90 79.11
N LYS O 11 -30.21 -23.32 79.81
CA LYS O 11 -30.28 -24.71 80.26
C LYS O 11 -30.51 -25.66 79.08
N ASP O 12 -31.26 -25.22 78.08
CA ASP O 12 -31.50 -26.00 76.88
C ASP O 12 -30.41 -25.83 75.84
N LYS O 13 -29.24 -25.33 76.24
CA LYS O 13 -28.16 -25.09 75.29
C LYS O 13 -27.65 -26.40 74.70
N LYS O 14 -27.65 -27.48 75.49
CA LYS O 14 -27.14 -28.76 75.00
C LYS O 14 -27.96 -29.24 73.80
N ILE O 15 -29.28 -29.12 73.87
CA ILE O 15 -30.12 -29.59 72.78
C ILE O 15 -30.19 -28.61 71.62
N VAL O 16 -29.93 -27.31 71.86
CA VAL O 16 -30.11 -26.30 70.82
C VAL O 16 -29.05 -26.44 69.75
N LEU O 17 -27.78 -26.56 70.15
CA LEU O 17 -26.70 -26.63 69.17
C LEU O 17 -26.79 -27.88 68.31
N GLU O 18 -27.10 -29.03 68.91
CA GLU O 18 -27.26 -30.23 68.11
C GLU O 18 -28.47 -30.13 67.19
N VAL O 19 -29.48 -29.33 67.58
CA VAL O 19 -30.53 -28.96 66.65
C VAL O 19 -30.00 -27.99 65.60
N LEU O 20 -29.19 -27.02 66.04
CA LEU O 20 -28.68 -26.00 65.12
C LEU O 20 -27.78 -26.59 64.05
N GLU O 21 -26.88 -27.51 64.44
CA GLU O 21 -25.96 -28.08 63.47
C GLU O 21 -26.72 -28.89 62.41
N HIS O 22 -27.74 -29.63 62.83
CA HIS O 22 -28.55 -30.37 61.86
C HIS O 22 -29.23 -29.42 60.88
N LEU O 23 -29.72 -28.28 61.37
CA LEU O 23 -30.22 -27.26 60.47
C LEU O 23 -29.13 -26.70 59.56
N ARG O 24 -27.94 -26.49 60.11
CA ARG O 24 -26.83 -25.99 59.30
C ARG O 24 -26.46 -26.99 58.20
N GLN O 25 -26.44 -28.29 58.53
CA GLN O 25 -26.19 -29.29 57.51
C GLN O 25 -27.26 -29.31 56.44
N SER O 26 -28.44 -28.75 56.71
CA SER O 26 -29.50 -28.63 55.74
C SER O 26 -29.43 -27.32 54.96
N LEU O 27 -28.25 -26.70 54.87
CA LEU O 27 -28.04 -25.47 54.13
C LEU O 27 -28.93 -24.34 54.64
N VAL O 28 -29.21 -24.34 55.93
CA VAL O 28 -30.03 -23.30 56.57
C VAL O 28 -29.10 -22.40 57.37
N ALA O 29 -29.15 -21.10 57.09
CA ALA O 29 -28.37 -20.14 57.86
C ALA O 29 -28.92 -20.03 59.26
N THR O 30 -28.03 -20.11 60.26
CA THR O 30 -28.42 -20.04 61.66
C THR O 30 -27.74 -18.86 62.33
N TRP O 31 -28.52 -18.12 63.12
CA TRP O 31 -28.02 -16.97 63.87
C TRP O 31 -28.40 -17.18 65.34
N ILE O 32 -27.46 -17.66 66.14
CA ILE O 32 -27.73 -17.93 67.55
C ILE O 32 -27.40 -16.72 68.42
N ASP O 33 -26.21 -16.16 68.26
CA ASP O 33 -25.81 -14.97 69.02
C ASP O 33 -24.59 -14.31 68.39
N SER O 42 -28.65 -8.28 69.00
CA SER O 42 -29.71 -9.16 69.51
C SER O 42 -30.36 -9.92 68.36
N LEU O 43 -31.68 -10.09 68.44
CA LEU O 43 -32.41 -10.82 67.43
C LEU O 43 -33.60 -10.01 66.92
N ILE O 44 -34.12 -9.11 67.75
CA ILE O 44 -35.28 -8.33 67.38
C ILE O 44 -34.96 -7.41 66.20
N GLN O 45 -33.84 -6.70 66.27
CA GLN O 45 -33.44 -5.84 65.17
C GLN O 45 -32.91 -6.60 63.97
N GLN O 46 -32.33 -7.79 64.18
CA GLN O 46 -31.89 -8.60 63.05
C GLN O 46 -33.05 -9.16 62.26
N ILE O 47 -34.27 -9.11 62.81
CA ILE O 47 -35.45 -9.57 62.08
C ILE O 47 -35.67 -8.72 60.84
N ILE O 48 -35.51 -7.40 60.97
CA ILE O 48 -35.80 -6.48 59.86
C ILE O 48 -34.54 -6.41 59.02
N ALA O 49 -34.42 -7.38 58.11
CA ALA O 49 -33.26 -7.46 57.21
C ALA O 49 -33.54 -8.45 56.09
N GLY O 50 -33.14 -8.09 54.87
CA GLY O 50 -33.25 -9.01 53.75
C GLY O 50 -34.58 -8.89 53.04
N ILE O 51 -35.15 -10.04 52.69
CA ILE O 51 -36.38 -10.10 51.91
C ILE O 51 -37.54 -10.44 52.84
N SER O 52 -38.76 -10.33 52.30
CA SER O 52 -39.95 -10.68 53.07
C SER O 52 -39.89 -12.09 53.62
N LYS O 53 -39.33 -13.04 52.87
CA LYS O 53 -38.98 -14.35 53.41
C LYS O 53 -37.73 -14.20 54.28
N SER O 54 -37.94 -13.65 55.48
CA SER O 54 -36.84 -13.32 56.36
C SER O 54 -36.28 -14.56 57.05
N GLN O 55 -37.10 -15.19 57.90
CA GLN O 55 -36.61 -16.26 58.78
C GLN O 55 -37.82 -16.88 59.48
N TYR O 56 -37.61 -18.04 60.08
CA TYR O 56 -38.61 -18.72 60.89
C TYR O 56 -38.16 -18.68 62.35
N PHE O 57 -38.99 -18.13 63.21
CA PHE O 57 -38.63 -18.00 64.62
C PHE O 57 -38.74 -19.35 65.32
N LEU O 58 -37.62 -19.82 65.88
CA LEU O 58 -37.57 -21.08 66.60
C LEU O 58 -37.65 -20.79 68.09
N ALA O 59 -38.87 -20.86 68.64
CA ALA O 59 -39.09 -20.65 70.06
C ALA O 59 -39.09 -22.00 70.76
N PHE O 60 -37.96 -22.36 71.36
CA PHE O 60 -37.84 -23.63 72.10
C PHE O 60 -38.52 -23.47 73.46
N LEU O 61 -39.84 -23.67 73.44
CA LEU O 61 -40.63 -23.60 74.67
C LEU O 61 -40.24 -24.72 75.62
N SER O 62 -40.07 -24.37 76.89
CA SER O 62 -39.71 -25.34 77.92
C SER O 62 -40.16 -24.79 79.26
N ASN O 63 -40.19 -25.68 80.26
CA ASN O 63 -40.58 -25.27 81.60
C ASN O 63 -39.61 -24.23 82.15
N GLU O 64 -38.30 -24.42 81.91
CA GLU O 64 -37.33 -23.41 82.31
C GLU O 64 -37.40 -22.19 81.40
N TYR O 65 -37.78 -22.38 80.14
CA TYR O 65 -37.83 -21.28 79.20
C TYR O 65 -38.87 -20.24 79.61
N LEU O 66 -40.00 -20.69 80.18
CA LEU O 66 -41.12 -19.79 80.42
C LEU O 66 -41.01 -19.02 81.73
N LYS O 67 -39.98 -19.27 82.54
CA LYS O 67 -39.82 -18.53 83.79
C LYS O 67 -38.80 -17.40 83.67
N SER O 68 -38.34 -17.09 82.47
CA SER O 68 -37.40 -15.99 82.25
C SER O 68 -38.13 -14.83 81.59
N ASP O 69 -38.18 -13.69 82.28
CA ASP O 69 -38.90 -12.54 81.77
C ASP O 69 -38.21 -11.96 80.54
N TRP O 70 -36.89 -11.98 80.51
CA TRP O 70 -36.16 -11.52 79.33
C TRP O 70 -36.51 -12.37 78.12
N CYS O 71 -36.66 -13.69 78.31
CA CYS O 71 -37.07 -14.56 77.22
C CYS O 71 -38.49 -14.26 76.78
N TRP O 72 -39.36 -13.89 77.72
CA TRP O 72 -40.76 -13.64 77.38
C TRP O 72 -40.92 -12.41 76.50
N ASP O 73 -40.24 -11.32 76.84
CA ASP O 73 -40.40 -10.09 76.04
C ASP O 73 -39.86 -10.26 74.63
N GLU O 74 -38.83 -11.10 74.45
CA GLU O 74 -38.35 -11.40 73.11
C GLU O 74 -39.42 -12.09 72.28
N LEU O 75 -40.13 -13.04 72.90
CA LEU O 75 -41.21 -13.72 72.20
C LEU O 75 -42.37 -12.77 71.89
N GLU O 76 -42.64 -11.83 72.80
CA GLU O 76 -43.77 -10.92 72.61
C GLU O 76 -43.57 -10.05 71.38
N GLN O 77 -42.40 -9.44 71.24
CA GLN O 77 -42.14 -8.62 70.06
C GLN O 77 -42.07 -9.46 68.79
N ALA O 78 -41.53 -10.68 68.89
CA ALA O 78 -41.46 -11.55 67.74
C ALA O 78 -42.86 -11.89 67.23
N TYR O 79 -43.79 -12.19 68.15
CA TYR O 79 -45.16 -12.46 67.73
C TYR O 79 -45.85 -11.18 67.27
N ALA O 80 -45.53 -10.05 67.89
CA ALA O 80 -46.15 -8.79 67.50
C ALA O 80 -45.86 -8.45 66.05
N LEU O 81 -44.61 -8.63 65.62
CA LEU O 81 -44.26 -8.45 64.23
C LEU O 81 -44.73 -9.63 63.37
N HIS O 82 -44.91 -10.81 63.97
CA HIS O 82 -45.40 -11.95 63.21
C HIS O 82 -46.78 -11.71 62.64
N GLN O 83 -47.60 -10.91 63.33
CA GLN O 83 -48.90 -10.52 62.78
C GLN O 83 -48.74 -9.71 61.50
N LYS O 84 -47.66 -8.94 61.39
CA LYS O 84 -47.39 -8.18 60.18
C LYS O 84 -46.92 -9.05 59.03
N GLY O 85 -46.63 -10.33 59.28
CA GLY O 85 -46.22 -11.25 58.23
C GLY O 85 -44.76 -11.21 57.87
N LYS O 86 -43.96 -10.37 58.54
CA LYS O 86 -42.53 -10.32 58.23
C LYS O 86 -41.83 -11.63 58.56
N VAL O 87 -42.15 -12.21 59.73
CA VAL O 87 -41.52 -13.44 60.18
C VAL O 87 -42.58 -14.32 60.83
N LYS O 88 -42.53 -15.61 60.50
CA LYS O 88 -43.40 -16.60 61.12
C LYS O 88 -42.62 -17.35 62.19
N ILE O 89 -43.33 -17.81 63.20
CA ILE O 89 -42.74 -18.45 64.38
C ILE O 89 -43.04 -19.94 64.32
N ILE O 90 -42.04 -20.75 64.64
CA ILE O 90 -42.23 -22.19 64.77
C ILE O 90 -41.90 -22.59 66.21
N PRO O 91 -42.89 -22.69 67.09
CA PRO O 91 -42.61 -23.03 68.49
C PRO O 91 -42.34 -24.51 68.64
N ILE O 92 -41.14 -24.83 69.14
CA ILE O 92 -40.72 -26.20 69.36
C ILE O 92 -40.74 -26.48 70.86
N LEU O 93 -41.46 -27.52 71.26
CA LEU O 93 -41.66 -27.84 72.67
C LEU O 93 -40.57 -28.80 73.13
N LEU O 94 -39.74 -28.35 74.09
CA LEU O 94 -38.79 -29.26 74.71
C LEU O 94 -39.50 -30.38 75.45
N THR O 95 -40.56 -30.03 76.18
CA THR O 95 -41.40 -31.00 76.88
C THR O 95 -42.79 -31.02 76.25
N ASN O 96 -43.47 -32.16 76.40
CA ASN O 96 -44.78 -32.33 75.80
C ASN O 96 -45.77 -31.36 76.44
N ARG O 97 -46.82 -31.04 75.67
CA ARG O 97 -47.79 -30.03 76.08
C ARG O 97 -48.44 -30.36 77.42
N ALA O 98 -48.63 -31.64 77.72
CA ALA O 98 -49.36 -32.02 78.94
C ALA O 98 -48.64 -31.55 80.19
N GLN O 99 -47.31 -31.69 80.24
CA GLN O 99 -46.53 -31.35 81.42
C GLN O 99 -46.05 -29.90 81.41
N LEU O 100 -46.55 -29.08 80.49
CA LEU O 100 -46.19 -27.67 80.48
C LEU O 100 -46.77 -26.98 81.72
N ASP O 101 -45.93 -26.19 82.40
CA ASP O 101 -46.32 -25.53 83.64
C ASP O 101 -47.04 -24.23 83.30
N LEU O 102 -48.31 -24.38 82.89
CA LEU O 102 -49.13 -23.23 82.54
C LEU O 102 -49.67 -22.50 83.76
N ASN O 103 -49.69 -23.14 84.92
CA ASN O 103 -50.26 -22.51 86.12
C ASN O 103 -49.36 -21.41 86.66
N ALA O 104 -48.05 -21.56 86.51
CA ALA O 104 -47.11 -20.61 87.09
C ALA O 104 -47.23 -19.24 86.46
N LEU O 105 -47.48 -19.18 85.15
CA LEU O 105 -47.47 -17.91 84.45
C LEU O 105 -48.75 -17.12 84.72
N THR O 106 -48.67 -15.82 84.46
CA THR O 106 -49.79 -14.92 84.72
C THR O 106 -50.92 -15.16 83.72
N ASP O 107 -52.06 -14.51 83.99
CA ASP O 107 -53.24 -14.70 83.14
C ASP O 107 -52.99 -14.19 81.72
N ALA O 108 -52.41 -13.00 81.58
CA ALA O 108 -52.14 -12.47 80.25
C ALA O 108 -51.15 -13.33 79.49
N ARG O 109 -50.07 -13.76 80.17
CA ARG O 109 -49.08 -14.62 79.52
C ARG O 109 -49.67 -15.98 79.17
N ARG O 110 -50.46 -16.56 80.07
CA ARG O 110 -51.06 -17.87 79.79
C ARG O 110 -52.02 -17.79 78.61
N ASN O 111 -52.83 -16.74 78.55
CA ASN O 111 -53.68 -16.53 77.38
C ASN O 111 -52.85 -16.29 76.12
N PHE O 112 -51.76 -15.53 76.25
CA PHE O 112 -50.89 -15.28 75.12
C PHE O 112 -50.26 -16.59 74.62
N LEU O 113 -49.73 -17.40 75.54
CA LEU O 113 -49.09 -18.65 75.14
C LEU O 113 -50.11 -19.61 74.52
N GLU O 114 -51.31 -19.69 75.10
CA GLU O 114 -52.31 -20.60 74.55
C GLU O 114 -52.81 -20.11 73.20
N SER O 115 -52.86 -18.79 72.99
CA SER O 115 -53.33 -18.26 71.71
C SER O 115 -52.42 -18.70 70.57
N ILE O 116 -51.10 -18.61 70.76
CA ILE O 116 -50.18 -19.03 69.71
C ILE O 116 -50.04 -20.54 69.64
N LEU O 117 -50.37 -21.26 70.71
CA LEU O 117 -50.24 -22.71 70.71
C LEU O 117 -51.37 -23.38 69.93
N THR O 118 -52.55 -22.75 69.90
CA THR O 118 -53.72 -23.34 69.26
C THR O 118 -53.82 -22.96 67.79
N ARG O 119 -53.81 -21.65 67.49
CA ARG O 119 -53.94 -21.19 66.12
C ARG O 119 -52.71 -21.48 65.27
N LEU O 120 -51.53 -21.56 65.87
CA LEU O 120 -50.29 -21.75 65.13
C LEU O 120 -49.73 -23.13 65.46
N LYS O 121 -49.33 -23.85 64.42
CA LYS O 121 -48.90 -25.24 64.58
C LYS O 121 -47.60 -25.32 65.38
N TYR O 122 -47.55 -26.28 66.30
CA TYR O 122 -46.37 -26.52 67.12
C TYR O 122 -45.74 -27.87 66.74
N VAL O 123 -44.48 -28.03 67.12
CA VAL O 123 -43.73 -29.26 66.88
C VAL O 123 -43.16 -29.72 68.22
N GLU O 124 -43.22 -31.02 68.48
CA GLU O 124 -42.81 -31.60 69.74
C GLU O 124 -41.42 -32.20 69.64
N PHE O 125 -40.66 -32.13 70.73
CA PHE O 125 -39.30 -32.65 70.79
C PHE O 125 -39.17 -33.61 71.97
N ASP O 126 -38.49 -34.74 71.75
CA ASP O 126 -38.23 -35.71 72.80
C ASP O 126 -36.78 -36.15 72.70
N PRO O 127 -36.03 -36.14 73.80
CA PRO O 127 -34.62 -36.57 73.73
C PRO O 127 -34.42 -38.00 73.27
N HIS O 128 -35.40 -38.87 73.53
CA HIS O 128 -35.25 -40.28 73.20
C HIS O 128 -35.22 -40.50 71.69
N ASN O 129 -36.13 -39.87 70.97
CA ASN O 129 -36.27 -40.08 69.52
C ASN O 129 -35.59 -38.95 68.76
N MET O 130 -34.26 -39.06 68.67
CA MET O 130 -33.45 -38.05 67.99
C MET O 130 -33.80 -37.94 66.51
N THR O 131 -33.83 -39.07 65.81
CA THR O 131 -33.99 -39.02 64.35
C THR O 131 -35.34 -38.40 63.95
N ARG O 132 -36.41 -38.79 64.63
CA ARG O 132 -37.73 -38.29 64.27
C ARG O 132 -37.95 -36.87 64.78
N SER O 133 -37.32 -36.53 65.91
CA SER O 133 -37.45 -35.16 66.42
C SER O 133 -36.79 -34.16 65.49
N LEU O 134 -35.57 -34.45 65.03
CA LEU O 134 -34.87 -33.53 64.13
C LEU O 134 -35.60 -33.40 62.80
N GLY O 135 -36.10 -34.51 62.26
CA GLY O 135 -36.82 -34.45 61.00
C GLY O 135 -38.09 -33.64 61.09
N SER O 136 -38.80 -33.73 62.21
CA SER O 136 -40.03 -32.96 62.38
C SER O 136 -39.75 -31.47 62.41
N VAL O 137 -38.68 -31.05 63.07
CA VAL O 137 -38.32 -29.64 63.11
C VAL O 137 -37.94 -29.16 61.72
N ALA O 138 -37.13 -29.94 60.99
CA ALA O 138 -36.78 -29.59 59.63
C ALA O 138 -38.00 -29.55 58.73
N GLU O 139 -38.91 -30.52 58.89
CA GLU O 139 -40.13 -30.53 58.09
C GLU O 139 -40.96 -29.29 58.35
N ALA O 140 -41.05 -28.86 59.62
CA ALA O 140 -41.77 -27.63 59.93
C ALA O 140 -41.11 -26.42 59.29
N LEU O 141 -39.79 -26.49 59.07
CA LEU O 141 -39.09 -25.39 58.43
C LEU O 141 -39.44 -25.28 56.96
N TRP O 142 -39.45 -26.40 56.25
CA TRP O 142 -39.57 -26.41 54.79
C TRP O 142 -41.01 -26.48 54.30
N GLN O 143 -41.99 -26.69 55.19
CA GLN O 143 -43.35 -26.93 54.72
C GLN O 143 -43.94 -25.69 54.03
N ASN O 144 -43.59 -24.50 54.52
CA ASN O 144 -44.05 -23.25 53.93
C ASN O 144 -43.01 -22.65 53.00
N GLU O 145 -41.96 -23.39 52.68
CA GLU O 145 -40.83 -22.88 51.92
C GLU O 145 -40.85 -23.46 50.51
N ALA O 146 -40.09 -22.83 49.61
CA ALA O 146 -39.85 -23.33 48.27
C ALA O 146 -38.83 -24.47 48.37
N VAL O 147 -38.21 -24.82 47.24
CA VAL O 147 -37.34 -25.99 47.14
C VAL O 147 -36.49 -26.18 48.39
N ARG O 148 -36.58 -27.36 48.99
CA ARG O 148 -36.00 -27.65 50.28
C ARG O 148 -34.64 -28.32 50.11
N PHE O 149 -33.92 -28.49 51.21
CA PHE O 149 -32.60 -29.09 51.19
C PHE O 149 -32.53 -30.20 52.23
N GLU O 150 -31.96 -31.33 51.83
CA GLU O 150 -31.69 -32.43 52.73
C GLU O 150 -30.34 -32.23 53.41
N PRO O 151 -30.15 -32.80 54.60
CA PRO O 151 -28.84 -32.70 55.25
C PRO O 151 -27.75 -33.31 54.38
N ILE O 152 -26.57 -32.68 54.40
CA ILE O 152 -25.47 -33.10 53.55
C ILE O 152 -24.95 -34.45 54.03
N ARG O 153 -24.84 -35.39 53.11
CA ARG O 153 -24.35 -36.74 53.39
C ARG O 153 -22.99 -36.92 52.73
N MET O 154 -22.03 -37.43 53.49
CA MET O 154 -20.67 -37.68 52.99
C MET O 154 -20.58 -39.17 52.68
N ILE O 155 -20.56 -39.50 51.39
CA ILE O 155 -20.53 -40.88 50.93
C ILE O 155 -19.33 -41.09 50.03
N LYS O 156 -18.95 -42.35 49.88
CA LYS O 156 -17.85 -42.76 49.01
C LYS O 156 -18.39 -43.62 47.89
N VAL O 157 -18.14 -43.19 46.65
CA VAL O 157 -18.62 -43.90 45.46
C VAL O 157 -17.43 -44.27 44.61
N ASN O 158 -17.31 -45.55 44.27
CA ASN O 158 -16.22 -46.06 43.42
C ASN O 158 -14.86 -45.70 44.00
N GLY O 159 -14.77 -45.69 45.33
CA GLY O 159 -13.53 -45.35 46.00
C GLY O 159 -13.20 -43.89 46.03
N THR O 160 -14.14 -43.01 45.67
CA THR O 160 -13.91 -41.58 45.63
C THR O 160 -14.79 -40.90 46.67
N GLU O 161 -14.16 -40.06 47.50
CA GLU O 161 -14.90 -39.33 48.52
C GLU O 161 -15.80 -38.28 47.88
N LEU O 162 -17.02 -38.14 48.41
CA LEU O 162 -17.98 -37.20 47.86
C LEU O 162 -18.93 -36.74 48.96
N GLN O 163 -19.55 -35.59 48.73
CA GLN O 163 -20.66 -35.12 49.53
C GLN O 163 -21.79 -34.71 48.61
N VAL O 164 -23.02 -35.06 48.98
CA VAL O 164 -24.19 -34.87 48.13
C VAL O 164 -25.08 -33.81 48.76
N VAL O 165 -25.46 -32.82 47.95
CA VAL O 165 -26.40 -31.78 48.36
C VAL O 165 -27.73 -32.12 47.71
N GLU O 166 -28.62 -32.75 48.46
CA GLU O 166 -29.91 -33.17 47.94
C GLU O 166 -30.94 -32.08 48.16
N PHE O 167 -31.65 -31.72 47.09
CA PHE O 167 -32.73 -30.75 47.18
C PHE O 167 -33.97 -31.31 46.49
N LYS O 168 -35.12 -31.09 47.11
CA LYS O 168 -36.40 -31.56 46.58
C LYS O 168 -37.35 -30.39 46.41
N ILE O 169 -37.99 -30.32 45.25
CA ILE O 169 -38.93 -29.25 44.93
C ILE O 169 -40.34 -29.79 45.13
N PRO O 170 -41.11 -29.30 46.10
CA PRO O 170 -42.50 -29.76 46.24
C PRO O 170 -43.36 -29.22 45.12
N GLY O 171 -44.12 -30.11 44.48
CA GLY O 171 -44.96 -29.74 43.36
C GLY O 171 -44.27 -29.77 42.01
N SER O 172 -42.95 -29.93 41.97
CA SER O 172 -42.19 -30.06 40.74
C SER O 172 -42.41 -28.87 39.80
N ASN O 173 -42.61 -27.69 40.40
CA ASN O 173 -42.82 -26.47 39.61
C ASN O 173 -42.33 -25.29 40.41
N LEU O 174 -41.56 -24.41 39.77
CA LEU O 174 -41.04 -23.22 40.41
C LEU O 174 -41.37 -21.98 39.58
N PRO O 175 -41.51 -20.83 40.23
CA PRO O 175 -41.68 -19.59 39.46
C PRO O 175 -40.48 -19.32 38.59
N VAL O 176 -40.72 -18.66 37.45
CA VAL O 176 -39.65 -18.38 36.50
C VAL O 176 -38.61 -17.46 37.13
N ASP O 177 -39.07 -16.50 37.95
CA ASP O 177 -38.18 -15.57 38.64
C ASP O 177 -37.92 -15.97 40.08
N PHE O 178 -37.84 -17.28 40.35
CA PHE O 178 -37.66 -17.75 41.72
C PHE O 178 -36.32 -17.30 42.30
N LEU O 179 -35.26 -17.36 41.49
CA LEU O 179 -33.93 -17.01 41.97
C LEU O 179 -33.84 -15.54 42.39
N HIS O 180 -34.74 -14.70 41.91
CA HIS O 180 -34.71 -13.28 42.27
C HIS O 180 -34.95 -13.09 43.77
N HIS O 181 -35.89 -13.85 44.34
CA HIS O 181 -36.29 -13.68 45.73
C HIS O 181 -35.72 -14.76 46.64
N TRP O 182 -34.81 -15.59 46.15
CA TRP O 182 -34.23 -16.66 46.95
C TRP O 182 -33.00 -16.12 47.69
N ASP O 183 -33.07 -16.13 49.02
CA ASP O 183 -31.99 -15.61 49.85
C ASP O 183 -31.01 -16.71 50.27
N LEU O 184 -30.49 -17.43 49.29
CA LEU O 184 -29.53 -18.51 49.55
C LEU O 184 -28.24 -18.20 48.80
N LYS O 185 -27.22 -17.77 49.54
CA LYS O 185 -25.89 -17.54 48.98
C LYS O 185 -25.02 -18.70 49.41
N ILE O 186 -24.77 -19.64 48.49
CA ILE O 186 -24.04 -20.85 48.81
C ILE O 186 -22.58 -20.58 49.15
N GLU O 187 -22.08 -19.38 48.86
CA GLU O 187 -20.69 -19.06 49.20
C GLU O 187 -20.47 -19.08 50.70
N ASP O 188 -21.44 -18.60 51.47
CA ASP O 188 -21.31 -18.50 52.92
C ASP O 188 -21.28 -19.85 53.62
N PHE O 189 -21.60 -20.94 52.92
CA PHE O 189 -21.62 -22.27 53.52
C PHE O 189 -20.44 -23.13 53.09
N ILE O 190 -19.40 -22.52 52.54
CA ILE O 190 -18.21 -23.24 52.10
C ILE O 190 -17.10 -23.00 53.11
N ALA O 191 -16.54 -24.09 53.64
CA ALA O 191 -15.46 -23.97 54.60
C ALA O 191 -14.18 -23.49 53.92
N THR O 192 -13.49 -22.55 54.58
CA THR O 192 -12.22 -22.04 54.08
C THR O 192 -11.02 -22.78 54.63
N SER O 193 -11.23 -23.67 55.61
CA SER O 193 -10.13 -24.42 56.21
C SER O 193 -10.68 -25.78 56.65
N PRO O 194 -9.83 -26.81 56.74
CA PRO O 194 -10.34 -28.12 57.18
C PRO O 194 -10.95 -28.10 58.56
N ASN O 195 -10.41 -27.30 59.48
CA ASN O 195 -10.93 -27.28 60.85
C ASN O 195 -12.19 -26.44 60.97
N GLU O 196 -12.41 -25.50 60.05
CA GLU O 196 -13.61 -24.67 60.11
C GLU O 196 -14.86 -25.52 59.93
N GLN O 197 -15.88 -25.25 60.74
CA GLN O 197 -17.14 -25.98 60.69
C GLN O 197 -18.08 -25.26 59.74
N LYS O 198 -18.46 -25.93 58.66
CA LYS O 198 -19.35 -25.42 57.65
C LYS O 198 -20.11 -26.59 57.03
N PRO O 199 -21.28 -26.33 56.43
CA PRO O 199 -22.01 -27.44 55.78
C PRO O 199 -21.20 -28.13 54.70
N VAL O 200 -20.39 -27.38 53.95
CA VAL O 200 -19.60 -27.94 52.86
C VAL O 200 -18.15 -28.06 53.34
N LYS O 201 -17.61 -29.26 53.29
CA LYS O 201 -16.24 -29.48 53.73
C LYS O 201 -15.25 -28.81 52.78
N PHE O 202 -14.15 -28.35 53.35
CA PHE O 202 -13.12 -27.66 52.56
C PHE O 202 -12.43 -28.64 51.62
N ASP O 203 -12.41 -28.30 50.33
CA ASP O 203 -11.74 -29.00 49.24
C ASP O 203 -12.36 -30.36 48.91
N VAL O 204 -13.38 -30.79 49.65
CA VAL O 204 -14.03 -32.08 49.39
C VAL O 204 -14.96 -31.93 48.19
N PRO O 205 -14.98 -32.88 47.26
CA PRO O 205 -15.89 -32.77 46.11
C PRO O 205 -17.34 -32.71 46.56
N VAL O 206 -18.13 -31.92 45.82
CA VAL O 206 -19.53 -31.70 46.12
C VAL O 206 -20.36 -32.19 44.94
N ALA O 207 -21.38 -33.00 45.24
CA ALA O 207 -22.26 -33.56 44.22
C ALA O 207 -23.66 -32.97 44.36
N LEU O 208 -24.29 -32.70 43.22
CA LEU O 208 -25.64 -32.15 43.17
C LEU O 208 -26.62 -33.26 42.81
N TYR O 209 -27.65 -33.42 43.63
CA TYR O 209 -28.61 -34.49 43.48
C TYR O 209 -30.03 -33.93 43.54
N GLY O 210 -30.92 -34.54 42.78
CA GLY O 210 -32.31 -34.14 42.78
C GLY O 210 -32.75 -33.56 41.45
N PRO O 211 -33.96 -33.89 41.02
CA PRO O 211 -34.48 -33.33 39.77
C PRO O 211 -34.71 -31.83 39.90
N GLY O 212 -34.53 -31.13 38.79
CA GLY O 212 -34.71 -29.70 38.75
C GLY O 212 -34.39 -29.10 37.40
N PRO O 213 -34.71 -27.82 37.23
CA PRO O 213 -34.45 -27.15 35.95
C PRO O 213 -32.96 -26.88 35.76
N ASN O 214 -32.61 -26.57 34.51
CA ASN O 214 -31.22 -26.31 34.16
C ASN O 214 -30.68 -25.09 34.90
N TRP O 215 -31.48 -24.03 35.00
CA TRP O 215 -31.00 -22.81 35.64
C TRP O 215 -30.75 -23.03 37.13
N LEU O 216 -31.57 -23.85 37.77
CA LEU O 216 -31.32 -24.18 39.17
C LEU O 216 -30.00 -24.92 39.34
N TYR O 217 -29.71 -25.85 38.43
CA TYR O 217 -28.43 -26.56 38.48
C TYR O 217 -27.27 -25.60 38.22
N ALA O 218 -27.39 -24.78 37.17
CA ALA O 218 -26.29 -23.87 36.83
C ALA O 218 -26.05 -22.86 37.96
N PHE O 219 -27.13 -22.35 38.57
CA PHE O 219 -26.97 -21.38 39.64
C PHE O 219 -26.28 -21.99 40.84
N LEU O 220 -26.55 -23.26 41.15
CA LEU O 220 -25.99 -23.87 42.35
C LEU O 220 -24.51 -24.19 42.21
N THR O 221 -24.08 -24.72 41.06
CA THR O 221 -22.70 -25.13 40.89
C THR O 221 -21.76 -24.02 40.43
N LEU O 222 -22.30 -22.89 39.98
CA LEU O 222 -21.44 -21.80 39.51
C LEU O 222 -20.53 -21.24 40.60
N PRO O 223 -21.01 -20.92 41.81
CA PRO O 223 -20.10 -20.35 42.82
C PRO O 223 -19.02 -21.29 43.31
N PHE O 224 -19.02 -22.56 42.89
CA PHE O 224 -18.04 -23.52 43.35
C PHE O 224 -16.74 -23.51 42.57
N LYS O 225 -16.62 -22.62 41.58
CA LYS O 225 -15.37 -22.52 40.83
C LYS O 225 -14.24 -22.07 41.76
N ASN O 226 -13.09 -22.71 41.62
CA ASN O 226 -11.90 -22.48 42.43
C ASN O 226 -12.12 -22.81 43.91
N ARG O 227 -13.20 -23.51 44.23
CA ARG O 227 -13.48 -23.90 45.61
C ARG O 227 -13.58 -25.40 45.79
N ASN O 228 -14.37 -26.08 44.96
CA ASN O 228 -14.55 -27.52 45.06
C ASN O 228 -14.83 -28.08 43.68
N THR O 229 -14.52 -29.36 43.50
CA THR O 229 -14.91 -30.06 42.29
C THR O 229 -16.39 -30.43 42.38
N VAL O 230 -17.10 -30.29 41.27
CA VAL O 230 -18.56 -30.41 41.26
C VAL O 230 -18.97 -31.67 40.50
N PHE O 231 -19.90 -32.41 41.08
CA PHE O 231 -20.53 -33.54 40.44
C PHE O 231 -22.04 -33.30 40.35
N VAL O 232 -22.64 -33.83 39.29
CA VAL O 232 -24.08 -33.71 39.09
C VAL O 232 -24.65 -35.06 38.72
N PHE O 233 -25.94 -35.25 39.00
CA PHE O 233 -26.62 -36.52 38.80
C PHE O 233 -27.50 -36.44 37.57
N ASN O 234 -27.35 -37.41 36.67
CA ASN O 234 -28.15 -37.52 35.46
C ASN O 234 -28.96 -38.81 35.55
N SER O 235 -30.28 -38.67 35.65
CA SER O 235 -31.15 -39.83 35.84
C SER O 235 -31.28 -40.69 34.59
N ARG O 236 -30.79 -40.22 33.44
CA ARG O 236 -30.87 -41.04 32.24
C ARG O 236 -30.12 -42.35 32.41
N THR O 237 -28.95 -42.30 33.04
CA THR O 237 -28.21 -43.49 33.42
C THR O 237 -28.01 -43.60 34.92
N SER O 238 -28.46 -42.61 35.69
CA SER O 238 -28.48 -42.67 37.15
C SER O 238 -27.07 -42.87 37.73
N GLU O 239 -26.21 -41.91 37.46
CA GLU O 239 -24.85 -41.92 37.99
C GLU O 239 -24.22 -40.54 37.84
N TYR O 240 -23.34 -40.21 38.78
CA TYR O 240 -22.79 -38.86 38.87
C TYR O 240 -21.80 -38.58 37.74
N ILE O 241 -21.71 -37.31 37.36
CA ILE O 241 -20.84 -36.84 36.28
C ILE O 241 -19.99 -35.70 36.81
N CYS O 242 -18.69 -35.75 36.55
CA CYS O 242 -17.77 -34.69 36.94
C CYS O 242 -17.79 -33.58 35.91
N VAL O 243 -17.99 -32.34 36.37
CA VAL O 243 -18.05 -31.18 35.50
C VAL O 243 -16.99 -30.15 35.80
N TYR O 244 -16.34 -30.22 36.97
CA TYR O 244 -15.28 -29.30 37.34
C TYR O 244 -14.09 -30.08 37.86
N SER O 245 -12.89 -29.60 37.56
CA SER O 245 -11.65 -30.26 37.98
C SER O 245 -10.82 -29.27 38.78
N LYS O 246 -10.71 -29.51 40.08
CA LYS O 246 -9.81 -28.75 40.95
C LYS O 246 -8.85 -29.63 41.73
N SER O 247 -9.25 -30.85 42.06
CA SER O 247 -8.40 -31.77 42.80
C SER O 247 -7.57 -32.61 41.83
N ALA O 248 -6.45 -33.13 42.32
CA ALA O 248 -5.58 -33.97 41.52
C ALA O 248 -6.24 -35.32 41.27
N GLY O 249 -6.10 -35.83 40.05
CA GLY O 249 -6.66 -37.11 39.68
C GLY O 249 -8.14 -37.08 39.33
N LEU O 250 -8.76 -35.91 39.32
CA LEU O 250 -10.18 -35.76 39.00
C LEU O 250 -10.29 -34.96 37.70
N ALA O 251 -10.19 -35.67 36.57
CA ALA O 251 -10.43 -35.05 35.28
C ALA O 251 -11.93 -34.78 35.11
N PRO O 252 -12.31 -33.72 34.38
CA PRO O 252 -13.72 -33.41 34.20
C PRO O 252 -14.35 -34.33 33.16
N GLY O 253 -15.12 -35.31 33.63
CA GLY O 253 -15.83 -36.16 32.69
C GLY O 253 -16.00 -37.62 33.09
N MET O 254 -15.42 -38.04 34.21
CA MET O 254 -15.62 -39.42 34.64
C MET O 254 -17.04 -39.62 35.16
N VAL O 255 -17.43 -40.89 35.26
CA VAL O 255 -18.74 -41.28 35.76
C VAL O 255 -18.55 -42.16 36.98
N LEU O 256 -19.25 -41.85 38.06
CA LEU O 256 -19.24 -42.64 39.28
C LEU O 256 -20.60 -43.32 39.43
N LYS O 257 -20.61 -44.64 39.31
CA LYS O 257 -21.86 -45.38 39.31
C LYS O 257 -22.47 -45.40 40.71
N GLY O 258 -23.68 -44.86 40.81
CA GLY O 258 -24.39 -44.80 42.08
C GLY O 258 -25.75 -45.45 42.02
N PRO P 2 12.11 -13.25 29.42
CA PRO P 2 12.99 -13.88 28.42
C PRO P 2 14.04 -12.91 27.88
N GLN P 3 15.26 -13.39 27.70
CA GLN P 3 16.35 -12.59 27.16
C GLN P 3 16.36 -12.73 25.64
N ALA P 4 16.95 -11.76 24.96
CA ALA P 4 17.02 -11.75 23.50
C ALA P 4 18.40 -11.30 23.05
N PHE P 5 18.94 -12.00 22.06
CA PHE P 5 20.21 -11.63 21.43
C PHE P 5 19.94 -11.26 19.98
N PHE P 6 20.57 -10.18 19.52
CA PHE P 6 20.35 -9.67 18.18
C PHE P 6 21.62 -9.89 17.36
N SER P 7 21.56 -10.81 16.40
CA SER P 7 22.63 -11.01 15.44
C SER P 7 22.23 -10.32 14.15
N HIS P 8 23.02 -9.33 13.73
CA HIS P 8 22.61 -8.46 12.64
C HIS P 8 23.85 -7.87 11.98
N ASN P 9 23.63 -7.30 10.79
CA ASN P 9 24.67 -6.58 10.10
C ASN P 9 24.45 -5.07 10.25
N ASN P 10 25.53 -4.31 10.13
CA ASN P 10 25.47 -2.87 10.36
C ASN P 10 24.61 -2.15 9.33
N LYS P 11 24.47 -2.70 8.12
CA LYS P 11 23.61 -2.06 7.13
C LYS P 11 22.15 -2.11 7.55
N ASP P 12 21.77 -3.13 8.30
CA ASP P 12 20.39 -3.27 8.79
C ASP P 12 20.22 -2.75 10.21
N LYS P 13 21.13 -1.90 10.68
CA LYS P 13 21.04 -1.38 12.05
C LYS P 13 19.79 -0.54 12.24
N LYS P 14 19.35 0.16 11.19
CA LYS P 14 18.19 1.03 11.31
C LYS P 14 16.93 0.25 11.67
N ILE P 15 16.73 -0.90 11.05
CA ILE P 15 15.54 -1.70 11.32
C ILE P 15 15.69 -2.53 12.60
N VAL P 16 16.91 -2.73 13.08
CA VAL P 16 17.13 -3.65 14.19
C VAL P 16 16.77 -2.99 15.52
N LEU P 17 17.28 -1.77 15.74
CA LEU P 17 17.08 -1.13 17.05
C LEU P 17 15.62 -0.78 17.28
N GLU P 18 14.85 -0.59 16.21
CA GLU P 18 13.42 -0.36 16.38
C GLU P 18 12.68 -1.67 16.66
N VAL P 19 13.19 -2.80 16.16
CA VAL P 19 12.68 -4.09 16.59
C VAL P 19 13.02 -4.34 18.05
N LEU P 20 14.26 -4.01 18.44
CA LEU P 20 14.65 -4.14 19.84
C LEU P 20 13.82 -3.23 20.73
N GLU P 21 13.52 -2.02 20.25
CA GLU P 21 12.70 -1.10 21.04
C GLU P 21 11.32 -1.67 21.29
N HIS P 22 10.71 -2.28 20.27
CA HIS P 22 9.41 -2.91 20.46
C HIS P 22 9.51 -4.09 21.42
N LEU P 23 10.55 -4.91 21.28
CA LEU P 23 10.73 -6.03 22.19
C LEU P 23 11.00 -5.56 23.61
N ARG P 24 11.78 -4.49 23.77
CA ARG P 24 12.02 -3.95 25.11
C ARG P 24 10.73 -3.48 25.74
N GLN P 25 9.85 -2.84 24.97
CA GLN P 25 8.55 -2.43 25.48
C GLN P 25 7.71 -3.61 25.92
N SER P 26 7.96 -4.80 25.37
CA SER P 26 7.22 -6.00 25.75
C SER P 26 7.87 -6.75 26.90
N LEU P 27 8.64 -6.05 27.75
CA LEU P 27 9.29 -6.63 28.92
C LEU P 27 10.25 -7.76 28.54
N VAL P 28 10.92 -7.63 27.40
CA VAL P 28 11.93 -8.58 26.97
C VAL P 28 13.29 -7.93 27.18
N ALA P 29 14.14 -8.56 27.97
CA ALA P 29 15.49 -8.04 28.20
C ALA P 29 16.36 -8.32 26.99
N THR P 30 16.81 -7.26 26.32
CA THR P 30 17.58 -7.39 25.10
C THR P 30 19.01 -6.90 25.30
N TRP P 31 19.96 -7.78 24.97
CA TRP P 31 21.38 -7.42 24.93
C TRP P 31 21.83 -7.46 23.48
N ILE P 32 22.16 -6.29 22.94
CA ILE P 32 22.58 -6.18 21.55
C ILE P 32 24.10 -6.25 21.41
N ASP P 33 24.82 -5.39 22.13
CA ASP P 33 26.27 -5.39 22.10
C ASP P 33 26.86 -5.39 23.50
N SER P 42 31.17 -10.69 23.61
CA SER P 42 30.46 -11.19 22.45
C SER P 42 29.07 -11.67 22.82
N LEU P 43 28.56 -12.65 22.07
CA LEU P 43 27.22 -13.17 22.31
C LEU P 43 27.23 -14.66 22.57
N ILE P 44 28.20 -15.36 21.98
CA ILE P 44 28.25 -16.82 22.10
C ILE P 44 28.49 -17.24 23.54
N GLN P 45 29.42 -16.57 24.23
CA GLN P 45 29.63 -16.87 25.64
C GLN P 45 28.49 -16.35 26.51
N GLN P 46 27.81 -15.30 26.11
CA GLN P 46 26.64 -14.84 26.85
C GLN P 46 25.47 -15.81 26.72
N ILE P 47 25.52 -16.73 25.75
CA ILE P 47 24.50 -17.77 25.66
C ILE P 47 24.48 -18.62 26.92
N ILE P 48 25.66 -19.00 27.41
CA ILE P 48 25.76 -19.89 28.58
C ILE P 48 25.69 -18.99 29.80
N ALA P 49 24.46 -18.70 30.22
CA ALA P 49 24.21 -17.86 31.39
C ALA P 49 22.76 -17.98 31.83
N GLY P 50 22.54 -18.07 33.14
CA GLY P 50 21.19 -18.08 33.68
C GLY P 50 20.62 -19.48 33.72
N ILE P 51 19.38 -19.62 33.26
CA ILE P 51 18.65 -20.87 33.33
C ILE P 51 18.57 -21.48 31.92
N SER P 52 18.13 -22.74 31.86
CA SER P 52 17.97 -23.42 30.58
C SER P 52 17.07 -22.65 29.63
N LYS P 53 16.02 -22.01 30.14
CA LYS P 53 15.27 -21.02 29.36
C LYS P 53 16.13 -19.75 29.24
N SER P 54 17.12 -19.85 28.36
CA SER P 54 18.12 -18.79 28.25
C SER P 54 17.62 -17.59 27.47
N GLN P 55 17.37 -17.76 26.17
CA GLN P 55 17.23 -16.62 25.26
C GLN P 55 16.90 -17.15 23.88
N TYR P 56 16.34 -16.29 23.02
CA TYR P 56 15.98 -16.66 21.66
C TYR P 56 16.87 -15.89 20.70
N PHE P 57 17.60 -16.62 19.85
CA PHE P 57 18.51 -15.98 18.91
C PHE P 57 17.72 -15.34 17.77
N LEU P 58 17.94 -14.04 17.57
CA LEU P 58 17.33 -13.31 16.46
C LEU P 58 18.38 -13.10 15.38
N ALA P 59 18.38 -13.98 14.38
CA ALA P 59 19.30 -13.87 13.26
C ALA P 59 18.62 -13.06 12.17
N PHE P 60 18.98 -11.78 12.07
CA PHE P 60 18.39 -10.89 11.07
C PHE P 60 18.99 -11.20 9.71
N LEU P 61 18.50 -12.29 9.11
CA LEU P 61 19.02 -12.73 7.82
C LEU P 61 18.69 -11.71 6.73
N SER P 62 19.70 -11.38 5.94
CA SER P 62 19.55 -10.44 4.84
C SER P 62 20.59 -10.78 3.78
N ASN P 63 20.37 -10.26 2.56
CA ASN P 63 21.30 -10.52 1.48
C ASN P 63 22.70 -10.02 1.81
N GLU P 64 22.79 -8.92 2.55
CA GLU P 64 24.09 -8.44 3.01
C GLU P 64 24.60 -9.27 4.18
N TYR P 65 23.69 -9.72 5.05
CA TYR P 65 24.11 -10.40 6.28
C TYR P 65 24.86 -11.69 5.97
N LEU P 66 24.37 -12.48 5.00
CA LEU P 66 25.01 -13.75 4.71
C LEU P 66 26.25 -13.60 3.84
N LYS P 67 26.67 -12.37 3.54
CA LYS P 67 27.91 -12.13 2.81
C LYS P 67 29.09 -11.83 3.72
N SER P 68 28.91 -11.88 5.03
CA SER P 68 29.97 -11.61 6.00
C SER P 68 30.36 -12.90 6.69
N ASP P 69 31.66 -13.22 6.65
CA ASP P 69 32.13 -14.44 7.30
C ASP P 69 32.03 -14.32 8.82
N TRP P 70 32.23 -13.12 9.36
CA TRP P 70 32.10 -12.94 10.81
C TRP P 70 30.68 -13.22 11.27
N CYS P 71 29.69 -12.75 10.52
CA CYS P 71 28.30 -13.06 10.86
C CYS P 71 27.98 -14.53 10.63
N TRP P 72 28.53 -15.11 9.57
CA TRP P 72 28.21 -16.50 9.23
C TRP P 72 28.71 -17.46 10.30
N ASP P 73 29.94 -17.26 10.77
CA ASP P 73 30.45 -18.16 11.81
C ASP P 73 29.70 -17.98 13.12
N GLU P 74 29.22 -16.77 13.40
CA GLU P 74 28.43 -16.55 14.61
C GLU P 74 27.14 -17.37 14.57
N LEU P 75 26.48 -17.43 13.42
CA LEU P 75 25.26 -18.22 13.30
C LEU P 75 25.55 -19.70 13.47
N GLU P 76 26.70 -20.17 12.95
CA GLU P 76 27.01 -21.59 13.03
C GLU P 76 27.17 -22.04 14.48
N GLN P 77 27.88 -21.25 15.29
CA GLN P 77 27.98 -21.57 16.72
C GLN P 77 26.63 -21.50 17.40
N ALA P 78 25.81 -20.51 17.02
CA ALA P 78 24.47 -20.42 17.59
C ALA P 78 23.64 -21.65 17.26
N TYR P 79 23.73 -22.14 16.02
CA TYR P 79 23.01 -23.36 15.67
C TYR P 79 23.68 -24.59 16.29
N ALA P 80 24.98 -24.52 16.52
CA ALA P 80 25.69 -25.64 17.13
C ALA P 80 25.15 -25.93 18.53
N LEU P 81 25.01 -24.91 19.37
CA LEU P 81 24.45 -25.10 20.69
C LEU P 81 22.93 -25.10 20.68
N HIS P 82 22.31 -24.71 19.57
CA HIS P 82 20.86 -24.83 19.47
C HIS P 82 20.43 -26.29 19.41
N GLN P 83 21.23 -27.14 18.77
CA GLN P 83 20.96 -28.57 18.77
C GLN P 83 21.02 -29.14 20.18
N LYS P 84 21.87 -28.58 21.04
CA LYS P 84 21.96 -28.99 22.43
C LYS P 84 20.74 -28.56 23.24
N GLY P 85 19.89 -27.70 22.69
CA GLY P 85 18.71 -27.24 23.39
C GLY P 85 18.94 -26.09 24.35
N LYS P 86 20.17 -25.58 24.45
CA LYS P 86 20.44 -24.47 25.35
C LYS P 86 19.70 -23.21 24.92
N VAL P 87 19.72 -22.90 23.62
CA VAL P 87 19.10 -21.71 23.08
C VAL P 87 18.43 -22.05 21.75
N LYS P 88 17.22 -21.53 21.56
CA LYS P 88 16.50 -21.70 20.31
C LYS P 88 16.67 -20.44 19.46
N ILE P 89 16.73 -20.64 18.15
CA ILE P 89 16.96 -19.58 17.18
C ILE P 89 15.67 -19.33 16.42
N ILE P 90 15.29 -18.07 16.29
CA ILE P 90 14.21 -17.70 15.39
C ILE P 90 14.77 -16.67 14.41
N PRO P 91 14.76 -16.95 13.11
CA PRO P 91 15.43 -16.06 12.15
C PRO P 91 14.47 -15.02 11.59
N ILE P 92 14.95 -13.79 11.47
CA ILE P 92 14.20 -12.70 10.86
C ILE P 92 14.72 -12.56 9.43
N LEU P 93 13.83 -12.73 8.46
CA LEU P 93 14.17 -12.51 7.05
C LEU P 93 13.87 -11.06 6.71
N LEU P 94 14.93 -10.24 6.60
CA LEU P 94 14.74 -8.85 6.18
C LEU P 94 14.18 -8.80 4.76
N THR P 95 14.68 -9.65 3.88
CA THR P 95 14.14 -9.82 2.54
C THR P 95 13.39 -11.15 2.48
N ASN P 96 12.52 -11.27 1.49
CA ASN P 96 11.74 -12.49 1.33
C ASN P 96 12.64 -13.66 0.94
N ARG P 97 12.18 -14.87 1.25
CA ARG P 97 12.91 -16.08 0.90
C ARG P 97 13.09 -16.21 -0.61
N ALA P 98 12.15 -15.66 -1.38
CA ALA P 98 12.18 -15.83 -2.83
C ALA P 98 13.44 -15.25 -3.45
N GLN P 99 13.77 -14.01 -3.13
CA GLN P 99 14.94 -13.36 -3.71
C GLN P 99 16.12 -13.27 -2.75
N LEU P 100 16.21 -14.17 -1.79
CA LEU P 100 17.47 -14.36 -1.07
C LEU P 100 18.51 -14.88 -2.04
N ASP P 101 19.76 -14.42 -1.88
CA ASP P 101 20.82 -14.74 -2.84
C ASP P 101 21.53 -15.99 -2.32
N LEU P 102 20.94 -17.15 -2.61
CA LEU P 102 21.56 -18.41 -2.23
C LEU P 102 22.73 -18.79 -3.11
N ASN P 103 22.82 -18.23 -4.31
CA ASN P 103 23.90 -18.59 -5.23
C ASN P 103 25.25 -18.11 -4.72
N ALA P 104 25.26 -17.03 -3.93
CA ALA P 104 26.52 -16.51 -3.40
C ALA P 104 27.18 -17.51 -2.47
N LEU P 105 26.41 -18.17 -1.62
CA LEU P 105 26.97 -19.07 -0.62
C LEU P 105 27.55 -20.32 -1.28
N THR P 106 28.56 -20.88 -0.63
CA THR P 106 29.14 -22.14 -1.07
C THR P 106 28.14 -23.28 -0.84
N ASP P 107 28.51 -24.48 -1.29
CA ASP P 107 27.61 -25.62 -1.14
C ASP P 107 27.36 -25.93 0.33
N ALA P 108 28.41 -25.88 1.16
CA ALA P 108 28.23 -26.12 2.58
C ALA P 108 27.35 -25.03 3.22
N ARG P 109 27.62 -23.77 2.90
CA ARG P 109 26.82 -22.69 3.46
C ARG P 109 25.38 -22.74 2.96
N ARG P 110 25.19 -23.00 1.66
CA ARG P 110 23.84 -23.06 1.12
C ARG P 110 23.04 -24.20 1.73
N ASN P 111 23.66 -25.38 1.87
CA ASN P 111 22.97 -26.51 2.49
C ASN P 111 22.67 -26.23 3.96
N PHE P 112 23.63 -25.63 4.67
CA PHE P 112 23.43 -25.32 6.09
C PHE P 112 22.30 -24.32 6.27
N LEU P 113 22.28 -23.27 5.45
CA LEU P 113 21.20 -22.28 5.53
C LEU P 113 19.86 -22.90 5.15
N GLU P 114 19.85 -23.74 4.11
CA GLU P 114 18.62 -24.42 3.74
C GLU P 114 18.20 -25.42 4.80
N SER P 115 19.18 -25.98 5.53
CA SER P 115 18.86 -26.91 6.61
C SER P 115 18.09 -26.21 7.72
N ILE P 116 18.49 -24.98 8.06
CA ILE P 116 17.83 -24.27 9.15
C ILE P 116 16.60 -23.51 8.67
N LEU P 117 16.48 -23.24 7.37
CA LEU P 117 15.30 -22.52 6.88
C LEU P 117 14.08 -23.42 6.82
N THR P 118 14.28 -24.72 6.56
CA THR P 118 13.17 -25.64 6.40
C THR P 118 12.70 -26.24 7.72
N ARG P 119 13.59 -26.92 8.45
CA ARG P 119 13.18 -27.60 9.67
C ARG P 119 12.88 -26.62 10.80
N LEU P 120 13.22 -25.35 10.64
CA LEU P 120 13.02 -24.35 11.68
C LEU P 120 12.19 -23.21 11.14
N LYS P 121 11.18 -22.80 11.91
CA LYS P 121 10.26 -21.77 11.45
C LYS P 121 10.93 -20.40 11.45
N TYR P 122 10.79 -19.68 10.35
CA TYR P 122 11.35 -18.34 10.21
C TYR P 122 10.23 -17.30 10.20
N VAL P 123 10.62 -16.03 10.35
CA VAL P 123 9.69 -14.91 10.38
C VAL P 123 10.04 -13.98 9.23
N GLU P 124 9.04 -13.68 8.39
CA GLU P 124 9.22 -12.76 7.28
C GLU P 124 8.94 -11.33 7.75
N PHE P 125 9.83 -10.42 7.38
CA PHE P 125 9.75 -9.02 7.79
C PHE P 125 9.77 -8.14 6.56
N ASP P 126 8.99 -7.06 6.58
CA ASP P 126 8.99 -6.10 5.47
C ASP P 126 9.02 -4.66 5.97
N PRO P 127 9.70 -3.76 5.26
CA PRO P 127 9.72 -2.35 5.67
C PRO P 127 8.36 -1.68 5.67
N HIS P 128 7.46 -2.09 4.78
CA HIS P 128 6.21 -1.35 4.57
C HIS P 128 5.27 -1.53 5.77
N ASN P 129 4.90 -2.78 6.05
CA ASN P 129 3.90 -3.07 7.08
C ASN P 129 4.61 -3.36 8.41
N MET P 130 4.99 -2.27 9.09
CA MET P 130 5.67 -2.40 10.38
C MET P 130 4.77 -3.02 11.43
N THR P 131 3.49 -2.64 11.47
CA THR P 131 2.62 -3.06 12.57
C THR P 131 2.46 -4.57 12.62
N ARG P 132 2.23 -5.20 11.46
CA ARG P 132 2.16 -6.66 11.43
C ARG P 132 3.53 -7.29 11.57
N SER P 133 4.55 -6.68 10.98
CA SER P 133 5.90 -7.25 11.05
C SER P 133 6.41 -7.30 12.48
N LEU P 134 6.20 -6.23 13.25
CA LEU P 134 6.60 -6.23 14.65
C LEU P 134 5.81 -7.26 15.45
N GLY P 135 4.52 -7.39 15.15
CA GLY P 135 3.71 -8.38 15.85
C GLY P 135 4.15 -9.80 15.56
N SER P 136 4.51 -10.08 14.30
CA SER P 136 4.96 -11.42 13.95
C SER P 136 6.25 -11.78 14.66
N VAL P 137 7.19 -10.83 14.74
CA VAL P 137 8.44 -11.06 15.47
C VAL P 137 8.15 -11.30 16.94
N ALA P 138 7.29 -10.48 17.54
CA ALA P 138 6.93 -10.67 18.94
C ALA P 138 6.21 -12.00 19.15
N GLU P 139 5.31 -12.35 18.23
CA GLU P 139 4.55 -13.60 18.37
C GLU P 139 5.47 -14.81 18.37
N ALA P 140 6.49 -14.81 17.51
CA ALA P 140 7.43 -15.92 17.48
C ALA P 140 8.20 -16.02 18.79
N LEU P 141 8.54 -14.88 19.38
CA LEU P 141 9.25 -14.89 20.66
C LEU P 141 8.39 -15.53 21.75
N TRP P 142 7.10 -15.20 21.79
CA TRP P 142 6.21 -15.65 22.85
C TRP P 142 5.51 -16.96 22.54
N GLN P 143 5.67 -17.50 21.34
CA GLN P 143 4.85 -18.64 20.91
C GLN P 143 5.12 -19.86 21.79
N ASN P 144 6.39 -20.12 22.10
CA ASN P 144 6.77 -21.23 22.97
C ASN P 144 7.09 -20.78 24.39
N GLU P 145 6.43 -19.73 24.86
CA GLU P 145 6.72 -19.12 26.14
C GLU P 145 5.52 -19.23 27.06
N ALA P 146 5.77 -18.99 28.35
CA ALA P 146 4.72 -18.87 29.36
C ALA P 146 4.08 -17.50 29.24
N VAL P 147 3.37 -17.06 30.29
CA VAL P 147 2.56 -15.85 30.27
C VAL P 147 3.22 -14.72 29.50
N ARG P 148 2.49 -14.17 28.52
CA ARG P 148 3.01 -13.17 27.62
C ARG P 148 3.12 -11.81 28.31
N PHE P 149 3.50 -10.80 27.52
CA PHE P 149 3.59 -9.43 28.02
C PHE P 149 3.42 -8.49 26.82
N GLU P 150 2.23 -7.93 26.69
CA GLU P 150 1.99 -6.96 25.63
C GLU P 150 2.79 -5.68 25.91
N PRO P 151 3.12 -4.92 24.87
CA PRO P 151 3.91 -3.70 25.07
C PRO P 151 3.20 -2.73 26.01
N ILE P 152 4.00 -2.03 26.81
CA ILE P 152 3.46 -1.08 27.77
C ILE P 152 2.79 0.06 27.04
N ARG P 153 1.54 0.34 27.41
CA ARG P 153 0.76 1.41 26.80
C ARG P 153 0.44 2.46 27.84
N MET P 154 0.67 3.72 27.49
CA MET P 154 0.39 4.85 28.37
C MET P 154 -1.00 5.38 28.06
N ILE P 155 -1.95 5.15 28.96
CA ILE P 155 -3.34 5.51 28.76
C ILE P 155 -3.80 6.37 29.92
N LYS P 156 -4.48 7.47 29.60
CA LYS P 156 -5.02 8.38 30.61
C LYS P 156 -6.46 7.99 30.87
N VAL P 157 -6.79 7.74 32.14
CA VAL P 157 -8.14 7.36 32.55
C VAL P 157 -8.62 8.35 33.59
N ASN P 158 -9.78 8.95 33.33
CA ASN P 158 -10.42 9.89 34.26
C ASN P 158 -9.47 11.02 34.65
N GLY P 159 -8.70 11.49 33.69
CA GLY P 159 -7.77 12.58 33.92
C GLY P 159 -6.51 12.20 34.65
N THR P 160 -6.26 10.92 34.88
CA THR P 160 -5.08 10.46 35.60
C THR P 160 -4.19 9.69 34.64
N GLU P 161 -2.93 10.11 34.53
CA GLU P 161 -1.99 9.42 33.67
C GLU P 161 -1.58 8.10 34.29
N LEU P 162 -1.41 7.08 33.45
CA LEU P 162 -1.16 5.74 33.94
C LEU P 162 -0.66 4.86 32.80
N GLN P 163 0.18 3.89 33.14
CA GLN P 163 0.71 2.93 32.17
C GLN P 163 0.24 1.54 32.55
N VAL P 164 -0.05 0.72 31.55
CA VAL P 164 -0.67 -0.59 31.74
C VAL P 164 0.32 -1.68 31.36
N VAL P 165 0.47 -2.66 32.23
CA VAL P 165 1.32 -3.83 31.96
C VAL P 165 0.35 -4.98 31.69
N GLU P 166 0.09 -5.21 30.40
CA GLU P 166 -0.85 -6.25 29.99
C GLU P 166 -0.13 -7.57 29.79
N PHE P 167 -0.61 -8.62 30.45
CA PHE P 167 -0.06 -9.96 30.33
C PHE P 167 -1.20 -10.95 30.14
N LYS P 168 -0.95 -11.97 29.31
CA LYS P 168 -1.92 -13.04 29.08
C LYS P 168 -1.21 -14.38 29.21
N ILE P 169 -1.92 -15.35 29.78
CA ILE P 169 -1.38 -16.67 30.06
C ILE P 169 -1.76 -17.61 28.92
N PRO P 170 -0.81 -18.32 28.31
CA PRO P 170 -1.18 -19.30 27.28
C PRO P 170 -2.05 -20.39 27.88
N GLY P 171 -2.99 -20.89 27.08
CA GLY P 171 -3.93 -21.87 27.60
C GLY P 171 -4.76 -21.27 28.72
N SER P 172 -4.77 -21.95 29.86
CA SER P 172 -5.53 -21.48 31.01
C SER P 172 -4.80 -21.54 32.34
N ASN P 173 -3.78 -22.39 32.49
CA ASN P 173 -3.16 -22.62 33.78
C ASN P 173 -1.65 -22.62 33.64
N LEU P 174 -0.98 -22.34 34.76
CA LEU P 174 0.46 -22.36 34.87
C LEU P 174 0.90 -23.39 35.91
N PRO P 175 2.12 -23.91 35.80
CA PRO P 175 2.63 -24.80 36.85
C PRO P 175 2.68 -24.08 38.19
N VAL P 176 2.43 -24.84 39.26
CA VAL P 176 2.37 -24.25 40.58
C VAL P 176 3.73 -23.66 40.97
N ASP P 177 4.81 -24.28 40.50
CA ASP P 177 6.17 -23.81 40.75
C ASP P 177 6.74 -23.01 39.59
N PHE P 178 5.88 -22.37 38.79
CA PHE P 178 6.36 -21.67 37.60
C PHE P 178 7.28 -20.50 37.98
N LEU P 179 6.99 -19.84 39.09
CA LEU P 179 7.79 -18.68 39.49
C LEU P 179 9.23 -19.03 39.76
N HIS P 180 9.53 -20.30 40.06
CA HIS P 180 10.89 -20.70 40.36
C HIS P 180 11.80 -20.55 39.15
N HIS P 181 11.32 -20.93 37.96
CA HIS P 181 12.13 -20.94 36.76
C HIS P 181 11.95 -19.70 35.90
N TRP P 182 11.12 -18.75 36.33
CA TRP P 182 10.94 -17.54 35.56
C TRP P 182 12.15 -16.63 35.67
N ASP P 183 12.48 -15.96 34.58
CA ASP P 183 13.64 -15.06 34.49
C ASP P 183 13.22 -13.64 34.15
N LEU P 184 12.15 -13.17 34.78
CA LEU P 184 11.52 -11.90 34.45
C LEU P 184 11.47 -11.01 35.69
N LYS P 185 12.63 -10.82 36.31
CA LYS P 185 12.73 -9.85 37.39
C LYS P 185 12.43 -8.45 36.84
N ILE P 186 11.65 -7.67 37.59
CA ILE P 186 11.07 -6.44 37.05
C ILE P 186 11.88 -5.20 37.39
N GLU P 187 12.72 -5.25 38.42
CA GLU P 187 13.47 -4.06 38.84
C GLU P 187 14.43 -3.56 37.78
N ASP P 188 14.79 -4.38 36.79
CA ASP P 188 15.68 -3.96 35.73
C ASP P 188 14.97 -3.20 34.62
N PHE P 189 13.65 -3.09 34.68
CA PHE P 189 12.88 -2.39 33.65
C PHE P 189 12.23 -1.12 34.18
N ILE P 190 12.64 -0.66 35.35
CA ILE P 190 12.09 0.56 35.94
C ILE P 190 13.10 1.68 35.74
N ALA P 191 12.65 2.76 35.10
CA ALA P 191 13.52 3.91 34.88
C ALA P 191 13.83 4.60 36.20
N THR P 192 15.06 5.07 36.36
CA THR P 192 15.45 5.80 37.54
C THR P 192 15.41 7.30 37.35
N SER P 193 15.47 7.77 36.10
CA SER P 193 15.39 9.19 35.78
C SER P 193 14.42 9.39 34.63
N PRO P 194 13.76 10.55 34.57
CA PRO P 194 12.80 10.79 33.47
C PRO P 194 13.42 10.71 32.10
N ASN P 195 14.67 11.15 31.94
CA ASN P 195 15.30 11.15 30.62
C ASN P 195 15.71 9.74 30.20
N GLU P 196 16.07 8.89 31.14
CA GLU P 196 16.49 7.54 30.81
C GLU P 196 15.35 6.76 30.18
N GLN P 197 15.65 5.99 29.15
CA GLN P 197 14.65 5.21 28.44
C GLN P 197 14.57 3.81 29.04
N LYS P 198 13.35 3.40 29.40
CA LYS P 198 13.09 2.11 30.01
C LYS P 198 11.65 1.74 29.70
N PRO P 199 11.31 0.45 29.76
CA PRO P 199 9.91 0.06 29.52
C PRO P 199 8.92 0.71 30.48
N VAL P 200 9.31 0.89 31.74
CA VAL P 200 8.45 1.49 32.75
C VAL P 200 8.97 2.91 33.01
N LYS P 201 8.12 3.90 32.77
CA LYS P 201 8.51 5.29 32.95
C LYS P 201 8.72 5.59 34.43
N PHE P 202 9.58 6.58 34.68
CA PHE P 202 9.91 6.94 36.06
C PHE P 202 8.78 7.73 36.68
N ASP P 203 8.34 7.28 37.86
CA ASP P 203 7.35 7.92 38.72
C ASP P 203 5.93 7.89 38.15
N VAL P 204 5.73 7.34 36.96
CA VAL P 204 4.38 7.24 36.39
C VAL P 204 3.68 6.05 37.03
N PRO P 205 2.44 6.20 37.49
CA PRO P 205 1.71 5.06 38.06
C PRO P 205 1.57 3.93 37.06
N VAL P 206 1.70 2.70 37.56
CA VAL P 206 1.71 1.50 36.73
C VAL P 206 0.50 0.65 37.09
N ALA P 207 -0.19 0.16 36.07
CA ALA P 207 -1.39 -0.66 36.25
C ALA P 207 -1.14 -2.07 35.73
N LEU P 208 -1.60 -3.06 36.49
CA LEU P 208 -1.50 -4.46 36.10
C LEU P 208 -2.87 -4.93 35.61
N TYR P 209 -2.91 -5.52 34.42
CA TYR P 209 -4.15 -5.88 33.76
C TYR P 209 -4.02 -7.30 33.21
N GLY P 210 -5.10 -8.07 33.30
CA GLY P 210 -5.12 -9.41 32.76
C GLY P 210 -5.44 -10.45 33.82
N PRO P 211 -6.21 -11.47 33.43
CA PRO P 211 -6.55 -12.53 34.39
C PRO P 211 -5.32 -13.33 34.78
N GLY P 212 -5.31 -13.80 36.03
CA GLY P 212 -4.21 -14.57 36.53
C GLY P 212 -4.38 -14.95 37.98
N PRO P 213 -3.48 -15.79 38.49
CA PRO P 213 -3.58 -16.23 39.89
C PRO P 213 -3.18 -15.11 40.84
N ASN P 214 -3.53 -15.32 42.11
CA ASN P 214 -3.24 -14.32 43.14
C ASN P 214 -1.73 -14.10 43.30
N TRP P 215 -0.96 -15.18 43.30
CA TRP P 215 0.49 -15.05 43.51
C TRP P 215 1.16 -14.33 42.36
N LEU P 216 0.67 -14.50 41.14
CA LEU P 216 1.24 -13.79 40.01
C LEU P 216 1.08 -12.28 40.17
N TYR P 217 -0.09 -11.84 40.62
CA TYR P 217 -0.30 -10.41 40.86
C TYR P 217 0.59 -9.91 41.99
N ALA P 218 0.70 -10.68 43.07
CA ALA P 218 1.55 -10.27 44.18
C ALA P 218 3.02 -10.21 43.76
N PHE P 219 3.47 -11.18 42.97
CA PHE P 219 4.87 -11.22 42.56
C PHE P 219 5.23 -10.02 41.69
N LEU P 220 4.32 -9.63 40.80
CA LEU P 220 4.57 -8.46 39.95
C LEU P 220 4.45 -7.17 40.73
N THR P 221 3.49 -7.10 41.66
CA THR P 221 3.22 -5.84 42.36
C THR P 221 4.30 -5.53 43.39
N LEU P 222 4.79 -6.55 44.09
CA LEU P 222 5.65 -6.32 45.26
C LEU P 222 6.90 -5.50 44.97
N PRO P 223 7.69 -5.78 43.92
CA PRO P 223 8.94 -5.02 43.73
C PRO P 223 8.73 -3.54 43.40
N PHE P 224 7.49 -3.09 43.26
CA PHE P 224 7.22 -1.70 42.90
C PHE P 224 7.15 -0.77 44.12
N LYS P 225 7.34 -1.30 45.32
CA LYS P 225 7.33 -0.44 46.50
C LYS P 225 8.48 0.55 46.44
N ASN P 226 8.20 1.79 46.87
CA ASN P 226 9.14 2.90 46.85
C ASN P 226 9.56 3.30 45.43
N ARG P 227 8.90 2.75 44.41
CA ARG P 227 9.25 3.05 43.03
C ARG P 227 8.13 3.72 42.26
N ASN P 228 6.94 3.11 42.23
CA ASN P 228 5.82 3.68 41.50
C ASN P 228 4.51 3.33 42.20
N THR P 229 3.49 4.14 41.95
CA THR P 229 2.13 3.81 42.37
C THR P 229 1.60 2.67 41.51
N VAL P 230 0.97 1.69 42.14
CA VAL P 230 0.53 0.48 41.47
C VAL P 230 -1.00 0.44 41.45
N PHE P 231 -1.57 0.20 40.29
CA PHE P 231 -3.00 -0.01 40.11
C PHE P 231 -3.24 -1.46 39.70
N VAL P 232 -4.33 -2.04 40.21
CA VAL P 232 -4.70 -3.42 39.92
C VAL P 232 -6.09 -3.43 39.33
N PHE P 233 -6.27 -4.17 38.25
CA PHE P 233 -7.55 -4.26 37.55
C PHE P 233 -8.33 -5.48 38.07
N ASN P 234 -9.53 -5.24 38.56
CA ASN P 234 -10.42 -6.29 39.02
C ASN P 234 -11.59 -6.41 38.06
N SER P 235 -11.86 -7.63 37.60
CA SER P 235 -12.88 -7.86 36.59
C SER P 235 -14.29 -7.98 37.15
N ARG P 236 -14.43 -7.96 38.48
CA ARG P 236 -15.78 -8.01 39.07
C ARG P 236 -16.60 -6.80 38.67
N THR P 237 -15.98 -5.62 38.69
CA THR P 237 -16.63 -4.39 38.27
C THR P 237 -15.90 -3.67 37.15
N SER P 238 -14.73 -4.14 36.76
CA SER P 238 -13.96 -3.60 35.64
C SER P 238 -13.52 -2.17 35.84
N GLU P 239 -12.76 -1.90 36.92
CA GLU P 239 -11.98 -0.67 37.03
C GLU P 239 -10.61 -1.03 37.59
N TYR P 240 -9.75 -0.02 37.68
CA TYR P 240 -8.43 -0.16 38.28
C TYR P 240 -8.50 0.27 39.74
N ILE P 241 -7.83 -0.49 40.60
CA ILE P 241 -7.84 -0.25 42.04
C ILE P 241 -6.44 0.15 42.47
N CYS P 242 -6.33 1.26 43.19
CA CYS P 242 -5.06 1.73 43.70
C CYS P 242 -4.74 1.02 45.01
N VAL P 243 -3.57 0.39 45.07
CA VAL P 243 -3.13 -0.29 46.27
C VAL P 243 -1.94 0.40 46.94
N TYR P 244 -1.02 0.99 46.16
CA TYR P 244 0.11 1.72 46.69
C TYR P 244 -0.02 3.19 46.29
N SER P 245 0.33 4.09 47.20
CA SER P 245 0.25 5.52 46.95
C SER P 245 1.63 6.12 47.18
N LYS P 246 2.39 6.28 46.10
CA LYS P 246 3.68 6.95 46.14
C LYS P 246 3.66 8.33 45.53
N SER P 247 2.60 8.69 44.82
CA SER P 247 2.45 10.00 44.19
C SER P 247 1.38 10.79 44.91
N ALA P 248 1.62 12.10 45.06
CA ALA P 248 0.66 12.97 45.71
C ALA P 248 -0.61 13.09 44.87
N GLY P 249 -1.72 13.31 45.56
CA GLY P 249 -3.00 13.46 44.91
C GLY P 249 -3.84 12.21 44.79
N LEU P 250 -3.28 11.04 45.10
CA LEU P 250 -4.04 9.80 45.07
C LEU P 250 -3.72 8.97 46.31
N ALA P 251 -4.67 8.14 46.70
CA ALA P 251 -4.60 7.31 47.89
C ALA P 251 -4.99 5.88 47.55
N PRO P 252 -4.55 4.89 48.33
CA PRO P 252 -4.92 3.51 48.04
C PRO P 252 -6.40 3.26 48.25
N GLY P 253 -7.13 3.02 47.16
CA GLY P 253 -8.55 2.78 47.25
C GLY P 253 -9.35 3.50 46.19
N MET P 254 -8.73 4.46 45.51
CA MET P 254 -9.44 5.18 44.45
C MET P 254 -9.63 4.28 43.24
N VAL P 255 -10.62 4.62 42.43
CA VAL P 255 -11.06 3.79 41.31
C VAL P 255 -11.02 4.60 40.03
N LEU P 256 -10.64 3.95 38.94
CA LEU P 256 -10.60 4.56 37.62
C LEU P 256 -11.61 3.82 36.74
N LYS P 257 -12.80 4.41 36.58
CA LYS P 257 -13.85 3.79 35.80
C LYS P 257 -13.42 3.68 34.33
N GLY P 258 -13.67 2.51 33.75
CA GLY P 258 -13.33 2.28 32.36
C GLY P 258 -14.25 2.98 31.38
N PRO Q 2 -8.40 -1.67 62.78
CA PRO Q 2 -9.22 -0.86 63.68
C PRO Q 2 -8.51 -0.58 65.01
N GLN Q 3 -8.64 0.65 65.50
CA GLN Q 3 -8.02 1.06 66.75
C GLN Q 3 -8.90 0.62 67.90
N ALA Q 4 -8.44 0.87 69.14
CA ALA Q 4 -9.19 0.60 70.35
C ALA Q 4 -8.44 1.14 71.55
N PHE Q 5 -9.16 1.82 72.45
CA PHE Q 5 -8.63 2.17 73.77
C PHE Q 5 -9.26 1.26 74.81
N PHE Q 6 -8.49 0.90 75.82
CA PHE Q 6 -8.94 0.01 76.88
C PHE Q 6 -9.18 0.83 78.14
N SER Q 7 -10.41 0.84 78.63
CA SER Q 7 -10.77 1.51 79.87
C SER Q 7 -10.93 0.46 80.96
N HIS Q 8 -10.12 0.57 82.01
CA HIS Q 8 -10.08 -0.46 83.05
C HIS Q 8 -9.50 0.13 84.33
N ASN Q 9 -9.72 -0.59 85.42
CA ASN Q 9 -9.08 -0.27 86.69
C ASN Q 9 -7.82 -1.10 86.88
N ASN Q 10 -6.93 -0.61 87.74
CA ASN Q 10 -5.63 -1.26 87.90
C ASN Q 10 -5.73 -2.65 88.52
N LYS Q 11 -6.85 -2.97 89.19
CA LYS Q 11 -7.00 -4.32 89.70
C LYS Q 11 -7.21 -5.32 88.58
N ASP Q 12 -7.79 -4.89 87.47
CA ASP Q 12 -8.03 -5.74 86.31
C ASP Q 12 -6.89 -5.66 85.29
N LYS Q 13 -5.78 -5.01 85.66
CA LYS Q 13 -4.66 -4.86 84.74
C LYS Q 13 -4.11 -6.22 84.32
N LYS Q 14 -4.16 -7.20 85.23
CA LYS Q 14 -3.60 -8.52 84.92
C LYS Q 14 -4.32 -9.16 83.74
N ILE Q 15 -5.66 -9.08 83.72
CA ILE Q 15 -6.41 -9.73 82.66
C ILE Q 15 -6.57 -8.84 81.42
N VAL Q 16 -6.37 -7.54 81.57
CA VAL Q 16 -6.55 -6.63 80.44
C VAL Q 16 -5.44 -6.83 79.41
N LEU Q 17 -4.19 -6.94 79.88
CA LEU Q 17 -3.06 -7.04 78.96
C LEU Q 17 -3.14 -8.29 78.11
N GLU Q 18 -3.54 -9.43 78.70
CA GLU Q 18 -3.68 -10.64 77.92
C GLU Q 18 -4.84 -10.53 76.93
N VAL Q 19 -5.89 -9.81 77.30
CA VAL Q 19 -6.95 -9.50 76.33
C VAL Q 19 -6.41 -8.55 75.27
N LEU Q 20 -5.65 -7.54 75.68
CA LEU Q 20 -5.03 -6.62 74.74
C LEU Q 20 -4.05 -7.35 73.83
N GLU Q 21 -3.26 -8.27 74.40
CA GLU Q 21 -2.31 -9.03 73.59
C GLU Q 21 -3.03 -9.88 72.55
N HIS Q 22 -4.12 -10.54 72.95
CA HIS Q 22 -4.87 -11.35 72.00
C HIS Q 22 -5.47 -10.50 70.89
N LEU Q 23 -6.01 -9.32 71.23
CA LEU Q 23 -6.50 -8.41 70.20
C LEU Q 23 -5.36 -7.93 69.31
N ARG Q 24 -4.19 -7.66 69.89
CA ARG Q 24 -3.03 -7.26 69.09
C ARG Q 24 -2.66 -8.36 68.11
N GLN Q 25 -2.70 -9.63 68.56
CA GLN Q 25 -2.45 -10.74 67.66
C GLN Q 25 -3.46 -10.81 66.52
N SER Q 26 -4.63 -10.19 66.69
CA SER Q 26 -5.65 -10.15 65.66
C SER Q 26 -5.58 -8.89 64.82
N LEU Q 27 -4.39 -8.28 64.70
CA LEU Q 27 -4.19 -7.09 63.86
C LEU Q 27 -5.07 -5.92 64.27
N VAL Q 28 -5.29 -5.76 65.57
CA VAL Q 28 -6.10 -4.68 66.10
C VAL Q 28 -5.19 -3.71 66.83
N ALA Q 29 -5.25 -2.43 66.44
CA ALA Q 29 -4.46 -1.40 67.12
C ALA Q 29 -5.01 -1.17 68.52
N THR Q 30 -4.17 -1.38 69.52
CA THR Q 30 -4.57 -1.26 70.91
C THR Q 30 -3.81 -0.12 71.58
N TRP Q 31 -4.56 0.75 72.28
CA TRP Q 31 -4.01 1.90 72.98
C TRP Q 31 -4.46 1.81 74.44
N ILE Q 32 -3.53 1.49 75.34
CA ILE Q 32 -3.86 1.38 76.76
C ILE Q 32 -3.48 2.64 77.52
N ASP Q 33 -2.28 3.17 77.29
CA ASP Q 33 -1.84 4.41 77.94
C ASP Q 33 -0.63 5.00 77.22
N SER Q 42 -4.60 10.71 77.93
CA SER Q 42 -5.96 10.26 78.22
C SER Q 42 -6.51 9.44 77.07
N LEU Q 43 -7.84 9.30 77.03
CA LEU Q 43 -8.49 8.49 76.02
C LEU Q 43 -9.63 9.26 75.36
N ILE Q 44 -10.03 10.37 75.97
CA ILE Q 44 -11.20 11.10 75.50
C ILE Q 44 -10.86 11.93 74.27
N GLN Q 45 -9.81 12.75 74.37
CA GLN Q 45 -9.42 13.57 73.23
C GLN Q 45 -8.80 12.77 72.10
N GLN Q 46 -8.24 11.59 72.39
CA GLN Q 46 -7.74 10.72 71.33
C GLN Q 46 -8.86 10.07 70.53
N ILE Q 47 -10.10 10.19 70.99
CA ILE Q 47 -11.24 9.66 70.24
C ILE Q 47 -11.38 10.41 68.91
N ILE Q 48 -11.24 11.74 68.96
CA ILE Q 48 -11.41 12.57 67.75
C ILE Q 48 -10.08 12.51 67.00
N ALA Q 49 -9.92 11.47 66.20
CA ALA Q 49 -8.70 11.28 65.41
C ALA Q 49 -8.91 10.21 64.35
N GLY Q 50 -8.50 10.49 63.12
CA GLY Q 50 -8.57 9.50 62.05
C GLY Q 50 -9.85 9.62 61.26
N ILE Q 51 -10.49 8.48 61.00
CA ILE Q 51 -11.68 8.41 60.15
C ILE Q 51 -12.90 8.20 61.04
N SER Q 52 -14.08 8.29 60.42
CA SER Q 52 -15.33 8.06 61.14
C SER Q 52 -15.36 6.69 61.81
N LYS Q 53 -14.89 5.65 61.13
CA LYS Q 53 -14.66 4.36 61.76
C LYS Q 53 -13.41 4.45 62.65
N SER Q 54 -13.61 5.08 63.81
CA SER Q 54 -12.50 5.31 64.72
C SER Q 54 -12.05 4.02 65.40
N GLN Q 55 -12.93 3.43 66.21
CA GLN Q 55 -12.59 2.26 67.02
C GLN Q 55 -13.87 1.74 67.67
N TYR Q 56 -13.70 0.77 68.56
CA TYR Q 56 -14.76 0.32 69.46
C TYR Q 56 -14.25 0.50 70.88
N PHE Q 57 -15.01 1.26 71.69
CA PHE Q 57 -14.59 1.52 73.05
C PHE Q 57 -14.88 0.30 73.92
N LEU Q 58 -13.86 -0.14 74.65
CA LEU Q 58 -13.99 -1.29 75.54
C LEU Q 58 -14.05 -0.78 76.97
N ALA Q 59 -15.20 -0.97 77.62
CA ALA Q 59 -15.37 -0.61 79.02
C ALA Q 59 -15.26 -1.89 79.85
N PHE Q 60 -14.11 -2.08 80.50
CA PHE Q 60 -13.89 -3.26 81.32
C PHE Q 60 -14.64 -3.09 82.64
N LEU Q 61 -15.95 -3.34 82.58
CA LEU Q 61 -16.81 -3.13 83.73
C LEU Q 61 -16.54 -4.20 84.79
N SER Q 62 -16.42 -3.75 86.03
CA SER Q 62 -16.19 -4.64 87.16
C SER Q 62 -16.72 -3.95 88.41
N ASN Q 63 -16.87 -4.74 89.48
CA ASN Q 63 -17.38 -4.18 90.72
C ASN Q 63 -16.47 -3.08 91.25
N GLU Q 64 -15.16 -3.28 91.20
CA GLU Q 64 -14.22 -2.24 91.61
C GLU Q 64 -14.21 -1.10 90.59
N TYR Q 65 -14.39 -1.42 89.30
CA TYR Q 65 -14.32 -0.40 88.26
C TYR Q 65 -15.39 0.66 88.45
N LEU Q 66 -16.60 0.25 88.84
CA LEU Q 66 -17.68 1.20 89.06
C LEU Q 66 -17.49 2.03 90.32
N LYS Q 67 -16.51 1.72 91.15
CA LYS Q 67 -16.25 2.47 92.38
C LYS Q 67 -15.27 3.61 92.18
N SER Q 68 -14.74 3.79 90.97
CA SER Q 68 -13.77 4.83 90.68
C SER Q 68 -14.48 5.96 89.93
N ASP Q 69 -14.39 7.18 90.48
CA ASP Q 69 -14.98 8.33 89.81
C ASP Q 69 -14.22 8.67 88.53
N TRP Q 70 -12.91 8.48 88.53
CA TRP Q 70 -12.12 8.73 87.32
C TRP Q 70 -12.58 7.82 86.19
N CYS Q 71 -12.79 6.54 86.48
CA CYS Q 71 -13.28 5.62 85.45
C CYS Q 71 -14.71 5.97 85.06
N TRP Q 72 -15.53 6.41 86.01
CA TRP Q 72 -16.93 6.69 85.71
C TRP Q 72 -17.08 7.89 84.79
N ASP Q 73 -16.36 8.98 85.07
CA ASP Q 73 -16.48 10.16 84.22
C ASP Q 73 -15.92 9.91 82.83
N GLU Q 74 -14.89 9.07 82.71
CA GLU Q 74 -14.39 8.70 81.39
C GLU Q 74 -15.45 7.96 80.59
N LEU Q 75 -16.20 7.06 81.25
CA LEU Q 75 -17.26 6.34 80.57
C LEU Q 75 -18.38 7.28 80.12
N GLU Q 76 -18.67 8.30 80.93
CA GLU Q 76 -19.76 9.23 80.59
C GLU Q 76 -19.45 9.98 79.31
N GLN Q 77 -18.26 10.56 79.21
CA GLN Q 77 -17.87 11.29 78.01
C GLN Q 77 -17.78 10.36 76.81
N ALA Q 78 -17.28 9.15 77.02
CA ALA Q 78 -17.18 8.18 75.92
C ALA Q 78 -18.55 7.84 75.36
N TYR Q 79 -19.53 7.64 76.24
CA TYR Q 79 -20.88 7.34 75.78
C TYR Q 79 -21.56 8.59 75.23
N ALA Q 80 -21.30 9.75 75.83
CA ALA Q 80 -21.94 10.99 75.38
C ALA Q 80 -21.61 11.26 73.92
N LEU Q 81 -20.33 11.18 73.55
CA LEU Q 81 -19.93 11.35 72.16
C LEU Q 81 -20.17 10.10 71.33
N HIS Q 82 -20.43 8.96 71.97
CA HIS Q 82 -20.86 7.78 71.22
C HIS Q 82 -22.23 8.01 70.57
N GLN Q 83 -23.05 8.86 71.18
CA GLN Q 83 -24.37 9.14 70.61
C GLN Q 83 -24.26 9.83 69.24
N LYS Q 84 -23.26 10.68 69.05
CA LYS Q 84 -23.01 11.23 67.72
C LYS Q 84 -22.51 10.19 66.74
N GLY Q 85 -22.14 8.99 67.21
CA GLY Q 85 -21.71 7.92 66.34
C GLY Q 85 -20.24 7.90 66.02
N LYS Q 86 -19.42 8.73 66.66
CA LYS Q 86 -17.98 8.72 66.39
C LYS Q 86 -17.37 7.38 66.74
N VAL Q 87 -17.75 6.81 67.88
CA VAL Q 87 -17.25 5.50 68.32
C VAL Q 87 -18.39 4.79 69.04
N LYS Q 88 -18.38 3.46 68.93
CA LYS Q 88 -19.33 2.61 69.62
C LYS Q 88 -18.63 1.88 70.77
N ILE Q 89 -19.36 1.69 71.86
CA ILE Q 89 -18.80 1.13 73.08
C ILE Q 89 -19.12 -0.36 73.13
N ILE Q 90 -18.11 -1.17 73.43
CA ILE Q 90 -18.30 -2.60 73.67
C ILE Q 90 -18.10 -2.86 75.15
N PRO Q 91 -19.17 -3.03 75.93
CA PRO Q 91 -19.02 -3.24 77.37
C PRO Q 91 -18.68 -4.69 77.68
N ILE Q 92 -17.49 -4.91 78.24
CA ILE Q 92 -17.05 -6.24 78.63
C ILE Q 92 -17.18 -6.35 80.14
N LEU Q 93 -17.99 -7.31 80.59
CA LEU Q 93 -18.32 -7.46 82.01
C LEU Q 93 -17.34 -8.45 82.64
N LEU Q 94 -16.46 -7.95 83.51
CA LEU Q 94 -15.52 -8.81 84.20
C LEU Q 94 -16.25 -9.85 85.03
N THR Q 95 -17.30 -9.43 85.75
CA THR Q 95 -18.15 -10.32 86.50
C THR Q 95 -19.51 -10.43 85.82
N ASN Q 96 -20.28 -11.43 86.24
CA ASN Q 96 -21.60 -11.64 85.66
C ASN Q 96 -22.55 -10.50 86.03
N ARG Q 97 -23.59 -10.34 85.21
CA ARG Q 97 -24.52 -9.23 85.39
C ARG Q 97 -25.24 -9.30 86.73
N ALA Q 98 -25.56 -10.50 87.20
CA ALA Q 98 -26.29 -10.63 88.45
C ALA Q 98 -25.46 -10.16 89.64
N GLN Q 99 -24.14 -10.22 89.53
CA GLN Q 99 -23.24 -9.92 90.64
C GLN Q 99 -22.74 -8.47 90.62
N LEU Q 100 -23.21 -7.65 89.69
CA LEU Q 100 -22.82 -6.24 89.68
C LEU Q 100 -23.45 -5.53 90.87
N ASP Q 101 -22.66 -4.70 91.55
CA ASP Q 101 -23.11 -3.99 92.75
C ASP Q 101 -23.66 -2.62 92.33
N LEU Q 102 -24.94 -2.62 91.95
CA LEU Q 102 -25.60 -1.38 91.57
C LEU Q 102 -26.32 -0.72 92.75
N ASN Q 103 -26.42 -1.39 93.89
CA ASN Q 103 -27.12 -0.82 95.04
C ASN Q 103 -26.35 0.35 95.64
N ALA Q 104 -25.04 0.17 95.86
CA ALA Q 104 -24.24 1.24 96.44
C ALA Q 104 -24.05 2.39 95.45
N LEU Q 105 -24.30 2.14 94.17
CA LEU Q 105 -24.09 3.15 93.15
C LEU Q 105 -25.24 4.15 93.19
N THR Q 106 -24.94 5.40 92.81
CA THR Q 106 -25.92 6.48 92.88
C THR Q 106 -27.04 6.23 91.88
N ASP Q 107 -28.14 6.97 92.06
CA ASP Q 107 -29.33 6.77 91.24
C ASP Q 107 -29.08 7.14 89.79
N ALA Q 108 -28.54 8.35 89.55
CA ALA Q 108 -28.33 8.81 88.18
C ALA Q 108 -27.37 7.91 87.42
N ARG Q 109 -26.27 7.50 88.08
CA ARG Q 109 -25.32 6.61 87.42
C ARG Q 109 -25.93 5.24 87.16
N ARG Q 110 -26.72 4.72 88.10
CA ARG Q 110 -27.34 3.42 87.91
C ARG Q 110 -28.29 3.41 86.73
N ASN Q 111 -29.07 4.48 86.57
CA ASN Q 111 -29.90 4.61 85.37
C ASN Q 111 -29.02 4.72 84.12
N PHE Q 112 -27.92 5.45 84.21
CA PHE Q 112 -26.97 5.53 83.11
C PHE Q 112 -26.38 4.16 82.80
N LEU Q 113 -25.97 3.42 83.84
CA LEU Q 113 -25.41 2.10 83.62
C LEU Q 113 -26.44 1.13 83.04
N GLU Q 114 -27.67 1.17 83.56
CA GLU Q 114 -28.70 0.25 83.09
C GLU Q 114 -29.10 0.56 81.65
N SER Q 115 -29.12 1.84 81.29
CA SER Q 115 -29.47 2.21 79.91
C SER Q 115 -28.45 1.64 78.93
N ILE Q 116 -27.16 1.74 79.24
CA ILE Q 116 -26.13 1.20 78.37
C ILE Q 116 -26.20 -0.33 78.28
N LEU Q 117 -26.39 -1.02 79.41
CA LEU Q 117 -26.35 -2.48 79.40
C LEU Q 117 -27.51 -3.07 78.61
N THR Q 118 -28.69 -2.46 78.69
CA THR Q 118 -29.87 -3.02 78.04
C THR Q 118 -29.93 -2.68 76.56
N ARG Q 119 -29.88 -1.39 76.21
CA ARG Q 119 -30.02 -1.01 74.80
C ARG Q 119 -28.83 -1.42 73.95
N LEU Q 120 -27.68 -1.69 74.56
CA LEU Q 120 -26.47 -2.01 73.81
C LEU Q 120 -25.96 -3.37 74.26
N LYS Q 121 -25.60 -4.21 73.29
CA LYS Q 121 -25.20 -5.58 73.57
C LYS Q 121 -23.88 -5.62 74.35
N TYR Q 122 -23.82 -6.48 75.37
CA TYR Q 122 -22.63 -6.66 76.18
C TYR Q 122 -22.10 -8.07 76.01
N VAL Q 123 -20.86 -8.26 76.44
CA VAL Q 123 -20.17 -9.56 76.36
C VAL Q 123 -19.72 -9.95 77.75
N GLU Q 124 -19.98 -11.21 78.13
CA GLU Q 124 -19.63 -11.71 79.45
C GLU Q 124 -18.19 -12.23 79.44
N PHE Q 125 -17.53 -12.11 80.59
CA PHE Q 125 -16.13 -12.52 80.73
C PHE Q 125 -16.02 -13.49 81.89
N ASP Q 126 -15.33 -14.61 81.66
CA ASP Q 126 -15.10 -15.60 82.70
C ASP Q 126 -13.66 -16.11 82.56
N PRO Q 127 -12.83 -15.96 83.58
CA PRO Q 127 -11.43 -16.43 83.47
C PRO Q 127 -11.32 -17.93 83.29
N HIS Q 128 -12.33 -18.70 83.70
CA HIS Q 128 -12.26 -20.15 83.59
C HIS Q 128 -12.27 -20.60 82.14
N ASN Q 129 -13.22 -20.09 81.35
CA ASN Q 129 -13.33 -20.44 79.94
C ASN Q 129 -12.68 -19.33 79.09
N MET Q 130 -11.35 -19.28 79.18
CA MET Q 130 -10.60 -18.23 78.50
C MET Q 130 -10.76 -18.28 76.99
N THR Q 131 -10.74 -19.49 76.42
CA THR Q 131 -10.82 -19.62 74.97
C THR Q 131 -12.14 -19.07 74.44
N ARG Q 132 -13.25 -19.38 75.09
CA ARG Q 132 -14.53 -18.83 74.66
C ARG Q 132 -14.64 -17.36 75.05
N SER Q 133 -13.99 -16.97 76.14
CA SER Q 133 -13.99 -15.57 76.54
C SER Q 133 -13.28 -14.68 75.53
N LEU Q 134 -12.08 -15.08 75.11
CA LEU Q 134 -11.32 -14.28 74.15
C LEU Q 134 -12.03 -14.22 72.80
N GLY Q 135 -12.59 -15.35 72.36
CA GLY Q 135 -13.29 -15.36 71.08
C GLY Q 135 -14.54 -14.51 71.10
N SER Q 136 -15.27 -14.50 72.21
CA SER Q 136 -16.48 -13.70 72.31
C SER Q 136 -16.16 -12.20 72.19
N VAL Q 137 -15.09 -11.76 72.85
CA VAL Q 137 -14.68 -10.36 72.72
C VAL Q 137 -14.26 -10.05 71.29
N ALA Q 138 -13.50 -10.96 70.67
CA ALA Q 138 -13.09 -10.76 69.29
C ALA Q 138 -14.30 -10.77 68.35
N GLU Q 139 -15.29 -11.60 68.63
CA GLU Q 139 -16.47 -11.66 67.79
C GLU Q 139 -17.20 -10.31 67.77
N ALA Q 140 -17.50 -9.77 68.96
CA ALA Q 140 -18.12 -8.45 69.01
C ALA Q 140 -17.18 -7.38 68.46
N LEU Q 141 -15.87 -7.61 68.56
CA LEU Q 141 -14.90 -6.67 68.03
C LEU Q 141 -15.01 -6.58 66.51
N TRP Q 142 -15.21 -7.73 65.85
CA TRP Q 142 -15.35 -7.79 64.40
C TRP Q 142 -16.78 -7.80 63.92
N GLN Q 143 -17.77 -7.78 64.82
CA GLN Q 143 -19.15 -8.07 64.43
C GLN Q 143 -19.70 -6.99 63.50
N ASN Q 144 -19.35 -5.73 63.74
CA ASN Q 144 -19.82 -4.61 62.92
C ASN Q 144 -18.75 -4.11 61.96
N GLU Q 145 -17.75 -4.94 61.66
CA GLU Q 145 -16.62 -4.56 60.85
C GLU Q 145 -16.64 -5.30 59.53
N ALA Q 146 -15.84 -4.80 58.58
CA ALA Q 146 -15.57 -5.47 57.31
C ALA Q 146 -14.60 -6.60 57.57
N VAL Q 147 -13.94 -7.09 56.50
CA VAL Q 147 -13.10 -8.28 56.55
C VAL Q 147 -12.29 -8.35 57.84
N ARG Q 148 -12.43 -9.47 58.55
CA ARG Q 148 -11.88 -9.64 59.89
C ARG Q 148 -10.53 -10.36 59.81
N PHE Q 149 -9.81 -10.34 60.93
CA PHE Q 149 -8.49 -10.95 61.01
C PHE Q 149 -8.43 -11.93 62.17
N GLU Q 150 -7.87 -13.11 61.90
CA GLU Q 150 -7.64 -14.13 62.90
C GLU Q 150 -6.29 -13.93 63.56
N PRO Q 151 -6.11 -14.44 64.78
CA PRO Q 151 -4.80 -14.33 65.43
C PRO Q 151 -3.72 -15.04 64.62
N ILE Q 152 -2.53 -14.45 64.62
CA ILE Q 152 -1.43 -15.00 63.84
C ILE Q 152 -0.99 -16.33 64.44
N ARG Q 153 -0.81 -17.32 63.57
CA ARG Q 153 -0.38 -18.65 63.97
C ARG Q 153 1.00 -18.93 63.41
N MET Q 154 1.94 -19.29 64.28
CA MET Q 154 3.29 -19.66 63.86
C MET Q 154 3.29 -21.14 63.53
N ILE Q 155 3.19 -21.45 62.24
CA ILE Q 155 3.04 -22.81 61.76
C ILE Q 155 4.27 -23.20 60.95
N LYS Q 156 4.75 -24.41 61.20
CA LYS Q 156 5.88 -24.99 60.47
C LYS Q 156 5.33 -26.00 59.47
N VAL Q 157 5.56 -25.75 58.18
CA VAL Q 157 5.08 -26.61 57.11
C VAL Q 157 6.29 -27.09 56.30
N ASN Q 158 6.44 -28.41 56.19
CA ASN Q 158 7.56 -29.02 55.47
C ASN Q 158 8.90 -28.49 55.98
N GLY Q 159 9.00 -28.30 57.30
CA GLY Q 159 10.22 -27.80 57.88
C GLY Q 159 10.46 -26.32 57.71
N THR Q 160 9.47 -25.57 57.22
CA THR Q 160 9.61 -24.14 57.00
C THR Q 160 8.69 -23.39 57.95
N GLU Q 161 9.25 -22.45 58.69
CA GLU Q 161 8.48 -21.66 59.65
C GLU Q 161 7.72 -20.55 58.95
N LEU Q 162 6.44 -20.42 59.28
CA LEU Q 162 5.59 -19.37 58.73
C LEU Q 162 4.71 -18.81 59.83
N GLN Q 163 4.29 -17.56 59.66
CA GLN Q 163 3.28 -16.94 60.50
C GLN Q 163 2.10 -16.58 59.61
N VAL Q 164 1.10 -17.44 59.58
CA VAL Q 164 -0.01 -17.30 58.65
C VAL Q 164 -0.93 -16.18 59.12
N VAL Q 165 -1.23 -15.25 58.22
CA VAL Q 165 -2.19 -14.19 58.47
C VAL Q 165 -3.46 -14.55 57.71
N GLU Q 166 -4.48 -15.00 58.42
CA GLU Q 166 -5.72 -15.45 57.82
C GLU Q 166 -6.81 -14.41 58.07
N PHE Q 167 -7.51 -14.03 57.01
CA PHE Q 167 -8.61 -13.07 57.09
C PHE Q 167 -9.86 -13.68 56.48
N LYS Q 168 -11.02 -13.30 57.03
CA LYS Q 168 -12.31 -13.79 56.56
C LYS Q 168 -13.18 -12.60 56.16
N ILE Q 169 -13.83 -12.73 55.01
CA ILE Q 169 -14.70 -11.70 54.47
C ILE Q 169 -16.14 -12.14 54.69
N PRO Q 170 -16.90 -11.48 55.56
CA PRO Q 170 -18.31 -11.85 55.75
C PRO Q 170 -19.15 -11.37 54.57
N GLY Q 171 -19.84 -12.31 53.92
CA GLY Q 171 -20.63 -12.01 52.76
C GLY Q 171 -19.89 -12.10 51.44
N SER Q 172 -18.56 -12.26 51.48
CA SER Q 172 -17.74 -12.45 50.28
C SER Q 172 -17.95 -11.33 49.28
N ASN Q 173 -18.12 -10.10 49.78
CA ASN Q 173 -18.30 -8.95 48.92
C ASN Q 173 -17.95 -7.69 49.70
N LEU Q 174 -17.09 -6.86 49.13
CA LEU Q 174 -16.67 -5.60 49.73
C LEU Q 174 -16.89 -4.46 48.75
N PRO Q 175 -17.09 -3.24 49.25
CA PRO Q 175 -17.15 -2.09 48.35
C PRO Q 175 -15.87 -1.95 47.56
N VAL Q 176 -16.01 -1.50 46.31
CA VAL Q 176 -14.87 -1.45 45.40
C VAL Q 176 -13.82 -0.48 45.93
N ASP Q 177 -14.25 0.59 46.60
CA ASP Q 177 -13.35 1.58 47.19
C ASP Q 177 -13.13 1.33 48.67
N PHE Q 178 -13.07 0.05 49.07
CA PHE Q 178 -12.93 -0.27 50.49
C PHE Q 178 -11.61 0.24 51.06
N LEU Q 179 -10.53 0.12 50.30
CA LEU Q 179 -9.21 0.52 50.80
C LEU Q 179 -9.12 2.00 51.13
N HIS Q 180 -10.01 2.82 50.56
CA HIS Q 180 -9.97 4.25 50.82
C HIS Q 180 -10.24 4.56 52.28
N HIS Q 181 -11.20 3.85 52.89
CA HIS Q 181 -11.62 4.14 54.25
C HIS Q 181 -11.18 3.07 55.25
N TRP Q 182 -10.23 2.22 54.88
CA TRP Q 182 -9.73 1.19 55.77
C TRP Q 182 -8.50 1.70 56.52
N ASP Q 183 -8.61 1.80 57.84
CA ASP Q 183 -7.52 2.29 58.67
C ASP Q 183 -6.74 1.12 59.26
N LEU Q 184 -6.02 0.42 58.38
CA LEU Q 184 -5.17 -0.70 58.77
C LEU Q 184 -3.86 -0.60 58.01
N LYS Q 185 -2.81 -0.13 58.68
CA LYS Q 185 -1.48 -0.01 58.10
C LYS Q 185 -0.65 -1.17 58.65
N ILE Q 186 -0.32 -2.13 57.78
CA ILE Q 186 0.42 -3.31 58.19
C ILE Q 186 1.84 -3.00 58.63
N GLU Q 187 2.36 -1.82 58.29
CA GLU Q 187 3.74 -1.49 58.66
C GLU Q 187 3.93 -1.43 60.17
N ASP Q 188 2.94 -0.87 60.88
CA ASP Q 188 3.08 -0.68 62.33
C ASP Q 188 3.02 -1.97 63.10
N PHE Q 189 2.67 -3.10 62.46
CA PHE Q 189 2.55 -4.37 63.14
C PHE Q 189 3.71 -5.30 62.87
N ILE Q 190 4.79 -4.80 62.28
CA ILE Q 190 5.98 -5.59 61.98
C ILE Q 190 7.03 -5.30 63.05
N ALA Q 191 7.56 -6.35 63.66
CA ALA Q 191 8.59 -6.19 64.68
C ALA Q 191 9.91 -5.81 64.04
N THR Q 192 10.50 -4.72 64.51
CA THR Q 192 11.81 -4.27 64.03
C THR Q 192 12.96 -5.08 64.62
N SER Q 193 12.76 -5.72 65.77
CA SER Q 193 13.78 -6.49 66.44
C SER Q 193 13.17 -7.79 66.94
N PRO Q 194 13.99 -8.83 67.12
CA PRO Q 194 13.44 -10.10 67.63
C PRO Q 194 12.77 -9.97 69.00
N ASN Q 195 13.27 -9.09 69.86
CA ASN Q 195 12.68 -8.90 71.17
C ASN Q 195 11.46 -7.98 71.17
N GLU Q 196 11.23 -7.25 70.08
CA GLU Q 196 10.09 -6.33 70.03
C GLU Q 196 8.78 -7.11 70.04
N GLN Q 197 7.80 -6.59 70.76
CA GLN Q 197 6.48 -7.23 70.86
C GLN Q 197 5.59 -6.65 69.78
N LYS Q 198 5.40 -7.41 68.71
CA LYS Q 198 4.56 -7.03 67.59
C LYS Q 198 3.86 -8.28 67.06
N PRO Q 199 2.70 -8.11 66.41
CA PRO Q 199 2.01 -9.30 65.86
C PRO Q 199 2.84 -10.08 64.86
N VAL Q 200 3.64 -9.40 64.04
CA VAL Q 200 4.44 -10.05 63.00
C VAL Q 200 5.87 -10.15 63.51
N LYS Q 201 6.40 -11.38 63.53
CA LYS Q 201 7.74 -11.60 64.02
C LYS Q 201 8.78 -11.03 63.06
N PHE Q 202 9.91 -10.60 63.61
CA PHE Q 202 10.96 -10.01 62.81
C PHE Q 202 11.62 -11.08 61.93
N ASP Q 203 11.71 -10.80 60.64
CA ASP Q 203 12.37 -11.62 59.62
C ASP Q 203 11.75 -13.00 59.45
N VAL Q 204 10.66 -13.32 60.14
CA VAL Q 204 10.01 -14.62 59.97
C VAL Q 204 9.05 -14.53 58.79
N PRO Q 205 9.12 -15.46 57.83
CA PRO Q 205 8.26 -15.36 56.65
C PRO Q 205 6.78 -15.40 57.02
N VAL Q 206 5.99 -14.63 56.29
CA VAL Q 206 4.55 -14.52 56.54
C VAL Q 206 3.80 -15.17 55.38
N ALA Q 207 2.56 -15.57 55.66
CA ALA Q 207 1.70 -16.19 54.67
C ALA Q 207 0.32 -15.56 54.71
N LEU Q 208 -0.28 -15.38 53.55
CA LEU Q 208 -1.62 -14.81 53.43
C LEU Q 208 -2.61 -15.92 53.13
N TYR Q 209 -3.67 -15.99 53.94
CA TYR Q 209 -4.65 -17.05 53.85
C TYR Q 209 -6.05 -16.46 53.73
N GLY Q 210 -6.94 -17.21 53.06
CA GLY Q 210 -8.31 -16.81 52.93
C GLY Q 210 -8.64 -16.27 51.56
N PRO Q 211 -9.85 -16.50 51.09
CA PRO Q 211 -10.27 -15.98 49.78
C PRO Q 211 -10.41 -14.47 49.82
N GLY Q 212 -10.22 -13.85 48.66
CA GLY Q 212 -10.36 -12.42 48.53
C GLY Q 212 -9.97 -11.92 47.15
N PRO Q 213 -10.27 -10.66 46.86
CA PRO Q 213 -9.90 -10.09 45.58
C PRO Q 213 -8.39 -9.93 45.45
N ASN Q 214 -7.92 -9.92 44.20
CA ASN Q 214 -6.48 -9.83 43.95
C ASN Q 214 -5.92 -8.50 44.42
N TRP Q 215 -6.70 -7.42 44.35
CA TRP Q 215 -6.20 -6.13 44.83
C TRP Q 215 -6.05 -6.12 46.35
N LEU Q 216 -6.88 -6.89 47.05
CA LEU Q 216 -6.71 -7.01 48.49
C LEU Q 216 -5.39 -7.72 48.81
N TYR Q 217 -5.06 -8.78 48.07
CA TYR Q 217 -3.79 -9.45 48.28
C TYR Q 217 -2.62 -8.54 47.96
N ALA Q 218 -2.69 -7.83 46.82
CA ALA Q 218 -1.60 -6.95 46.43
C ALA Q 218 -1.42 -5.83 47.46
N PHE Q 219 -2.51 -5.39 48.08
CA PHE Q 219 -2.42 -4.35 49.10
C PHE Q 219 -1.67 -4.84 50.33
N LEU Q 220 -1.88 -6.10 50.71
CA LEU Q 220 -1.33 -6.60 51.96
C LEU Q 220 0.15 -6.96 51.84
N THR Q 221 0.54 -7.64 50.77
CA THR Q 221 1.92 -8.11 50.65
C THR Q 221 2.87 -6.98 50.27
N LEU Q 222 2.34 -5.90 49.69
CA LEU Q 222 3.21 -4.84 49.18
C LEU Q 222 4.08 -4.19 50.26
N PRO Q 223 3.56 -3.79 51.42
CA PRO Q 223 4.43 -3.13 52.41
C PRO Q 223 5.41 -4.06 53.08
N PHE Q 224 5.51 -5.32 52.67
CA PHE Q 224 6.45 -6.26 53.26
C PHE Q 224 7.78 -6.32 52.53
N LYS Q 225 7.98 -5.50 51.50
CA LYS Q 225 9.25 -5.49 50.79
C LYS Q 225 10.37 -5.07 51.70
N ASN Q 226 11.50 -5.79 51.65
CA ASN Q 226 12.66 -5.56 52.50
C ASN Q 226 12.34 -5.73 53.99
N ARG Q 227 11.22 -6.36 54.32
CA ARG Q 227 10.83 -6.59 55.70
C ARG Q 227 10.68 -8.06 56.04
N ASN Q 228 9.93 -8.81 55.21
CA ASN Q 228 9.70 -10.22 55.48
C ASN Q 228 9.46 -10.95 54.17
N THR Q 229 9.74 -12.25 54.16
CA THR Q 229 9.37 -13.09 53.04
C THR Q 229 7.87 -13.35 53.06
N VAL Q 230 7.22 -13.22 51.91
CA VAL Q 230 5.76 -13.28 51.82
C VAL Q 230 5.36 -14.56 51.11
N PHE Q 231 4.46 -15.32 51.71
CA PHE Q 231 3.83 -16.47 51.10
C PHE Q 231 2.35 -16.18 50.87
N VAL Q 232 1.79 -16.80 49.84
CA VAL Q 232 0.37 -16.65 49.54
C VAL Q 232 -0.22 -18.02 49.28
N PHE Q 233 -1.51 -18.16 49.58
CA PHE Q 233 -2.21 -19.43 49.47
C PHE Q 233 -3.09 -19.43 48.23
N ASN Q 234 -2.94 -20.45 47.39
CA ASN Q 234 -3.73 -20.61 46.19
C ASN Q 234 -4.61 -21.84 46.35
N SER Q 235 -5.91 -21.68 46.14
CA SER Q 235 -6.86 -22.77 46.31
C SER Q 235 -6.92 -23.71 45.11
N ARG Q 236 -6.23 -23.37 44.01
CA ARG Q 236 -6.22 -24.26 42.86
C ARG Q 236 -5.56 -25.59 43.20
N THR Q 237 -4.48 -25.55 43.98
CA THR Q 237 -3.81 -26.75 44.45
C THR Q 237 -3.71 -26.80 45.97
N SER Q 238 -4.35 -25.87 46.67
CA SER Q 238 -4.30 -25.78 48.14
C SER Q 238 -2.87 -25.84 48.66
N GLU Q 239 -2.02 -24.97 48.11
CA GLU Q 239 -0.61 -24.92 48.48
C GLU Q 239 -0.18 -23.47 48.65
N TYR Q 240 0.86 -23.28 49.45
CA TYR Q 240 1.43 -21.95 49.64
C TYR Q 240 2.44 -21.65 48.55
N ILE Q 241 2.50 -20.39 48.13
CA ILE Q 241 3.37 -19.94 47.05
C ILE Q 241 4.26 -18.83 47.58
N CYS Q 242 5.55 -18.92 47.31
CA CYS Q 242 6.52 -17.90 47.71
C CYS Q 242 6.62 -16.86 46.60
N VAL Q 243 6.39 -15.60 46.96
CA VAL Q 243 6.47 -14.50 46.00
C VAL Q 243 7.56 -13.50 46.34
N TYR Q 244 8.13 -13.55 47.54
CA TYR Q 244 9.21 -12.66 47.93
C TYR Q 244 10.33 -13.47 48.56
N SER Q 245 11.57 -13.11 48.24
CA SER Q 245 12.75 -13.81 48.71
C SER Q 245 13.67 -12.82 49.42
N LYS Q 246 13.52 -12.73 50.75
CA LYS Q 246 14.45 -11.97 51.57
C LYS Q 246 15.30 -12.87 52.46
N SER Q 247 14.73 -13.96 52.96
CA SER Q 247 15.50 -14.91 53.75
C SER Q 247 16.31 -15.82 52.84
N ALA Q 248 17.41 -16.34 53.38
CA ALA Q 248 18.28 -17.23 52.63
C ALA Q 248 17.63 -18.58 52.44
N GLY Q 249 17.73 -19.12 51.22
CA GLY Q 249 17.20 -20.43 50.91
C GLY Q 249 15.75 -20.47 50.48
N LEU Q 250 15.05 -19.34 50.48
CA LEU Q 250 13.63 -19.29 50.11
C LEU Q 250 13.51 -18.64 48.74
N ALA Q 251 13.63 -19.46 47.70
CA ALA Q 251 13.50 -18.98 46.34
C ALA Q 251 12.05 -18.59 46.04
N PRO Q 252 11.83 -17.65 45.11
CA PRO Q 252 10.45 -17.29 44.76
C PRO Q 252 9.85 -18.33 43.82
N GLY Q 253 8.95 -19.14 44.35
CA GLY Q 253 8.29 -20.16 43.56
C GLY Q 253 8.13 -21.49 44.27
N MET Q 254 8.80 -21.66 45.40
CA MET Q 254 8.72 -22.92 46.13
C MET Q 254 7.31 -23.13 46.68
N VAL Q 255 6.90 -24.39 46.71
CA VAL Q 255 5.55 -24.78 47.10
C VAL Q 255 5.62 -25.51 48.43
N LEU Q 256 4.79 -25.09 49.38
CA LEU Q 256 4.68 -25.73 50.68
C LEU Q 256 3.30 -26.38 50.79
N LYS Q 257 3.29 -27.70 50.94
CA LYS Q 257 2.04 -28.45 51.00
C LYS Q 257 1.44 -28.31 52.39
N GLY Q 258 0.58 -27.32 52.56
CA GLY Q 258 -0.06 -27.07 53.83
C GLY Q 258 -1.45 -27.68 53.93
N PRO R 2 37.47 1.99 39.93
CA PRO R 2 38.39 1.46 38.91
C PRO R 2 39.42 2.48 38.45
N GLN R 3 40.61 1.98 38.07
CA GLN R 3 41.71 2.83 37.65
C GLN R 3 41.88 2.72 36.14
N ALA R 4 42.42 3.77 35.53
CA ALA R 4 42.64 3.81 34.09
C ALA R 4 44.09 4.14 33.79
N PHE R 5 44.70 3.34 32.91
CA PHE R 5 46.00 3.65 32.34
C PHE R 5 45.75 3.83 30.85
N PHE R 6 46.33 4.87 30.25
CA PHE R 6 46.11 5.13 28.84
C PHE R 6 47.35 4.76 28.03
N SER R 7 47.18 3.83 27.10
CA SER R 7 48.22 3.42 26.17
C SER R 7 47.89 4.00 24.81
N HIS R 8 48.77 4.85 24.29
CA HIS R 8 48.48 5.62 23.10
C HIS R 8 49.79 6.14 22.50
N ASN R 9 49.69 6.60 21.26
CA ASN R 9 50.80 7.30 20.64
C ASN R 9 50.56 8.82 20.69
N ASN R 10 51.67 9.57 20.63
CA ASN R 10 51.59 11.02 20.81
C ASN R 10 50.82 11.71 19.69
N LYS R 11 50.71 11.10 18.50
CA LYS R 11 49.93 11.70 17.43
C LYS R 11 48.45 11.75 17.79
N ASP R 12 47.93 10.69 18.41
CA ASP R 12 46.54 10.63 18.83
C ASP R 12 46.33 11.18 20.24
N LYS R 13 47.21 12.05 20.71
CA LYS R 13 47.10 12.57 22.07
C LYS R 13 45.81 13.38 22.25
N LYS R 14 45.48 14.23 21.27
CA LYS R 14 44.35 15.15 21.45
C LYS R 14 43.05 14.41 21.71
N ILE R 15 42.88 13.23 21.12
CA ILE R 15 41.69 12.43 21.38
C ILE R 15 41.77 11.71 22.72
N VAL R 16 42.95 11.66 23.35
CA VAL R 16 43.11 10.83 24.54
C VAL R 16 42.63 11.58 25.78
N LEU R 17 43.11 12.82 25.98
CA LEU R 17 42.71 13.55 27.17
C LEU R 17 41.21 13.80 27.20
N GLU R 18 40.61 14.12 26.05
CA GLU R 18 39.18 14.34 26.00
C GLU R 18 38.41 13.04 26.27
N VAL R 19 38.98 11.89 25.90
CA VAL R 19 38.44 10.63 26.37
C VAL R 19 38.74 10.44 27.85
N LEU R 20 39.96 10.79 28.27
CA LEU R 20 40.32 10.70 29.68
C LEU R 20 39.47 11.65 30.51
N GLU R 21 39.21 12.86 29.99
CA GLU R 21 38.38 13.80 30.72
C GLU R 21 36.96 13.26 30.91
N HIS R 22 36.41 12.63 29.88
CA HIS R 22 35.09 12.02 30.01
C HIS R 22 35.11 10.90 31.04
N LEU R 23 36.14 10.06 31.02
CA LEU R 23 36.25 9.00 32.01
C LEU R 23 36.49 9.54 33.41
N ARG R 24 37.26 10.64 33.53
CA ARG R 24 37.49 11.23 34.84
C ARG R 24 36.18 11.73 35.44
N GLN R 25 35.34 12.37 34.64
CA GLN R 25 34.04 12.84 35.12
C GLN R 25 33.16 11.69 35.57
N SER R 26 33.42 10.47 35.12
CA SER R 26 32.67 9.30 35.53
C SER R 26 33.22 8.66 36.80
N LEU R 27 33.93 9.43 37.62
CA LEU R 27 34.50 8.95 38.89
C LEU R 27 35.44 7.77 38.68
N VAL R 28 36.19 7.78 37.59
CA VAL R 28 37.17 6.74 37.30
C VAL R 28 38.55 7.34 37.52
N ALA R 29 39.36 6.68 38.35
CA ALA R 29 40.74 7.10 38.53
C ALA R 29 41.50 6.88 37.24
N THR R 30 42.32 7.86 36.85
CA THR R 30 43.07 7.80 35.62
C THR R 30 44.56 8.02 35.89
N TRP R 31 45.39 7.44 35.02
CA TRP R 31 46.84 7.52 35.13
C TRP R 31 47.40 7.51 33.70
N ILE R 32 47.88 8.67 33.25
CA ILE R 32 48.38 8.79 31.89
C ILE R 32 49.90 8.71 31.83
N ASP R 33 50.59 9.42 32.71
CA ASP R 33 52.06 9.37 32.77
C ASP R 33 52.57 9.98 34.07
N SER R 42 56.40 4.03 34.68
CA SER R 42 55.74 3.50 33.49
C SER R 42 54.32 3.06 33.80
N LEU R 43 53.87 2.00 33.14
CA LEU R 43 52.51 1.51 33.30
C LEU R 43 52.50 0.03 33.67
N ILE R 44 53.48 -0.72 33.19
CA ILE R 44 53.50 -2.17 33.40
C ILE R 44 53.64 -2.48 34.89
N GLN R 45 54.56 -1.81 35.57
CA GLN R 45 54.72 -2.04 37.00
C GLN R 45 53.57 -1.45 37.82
N GLN R 46 52.92 -0.40 37.33
CA GLN R 46 51.75 0.14 38.01
C GLN R 46 50.55 -0.79 37.92
N ILE R 47 50.60 -1.78 37.03
CA ILE R 47 49.51 -2.76 36.94
C ILE R 47 49.43 -3.57 38.23
N ILE R 48 50.58 -3.97 38.77
CA ILE R 48 50.61 -4.81 39.98
C ILE R 48 50.58 -3.84 41.15
N ALA R 49 49.36 -3.44 41.52
CA ALA R 49 49.14 -2.54 42.64
C ALA R 49 47.67 -2.53 43.06
N GLY R 50 47.40 -2.71 44.34
CA GLY R 50 46.04 -2.62 44.85
C GLY R 50 45.38 -3.98 44.91
N ILE R 51 44.19 -4.08 44.35
CA ILE R 51 43.37 -5.29 44.42
C ILE R 51 43.34 -5.93 43.03
N SER R 52 42.89 -7.19 42.98
CA SER R 52 42.73 -7.89 41.71
C SER R 52 41.84 -7.13 40.75
N LYS R 53 40.84 -6.41 41.25
CA LYS R 53 40.09 -5.45 40.45
C LYS R 53 40.95 -4.20 40.25
N SER R 54 42.02 -4.41 39.50
CA SER R 54 43.01 -3.36 39.26
C SER R 54 42.57 -2.33 38.23
N GLN R 55 42.29 -2.76 37.00
CA GLN R 55 42.49 -1.87 35.87
C GLN R 55 41.92 -2.53 34.61
N TYR R 56 41.51 -1.70 33.65
CA TYR R 56 41.05 -2.11 32.32
C TYR R 56 41.92 -1.42 31.30
N PHE R 57 42.64 -2.19 30.49
CA PHE R 57 43.66 -1.60 29.64
C PHE R 57 43.04 -0.92 28.42
N LEU R 58 43.32 0.37 28.26
CA LEU R 58 42.83 1.16 27.13
C LEU R 58 43.94 1.20 26.08
N ALA R 59 43.89 0.26 25.14
CA ALA R 59 44.84 0.23 24.03
C ALA R 59 44.27 1.04 22.87
N PHE R 60 44.75 2.27 22.72
CA PHE R 60 44.28 3.17 21.66
C PHE R 60 44.95 2.77 20.35
N LEU R 61 44.42 1.72 19.74
CA LEU R 61 44.99 1.20 18.50
C LEU R 61 44.76 2.19 17.36
N SER R 62 45.81 2.43 16.57
CA SER R 62 45.74 3.33 15.43
C SER R 62 46.81 2.92 14.45
N ASN R 63 46.68 3.42 13.21
CA ASN R 63 47.66 3.10 12.18
C ASN R 63 49.05 3.55 12.58
N GLU R 64 49.14 4.67 13.29
CA GLU R 64 50.44 5.11 13.81
C GLU R 64 50.84 4.30 15.03
N TYR R 65 49.86 3.87 15.84
CA TYR R 65 50.16 3.21 17.11
C TYR R 65 50.91 1.90 16.88
N LEU R 66 50.49 1.10 15.90
CA LEU R 66 51.13 -0.19 15.68
C LEU R 66 52.40 -0.09 14.83
N LYS R 67 52.77 1.12 14.41
CA LYS R 67 54.06 1.34 13.76
C LYS R 67 55.18 1.57 14.77
N SER R 68 54.86 1.72 16.04
CA SER R 68 55.83 2.06 17.08
C SER R 68 56.12 0.81 17.92
N ASP R 69 57.39 0.45 18.02
CA ASP R 69 57.78 -0.72 18.81
C ASP R 69 57.53 -0.51 20.29
N TRP R 70 57.81 0.71 20.80
CA TRP R 70 57.65 0.97 22.22
C TRP R 70 56.20 0.76 22.67
N CYS R 71 55.24 1.14 21.82
CA CYS R 71 53.85 0.83 22.14
C CYS R 71 53.54 -0.64 21.89
N TRP R 72 54.22 -1.26 20.94
CA TRP R 72 53.93 -2.65 20.62
C TRP R 72 54.34 -3.60 21.74
N ASP R 73 55.56 -3.45 22.27
CA ASP R 73 56.00 -4.33 23.34
C ASP R 73 55.20 -4.08 24.62
N GLU R 74 54.81 -2.82 24.87
CA GLU R 74 53.99 -2.52 26.03
C GLU R 74 52.67 -3.27 25.98
N LEU R 75 52.03 -3.31 24.81
CA LEU R 75 50.78 -4.04 24.66
C LEU R 75 50.99 -5.53 24.88
N GLU R 76 52.13 -6.07 24.43
CA GLU R 76 52.41 -7.49 24.63
C GLU R 76 52.46 -7.84 26.12
N GLN R 77 53.21 -7.05 26.91
CA GLN R 77 53.25 -7.29 28.34
C GLN R 77 51.89 -7.08 28.98
N ALA R 78 51.13 -6.11 28.48
CA ALA R 78 49.78 -5.90 28.98
C ALA R 78 48.91 -7.13 28.72
N TYR R 79 49.03 -7.72 27.53
CA TYR R 79 48.29 -8.94 27.24
C TYR R 79 48.90 -10.14 27.93
N ALA R 80 50.20 -10.08 28.24
CA ALA R 80 50.86 -11.20 28.90
C ALA R 80 50.26 -11.45 30.28
N LEU R 81 50.17 -10.42 31.11
CA LEU R 81 49.56 -10.57 32.42
C LEU R 81 48.05 -10.42 32.39
N HIS R 82 47.46 -10.05 31.25
CA HIS R 82 46.02 -10.11 31.12
C HIS R 82 45.52 -11.55 31.11
N GLN R 83 46.30 -12.47 30.53
CA GLN R 83 45.97 -13.88 30.60
C GLN R 83 45.94 -14.37 32.04
N LYS R 84 46.81 -13.82 32.89
CA LYS R 84 46.82 -14.19 34.30
C LYS R 84 45.62 -13.64 35.05
N GLY R 85 44.82 -12.77 34.43
CA GLY R 85 43.64 -12.21 35.06
C GLY R 85 43.89 -10.99 35.91
N LYS R 86 45.14 -10.54 36.05
CA LYS R 86 45.42 -9.35 36.83
C LYS R 86 44.79 -8.10 36.20
N VAL R 87 44.84 -8.01 34.87
CA VAL R 87 44.27 -6.87 34.16
C VAL R 87 43.44 -7.41 33.00
N LYS R 88 42.57 -6.54 32.49
CA LYS R 88 41.81 -6.79 31.27
C LYS R 88 42.04 -5.62 30.31
N ILE R 89 41.97 -5.91 29.01
CA ILE R 89 42.27 -4.94 27.98
C ILE R 89 41.02 -4.61 27.20
N ILE R 90 40.80 -3.34 26.92
CA ILE R 90 39.76 -2.91 25.99
C ILE R 90 40.42 -2.07 24.90
N PRO R 91 40.56 -2.61 23.69
CA PRO R 91 41.26 -1.87 22.63
C PRO R 91 40.33 -0.90 21.92
N ILE R 92 40.68 0.38 21.96
CA ILE R 92 39.92 1.43 21.29
C ILE R 92 40.52 1.62 19.92
N LEU R 93 39.69 1.47 18.88
CA LEU R 93 40.13 1.63 17.50
C LEU R 93 39.86 3.06 17.06
N LEU R 94 40.92 3.86 16.94
CA LEU R 94 40.75 5.22 16.43
C LEU R 94 40.23 5.21 15.00
N THR R 95 40.76 4.33 14.17
CA THR R 95 40.27 4.10 12.83
C THR R 95 39.46 2.81 12.80
N ASN R 96 38.56 2.72 11.83
CA ASN R 96 37.76 1.52 11.69
C ASN R 96 38.65 0.32 11.32
N ARG R 97 38.22 -0.86 11.76
CA ARG R 97 39.01 -2.07 11.58
C ARG R 97 39.30 -2.35 10.11
N ALA R 98 38.43 -1.89 9.22
CA ALA R 98 38.61 -2.18 7.78
C ALA R 98 39.90 -1.58 7.25
N GLN R 99 40.22 -0.34 7.65
CA GLN R 99 41.39 0.35 7.14
C GLN R 99 42.61 0.21 8.05
N LEU R 100 42.60 -0.74 8.97
CA LEU R 100 43.78 -0.99 9.78
C LEU R 100 44.90 -1.55 8.90
N ASP R 101 46.07 -0.92 8.99
CA ASP R 101 47.22 -1.30 8.16
C ASP R 101 47.85 -2.56 8.74
N LEU R 102 47.14 -3.68 8.58
CA LEU R 102 47.61 -4.95 9.11
C LEU R 102 48.73 -5.55 8.27
N ASN R 103 48.89 -5.11 7.02
CA ASN R 103 49.95 -5.66 6.17
C ASN R 103 51.33 -5.24 6.67
N ALA R 104 51.45 -4.03 7.21
CA ALA R 104 52.75 -3.54 7.64
C ALA R 104 53.35 -4.38 8.75
N LEU R 105 52.50 -4.91 9.64
CA LEU R 105 52.99 -5.74 10.73
C LEU R 105 53.60 -7.03 10.20
N THR R 106 54.57 -7.55 10.95
CA THR R 106 55.16 -8.84 10.62
C THR R 106 54.16 -9.96 10.92
N ASP R 107 54.54 -11.18 10.56
CA ASP R 107 53.67 -12.32 10.80
C ASP R 107 53.40 -12.52 12.28
N ALA R 108 54.43 -12.38 13.12
CA ALA R 108 54.24 -12.50 14.56
C ALA R 108 53.32 -11.40 15.09
N ARG R 109 53.52 -10.17 14.64
CA ARG R 109 52.69 -9.06 15.11
C ARG R 109 51.26 -9.18 14.56
N ARG R 110 51.11 -9.50 13.28
CA ARG R 110 49.78 -9.56 12.69
C ARG R 110 48.94 -10.67 13.31
N ASN R 111 49.53 -11.84 13.52
CA ASN R 111 48.79 -12.94 14.15
C ASN R 111 48.43 -12.59 15.59
N PHE R 112 49.37 -11.99 16.33
CA PHE R 112 49.09 -11.61 17.70
C PHE R 112 47.99 -10.55 17.77
N LEU R 113 48.05 -9.56 16.88
CA LEU R 113 47.02 -8.53 16.83
C LEU R 113 45.68 -9.13 16.40
N GLU R 114 45.71 -10.06 15.44
CA GLU R 114 44.47 -10.69 14.99
C GLU R 114 43.87 -11.55 16.10
N SER R 115 44.72 -12.20 16.90
CA SER R 115 44.22 -13.05 17.98
C SER R 115 43.45 -12.25 19.02
N ILE R 116 43.96 -11.07 19.38
CA ILE R 116 43.29 -10.28 20.40
C ILE R 116 42.09 -9.52 19.85
N LEU R 117 42.02 -9.30 18.53
CA LEU R 117 40.89 -8.57 17.97
C LEU R 117 39.64 -9.46 17.90
N THR R 118 39.82 -10.75 17.66
CA THR R 118 38.69 -11.65 17.52
C THR R 118 38.17 -12.15 18.88
N ARG R 119 39.04 -12.77 19.67
CA ARG R 119 38.63 -13.31 20.96
C ARG R 119 38.20 -12.22 21.93
N LEU R 120 38.85 -11.08 21.92
CA LEU R 120 38.61 -10.01 22.89
C LEU R 120 37.85 -8.88 22.20
N LYS R 121 36.79 -8.41 22.87
CA LYS R 121 35.92 -7.40 22.28
C LYS R 121 36.62 -6.04 22.23
N TYR R 122 36.53 -5.39 21.08
CA TYR R 122 37.10 -4.07 20.87
C TYR R 122 36.00 -3.02 20.77
N VAL R 123 36.39 -1.75 20.86
CA VAL R 123 35.48 -0.62 20.80
C VAL R 123 35.90 0.27 19.64
N GLU R 124 34.96 0.58 18.76
CA GLU R 124 35.21 1.46 17.64
C GLU R 124 35.04 2.92 18.07
N PHE R 125 35.92 3.78 17.55
CA PHE R 125 35.88 5.21 17.85
C PHE R 125 35.86 5.99 16.54
N ASP R 126 35.04 7.04 16.48
CA ASP R 126 34.93 7.88 15.29
C ASP R 126 34.98 9.34 15.70
N PRO R 127 35.81 10.16 15.05
CA PRO R 127 35.88 11.58 15.42
C PRO R 127 34.59 12.35 15.18
N HIS R 128 33.70 11.83 14.35
CA HIS R 128 32.44 12.53 14.09
C HIS R 128 31.51 12.45 15.29
N ASN R 129 31.21 11.24 15.76
CA ASN R 129 30.20 11.03 16.81
C ASN R 129 30.87 10.87 18.17
N MET R 130 31.25 12.01 18.75
CA MET R 130 31.86 12.01 20.08
C MET R 130 30.89 11.49 21.15
N THR R 131 29.63 11.91 21.10
CA THR R 131 28.69 11.56 22.16
C THR R 131 28.49 10.05 22.26
N ARG R 132 28.33 9.38 21.13
CA ARG R 132 28.15 7.93 21.16
C ARG R 132 29.49 7.22 21.33
N SER R 133 30.58 7.78 20.81
CA SER R 133 31.89 7.17 21.01
C SER R 133 32.27 7.19 22.49
N LEU R 134 32.06 8.32 23.15
CA LEU R 134 32.41 8.41 24.58
C LEU R 134 31.58 7.44 25.40
N GLY R 135 30.29 7.31 25.09
CA GLY R 135 29.46 6.38 25.81
C GLY R 135 29.88 4.93 25.62
N SER R 136 30.25 4.56 24.38
CA SER R 136 30.66 3.19 24.12
C SER R 136 31.95 2.85 24.86
N VAL R 137 32.90 3.77 24.90
CA VAL R 137 34.13 3.54 25.65
C VAL R 137 33.83 3.38 27.13
N ALA R 138 32.98 4.25 27.69
CA ALA R 138 32.59 4.12 29.07
C ALA R 138 31.83 2.82 29.32
N GLU R 139 30.96 2.44 28.39
CA GLU R 139 30.18 1.22 28.56
C GLU R 139 31.09 0.00 28.63
N ALA R 140 32.10 -0.07 27.76
CA ALA R 140 33.03 -1.19 27.80
C ALA R 140 33.79 -1.23 29.11
N LEU R 141 34.20 -0.06 29.62
CA LEU R 141 34.87 -0.01 30.91
C LEU R 141 33.96 -0.50 32.02
N TRP R 142 32.69 -0.12 31.97
CA TRP R 142 31.72 -0.44 33.01
C TRP R 142 30.96 -1.74 32.79
N GLN R 143 31.14 -2.41 31.64
CA GLN R 143 30.28 -3.54 31.31
C GLN R 143 30.45 -4.68 32.31
N ASN R 144 31.69 -5.07 32.58
CA ASN R 144 31.98 -6.12 33.54
C ASN R 144 32.31 -5.59 34.92
N GLU R 145 31.76 -4.43 35.27
CA GLU R 145 32.02 -3.76 36.53
C GLU R 145 30.77 -3.77 37.40
N ALA R 146 30.97 -3.45 38.68
CA ALA R 146 29.89 -3.28 39.65
C ALA R 146 29.23 -1.93 39.46
N VAL R 147 28.53 -1.45 40.48
CA VAL R 147 27.64 -0.28 40.42
C VAL R 147 28.21 0.83 39.54
N ARG R 148 27.38 1.34 38.63
CA ARG R 148 27.80 2.28 37.60
C ARG R 148 28.15 3.63 38.23
N PHE R 149 28.51 4.57 37.35
CA PHE R 149 28.75 5.95 37.76
C PHE R 149 28.60 6.83 36.51
N GLU R 150 27.49 7.56 36.43
CA GLU R 150 27.31 8.49 35.34
C GLU R 150 28.22 9.70 35.52
N PRO R 151 28.62 10.35 34.43
CA PRO R 151 29.43 11.57 34.56
C PRO R 151 28.70 12.63 35.37
N ILE R 152 29.46 13.39 36.14
CA ILE R 152 28.89 14.41 37.01
C ILE R 152 28.22 15.48 36.18
N ARG R 153 26.98 15.82 36.54
CA ARG R 153 26.20 16.83 35.83
C ARG R 153 26.03 18.04 36.74
N MET R 154 26.34 19.22 36.21
CA MET R 154 26.18 20.47 36.94
C MET R 154 24.81 21.05 36.58
N ILE R 155 23.84 20.83 37.46
CA ILE R 155 22.48 21.27 37.23
C ILE R 155 22.10 22.30 38.29
N LYS R 156 21.00 22.99 38.04
CA LYS R 156 20.46 23.99 38.96
C LYS R 156 18.98 23.71 39.17
N VAL R 157 18.57 23.61 40.43
CA VAL R 157 17.20 23.25 40.78
C VAL R 157 16.66 24.30 41.74
N ASN R 158 15.50 24.88 41.40
CA ASN R 158 14.79 25.82 42.27
C ASN R 158 15.70 26.97 42.72
N GLY R 159 16.52 27.46 41.80
CA GLY R 159 17.43 28.53 42.08
C GLY R 159 18.73 28.13 42.77
N THR R 160 18.90 26.85 43.05
CA THR R 160 20.10 26.33 43.72
C THR R 160 20.86 25.43 42.78
N GLU R 161 22.16 25.68 42.64
CA GLU R 161 23.02 24.90 41.75
C GLU R 161 23.74 23.82 42.54
N LEU R 162 23.90 22.65 41.93
CA LEU R 162 24.57 21.53 42.57
C LEU R 162 25.05 20.57 41.49
N GLN R 163 26.00 19.72 41.85
CA GLN R 163 26.50 18.68 40.97
C GLN R 163 25.94 17.34 41.43
N VAL R 164 25.32 16.62 40.50
CA VAL R 164 24.65 15.36 40.81
C VAL R 164 25.62 14.22 40.56
N VAL R 165 25.47 13.16 41.36
CA VAL R 165 26.29 11.96 41.24
C VAL R 165 25.32 10.79 41.09
N GLU R 166 25.03 10.42 39.86
CA GLU R 166 24.08 9.34 39.56
C GLU R 166 24.85 8.05 39.32
N PHE R 167 24.41 6.99 40.00
CA PHE R 167 25.01 5.67 39.84
C PHE R 167 23.92 4.63 39.63
N LYS R 168 24.21 3.64 38.79
CA LYS R 168 23.30 2.54 38.52
C LYS R 168 23.92 1.24 39.00
N ILE R 169 23.08 0.37 39.56
CA ILE R 169 23.52 -0.93 40.07
C ILE R 169 23.07 -1.99 39.07
N PRO R 170 23.98 -2.69 38.38
CA PRO R 170 23.56 -3.79 37.53
C PRO R 170 22.79 -4.83 38.32
N GLY R 171 21.75 -5.38 37.70
CA GLY R 171 20.86 -6.23 38.46
C GLY R 171 20.07 -5.40 39.47
N SER R 172 19.87 -5.96 40.65
CA SER R 172 19.15 -5.26 41.69
C SER R 172 19.85 -5.35 43.04
N ASN R 173 20.73 -6.34 43.20
CA ASN R 173 21.38 -6.61 44.46
C ASN R 173 22.90 -6.56 44.32
N LEU R 174 23.58 -6.33 45.43
CA LEU R 174 25.02 -6.31 45.53
C LEU R 174 25.48 -7.29 46.60
N PRO R 175 26.72 -7.77 46.52
CA PRO R 175 27.26 -8.60 47.61
C PRO R 175 27.29 -7.81 48.91
N VAL R 176 27.10 -8.53 50.01
CA VAL R 176 27.05 -7.88 51.32
C VAL R 176 28.39 -7.23 51.64
N ASP R 177 29.49 -7.88 51.27
CA ASP R 177 30.84 -7.37 51.50
C ASP R 177 31.40 -6.65 50.28
N PHE R 178 30.55 -5.98 49.50
CA PHE R 178 31.00 -5.31 48.29
C PHE R 178 32.01 -4.21 48.61
N LEU R 179 31.75 -3.42 49.66
CA LEU R 179 32.64 -2.33 50.01
C LEU R 179 34.04 -2.81 50.39
N HIS R 180 34.18 -4.07 50.80
CA HIS R 180 35.48 -4.59 51.18
C HIS R 180 36.44 -4.60 50.00
N HIS R 181 35.95 -5.00 48.83
CA HIS R 181 36.80 -5.14 47.65
C HIS R 181 36.75 -3.93 46.72
N TRP R 182 35.97 -2.91 47.06
CA TRP R 182 35.88 -1.74 46.21
C TRP R 182 37.12 -0.87 46.34
N ASP R 183 37.40 -0.10 45.30
CA ASP R 183 38.56 0.78 45.23
C ASP R 183 38.18 2.18 44.76
N LEU R 184 37.09 2.71 45.31
CA LEU R 184 36.53 3.96 44.78
C LEU R 184 36.41 4.97 45.92
N LYS R 185 37.50 5.16 46.66
CA LYS R 185 37.52 6.20 47.67
C LYS R 185 37.30 7.56 47.01
N ILE R 186 36.60 8.44 47.72
CA ILE R 186 36.08 9.67 47.12
C ILE R 186 37.01 10.86 47.29
N GLU R 187 37.74 10.95 48.40
CA GLU R 187 38.48 12.17 48.74
C GLU R 187 39.50 12.57 47.70
N ASP R 188 39.96 11.66 46.84
CA ASP R 188 40.90 12.00 45.79
C ASP R 188 40.22 12.54 44.54
N PHE R 189 38.89 12.62 44.53
CA PHE R 189 38.16 13.20 43.41
C PHE R 189 37.52 14.54 43.75
N ILE R 190 37.88 15.12 44.91
CA ILE R 190 37.34 16.40 45.35
C ILE R 190 38.39 17.47 45.13
N ALA R 191 38.03 18.49 44.36
CA ALA R 191 38.95 19.59 44.11
C ALA R 191 39.18 20.41 45.37
N THR R 192 40.42 20.84 45.57
CA THR R 192 40.78 21.63 46.74
C THR R 192 40.70 23.13 46.50
N SER R 193 40.85 23.58 45.26
CA SER R 193 40.77 24.98 44.91
C SER R 193 39.86 25.15 43.69
N PRO R 194 39.21 26.30 43.55
CA PRO R 194 38.27 26.48 42.44
C PRO R 194 38.88 26.27 41.07
N ASN R 195 40.12 26.73 40.85
CA ASN R 195 40.75 26.55 39.55
C ASN R 195 41.22 25.13 39.31
N GLU R 196 41.56 24.39 40.37
CA GLU R 196 42.05 23.04 40.23
C GLU R 196 40.91 22.14 39.75
N GLN R 197 41.17 21.32 38.73
CA GLN R 197 40.12 20.57 38.05
C GLN R 197 40.02 19.17 38.62
N LYS R 198 38.82 18.80 39.07
CA LYS R 198 38.50 17.48 39.55
C LYS R 198 37.05 17.18 39.21
N PRO R 199 36.63 15.91 39.24
CA PRO R 199 35.22 15.61 38.96
C PRO R 199 34.26 16.33 39.90
N VAL R 200 34.65 16.55 41.15
CA VAL R 200 33.81 17.24 42.13
C VAL R 200 34.30 18.67 42.25
N LYS R 201 33.44 19.63 41.94
CA LYS R 201 33.81 21.03 42.02
C LYS R 201 33.97 21.47 43.47
N PHE R 202 34.78 22.51 43.67
CA PHE R 202 35.09 22.97 45.01
C PHE R 202 33.92 23.76 45.60
N ASP R 203 33.46 23.34 46.79
CA ASP R 203 32.49 24.05 47.60
C ASP R 203 31.12 23.96 46.94
N VAL R 204 31.04 23.37 45.74
CA VAL R 204 29.76 23.23 45.06
C VAL R 204 28.95 22.12 45.73
N PRO R 205 27.66 22.32 45.97
CA PRO R 205 26.85 21.27 46.59
C PRO R 205 26.85 19.99 45.75
N VAL R 206 26.86 18.85 46.41
CA VAL R 206 26.90 17.55 45.78
C VAL R 206 25.61 16.80 46.11
N ALA R 207 25.04 16.13 45.12
CA ALA R 207 23.82 15.36 45.27
C ALA R 207 24.04 13.93 44.82
N LEU R 208 23.43 12.98 45.51
CA LEU R 208 23.51 11.58 45.16
C LEU R 208 22.17 11.10 44.60
N TYR R 209 22.21 10.43 43.47
CA TYR R 209 21.01 10.02 42.75
C TYR R 209 21.14 8.54 42.37
N GLY R 210 20.02 7.83 42.44
CA GLY R 210 19.98 6.44 42.06
C GLY R 210 19.56 5.54 43.20
N PRO R 211 18.82 4.48 42.87
CA PRO R 211 18.35 3.57 43.91
C PRO R 211 19.46 2.64 44.37
N GLY R 212 19.58 2.48 45.69
CA GLY R 212 20.60 1.64 46.26
C GLY R 212 20.39 1.39 47.74
N PRO R 213 21.24 0.54 48.32
CA PRO R 213 21.10 0.21 49.74
C PRO R 213 21.50 1.38 50.62
N ASN R 214 21.07 1.31 51.88
CA ASN R 214 21.34 2.39 52.83
C ASN R 214 22.83 2.53 53.10
N TRP R 215 23.55 1.42 53.19
CA TRP R 215 24.98 1.51 53.50
C TRP R 215 25.76 2.13 52.36
N LEU R 216 25.32 1.92 51.11
CA LEU R 216 25.98 2.56 49.98
C LEU R 216 25.87 4.08 50.08
N TYR R 217 24.71 4.59 50.49
CA TYR R 217 24.55 6.03 50.63
C TYR R 217 25.41 6.57 51.77
N ALA R 218 25.40 5.89 52.92
CA ALA R 218 26.19 6.34 54.05
C ALA R 218 27.68 6.34 53.74
N PHE R 219 28.14 5.31 53.02
CA PHE R 219 29.54 5.23 52.64
C PHE R 219 29.96 6.37 51.72
N LEU R 220 29.02 6.95 50.96
CA LEU R 220 29.36 8.01 50.02
C LEU R 220 29.30 9.40 50.64
N THR R 221 28.31 9.66 51.50
CA THR R 221 28.19 10.99 52.11
C THR R 221 29.24 11.21 53.19
N LEU R 222 29.68 10.14 53.86
CA LEU R 222 30.58 10.29 55.00
C LEU R 222 31.88 11.00 54.65
N PRO R 223 32.58 10.68 53.56
CA PRO R 223 33.81 11.42 53.23
C PRO R 223 33.58 12.89 52.92
N PHE R 224 32.35 13.32 52.69
CA PHE R 224 32.06 14.68 52.27
C PHE R 224 31.97 15.65 53.44
N LYS R 225 32.16 15.21 54.67
CA LYS R 225 32.14 16.12 55.80
C LYS R 225 33.31 17.10 55.70
N ASN R 226 33.05 18.36 56.05
CA ASN R 226 33.99 19.47 56.00
C ASN R 226 34.45 19.78 54.58
N ARG R 227 33.81 19.19 53.57
CA ARG R 227 34.19 19.45 52.18
C ARG R 227 33.08 20.15 51.40
N ASN R 228 31.89 19.56 51.34
CA ASN R 228 30.78 20.14 50.57
C ASN R 228 29.47 19.78 51.24
N THR R 229 28.44 20.56 50.93
CA THR R 229 27.08 20.20 51.33
C THR R 229 26.63 18.97 50.54
N VAL R 230 25.88 18.11 51.21
CA VAL R 230 25.43 16.84 50.62
C VAL R 230 23.92 16.89 50.46
N PHE R 231 23.44 16.49 49.29
CA PHE R 231 22.02 16.36 49.00
C PHE R 231 21.70 14.92 48.67
N VAL R 232 20.54 14.47 49.12
CA VAL R 232 20.11 13.08 48.94
C VAL R 232 18.76 13.08 48.22
N PHE R 233 18.63 12.20 47.23
CA PHE R 233 17.40 12.07 46.47
C PHE R 233 16.55 10.95 47.06
N ASN R 234 15.32 11.28 47.44
CA ASN R 234 14.38 10.31 47.98
C ASN R 234 13.24 10.10 47.00
N SER R 235 13.01 8.84 46.63
CA SER R 235 11.98 8.51 45.66
C SER R 235 10.56 8.63 46.20
N ARG R 236 10.40 8.76 47.53
CA ARG R 236 9.06 8.90 48.10
C ARG R 236 8.37 10.16 47.59
N THR R 237 9.11 11.26 47.51
CA THR R 237 8.58 12.52 46.99
C THR R 237 9.34 13.03 45.78
N SER R 238 10.32 12.26 45.29
CA SER R 238 11.11 12.63 44.12
C SER R 238 11.76 14.00 44.28
N GLU R 239 12.34 14.24 45.45
CA GLU R 239 12.93 15.52 45.78
C GLU R 239 14.28 15.32 46.45
N TYR R 240 15.14 16.33 46.33
CA TYR R 240 16.45 16.30 46.98
C TYR R 240 16.35 16.82 48.41
N ILE R 241 17.07 16.17 49.31
CA ILE R 241 17.04 16.50 50.73
C ILE R 241 18.45 16.84 51.17
N CYS R 242 18.60 17.96 51.87
CA CYS R 242 19.90 18.41 52.38
C CYS R 242 20.17 17.77 53.74
N VAL R 243 21.35 17.17 53.87
CA VAL R 243 21.76 16.53 55.11
C VAL R 243 22.92 17.29 55.77
N TYR R 244 23.80 17.88 54.98
CA TYR R 244 24.94 18.63 55.49
C TYR R 244 24.84 20.06 54.96
N SER R 245 25.05 21.03 55.84
CA SER R 245 25.02 22.44 55.51
C SER R 245 26.38 23.06 55.86
N LYS R 246 27.30 23.00 54.91
CA LYS R 246 28.63 23.56 55.06
C LYS R 246 28.75 24.97 54.52
N SER R 247 27.68 25.52 53.93
CA SER R 247 27.72 26.85 53.34
C SER R 247 26.49 27.63 53.78
N ALA R 248 26.61 28.95 53.73
CA ALA R 248 25.51 29.83 54.11
C ALA R 248 24.37 29.72 53.10
N GLY R 249 23.15 29.95 53.60
CA GLY R 249 21.96 29.87 52.77
C GLY R 249 21.40 28.47 52.62
N LEU R 250 22.05 27.47 53.18
CA LEU R 250 21.59 26.08 53.11
C LEU R 250 21.35 25.56 54.52
N ALA R 251 20.21 24.91 54.72
CA ALA R 251 19.88 24.34 56.00
C ALA R 251 19.67 22.83 55.88
N PRO R 252 20.06 22.05 56.88
CA PRO R 252 19.86 20.59 56.80
C PRO R 252 18.38 20.22 56.83
N GLY R 253 17.87 19.68 55.72
CA GLY R 253 16.47 19.35 55.60
C GLY R 253 15.73 20.16 54.56
N MET R 254 16.37 21.13 53.92
CA MET R 254 15.72 21.89 52.86
C MET R 254 15.45 20.99 51.66
N VAL R 255 14.26 21.13 51.09
CA VAL R 255 13.80 20.26 50.02
C VAL R 255 13.78 21.04 48.71
N LEU R 256 14.33 20.44 47.66
CA LEU R 256 14.32 21.00 46.33
C LEU R 256 13.43 20.15 45.43
N LYS R 257 12.44 20.78 44.80
CA LYS R 257 11.49 20.07 43.97
C LYS R 257 12.15 19.69 42.64
N GLY R 258 12.27 18.40 42.39
CA GLY R 258 12.86 17.91 41.16
C GLY R 258 11.94 18.03 39.96
N PRO S 2 15.97 16.08 71.70
CA PRO S 2 15.25 17.10 72.48
C PRO S 2 15.91 17.37 73.82
N GLN S 3 15.96 18.64 74.22
CA GLN S 3 16.52 19.04 75.51
C GLN S 3 15.46 18.88 76.57
N ALA S 4 15.88 18.65 77.82
CA ALA S 4 14.98 18.48 78.93
C ALA S 4 15.47 19.28 80.13
N PHE S 5 14.53 19.91 80.85
CA PHE S 5 14.83 20.64 82.07
C PHE S 5 14.28 19.86 83.25
N PHE S 6 15.14 19.57 84.22
CA PHE S 6 14.76 18.76 85.37
C PHE S 6 14.47 19.68 86.56
N SER S 7 13.21 19.72 86.96
CA SER S 7 12.78 20.46 88.15
C SER S 7 12.52 19.47 89.27
N HIS S 8 13.28 19.57 90.35
CA HIS S 8 13.22 18.59 91.42
C HIS S 8 13.75 19.20 92.71
N ASN S 9 13.43 18.55 93.83
CA ASN S 9 13.97 18.92 95.12
C ASN S 9 15.23 18.10 95.42
N ASN S 10 16.05 18.61 96.35
CA ASN S 10 17.30 17.95 96.66
C ASN S 10 17.14 16.61 97.35
N LYS S 11 15.98 16.36 97.96
CA LYS S 11 15.78 15.07 98.64
C LYS S 11 15.61 13.94 97.63
N ASP S 12 14.90 14.19 96.54
CA ASP S 12 14.72 13.22 95.47
C ASP S 12 15.84 13.30 94.42
N LYS S 13 17.00 13.82 94.81
CA LYS S 13 18.11 13.93 93.86
C LYS S 13 18.58 12.56 93.38
N LYS S 14 18.66 11.59 94.29
CA LYS S 14 19.25 10.29 93.95
C LYS S 14 18.52 9.63 92.80
N ILE S 15 17.19 9.68 92.80
CA ILE S 15 16.41 9.07 91.73
C ILE S 15 16.49 9.89 90.44
N VAL S 16 16.89 11.16 90.52
CA VAL S 16 16.81 12.04 89.36
C VAL S 16 17.91 11.72 88.35
N LEU S 17 19.16 11.62 88.83
CA LEU S 17 20.26 11.37 87.89
C LEU S 17 20.13 10.03 87.21
N GLU S 18 19.75 8.98 87.95
CA GLU S 18 19.57 7.68 87.34
C GLU S 18 18.42 7.69 86.34
N VAL S 19 17.38 8.49 86.60
CA VAL S 19 16.37 8.75 85.58
C VAL S 19 16.99 9.58 84.46
N LEU S 20 17.77 10.59 84.81
CA LEU S 20 18.43 11.42 83.80
C LEU S 20 19.42 10.60 82.98
N GLU S 21 20.19 9.73 83.64
CA GLU S 21 21.15 8.90 82.93
C GLU S 21 20.46 8.01 81.91
N HIS S 22 19.33 7.42 82.29
CA HIS S 22 18.56 6.63 81.33
C HIS S 22 18.07 7.49 80.18
N LEU S 23 17.61 8.71 80.49
CA LEU S 23 17.23 9.64 79.42
C LEU S 23 18.43 10.02 78.55
N ARG S 24 19.59 10.25 79.17
CA ARG S 24 20.78 10.58 78.39
C ARG S 24 21.17 9.42 77.47
N GLN S 25 21.08 8.19 77.98
CA GLN S 25 21.32 7.01 77.14
C GLN S 25 20.34 6.93 75.97
N SER S 26 19.17 7.56 76.09
CA SER S 26 18.20 7.60 75.02
C SER S 26 18.40 8.79 74.09
N LEU S 27 19.63 9.32 74.02
CA LEU S 27 19.96 10.44 73.14
C LEU S 27 19.09 11.65 73.42
N VAL S 28 18.82 11.92 74.70
CA VAL S 28 18.01 13.07 75.10
C VAL S 28 18.92 14.05 75.82
N ALA S 29 19.03 15.26 75.27
CA ALA S 29 19.74 16.33 75.96
C ALA S 29 19.00 16.72 77.22
N THR S 30 19.73 17.00 78.28
CA THR S 30 19.15 17.37 79.57
C THR S 30 19.96 18.48 80.23
N TRP S 31 19.25 19.37 80.92
CA TRP S 31 19.85 20.51 81.60
C TRP S 31 19.40 20.45 83.06
N ILE S 32 20.35 20.44 83.98
CA ILE S 32 20.03 20.40 85.40
C ILE S 32 20.11 21.77 86.04
N ASP S 33 21.31 22.34 86.08
CA ASP S 33 21.53 23.72 86.51
C ASP S 33 22.70 24.33 85.74
N SER S 42 19.04 28.94 86.12
CA SER S 42 17.69 28.53 86.51
C SER S 42 17.09 27.60 85.46
N LEU S 43 15.76 27.56 85.40
CA LEU S 43 15.06 26.71 84.45
C LEU S 43 14.04 27.51 83.66
N ILE S 44 13.90 28.80 83.99
CA ILE S 44 12.84 29.60 83.39
C ILE S 44 13.34 30.31 82.13
N GLN S 45 14.49 30.99 82.23
CA GLN S 45 14.93 31.86 81.15
C GLN S 45 15.48 31.11 79.95
N GLN S 46 15.96 29.87 80.11
CA GLN S 46 16.40 29.12 78.93
C GLN S 46 15.23 28.50 78.18
N ILE S 47 14.00 28.70 78.66
CA ILE S 47 12.84 28.09 78.00
C ILE S 47 12.69 28.61 76.58
N ILE S 48 12.78 29.93 76.41
CA ILE S 48 12.56 30.54 75.09
C ILE S 48 13.92 30.55 74.39
N ALA S 49 14.24 29.40 73.78
CA ALA S 49 15.48 29.24 73.04
C ALA S 49 15.39 28.06 72.08
N GLY S 50 15.74 28.27 70.83
CA GLY S 50 15.71 27.19 69.84
C GLY S 50 14.46 27.25 68.99
N ILE S 51 13.70 26.17 68.97
CA ILE S 51 12.53 26.03 68.12
C ILE S 51 11.30 25.87 69.00
N SER S 52 10.12 25.94 68.37
CA SER S 52 8.87 25.76 69.09
C SER S 52 8.82 24.43 69.84
N LYS S 53 9.48 23.40 69.32
CA LYS S 53 9.76 22.19 70.08
C LYS S 53 10.89 22.48 71.07
N SER S 54 10.56 23.32 72.05
CA SER S 54 11.56 23.81 73.00
C SER S 54 12.12 22.70 73.87
N GLN S 55 11.28 22.12 74.72
CA GLN S 55 11.71 21.11 75.69
C GLN S 55 10.46 20.58 76.38
N TYR S 56 10.65 19.55 77.22
CA TYR S 56 9.59 19.00 78.06
C TYR S 56 9.96 19.21 79.51
N PHE S 57 9.03 19.75 80.29
CA PHE S 57 9.26 20.01 81.71
C PHE S 57 9.00 18.76 82.53
N LEU S 58 10.01 18.31 83.25
CA LEU S 58 9.90 17.15 84.14
C LEU S 58 9.70 17.67 85.56
N ALA S 59 8.43 17.76 85.97
CA ALA S 59 8.10 18.22 87.32
C ALA S 59 8.11 17.02 88.25
N PHE S 60 9.19 16.87 89.01
CA PHE S 60 9.35 15.74 89.92
C PHE S 60 8.51 16.01 91.18
N LEU S 61 7.21 15.79 91.04
CA LEU S 61 6.30 16.00 92.15
C LEU S 61 6.51 14.95 93.23
N SER S 62 6.61 15.40 94.48
CA SER S 62 6.81 14.52 95.62
C SER S 62 6.29 15.23 96.86
N ASN S 63 6.11 14.46 97.93
CA ASN S 63 5.57 15.03 99.16
C ASN S 63 6.45 16.14 99.70
N GLU S 64 7.78 15.95 99.66
CA GLU S 64 8.69 17.01 100.07
C GLU S 64 8.75 18.11 99.02
N TYR S 65 8.62 17.74 97.74
CA TYR S 65 8.73 18.73 96.67
C TYR S 65 7.63 19.78 96.78
N LEU S 66 6.43 19.37 97.22
CA LEU S 66 5.32 20.29 97.39
C LEU S 66 5.53 21.25 98.56
N LYS S 67 6.47 20.97 99.46
CA LYS S 67 6.72 21.82 100.62
C LYS S 67 7.73 22.92 100.34
N SER S 68 8.31 22.95 99.14
CA SER S 68 9.34 23.93 98.78
C SER S 68 8.71 25.04 97.94
N ASP S 69 8.63 26.24 98.53
CA ASP S 69 7.96 27.34 97.84
C ASP S 69 8.67 27.73 96.56
N TRP S 70 10.01 27.76 96.58
CA TRP S 70 10.77 28.15 95.39
C TRP S 70 10.56 27.15 94.26
N CYS S 71 10.09 25.94 94.58
CA CYS S 71 9.77 24.98 93.53
C CYS S 71 8.43 25.29 92.86
N TRP S 72 7.48 25.87 93.60
CA TRP S 72 6.15 26.11 93.03
C TRP S 72 6.16 27.21 91.98
N ASP S 73 6.80 28.35 92.27
CA ASP S 73 6.78 29.44 91.29
C ASP S 73 7.47 29.03 90.00
N GLU S 74 8.52 28.20 90.09
CA GLU S 74 9.11 27.64 88.89
C GLU S 74 8.09 26.81 88.13
N LEU S 75 7.30 26.00 88.84
CA LEU S 75 6.24 25.24 88.20
C LEU S 75 5.14 26.15 87.67
N GLU S 76 4.82 27.21 88.40
CA GLU S 76 3.73 28.10 87.99
C GLU S 76 4.06 28.81 86.68
N GLN S 77 5.26 29.39 86.59
CA GLN S 77 5.67 30.03 85.34
C GLN S 77 5.84 29.01 84.22
N ALA S 78 6.28 27.79 84.57
CA ALA S 78 6.40 26.74 83.56
C ALA S 78 5.04 26.41 82.95
N TYR S 79 4.01 26.31 83.79
CA TYR S 79 2.66 26.12 83.27
C TYR S 79 2.14 27.41 82.63
N ALA S 80 2.53 28.57 83.18
CA ALA S 80 2.06 29.83 82.65
C ALA S 80 2.41 29.96 81.16
N LEU S 81 3.67 29.70 80.81
CA LEU S 81 4.05 29.70 79.40
C LEU S 81 3.64 28.43 78.68
N HIS S 82 3.28 27.38 79.40
CA HIS S 82 2.81 26.15 78.76
C HIS S 82 1.49 26.37 78.05
N GLN S 83 0.66 27.29 78.56
CA GLN S 83 -0.60 27.59 77.90
C GLN S 83 -0.38 28.21 76.52
N LYS S 84 0.68 29.00 76.36
CA LYS S 84 1.05 29.49 75.04
C LYS S 84 1.59 28.39 74.14
N GLY S 85 1.83 27.19 74.67
CA GLY S 85 2.27 26.07 73.89
C GLY S 85 3.75 25.99 73.62
N LYS S 86 4.55 26.87 74.22
CA LYS S 86 5.99 26.82 73.99
C LYS S 86 6.60 25.55 74.55
N VAL S 87 6.20 25.17 75.78
CA VAL S 87 6.76 24.01 76.46
C VAL S 87 5.62 23.20 77.07
N LYS S 88 5.75 21.88 76.99
CA LYS S 88 4.81 20.96 77.63
C LYS S 88 5.44 20.37 78.87
N ILE S 89 4.62 20.19 79.91
CA ILE S 89 5.07 19.71 81.21
C ILE S 89 4.61 18.28 81.37
N ILE S 90 5.52 17.41 81.82
CA ILE S 90 5.17 16.03 82.15
C ILE S 90 5.34 15.84 83.65
N PRO S 91 4.26 15.86 84.43
CA PRO S 91 4.39 15.73 85.88
C PRO S 91 4.64 14.27 86.27
N ILE S 92 5.81 14.03 86.85
CA ILE S 92 6.20 12.70 87.30
C ILE S 92 6.07 12.65 88.82
N LEU S 93 5.31 11.67 89.32
CA LEU S 93 5.05 11.55 90.74
C LEU S 93 6.03 10.54 91.34
N LEU S 94 6.85 10.99 92.28
CA LEU S 94 7.68 10.07 93.05
C LEU S 94 6.81 9.14 93.88
N THR S 95 5.76 9.67 94.49
CA THR S 95 4.80 8.91 95.27
C THR S 95 3.47 8.86 94.53
N ASN S 96 2.68 7.83 94.81
CA ASN S 96 1.42 7.64 94.12
C ASN S 96 0.44 8.77 94.48
N ARG S 97 -0.59 8.91 93.63
CA ARG S 97 -1.56 9.98 93.80
C ARG S 97 -2.33 9.86 95.11
N ALA S 98 -2.52 8.63 95.59
CA ALA S 98 -3.36 8.41 96.76
C ALA S 98 -2.80 9.09 98.01
N GLN S 99 -1.49 9.00 98.22
CA GLN S 99 -0.87 9.51 99.43
C GLN S 99 -0.28 10.91 99.25
N LEU S 100 -0.59 11.59 98.15
CA LEU S 100 -0.15 12.96 97.97
C LEU S 100 -0.83 13.86 98.98
N ASP S 101 -0.04 14.51 99.83
CA ASP S 101 -0.56 15.32 100.94
C ASP S 101 -1.00 16.67 100.41
N LEU S 102 -2.24 16.71 99.93
CA LEU S 102 -2.82 17.95 99.41
C LEU S 102 -3.35 18.86 100.51
N ASN S 103 -3.53 18.34 101.72
CA ASN S 103 -4.15 19.12 102.79
C ASN S 103 -3.29 20.32 103.20
N ALA S 104 -1.97 20.12 103.27
CA ALA S 104 -1.09 21.20 103.72
C ALA S 104 -1.07 22.36 102.73
N LEU S 105 -1.33 22.08 101.46
CA LEU S 105 -1.31 23.13 100.44
C LEU S 105 -2.49 24.07 100.60
N THR S 106 -2.30 25.32 100.17
CA THR S 106 -3.35 26.32 100.25
C THR S 106 -4.42 26.05 99.20
N ASP S 107 -5.52 26.80 99.28
CA ASP S 107 -6.65 26.59 98.38
C ASP S 107 -6.26 26.86 96.93
N ALA S 108 -5.49 27.92 96.69
CA ALA S 108 -5.01 28.21 95.33
C ALA S 108 -4.08 27.11 94.84
N ARG S 109 -3.20 26.61 95.72
CA ARG S 109 -2.22 25.62 95.31
C ARG S 109 -2.87 24.27 95.06
N ARG S 110 -3.86 23.89 95.88
CA ARG S 110 -4.59 22.65 95.65
C ARG S 110 -5.36 22.69 94.34
N ASN S 111 -6.04 23.80 94.07
CA ASN S 111 -6.77 23.93 92.80
C ASN S 111 -5.80 23.95 91.63
N PHE S 112 -4.67 24.64 91.77
CA PHE S 112 -3.68 24.67 90.69
C PHE S 112 -3.13 23.27 90.42
N LEU S 113 -2.78 22.53 91.48
CA LEU S 113 -2.23 21.20 91.29
C LEU S 113 -3.27 20.23 90.75
N GLU S 114 -4.51 20.32 91.25
CA GLU S 114 -5.55 19.40 90.77
C GLU S 114 -5.88 19.65 89.32
N SER S 115 -5.80 20.91 88.87
CA SER S 115 -6.06 21.22 87.47
C SER S 115 -5.04 20.55 86.56
N ILE S 116 -3.77 20.57 86.94
CA ILE S 116 -2.74 19.97 86.11
C ILE S 116 -2.73 18.45 86.20
N LEU S 117 -3.18 17.89 87.33
CA LEU S 117 -3.12 16.45 87.51
C LEU S 117 -4.26 15.74 86.77
N THR S 118 -5.36 16.46 86.54
CA THR S 118 -6.53 15.86 85.89
C THR S 118 -6.51 16.05 84.38
N ARG S 119 -6.37 17.28 83.90
CA ARG S 119 -6.43 17.51 82.47
C ARG S 119 -5.15 17.08 81.76
N LEU S 120 -4.00 17.12 82.44
CA LEU S 120 -2.73 16.77 81.83
C LEU S 120 -2.30 15.41 82.36
N LYS S 121 -1.92 14.52 81.44
CA LYS S 121 -1.60 13.14 81.78
C LYS S 121 -0.36 13.09 82.68
N TYR S 122 -0.42 12.29 83.73
CA TYR S 122 0.65 12.14 84.70
C TYR S 122 1.32 10.77 84.56
N VAL S 123 2.50 10.64 85.17
CA VAL S 123 3.29 9.41 85.13
C VAL S 123 3.59 8.99 86.56
N GLU S 124 3.37 7.71 86.85
CA GLU S 124 3.63 7.16 88.18
C GLU S 124 5.02 6.54 88.24
N PHE S 125 5.70 6.74 89.37
CA PHE S 125 7.05 6.23 89.57
C PHE S 125 7.14 5.54 90.92
N ASP S 126 7.84 4.40 90.96
CA ASP S 126 8.05 3.68 92.21
C ASP S 126 9.50 3.19 92.32
N PRO S 127 10.06 3.18 93.54
CA PRO S 127 11.42 2.66 93.70
C PRO S 127 11.53 1.16 93.54
N HIS S 128 10.40 0.45 93.52
CA HIS S 128 10.44 -1.01 93.41
C HIS S 128 10.69 -1.43 91.96
N ASN S 129 9.77 -1.09 91.06
CA ASN S 129 9.85 -1.52 89.66
C ASN S 129 10.55 -0.45 88.83
N MET S 130 11.89 -0.53 88.81
CA MET S 130 12.67 0.38 87.98
C MET S 130 12.37 0.18 86.50
N THR S 131 12.31 -1.09 86.06
CA THR S 131 12.29 -1.36 84.62
C THR S 131 11.08 -0.73 83.94
N ARG S 132 9.90 -0.83 84.56
CA ARG S 132 8.73 -0.17 83.97
C ARG S 132 8.79 1.34 84.21
N SER S 133 9.46 1.75 85.29
CA SER S 133 9.48 3.16 85.66
C SER S 133 10.14 4.01 84.58
N LEU S 134 11.34 3.63 84.16
CA LEU S 134 12.00 4.37 83.07
C LEU S 134 11.22 4.23 81.77
N GLY S 135 10.73 3.02 81.48
CA GLY S 135 9.96 2.81 80.26
C GLY S 135 8.69 3.65 80.22
N SER S 136 7.97 3.71 81.35
CA SER S 136 6.80 4.58 81.42
C SER S 136 7.19 6.05 81.31
N VAL S 137 8.29 6.44 81.97
CA VAL S 137 8.75 7.82 81.89
C VAL S 137 9.23 8.14 80.48
N ALA S 138 10.02 7.25 79.88
CA ALA S 138 10.55 7.51 78.55
C ALA S 138 9.44 7.65 77.53
N GLU S 139 8.42 6.78 77.61
CA GLU S 139 7.29 6.87 76.69
C GLU S 139 6.60 8.23 76.81
N ALA S 140 6.61 8.82 78.00
CA ALA S 140 5.98 10.13 78.18
C ALA S 140 6.73 11.20 77.39
N LEU S 141 8.05 11.08 77.27
CA LEU S 141 8.78 11.96 76.37
C LEU S 141 8.42 11.69 74.91
N TRP S 142 8.40 10.42 74.54
CA TRP S 142 8.30 10.03 73.14
C TRP S 142 6.87 9.84 72.64
N GLN S 143 5.85 10.05 73.48
CA GLN S 143 4.49 9.84 73.01
C GLN S 143 4.09 10.91 71.99
N ASN S 144 4.50 12.16 72.22
CA ASN S 144 4.10 13.29 71.39
C ASN S 144 5.22 13.74 70.45
N GLU S 145 6.25 12.92 70.27
CA GLU S 145 7.45 13.33 69.56
C GLU S 145 7.54 12.61 68.22
N ALA S 146 8.48 13.06 67.39
CA ALA S 146 8.83 12.42 66.13
C ALA S 146 9.66 11.18 66.44
N VAL S 147 10.38 10.67 65.43
CA VAL S 147 11.12 9.41 65.54
C VAL S 147 11.79 9.28 66.91
N ARG S 148 11.63 8.11 67.52
CA ARG S 148 12.04 7.87 68.89
C ARG S 148 13.49 7.40 68.94
N PHE S 149 14.06 7.42 70.13
CA PHE S 149 15.41 6.90 70.37
C PHE S 149 15.39 5.97 71.57
N GLU S 150 15.88 4.75 71.37
CA GLU S 150 16.02 3.79 72.45
C GLU S 150 17.34 3.99 73.16
N PRO S 151 17.46 3.54 74.42
CA PRO S 151 18.74 3.63 75.11
C PRO S 151 19.82 2.87 74.36
N ILE S 152 21.04 3.42 74.40
CA ILE S 152 22.15 2.84 73.67
C ILE S 152 22.56 1.52 74.31
N ARG S 153 22.43 0.43 73.56
CA ARG S 153 22.78 -0.90 74.03
C ARG S 153 24.20 -1.23 73.58
N MET S 154 24.97 -1.85 74.46
CA MET S 154 26.39 -2.11 74.21
C MET S 154 26.55 -3.63 74.08
N ILE S 155 26.54 -4.11 72.83
CA ILE S 155 26.54 -5.53 72.56
C ILE S 155 27.84 -5.92 71.87
N LYS S 156 28.14 -7.21 71.91
CA LYS S 156 29.30 -7.78 71.22
C LYS S 156 28.81 -8.78 70.19
N VAL S 157 29.17 -8.57 68.94
CA VAL S 157 28.76 -9.42 67.83
C VAL S 157 30.01 -9.93 67.12
N ASN S 158 30.07 -11.24 66.90
CA ASN S 158 31.18 -11.88 66.20
C ASN S 158 32.52 -11.54 66.86
N GLY S 159 32.49 -11.39 68.19
CA GLY S 159 33.70 -11.07 68.92
C GLY S 159 34.19 -9.64 68.78
N THR S 160 33.34 -8.72 68.34
CA THR S 160 33.71 -7.33 68.16
C THR S 160 32.83 -6.45 69.04
N GLU S 161 33.47 -5.56 69.80
CA GLU S 161 32.72 -4.60 70.62
C GLU S 161 32.02 -3.58 69.74
N LEU S 162 30.79 -3.24 70.10
CA LEU S 162 29.97 -2.36 69.29
C LEU S 162 28.84 -1.79 70.14
N GLN S 163 28.35 -0.61 69.75
CA GLN S 163 27.19 0.00 70.37
C GLN S 163 26.18 0.35 69.29
N VAL S 164 24.89 0.25 69.62
CA VAL S 164 23.81 0.45 68.68
C VAL S 164 23.02 1.69 69.07
N VAL S 165 22.46 2.37 68.08
CA VAL S 165 21.57 3.50 68.29
C VAL S 165 20.24 3.15 67.63
N GLU S 166 19.28 2.73 68.43
CA GLU S 166 17.99 2.27 67.93
C GLU S 166 17.02 3.44 67.86
N PHE S 167 16.43 3.66 66.68
CA PHE S 167 15.42 4.69 66.50
C PHE S 167 14.23 4.11 65.77
N LYS S 168 13.03 4.51 66.18
CA LYS S 168 11.79 4.02 65.61
C LYS S 168 10.91 5.19 65.19
N ILE S 169 10.25 5.04 64.04
CA ILE S 169 9.43 6.10 63.46
C ILE S 169 7.96 5.74 63.67
N PRO S 170 7.18 6.56 64.36
CA PRO S 170 5.75 6.28 64.51
C PRO S 170 5.01 6.54 63.19
N GLY S 171 4.34 5.50 62.71
CA GLY S 171 3.59 5.59 61.46
C GLY S 171 4.40 5.32 60.21
N SER S 172 5.72 5.16 60.33
CA SER S 172 6.59 4.89 59.19
C SER S 172 6.45 5.97 58.11
N ASN S 173 6.30 7.22 58.54
CA ASN S 173 6.18 8.33 57.61
C ASN S 173 6.67 9.60 58.29
N LEU S 174 7.44 10.39 57.57
CA LEU S 174 8.01 11.62 58.11
C LEU S 174 7.78 12.78 57.15
N PRO S 175 7.75 14.00 57.67
CA PRO S 175 7.70 15.17 56.78
C PRO S 175 8.96 15.24 55.93
N VAL S 176 8.80 15.79 54.73
CA VAL S 176 9.94 15.90 53.80
C VAL S 176 11.02 16.79 54.39
N ASP S 177 10.61 17.89 55.03
CA ASP S 177 11.54 18.83 55.66
C ASP S 177 11.65 18.63 57.17
N PHE S 178 11.59 17.37 57.62
CA PHE S 178 11.63 17.11 59.06
C PHE S 178 12.95 17.54 59.68
N LEU S 179 14.06 17.32 58.97
CA LEU S 179 15.38 17.65 59.51
C LEU S 179 15.54 19.15 59.77
N HIS S 180 14.73 19.99 59.10
CA HIS S 180 14.87 21.44 59.28
C HIS S 180 14.56 21.85 60.71
N HIS S 181 13.51 21.29 61.30
CA HIS S 181 13.08 21.67 62.64
C HIS S 181 13.55 20.71 63.72
N TRP S 182 14.34 19.69 63.36
CA TRP S 182 14.81 18.71 64.33
C TRP S 182 15.98 19.29 65.11
N ASP S 183 15.81 19.47 66.41
CA ASP S 183 16.83 20.05 67.27
C ASP S 183 17.71 18.98 67.92
N LEU S 184 18.28 18.10 67.10
CA LEU S 184 19.16 17.05 67.58
C LEU S 184 20.53 17.22 66.92
N LYS S 185 21.48 17.77 67.67
CA LYS S 185 22.87 17.90 67.21
C LYS S 185 23.65 16.78 67.87
N ILE S 186 23.89 15.70 67.12
CA ILE S 186 24.44 14.47 67.67
C ILE S 186 25.87 14.62 68.18
N GLU S 187 26.62 15.59 67.66
CA GLU S 187 28.03 15.70 68.03
C GLU S 187 28.20 16.04 69.50
N ASP S 188 27.19 16.66 70.12
CA ASP S 188 27.25 16.97 71.54
C ASP S 188 27.11 15.73 72.41
N PHE S 189 26.76 14.58 71.84
CA PHE S 189 26.60 13.34 72.59
C PHE S 189 27.74 12.37 72.37
N ILE S 190 28.86 12.84 71.82
CA ILE S 190 30.02 11.99 71.55
C ILE S 190 31.10 12.31 72.58
N ALA S 191 31.58 11.28 73.27
CA ALA S 191 32.59 11.47 74.28
C ALA S 191 33.94 11.81 73.65
N THR S 192 34.58 12.85 74.16
CA THR S 192 35.91 13.25 73.71
C THR S 192 37.01 12.58 74.50
N SER S 193 36.68 11.86 75.58
CA SER S 193 37.67 11.18 76.40
C SER S 193 37.01 9.96 77.01
N PRO S 194 37.77 8.90 77.30
CA PRO S 194 37.14 7.70 77.89
C PRO S 194 36.46 7.96 79.23
N ASN S 195 37.01 8.86 80.04
CA ASN S 195 36.43 9.12 81.36
C ASN S 195 35.16 9.97 81.28
N GLU S 196 35.06 10.82 80.26
CA GLU S 196 33.90 11.70 80.14
C GLU S 196 32.64 10.88 79.90
N GLN S 197 31.54 11.28 80.54
CA GLN S 197 30.27 10.58 80.42
C GLN S 197 29.47 11.19 79.28
N LYS S 198 29.15 10.37 78.29
CA LYS S 198 28.36 10.76 77.12
C LYS S 198 27.59 9.55 76.64
N PRO S 199 26.49 9.75 75.92
CA PRO S 199 25.77 8.58 75.36
C PRO S 199 26.62 7.72 74.45
N VAL S 200 27.53 8.34 73.70
CA VAL S 200 28.41 7.61 72.78
C VAL S 200 29.82 7.64 73.35
N LYS S 201 30.42 6.47 73.49
CA LYS S 201 31.76 6.37 74.07
C LYS S 201 32.82 6.88 73.09
N PHE S 202 34.01 7.12 73.62
CA PHE S 202 35.11 7.64 72.83
C PHE S 202 35.81 6.52 72.07
N ASP S 203 35.78 6.60 70.74
CA ASP S 203 36.37 5.65 69.80
C ASP S 203 35.69 4.30 69.79
N VAL S 204 34.57 4.12 70.47
CA VAL S 204 33.83 2.87 70.43
C VAL S 204 32.96 2.87 69.17
N PRO S 205 33.01 1.80 68.36
CA PRO S 205 32.20 1.78 67.14
C PRO S 205 30.71 1.88 67.46
N VAL S 206 29.99 2.57 66.58
CA VAL S 206 28.56 2.80 66.73
C VAL S 206 27.84 2.14 65.57
N ALA S 207 26.56 1.81 65.77
CA ALA S 207 25.72 1.20 64.75
C ALA S 207 24.36 1.86 64.73
N LEU S 208 23.75 1.92 63.55
CA LEU S 208 22.41 2.47 63.38
C LEU S 208 21.43 1.33 63.13
N TYR S 209 20.34 1.32 63.89
CA TYR S 209 19.36 0.25 63.84
C TYR S 209 17.97 0.82 63.62
N GLY S 210 17.11 0.03 62.97
CA GLY S 210 15.75 0.43 62.73
C GLY S 210 15.52 0.96 61.34
N PRO S 211 14.34 0.71 60.78
CA PRO S 211 14.04 1.20 59.43
C PRO S 211 13.96 2.72 59.39
N GLY S 212 14.28 3.26 58.22
CA GLY S 212 14.24 4.69 58.01
C GLY S 212 14.66 5.07 56.60
N PRO S 213 14.44 6.33 56.24
CA PRO S 213 14.82 6.80 54.91
C PRO S 213 16.33 6.97 54.79
N ASN S 214 16.78 7.08 53.54
CA ASN S 214 18.21 7.21 53.28
C ASN S 214 18.76 8.52 53.86
N TRP S 215 18.03 9.62 53.72
CA TRP S 215 18.53 10.89 54.20
C TRP S 215 18.65 10.91 55.71
N LEU S 216 17.70 10.27 56.42
CA LEU S 216 17.83 10.15 57.86
C LEU S 216 19.06 9.34 58.24
N TYR S 217 19.33 8.26 57.51
CA TYR S 217 20.54 7.48 57.77
C TYR S 217 21.78 8.29 57.48
N ALA S 218 21.81 9.00 56.34
CA ALA S 218 22.98 9.78 55.98
C ALA S 218 23.21 10.93 56.97
N PHE S 219 22.14 11.61 57.38
CA PHE S 219 22.29 12.74 58.29
C PHE S 219 22.81 12.28 59.65
N LEU S 220 22.36 11.13 60.12
CA LEU S 220 22.78 10.65 61.44
C LEU S 220 24.21 10.16 61.44
N THR S 221 24.68 9.57 60.34
CA THR S 221 26.02 9.00 60.30
C THR S 221 27.09 9.98 59.83
N LEU S 222 26.71 11.09 59.23
CA LEU S 222 27.70 12.02 58.71
C LEU S 222 28.56 12.67 59.79
N PRO S 223 28.01 13.21 60.89
CA PRO S 223 28.87 13.89 61.87
C PRO S 223 29.84 12.98 62.61
N PHE S 224 29.84 11.69 62.33
CA PHE S 224 30.75 10.76 63.01
C PHE S 224 32.11 10.67 62.34
N LYS S 225 32.34 11.39 61.25
CA LYS S 225 33.64 11.36 60.61
C LYS S 225 34.71 11.91 61.53
N ASN S 226 35.86 11.25 61.55
CA ASN S 226 37.01 11.57 62.40
C ASN S 226 36.72 11.38 63.89
N ARG S 227 35.58 10.78 64.23
CA ARG S 227 35.22 10.57 65.63
C ARG S 227 35.03 9.09 65.98
N ASN S 228 34.25 8.36 65.19
CA ASN S 228 33.97 6.96 65.48
C ASN S 228 33.73 6.21 64.19
N THR S 229 33.95 4.91 64.22
CA THR S 229 33.57 4.03 63.12
C THR S 229 32.09 3.67 63.24
N VAL S 230 31.38 3.70 62.14
CA VAL S 230 29.92 3.55 62.14
C VAL S 230 29.53 2.28 61.42
N PHE S 231 28.40 1.70 61.84
CA PHE S 231 27.80 0.54 61.20
C PHE S 231 26.34 0.85 60.91
N VAL S 232 25.79 0.17 59.91
CA VAL S 232 24.38 0.32 59.56
C VAL S 232 23.79 -1.07 59.33
N PHE S 233 22.47 -1.16 59.51
CA PHE S 233 21.76 -2.42 59.39
C PHE S 233 21.02 -2.48 58.06
N ASN S 234 21.22 -3.59 57.33
CA ASN S 234 20.52 -3.84 56.08
C ASN S 234 19.62 -5.05 56.28
N SER S 235 18.31 -4.82 56.30
CA SER S 235 17.36 -5.90 56.57
C SER S 235 17.29 -6.90 55.43
N ARG S 236 17.87 -6.61 54.27
CA ARG S 236 17.85 -7.56 53.17
C ARG S 236 18.56 -8.85 53.55
N THR S 237 19.69 -8.74 54.25
CA THR S 237 20.39 -9.88 54.79
C THR S 237 20.47 -9.87 56.31
N SER S 238 19.98 -8.82 56.95
CA SER S 238 19.81 -8.74 58.40
C SER S 238 21.15 -8.90 59.12
N GLU S 239 22.06 -7.97 58.83
CA GLU S 239 23.33 -7.92 59.55
C GLU S 239 23.96 -6.55 59.34
N TYR S 240 24.87 -6.19 60.25
CA TYR S 240 25.49 -4.87 60.23
C TYR S 240 26.53 -4.77 59.12
N ILE S 241 26.68 -3.56 58.59
CA ILE S 241 27.62 -3.27 57.52
C ILE S 241 28.51 -2.12 57.95
N CYS S 242 29.83 -2.29 57.81
CA CYS S 242 30.79 -1.26 58.14
C CYS S 242 30.97 -0.32 56.94
N VAL S 243 30.78 0.97 57.17
CA VAL S 243 30.90 1.97 56.12
C VAL S 243 31.94 3.04 56.43
N TYR S 244 32.51 3.04 57.63
CA TYR S 244 33.58 3.97 57.98
C TYR S 244 34.68 3.20 58.69
N SER S 245 35.93 3.58 58.41
CA SER S 245 37.11 2.93 58.97
C SER S 245 37.99 4.00 59.62
N LYS S 246 37.86 4.15 60.93
CA LYS S 246 38.73 5.03 61.69
C LYS S 246 39.59 4.29 62.70
N SER S 247 39.17 3.12 63.15
CA SER S 247 39.94 2.30 64.07
C SER S 247 40.72 1.23 63.32
N ALA S 248 41.62 0.57 64.03
CA ALA S 248 42.46 -0.46 63.43
C ALA S 248 41.68 -1.76 63.31
N GLY S 249 41.86 -2.45 62.18
CA GLY S 249 41.25 -3.74 61.96
C GLY S 249 39.81 -3.71 61.47
N LEU S 250 39.23 -2.53 61.29
CA LEU S 250 37.84 -2.39 60.84
C LEU S 250 37.86 -1.91 59.40
N ALA S 251 37.93 -2.86 58.47
CA ALA S 251 37.87 -2.54 57.06
C ALA S 251 36.46 -2.06 56.69
N PRO S 252 36.34 -1.16 55.71
CA PRO S 252 35.02 -0.68 55.31
C PRO S 252 34.32 -1.71 54.42
N GLY S 253 33.32 -2.38 54.98
CA GLY S 253 32.63 -3.43 54.26
C GLY S 253 32.57 -4.72 55.05
N MET S 254 33.16 -4.71 56.25
CA MET S 254 33.11 -5.88 57.12
C MET S 254 31.68 -6.14 57.57
N VAL S 255 31.29 -7.41 57.55
CA VAL S 255 29.91 -7.82 57.82
C VAL S 255 29.87 -8.54 59.16
N LEU S 256 28.96 -8.11 60.03
CA LEU S 256 28.78 -8.70 61.34
C LEU S 256 27.37 -9.28 61.43
N LYS S 257 27.28 -10.61 61.42
CA LYS S 257 25.98 -11.26 61.45
C LYS S 257 25.33 -11.12 62.83
N GLY S 258 24.20 -10.41 62.85
CA GLY S 258 23.47 -10.20 64.09
C GLY S 258 22.14 -10.92 64.14
N PRO T 2 32.93 5.70 -25.82
CA PRO T 2 32.68 7.13 -26.08
C PRO T 2 33.03 8.00 -24.87
N GLN T 3 33.51 9.21 -25.12
CA GLN T 3 33.81 10.15 -24.06
C GLN T 3 32.63 11.08 -23.87
N ALA T 4 32.64 11.84 -22.78
CA ALA T 4 31.60 12.82 -22.49
C ALA T 4 32.20 14.03 -21.79
N PHE T 5 31.87 15.21 -22.30
CA PHE T 5 32.35 16.47 -21.73
C PHE T 5 31.26 17.06 -20.86
N PHE T 6 31.64 17.50 -19.66
CA PHE T 6 30.68 18.01 -18.69
C PHE T 6 30.78 19.52 -18.65
N SER T 7 29.68 20.20 -18.96
CA SER T 7 29.57 21.65 -18.83
C SER T 7 28.59 21.95 -17.70
N HIS T 8 29.06 22.67 -16.69
CA HIS T 8 28.27 22.89 -15.49
C HIS T 8 28.80 24.09 -14.73
N ASN T 9 28.01 24.57 -13.78
CA ASN T 9 28.45 25.60 -12.87
C ASN T 9 28.77 25.00 -11.50
N ASN T 10 29.64 25.71 -10.75
CA ASN T 10 30.12 25.18 -9.48
C ASN T 10 29.02 25.02 -8.44
N LYS T 11 27.90 25.74 -8.58
CA LYS T 11 26.80 25.55 -7.64
C LYS T 11 26.19 24.17 -7.77
N ASP T 12 26.04 23.69 -9.00
CA ASP T 12 25.52 22.35 -9.26
C ASP T 12 26.60 21.29 -9.27
N LYS T 13 27.78 21.59 -8.71
CA LYS T 13 28.89 20.65 -8.76
C LYS T 13 28.55 19.35 -8.04
N LYS T 14 27.83 19.44 -6.92
CA LYS T 14 27.52 18.25 -6.12
C LYS T 14 26.80 17.21 -6.96
N ILE T 15 25.82 17.62 -7.77
CA ILE T 15 25.07 16.68 -8.57
C ILE T 15 25.85 16.21 -9.80
N VAL T 16 26.96 16.86 -10.12
CA VAL T 16 27.69 16.50 -11.35
C VAL T 16 28.50 15.23 -11.14
N LEU T 17 29.28 15.16 -10.07
CA LEU T 17 30.17 14.01 -9.87
C LEU T 17 29.38 12.71 -9.71
N GLU T 18 28.28 12.74 -8.96
CA GLU T 18 27.49 11.52 -8.83
C GLU T 18 26.85 11.12 -10.15
N VAL T 19 26.59 12.09 -11.03
CA VAL T 19 26.24 11.76 -12.40
C VAL T 19 27.47 11.26 -13.16
N LEU T 20 28.61 11.93 -12.97
CA LEU T 20 29.83 11.57 -13.68
C LEU T 20 30.29 10.16 -13.29
N GLU T 21 30.25 9.85 -11.99
CA GLU T 21 30.71 8.54 -11.55
C GLU T 21 29.83 7.43 -12.09
N HIS T 22 28.53 7.69 -12.23
CA HIS T 22 27.64 6.70 -12.81
C HIS T 22 28.00 6.42 -14.26
N LEU T 23 28.29 7.48 -15.03
CA LEU T 23 28.75 7.29 -16.40
C LEU T 23 30.10 6.58 -16.45
N ARG T 24 31.01 6.93 -15.53
CA ARG T 24 32.30 6.26 -15.50
C ARG T 24 32.15 4.77 -15.22
N GLN T 25 31.25 4.41 -14.31
CA GLN T 25 30.98 3.00 -14.04
C GLN T 25 30.44 2.27 -15.26
N SER T 26 29.87 3.01 -16.22
CA SER T 26 29.35 2.42 -17.45
C SER T 26 30.37 2.45 -18.58
N LEU T 27 31.67 2.42 -18.26
CA LEU T 27 32.74 2.37 -19.25
C LEU T 27 32.71 3.56 -20.21
N VAL T 28 32.40 4.74 -19.68
CA VAL T 28 32.34 5.96 -20.47
C VAL T 28 33.46 6.88 -20.01
N ALA T 29 34.25 7.37 -20.95
CA ALA T 29 35.31 8.32 -20.62
C ALA T 29 34.69 9.64 -20.21
N THR T 30 35.15 10.20 -19.09
CA THR T 30 34.63 11.44 -18.57
C THR T 30 35.75 12.48 -18.48
N TRP T 31 35.49 13.64 -19.08
CA TRP T 31 36.44 14.76 -19.08
C TRP T 31 35.75 15.96 -18.45
N ILE T 32 36.09 16.24 -17.19
CA ILE T 32 35.43 17.31 -16.45
C ILE T 32 36.24 18.60 -16.49
N ASP T 33 37.54 18.53 -16.23
CA ASP T 33 38.41 19.69 -16.31
C ASP T 33 39.89 19.27 -16.34
N SER T 42 40.44 23.75 -21.17
CA SER T 42 39.08 24.04 -21.58
C SER T 42 38.43 22.83 -22.22
N LEU T 43 37.35 23.05 -22.96
CA LEU T 43 36.60 21.96 -23.57
C LEU T 43 36.48 22.14 -25.07
N ILE T 44 36.42 23.39 -25.52
CA ILE T 44 36.17 23.67 -26.94
C ILE T 44 37.32 23.14 -27.80
N GLN T 45 38.55 23.37 -27.38
CA GLN T 45 39.69 22.83 -28.12
C GLN T 45 39.84 21.33 -27.94
N GLN T 46 39.25 20.76 -26.89
CA GLN T 46 39.25 19.31 -26.73
C GLN T 46 38.19 18.64 -27.59
N ILE T 47 37.29 19.41 -28.21
CA ILE T 47 36.32 18.84 -29.12
C ILE T 47 37.01 18.20 -30.31
N ILE T 48 38.02 18.87 -30.86
CA ILE T 48 38.69 18.41 -32.09
C ILE T 48 39.78 17.43 -31.63
N ALA T 49 39.37 16.18 -31.44
CA ALA T 49 40.28 15.11 -31.04
C ALA T 49 39.62 13.75 -31.19
N GLY T 50 40.34 12.80 -31.79
CA GLY T 50 39.85 11.43 -31.87
C GLY T 50 39.12 11.17 -33.17
N ILE T 51 37.99 10.46 -33.07
CA ILE T 51 37.22 10.03 -34.23
C ILE T 51 36.02 10.95 -34.40
N SER T 52 35.38 10.85 -35.57
CA SER T 52 34.18 11.62 -35.84
C SER T 52 33.11 11.40 -34.79
N LYS T 53 33.00 10.19 -34.24
CA LYS T 53 32.19 9.94 -33.05
C LYS T 53 32.95 10.48 -31.83
N SER T 54 33.03 11.81 -31.78
CA SER T 54 33.94 12.49 -30.87
C SER T 54 33.53 12.29 -29.41
N GLN T 55 32.44 12.91 -28.98
CA GLN T 55 31.89 12.70 -27.64
C GLN T 55 30.45 13.18 -27.64
N TYR T 56 29.87 13.28 -26.45
CA TYR T 56 28.60 13.96 -26.23
C TYR T 56 28.83 15.12 -25.29
N PHE T 57 28.28 16.28 -25.63
CA PHE T 57 28.36 17.44 -24.73
C PHE T 57 27.24 17.37 -23.70
N LEU T 58 27.63 17.36 -22.42
CA LEU T 58 26.66 17.32 -21.32
C LEU T 58 26.55 18.72 -20.74
N ALA T 59 25.52 19.45 -21.16
CA ALA T 59 25.26 20.79 -20.65
C ALA T 59 24.26 20.67 -19.49
N PHE T 60 24.76 20.82 -18.26
CA PHE T 60 23.92 20.72 -17.07
C PHE T 60 23.17 22.04 -16.91
N LEU T 61 22.09 22.16 -17.67
CA LEU T 61 21.28 23.37 -17.62
C LEU T 61 20.58 23.50 -16.26
N SER T 62 20.59 24.72 -15.72
CA SER T 62 19.97 25.00 -14.44
C SER T 62 19.60 26.47 -14.42
N ASN T 63 18.81 26.85 -13.41
CA ASN T 63 18.41 28.25 -13.28
C ASN T 63 19.62 29.15 -13.08
N GLU T 64 20.57 28.74 -12.24
CA GLU T 64 21.76 29.55 -12.02
C GLU T 64 22.72 29.45 -13.20
N TYR T 65 22.67 28.33 -13.95
CA TYR T 65 23.60 28.13 -15.05
C TYR T 65 23.47 29.20 -16.12
N LEU T 66 22.24 29.65 -16.39
CA LEU T 66 21.99 30.62 -17.44
C LEU T 66 22.48 32.02 -17.08
N LYS T 67 22.87 32.28 -15.83
CA LYS T 67 23.41 33.58 -15.46
C LYS T 67 24.92 33.67 -15.61
N SER T 68 25.57 32.60 -16.05
CA SER T 68 27.02 32.59 -16.21
C SER T 68 27.34 32.79 -17.68
N ASP T 69 27.94 33.93 -18.01
CA ASP T 69 28.31 34.21 -19.39
C ASP T 69 29.35 33.22 -19.90
N TRP T 70 30.32 32.88 -19.04
CA TRP T 70 31.34 31.90 -19.43
C TRP T 70 30.73 30.54 -19.74
N CYS T 71 29.58 30.24 -19.14
CA CYS T 71 28.87 29.03 -19.52
C CYS T 71 28.06 29.23 -20.79
N TRP T 72 27.50 30.43 -20.97
CA TRP T 72 26.64 30.67 -22.12
C TRP T 72 27.40 30.62 -23.43
N ASP T 73 28.53 31.34 -23.52
CA ASP T 73 29.32 31.29 -24.74
C ASP T 73 29.90 29.89 -24.97
N GLU T 74 30.26 29.20 -23.88
CA GLU T 74 30.71 27.82 -24.01
C GLU T 74 29.64 26.96 -24.66
N LEU T 75 28.38 27.15 -24.26
CA LEU T 75 27.28 26.44 -24.92
C LEU T 75 27.15 26.89 -26.37
N GLU T 76 27.39 28.18 -26.65
CA GLU T 76 27.23 28.69 -28.00
C GLU T 76 28.21 28.03 -28.97
N GLN T 77 29.49 28.00 -28.60
CA GLN T 77 30.46 27.32 -29.48
C GLN T 77 30.20 25.83 -29.51
N ALA T 78 29.72 25.25 -28.42
CA ALA T 78 29.38 23.84 -28.42
C ALA T 78 28.26 23.55 -29.42
N TYR T 79 27.24 24.41 -29.46
CA TYR T 79 26.19 24.23 -30.44
C TYR T 79 26.65 24.64 -31.84
N ALA T 80 27.63 25.54 -31.92
CA ALA T 80 28.12 26.00 -33.22
C ALA T 80 28.73 24.86 -34.00
N LEU T 81 29.65 24.11 -33.40
CA LEU T 81 30.24 22.96 -34.08
C LEU T 81 29.39 21.71 -33.95
N HIS T 82 28.34 21.73 -33.13
CA HIS T 82 27.37 20.65 -33.16
C HIS T 82 26.61 20.62 -34.47
N GLN T 83 26.34 21.81 -35.05
CA GLN T 83 25.75 21.87 -36.37
C GLN T 83 26.65 21.21 -37.42
N LYS T 84 27.96 21.32 -37.23
CA LYS T 84 28.91 20.65 -38.12
C LYS T 84 28.92 19.14 -37.94
N GLY T 85 28.25 18.62 -36.91
CA GLY T 85 28.19 17.20 -36.67
C GLY T 85 29.36 16.63 -35.89
N LYS T 86 30.32 17.46 -35.49
CA LYS T 86 31.48 16.95 -34.75
C LYS T 86 31.07 16.38 -33.40
N VAL T 87 30.16 17.06 -32.70
CA VAL T 87 29.70 16.61 -31.40
C VAL T 87 28.18 16.74 -31.35
N LYS T 88 27.57 15.97 -30.45
CA LYS T 88 26.14 16.07 -30.18
C LYS T 88 25.93 16.40 -28.71
N ILE T 89 25.02 17.35 -28.46
CA ILE T 89 24.79 17.89 -27.13
C ILE T 89 23.50 17.29 -26.58
N ILE T 90 23.56 16.80 -25.35
CA ILE T 90 22.34 16.44 -24.63
C ILE T 90 22.24 17.35 -23.41
N PRO T 91 21.18 18.14 -23.30
CA PRO T 91 21.04 19.06 -22.16
C PRO T 91 20.31 18.38 -21.01
N ILE T 92 20.91 18.45 -19.82
CA ILE T 92 20.31 17.91 -18.62
C ILE T 92 19.71 19.08 -17.84
N LEU T 93 18.41 19.05 -17.64
CA LEU T 93 17.71 20.10 -16.91
C LEU T 93 17.71 19.74 -15.43
N LEU T 94 18.45 20.52 -14.63
CA LEU T 94 18.42 20.33 -13.18
C LEU T 94 17.03 20.61 -12.63
N THR T 95 16.37 21.65 -13.14
CA THR T 95 14.99 21.96 -12.80
C THR T 95 14.09 21.66 -14.00
N ASN T 96 12.83 21.39 -13.69
CA ASN T 96 11.87 21.06 -14.75
C ASN T 96 11.66 22.27 -15.65
N ARG T 97 11.29 21.98 -16.91
CA ARG T 97 11.23 23.01 -17.94
C ARG T 97 10.34 24.18 -17.53
N ALA T 98 9.31 23.92 -16.73
CA ALA T 98 8.36 24.98 -16.38
C ALA T 98 9.02 26.09 -15.58
N GLN T 99 9.91 25.73 -14.64
CA GLN T 99 10.46 26.71 -13.70
C GLN T 99 11.82 27.26 -14.13
N LEU T 100 12.24 27.02 -15.37
CA LEU T 100 13.38 27.77 -15.90
C LEU T 100 13.01 29.23 -16.00
N ASP T 101 13.97 30.11 -15.71
CA ASP T 101 13.76 31.55 -15.81
C ASP T 101 14.28 32.02 -17.17
N LEU T 102 13.34 32.14 -18.11
CA LEU T 102 13.70 32.59 -19.44
C LEU T 102 13.59 34.10 -19.61
N ASN T 103 12.90 34.78 -18.70
CA ASN T 103 12.69 36.22 -18.86
C ASN T 103 13.99 36.99 -18.63
N ALA T 104 14.92 36.42 -17.85
CA ALA T 104 16.16 37.11 -17.55
C ALA T 104 17.05 37.22 -18.77
N LEU T 105 17.11 36.17 -19.59
CA LEU T 105 17.99 36.18 -20.75
C LEU T 105 17.52 37.20 -21.77
N THR T 106 18.47 37.74 -22.53
CA THR T 106 18.16 38.67 -23.60
C THR T 106 17.41 37.95 -24.71
N ASP T 107 16.94 38.73 -25.68
CA ASP T 107 16.20 38.14 -26.80
C ASP T 107 17.07 37.17 -27.59
N ALA T 108 18.34 37.53 -27.83
CA ALA T 108 19.24 36.62 -28.52
C ALA T 108 19.48 35.35 -27.72
N ARG T 109 19.69 35.48 -26.41
CA ARG T 109 19.91 34.30 -25.57
C ARG T 109 18.65 33.45 -25.46
N ARG T 110 17.51 34.08 -25.21
CA ARG T 110 16.27 33.32 -25.04
C ARG T 110 15.89 32.59 -26.32
N ASN T 111 15.99 33.27 -27.48
CA ASN T 111 15.66 32.62 -28.74
C ASN T 111 16.61 31.46 -29.02
N PHE T 112 17.88 31.61 -28.66
CA PHE T 112 18.84 30.53 -28.85
C PHE T 112 18.47 29.32 -28.01
N LEU T 113 18.03 29.55 -26.77
CA LEU T 113 17.75 28.44 -25.87
C LEU T 113 16.51 27.67 -26.30
N GLU T 114 15.44 28.37 -26.67
CA GLU T 114 14.23 27.67 -27.11
C GLU T 114 14.48 26.93 -28.40
N SER T 115 15.36 27.47 -29.26
CA SER T 115 15.70 26.78 -30.50
C SER T 115 16.35 25.43 -30.22
N ILE T 116 17.27 25.38 -29.26
CA ILE T 116 17.96 24.13 -28.96
C ILE T 116 17.14 23.24 -28.05
N LEU T 117 16.21 23.80 -27.27
CA LEU T 117 15.39 22.97 -26.39
C LEU T 117 14.33 22.20 -27.16
N THR T 118 13.82 22.79 -28.25
CA THR T 118 12.74 22.16 -29.00
C THR T 118 13.26 21.16 -30.04
N ARG T 119 14.12 21.61 -30.95
CA ARG T 119 14.58 20.73 -32.02
C ARG T 119 15.48 19.62 -31.52
N LEU T 120 15.96 19.71 -30.28
CA LEU T 120 16.88 18.73 -29.72
C LEU T 120 16.29 18.17 -28.44
N LYS T 121 16.30 16.85 -28.30
CA LYS T 121 15.70 16.21 -27.15
C LYS T 121 16.56 16.39 -25.90
N TYR T 122 15.97 16.91 -24.84
CA TYR T 122 16.63 17.12 -23.57
C TYR T 122 16.26 16.03 -22.59
N VAL T 123 16.95 16.02 -21.45
CA VAL T 123 16.71 15.06 -20.37
C VAL T 123 16.44 15.84 -19.10
N GLU T 124 15.33 15.54 -18.44
CA GLU T 124 14.99 16.16 -17.17
C GLU T 124 15.60 15.37 -16.03
N PHE T 125 16.14 16.08 -15.04
CA PHE T 125 16.79 15.47 -13.89
C PHE T 125 16.07 15.88 -12.62
N ASP T 126 15.87 14.92 -11.71
CA ASP T 126 15.21 15.17 -10.45
C ASP T 126 16.07 14.57 -9.35
N PRO T 127 16.52 15.38 -8.39
CA PRO T 127 17.33 14.82 -7.29
C PRO T 127 16.59 13.79 -6.46
N HIS T 128 15.27 13.89 -6.34
CA HIS T 128 14.51 12.95 -5.51
C HIS T 128 14.60 11.54 -6.08
N ASN T 129 14.26 11.38 -7.37
CA ASN T 129 14.27 10.08 -8.01
C ASN T 129 15.62 9.85 -8.70
N MET T 130 16.62 9.52 -7.87
CA MET T 130 17.99 9.42 -8.36
C MET T 130 18.15 8.27 -9.35
N THR T 131 17.65 7.09 -9.00
CA THR T 131 17.90 5.91 -9.83
C THR T 131 17.24 6.05 -11.21
N ARG T 132 16.10 6.73 -11.28
CA ARG T 132 15.45 6.92 -12.58
C ARG T 132 16.10 8.07 -13.33
N SER T 133 16.54 9.10 -12.61
CA SER T 133 17.24 10.21 -13.26
C SER T 133 18.56 9.76 -13.87
N LEU T 134 19.32 8.95 -13.13
CA LEU T 134 20.59 8.46 -13.64
C LEU T 134 20.40 7.58 -14.87
N GLY T 135 19.37 6.73 -14.85
CA GLY T 135 19.11 5.88 -16.00
C GLY T 135 18.75 6.68 -17.25
N SER T 136 17.97 7.74 -17.08
CA SER T 136 17.59 8.56 -18.22
C SER T 136 18.80 9.25 -18.83
N VAL T 137 19.73 9.72 -17.99
CA VAL T 137 20.94 10.35 -18.50
C VAL T 137 21.77 9.35 -19.29
N ALA T 138 21.93 8.13 -18.75
CA ALA T 138 22.65 7.10 -19.47
C ALA T 138 21.91 6.70 -20.75
N GLU T 139 20.59 6.64 -20.68
CA GLU T 139 19.80 6.24 -21.86
C GLU T 139 20.03 7.22 -23.01
N ALA T 140 20.02 8.51 -22.72
CA ALA T 140 20.26 9.50 -23.76
C ALA T 140 21.67 9.36 -24.33
N LEU T 141 22.62 8.94 -23.51
CA LEU T 141 23.99 8.76 -23.99
C LEU T 141 24.07 7.60 -24.97
N TRP T 142 23.39 6.49 -24.68
CA TRP T 142 23.49 5.27 -25.47
C TRP T 142 22.45 5.19 -26.59
N GLN T 143 21.50 6.12 -26.65
CA GLN T 143 20.36 5.94 -27.54
C GLN T 143 20.78 5.99 -29.01
N ASN T 144 21.82 6.74 -29.33
CA ASN T 144 22.38 6.80 -30.67
C ASN T 144 23.74 6.14 -30.75
N GLU T 145 24.02 5.18 -29.89
CA GLU T 145 25.34 4.56 -29.78
C GLU T 145 25.24 3.09 -30.15
N ALA T 146 26.41 2.49 -30.38
CA ALA T 146 26.55 1.05 -30.61
C ALA T 146 26.44 0.32 -29.29
N VAL T 147 26.92 -0.94 -29.25
CA VAL T 147 26.75 -1.84 -28.12
C VAL T 147 26.91 -1.11 -26.79
N ARG T 148 25.93 -1.30 -25.91
CA ARG T 148 25.85 -0.55 -24.66
C ARG T 148 26.86 -1.08 -23.64
N PHE T 149 26.82 -0.51 -22.45
CA PHE T 149 27.67 -0.97 -21.35
C PHE T 149 26.96 -0.61 -20.04
N GLU T 150 26.33 -1.61 -19.42
CA GLU T 150 25.71 -1.40 -18.13
C GLU T 150 26.78 -1.18 -17.05
N PRO T 151 26.43 -0.48 -15.98
CA PRO T 151 27.42 -0.23 -14.92
C PRO T 151 27.96 -1.51 -14.34
N ILE T 152 29.25 -1.49 -13.98
CA ILE T 152 29.90 -2.66 -13.43
C ILE T 152 29.28 -3.02 -12.09
N ARG T 153 28.94 -4.28 -11.91
CA ARG T 153 28.33 -4.78 -10.69
C ARG T 153 29.22 -5.85 -10.08
N MET T 154 29.47 -5.74 -8.78
CA MET T 154 30.26 -6.71 -8.04
C MET T 154 29.32 -7.71 -7.40
N ILE T 155 29.35 -8.95 -7.88
CA ILE T 155 28.47 -10.00 -7.37
C ILE T 155 29.32 -11.19 -6.96
N LYS T 156 29.02 -11.75 -5.80
CA LYS T 156 29.69 -12.95 -5.31
C LYS T 156 28.88 -14.16 -5.75
N VAL T 157 29.49 -15.02 -6.54
CA VAL T 157 28.84 -16.23 -7.06
C VAL T 157 29.61 -17.44 -6.53
N ASN T 158 28.90 -18.33 -5.84
CA ASN T 158 29.49 -19.55 -5.28
C ASN T 158 30.68 -19.22 -4.37
N GLY T 159 30.56 -18.12 -3.62
CA GLY T 159 31.60 -17.71 -2.72
C GLY T 159 32.77 -17.00 -3.35
N THR T 160 32.72 -16.72 -4.65
CA THR T 160 33.81 -16.06 -5.36
C THR T 160 33.40 -14.65 -5.71
N GLU T 161 34.17 -13.67 -5.22
CA GLU T 161 33.92 -12.29 -5.58
C GLU T 161 34.28 -12.05 -7.04
N LEU T 162 33.47 -11.26 -7.73
CA LEU T 162 33.63 -11.11 -9.17
C LEU T 162 32.81 -9.92 -9.64
N GLN T 163 33.36 -9.19 -10.61
CA GLN T 163 32.68 -8.06 -11.22
C GLN T 163 32.30 -8.40 -12.65
N VAL T 164 31.13 -7.92 -13.07
CA VAL T 164 30.52 -8.31 -14.34
C VAL T 164 30.46 -7.09 -15.25
N VAL T 165 30.90 -7.27 -16.50
CA VAL T 165 30.83 -6.21 -17.51
C VAL T 165 29.68 -6.58 -18.44
N GLU T 166 28.54 -5.93 -18.24
CA GLU T 166 27.35 -6.18 -19.05
C GLU T 166 27.36 -5.29 -20.28
N PHE T 167 27.15 -5.89 -21.46
CA PHE T 167 27.02 -5.15 -22.70
C PHE T 167 25.88 -5.74 -23.52
N LYS T 168 25.10 -4.86 -24.15
CA LYS T 168 24.00 -5.26 -25.00
C LYS T 168 24.10 -4.51 -26.33
N ILE T 169 23.80 -5.21 -27.41
CA ILE T 169 23.91 -4.68 -28.76
C ILE T 169 22.51 -4.23 -29.20
N PRO T 170 22.31 -2.95 -29.53
CA PRO T 170 21.04 -2.53 -30.10
C PRO T 170 20.71 -3.35 -31.34
N GLY T 171 19.43 -3.69 -31.50
CA GLY T 171 19.07 -4.62 -32.55
C GLY T 171 19.69 -5.97 -32.29
N SER T 172 20.30 -6.54 -33.34
CA SER T 172 20.95 -7.84 -33.23
C SER T 172 22.31 -7.92 -33.91
N ASN T 173 22.62 -7.04 -34.85
CA ASN T 173 23.83 -7.18 -35.65
C ASN T 173 24.65 -5.90 -35.61
N LEU T 174 25.95 -6.04 -35.85
CA LEU T 174 26.90 -4.96 -35.90
C LEU T 174 27.63 -4.96 -37.23
N PRO T 175 28.16 -3.80 -37.67
CA PRO T 175 29.02 -3.79 -38.84
C PRO T 175 30.24 -4.67 -38.62
N VAL T 176 30.67 -5.35 -39.68
CA VAL T 176 31.78 -6.28 -39.56
C VAL T 176 33.08 -5.54 -39.31
N ASP T 177 33.12 -4.25 -39.64
CA ASP T 177 34.27 -3.41 -39.38
C ASP T 177 34.04 -2.42 -38.24
N PHE T 178 33.12 -2.76 -37.32
CA PHE T 178 32.77 -1.83 -36.25
C PHE T 178 33.96 -1.55 -35.33
N LEU T 179 34.78 -2.57 -35.08
CA LEU T 179 35.91 -2.40 -34.16
C LEU T 179 36.91 -1.35 -34.65
N HIS T 180 36.95 -1.08 -35.95
CA HIS T 180 37.90 -0.11 -36.48
C HIS T 180 37.62 1.29 -35.96
N HIS T 181 36.35 1.69 -35.91
CA HIS T 181 35.96 3.04 -35.53
C HIS T 181 35.58 3.14 -34.06
N TRP T 182 35.63 2.04 -33.31
CA TRP T 182 35.31 2.10 -31.89
C TRP T 182 36.41 2.82 -31.13
N ASP T 183 36.02 3.64 -30.16
CA ASP T 183 36.93 4.42 -29.33
C ASP T 183 36.85 3.98 -27.86
N LEU T 184 36.76 2.67 -27.63
CA LEU T 184 36.54 2.12 -26.31
C LEU T 184 37.67 1.16 -25.96
N LYS T 185 38.91 1.65 -26.06
CA LYS T 185 40.03 0.90 -25.55
C LYS T 185 39.92 0.79 -24.03
N ILE T 186 40.05 -0.45 -23.52
CA ILE T 186 39.67 -0.73 -22.14
C ILE T 186 40.81 -0.61 -21.14
N GLU T 187 42.04 -0.44 -21.61
CA GLU T 187 43.18 -0.38 -20.70
C GLU T 187 43.15 0.86 -19.81
N ASP T 188 42.37 1.89 -20.16
CA ASP T 188 42.29 3.12 -19.39
C ASP T 188 41.27 3.04 -18.25
N PHE T 189 40.56 1.93 -18.13
CA PHE T 189 39.52 1.78 -17.10
C PHE T 189 39.88 0.71 -16.08
N ILE T 190 41.13 0.24 -16.08
CA ILE T 190 41.58 -0.78 -15.14
C ILE T 190 42.35 -0.11 -14.03
N ALA T 191 41.95 -0.34 -12.78
CA ALA T 191 42.64 0.22 -11.65
C ALA T 191 44.01 -0.42 -11.48
N THR T 192 45.02 0.41 -11.19
CA THR T 192 46.35 -0.08 -10.94
C THR T 192 46.62 -0.31 -9.46
N SER T 193 45.94 0.41 -8.59
CA SER T 193 46.09 0.29 -7.15
C SER T 193 44.73 0.16 -6.50
N PRO T 194 44.64 -0.55 -5.36
CA PRO T 194 43.34 -0.71 -4.70
C PRO T 194 42.69 0.59 -4.30
N ASN T 195 43.48 1.58 -3.86
CA ASN T 195 42.91 2.85 -3.42
C ASN T 195 42.42 3.68 -4.60
N GLU T 196 43.12 3.65 -5.73
CA GLU T 196 42.71 4.40 -6.89
C GLU T 196 41.37 3.90 -7.40
N GLN T 197 40.46 4.82 -7.71
CA GLN T 197 39.13 4.46 -8.20
C GLN T 197 39.17 4.36 -9.72
N LYS T 198 38.49 3.34 -10.23
CA LYS T 198 38.39 3.07 -11.66
C LYS T 198 37.17 2.20 -11.90
N PRO T 199 36.65 2.17 -13.13
CA PRO T 199 35.51 1.29 -13.40
C PRO T 199 35.78 -0.18 -13.11
N VAL T 200 37.01 -0.65 -13.37
CA VAL T 200 37.38 -2.04 -13.14
C VAL T 200 38.29 -2.08 -11.92
N LYS T 201 37.87 -2.81 -10.89
CA LYS T 201 38.65 -2.90 -9.66
C LYS T 201 39.95 -3.64 -9.90
N PHE T 202 40.99 -3.20 -9.18
CA PHE T 202 42.31 -3.80 -9.32
C PHE T 202 42.32 -5.20 -8.73
N ASP T 203 42.85 -6.16 -9.50
CA ASP T 203 43.11 -7.54 -9.10
C ASP T 203 41.81 -8.33 -9.02
N VAL T 204 40.66 -7.67 -9.01
CA VAL T 204 39.38 -8.37 -8.88
C VAL T 204 39.05 -9.06 -10.21
N PRO T 205 38.65 -10.32 -10.20
CA PRO T 205 38.30 -10.99 -11.46
C PRO T 205 37.12 -10.30 -12.14
N VAL T 206 37.16 -10.31 -13.48
CA VAL T 206 36.17 -9.61 -14.31
C VAL T 206 35.48 -10.64 -15.20
N ALA T 207 34.16 -10.57 -15.26
CA ALA T 207 33.35 -11.45 -16.08
C ALA T 207 32.73 -10.67 -17.24
N LEU T 208 32.72 -11.30 -18.41
CA LEU T 208 32.09 -10.73 -19.60
C LEU T 208 30.75 -11.42 -19.81
N TYR T 209 29.69 -10.63 -19.87
CA TYR T 209 28.34 -11.16 -19.93
C TYR T 209 27.57 -10.45 -21.04
N GLY T 210 26.74 -11.20 -21.75
CA GLY T 210 25.93 -10.65 -22.81
C GLY T 210 26.18 -11.31 -24.15
N PRO T 211 25.13 -11.47 -24.94
CA PRO T 211 25.30 -12.07 -26.27
C PRO T 211 26.12 -11.18 -27.18
N GLY T 212 26.89 -11.81 -28.08
CA GLY T 212 27.71 -11.07 -29.00
C GLY T 212 28.57 -11.99 -29.85
N PRO T 213 29.23 -11.41 -30.85
CA PRO T 213 30.08 -12.22 -31.74
C PRO T 213 31.36 -12.66 -31.04
N ASN T 214 32.05 -13.60 -31.68
CA ASN T 214 33.30 -14.12 -31.13
C ASN T 214 34.37 -13.04 -31.04
N TRP T 215 34.48 -12.20 -32.08
CA TRP T 215 35.53 -11.20 -32.08
C TRP T 215 35.32 -10.14 -31.02
N LEU T 216 34.06 -9.81 -30.72
CA LEU T 216 33.79 -8.84 -29.66
C LEU T 216 34.26 -9.37 -28.31
N TYR T 217 34.01 -10.64 -28.03
CA TYR T 217 34.51 -11.24 -26.79
C TYR T 217 36.03 -11.27 -26.78
N ALA T 218 36.64 -11.67 -27.90
CA ALA T 218 38.10 -11.72 -27.95
C ALA T 218 38.71 -10.33 -27.82
N PHE T 219 38.09 -9.33 -28.43
CA PHE T 219 38.62 -7.97 -28.35
C PHE T 219 38.59 -7.44 -26.92
N LEU T 220 37.52 -7.74 -26.18
CA LEU T 220 37.43 -7.29 -24.80
C LEU T 220 38.30 -8.11 -23.87
N THR T 221 38.47 -9.40 -24.16
CA THR T 221 39.22 -10.28 -23.26
C THR T 221 40.71 -10.04 -23.34
N LEU T 222 41.23 -9.76 -24.53
CA LEU T 222 42.67 -9.75 -24.75
C LEU T 222 43.42 -8.73 -23.89
N PRO T 223 42.99 -7.47 -23.77
CA PRO T 223 43.77 -6.51 -22.97
C PRO T 223 43.83 -6.84 -21.49
N PHE T 224 43.15 -7.89 -21.03
CA PHE T 224 43.11 -8.23 -19.61
C PHE T 224 44.24 -9.16 -19.19
N LYS T 225 45.10 -9.59 -20.11
CA LYS T 225 46.21 -10.44 -19.74
C LYS T 225 47.16 -9.70 -18.82
N ASN T 226 47.66 -10.41 -17.80
CA ASN T 226 48.55 -9.87 -16.77
C ASN T 226 47.90 -8.78 -15.93
N ARG T 227 46.59 -8.58 -16.06
CA ARG T 227 45.88 -7.55 -15.31
C ARG T 227 44.82 -8.12 -14.39
N ASN T 228 43.91 -8.94 -14.89
CA ASN T 228 42.86 -9.53 -14.06
C ASN T 228 42.50 -10.91 -14.57
N THR T 229 41.96 -11.72 -13.67
CA THR T 229 41.37 -12.99 -14.06
C THR T 229 40.07 -12.74 -14.80
N VAL T 230 39.85 -13.48 -15.90
CA VAL T 230 38.72 -13.23 -16.79
C VAL T 230 37.78 -14.43 -16.73
N PHE T 231 36.49 -14.14 -16.58
CA PHE T 231 35.43 -15.13 -16.68
C PHE T 231 34.56 -14.81 -17.89
N VAL T 232 34.06 -15.84 -18.55
CA VAL T 232 33.22 -15.69 -19.73
C VAL T 232 31.92 -16.44 -19.49
N PHE T 233 30.80 -15.80 -19.83
CA PHE T 233 29.48 -16.38 -19.66
C PHE T 233 29.05 -17.06 -20.95
N ASN T 234 28.71 -18.34 -20.86
CA ASN T 234 28.20 -19.10 -22.00
C ASN T 234 26.74 -19.44 -21.76
N SER T 235 25.89 -19.17 -22.75
CA SER T 235 24.46 -19.32 -22.61
C SER T 235 23.98 -20.75 -22.83
N ARG T 236 24.86 -21.66 -23.29
CA ARG T 236 24.45 -23.04 -23.51
C ARG T 236 24.04 -23.69 -22.19
N THR T 237 24.81 -23.44 -21.13
CA THR T 237 24.50 -23.98 -19.82
C THR T 237 24.31 -22.91 -18.76
N SER T 238 24.60 -21.64 -19.07
CA SER T 238 24.36 -20.51 -18.19
C SER T 238 25.21 -20.53 -16.92
N GLU T 239 26.52 -20.70 -17.06
CA GLU T 239 27.46 -20.40 -16.00
C GLU T 239 28.62 -19.59 -16.57
N TYR T 240 29.52 -19.18 -15.69
CA TYR T 240 30.71 -18.43 -16.06
C TYR T 240 31.88 -19.39 -16.21
N ILE T 241 32.67 -19.19 -17.26
CA ILE T 241 33.82 -20.04 -17.56
C ILE T 241 35.08 -19.23 -17.38
N CYS T 242 36.02 -19.77 -16.60
CA CYS T 242 37.30 -19.12 -16.36
C CYS T 242 38.24 -19.38 -17.52
N VAL T 243 38.75 -18.32 -18.13
CA VAL T 243 39.64 -18.44 -19.26
C VAL T 243 41.06 -17.98 -18.95
N TYR T 244 41.26 -17.18 -17.90
CA TYR T 244 42.58 -16.73 -17.49
C TYR T 244 42.72 -16.91 -15.98
N SER T 245 43.92 -17.24 -15.53
CA SER T 245 44.21 -17.46 -14.11
C SER T 245 45.37 -16.56 -13.71
N LYS T 246 45.05 -15.38 -13.16
CA LYS T 246 46.07 -14.49 -12.62
C LYS T 246 46.06 -14.44 -11.10
N SER T 247 45.08 -15.05 -10.45
CA SER T 247 44.95 -15.02 -9.00
C SER T 247 44.98 -16.45 -8.46
N ALA T 248 45.55 -16.61 -7.27
CA ALA T 248 45.64 -17.91 -6.64
C ALA T 248 44.26 -18.45 -6.28
N GLY T 249 44.10 -19.77 -6.38
CA GLY T 249 42.86 -20.42 -6.08
C GLY T 249 41.91 -20.59 -7.25
N LEU T 250 42.24 -20.03 -8.41
CA LEU T 250 41.40 -20.14 -9.59
C LEU T 250 42.23 -20.70 -10.75
N ALA T 251 41.60 -21.52 -11.56
CA ALA T 251 42.24 -22.14 -12.71
C ALA T 251 41.35 -22.00 -13.93
N PRO T 252 41.93 -21.96 -15.13
CA PRO T 252 41.11 -21.85 -16.34
C PRO T 252 40.29 -23.12 -16.58
N GLY T 253 38.97 -23.02 -16.43
CA GLY T 253 38.11 -24.16 -16.64
C GLY T 253 37.07 -24.33 -15.56
N MET T 254 37.23 -23.64 -14.43
CA MET T 254 36.26 -23.74 -13.37
C MET T 254 34.97 -23.00 -13.75
N VAL T 255 33.88 -23.39 -13.11
CA VAL T 255 32.55 -22.92 -13.47
C VAL T 255 31.89 -22.30 -12.24
N LEU T 256 31.14 -21.23 -12.48
CA LEU T 256 30.39 -20.53 -11.43
C LEU T 256 28.90 -20.67 -11.76
N LYS T 257 28.24 -21.61 -11.09
CA LYS T 257 26.84 -21.87 -11.35
C LYS T 257 25.99 -20.66 -11.02
N GLY T 258 25.07 -20.32 -11.93
CA GLY T 258 24.19 -19.18 -11.74
C GLY T 258 23.13 -19.41 -10.68
N PRO U 2 48.44 -32.15 -26.89
CA PRO U 2 48.90 -33.17 -25.95
C PRO U 2 50.39 -33.50 -26.11
N GLN U 3 50.93 -34.25 -25.15
CA GLN U 3 52.33 -34.67 -25.18
C GLN U 3 52.44 -35.93 -26.02
N ALA U 4 53.68 -36.30 -26.36
CA ALA U 4 53.97 -37.53 -27.07
C ALA U 4 55.46 -37.84 -27.01
N PHE U 5 55.80 -39.03 -26.53
CA PHE U 5 57.16 -39.54 -26.59
C PHE U 5 57.33 -40.38 -27.85
N PHE U 6 58.49 -40.29 -28.47
CA PHE U 6 58.80 -41.06 -29.67
C PHE U 6 59.81 -42.15 -29.31
N SER U 7 59.44 -43.41 -29.52
CA SER U 7 60.34 -44.54 -29.33
C SER U 7 60.76 -45.05 -30.70
N HIS U 8 62.06 -45.06 -30.96
CA HIS U 8 62.56 -45.35 -32.29
C HIS U 8 64.00 -45.81 -32.24
N ASN U 9 64.45 -46.38 -33.34
CA ASN U 9 65.86 -46.72 -33.53
C ASN U 9 66.53 -45.67 -34.42
N ASN U 10 67.84 -45.52 -34.25
CA ASN U 10 68.57 -44.43 -34.88
C ASN U 10 68.54 -44.50 -36.41
N LYS U 11 68.21 -45.66 -36.99
CA LYS U 11 68.14 -45.73 -38.44
C LYS U 11 66.83 -45.16 -38.97
N ASP U 12 65.85 -44.98 -38.08
CA ASP U 12 64.60 -44.29 -38.42
C ASP U 12 64.65 -42.81 -38.07
N LYS U 13 65.79 -42.31 -37.61
CA LYS U 13 65.88 -40.91 -37.21
C LYS U 13 65.55 -39.97 -38.36
N LYS U 14 65.83 -40.41 -39.60
CA LYS U 14 65.49 -39.59 -40.75
C LYS U 14 63.99 -39.37 -40.88
N ILE U 15 63.21 -40.43 -40.67
CA ILE U 15 61.76 -40.32 -40.80
C ILE U 15 61.09 -39.91 -39.50
N VAL U 16 61.76 -40.10 -38.36
CA VAL U 16 61.16 -39.74 -37.08
C VAL U 16 60.96 -38.23 -37.00
N LEU U 17 61.98 -37.46 -37.38
CA LEU U 17 61.89 -36.01 -37.26
C LEU U 17 60.79 -35.44 -38.14
N GLU U 18 60.68 -35.94 -39.38
CA GLU U 18 59.65 -35.44 -40.28
C GLU U 18 58.26 -35.82 -39.80
N VAL U 19 58.11 -36.97 -39.13
CA VAL U 19 56.86 -37.28 -38.46
C VAL U 19 56.69 -36.39 -37.24
N LEU U 20 57.75 -36.23 -36.45
CA LEU U 20 57.69 -35.36 -35.29
C LEU U 20 57.44 -33.91 -35.69
N GLU U 21 58.09 -33.45 -36.76
CA GLU U 21 57.89 -32.09 -37.22
C GLU U 21 56.43 -31.86 -37.64
N HIS U 22 55.86 -32.80 -38.39
CA HIS U 22 54.48 -32.67 -38.82
C HIS U 22 53.54 -32.64 -37.62
N LEU U 23 53.80 -33.49 -36.63
CA LEU U 23 52.95 -33.51 -35.44
C LEU U 23 53.06 -32.21 -34.66
N ARG U 24 54.26 -31.60 -34.63
CA ARG U 24 54.45 -30.36 -33.90
C ARG U 24 53.60 -29.23 -34.50
N GLN U 25 53.53 -29.16 -35.83
CA GLN U 25 52.67 -28.17 -36.47
C GLN U 25 51.21 -28.35 -36.10
N SER U 26 50.82 -29.55 -35.66
CA SER U 26 49.47 -29.81 -35.19
C SER U 26 49.29 -29.51 -33.71
N LEU U 27 50.13 -28.64 -33.15
CA LEU U 27 50.03 -28.22 -31.75
C LEU U 27 50.16 -29.40 -30.79
N VAL U 28 51.04 -30.34 -31.10
CA VAL U 28 51.27 -31.52 -30.26
C VAL U 28 52.67 -31.40 -29.67
N ALA U 29 52.76 -31.48 -28.35
CA ALA U 29 54.05 -31.44 -27.67
C ALA U 29 54.78 -32.75 -27.88
N THR U 30 56.00 -32.68 -28.42
CA THR U 30 56.80 -33.85 -28.73
C THR U 30 58.11 -33.82 -27.95
N TRP U 31 58.46 -34.96 -27.36
CA TRP U 31 59.69 -35.12 -26.59
C TRP U 31 60.43 -36.32 -27.16
N ILE U 32 61.54 -36.06 -27.86
CA ILE U 32 62.32 -37.13 -28.47
C ILE U 32 63.50 -37.55 -27.59
N ASP U 33 64.19 -36.60 -26.99
CA ASP U 33 65.29 -36.90 -26.08
C ASP U 33 65.65 -35.70 -25.22
N SER U 42 65.50 -40.20 -20.13
CA SER U 42 64.77 -41.33 -20.68
C SER U 42 63.35 -40.95 -21.04
N LEU U 43 62.46 -41.94 -21.07
CA LEU U 43 61.06 -41.70 -21.41
C LEU U 43 60.13 -42.34 -20.40
N ILE U 44 60.62 -43.36 -19.69
CA ILE U 44 59.76 -44.13 -18.79
C ILE U 44 59.36 -43.29 -17.58
N GLN U 45 60.33 -42.63 -16.95
CA GLN U 45 60.03 -41.84 -15.75
C GLN U 45 59.28 -40.55 -16.07
N GLN U 46 59.53 -39.94 -17.23
CA GLN U 46 58.79 -38.75 -17.61
C GLN U 46 57.35 -39.06 -18.00
N ILE U 47 57.00 -40.33 -18.16
CA ILE U 47 55.61 -40.71 -18.36
C ILE U 47 54.76 -40.29 -17.17
N ILE U 48 55.28 -40.46 -15.96
CA ILE U 48 54.53 -40.13 -14.74
C ILE U 48 54.77 -38.65 -14.50
N ALA U 49 53.97 -37.83 -15.17
CA ALA U 49 54.06 -36.37 -15.08
C ALA U 49 52.85 -35.72 -15.73
N GLY U 50 52.30 -34.70 -15.11
CA GLY U 50 51.19 -33.96 -15.69
C GLY U 50 49.85 -34.46 -15.17
N ILE U 51 48.93 -34.75 -16.09
CA ILE U 51 47.58 -35.13 -15.75
C ILE U 51 47.34 -36.57 -16.17
N SER U 52 46.13 -37.05 -15.90
CA SER U 52 45.74 -38.41 -16.28
C SER U 52 45.87 -38.63 -17.77
N LYS U 53 45.43 -37.69 -18.59
CA LYS U 53 45.73 -37.69 -20.02
C LYS U 53 47.19 -37.26 -20.22
N SER U 54 48.09 -38.20 -19.93
CA SER U 54 49.51 -37.95 -20.06
C SER U 54 49.89 -37.68 -21.51
N GLN U 55 49.75 -38.69 -22.36
CA GLN U 55 50.19 -38.63 -23.75
C GLN U 55 49.79 -39.94 -24.43
N TYR U 56 50.25 -40.10 -25.67
CA TYR U 56 50.18 -41.36 -26.39
C TYR U 56 51.57 -41.75 -26.83
N PHE U 57 51.96 -42.99 -26.51
CA PHE U 57 53.29 -43.49 -26.85
C PHE U 57 53.38 -43.79 -28.34
N LEU U 58 54.43 -43.29 -28.99
CA LEU U 58 54.67 -43.52 -30.41
C LEU U 58 55.76 -44.58 -30.54
N ALA U 59 55.36 -45.84 -30.61
CA ALA U 59 56.30 -46.95 -30.76
C ALA U 59 56.48 -47.22 -32.25
N PHE U 60 57.60 -46.76 -32.80
CA PHE U 60 57.89 -46.93 -34.22
C PHE U 60 58.45 -48.33 -34.45
N LEU U 61 57.54 -49.28 -34.64
CA LEU U 61 57.96 -50.66 -34.86
C LEU U 61 58.61 -50.81 -36.22
N SER U 62 59.77 -51.47 -36.24
CA SER U 62 60.51 -51.68 -37.48
C SER U 62 61.34 -52.93 -37.33
N ASN U 63 61.88 -53.41 -38.45
CA ASN U 63 62.64 -54.66 -38.45
C ASN U 63 63.85 -54.56 -37.53
N GLU U 64 64.70 -53.54 -37.72
CA GLU U 64 65.90 -53.41 -36.90
C GLU U 64 65.54 -52.96 -35.48
N TYR U 65 64.43 -52.25 -35.32
CA TYR U 65 64.00 -51.80 -34.00
C TYR U 65 63.83 -52.98 -33.05
N LEU U 66 63.45 -54.14 -33.58
CA LEU U 66 63.26 -55.33 -32.77
C LEU U 66 64.58 -56.04 -32.43
N LYS U 67 65.69 -55.65 -33.03
CA LYS U 67 67.00 -56.20 -32.67
C LYS U 67 67.69 -55.43 -31.57
N SER U 68 67.05 -54.37 -31.04
CA SER U 68 67.62 -53.54 -30.00
C SER U 68 66.98 -53.92 -28.67
N ASP U 69 67.81 -54.33 -27.71
CA ASP U 69 67.29 -54.73 -26.41
C ASP U 69 66.82 -53.52 -25.61
N TRP U 70 67.55 -52.41 -25.69
CA TRP U 70 67.14 -51.21 -24.97
C TRP U 70 65.83 -50.66 -25.51
N CYS U 71 65.62 -50.76 -26.82
CA CYS U 71 64.32 -50.42 -27.38
C CYS U 71 63.24 -51.39 -26.92
N TRP U 72 63.57 -52.68 -26.86
CA TRP U 72 62.56 -53.69 -26.53
C TRP U 72 62.10 -53.58 -25.09
N ASP U 73 63.03 -53.37 -24.15
CA ASP U 73 62.62 -53.23 -22.76
C ASP U 73 61.84 -51.94 -22.55
N GLU U 74 62.16 -50.89 -23.30
CA GLU U 74 61.40 -49.64 -23.20
C GLU U 74 59.94 -49.85 -23.58
N LEU U 75 59.70 -50.62 -24.65
CA LEU U 75 58.32 -50.93 -25.03
C LEU U 75 57.63 -51.76 -23.96
N GLU U 76 58.37 -52.64 -23.29
CA GLU U 76 57.78 -53.47 -22.25
C GLU U 76 57.28 -52.62 -21.09
N GLN U 77 58.09 -51.65 -20.65
CA GLN U 77 57.67 -50.78 -19.55
C GLN U 77 56.51 -49.89 -19.97
N ALA U 78 56.53 -49.40 -21.21
CA ALA U 78 55.45 -48.54 -21.69
C ALA U 78 54.12 -49.27 -21.68
N TYR U 79 54.10 -50.52 -22.12
CA TYR U 79 52.86 -51.29 -22.09
C TYR U 79 52.51 -51.72 -20.67
N ALA U 80 53.52 -51.90 -19.82
CA ALA U 80 53.25 -52.32 -18.45
C ALA U 80 52.40 -51.29 -17.70
N LEU U 81 52.75 -50.01 -17.82
CA LEU U 81 51.94 -48.95 -17.22
C LEU U 81 50.76 -48.55 -18.09
N HIS U 82 50.74 -48.98 -19.35
CA HIS U 82 49.58 -48.71 -20.20
C HIS U 82 48.36 -49.48 -19.71
N GLN U 83 48.56 -50.67 -19.16
CA GLN U 83 47.45 -51.42 -18.57
C GLN U 83 46.82 -50.64 -17.41
N LYS U 84 47.63 -49.88 -16.68
CA LYS U 84 47.11 -49.03 -15.61
C LYS U 84 46.28 -47.86 -16.14
N GLY U 85 46.31 -47.61 -17.44
CA GLY U 85 45.55 -46.52 -18.03
C GLY U 85 46.23 -45.17 -18.03
N LYS U 86 47.46 -45.08 -17.51
CA LYS U 86 48.16 -43.81 -17.50
C LYS U 86 48.42 -43.30 -18.92
N VAL U 87 48.90 -44.18 -19.80
CA VAL U 87 49.19 -43.84 -21.19
C VAL U 87 48.64 -44.95 -22.07
N LYS U 88 48.31 -44.60 -23.31
CA LYS U 88 47.96 -45.58 -24.32
C LYS U 88 48.96 -45.46 -25.48
N ILE U 89 49.28 -46.60 -26.07
CA ILE U 89 50.35 -46.70 -27.06
C ILE U 89 49.71 -46.82 -28.43
N ILE U 90 50.26 -46.09 -29.41
CA ILE U 90 49.86 -46.23 -30.80
C ILE U 90 51.08 -46.68 -31.60
N PRO U 91 51.14 -47.94 -32.03
CA PRO U 91 52.34 -48.44 -32.72
C PRO U 91 52.27 -48.14 -34.21
N ILE U 92 53.37 -47.59 -34.73
CA ILE U 92 53.49 -47.28 -36.15
C ILE U 92 54.47 -48.28 -36.76
N LEU U 93 54.05 -48.93 -37.84
CA LEU U 93 54.87 -49.95 -38.50
C LEU U 93 55.64 -49.30 -39.63
N LEU U 94 56.96 -49.19 -39.46
CA LEU U 94 57.80 -48.67 -40.54
C LEU U 94 57.72 -49.57 -41.77
N THR U 95 57.77 -50.87 -41.56
CA THR U 95 57.50 -51.86 -42.61
C THR U 95 56.18 -52.54 -42.32
N ASN U 96 55.56 -53.08 -43.37
CA ASN U 96 54.25 -53.69 -43.22
C ASN U 96 54.31 -54.92 -42.32
N ARG U 97 53.13 -55.35 -41.87
CA ARG U 97 53.04 -56.48 -40.95
C ARG U 97 53.58 -57.77 -41.57
N ALA U 98 53.46 -57.91 -42.89
CA ALA U 98 53.85 -59.16 -43.54
C ALA U 98 55.35 -59.42 -43.40
N GLN U 99 56.18 -58.39 -43.57
CA GLN U 99 57.62 -58.56 -43.60
C GLN U 99 58.28 -58.32 -42.24
N LEU U 100 57.51 -58.25 -41.17
CA LEU U 100 58.09 -58.14 -39.84
C LEU U 100 58.81 -59.43 -39.47
N ASP U 101 60.03 -59.30 -38.96
CA ASP U 101 60.87 -60.45 -38.65
C ASP U 101 60.48 -61.00 -37.28
N LEU U 102 59.34 -61.68 -37.25
CA LEU U 102 58.87 -62.28 -36.01
C LEU U 102 59.63 -63.53 -35.61
N ASN U 103 60.22 -64.24 -36.58
CA ASN U 103 60.94 -65.47 -36.28
C ASN U 103 62.18 -65.20 -35.44
N ALA U 104 62.91 -64.13 -35.75
CA ALA U 104 64.15 -63.85 -35.04
C ALA U 104 63.89 -63.54 -33.57
N LEU U 105 62.68 -63.12 -33.24
CA LEU U 105 62.37 -62.79 -31.86
C LEU U 105 62.17 -64.04 -31.03
N THR U 106 62.42 -63.92 -29.73
CA THR U 106 62.16 -65.03 -28.80
C THR U 106 60.65 -65.23 -28.67
N ASP U 107 60.28 -66.40 -28.15
CA ASP U 107 58.86 -66.74 -28.05
C ASP U 107 58.12 -65.77 -27.12
N ALA U 108 58.73 -65.44 -25.98
CA ALA U 108 58.10 -64.49 -25.07
C ALA U 108 57.95 -63.12 -25.70
N ARG U 109 58.99 -62.65 -26.38
CA ARG U 109 58.90 -61.36 -27.08
C ARG U 109 57.89 -61.43 -28.22
N ARG U 110 57.89 -62.52 -28.98
CA ARG U 110 56.97 -62.65 -30.11
C ARG U 110 55.52 -62.66 -29.64
N ASN U 111 55.23 -63.39 -28.55
CA ASN U 111 53.89 -63.38 -28.00
C ASN U 111 53.51 -62.00 -27.50
N PHE U 112 54.45 -61.32 -26.84
CA PHE U 112 54.19 -59.96 -26.36
C PHE U 112 53.91 -59.01 -27.52
N LEU U 113 54.69 -59.12 -28.60
CA LEU U 113 54.47 -58.26 -29.75
C LEU U 113 53.14 -58.58 -30.42
N GLU U 114 52.79 -59.87 -30.53
CA GLU U 114 51.54 -60.23 -31.20
C GLU U 114 50.34 -59.91 -30.34
N SER U 115 50.51 -59.93 -29.01
CA SER U 115 49.40 -59.59 -28.12
C SER U 115 48.96 -58.14 -28.31
N ILE U 116 49.93 -57.22 -28.44
CA ILE U 116 49.58 -55.81 -28.56
C ILE U 116 49.20 -55.43 -29.99
N LEU U 117 49.68 -56.16 -30.99
CA LEU U 117 49.39 -55.80 -32.37
C LEU U 117 47.96 -56.17 -32.75
N THR U 118 47.41 -57.22 -32.13
CA THR U 118 46.06 -57.67 -32.42
C THR U 118 45.02 -56.99 -31.54
N ARG U 119 45.21 -57.05 -30.22
CA ARG U 119 44.26 -56.44 -29.29
C ARG U 119 44.22 -54.92 -29.43
N LEU U 120 45.33 -54.29 -29.77
CA LEU U 120 45.42 -52.84 -29.84
C LEU U 120 45.71 -52.43 -31.27
N LYS U 121 45.00 -51.42 -31.75
CA LYS U 121 45.06 -51.02 -33.15
C LYS U 121 46.43 -50.46 -33.50
N TYR U 122 46.94 -50.84 -34.68
CA TYR U 122 48.21 -50.34 -35.19
C TYR U 122 47.96 -49.38 -36.35
N VAL U 123 49.02 -48.67 -36.73
CA VAL U 123 48.99 -47.74 -37.86
C VAL U 123 50.11 -48.13 -38.80
N GLU U 124 49.78 -48.29 -40.08
CA GLU U 124 50.77 -48.62 -41.10
C GLU U 124 51.44 -47.35 -41.59
N PHE U 125 52.76 -47.43 -41.80
CA PHE U 125 53.56 -46.31 -42.28
C PHE U 125 54.28 -46.74 -43.54
N ASP U 126 54.26 -45.88 -44.55
CA ASP U 126 54.87 -46.16 -45.84
C ASP U 126 55.32 -44.85 -46.48
N PRO U 127 56.59 -44.70 -46.81
CA PRO U 127 57.10 -43.39 -47.25
C PRO U 127 56.55 -42.92 -48.58
N HIS U 128 56.25 -43.82 -49.52
CA HIS U 128 55.89 -43.37 -50.86
C HIS U 128 54.57 -42.59 -50.84
N ASN U 129 53.61 -43.05 -50.04
CA ASN U 129 52.38 -42.30 -49.81
C ASN U 129 52.55 -41.45 -48.55
N MET U 130 53.41 -40.44 -48.69
CA MET U 130 53.84 -39.64 -47.54
C MET U 130 52.67 -38.88 -46.93
N THR U 131 51.86 -38.21 -47.75
CA THR U 131 50.79 -37.38 -47.23
C THR U 131 49.76 -38.21 -46.47
N ARG U 132 49.37 -39.35 -47.02
CA ARG U 132 48.39 -40.19 -46.34
C ARG U 132 48.98 -40.82 -45.08
N SER U 133 50.26 -41.19 -45.13
CA SER U 133 50.90 -41.79 -43.96
C SER U 133 50.90 -40.83 -42.78
N LEU U 134 51.21 -39.55 -43.03
CA LEU U 134 51.18 -38.57 -41.96
C LEU U 134 49.77 -38.38 -41.42
N GLY U 135 48.77 -38.35 -42.31
CA GLY U 135 47.40 -38.17 -41.87
C GLY U 135 46.90 -39.33 -41.02
N SER U 136 47.29 -40.55 -41.38
CA SER U 136 46.88 -41.72 -40.60
C SER U 136 47.46 -41.66 -39.19
N VAL U 137 48.73 -41.24 -39.07
CA VAL U 137 49.33 -41.07 -37.75
C VAL U 137 48.59 -39.99 -36.96
N ALA U 138 48.29 -38.87 -37.62
CA ALA U 138 47.56 -37.79 -36.96
C ALA U 138 46.15 -38.23 -36.57
N GLU U 139 45.51 -39.04 -37.41
CA GLU U 139 44.17 -39.51 -37.09
C GLU U 139 44.16 -40.33 -35.80
N ALA U 140 45.09 -41.28 -35.68
CA ALA U 140 45.19 -42.05 -34.44
C ALA U 140 45.59 -41.16 -33.27
N LEU U 141 46.32 -40.09 -33.55
CA LEU U 141 46.68 -39.13 -32.50
C LEU U 141 45.44 -38.49 -31.91
N TRP U 142 44.52 -38.02 -32.76
CA TRP U 142 43.36 -37.26 -32.33
C TRP U 142 42.11 -38.12 -32.19
N GLN U 143 42.19 -39.42 -32.46
CA GLN U 143 40.98 -40.25 -32.50
C GLN U 143 40.30 -40.31 -31.13
N ASN U 144 41.06 -40.53 -30.07
CA ASN U 144 40.52 -40.60 -28.73
C ASN U 144 40.65 -39.29 -27.98
N GLU U 145 40.80 -38.19 -28.69
CA GLU U 145 41.02 -36.86 -28.12
C GLU U 145 39.75 -36.03 -28.24
N ALA U 146 39.72 -34.95 -27.45
CA ALA U 146 38.74 -33.89 -27.60
C ALA U 146 39.16 -33.02 -28.78
N VAL U 147 38.64 -31.80 -28.85
CA VAL U 147 38.85 -30.90 -29.99
C VAL U 147 40.26 -31.00 -30.52
N ARG U 148 40.39 -31.27 -31.81
CA ARG U 148 41.67 -31.55 -32.46
C ARG U 148 42.19 -30.29 -33.14
N PHE U 149 43.42 -30.37 -33.62
CA PHE U 149 44.07 -29.25 -34.30
C PHE U 149 44.63 -29.71 -35.64
N GLU U 150 44.41 -28.89 -36.66
CA GLU U 150 44.98 -29.10 -37.97
C GLU U 150 46.37 -28.47 -38.05
N PRO U 151 47.22 -28.95 -38.96
CA PRO U 151 48.54 -28.32 -39.12
C PRO U 151 48.41 -26.86 -39.49
N ILE U 152 49.31 -26.04 -38.93
CA ILE U 152 49.28 -24.60 -39.16
C ILE U 152 49.63 -24.30 -40.61
N ARG U 153 48.80 -23.49 -41.26
CA ARG U 153 48.97 -23.15 -42.66
C ARG U 153 49.32 -21.67 -42.80
N MET U 154 50.41 -21.38 -43.52
CA MET U 154 50.81 -20.01 -43.79
C MET U 154 50.02 -19.55 -45.02
N ILE U 155 48.96 -18.78 -44.78
CA ILE U 155 48.05 -18.37 -45.83
C ILE U 155 48.08 -16.85 -45.97
N LYS U 156 48.20 -16.39 -47.21
CA LYS U 156 48.16 -14.97 -47.52
C LYS U 156 46.76 -14.61 -48.01
N VAL U 157 46.13 -13.67 -47.33
CA VAL U 157 44.78 -13.22 -47.67
C VAL U 157 44.81 -11.73 -47.92
N ASN U 158 44.39 -11.32 -49.12
CA ASN U 158 44.25 -9.91 -49.48
C ASN U 158 45.57 -9.15 -49.27
N GLY U 159 46.68 -9.80 -49.59
CA GLY U 159 47.98 -9.17 -49.44
C GLY U 159 48.55 -9.17 -48.05
N THR U 160 47.93 -9.89 -47.11
CA THR U 160 48.40 -9.94 -45.73
C THR U 160 48.71 -11.38 -45.36
N GLU U 161 49.86 -11.61 -44.75
CA GLU U 161 50.29 -12.95 -44.38
C GLU U 161 49.72 -13.35 -43.03
N LEU U 162 49.18 -14.57 -42.95
CA LEU U 162 48.64 -15.10 -41.71
C LEU U 162 49.06 -16.56 -41.56
N GLN U 163 48.99 -17.05 -40.32
CA GLN U 163 49.16 -18.47 -40.01
C GLN U 163 47.87 -18.95 -39.35
N VAL U 164 46.99 -19.56 -40.13
CA VAL U 164 45.67 -19.94 -39.64
C VAL U 164 45.79 -21.16 -38.75
N VAL U 165 45.23 -21.06 -37.55
CA VAL U 165 45.19 -22.18 -36.61
C VAL U 165 43.74 -22.67 -36.59
N GLU U 166 43.49 -23.80 -37.25
CA GLU U 166 42.15 -24.35 -37.37
C GLU U 166 42.00 -25.54 -36.44
N PHE U 167 40.89 -25.58 -35.72
CA PHE U 167 40.58 -26.69 -34.83
C PHE U 167 39.20 -27.25 -35.15
N LYS U 168 39.02 -28.53 -34.91
CA LYS U 168 37.75 -29.21 -35.17
C LYS U 168 37.29 -29.92 -33.89
N ILE U 169 36.02 -29.74 -33.56
CA ILE U 169 35.40 -30.36 -32.40
C ILE U 169 34.57 -31.54 -32.87
N PRO U 170 34.94 -32.77 -32.55
CA PRO U 170 34.11 -33.93 -32.91
C PRO U 170 32.89 -34.01 -32.00
N GLY U 171 31.71 -34.03 -32.61
CA GLY U 171 30.47 -34.05 -31.86
C GLY U 171 29.89 -32.69 -31.55
N SER U 172 30.64 -31.62 -31.79
CA SER U 172 30.17 -30.24 -31.58
C SER U 172 29.66 -30.04 -30.15
N ASN U 173 30.36 -30.62 -29.19
CA ASN U 173 30.00 -30.47 -27.79
C ASN U 173 31.20 -30.84 -26.93
N LEU U 174 31.48 -30.01 -25.93
CA LEU U 174 32.56 -30.25 -24.97
C LEU U 174 32.02 -30.17 -23.56
N PRO U 175 32.64 -30.85 -22.61
CA PRO U 175 32.29 -30.66 -21.20
C PRO U 175 32.48 -29.20 -20.81
N VAL U 176 31.59 -28.71 -19.96
CA VAL U 176 31.59 -27.29 -19.63
C VAL U 176 32.89 -26.90 -18.93
N ASP U 177 33.47 -27.82 -18.16
CA ASP U 177 34.75 -27.61 -17.48
C ASP U 177 35.91 -28.25 -18.24
N PHE U 178 35.86 -28.22 -19.58
CA PHE U 178 36.88 -28.89 -20.37
C PHE U 178 38.27 -28.27 -20.16
N LEU U 179 38.33 -26.95 -20.06
CA LEU U 179 39.63 -26.28 -19.95
C LEU U 179 40.38 -26.67 -18.69
N HIS U 180 39.68 -27.16 -17.67
CA HIS U 180 40.35 -27.56 -16.44
C HIS U 180 41.31 -28.72 -16.68
N HIS U 181 40.92 -29.67 -17.52
CA HIS U 181 41.70 -30.88 -17.76
C HIS U 181 42.36 -30.90 -19.13
N TRP U 182 42.51 -29.75 -19.78
CA TRP U 182 43.16 -29.69 -21.08
C TRP U 182 44.61 -29.31 -20.90
N ASP U 183 45.52 -30.15 -21.41
CA ASP U 183 46.95 -29.93 -21.27
C ASP U 183 47.51 -29.32 -22.56
N LEU U 184 47.33 -28.01 -22.69
CA LEU U 184 47.80 -27.27 -23.85
C LEU U 184 48.16 -25.85 -23.44
N LYS U 185 49.45 -25.60 -23.22
CA LYS U 185 49.97 -24.26 -23.02
C LYS U 185 50.37 -23.74 -24.40
N ILE U 186 49.52 -22.89 -24.99
CA ILE U 186 49.80 -22.37 -26.32
C ILE U 186 50.97 -21.39 -26.33
N GLU U 187 51.38 -20.90 -25.16
CA GLU U 187 52.48 -19.93 -25.12
C GLU U 187 53.79 -20.55 -25.58
N ASP U 188 54.05 -21.81 -25.19
CA ASP U 188 55.33 -22.43 -25.50
C ASP U 188 55.46 -22.82 -26.97
N PHE U 189 54.40 -22.75 -27.75
CA PHE U 189 54.46 -23.02 -29.19
C PHE U 189 54.77 -21.77 -30.01
N ILE U 190 55.02 -20.64 -29.35
CA ILE U 190 55.27 -19.37 -30.02
C ILE U 190 56.78 -19.18 -30.13
N ALA U 191 57.26 -18.98 -31.36
CA ALA U 191 58.69 -18.76 -31.56
C ALA U 191 59.09 -17.38 -31.05
N THR U 192 60.14 -17.35 -30.24
CA THR U 192 60.63 -16.09 -29.69
C THR U 192 61.60 -15.38 -30.63
N SER U 193 62.11 -16.04 -31.65
CA SER U 193 63.05 -15.46 -32.60
C SER U 193 62.69 -15.94 -34.00
N PRO U 194 63.07 -15.18 -35.03
CA PRO U 194 62.76 -15.61 -36.40
C PRO U 194 63.33 -16.96 -36.76
N ASN U 195 64.52 -17.30 -36.26
CA ASN U 195 65.13 -18.58 -36.57
C ASN U 195 64.70 -19.71 -35.63
N GLU U 196 63.96 -19.39 -34.57
CA GLU U 196 63.52 -20.42 -33.64
C GLU U 196 62.50 -21.34 -34.32
N GLN U 197 62.65 -22.64 -34.08
CA GLN U 197 61.82 -23.64 -34.75
C GLN U 197 60.65 -23.95 -33.83
N LYS U 198 59.52 -23.29 -34.08
CA LYS U 198 58.29 -23.46 -33.31
C LYS U 198 57.12 -23.44 -34.28
N PRO U 199 55.99 -24.06 -33.91
CA PRO U 199 54.84 -24.06 -34.82
C PRO U 199 54.34 -22.67 -35.17
N VAL U 200 54.36 -21.74 -34.23
CA VAL U 200 53.86 -20.39 -34.44
C VAL U 200 55.04 -19.49 -34.79
N LYS U 201 54.99 -18.90 -35.98
CA LYS U 201 56.09 -18.06 -36.43
C LYS U 201 56.17 -16.77 -35.63
N PHE U 202 57.39 -16.28 -35.44
CA PHE U 202 57.62 -15.08 -34.66
C PHE U 202 57.08 -13.86 -35.38
N ASP U 203 56.26 -13.07 -34.67
CA ASP U 203 55.71 -11.79 -35.11
C ASP U 203 54.76 -11.90 -36.30
N VAL U 204 54.49 -13.10 -36.79
CA VAL U 204 53.56 -13.27 -37.92
C VAL U 204 52.14 -13.31 -37.37
N PRO U 205 51.21 -12.53 -37.92
CA PRO U 205 49.83 -12.55 -37.40
C PRO U 205 49.21 -13.93 -37.52
N VAL U 206 48.41 -14.27 -36.52
CA VAL U 206 47.75 -15.57 -36.45
C VAL U 206 46.24 -15.38 -36.61
N ALA U 207 45.57 -16.47 -36.97
CA ALA U 207 44.13 -16.46 -37.16
C ALA U 207 43.53 -17.70 -36.51
N LEU U 208 42.30 -17.55 -36.01
CA LEU U 208 41.57 -18.66 -35.40
C LEU U 208 40.43 -19.06 -36.33
N TYR U 209 40.27 -20.36 -36.54
CA TYR U 209 39.31 -20.89 -37.48
C TYR U 209 38.53 -22.04 -36.84
N GLY U 210 37.32 -22.26 -37.34
CA GLY U 210 36.50 -23.34 -36.90
C GLY U 210 35.45 -22.92 -35.89
N PRO U 211 34.29 -23.57 -35.94
CA PRO U 211 33.24 -23.25 -34.96
C PRO U 211 33.62 -23.69 -33.57
N GLY U 212 33.13 -22.95 -32.58
CA GLY U 212 33.40 -23.26 -31.20
C GLY U 212 32.78 -22.25 -30.25
N PRO U 213 32.77 -22.58 -28.97
CA PRO U 213 32.19 -21.66 -27.98
C PRO U 213 33.04 -20.41 -27.82
N ASN U 214 32.39 -19.34 -27.35
CA ASN U 214 33.07 -18.06 -27.19
C ASN U 214 34.20 -18.15 -26.17
N TRP U 215 34.02 -18.92 -25.09
CA TRP U 215 35.07 -19.04 -24.09
C TRP U 215 36.28 -19.79 -24.62
N LEU U 216 36.07 -20.70 -25.57
CA LEU U 216 37.21 -21.38 -26.20
C LEU U 216 38.07 -20.40 -26.98
N TYR U 217 37.44 -19.47 -27.71
CA TYR U 217 38.20 -18.47 -28.44
C TYR U 217 38.98 -17.56 -27.49
N ALA U 218 38.34 -17.13 -26.41
CA ALA U 218 39.01 -16.25 -25.45
C ALA U 218 40.20 -16.94 -24.81
N PHE U 219 40.07 -18.24 -24.52
CA PHE U 219 41.17 -18.98 -23.92
C PHE U 219 42.37 -19.03 -24.86
N LEU U 220 42.14 -19.24 -26.15
CA LEU U 220 43.24 -19.30 -27.11
C LEU U 220 43.76 -17.93 -27.47
N THR U 221 42.88 -16.92 -27.51
CA THR U 221 43.29 -15.59 -27.95
C THR U 221 44.13 -14.89 -26.89
N LEU U 222 43.82 -15.12 -25.61
CA LEU U 222 44.43 -14.33 -24.54
C LEU U 222 45.95 -14.43 -24.48
N PRO U 223 46.58 -15.62 -24.55
CA PRO U 223 48.04 -15.66 -24.39
C PRO U 223 48.82 -14.97 -25.48
N PHE U 224 48.18 -14.43 -26.50
CA PHE U 224 48.89 -13.80 -27.61
C PHE U 224 49.11 -12.30 -27.42
N LYS U 225 48.76 -11.75 -26.27
CA LYS U 225 49.01 -10.34 -26.01
C LYS U 225 50.51 -10.08 -25.96
N ASN U 226 50.94 -9.00 -26.63
CA ASN U 226 52.34 -8.62 -26.73
C ASN U 226 53.19 -9.67 -27.45
N ARG U 227 52.55 -10.62 -28.13
CA ARG U 227 53.26 -11.69 -28.82
C ARG U 227 52.98 -11.72 -30.31
N ASN U 228 51.70 -11.70 -30.71
CA ASN U 228 51.34 -11.81 -32.11
C ASN U 228 50.02 -11.10 -32.36
N THR U 229 49.89 -10.52 -33.54
CA THR U 229 48.61 -9.99 -33.97
C THR U 229 47.63 -11.15 -34.20
N VAL U 230 46.41 -11.01 -33.71
CA VAL U 230 45.44 -12.10 -33.70
C VAL U 230 44.28 -11.76 -34.62
N PHE U 231 43.85 -12.74 -35.40
CA PHE U 231 42.66 -12.66 -36.22
C PHE U 231 41.69 -13.75 -35.81
N VAL U 232 40.40 -13.51 -36.03
CA VAL U 232 39.38 -14.51 -35.76
C VAL U 232 38.44 -14.58 -36.96
N PHE U 233 37.82 -15.74 -37.14
CA PHE U 233 36.93 -15.99 -38.26
C PHE U 233 35.49 -15.99 -37.78
N ASN U 234 34.64 -15.20 -38.43
CA ASN U 234 33.22 -15.10 -38.09
C ASN U 234 32.42 -15.60 -39.29
N SER U 235 31.49 -16.52 -39.03
CA SER U 235 30.71 -17.13 -40.10
C SER U 235 29.62 -16.22 -40.64
N ARG U 236 29.32 -15.10 -39.97
CA ARG U 236 28.25 -14.24 -40.43
C ARG U 236 28.57 -13.66 -41.80
N THR U 237 29.81 -13.27 -42.02
CA THR U 237 30.26 -12.77 -43.32
C THR U 237 31.40 -13.60 -43.89
N SER U 238 31.79 -14.69 -43.21
CA SER U 238 32.90 -15.55 -43.62
C SER U 238 34.16 -14.72 -43.90
N GLU U 239 34.51 -13.85 -42.96
CA GLU U 239 35.67 -12.99 -43.08
C GLU U 239 36.48 -13.02 -41.80
N TYR U 240 37.78 -12.75 -41.93
CA TYR U 240 38.66 -12.67 -40.78
C TYR U 240 38.58 -11.29 -40.15
N ILE U 241 38.59 -11.26 -38.82
CA ILE U 241 38.44 -10.02 -38.06
C ILE U 241 39.68 -9.84 -37.20
N CYS U 242 40.29 -8.66 -37.28
CA CYS U 242 41.46 -8.33 -36.48
C CYS U 242 41.01 -7.87 -35.09
N VAL U 243 41.56 -8.49 -34.06
CA VAL U 243 41.24 -8.13 -32.69
C VAL U 243 42.44 -7.63 -31.90
N TYR U 244 43.66 -7.79 -32.42
CA TYR U 244 44.86 -7.29 -31.77
C TYR U 244 45.72 -6.56 -32.78
N SER U 245 46.26 -5.42 -32.37
CA SER U 245 47.09 -4.59 -33.23
C SER U 245 48.48 -4.50 -32.61
N LYS U 246 49.38 -5.37 -33.07
CA LYS U 246 50.78 -5.30 -32.68
C LYS U 246 51.70 -4.97 -33.84
N SER U 247 51.39 -5.46 -35.04
CA SER U 247 52.15 -5.11 -36.22
C SER U 247 51.68 -3.77 -36.79
N ALA U 248 52.60 -3.07 -37.45
CA ALA U 248 52.28 -1.78 -38.04
C ALA U 248 51.34 -1.97 -39.24
N GLY U 249 50.34 -1.11 -39.33
CA GLY U 249 49.40 -1.14 -40.44
C GLY U 249 48.21 -2.06 -40.26
N LEU U 250 48.15 -2.82 -39.17
CA LEU U 250 47.04 -3.73 -38.92
C LEU U 250 46.25 -3.21 -37.72
N ALA U 251 45.29 -2.33 -37.99
CA ALA U 251 44.43 -1.83 -36.94
C ALA U 251 43.45 -2.93 -36.49
N PRO U 252 43.00 -2.90 -35.23
CA PRO U 252 42.05 -3.91 -34.76
C PRO U 252 40.65 -3.61 -35.28
N GLY U 253 40.19 -4.43 -36.23
CA GLY U 253 38.91 -4.21 -36.86
C GLY U 253 38.99 -4.34 -38.37
N MET U 254 40.20 -4.60 -38.88
CA MET U 254 40.37 -4.80 -40.30
C MET U 254 39.75 -6.13 -40.72
N VAL U 255 39.24 -6.18 -41.95
CA VAL U 255 38.52 -7.33 -42.47
C VAL U 255 39.29 -7.92 -43.62
N LEU U 256 39.45 -9.24 -43.63
CA LEU U 256 40.09 -9.96 -44.71
C LEU U 256 39.09 -10.93 -45.32
N LYS U 257 38.83 -10.79 -46.61
CA LYS U 257 37.87 -11.64 -47.30
C LYS U 257 38.52 -12.99 -47.56
N GLY U 258 38.34 -13.90 -46.60
CA GLY U 258 38.90 -15.23 -46.70
C GLY U 258 38.01 -16.19 -47.47
N PRO V 2 60.35 16.71 -15.12
CA PRO V 2 60.26 18.08 -15.61
C PRO V 2 60.83 19.10 -14.64
N GLN V 3 61.22 20.25 -15.16
CA GLN V 3 61.83 21.31 -14.36
C GLN V 3 60.75 22.31 -13.95
N ALA V 4 60.86 22.82 -12.72
CA ALA V 4 59.86 23.73 -12.16
C ALA V 4 60.51 25.06 -11.82
N PHE V 5 59.92 26.14 -12.34
CA PHE V 5 60.31 27.50 -12.04
C PHE V 5 59.16 28.19 -11.36
N PHE V 6 59.42 28.84 -10.23
CA PHE V 6 58.35 29.44 -9.43
C PHE V 6 58.42 30.96 -9.56
N SER V 7 57.33 31.55 -10.06
CA SER V 7 57.19 33.00 -10.13
C SER V 7 56.24 33.43 -9.02
N HIS V 8 56.78 34.14 -8.03
CA HIS V 8 56.00 34.46 -6.84
C HIS V 8 56.58 35.69 -6.18
N ASN V 9 55.77 36.30 -5.32
CA ASN V 9 56.23 37.43 -4.52
C ASN V 9 56.51 36.94 -3.08
N ASN V 10 57.40 37.67 -2.41
CA ASN V 10 57.88 37.23 -1.10
C ASN V 10 56.79 37.20 -0.04
N LYS V 11 55.71 37.96 -0.21
CA LYS V 11 54.60 37.88 0.73
C LYS V 11 53.94 36.52 0.67
N ASP V 12 53.86 35.92 -0.52
CA ASP V 12 53.29 34.61 -0.71
C ASP V 12 54.32 33.49 -0.56
N LYS V 13 55.40 33.74 0.19
CA LYS V 13 56.46 32.74 0.30
C LYS V 13 55.97 31.48 1.00
N LYS V 14 55.21 31.64 2.09
CA LYS V 14 54.85 30.49 2.91
C LYS V 14 54.07 29.44 2.12
N ILE V 15 53.15 29.89 1.27
CA ILE V 15 52.36 28.95 0.47
C ILE V 15 53.17 28.35 -0.67
N VAL V 16 54.34 28.91 -0.98
CA VAL V 16 55.06 28.49 -2.18
C VAL V 16 55.88 27.22 -1.91
N LEU V 17 56.66 27.21 -0.83
CA LEU V 17 57.57 26.09 -0.59
C LEU V 17 56.79 24.78 -0.41
N GLU V 18 55.67 24.82 0.32
CA GLU V 18 54.90 23.60 0.50
C GLU V 18 54.35 23.09 -0.83
N VAL V 19 53.93 24.01 -1.71
CA VAL V 19 53.63 23.61 -3.09
C VAL V 19 54.87 23.08 -3.78
N LEU V 20 55.99 23.77 -3.60
CA LEU V 20 57.27 23.30 -4.14
C LEU V 20 57.66 21.97 -3.52
N GLU V 21 57.43 21.81 -2.22
CA GLU V 21 57.73 20.54 -1.56
C GLU V 21 56.88 19.42 -2.14
N HIS V 22 55.60 19.68 -2.41
CA HIS V 22 54.73 18.66 -3.00
C HIS V 22 55.20 18.30 -4.40
N LEU V 23 55.62 19.29 -5.19
CA LEU V 23 56.09 19.01 -6.54
C LEU V 23 57.39 18.22 -6.53
N ARG V 24 58.31 18.50 -5.60
CA ARG V 24 59.55 17.75 -5.53
C ARG V 24 59.29 16.29 -5.23
N GLN V 25 58.35 15.99 -4.34
CA GLN V 25 57.98 14.61 -4.08
C GLN V 25 57.43 13.92 -5.32
N SER V 26 56.90 14.67 -6.28
CA SER V 26 56.40 14.11 -7.52
C SER V 26 57.49 14.02 -8.59
N LEU V 27 58.76 13.97 -8.18
CA LEU V 27 59.89 13.82 -9.10
C LEU V 27 59.97 14.96 -10.10
N VAL V 28 59.57 16.16 -9.69
CA VAL V 28 59.67 17.36 -10.51
C VAL V 28 60.83 18.18 -9.96
N ALA V 29 61.78 18.52 -10.83
CA ALA V 29 62.90 19.36 -10.42
C ALA V 29 62.43 20.79 -10.29
N THR V 30 62.56 21.37 -9.09
CA THR V 30 62.08 22.70 -8.82
C THR V 30 63.23 23.68 -8.66
N TRP V 31 63.09 24.84 -9.31
CA TRP V 31 64.09 25.90 -9.28
C TRP V 31 63.40 27.16 -8.79
N ILE V 32 63.73 27.60 -7.58
CA ILE V 32 63.13 28.82 -7.04
C ILE V 32 64.02 30.04 -7.27
N ASP V 33 65.30 29.95 -6.91
CA ASP V 33 66.23 31.06 -7.08
C ASP V 33 67.58 30.57 -7.56
N SER V 42 68.60 34.49 -12.53
CA SER V 42 67.18 34.78 -12.64
C SER V 42 66.42 33.56 -13.14
N LEU V 43 65.34 33.81 -13.90
CA LEU V 43 64.50 32.73 -14.39
C LEU V 43 64.34 32.79 -15.90
N ILE V 44 64.40 34.00 -16.46
CA ILE V 44 64.16 34.17 -17.90
C ILE V 44 65.25 33.47 -18.71
N GLN V 45 66.51 33.69 -18.34
CA GLN V 45 67.60 33.04 -19.06
C GLN V 45 67.67 31.54 -18.80
N GLN V 46 67.20 31.07 -17.64
CA GLN V 46 67.16 29.65 -17.38
C GLN V 46 66.11 28.94 -18.24
N ILE V 47 65.18 29.68 -18.83
CA ILE V 47 64.18 29.08 -19.70
C ILE V 47 64.85 28.49 -20.95
N ILE V 48 65.81 29.21 -21.52
CA ILE V 48 66.45 28.77 -22.77
C ILE V 48 67.59 27.83 -22.35
N ALA V 49 67.24 26.58 -22.14
CA ALA V 49 68.19 25.53 -21.75
C ALA V 49 67.54 24.15 -21.84
N GLY V 50 68.27 23.19 -22.38
CA GLY V 50 67.81 21.81 -22.39
C GLY V 50 67.02 21.48 -23.65
N ILE V 51 65.89 20.82 -23.47
CA ILE V 51 65.09 20.32 -24.58
C ILE V 51 63.86 21.20 -24.74
N SER V 52 63.17 21.04 -25.89
CA SER V 52 61.95 21.78 -26.15
C SER V 52 60.90 21.56 -25.07
N LYS V 53 60.82 20.36 -24.51
CA LYS V 53 60.07 20.15 -23.27
C LYS V 53 60.78 20.87 -22.14
N SER V 54 60.51 22.17 -22.07
CA SER V 54 61.24 23.05 -21.17
C SER V 54 60.52 23.24 -19.84
N GLN V 55 59.29 23.71 -19.87
CA GLN V 55 58.81 24.33 -18.63
C GLN V 55 57.31 24.60 -18.75
N TYR V 56 56.64 24.58 -17.60
CA TYR V 56 55.25 25.02 -17.46
C TYR V 56 55.23 26.10 -16.39
N PHE V 57 55.18 27.37 -16.80
CA PHE V 57 55.46 28.45 -15.87
C PHE V 57 54.48 28.43 -14.70
N LEU V 58 55.03 28.49 -13.49
CA LEU V 58 54.24 28.54 -12.25
C LEU V 58 54.02 30.01 -11.90
N ALA V 59 52.95 30.59 -12.43
CA ALA V 59 52.62 31.98 -12.15
C ALA V 59 51.71 32.02 -10.93
N PHE V 60 52.28 32.34 -9.77
CA PHE V 60 51.52 32.45 -8.53
C PHE V 60 50.83 33.81 -8.50
N LEU V 61 49.74 33.91 -9.26
CA LEU V 61 48.95 35.13 -9.28
C LEU V 61 48.30 35.34 -7.91
N SER V 62 48.36 36.58 -7.44
CA SER V 62 47.84 36.92 -6.12
C SER V 62 47.43 38.39 -6.13
N ASN V 63 46.63 38.77 -5.13
CA ASN V 63 46.19 40.15 -5.03
C ASN V 63 47.37 41.11 -4.90
N GLU V 64 48.36 40.74 -4.08
CA GLU V 64 49.55 41.57 -3.94
C GLU V 64 50.49 41.40 -5.12
N TYR V 65 50.41 40.25 -5.80
CA TYR V 65 51.43 39.89 -6.78
C TYR V 65 51.51 40.92 -7.91
N LEU V 66 50.36 41.48 -8.31
CA LEU V 66 50.34 42.33 -9.50
C LEU V 66 50.55 43.81 -9.19
N LYS V 67 50.81 44.20 -7.94
CA LYS V 67 51.31 45.54 -7.68
C LYS V 67 52.80 45.67 -7.93
N SER V 68 53.51 44.55 -8.09
CA SER V 68 54.96 44.55 -8.19
C SER V 68 55.34 44.63 -9.66
N ASP V 69 56.00 45.73 -10.05
CA ASP V 69 56.42 45.90 -11.42
C ASP V 69 57.42 44.82 -11.82
N TRP V 70 58.36 44.50 -10.95
CA TRP V 70 59.37 43.48 -11.25
C TRP V 70 58.72 42.13 -11.49
N CYS V 71 57.69 41.80 -10.71
CA CYS V 71 56.95 40.58 -10.98
C CYS V 71 56.22 40.64 -12.31
N TRP V 72 55.80 41.83 -12.73
CA TRP V 72 54.94 41.95 -13.90
C TRP V 72 55.68 41.66 -15.19
N ASP V 73 56.85 42.27 -15.41
CA ASP V 73 57.54 42.06 -16.68
C ASP V 73 58.06 40.64 -16.79
N GLU V 74 58.54 40.07 -15.68
CA GLU V 74 58.98 38.68 -15.69
C GLU V 74 57.87 37.76 -16.20
N LEU V 75 56.62 38.09 -15.87
CA LEU V 75 55.49 37.41 -16.49
C LEU V 75 55.40 37.73 -17.97
N GLU V 76 55.66 38.99 -18.35
CA GLU V 76 55.53 39.39 -19.75
C GLU V 76 56.52 38.65 -20.64
N GLN V 77 57.80 38.64 -20.25
CA GLN V 77 58.78 37.86 -21.00
C GLN V 77 58.45 36.38 -20.95
N ALA V 78 57.91 35.88 -19.83
CA ALA V 78 57.49 34.50 -19.76
C ALA V 78 56.39 34.21 -20.78
N TYR V 79 55.43 35.13 -20.93
CA TYR V 79 54.39 34.95 -21.93
C TYR V 79 54.93 35.26 -23.33
N ALA V 80 55.95 36.13 -23.42
CA ALA V 80 56.47 36.50 -24.72
C ALA V 80 57.05 35.30 -25.47
N LEU V 81 57.92 34.54 -24.81
CA LEU V 81 58.46 33.35 -25.43
C LEU V 81 57.58 32.12 -25.25
N HIS V 82 56.49 32.23 -24.49
CA HIS V 82 55.49 31.17 -24.47
C HIS V 82 54.77 31.08 -25.80
N GLN V 83 54.58 32.23 -26.48
CA GLN V 83 54.01 32.22 -27.82
C GLN V 83 54.88 31.43 -28.78
N LYS V 84 56.20 31.45 -28.58
CA LYS V 84 57.11 30.66 -29.40
C LYS V 84 57.02 29.18 -29.10
N GLY V 85 56.32 28.78 -28.04
CA GLY V 85 56.21 27.39 -27.67
C GLY V 85 57.35 26.86 -26.83
N LYS V 86 58.35 27.69 -26.53
CA LYS V 86 59.47 27.24 -25.70
C LYS V 86 58.99 26.87 -24.30
N VAL V 87 58.06 27.65 -23.75
CA VAL V 87 57.55 27.43 -22.40
C VAL V 87 56.03 27.40 -22.46
N LYS V 88 55.44 26.74 -21.46
CA LYS V 88 54.02 26.84 -21.17
C LYS V 88 53.85 27.57 -19.86
N ILE V 89 52.66 28.14 -19.65
CA ILE V 89 52.35 28.87 -18.43
C ILE V 89 51.06 28.33 -17.86
N ILE V 90 51.05 28.07 -16.55
CA ILE V 90 49.80 27.86 -15.84
C ILE V 90 49.75 28.80 -14.64
N PRO V 91 48.70 29.60 -14.50
CA PRO V 91 48.65 30.57 -13.40
C PRO V 91 47.99 29.99 -12.17
N ILE V 92 48.65 30.12 -11.03
CA ILE V 92 48.10 29.70 -9.74
C ILE V 92 47.40 30.90 -9.13
N LEU V 93 46.10 30.78 -8.91
CA LEU V 93 45.31 31.85 -8.29
C LEU V 93 45.25 31.62 -6.80
N LEU V 94 46.06 32.37 -6.04
CA LEU V 94 45.99 32.31 -4.59
C LEU V 94 44.62 32.73 -4.09
N THR V 95 44.06 33.79 -4.69
CA THR V 95 42.71 34.22 -4.42
C THR V 95 41.81 33.87 -5.60
N ASN V 96 40.52 33.75 -5.32
CA ASN V 96 39.55 33.43 -6.36
C ASN V 96 39.47 34.59 -7.36
N ARG V 97 39.09 34.23 -8.59
CA ARG V 97 39.02 35.22 -9.68
C ARG V 97 38.06 36.35 -9.35
N ALA V 98 37.10 36.12 -8.46
CA ALA V 98 36.04 37.11 -8.22
C ALA V 98 36.61 38.41 -7.66
N GLN V 99 37.40 38.34 -6.58
CA GLN V 99 37.91 39.54 -5.93
C GLN V 99 39.33 39.88 -6.36
N LEU V 100 39.78 39.35 -7.50
CA LEU V 100 41.05 39.81 -8.06
C LEU V 100 40.91 41.26 -8.48
N ASP V 101 41.75 42.12 -7.91
CA ASP V 101 41.65 43.57 -8.12
C ASP V 101 42.19 43.91 -9.51
N LEU V 102 41.34 43.73 -10.51
CA LEU V 102 41.72 44.07 -11.88
C LEU V 102 41.58 45.56 -12.15
N ASN V 103 40.98 46.31 -11.23
CA ASN V 103 40.82 47.75 -11.44
C ASN V 103 42.14 48.49 -11.26
N ALA V 104 43.01 48.00 -10.37
CA ALA V 104 44.24 48.71 -10.05
C ALA V 104 45.18 48.79 -11.25
N LEU V 105 45.27 47.69 -12.01
CA LEU V 105 46.18 47.66 -13.14
C LEU V 105 45.74 48.64 -14.23
N THR V 106 46.71 49.09 -15.01
CA THR V 106 46.43 49.98 -16.13
C THR V 106 45.69 49.23 -17.23
N ASP V 107 45.34 49.95 -18.29
CA ASP V 107 44.62 49.34 -19.40
C ASP V 107 45.46 48.27 -20.08
N ALA V 108 46.74 48.54 -20.31
CA ALA V 108 47.61 47.56 -20.94
C ALA V 108 47.77 46.31 -20.07
N ARG V 109 47.93 46.50 -18.75
CA ARG V 109 48.12 45.37 -17.86
C ARG V 109 46.84 44.54 -17.74
N ARG V 110 45.70 45.18 -17.58
CA ARG V 110 44.44 44.45 -17.43
C ARG V 110 44.09 43.69 -18.70
N ASN V 111 44.31 44.30 -19.86
CA ASN V 111 44.06 43.61 -21.12
C ASN V 111 44.97 42.40 -21.27
N PHE V 112 46.23 42.53 -20.86
CA PHE V 112 47.13 41.38 -20.89
C PHE V 112 46.67 40.30 -19.91
N LEU V 113 46.31 40.70 -18.68
CA LEU V 113 45.92 39.73 -17.67
C LEU V 113 44.67 38.96 -18.08
N GLU V 114 43.67 39.66 -18.62
CA GLU V 114 42.46 38.98 -19.08
C GLU V 114 42.77 38.08 -20.28
N SER V 115 43.75 38.48 -21.10
CA SER V 115 44.09 37.68 -22.27
C SER V 115 44.61 36.31 -21.88
N ILE V 116 45.47 36.25 -20.86
CA ILE V 116 46.02 34.96 -20.45
C ILE V 116 45.06 34.17 -19.58
N LEU V 117 44.03 34.82 -19.03
CA LEU V 117 43.12 34.13 -18.12
C LEU V 117 42.06 33.33 -18.89
N THR V 118 41.62 33.83 -20.03
CA THR V 118 40.58 33.14 -20.79
C THR V 118 41.14 32.13 -21.79
N ARG V 119 42.07 32.56 -22.64
CA ARG V 119 42.60 31.64 -23.65
C ARG V 119 43.44 30.53 -23.04
N LEU V 120 43.94 30.72 -21.81
CA LEU V 120 44.80 29.75 -21.17
C LEU V 120 44.20 29.33 -19.84
N LYS V 121 44.13 28.02 -19.61
CA LYS V 121 43.51 27.49 -18.40
C LYS V 121 44.35 27.80 -17.17
N TYR V 122 43.69 28.19 -16.08
CA TYR V 122 44.34 28.42 -14.80
C TYR V 122 43.88 27.39 -13.79
N VAL V 123 44.49 27.44 -12.61
CA VAL V 123 44.15 26.54 -11.51
C VAL V 123 43.84 27.40 -10.29
N GLU V 124 42.86 26.96 -9.50
CA GLU V 124 42.44 27.69 -8.32
C GLU V 124 43.05 27.08 -7.06
N PHE V 125 43.65 27.92 -6.23
CA PHE V 125 44.27 27.47 -4.98
C PHE V 125 43.56 28.11 -3.81
N ASP V 126 43.21 27.29 -2.81
CA ASP V 126 42.47 27.72 -1.64
C ASP V 126 43.16 27.22 -0.38
N PRO V 127 43.48 28.11 0.57
CA PRO V 127 44.28 27.69 1.74
C PRO V 127 43.62 26.64 2.62
N HIS V 128 42.29 26.63 2.73
CA HIS V 128 41.65 25.66 3.60
C HIS V 128 41.78 24.23 3.05
N ASN V 129 41.73 24.09 1.73
CA ASN V 129 41.79 22.77 1.09
C ASN V 129 43.16 22.53 0.45
N MET V 130 44.15 22.21 1.30
CA MET V 130 45.46 21.86 0.79
C MET V 130 45.44 20.59 -0.06
N THR V 131 44.73 19.55 0.38
CA THR V 131 44.82 18.27 -0.29
C THR V 131 44.32 18.34 -1.73
N ARG V 132 43.20 19.04 -1.95
CA ARG V 132 42.68 19.18 -3.30
C ARG V 132 43.50 20.19 -4.10
N SER V 133 43.92 21.28 -3.46
CA SER V 133 44.71 22.30 -4.16
C SER V 133 46.02 21.74 -4.66
N LEU V 134 46.71 20.96 -3.82
CA LEU V 134 47.99 20.38 -4.23
C LEU V 134 47.79 19.40 -5.38
N GLY V 135 46.71 18.63 -5.34
CA GLY V 135 46.43 17.72 -6.44
C GLY V 135 46.12 18.45 -7.73
N SER V 136 45.38 19.56 -7.65
CA SER V 136 44.96 20.27 -8.86
C SER V 136 46.14 20.88 -9.60
N VAL V 137 47.04 21.54 -8.88
CA VAL V 137 48.21 22.13 -9.53
C VAL V 137 49.09 21.03 -10.11
N ALA V 138 49.26 19.93 -9.38
CA ALA V 138 50.02 18.81 -9.90
C ALA V 138 49.33 18.20 -11.11
N GLU V 139 47.99 18.11 -11.08
CA GLU V 139 47.26 17.56 -12.22
C GLU V 139 47.48 18.41 -13.46
N ALA V 140 47.42 19.73 -13.32
CA ALA V 140 47.68 20.61 -14.47
C ALA V 140 49.14 20.48 -14.93
N LEU V 141 50.04 20.24 -13.99
CA LEU V 141 51.44 20.03 -14.35
C LEU V 141 51.61 18.78 -15.21
N TRP V 142 50.92 17.70 -14.86
CA TRP V 142 51.01 16.44 -15.57
C TRP V 142 49.96 16.29 -16.67
N GLN V 143 49.08 17.26 -16.84
CA GLN V 143 47.94 17.10 -17.75
C GLN V 143 48.42 16.90 -19.19
N ASN V 144 49.38 17.70 -19.63
CA ASN V 144 49.89 17.63 -21.00
C ASN V 144 51.25 16.94 -21.08
N GLU V 145 51.53 16.04 -20.15
CA GLU V 145 52.82 15.36 -20.05
C GLU V 145 52.68 13.88 -20.36
N ALA V 146 53.85 13.24 -20.54
CA ALA V 146 53.98 11.79 -20.63
C ALA V 146 53.89 11.21 -19.23
N VAL V 147 54.38 9.99 -19.04
CA VAL V 147 54.16 9.19 -17.84
C VAL V 147 54.22 10.03 -16.58
N ARG V 148 53.23 9.87 -15.71
CA ARG V 148 53.08 10.70 -14.53
C ARG V 148 54.06 10.25 -13.45
N PHE V 149 53.96 10.88 -12.28
CA PHE V 149 54.78 10.48 -11.14
C PHE V 149 54.06 10.92 -9.87
N GLU V 150 53.40 9.96 -9.21
CA GLU V 150 52.76 10.24 -7.94
C GLU V 150 53.82 10.52 -6.88
N PRO V 151 53.49 11.30 -5.85
CA PRO V 151 54.46 11.58 -4.80
C PRO V 151 54.91 10.31 -4.10
N ILE V 152 56.16 10.31 -3.66
CA ILE V 152 56.74 9.15 -3.01
C ILE V 152 55.98 8.84 -1.73
N ARG V 153 55.63 7.58 -1.53
CA ARG V 153 54.89 7.13 -0.36
C ARG V 153 55.83 6.32 0.52
N MET V 154 55.93 6.71 1.79
CA MET V 154 56.91 6.17 2.74
C MET V 154 56.21 5.06 3.52
N ILE V 155 55.97 3.93 2.85
CA ILE V 155 55.04 2.92 3.33
C ILE V 155 55.77 1.63 3.68
N LYS V 156 55.13 0.81 4.52
CA LYS V 156 55.74 -0.36 5.13
C LYS V 156 54.93 -1.60 4.78
N VAL V 157 55.62 -2.67 4.35
CA VAL V 157 54.98 -3.94 4.05
C VAL V 157 55.73 -5.05 4.77
N ASN V 158 54.99 -5.92 5.47
CA ASN V 158 55.54 -7.15 6.04
C ASN V 158 56.71 -6.89 6.96
N GLY V 159 56.70 -5.74 7.63
CA GLY V 159 57.71 -5.41 8.62
C GLY V 159 58.94 -4.72 8.09
N THR V 160 59.09 -4.59 6.77
CA THR V 160 60.24 -3.89 6.19
C THR V 160 59.76 -2.61 5.53
N GLU V 161 60.61 -1.59 5.58
CA GLU V 161 60.27 -0.25 5.14
C GLU V 161 60.83 0.01 3.74
N LEU V 162 60.06 0.74 2.93
CA LEU V 162 60.51 1.13 1.60
C LEU V 162 59.72 2.33 1.14
N GLN V 163 60.27 3.03 0.14
CA GLN V 163 59.58 4.15 -0.50
C GLN V 163 59.18 3.74 -1.90
N VAL V 164 57.92 3.94 -2.25
CA VAL V 164 57.38 3.50 -3.53
C VAL V 164 57.40 4.65 -4.51
N VAL V 165 57.58 4.33 -5.78
CA VAL V 165 57.57 5.30 -6.88
C VAL V 165 56.51 4.83 -7.87
N GLU V 166 55.30 5.33 -7.71
CA GLU V 166 54.17 4.94 -8.55
C GLU V 166 54.04 5.93 -9.69
N PHE V 167 54.00 5.41 -10.92
CA PHE V 167 53.87 6.24 -12.11
C PHE V 167 52.80 5.66 -13.02
N LYS V 168 51.99 6.54 -13.61
CA LYS V 168 50.95 6.15 -14.53
C LYS V 168 51.26 6.69 -15.92
N ILE V 169 50.96 5.89 -16.94
CA ILE V 169 51.19 6.25 -18.33
C ILE V 169 49.85 6.67 -18.94
N PRO V 170 49.70 7.91 -19.38
CA PRO V 170 48.45 8.28 -20.05
C PRO V 170 48.30 7.50 -21.35
N GLY V 171 47.06 7.15 -21.67
CA GLY V 171 46.87 6.18 -22.73
C GLY V 171 47.40 4.83 -22.28
N SER V 172 47.98 4.09 -23.22
CA SER V 172 48.58 2.81 -22.89
C SER V 172 49.96 2.65 -23.49
N ASN V 173 50.23 3.37 -24.57
CA ASN V 173 51.48 3.22 -25.32
C ASN V 173 52.29 4.50 -25.26
N LEU V 174 53.60 4.35 -25.44
CA LEU V 174 54.55 5.45 -25.50
C LEU V 174 55.33 5.37 -26.81
N PRO V 175 55.87 6.50 -27.27
CA PRO V 175 56.80 6.44 -28.40
C PRO V 175 58.01 5.57 -28.06
N VAL V 176 58.50 4.85 -29.06
CA VAL V 176 59.63 3.95 -28.84
C VAL V 176 60.87 4.74 -28.43
N ASP V 177 61.03 5.95 -28.97
CA ASP V 177 62.16 6.82 -28.65
C ASP V 177 61.81 7.84 -27.57
N PHE V 178 60.92 7.48 -26.64
CA PHE V 178 60.52 8.41 -25.60
C PHE V 178 61.68 8.80 -24.71
N LEU V 179 62.53 7.82 -24.34
CA LEU V 179 63.64 8.11 -23.45
C LEU V 179 64.63 9.09 -24.05
N HIS V 180 64.67 9.22 -25.37
CA HIS V 180 65.62 10.13 -26.01
C HIS V 180 65.33 11.58 -25.63
N HIS V 181 64.06 11.98 -25.63
CA HIS V 181 63.69 13.35 -25.35
C HIS V 181 63.28 13.59 -23.89
N TRP V 182 63.27 12.54 -23.06
CA TRP V 182 62.92 12.70 -21.66
C TRP V 182 64.05 13.40 -20.91
N ASP V 183 63.67 14.09 -19.84
CA ASP V 183 64.61 14.84 -19.02
C ASP V 183 64.39 14.57 -17.54
N LEU V 184 64.24 13.28 -17.19
CA LEU V 184 63.94 12.93 -15.81
C LEU V 184 65.04 12.03 -15.29
N LYS V 185 66.29 12.43 -15.48
CA LYS V 185 67.40 11.72 -14.86
C LYS V 185 67.21 11.73 -13.35
N ILE V 186 67.37 10.55 -12.73
CA ILE V 186 66.93 10.34 -11.36
C ILE V 186 68.04 10.59 -10.34
N GLU V 187 69.31 10.60 -10.76
CA GLU V 187 70.41 10.77 -9.83
C GLU V 187 70.36 12.11 -9.09
N ASP V 188 69.65 13.10 -9.60
CA ASP V 188 69.54 14.39 -8.93
C ASP V 188 68.47 14.40 -7.85
N PHE V 189 67.73 13.31 -7.67
CA PHE V 189 66.66 13.24 -6.68
C PHE V 189 66.97 12.24 -5.57
N ILE V 190 68.19 11.73 -5.52
CA ILE V 190 68.61 10.76 -4.51
C ILE V 190 69.42 11.49 -3.44
N ALA V 191 68.98 11.38 -2.20
CA ALA V 191 69.68 12.04 -1.10
C ALA V 191 71.04 11.40 -0.86
N THR V 192 72.01 12.22 -0.48
CA THR V 192 73.35 11.75 -0.16
C THR V 192 73.60 11.57 1.33
N SER V 193 72.88 12.30 2.17
CA SER V 193 73.01 12.21 3.62
C SER V 193 71.64 12.08 4.24
N PRO V 194 71.55 11.45 5.42
CA PRO V 194 70.23 11.30 6.06
C PRO V 194 69.54 12.63 6.35
N ASN V 195 70.30 13.66 6.72
CA ASN V 195 69.69 14.95 7.01
C ASN V 195 69.27 15.70 5.75
N GLU V 196 69.96 15.47 4.63
CA GLU V 196 69.61 16.15 3.38
C GLU V 196 68.21 15.77 2.94
N GLN V 197 67.42 16.76 2.54
CA GLN V 197 66.06 16.52 2.05
C GLN V 197 66.13 16.34 0.55
N LYS V 198 65.42 15.32 0.06
CA LYS V 198 65.37 14.94 -1.34
C LYS V 198 64.12 14.09 -1.55
N PRO V 199 63.65 13.98 -2.79
CA PRO V 199 62.50 13.09 -3.04
C PRO V 199 62.75 11.65 -2.65
N VAL V 200 63.98 11.15 -2.81
CA VAL V 200 64.33 9.78 -2.49
C VAL V 200 65.19 9.80 -1.22
N LYS V 201 64.74 9.06 -0.21
CA LYS V 201 65.47 9.02 1.06
C LYS V 201 66.80 8.28 0.90
N PHE V 202 67.74 8.62 1.77
CA PHE V 202 69.07 8.03 1.71
C PHE V 202 69.04 6.61 2.28
N ASP V 203 69.53 5.65 1.49
CA ASP V 203 69.70 4.26 1.88
C ASP V 203 68.37 3.55 2.13
N VAL V 204 67.26 4.25 1.95
CA VAL V 204 65.95 3.62 2.14
C VAL V 204 65.61 2.81 0.90
N PRO V 205 65.06 1.60 1.04
CA PRO V 205 64.70 0.80 -0.14
C PRO V 205 63.70 1.53 -1.03
N VAL V 206 63.88 1.36 -2.35
CA VAL V 206 63.06 2.04 -3.35
C VAL V 206 62.27 0.98 -4.11
N ALA V 207 60.97 1.19 -4.23
CA ALA V 207 60.08 0.29 -4.94
C ALA V 207 59.46 1.00 -6.13
N LEU V 208 59.39 0.30 -7.25
CA LEU V 208 58.78 0.82 -8.47
C LEU V 208 57.45 0.13 -8.71
N TYR V 209 56.42 0.94 -8.95
CA TYR V 209 55.06 0.44 -9.07
C TYR V 209 54.40 1.10 -10.27
N GLY V 210 53.70 0.29 -11.07
CA GLY V 210 52.97 0.79 -12.21
C GLY V 210 53.17 -0.06 -13.45
N PRO V 211 52.13 -0.15 -14.27
CA PRO V 211 52.23 -0.95 -15.50
C PRO V 211 52.97 -0.18 -16.58
N GLY V 212 53.98 -0.81 -17.16
CA GLY V 212 54.78 -0.18 -18.18
C GLY V 212 55.72 -1.14 -18.88
N PRO V 213 56.40 -0.66 -19.91
CA PRO V 213 57.30 -1.52 -20.68
C PRO V 213 58.54 -1.88 -19.88
N ASN V 214 59.20 -2.96 -20.32
CA ASN V 214 60.38 -3.45 -19.62
C ASN V 214 61.54 -2.46 -19.73
N TRP V 215 61.65 -1.75 -20.84
CA TRP V 215 62.73 -0.79 -20.97
C TRP V 215 62.54 0.41 -20.05
N LEU V 216 61.29 0.78 -19.78
CA LEU V 216 61.04 1.83 -18.80
C LEU V 216 61.51 1.41 -17.41
N TYR V 217 61.25 0.14 -17.04
CA TYR V 217 61.68 -0.34 -15.74
C TYR V 217 63.20 -0.39 -15.65
N ALA V 218 63.85 -0.95 -16.67
CA ALA V 218 65.31 -1.07 -16.64
C ALA V 218 65.98 0.30 -16.57
N PHE V 219 65.44 1.27 -17.31
CA PHE V 219 65.99 2.62 -17.29
C PHE V 219 65.90 3.26 -15.91
N LEU V 220 64.95 2.83 -15.08
CA LEU V 220 64.76 3.43 -13.76
C LEU V 220 65.60 2.77 -12.69
N THR V 221 65.69 1.43 -12.69
CA THR V 221 66.48 0.76 -11.67
C THR V 221 67.97 0.90 -11.92
N LEU V 222 68.38 1.13 -13.16
CA LEU V 222 69.80 1.16 -13.49
C LEU V 222 70.57 2.20 -12.69
N PRO V 223 70.15 3.46 -12.57
CA PRO V 223 70.93 4.42 -11.79
C PRO V 223 70.94 4.16 -10.29
N PHE V 224 70.14 3.22 -9.79
CA PHE V 224 70.06 2.97 -8.36
C PHE V 224 71.14 2.03 -7.85
N LYS V 225 72.01 1.52 -8.73
CA LYS V 225 73.11 0.69 -8.28
C LYS V 225 74.04 1.49 -7.38
N ASN V 226 74.52 0.84 -6.32
CA ASN V 226 75.39 1.43 -5.30
C ASN V 226 74.72 2.56 -4.52
N ARG V 227 73.42 2.76 -4.71
CA ARG V 227 72.70 3.82 -3.99
C ARG V 227 71.64 3.25 -3.04
N ASN V 228 70.69 2.47 -3.55
CA ASN V 228 69.62 1.93 -2.72
C ASN V 228 69.23 0.56 -3.25
N THR V 229 68.60 -0.23 -2.38
CA THR V 229 67.99 -1.48 -2.83
C THR V 229 66.76 -1.16 -3.67
N VAL V 230 66.50 -1.98 -4.67
CA VAL V 230 65.43 -1.76 -5.62
C VAL V 230 64.40 -2.87 -5.49
N PHE V 231 63.13 -2.48 -5.41
CA PHE V 231 62.01 -3.41 -5.41
C PHE V 231 61.15 -3.16 -6.63
N VAL V 232 60.59 -4.22 -7.19
CA VAL V 232 59.78 -4.16 -8.39
C VAL V 232 58.46 -4.86 -8.12
N PHE V 233 57.36 -4.25 -8.55
CA PHE V 233 56.03 -4.81 -8.37
C PHE V 233 55.64 -5.60 -9.61
N ASN V 234 55.27 -6.86 -9.42
CA ASN V 234 54.83 -7.73 -10.50
C ASN V 234 53.35 -8.03 -10.34
N SER V 235 52.58 -7.77 -11.39
CA SER V 235 51.13 -7.96 -11.33
C SER V 235 50.70 -9.42 -11.39
N ARG V 236 51.61 -10.34 -11.71
CA ARG V 236 51.24 -11.74 -11.81
C ARG V 236 50.76 -12.28 -10.46
N THR V 237 51.47 -11.94 -9.39
CA THR V 237 51.09 -12.34 -8.04
C THR V 237 50.90 -11.15 -7.11
N SER V 238 51.00 -9.93 -7.64
CA SER V 238 50.77 -8.71 -6.86
C SER V 238 51.69 -8.63 -5.65
N GLU V 239 52.98 -8.84 -5.86
CA GLU V 239 53.98 -8.78 -4.80
C GLU V 239 55.23 -8.09 -5.28
N TYR V 240 55.95 -7.46 -4.34
CA TYR V 240 57.20 -6.80 -4.64
C TYR V 240 58.34 -7.81 -4.70
N ILE V 241 59.26 -7.60 -5.65
CA ILE V 241 60.40 -8.47 -5.86
C ILE V 241 61.67 -7.64 -5.69
N CYS V 242 62.59 -8.15 -4.88
CA CYS V 242 63.86 -7.48 -4.64
C CYS V 242 64.87 -7.89 -5.70
N VAL V 243 65.42 -6.91 -6.41
CA VAL V 243 66.39 -7.14 -7.46
C VAL V 243 67.79 -6.73 -7.04
N TYR V 244 67.90 -5.70 -6.21
CA TYR V 244 69.19 -5.22 -5.72
C TYR V 244 69.20 -5.26 -4.20
N SER V 245 70.34 -5.66 -3.63
CA SER V 245 70.50 -5.76 -2.19
C SER V 245 71.78 -5.01 -1.79
N LYS V 246 71.63 -3.73 -1.47
CA LYS V 246 72.73 -2.90 -1.01
C LYS V 246 72.79 -2.76 0.49
N SER V 247 71.91 -3.41 1.24
CA SER V 247 71.89 -3.33 2.69
C SER V 247 71.72 -4.71 3.30
N ALA V 248 72.19 -4.85 4.53
CA ALA V 248 72.07 -6.12 5.23
C ALA V 248 70.61 -6.43 5.55
N GLY V 249 70.32 -7.72 5.66
CA GLY V 249 68.97 -8.17 5.91
C GLY V 249 68.08 -8.27 4.70
N LEU V 250 68.58 -7.91 3.52
CA LEU V 250 67.83 -7.98 2.28
C LEU V 250 68.62 -8.80 1.26
N ALA V 251 67.96 -9.76 0.64
CA ALA V 251 68.53 -10.58 -0.41
C ALA V 251 67.76 -10.38 -1.71
N PRO V 252 68.44 -10.41 -2.85
CA PRO V 252 67.71 -10.20 -4.12
C PRO V 252 66.83 -11.39 -4.46
N GLY V 253 65.52 -11.23 -4.28
CA GLY V 253 64.57 -12.28 -4.61
C GLY V 253 63.50 -12.53 -3.58
N MET V 254 63.57 -11.90 -2.39
CA MET V 254 62.51 -12.10 -1.42
C MET V 254 61.24 -11.39 -1.87
N VAL V 255 60.11 -11.83 -1.32
CA VAL V 255 58.80 -11.39 -1.76
C VAL V 255 58.04 -10.77 -0.60
N LEU V 256 57.46 -9.59 -0.85
CA LEU V 256 56.65 -8.88 0.13
C LEU V 256 55.20 -8.91 -0.32
N LYS V 257 54.33 -9.46 0.53
CA LYS V 257 52.93 -9.62 0.18
C LYS V 257 52.22 -8.27 0.26
N GLY V 258 51.87 -7.72 -0.90
CA GLY V 258 51.21 -6.43 -0.96
C GLY V 258 49.73 -6.51 -0.61
N PRO W 2 75.20 -21.25 -13.73
CA PRO W 2 75.47 -22.49 -12.98
C PRO W 2 76.94 -22.93 -13.12
N GLN W 3 77.51 -23.38 -12.01
CA GLN W 3 78.89 -23.85 -11.97
C GLN W 3 78.99 -25.21 -12.65
N ALA W 4 80.16 -25.54 -13.16
CA ALA W 4 80.41 -26.80 -13.84
C ALA W 4 81.82 -27.27 -13.54
N PHE W 5 81.95 -28.56 -13.19
CA PHE W 5 83.24 -29.17 -12.90
C PHE W 5 83.55 -30.21 -13.98
N PHE W 6 84.74 -30.12 -14.57
CA PHE W 6 85.12 -30.97 -15.68
C PHE W 6 86.05 -32.08 -15.19
N SER W 7 85.64 -33.33 -15.39
CA SER W 7 86.47 -34.49 -15.12
C SER W 7 86.86 -35.12 -16.45
N HIS W 8 88.16 -35.06 -16.77
CA HIS W 8 88.62 -35.48 -18.09
C HIS W 8 90.08 -35.91 -18.00
N ASN W 9 90.50 -36.66 -19.01
CA ASN W 9 91.90 -37.04 -19.16
C ASN W 9 92.60 -36.09 -20.13
N ASN W 10 93.92 -36.02 -20.02
CA ASN W 10 94.70 -35.06 -20.78
C ASN W 10 94.66 -35.31 -22.28
N LYS W 11 94.32 -36.53 -22.71
CA LYS W 11 94.25 -36.79 -24.15
C LYS W 11 92.99 -36.18 -24.76
N ASP W 12 92.00 -35.86 -23.93
CA ASP W 12 90.79 -35.18 -24.36
C ASP W 12 90.85 -33.68 -24.14
N LYS W 13 92.03 -33.15 -23.81
CA LYS W 13 92.15 -31.72 -23.51
C LYS W 13 91.84 -30.87 -24.73
N LYS W 14 92.02 -31.42 -25.93
CA LYS W 14 91.74 -30.66 -27.14
C LYS W 14 90.27 -30.28 -27.23
N ILE W 15 89.38 -31.24 -26.95
CA ILE W 15 87.95 -30.96 -27.07
C ILE W 15 87.35 -30.41 -25.78
N VAL W 16 88.02 -30.59 -24.65
CA VAL W 16 87.47 -30.12 -23.37
C VAL W 16 87.42 -28.59 -23.35
N LEU W 17 88.52 -27.94 -23.76
CA LEU W 17 88.56 -26.49 -23.74
C LEU W 17 87.54 -25.88 -24.69
N GLU W 18 87.42 -26.45 -25.90
CA GLU W 18 86.42 -25.95 -26.83
C GLU W 18 85.01 -26.23 -26.34
N VAL W 19 84.82 -27.31 -25.57
CA VAL W 19 83.55 -27.51 -24.87
C VAL W 19 83.41 -26.49 -23.75
N LEU W 20 84.50 -26.22 -23.03
CA LEU W 20 84.46 -25.21 -21.97
C LEU W 20 84.17 -23.84 -22.54
N GLU W 21 84.78 -23.50 -23.68
CA GLU W 21 84.55 -22.19 -24.29
C GLU W 21 83.08 -22.02 -24.66
N HIS W 22 82.48 -23.04 -25.29
CA HIS W 22 81.06 -22.95 -25.64
C HIS W 22 80.20 -22.90 -24.39
N LEU W 23 80.56 -23.67 -23.35
CA LEU W 23 79.83 -23.60 -22.09
C LEU W 23 79.96 -22.22 -21.46
N ARG W 24 81.14 -21.61 -21.54
CA ARG W 24 81.30 -20.26 -20.99
C ARG W 24 80.45 -19.25 -21.73
N GLN W 25 80.33 -19.40 -23.06
CA GLN W 25 79.46 -18.52 -23.83
C GLN W 25 78.00 -18.69 -23.44
N SER W 26 77.63 -19.83 -22.85
CA SER W 26 76.26 -20.05 -22.38
C SER W 26 76.05 -19.53 -20.95
N LEU W 27 76.91 -18.62 -20.50
CA LEU W 27 76.81 -18.03 -19.15
C LEU W 27 76.86 -19.09 -18.06
N VAL W 28 77.64 -20.14 -18.29
CA VAL W 28 77.82 -21.22 -17.32
C VAL W 28 79.19 -21.04 -16.69
N ALA W 29 79.25 -21.06 -15.37
CA ALA W 29 80.53 -20.99 -14.66
C ALA W 29 81.28 -22.30 -14.85
N THR W 30 82.51 -22.22 -15.32
CA THR W 30 83.33 -23.39 -15.60
C THR W 30 84.52 -23.44 -14.68
N TRP W 31 84.76 -24.61 -14.10
CA TRP W 31 85.90 -24.85 -13.21
C TRP W 31 86.68 -26.03 -13.79
N ILE W 32 87.76 -25.74 -14.50
CA ILE W 32 88.56 -26.78 -15.13
C ILE W 32 89.62 -27.34 -14.19
N ASP W 33 90.32 -26.47 -13.47
CA ASP W 33 91.30 -26.90 -12.48
C ASP W 33 91.73 -25.73 -11.60
N SER W 42 91.36 -29.44 -6.27
CA SER W 42 90.71 -30.56 -6.92
C SER W 42 89.29 -30.19 -7.36
N LEU W 43 88.39 -31.16 -7.31
CA LEU W 43 87.00 -30.92 -7.66
C LEU W 43 86.06 -31.50 -6.61
N ILE W 44 86.56 -32.48 -5.85
CA ILE W 44 85.71 -33.16 -4.88
C ILE W 44 85.35 -32.24 -3.72
N GLN W 45 86.33 -31.53 -3.18
CA GLN W 45 86.06 -30.61 -2.07
C GLN W 45 85.38 -29.32 -2.52
N GLN W 46 85.53 -28.93 -3.79
CA GLN W 46 84.76 -27.80 -4.31
C GLN W 46 83.29 -28.13 -4.48
N ILE W 47 82.91 -29.40 -4.35
CA ILE W 47 81.51 -29.79 -4.52
C ILE W 47 80.64 -29.14 -3.47
N ILE W 48 81.03 -29.22 -2.20
CA ILE W 48 80.16 -28.77 -1.09
C ILE W 48 80.40 -27.28 -0.91
N ALA W 49 79.77 -26.49 -1.78
CA ALA W 49 79.89 -25.04 -1.75
C ALA W 49 78.75 -24.40 -2.53
N GLY W 50 78.20 -23.31 -2.01
CA GLY W 50 77.11 -22.62 -2.68
C GLY W 50 75.75 -23.15 -2.24
N ILE W 51 74.88 -23.41 -3.20
CA ILE W 51 73.51 -23.83 -2.93
C ILE W 51 73.33 -25.27 -3.37
N SER W 52 72.16 -25.83 -3.06
CA SER W 52 71.84 -27.20 -3.46
C SER W 52 72.03 -27.42 -4.96
N LYS W 53 71.70 -26.43 -5.78
CA LYS W 53 72.11 -26.41 -7.18
C LYS W 53 73.61 -26.07 -7.25
N SER W 54 74.41 -27.06 -6.89
CA SER W 54 75.85 -26.88 -6.82
C SER W 54 76.46 -26.79 -8.21
N GLN W 55 76.33 -27.86 -8.99
CA GLN W 55 76.90 -27.93 -10.33
C GLN W 55 76.40 -29.24 -10.96
N TYR W 56 76.68 -29.42 -12.25
CA TYR W 56 76.44 -30.67 -12.94
C TYR W 56 77.79 -31.23 -13.36
N PHE W 57 78.09 -32.45 -12.92
CA PHE W 57 79.39 -33.06 -13.16
C PHE W 57 79.53 -33.49 -14.62
N LEU W 58 80.60 -33.07 -15.27
CA LEU W 58 80.91 -33.47 -16.65
C LEU W 58 82.01 -34.52 -16.61
N ALA W 59 81.63 -35.78 -16.78
CA ALA W 59 82.58 -36.88 -16.85
C ALA W 59 82.86 -37.18 -18.31
N PHE W 60 84.02 -36.74 -18.81
CA PHE W 60 84.40 -36.95 -20.21
C PHE W 60 84.90 -38.38 -20.36
N LEU W 61 83.95 -39.31 -20.46
CA LEU W 61 84.28 -40.72 -20.61
C LEU W 61 84.95 -40.96 -21.96
N SER W 62 86.02 -41.73 -21.94
CA SER W 62 86.76 -42.06 -23.15
C SER W 62 87.50 -43.37 -22.91
N ASN W 63 88.02 -43.95 -24.01
CA ASN W 63 88.74 -45.21 -23.91
C ASN W 63 89.95 -45.07 -23.00
N GLU W 64 90.72 -44.00 -23.17
CA GLU W 64 91.86 -43.77 -22.28
C GLU W 64 91.41 -43.30 -20.90
N TYR W 65 90.28 -42.58 -20.84
CA TYR W 65 89.82 -42.05 -19.57
C TYR W 65 89.51 -43.17 -18.58
N LEU W 66 88.89 -44.25 -19.05
CA LEU W 66 88.63 -45.40 -18.19
C LEU W 66 89.89 -46.16 -17.81
N LYS W 67 91.03 -45.85 -18.44
CA LYS W 67 92.28 -46.53 -18.15
C LYS W 67 93.10 -45.85 -17.07
N SER W 68 92.60 -44.77 -16.49
CA SER W 68 93.31 -44.03 -15.45
C SER W 68 92.61 -44.25 -14.11
N ASP W 69 93.36 -44.73 -13.12
CA ASP W 69 92.79 -44.94 -11.79
C ASP W 69 92.47 -43.62 -11.12
N TRP W 70 93.33 -42.61 -11.29
CA TRP W 70 93.09 -41.30 -10.69
C TRP W 70 91.78 -40.69 -11.19
N CYS W 71 91.54 -40.79 -12.50
CA CYS W 71 90.24 -40.37 -13.03
C CYS W 71 89.11 -41.25 -12.50
N TRP W 72 89.34 -42.56 -12.41
CA TRP W 72 88.28 -43.49 -12.04
C TRP W 72 87.77 -43.23 -10.63
N ASP W 73 88.67 -43.01 -9.68
CA ASP W 73 88.23 -42.78 -8.31
C ASP W 73 87.49 -41.45 -8.18
N GLU W 74 87.73 -40.51 -9.09
CA GLU W 74 86.99 -39.25 -9.06
C GLU W 74 85.51 -39.46 -9.29
N LEU W 75 85.15 -40.35 -10.22
CA LEU W 75 83.73 -40.66 -10.44
C LEU W 75 83.14 -41.39 -9.25
N GLU W 76 83.95 -42.20 -8.56
CA GLU W 76 83.44 -43.00 -7.45
C GLU W 76 82.91 -42.10 -6.34
N GLN W 77 83.67 -41.07 -5.97
CA GLN W 77 83.22 -40.16 -4.92
C GLN W 77 82.09 -39.26 -5.42
N ALA W 78 82.18 -38.81 -6.67
CA ALA W 78 81.15 -37.92 -7.21
C ALA W 78 79.79 -38.62 -7.26
N TYR W 79 79.76 -39.87 -7.71
CA TYR W 79 78.49 -40.59 -7.79
C TYR W 79 77.95 -40.91 -6.40
N ALA W 80 78.85 -41.20 -5.45
CA ALA W 80 78.40 -41.48 -4.09
C ALA W 80 77.67 -40.29 -3.49
N LEU W 81 78.22 -39.09 -3.66
CA LEU W 81 77.54 -37.88 -3.23
C LEU W 81 76.39 -37.50 -4.15
N HIS W 82 76.44 -37.94 -5.41
CA HIS W 82 75.32 -37.69 -6.32
C HIS W 82 74.06 -38.42 -5.86
N GLN W 83 74.22 -39.57 -5.21
CA GLN W 83 73.07 -40.26 -4.63
C GLN W 83 72.43 -39.43 -3.54
N LYS W 84 73.21 -38.60 -2.84
CA LYS W 84 72.67 -37.71 -1.82
C LYS W 84 71.84 -36.57 -2.40
N GLY W 85 71.88 -36.37 -3.72
CA GLY W 85 71.17 -35.29 -4.35
C GLY W 85 71.90 -33.97 -4.38
N LYS W 86 73.13 -33.91 -3.87
CA LYS W 86 73.87 -32.65 -3.84
C LYS W 86 74.25 -32.21 -5.25
N VAL W 87 74.80 -33.13 -6.06
CA VAL W 87 75.29 -32.81 -7.40
C VAL W 87 74.79 -33.87 -8.37
N LYS W 88 74.51 -33.43 -9.59
CA LYS W 88 74.14 -34.31 -10.69
C LYS W 88 75.32 -34.49 -11.61
N ILE W 89 75.41 -35.67 -12.23
CA ILE W 89 76.50 -36.03 -13.12
C ILE W 89 75.91 -36.34 -14.49
N ILE W 90 76.47 -35.73 -15.53
CA ILE W 90 76.12 -36.13 -16.89
C ILE W 90 77.33 -36.76 -17.56
N PRO W 91 77.21 -37.99 -18.07
CA PRO W 91 78.35 -38.63 -18.75
C PRO W 91 78.36 -38.27 -20.23
N ILE W 92 79.44 -37.62 -20.66
CA ILE W 92 79.65 -37.30 -22.06
C ILE W 92 80.65 -38.30 -22.63
N LEU W 93 80.24 -39.01 -23.68
CA LEU W 93 81.03 -40.10 -24.24
C LEU W 93 81.85 -39.57 -25.41
N LEU W 94 83.18 -39.55 -25.26
CA LEU W 94 84.04 -39.12 -26.36
C LEU W 94 83.89 -40.04 -27.56
N THR W 95 83.86 -41.35 -27.32
CA THR W 95 83.57 -42.34 -28.35
C THR W 95 82.20 -42.96 -28.10
N ASN W 96 81.69 -43.64 -29.12
CA ASN W 96 80.36 -44.21 -29.00
C ASN W 96 80.34 -45.41 -28.06
N ARG W 97 79.15 -45.74 -27.58
CA ARG W 97 78.96 -46.86 -26.66
C ARG W 97 79.41 -48.17 -27.30
N ALA W 98 79.38 -48.25 -28.63
CA ALA W 98 79.75 -49.50 -29.31
C ALA W 98 81.20 -49.89 -29.05
N GLN W 99 82.11 -48.92 -29.10
CA GLN W 99 83.54 -49.22 -29.03
C GLN W 99 84.15 -48.95 -27.66
N LEU W 100 83.33 -48.81 -26.62
CA LEU W 100 83.88 -48.65 -25.27
C LEU W 100 84.50 -49.97 -24.80
N ASP W 101 85.70 -49.88 -24.22
CA ASP W 101 86.46 -51.05 -23.82
C ASP W 101 86.08 -51.46 -22.41
N LEU W 102 84.99 -52.22 -22.32
CA LEU W 102 84.54 -52.74 -21.03
C LEU W 102 85.35 -53.94 -20.57
N ASN W 103 86.06 -54.61 -21.47
CA ASN W 103 86.83 -55.80 -21.09
C ASN W 103 87.99 -55.44 -20.17
N ALA W 104 88.63 -54.29 -20.40
CA ALA W 104 89.78 -53.90 -19.58
C ALA W 104 89.38 -53.65 -18.14
N LEU W 105 88.19 -53.08 -17.92
CA LEU W 105 87.73 -52.77 -16.57
C LEU W 105 87.51 -54.05 -15.77
N THR W 106 87.66 -53.93 -14.45
CA THR W 106 87.46 -55.05 -13.56
C THR W 106 85.97 -55.34 -13.40
N ASP W 107 85.66 -56.35 -12.58
CA ASP W 107 84.26 -56.71 -12.37
C ASP W 107 83.49 -55.58 -11.70
N ALA W 108 84.07 -54.95 -10.68
CA ALA W 108 83.39 -53.84 -10.02
C ALA W 108 83.37 -52.60 -10.90
N ARG W 109 84.47 -52.33 -11.60
CA ARG W 109 84.53 -51.14 -12.45
C ARG W 109 83.54 -51.23 -13.60
N ARG W 110 83.43 -52.39 -14.24
CA ARG W 110 82.47 -52.53 -15.33
C ARG W 110 81.04 -52.41 -14.82
N ASN W 111 80.75 -52.98 -13.66
CA ASN W 111 79.40 -52.92 -13.10
C ASN W 111 79.03 -51.49 -12.73
N PHE W 112 79.98 -50.73 -12.19
CA PHE W 112 79.73 -49.33 -11.86
C PHE W 112 79.38 -48.55 -13.13
N LEU W 113 80.11 -48.80 -14.22
CA LEU W 113 79.90 -48.06 -15.45
C LEU W 113 78.53 -48.36 -16.05
N GLU W 114 78.16 -49.63 -16.13
CA GLU W 114 76.86 -49.98 -16.71
C GLU W 114 75.72 -49.53 -15.82
N SER W 115 75.95 -49.51 -14.50
CA SER W 115 74.90 -49.09 -13.58
C SER W 115 74.50 -47.64 -13.83
N ILE W 116 75.48 -46.77 -14.07
CA ILE W 116 75.19 -45.36 -14.28
C ILE W 116 74.88 -45.03 -15.73
N LEU W 117 75.33 -45.86 -16.68
CA LEU W 117 75.11 -45.54 -18.09
C LEU W 117 73.65 -45.71 -18.48
N THR W 118 72.99 -46.74 -17.96
CA THR W 118 71.59 -47.00 -18.31
C THR W 118 70.63 -46.26 -17.38
N ARG W 119 70.92 -46.24 -16.08
CA ARG W 119 70.03 -45.58 -15.13
C ARG W 119 70.07 -44.06 -15.26
N LEU W 120 71.13 -43.50 -15.84
CA LEU W 120 71.28 -42.06 -15.97
C LEU W 120 71.59 -41.72 -17.42
N LYS W 121 70.91 -40.72 -17.95
CA LYS W 121 71.02 -40.37 -19.36
C LYS W 121 72.42 -39.89 -19.71
N TYR W 122 72.94 -40.37 -20.83
CA TYR W 122 74.26 -40.02 -21.32
C TYR W 122 74.16 -39.21 -22.60
N VAL W 123 75.27 -38.62 -23.01
CA VAL W 123 75.36 -37.80 -24.21
C VAL W 123 76.50 -38.32 -25.07
N GLU W 124 76.24 -38.48 -26.36
CA GLU W 124 77.25 -38.92 -27.31
C GLU W 124 77.98 -37.72 -27.90
N PHE W 125 79.28 -37.87 -28.12
CA PHE W 125 80.13 -36.81 -28.67
C PHE W 125 80.83 -37.33 -29.91
N ASP W 126 80.81 -36.53 -30.97
CA ASP W 126 81.53 -36.85 -32.20
C ASP W 126 82.12 -35.56 -32.76
N PRO W 127 83.43 -35.51 -32.99
CA PRO W 127 84.03 -34.28 -33.53
C PRO W 127 83.51 -33.91 -34.90
N HIS W 128 83.02 -34.88 -35.68
CA HIS W 128 82.54 -34.60 -37.03
C HIS W 128 81.32 -33.69 -37.00
N ASN W 129 80.34 -34.01 -36.14
CA ASN W 129 79.12 -33.21 -36.01
C ASN W 129 79.31 -32.24 -34.85
N MET W 130 80.17 -31.25 -35.09
CA MET W 130 80.59 -30.34 -34.02
C MET W 130 79.42 -29.52 -33.49
N THR W 131 78.60 -28.96 -34.39
CA THR W 131 77.50 -28.11 -33.95
C THR W 131 76.47 -28.90 -33.14
N ARG W 132 76.13 -30.10 -33.59
CA ARG W 132 75.12 -30.90 -32.89
C ARG W 132 75.68 -31.46 -31.58
N SER W 133 76.96 -31.81 -31.55
CA SER W 133 77.55 -32.32 -30.32
C SER W 133 77.53 -31.28 -29.21
N LEU W 134 77.88 -30.04 -29.54
CA LEU W 134 77.88 -28.98 -28.53
C LEU W 134 76.49 -28.71 -28.00
N GLY W 135 75.48 -28.72 -28.87
CA GLY W 135 74.12 -28.47 -28.43
C GLY W 135 73.61 -29.53 -27.46
N SER W 136 73.96 -30.79 -27.71
CA SER W 136 73.50 -31.87 -26.84
C SER W 136 74.03 -31.71 -25.42
N VAL W 137 75.31 -31.35 -25.30
CA VAL W 137 75.87 -31.07 -23.98
C VAL W 137 75.16 -29.88 -23.34
N ALA W 138 74.93 -28.82 -24.12
CA ALA W 138 74.17 -27.69 -23.62
C ALA W 138 72.74 -28.08 -23.26
N GLU W 139 72.11 -28.91 -24.11
CA GLU W 139 70.74 -29.34 -23.81
C GLU W 139 70.69 -30.16 -22.54
N ALA W 140 71.63 -31.08 -22.37
CA ALA W 140 71.70 -31.85 -21.12
C ALA W 140 72.03 -30.93 -19.94
N LEU W 141 72.74 -29.84 -20.21
CA LEU W 141 73.05 -28.89 -19.14
C LEU W 141 71.80 -28.18 -18.64
N TRP W 142 70.97 -27.68 -19.57
CA TRP W 142 69.82 -26.86 -19.20
C TRP W 142 68.53 -27.65 -19.06
N GLN W 143 68.55 -28.96 -19.29
CA GLN W 143 67.31 -29.74 -19.28
C GLN W 143 66.70 -29.75 -17.87
N ASN W 144 67.52 -29.98 -16.85
CA ASN W 144 67.06 -30.01 -15.46
C ASN W 144 67.26 -28.67 -14.76
N GLU W 145 67.16 -27.58 -15.50
CA GLU W 145 67.51 -26.25 -15.00
C GLU W 145 66.34 -25.29 -15.16
N ALA W 146 66.42 -24.17 -14.46
CA ALA W 146 65.51 -23.06 -14.64
C ALA W 146 65.89 -22.30 -15.90
N VAL W 147 65.42 -21.07 -16.04
CA VAL W 147 65.60 -20.26 -17.25
C VAL W 147 67.00 -20.44 -17.81
N ARG W 148 67.08 -20.83 -19.09
CA ARG W 148 68.32 -21.22 -19.74
C ARG W 148 68.90 -20.03 -20.49
N PHE W 149 70.15 -20.17 -20.93
CA PHE W 149 70.85 -19.11 -21.63
C PHE W 149 71.40 -19.62 -22.95
N GLU W 150 71.36 -18.77 -23.95
CA GLU W 150 71.96 -19.03 -25.26
C GLU W 150 73.32 -18.37 -25.35
N PRO W 151 74.22 -18.89 -26.19
CA PRO W 151 75.52 -18.25 -26.37
C PRO W 151 75.36 -16.84 -26.89
N ILE W 152 76.24 -15.94 -26.41
CA ILE W 152 76.17 -14.54 -26.81
C ILE W 152 76.53 -14.45 -28.29
N ARG W 153 75.69 -13.77 -29.05
CA ARG W 153 75.88 -13.59 -30.49
C ARG W 153 76.43 -12.19 -30.74
N MET W 154 77.59 -12.14 -31.39
CA MET W 154 78.31 -10.89 -31.66
C MET W 154 77.83 -10.37 -33.00
N ILE W 155 76.79 -9.54 -32.99
CA ILE W 155 76.09 -9.12 -34.19
C ILE W 155 75.98 -7.61 -34.25
N LYS W 156 75.68 -7.10 -35.44
CA LYS W 156 75.59 -5.67 -35.70
C LYS W 156 74.20 -5.32 -36.22
N VAL W 157 73.63 -4.24 -35.70
CA VAL W 157 72.31 -3.77 -36.12
C VAL W 157 72.41 -2.29 -36.47
N ASN W 158 71.97 -1.94 -37.68
CA ASN W 158 71.90 -0.56 -38.13
C ASN W 158 73.27 0.12 -38.04
N GLY W 159 74.33 -0.64 -38.30
CA GLY W 159 75.67 -0.09 -38.23
C GLY W 159 76.20 0.13 -36.84
N THR W 160 75.50 -0.36 -35.81
CA THR W 160 75.92 -0.20 -34.42
C THR W 160 76.31 -1.55 -33.86
N GLU W 161 77.52 -1.63 -33.31
CA GLU W 161 78.02 -2.90 -32.77
C GLU W 161 77.24 -3.28 -31.53
N LEU W 162 77.05 -4.58 -31.32
CA LEU W 162 76.17 -5.07 -30.26
C LEU W 162 76.47 -6.53 -29.96
N GLN W 163 76.01 -6.97 -28.79
CA GLN W 163 75.98 -8.39 -28.44
C GLN W 163 74.69 -8.67 -27.68
N VAL W 164 74.12 -9.85 -27.90
CA VAL W 164 72.80 -10.20 -27.38
C VAL W 164 72.94 -11.37 -26.40
N VAL W 165 72.33 -11.23 -25.23
CA VAL W 165 72.27 -12.30 -24.25
C VAL W 165 70.83 -12.83 -24.27
N GLU W 166 70.62 -13.88 -25.06
CA GLU W 166 69.30 -14.48 -25.21
C GLU W 166 69.09 -15.53 -24.12
N PHE W 167 67.94 -15.44 -23.45
CA PHE W 167 67.56 -16.43 -22.44
C PHE W 167 66.14 -16.90 -22.72
N LYS W 168 65.87 -18.15 -22.36
CA LYS W 168 64.56 -18.76 -22.56
C LYS W 168 64.07 -19.35 -21.24
N ILE W 169 62.77 -19.22 -21.00
CA ILE W 169 62.14 -19.70 -19.77
C ILE W 169 61.26 -20.89 -20.15
N PRO W 170 61.64 -22.12 -19.81
CA PRO W 170 60.79 -23.27 -20.15
C PRO W 170 59.51 -23.26 -19.31
N GLY W 171 58.37 -23.33 -19.99
CA GLY W 171 57.08 -23.28 -19.34
C GLY W 171 56.53 -21.88 -19.14
N SER W 172 57.32 -20.85 -19.42
CA SER W 172 56.89 -19.45 -19.31
C SER W 172 56.35 -19.14 -17.93
N ASN W 173 56.96 -19.73 -16.90
CA ASN W 173 56.54 -19.49 -15.53
C ASN W 173 57.73 -19.75 -14.61
N LEU W 174 57.94 -18.87 -13.66
CA LEU W 174 59.03 -18.99 -12.69
C LEU W 174 58.49 -18.82 -11.28
N PRO W 175 59.15 -19.41 -10.28
CA PRO W 175 58.78 -19.14 -8.90
C PRO W 175 58.96 -17.66 -8.58
N VAL W 176 58.09 -17.15 -7.71
CA VAL W 176 58.09 -15.72 -7.40
C VAL W 176 59.40 -15.33 -6.71
N ASP W 177 59.95 -16.24 -5.89
CA ASP W 177 61.22 -16.02 -5.21
C ASP W 177 62.37 -16.74 -5.90
N PHE W 178 62.36 -16.80 -7.23
CA PHE W 178 63.39 -17.52 -7.96
C PHE W 178 64.77 -16.91 -7.76
N LEU W 179 64.86 -15.58 -7.76
CA LEU W 179 66.15 -14.92 -7.64
C LEU W 179 66.83 -15.21 -6.30
N HIS W 180 66.08 -15.64 -5.29
CA HIS W 180 66.68 -15.97 -4.00
C HIS W 180 67.66 -17.13 -4.13
N HIS W 181 67.30 -18.15 -4.91
CA HIS W 181 68.09 -19.36 -5.02
C HIS W 181 68.87 -19.45 -6.31
N TRP W 182 68.89 -18.40 -7.13
CA TRP W 182 69.60 -18.41 -8.40
C TRP W 182 71.06 -18.04 -8.16
N ASP W 183 71.96 -18.97 -8.45
CA ASP W 183 73.40 -18.76 -8.25
C ASP W 183 74.07 -18.25 -9.52
N LEU W 184 73.55 -17.17 -10.08
CA LEU W 184 74.10 -16.56 -11.29
C LEU W 184 74.56 -15.15 -10.94
N LYS W 185 75.87 -14.95 -10.87
CA LYS W 185 76.46 -13.64 -10.62
C LYS W 185 77.08 -13.15 -11.92
N ILE W 186 76.33 -12.33 -12.66
CA ILE W 186 76.78 -11.83 -13.95
C ILE W 186 78.03 -10.97 -13.85
N GLU W 187 78.31 -10.42 -12.66
CA GLU W 187 79.47 -9.54 -12.49
C GLU W 187 80.76 -10.26 -12.85
N ASP W 188 80.82 -11.57 -12.60
CA ASP W 188 82.03 -12.34 -12.87
C ASP W 188 82.22 -12.62 -14.35
N PHE W 189 81.25 -12.31 -15.20
CA PHE W 189 81.31 -12.64 -16.62
C PHE W 189 81.57 -11.44 -17.50
N ILE W 190 81.88 -10.28 -16.92
CA ILE W 190 82.21 -9.08 -17.69
C ILE W 190 83.72 -8.94 -17.77
N ALA W 191 84.23 -8.85 -18.99
CA ALA W 191 85.66 -8.65 -19.18
C ALA W 191 86.07 -7.25 -18.74
N THR W 192 87.14 -7.18 -17.95
CA THR W 192 87.68 -5.91 -17.49
C THR W 192 88.75 -5.34 -18.43
N SER W 193 89.17 -6.11 -19.42
CA SER W 193 90.19 -5.66 -20.37
C SER W 193 89.84 -6.22 -21.74
N PRO W 194 90.27 -5.56 -22.82
CA PRO W 194 89.98 -6.10 -24.15
C PRO W 194 90.58 -7.49 -24.39
N ASN W 195 91.73 -7.78 -23.79
CA ASN W 195 92.41 -9.05 -24.06
C ASN W 195 91.87 -10.19 -23.19
N GLU W 196 91.32 -9.88 -22.02
CA GLU W 196 90.81 -10.92 -21.14
C GLU W 196 89.63 -11.64 -21.80
N GLN W 197 89.60 -12.96 -21.64
CA GLN W 197 88.54 -13.77 -22.22
C GLN W 197 87.41 -13.91 -21.20
N LYS W 198 86.23 -13.45 -21.58
CA LYS W 198 85.02 -13.51 -20.77
C LYS W 198 83.83 -13.62 -21.70
N PRO W 199 82.70 -14.12 -21.20
CA PRO W 199 81.51 -14.18 -22.06
C PRO W 199 81.09 -12.83 -22.61
N VAL W 200 81.23 -11.77 -21.81
CA VAL W 200 80.82 -10.42 -22.22
C VAL W 200 82.08 -9.64 -22.58
N LYS W 201 82.13 -9.15 -23.82
CA LYS W 201 83.27 -8.38 -24.26
C LYS W 201 83.35 -7.04 -23.54
N PHE W 202 84.57 -6.60 -23.28
CA PHE W 202 84.78 -5.34 -22.57
C PHE W 202 84.29 -4.17 -23.42
N ASP W 203 83.60 -3.23 -22.76
CA ASP W 203 83.06 -1.97 -23.29
C ASP W 203 82.16 -2.18 -24.51
N VAL W 204 81.73 -3.40 -24.80
CA VAL W 204 80.86 -3.66 -25.95
C VAL W 204 79.40 -3.61 -25.47
N PRO W 205 78.51 -2.94 -26.20
CA PRO W 205 77.10 -2.90 -25.79
C PRO W 205 76.51 -4.31 -25.72
N VAL W 206 75.67 -4.53 -24.71
CA VAL W 206 75.06 -5.81 -24.44
C VAL W 206 73.55 -5.64 -24.43
N ALA W 207 72.84 -6.53 -25.13
CA ALA W 207 71.39 -6.47 -25.21
C ALA W 207 70.77 -7.69 -24.57
N LEU W 208 69.60 -7.50 -23.97
CA LEU W 208 68.84 -8.59 -23.36
C LEU W 208 67.70 -8.97 -24.30
N TYR W 209 67.52 -10.27 -24.50
CA TYR W 209 66.57 -10.80 -25.46
C TYR W 209 65.69 -11.85 -24.80
N GLY W 210 64.50 -12.04 -25.37
CA GLY W 210 63.61 -13.09 -24.94
C GLY W 210 62.57 -12.63 -23.95
N PRO W 211 61.39 -13.26 -23.98
CA PRO W 211 60.33 -12.89 -23.05
C PRO W 211 60.73 -13.20 -21.61
N GLY W 212 60.23 -12.37 -20.69
CA GLY W 212 60.51 -12.55 -19.29
C GLY W 212 59.86 -11.49 -18.43
N PRO W 213 59.80 -11.73 -17.12
CA PRO W 213 59.17 -10.77 -16.22
C PRO W 213 60.03 -9.53 -16.04
N ASN W 214 59.39 -8.48 -15.51
CA ASN W 214 60.08 -7.21 -15.33
C ASN W 214 61.23 -7.33 -14.33
N TRP W 215 61.00 -8.04 -13.22
CA TRP W 215 62.05 -8.16 -12.21
C TRP W 215 63.26 -8.91 -12.74
N LEU W 216 63.03 -9.97 -13.53
CA LEU W 216 64.15 -10.68 -14.13
C LEU W 216 64.92 -9.78 -15.09
N TYR W 217 64.20 -8.98 -15.87
CA TYR W 217 64.86 -8.05 -16.76
C TYR W 217 65.69 -7.02 -16.00
N ALA W 218 65.11 -6.44 -14.93
CA ALA W 218 65.83 -5.44 -14.16
C ALA W 218 67.02 -6.05 -13.43
N PHE W 219 66.86 -7.27 -12.90
CA PHE W 219 67.96 -7.91 -12.18
C PHE W 219 69.15 -8.17 -13.09
N LEU W 220 68.90 -8.54 -14.35
CA LEU W 220 69.98 -8.84 -15.26
C LEU W 220 70.76 -7.60 -15.69
N THR W 221 70.07 -6.48 -15.91
CA THR W 221 70.71 -5.29 -16.44
C THR W 221 71.37 -4.41 -15.36
N LEU W 222 70.91 -4.52 -14.11
CA LEU W 222 71.40 -3.62 -13.07
C LEU W 222 72.90 -3.71 -12.83
N PRO W 223 73.51 -4.90 -12.70
CA PRO W 223 74.95 -4.95 -12.44
C PRO W 223 75.82 -4.40 -13.56
N PHE W 224 75.24 -3.93 -14.65
CA PHE W 224 75.99 -3.42 -15.78
C PHE W 224 76.25 -1.92 -15.71
N LYS W 225 75.83 -1.26 -14.63
CA LYS W 225 76.10 0.16 -14.49
C LYS W 225 77.60 0.41 -14.41
N ASN W 226 78.06 1.46 -15.09
CA ASN W 226 79.47 1.83 -15.19
C ASN W 226 80.30 0.76 -15.89
N ARG W 227 79.68 -0.22 -16.53
CA ARG W 227 80.39 -1.30 -17.20
C ARG W 227 80.13 -1.33 -18.70
N ASN W 228 78.86 -1.36 -19.11
CA ASN W 228 78.53 -1.44 -20.53
C ASN W 228 77.20 -0.72 -20.76
N THR W 229 76.99 -0.28 -21.99
CA THR W 229 75.69 0.21 -22.41
C THR W 229 74.78 -0.98 -22.69
N VAL W 230 73.57 -0.95 -22.13
CA VAL W 230 72.67 -2.10 -22.19
C VAL W 230 71.49 -1.77 -23.08
N PHE W 231 71.01 -2.78 -23.80
CA PHE W 231 69.83 -2.69 -24.64
C PHE W 231 68.84 -3.76 -24.20
N VAL W 232 67.57 -3.54 -24.52
CA VAL W 232 66.52 -4.53 -24.24
C VAL W 232 65.61 -4.63 -25.44
N PHE W 233 64.91 -5.75 -25.54
CA PHE W 233 64.01 -6.03 -26.65
C PHE W 233 62.57 -5.86 -26.20
N ASN W 234 61.79 -5.13 -26.97
CA ASN W 234 60.36 -4.95 -26.72
C ASN W 234 59.59 -5.50 -27.91
N SER W 235 58.80 -6.55 -27.66
CA SER W 235 58.09 -7.23 -28.74
C SER W 235 56.95 -6.39 -29.30
N ARG W 236 56.57 -5.29 -28.64
CA ARG W 236 55.49 -4.47 -29.16
C ARG W 236 55.84 -3.90 -30.53
N THR W 237 57.07 -3.43 -30.70
CA THR W 237 57.55 -2.98 -32.00
C THR W 237 58.72 -3.80 -32.51
N SER W 238 59.21 -4.76 -31.71
CA SER W 238 60.23 -5.71 -32.14
C SER W 238 61.52 -5.01 -32.58
N GLU W 239 62.13 -4.29 -31.64
CA GLU W 239 63.42 -3.68 -31.87
C GLU W 239 64.06 -3.35 -30.53
N TYR W 240 65.38 -3.15 -30.55
CA TYR W 240 66.12 -2.91 -29.32
C TYR W 240 66.04 -1.45 -28.90
N ILE W 241 65.97 -1.23 -27.59
CA ILE W 241 65.88 0.10 -26.99
C ILE W 241 67.08 0.28 -26.07
N CYS W 242 67.77 1.41 -26.21
CA CYS W 242 68.89 1.75 -25.35
C CYS W 242 68.38 2.41 -24.07
N VAL W 243 68.74 1.86 -22.92
CA VAL W 243 68.30 2.38 -21.64
C VAL W 243 69.46 2.83 -20.76
N TYR W 244 70.71 2.52 -21.14
CA TYR W 244 71.88 3.00 -20.42
C TYR W 244 72.89 3.53 -21.43
N SER W 245 73.49 4.67 -21.12
CA SER W 245 74.46 5.33 -22.00
C SER W 245 75.79 5.43 -21.28
N LYS W 246 76.80 4.74 -21.79
CA LYS W 246 78.16 4.84 -21.31
C LYS W 246 79.17 5.15 -22.39
N SER W 247 78.95 4.69 -23.62
CA SER W 247 79.83 4.98 -24.74
C SER W 247 79.35 6.20 -25.49
N ALA W 248 80.25 6.75 -26.32
CA ALA W 248 79.93 7.94 -27.10
C ALA W 248 79.04 7.58 -28.27
N GLY W 249 78.09 8.45 -28.58
CA GLY W 249 77.20 8.26 -29.71
C GLY W 249 75.99 7.38 -29.45
N LEU W 250 75.85 6.84 -28.25
CA LEU W 250 74.73 5.98 -27.90
C LEU W 250 73.91 6.69 -26.81
N ALA W 251 72.92 7.46 -27.25
CA ALA W 251 72.04 8.14 -26.32
C ALA W 251 71.06 7.14 -25.70
N PRO W 252 70.58 7.42 -24.48
CA PRO W 252 69.58 6.54 -23.86
C PRO W 252 68.20 6.80 -24.45
N GLY W 253 67.70 5.84 -25.22
CA GLY W 253 66.48 6.02 -25.97
C GLY W 253 66.69 5.72 -27.44
N MET W 254 67.94 5.45 -27.81
CA MET W 254 68.25 5.06 -29.17
C MET W 254 67.60 3.73 -29.49
N VAL W 255 67.03 3.64 -30.69
CA VAL W 255 66.25 2.49 -31.12
C VAL W 255 66.90 1.88 -32.35
N LEU W 256 67.12 0.57 -32.32
CA LEU W 256 67.77 -0.15 -33.41
C LEU W 256 66.81 -1.21 -33.94
N LYS W 257 66.39 -1.05 -35.20
CA LYS W 257 65.46 -2.00 -35.80
C LYS W 257 66.15 -3.32 -36.07
N GLY W 258 65.77 -4.35 -35.32
CA GLY W 258 66.35 -5.67 -35.47
C GLY W 258 65.33 -6.73 -35.84
N PRO X 2 -22.86 -16.12 -45.24
CA PRO X 2 -23.53 -14.84 -44.99
C PRO X 2 -22.76 -13.94 -44.03
N GLN X 3 -22.69 -12.65 -44.32
CA GLN X 3 -21.96 -11.69 -43.49
C GLN X 3 -22.96 -10.77 -42.82
N ALA X 4 -22.58 -10.19 -41.68
CA ALA X 4 -23.48 -9.37 -40.89
C ALA X 4 -22.78 -8.14 -40.33
N PHE X 5 -23.53 -7.03 -40.30
CA PHE X 5 -23.19 -5.86 -39.47
C PHE X 5 -24.28 -5.72 -38.41
N PHE X 6 -23.87 -5.39 -37.20
CA PHE X 6 -24.82 -5.10 -36.13
C PHE X 6 -24.80 -3.60 -35.86
N SER X 7 -25.96 -2.96 -36.06
CA SER X 7 -26.10 -1.53 -35.78
C SER X 7 -26.97 -1.37 -34.55
N HIS X 8 -26.40 -0.78 -33.50
CA HIS X 8 -27.10 -0.70 -32.22
C HIS X 8 -26.50 0.44 -31.40
N ASN X 9 -27.23 0.82 -30.36
CA ASN X 9 -26.73 1.77 -29.38
C ASN X 9 -26.37 1.03 -28.10
N ASN X 10 -25.46 1.65 -27.32
CA ASN X 10 -24.88 0.96 -26.16
C ASN X 10 -25.90 0.64 -25.09
N LYS X 11 -27.06 1.28 -25.09
CA LYS X 11 -28.09 0.96 -24.10
C LYS X 11 -28.61 -0.46 -24.28
N ASP X 12 -28.66 -0.94 -25.52
CA ASP X 12 -29.08 -2.31 -25.81
C ASP X 12 -27.91 -3.24 -26.04
N LYS X 13 -26.75 -2.95 -25.45
CA LYS X 13 -25.59 -3.81 -25.65
C LYS X 13 -25.81 -5.20 -25.08
N LYS X 14 -26.65 -5.32 -24.05
CA LYS X 14 -26.95 -6.63 -23.49
C LYS X 14 -27.70 -7.50 -24.49
N ILE X 15 -28.60 -6.90 -25.27
CA ILE X 15 -29.50 -7.68 -26.12
C ILE X 15 -28.89 -8.03 -27.47
N VAL X 16 -27.73 -7.47 -27.82
CA VAL X 16 -27.20 -7.70 -29.16
C VAL X 16 -26.24 -8.89 -29.17
N LEU X 17 -25.47 -9.06 -28.08
CA LEU X 17 -24.40 -10.06 -28.10
C LEU X 17 -24.95 -11.47 -28.19
N GLU X 18 -25.99 -11.79 -27.41
CA GLU X 18 -26.54 -13.15 -27.49
C GLU X 18 -27.29 -13.35 -28.79
N VAL X 19 -27.79 -12.28 -29.41
CA VAL X 19 -28.24 -12.37 -30.79
C VAL X 19 -27.05 -12.65 -31.70
N LEU X 20 -25.93 -11.97 -31.46
CA LEU X 20 -24.74 -12.15 -32.28
C LEU X 20 -24.19 -13.58 -32.17
N GLU X 21 -24.09 -14.10 -30.94
CA GLU X 21 -23.49 -15.43 -30.79
C GLU X 21 -24.43 -16.51 -31.31
N HIS X 22 -25.74 -16.29 -31.25
CA HIS X 22 -26.67 -17.21 -31.89
C HIS X 22 -26.47 -17.21 -33.40
N LEU X 23 -26.30 -16.02 -34.00
CA LEU X 23 -25.94 -15.94 -35.41
C LEU X 23 -24.55 -16.51 -35.66
N ARG X 24 -23.62 -16.26 -34.74
CA ARG X 24 -22.29 -16.86 -34.87
C ARG X 24 -22.38 -18.38 -34.84
N GLN X 25 -23.21 -18.93 -33.95
CA GLN X 25 -23.38 -20.37 -33.88
C GLN X 25 -23.98 -20.94 -35.16
N SER X 26 -24.62 -20.09 -35.98
CA SER X 26 -25.21 -20.52 -37.24
C SER X 26 -24.26 -20.33 -38.43
N LEU X 27 -22.95 -20.40 -38.19
CA LEU X 27 -21.94 -20.28 -39.25
C LEU X 27 -22.05 -18.95 -39.99
N VAL X 28 -22.39 -17.88 -39.28
CA VAL X 28 -22.47 -16.54 -39.85
C VAL X 28 -21.37 -15.70 -39.19
N ALA X 29 -20.49 -15.14 -40.00
CA ALA X 29 -19.40 -14.32 -39.48
C ALA X 29 -19.93 -12.95 -39.10
N THR X 30 -19.73 -12.57 -37.83
CA THR X 30 -20.26 -11.33 -37.30
C THR X 30 -19.16 -10.45 -36.77
N TRP X 31 -19.16 -9.19 -37.22
CA TRP X 31 -18.33 -8.13 -36.66
C TRP X 31 -19.23 -7.05 -36.06
N ILE X 32 -19.07 -6.80 -34.77
CA ILE X 32 -19.80 -5.78 -34.05
C ILE X 32 -19.08 -4.43 -34.08
N ASP X 33 -17.74 -4.45 -33.96
CA ASP X 33 -16.93 -3.25 -34.13
C ASP X 33 -15.74 -3.55 -35.04
N SER X 42 -14.91 1.60 -39.48
CA SER X 42 -16.34 1.79 -39.21
C SER X 42 -17.15 0.63 -39.79
N LEU X 43 -18.31 0.97 -40.36
CA LEU X 43 -19.16 -0.04 -40.99
C LEU X 43 -19.48 0.37 -42.42
N ILE X 44 -19.55 1.67 -42.68
CA ILE X 44 -19.96 2.16 -43.99
C ILE X 44 -18.92 1.81 -45.04
N GLN X 45 -17.64 2.03 -44.73
CA GLN X 45 -16.60 1.58 -45.64
C GLN X 45 -16.47 0.07 -45.66
N GLN X 46 -16.90 -0.61 -44.59
CA GLN X 46 -16.94 -2.07 -44.59
C GLN X 46 -18.09 -2.61 -45.45
N ILE X 47 -18.98 -1.75 -45.92
CA ILE X 47 -19.93 -2.16 -46.95
C ILE X 47 -19.17 -2.70 -48.17
N ILE X 48 -18.12 -2.00 -48.57
CA ILE X 48 -17.44 -2.29 -49.84
C ILE X 48 -16.34 -3.30 -49.52
N ALA X 49 -16.73 -4.57 -49.54
CA ALA X 49 -15.78 -5.66 -49.28
C ALA X 49 -16.36 -7.00 -49.71
N GLY X 50 -15.57 -7.79 -50.44
CA GLY X 50 -15.98 -9.13 -50.81
C GLY X 50 -16.82 -9.14 -52.07
N ILE X 51 -17.86 -9.96 -52.08
CA ILE X 51 -18.68 -10.18 -53.27
C ILE X 51 -19.94 -9.32 -53.17
N SER X 52 -20.66 -9.25 -54.30
CA SER X 52 -21.91 -8.49 -54.33
C SER X 52 -22.89 -8.94 -53.26
N LYS X 53 -22.89 -10.23 -52.91
CA LYS X 53 -23.56 -10.70 -51.71
C LYS X 53 -22.75 -10.27 -50.48
N SER X 54 -22.92 -9.00 -50.12
CA SER X 54 -22.07 -8.38 -49.12
C SER X 54 -22.40 -8.84 -47.71
N GLN X 55 -23.61 -8.52 -47.24
CA GLN X 55 -23.96 -8.74 -45.84
C GLN X 55 -25.44 -8.39 -45.65
N TYR X 56 -25.91 -8.49 -44.40
CA TYR X 56 -27.21 -7.98 -44.01
C TYR X 56 -27.03 -6.99 -42.88
N PHE X 57 -27.54 -5.77 -43.07
CA PHE X 57 -27.47 -4.74 -42.03
C PHE X 57 -28.51 -5.02 -40.96
N LEU X 58 -28.05 -5.20 -39.72
CA LEU X 58 -28.94 -5.46 -38.58
C LEU X 58 -29.09 -4.15 -37.81
N ALA X 59 -30.16 -3.42 -38.10
CA ALA X 59 -30.45 -2.15 -37.43
C ALA X 59 -31.31 -2.43 -36.22
N PHE X 60 -30.71 -2.37 -35.03
CA PHE X 60 -31.42 -2.63 -33.78
C PHE X 60 -32.21 -1.38 -33.40
N LEU X 61 -33.35 -1.22 -34.05
CA LEU X 61 -34.21 -0.08 -33.82
C LEU X 61 -34.81 -0.13 -32.42
N SER X 62 -34.75 1.00 -31.71
CA SER X 62 -35.29 1.10 -30.37
C SER X 62 -35.64 2.54 -30.10
N ASN X 63 -36.43 2.76 -29.04
CA ASN X 63 -36.85 4.11 -28.70
C ASN X 63 -35.66 4.99 -28.37
N GLU X 64 -34.68 4.47 -27.64
CA GLU X 64 -33.48 5.23 -27.36
C GLU X 64 -32.53 5.23 -28.54
N TYR X 65 -32.61 4.21 -29.40
CA TYR X 65 -31.70 4.12 -30.54
C TYR X 65 -31.89 5.28 -31.50
N LEU X 66 -33.14 5.64 -31.80
CA LEU X 66 -33.38 6.68 -32.79
C LEU X 66 -33.20 8.08 -32.22
N LYS X 67 -32.83 8.21 -30.95
CA LYS X 67 -32.50 9.50 -30.37
C LYS X 67 -31.03 9.86 -30.51
N SER X 68 -30.24 9.00 -31.13
CA SER X 68 -28.81 9.25 -31.34
C SER X 68 -28.57 9.59 -32.81
N ASP X 69 -28.02 10.77 -33.05
CA ASP X 69 -27.72 11.18 -34.42
C ASP X 69 -26.66 10.29 -35.05
N TRP X 70 -25.64 9.92 -34.27
CA TRP X 70 -24.58 9.06 -34.78
C TRP X 70 -25.13 7.72 -35.26
N CYS X 71 -26.23 7.26 -34.66
CA CYS X 71 -26.91 6.09 -35.18
C CYS X 71 -27.73 6.43 -36.42
N TRP X 72 -28.32 7.62 -36.46
CA TRP X 72 -29.22 7.97 -37.55
C TRP X 72 -28.49 8.09 -38.88
N ASP X 73 -27.40 8.87 -38.91
CA ASP X 73 -26.70 9.07 -40.19
C ASP X 73 -26.11 7.78 -40.70
N GLU X 74 -25.57 6.94 -39.80
CA GLU X 74 -25.10 5.62 -40.21
C GLU X 74 -26.22 4.81 -40.84
N LEU X 75 -27.44 4.93 -40.31
CA LEU X 75 -28.60 4.28 -40.93
C LEU X 75 -28.88 4.86 -42.31
N GLU X 76 -28.73 6.18 -42.46
CA GLU X 76 -29.00 6.81 -43.75
C GLU X 76 -28.08 6.31 -44.84
N GLN X 77 -26.77 6.28 -44.56
CA GLN X 77 -25.82 5.79 -45.56
C GLN X 77 -26.06 4.33 -45.88
N ALA X 78 -26.39 3.52 -44.86
CA ALA X 78 -26.71 2.12 -45.12
C ALA X 78 -27.93 1.98 -46.02
N TYR X 79 -28.97 2.78 -45.77
CA TYR X 79 -30.15 2.75 -46.63
C TYR X 79 -29.86 3.34 -48.00
N ALA X 80 -29.05 4.41 -48.06
CA ALA X 80 -28.76 5.05 -49.33
C ALA X 80 -28.07 4.07 -50.28
N LEU X 81 -27.10 3.32 -49.79
CA LEU X 81 -26.46 2.30 -50.61
C LEU X 81 -27.27 1.01 -50.66
N HIS X 82 -28.28 0.86 -49.80
CA HIS X 82 -29.19 -0.27 -49.93
C HIS X 82 -30.05 -0.14 -51.18
N GLN X 83 -30.34 1.10 -51.59
CA GLN X 83 -31.06 1.30 -52.85
C GLN X 83 -30.27 0.78 -54.04
N LYS X 84 -28.94 0.79 -53.93
CA LYS X 84 -28.09 0.19 -54.96
C LYS X 84 -28.17 -1.34 -54.97
N GLY X 85 -28.78 -1.93 -53.93
CA GLY X 85 -28.95 -3.36 -53.87
C GLY X 85 -27.75 -4.15 -53.41
N LYS X 86 -26.63 -3.48 -53.09
CA LYS X 86 -25.43 -4.20 -52.71
C LYS X 86 -25.49 -4.68 -51.27
N VAL X 87 -26.32 -4.04 -50.44
CA VAL X 87 -26.53 -4.45 -49.06
C VAL X 87 -28.01 -4.34 -48.74
N LYS X 88 -28.55 -5.38 -48.09
CA LYS X 88 -29.93 -5.40 -47.68
C LYS X 88 -30.02 -5.26 -46.16
N ILE X 89 -30.94 -4.42 -45.71
CA ILE X 89 -31.10 -4.08 -44.30
C ILE X 89 -32.33 -4.80 -43.77
N ILE X 90 -32.17 -5.50 -42.65
CA ILE X 90 -33.32 -6.06 -41.94
C ILE X 90 -33.46 -5.34 -40.61
N PRO X 91 -34.55 -4.61 -40.40
CA PRO X 91 -34.72 -3.85 -39.16
C PRO X 91 -35.28 -4.73 -38.04
N ILE X 92 -34.47 -4.95 -37.02
CA ILE X 92 -34.89 -5.67 -35.82
C ILE X 92 -35.37 -4.64 -34.80
N LEU X 93 -36.62 -4.79 -34.38
CA LEU X 93 -37.25 -3.86 -33.44
C LEU X 93 -37.10 -4.43 -32.04
N LEU X 94 -36.46 -3.65 -31.15
CA LEU X 94 -36.39 -4.06 -29.74
C LEU X 94 -37.77 -4.00 -29.10
N THR X 95 -38.55 -2.99 -29.45
CA THR X 95 -39.92 -2.83 -28.96
C THR X 95 -40.89 -2.96 -30.11
N ASN X 96 -42.17 -3.10 -29.78
CA ASN X 96 -43.20 -3.23 -30.78
C ASN X 96 -43.40 -1.90 -31.53
N ARG X 97 -43.90 -2.02 -32.76
CA ARG X 97 -44.11 -0.84 -33.60
C ARG X 97 -45.13 0.12 -32.98
N ALA X 98 -46.05 -0.41 -32.16
CA ALA X 98 -47.13 0.41 -31.63
C ALA X 98 -46.61 1.58 -30.80
N GLN X 99 -45.62 1.33 -29.95
CA GLN X 99 -45.09 2.36 -29.06
C GLN X 99 -43.69 2.82 -29.44
N LEU X 100 -43.32 2.76 -30.72
CA LEU X 100 -42.16 3.50 -31.18
C LEU X 100 -42.43 4.99 -31.07
N ASP X 101 -41.46 5.74 -30.54
CA ASP X 101 -41.64 7.18 -30.30
C ASP X 101 -41.42 7.90 -31.62
N LEU X 102 -42.45 7.86 -32.47
CA LEU X 102 -42.37 8.52 -33.77
C LEU X 102 -42.53 10.03 -33.67
N ASN X 103 -43.06 10.54 -32.56
CA ASN X 103 -43.24 11.98 -32.42
C ASN X 103 -41.92 12.68 -32.15
N ALA X 104 -40.94 11.95 -31.61
CA ALA X 104 -39.65 12.57 -31.29
C ALA X 104 -38.94 13.05 -32.54
N LEU X 105 -38.94 12.25 -33.60
CA LEU X 105 -38.20 12.60 -34.80
C LEU X 105 -38.86 13.77 -35.52
N THR X 106 -38.05 14.49 -36.30
CA THR X 106 -38.56 15.56 -37.14
C THR X 106 -39.34 14.96 -38.32
N ASP X 107 -39.86 15.84 -39.17
CA ASP X 107 -40.65 15.38 -40.31
C ASP X 107 -39.79 14.55 -41.27
N ALA X 108 -38.56 15.00 -41.53
CA ALA X 108 -37.71 14.27 -42.47
C ALA X 108 -37.37 12.88 -41.95
N ARG X 109 -37.02 12.76 -40.67
CA ARG X 109 -36.66 11.46 -40.11
C ARG X 109 -37.87 10.56 -39.96
N ARG X 110 -39.00 11.11 -39.50
CA ARG X 110 -40.20 10.30 -39.33
C ARG X 110 -40.70 9.77 -40.67
N ASN X 111 -40.72 10.62 -41.70
CA ASN X 111 -41.15 10.17 -43.01
C ASN X 111 -40.21 9.13 -43.57
N PHE X 112 -38.89 9.33 -43.40
CA PHE X 112 -37.92 8.36 -43.91
C PHE X 112 -38.06 7.02 -43.20
N LEU X 113 -38.24 7.05 -41.88
CA LEU X 113 -38.38 5.80 -41.14
C LEU X 113 -39.63 5.05 -41.56
N GLU X 114 -40.74 5.76 -41.77
CA GLU X 114 -41.97 5.12 -42.25
C GLU X 114 -41.77 4.51 -43.62
N SER X 115 -40.94 5.15 -44.46
CA SER X 115 -40.67 4.60 -45.79
C SER X 115 -39.99 3.24 -45.69
N ILE X 116 -39.04 3.09 -44.77
CA ILE X 116 -38.33 1.82 -44.64
C ILE X 116 -39.08 0.83 -43.76
N LEU X 117 -40.00 1.29 -42.90
CA LEU X 117 -40.72 0.37 -42.04
C LEU X 117 -41.84 -0.33 -42.79
N THR X 118 -42.40 0.33 -43.81
CA THR X 118 -43.51 -0.26 -44.57
C THR X 118 -43.01 -1.05 -45.77
N ARG X 119 -42.24 -0.43 -46.66
CA ARG X 119 -41.82 -1.08 -47.89
C ARG X 119 -40.84 -2.23 -47.64
N LEU X 120 -40.23 -2.29 -46.45
CA LEU X 120 -39.24 -3.30 -46.14
C LEU X 120 -39.75 -4.16 -44.99
N LYS X 121 -39.65 -5.48 -45.16
CA LYS X 121 -40.14 -6.40 -44.14
C LYS X 121 -39.26 -6.34 -42.89
N TYR X 122 -39.89 -6.06 -41.75
CA TYR X 122 -39.21 -6.03 -40.47
C TYR X 122 -39.60 -7.26 -39.66
N VAL X 123 -38.79 -7.54 -38.64
CA VAL X 123 -39.04 -8.65 -37.72
C VAL X 123 -39.00 -8.09 -36.31
N GLU X 124 -39.84 -8.66 -35.43
CA GLU X 124 -40.06 -8.09 -34.11
C GLU X 124 -39.39 -8.96 -33.05
N PHE X 125 -38.76 -8.30 -32.09
CA PHE X 125 -38.04 -8.96 -30.99
C PHE X 125 -38.67 -8.56 -29.67
N ASP X 126 -38.87 -9.54 -28.79
CA ASP X 126 -39.23 -9.28 -27.41
C ASP X 126 -38.35 -10.15 -26.51
N PRO X 127 -37.95 -9.65 -25.34
CA PRO X 127 -37.10 -10.47 -24.46
C PRO X 127 -37.79 -11.68 -23.88
N HIS X 128 -39.10 -11.59 -23.61
CA HIS X 128 -39.80 -12.67 -22.92
C HIS X 128 -39.81 -13.94 -23.75
N ASN X 129 -40.24 -13.84 -25.00
CA ASN X 129 -40.23 -14.99 -25.92
C ASN X 129 -38.88 -15.02 -26.63
N MET X 130 -37.85 -15.35 -25.85
CA MET X 130 -36.48 -15.24 -26.33
C MET X 130 -36.18 -16.23 -27.44
N THR X 131 -36.70 -17.46 -27.32
CA THR X 131 -36.35 -18.50 -28.29
C THR X 131 -36.91 -18.19 -29.67
N ARG X 132 -38.21 -17.88 -29.75
CA ARG X 132 -38.80 -17.62 -31.06
C ARG X 132 -38.31 -16.30 -31.63
N SER X 133 -37.97 -15.35 -30.77
CA SER X 133 -37.39 -14.09 -31.25
C SER X 133 -36.06 -14.34 -31.94
N LEU X 134 -35.23 -15.21 -31.36
CA LEU X 134 -33.96 -15.54 -31.99
C LEU X 134 -34.16 -16.25 -33.32
N GLY X 135 -35.12 -17.18 -33.38
CA GLY X 135 -35.36 -17.89 -34.63
C GLY X 135 -35.89 -16.99 -35.72
N SER X 136 -36.77 -16.06 -35.36
CA SER X 136 -37.32 -15.14 -36.35
C SER X 136 -36.24 -14.24 -36.93
N VAL X 137 -35.30 -13.79 -36.09
CA VAL X 137 -34.19 -12.98 -36.58
C VAL X 137 -33.34 -13.78 -37.56
N ALA X 138 -33.03 -15.03 -37.21
CA ALA X 138 -32.28 -15.89 -38.12
C ALA X 138 -33.05 -16.15 -39.40
N GLU X 139 -34.37 -16.33 -39.29
CA GLU X 139 -35.20 -16.61 -40.45
C GLU X 139 -35.04 -15.52 -41.50
N ALA X 140 -35.21 -14.26 -41.10
CA ALA X 140 -35.08 -13.16 -42.04
C ALA X 140 -33.69 -13.10 -42.65
N LEU X 141 -32.67 -13.51 -41.89
CA LEU X 141 -31.32 -13.57 -42.43
C LEU X 141 -31.23 -14.59 -43.56
N TRP X 142 -31.85 -15.75 -43.38
CA TRP X 142 -31.76 -16.85 -44.33
C TRP X 142 -32.85 -16.86 -45.39
N GLN X 143 -33.83 -15.95 -45.29
CA GLN X 143 -35.02 -16.07 -46.15
C GLN X 143 -34.67 -15.84 -47.62
N ASN X 144 -33.64 -15.03 -47.89
CA ASN X 144 -33.20 -14.77 -49.26
C ASN X 144 -31.83 -15.38 -49.54
N GLU X 145 -31.50 -16.50 -48.90
CA GLU X 145 -30.18 -17.10 -49.00
C GLU X 145 -30.27 -18.48 -49.64
N ALA X 146 -29.09 -19.00 -49.96
CA ALA X 146 -28.91 -20.39 -50.36
C ALA X 146 -28.92 -21.27 -49.11
N VAL X 147 -28.40 -22.48 -49.22
CA VAL X 147 -28.45 -23.49 -48.17
C VAL X 147 -28.24 -22.87 -46.78
N ARG X 148 -29.17 -23.16 -45.87
CA ARG X 148 -29.16 -22.60 -44.53
C ARG X 148 -28.07 -23.23 -43.68
N PHE X 149 -28.04 -22.83 -42.41
CA PHE X 149 -27.09 -23.39 -41.45
C PHE X 149 -27.70 -23.23 -40.06
N GLU X 150 -28.26 -24.31 -39.54
CA GLU X 150 -28.80 -24.29 -38.19
C GLU X 150 -27.67 -24.21 -37.17
N PRO X 151 -27.95 -23.70 -35.97
CA PRO X 151 -26.91 -23.59 -34.95
C PRO X 151 -26.32 -24.94 -34.60
N ILE X 152 -25.01 -24.93 -34.32
CA ILE X 152 -24.31 -26.17 -34.01
C ILE X 152 -24.84 -26.77 -32.71
N ARG X 153 -25.20 -28.04 -32.77
CA ARG X 153 -25.69 -28.76 -31.60
C ARG X 153 -24.65 -29.80 -31.19
N MET X 154 -24.42 -29.89 -29.89
CA MET X 154 -23.41 -30.78 -29.33
C MET X 154 -24.11 -31.99 -28.72
N ILE X 155 -24.12 -33.10 -29.46
CA ILE X 155 -24.88 -34.29 -29.09
C ILE X 155 -23.92 -35.44 -28.84
N LYS X 156 -24.19 -36.22 -27.79
CA LYS X 156 -23.41 -37.39 -27.46
C LYS X 156 -24.16 -38.62 -27.96
N VAL X 157 -23.56 -39.36 -28.88
CA VAL X 157 -24.19 -40.53 -29.49
C VAL X 157 -23.35 -41.76 -29.15
N ASN X 158 -24.00 -42.76 -28.56
CA ASN X 158 -23.38 -44.06 -28.27
C ASN X 158 -22.08 -43.90 -27.48
N GLY X 159 -22.09 -42.98 -26.53
CA GLY X 159 -20.96 -42.79 -25.65
C GLY X 159 -19.85 -41.94 -26.20
N THR X 160 -19.98 -41.42 -27.42
CA THR X 160 -18.98 -40.54 -28.01
C THR X 160 -19.58 -39.14 -28.17
N GLU X 161 -18.77 -38.12 -27.98
CA GLU X 161 -19.25 -36.75 -28.06
C GLU X 161 -18.98 -36.18 -29.44
N LEU X 162 -19.95 -35.42 -29.96
CA LEU X 162 -19.92 -35.02 -31.36
C LEU X 162 -20.75 -33.75 -31.54
N GLN X 163 -20.35 -32.92 -32.50
CA GLN X 163 -21.09 -31.72 -32.85
C GLN X 163 -21.57 -31.83 -34.29
N VAL X 164 -22.81 -31.38 -34.53
CA VAL X 164 -23.49 -31.57 -35.80
C VAL X 164 -23.59 -30.22 -36.50
N VAL X 165 -23.18 -30.18 -37.76
CA VAL X 165 -23.35 -28.99 -38.60
C VAL X 165 -24.50 -29.30 -39.55
N GLU X 166 -25.70 -28.89 -39.16
CA GLU X 166 -26.90 -29.18 -39.92
C GLU X 166 -27.17 -28.07 -40.92
N PHE X 167 -27.38 -28.44 -42.18
CA PHE X 167 -27.66 -27.48 -43.24
C PHE X 167 -28.83 -27.99 -44.08
N LYS X 168 -29.67 -27.06 -44.52
CA LYS X 168 -30.80 -27.37 -45.37
C LYS X 168 -30.80 -26.46 -46.58
N ILE X 169 -31.04 -27.04 -47.75
CA ILE X 169 -31.03 -26.32 -49.02
C ILE X 169 -32.45 -25.85 -49.31
N PRO X 170 -32.67 -24.57 -49.58
CA PRO X 170 -34.02 -24.12 -49.98
C PRO X 170 -34.44 -24.81 -51.26
N GLY X 171 -35.74 -25.10 -51.37
CA GLY X 171 -36.20 -25.85 -52.52
C GLY X 171 -35.59 -27.23 -52.56
N SER X 172 -35.00 -27.57 -53.70
CA SER X 172 -34.35 -28.87 -53.87
C SER X 172 -33.00 -28.82 -54.57
N ASN X 173 -32.69 -27.78 -55.33
CA ASN X 173 -31.49 -27.76 -56.15
C ASN X 173 -30.75 -26.44 -55.97
N LEU X 174 -29.44 -26.50 -56.25
CA LEU X 174 -28.55 -25.35 -56.23
C LEU X 174 -27.92 -25.16 -57.60
N PRO X 175 -27.51 -23.94 -57.92
CA PRO X 175 -26.77 -23.72 -59.17
C PRO X 175 -25.47 -24.53 -59.17
N VAL X 176 -25.08 -24.97 -60.37
CA VAL X 176 -23.89 -25.80 -60.49
C VAL X 176 -22.65 -25.03 -60.06
N ASP X 177 -22.60 -23.74 -60.38
CA ASP X 177 -21.49 -22.87 -60.02
C ASP X 177 -21.73 -22.09 -58.73
N PHE X 178 -22.62 -22.58 -57.87
CA PHE X 178 -22.95 -21.84 -56.65
C PHE X 178 -21.73 -21.69 -55.76
N LEU X 179 -20.87 -22.71 -55.69
CA LEU X 179 -19.68 -22.65 -54.84
C LEU X 179 -18.74 -21.52 -55.22
N HIS X 180 -18.82 -21.04 -56.46
CA HIS X 180 -17.94 -19.95 -56.89
C HIS X 180 -18.23 -18.66 -56.12
N HIS X 181 -19.51 -18.36 -55.90
CA HIS X 181 -19.91 -17.09 -55.30
C HIS X 181 -20.19 -17.20 -53.81
N TRP X 182 -20.02 -18.38 -53.22
CA TRP X 182 -20.29 -18.53 -51.79
C TRP X 182 -19.19 -17.85 -50.98
N ASP X 183 -19.58 -17.32 -49.82
CA ASP X 183 -18.69 -16.59 -48.93
C ASP X 183 -18.66 -17.24 -47.56
N LEU X 184 -18.51 -18.57 -47.53
CA LEU X 184 -18.63 -19.36 -46.31
C LEU X 184 -17.35 -20.14 -46.08
N LYS X 185 -16.22 -19.44 -46.08
CA LYS X 185 -14.96 -20.05 -45.70
C LYS X 185 -15.06 -20.60 -44.28
N ILE X 186 -14.99 -21.92 -44.15
CA ILE X 186 -15.22 -22.56 -42.85
C ILE X 186 -13.99 -22.58 -41.97
N GLU X 187 -12.81 -22.26 -42.51
CA GLU X 187 -11.60 -22.27 -41.70
C GLU X 187 -11.56 -21.13 -40.68
N ASP X 188 -12.41 -20.12 -40.84
CA ASP X 188 -12.46 -19.00 -39.91
C ASP X 188 -13.36 -19.27 -38.71
N PHE X 189 -14.06 -20.41 -38.69
CA PHE X 189 -14.99 -20.72 -37.62
C PHE X 189 -14.50 -21.89 -36.75
N ILE X 190 -13.25 -22.31 -36.93
CA ILE X 190 -12.69 -23.42 -36.17
C ILE X 190 -11.84 -22.85 -35.04
N ALA X 191 -12.17 -23.25 -33.81
CA ALA X 191 -11.41 -22.79 -32.66
C ALA X 191 -10.01 -23.40 -32.66
N THR X 192 -9.03 -22.59 -32.29
CA THR X 192 -7.65 -23.07 -32.20
C THR X 192 -7.27 -23.50 -30.79
N SER X 193 -7.98 -23.01 -29.78
CA SER X 193 -7.73 -23.37 -28.39
C SER X 193 -9.04 -23.67 -27.69
N PRO X 194 -9.03 -24.53 -26.66
CA PRO X 194 -10.29 -24.86 -25.99
C PRO X 194 -11.00 -23.67 -25.38
N ASN X 195 -10.26 -22.71 -24.82
CA ASN X 195 -10.91 -21.57 -24.18
C ASN X 195 -11.49 -20.60 -25.20
N GLU X 196 -10.84 -20.45 -26.35
CA GLU X 196 -11.32 -19.53 -27.37
C GLU X 196 -12.70 -19.96 -27.86
N GLN X 197 -13.62 -19.00 -27.96
CA GLN X 197 -14.98 -19.29 -28.37
C GLN X 197 -15.12 -19.15 -29.89
N LYS X 198 -15.74 -20.17 -30.50
CA LYS X 198 -15.89 -20.24 -31.94
C LYS X 198 -17.08 -21.15 -32.23
N PRO X 199 -17.68 -21.04 -33.41
CA PRO X 199 -18.80 -21.94 -33.74
C PRO X 199 -18.42 -23.41 -33.69
N VAL X 200 -17.20 -23.76 -34.06
CA VAL X 200 -16.73 -25.14 -34.07
C VAL X 200 -15.75 -25.31 -32.92
N LYS X 201 -16.06 -26.22 -32.01
CA LYS X 201 -15.22 -26.45 -30.85
C LYS X 201 -13.89 -27.08 -31.26
N PHE X 202 -12.85 -26.75 -30.50
CA PHE X 202 -11.51 -27.28 -30.80
C PHE X 202 -11.43 -28.75 -30.42
N ASP X 203 -10.96 -29.56 -31.37
CA ASP X 203 -10.64 -30.99 -31.25
C ASP X 203 -11.86 -31.88 -31.12
N VAL X 204 -13.07 -31.32 -31.04
CA VAL X 204 -14.28 -32.13 -30.99
C VAL X 204 -14.60 -32.63 -32.40
N PRO X 205 -14.95 -33.89 -32.58
CA PRO X 205 -15.36 -34.37 -33.90
C PRO X 205 -16.60 -33.64 -34.40
N VAL X 206 -16.62 -33.36 -35.70
CA VAL X 206 -17.67 -32.57 -36.34
C VAL X 206 -18.41 -33.45 -37.33
N ALA X 207 -19.74 -33.43 -37.26
CA ALA X 207 -20.58 -34.23 -38.13
C ALA X 207 -21.36 -33.34 -39.08
N LEU X 208 -21.46 -33.76 -40.35
CA LEU X 208 -22.22 -33.05 -41.36
C LEU X 208 -23.54 -33.77 -41.56
N TYR X 209 -24.64 -33.02 -41.47
CA TYR X 209 -25.98 -33.59 -41.52
C TYR X 209 -26.82 -32.79 -42.48
N GLY X 210 -27.69 -33.48 -43.21
CA GLY X 210 -28.58 -32.82 -44.15
C GLY X 210 -28.35 -33.28 -45.58
N PRO X 211 -29.43 -33.44 -46.33
CA PRO X 211 -29.29 -33.85 -47.74
C PRO X 211 -28.61 -32.78 -48.56
N GLY X 212 -27.86 -33.22 -49.57
CA GLY X 212 -27.15 -32.30 -50.44
C GLY X 212 -26.31 -33.02 -51.47
N PRO X 213 -25.76 -32.27 -52.42
CA PRO X 213 -24.94 -32.89 -53.47
C PRO X 213 -23.60 -33.37 -52.93
N ASN X 214 -22.96 -34.24 -53.71
CA ASN X 214 -21.69 -34.82 -53.31
C ASN X 214 -20.61 -33.76 -53.15
N TRP X 215 -20.56 -32.79 -54.07
CA TRP X 215 -19.51 -31.77 -53.99
C TRP X 215 -19.69 -30.87 -52.78
N LEU X 216 -20.93 -30.61 -52.38
CA LEU X 216 -21.15 -29.78 -51.18
C LEU X 216 -20.57 -30.45 -49.94
N TYR X 217 -20.76 -31.76 -49.80
CA TYR X 217 -20.18 -32.47 -48.67
C TYR X 217 -18.66 -32.44 -48.73
N ALA X 218 -18.09 -32.64 -49.92
CA ALA X 218 -16.63 -32.60 -50.07
C ALA X 218 -16.09 -31.21 -49.75
N PHE X 219 -16.80 -30.16 -50.19
CA PHE X 219 -16.32 -28.80 -49.97
C PHE X 219 -16.29 -28.47 -48.48
N LEU X 220 -17.29 -28.94 -47.73
CA LEU X 220 -17.31 -28.69 -46.29
C LEU X 220 -16.32 -29.58 -45.55
N THR X 221 -16.17 -30.83 -46.00
CA THR X 221 -15.34 -31.80 -45.28
C THR X 221 -13.85 -31.49 -45.45
N LEU X 222 -13.44 -31.09 -46.65
CA LEU X 222 -12.02 -30.99 -46.96
C LEU X 222 -11.24 -30.06 -46.05
N PRO X 223 -11.69 -28.83 -45.73
CA PRO X 223 -10.89 -27.95 -44.88
C PRO X 223 -10.68 -28.46 -43.46
N PHE X 224 -11.29 -29.57 -43.08
CA PHE X 224 -11.20 -30.08 -41.72
C PHE X 224 -10.01 -31.02 -41.51
N LYS X 225 -9.22 -31.28 -42.54
CA LYS X 225 -8.04 -32.11 -42.37
C LYS X 225 -7.06 -31.44 -41.42
N ASN X 226 -6.43 -32.24 -40.56
CA ASN X 226 -5.49 -31.81 -39.52
C ASN X 226 -6.15 -30.91 -38.48
N ARG X 227 -7.48 -30.76 -38.50
CA ARG X 227 -8.17 -29.90 -37.56
C ARG X 227 -9.11 -30.67 -36.65
N ASN X 228 -10.04 -31.44 -37.20
CA ASN X 228 -11.00 -32.18 -36.39
C ASN X 228 -11.35 -33.48 -37.09
N THR X 229 -11.83 -34.44 -36.29
CA THR X 229 -12.41 -35.66 -36.85
C THR X 229 -13.74 -35.32 -37.54
N VAL X 230 -13.97 -35.92 -38.70
CA VAL X 230 -15.12 -35.60 -39.53
C VAL X 230 -16.06 -36.80 -39.58
N PHE X 231 -17.35 -36.53 -39.42
CA PHE X 231 -18.39 -37.54 -39.52
C PHE X 231 -19.40 -37.12 -40.59
N VAL X 232 -19.90 -38.09 -41.34
CA VAL X 232 -20.85 -37.85 -42.41
C VAL X 232 -22.09 -38.70 -42.17
N PHE X 233 -23.26 -38.09 -42.33
CA PHE X 233 -24.54 -38.77 -42.13
C PHE X 233 -25.06 -39.28 -43.46
N ASN X 234 -25.34 -40.58 -43.54
CA ASN X 234 -25.87 -41.21 -44.73
C ASN X 234 -27.31 -41.64 -44.47
N SER X 235 -28.22 -41.26 -45.35
CA SER X 235 -29.64 -41.50 -45.16
C SER X 235 -30.09 -42.89 -45.60
N ARG X 236 -29.20 -43.67 -46.23
CA ARG X 236 -29.58 -45.01 -46.65
C ARG X 236 -29.95 -45.88 -45.45
N THR X 237 -29.19 -45.76 -44.36
CA THR X 237 -29.45 -46.48 -43.14
C THR X 237 -29.52 -45.59 -41.92
N SER X 238 -29.24 -44.30 -42.06
CA SER X 238 -29.36 -43.30 -40.99
C SER X 238 -28.44 -43.57 -39.80
N GLU X 239 -27.12 -43.61 -40.05
CA GLU X 239 -26.13 -43.46 -39.00
C GLU X 239 -25.04 -42.52 -39.50
N TYR X 240 -24.11 -42.20 -38.60
CA TYR X 240 -22.97 -41.35 -38.92
C TYR X 240 -21.77 -42.19 -39.26
N ILE X 241 -21.05 -41.80 -40.32
CA ILE X 241 -19.90 -42.54 -40.82
C ILE X 241 -18.66 -41.70 -40.59
N CYS X 242 -17.62 -42.30 -40.02
CA CYS X 242 -16.36 -41.63 -39.77
C CYS X 242 -15.51 -41.68 -41.04
N VAL X 243 -15.06 -40.51 -41.48
CA VAL X 243 -14.22 -40.41 -42.67
C VAL X 243 -12.79 -39.98 -42.34
N TYR X 244 -12.60 -39.14 -41.32
CA TYR X 244 -11.27 -38.72 -40.88
C TYR X 244 -11.09 -39.13 -39.43
N SER X 245 -9.86 -39.49 -39.07
CA SER X 245 -9.54 -39.92 -37.71
C SER X 245 -8.36 -39.10 -37.20
N LYS X 246 -8.66 -37.99 -36.53
CA LYS X 246 -7.64 -37.20 -35.85
C LYS X 246 -7.64 -37.40 -34.34
N SER X 247 -8.58 -38.19 -33.81
CA SER X 247 -8.71 -38.41 -32.38
C SER X 247 -8.43 -39.86 -32.04
N ALA X 248 -7.78 -40.08 -30.91
CA ALA X 248 -7.48 -41.44 -30.47
C ALA X 248 -8.76 -42.19 -30.12
N GLY X 249 -8.77 -43.48 -30.44
CA GLY X 249 -9.91 -44.33 -30.17
C GLY X 249 -10.97 -44.35 -31.26
N LEU X 250 -10.84 -43.50 -32.28
CA LEU X 250 -11.77 -43.47 -33.40
C LEU X 250 -11.03 -43.85 -34.67
N ALA X 251 -11.72 -44.58 -35.54
CA ALA X 251 -11.14 -45.02 -36.80
C ALA X 251 -12.09 -44.67 -37.94
N PRO X 252 -11.55 -44.44 -39.14
CA PRO X 252 -12.42 -44.13 -40.28
C PRO X 252 -13.25 -45.33 -40.69
N GLY X 253 -14.55 -45.29 -40.45
CA GLY X 253 -15.42 -46.39 -40.79
C GLY X 253 -16.38 -46.76 -39.69
N MET X 254 -16.13 -46.28 -38.48
CA MET X 254 -17.02 -46.57 -37.37
C MET X 254 -18.38 -45.91 -37.59
N VAL X 255 -19.41 -46.53 -37.05
CA VAL X 255 -20.79 -46.09 -37.25
C VAL X 255 -21.40 -45.72 -35.90
N LEU X 256 -22.12 -44.62 -35.88
CA LEU X 256 -22.81 -44.13 -34.68
C LEU X 256 -24.31 -44.29 -34.93
N LYS X 257 -24.89 -45.35 -34.38
CA LYS X 257 -26.31 -45.60 -34.56
C LYS X 257 -27.14 -44.51 -33.88
N GLY X 258 -28.16 -44.03 -34.59
CA GLY X 258 -29.03 -42.99 -34.08
C GLY X 258 -29.96 -43.48 -33.00
N PRO Y 2 -5.73 -52.75 -51.65
CA PRO Y 2 -5.22 -54.11 -51.75
C PRO Y 2 -3.78 -54.16 -52.27
N GLN Y 3 -2.87 -54.71 -51.49
CA GLN Y 3 -1.47 -54.84 -51.88
C GLN Y 3 -1.27 -56.19 -52.56
N ALA Y 4 -0.16 -56.33 -53.28
CA ALA Y 4 0.19 -57.58 -53.95
C ALA Y 4 1.70 -57.69 -54.07
N PHE Y 5 2.21 -58.90 -53.84
CA PHE Y 5 3.62 -59.21 -54.04
C PHE Y 5 3.76 -59.94 -55.38
N PHE Y 6 4.85 -59.67 -56.09
CA PHE Y 6 5.11 -60.29 -57.39
C PHE Y 6 6.15 -61.38 -57.21
N SER Y 7 5.85 -62.59 -57.66
CA SER Y 7 6.79 -63.70 -57.67
C SER Y 7 7.12 -64.03 -59.12
N HIS Y 8 8.41 -64.00 -59.46
CA HIS Y 8 8.82 -64.12 -60.85
C HIS Y 8 10.29 -64.52 -60.91
N ASN Y 9 10.72 -64.86 -62.12
CA ASN Y 9 12.13 -65.09 -62.38
C ASN Y 9 12.71 -63.92 -63.18
N ASN Y 10 14.03 -63.72 -63.04
CA ASN Y 10 14.69 -62.59 -63.67
C ASN Y 10 14.56 -62.59 -65.19
N LYS Y 11 14.30 -63.76 -65.79
CA LYS Y 11 14.10 -63.80 -67.23
C LYS Y 11 12.80 -63.12 -67.63
N ASP Y 12 11.80 -63.13 -66.75
CA ASP Y 12 10.52 -62.49 -67.00
C ASP Y 12 10.48 -61.07 -66.46
N LYS Y 13 11.62 -60.54 -66.02
CA LYS Y 13 11.63 -59.21 -65.40
C LYS Y 13 11.12 -58.14 -66.36
N LYS Y 14 11.50 -58.24 -67.64
CA LYS Y 14 11.09 -57.23 -68.61
C LYS Y 14 9.58 -57.07 -68.66
N ILE Y 15 8.85 -58.17 -68.52
CA ILE Y 15 7.39 -58.09 -68.55
C ILE Y 15 6.81 -57.78 -67.18
N VAL Y 16 7.61 -57.87 -66.12
CA VAL Y 16 7.08 -57.74 -64.76
C VAL Y 16 6.68 -56.29 -64.47
N LEU Y 17 7.58 -55.34 -64.75
CA LEU Y 17 7.35 -53.96 -64.31
C LEU Y 17 6.13 -53.35 -64.99
N GLU Y 18 5.97 -53.58 -66.29
CA GLU Y 18 4.84 -52.97 -66.98
C GLU Y 18 3.51 -53.54 -66.51
N VAL Y 19 3.48 -54.81 -66.09
CA VAL Y 19 2.33 -55.32 -65.38
C VAL Y 19 2.21 -54.66 -64.01
N LEU Y 20 3.34 -54.55 -63.30
CA LEU Y 20 3.35 -53.88 -62.01
C LEU Y 20 2.98 -52.40 -62.16
N GLU Y 21 3.51 -51.75 -63.19
CA GLU Y 21 3.19 -50.33 -63.41
C GLU Y 21 1.71 -50.16 -63.73
N HIS Y 22 1.15 -51.05 -64.54
CA HIS Y 22 -0.27 -50.95 -64.86
C HIS Y 22 -1.12 -51.17 -63.62
N LEU Y 23 -0.77 -52.17 -62.79
CA LEU Y 23 -1.50 -52.39 -61.55
C LEU Y 23 -1.32 -51.22 -60.59
N ARG Y 24 -0.11 -50.64 -60.54
CA ARG Y 24 0.10 -49.48 -59.68
C ARG Y 24 -0.79 -48.32 -60.08
N GLN Y 25 -0.99 -48.13 -61.39
CA GLN Y 25 -1.90 -47.08 -61.87
C GLN Y 25 -3.33 -47.35 -61.44
N SER Y 26 -3.65 -48.59 -61.04
CA SER Y 26 -4.97 -48.94 -60.55
C SER Y 26 -5.07 -48.85 -59.03
N LEU Y 27 -4.26 -48.01 -58.39
CA LEU Y 27 -4.27 -47.83 -56.94
C LEU Y 27 -4.00 -49.13 -56.19
N VAL Y 28 -3.13 -49.97 -56.73
CA VAL Y 28 -2.77 -51.23 -56.12
C VAL Y 28 -1.35 -51.11 -55.60
N ALA Y 29 -1.17 -51.36 -54.30
CA ALA Y 29 0.16 -51.33 -53.71
C ALA Y 29 0.97 -52.53 -54.21
N THR Y 30 2.08 -52.26 -54.87
CA THR Y 30 2.90 -53.30 -55.47
C THR Y 30 4.25 -53.37 -54.76
N TRP Y 31 4.63 -54.57 -54.34
CA TRP Y 31 5.91 -54.82 -53.67
C TRP Y 31 6.65 -55.87 -54.49
N ILE Y 32 7.71 -55.44 -55.16
CA ILE Y 32 8.50 -56.35 -56.00
C ILE Y 32 9.75 -56.83 -55.27
N ASP Y 33 10.45 -55.93 -54.59
CA ASP Y 33 11.63 -56.29 -53.81
C ASP Y 33 12.04 -55.15 -52.87
N SER Y 42 12.40 -60.55 -48.09
CA SER Y 42 11.73 -61.51 -48.97
C SER Y 42 10.25 -61.14 -49.13
N LEU Y 43 9.39 -62.15 -49.21
CA LEU Y 43 7.97 -61.93 -49.41
C LEU Y 43 7.15 -62.76 -48.41
N ILE Y 44 7.75 -63.82 -47.90
CA ILE Y 44 7.01 -64.77 -47.05
C ILE Y 44 6.65 -64.12 -45.71
N GLN Y 45 7.63 -63.49 -45.06
CA GLN Y 45 7.36 -62.89 -43.76
C GLN Y 45 6.59 -61.58 -43.85
N GLN Y 46 6.67 -60.86 -44.97
CA GLN Y 46 5.83 -59.68 -45.15
C GLN Y 46 4.37 -60.05 -45.38
N ILE Y 47 4.07 -61.32 -45.60
CA ILE Y 47 2.69 -61.75 -45.77
C ILE Y 47 1.89 -61.48 -44.49
N ILE Y 48 2.47 -61.78 -43.35
CA ILE Y 48 1.77 -61.64 -42.06
C ILE Y 48 1.92 -60.17 -41.67
N ALA Y 49 1.02 -59.34 -42.20
CA ALA Y 49 1.01 -57.92 -41.93
C ALA Y 49 -0.30 -57.28 -42.37
N GLY Y 50 -0.88 -56.46 -41.51
CA GLY Y 50 -2.08 -55.72 -41.88
C GLY Y 50 -3.34 -56.43 -41.43
N ILE Y 51 -4.28 -56.58 -42.36
CA ILE Y 51 -5.61 -57.13 -42.07
C ILE Y 51 -5.73 -58.49 -42.74
N SER Y 52 -6.80 -59.21 -42.39
CA SER Y 52 -7.09 -60.49 -43.02
C SER Y 52 -7.17 -60.38 -44.53
N LYS Y 53 -7.62 -59.24 -45.04
CA LYS Y 53 -7.44 -58.91 -46.47
C LYS Y 53 -5.98 -58.50 -46.69
N SER Y 54 -5.11 -59.51 -46.57
CA SER Y 54 -3.68 -59.29 -46.67
C SER Y 54 -3.28 -58.84 -48.06
N GLN Y 55 -3.45 -59.71 -49.05
CA GLN Y 55 -2.97 -59.47 -50.40
C GLN Y 55 -3.41 -60.63 -51.29
N TYR Y 56 -3.29 -60.43 -52.60
CA TYR Y 56 -3.46 -61.50 -53.57
C TYR Y 56 -2.10 -61.82 -54.17
N PHE Y 57 -1.64 -63.06 -54.00
CA PHE Y 57 -0.30 -63.45 -54.41
C PHE Y 57 -0.25 -63.57 -55.93
N LEU Y 58 0.77 -62.95 -56.54
CA LEU Y 58 0.97 -63.00 -57.98
C LEU Y 58 2.05 -64.03 -58.28
N ALA Y 59 1.66 -65.13 -58.93
CA ALA Y 59 2.59 -66.17 -59.32
C ALA Y 59 2.77 -66.12 -60.83
N PHE Y 60 3.94 -65.64 -61.27
CA PHE Y 60 4.23 -65.53 -62.70
C PHE Y 60 4.78 -66.85 -63.19
N LEU Y 61 3.87 -67.76 -63.51
CA LEU Y 61 4.26 -69.09 -63.98
C LEU Y 61 4.88 -69.00 -65.37
N SER Y 62 6.04 -69.63 -65.52
CA SER Y 62 6.74 -69.66 -66.80
C SER Y 62 7.64 -70.88 -66.82
N ASN Y 63 8.07 -71.25 -68.03
CA ASN Y 63 8.94 -72.42 -68.17
C ASN Y 63 10.25 -72.23 -67.44
N GLU Y 64 10.85 -71.04 -67.54
CA GLU Y 64 12.07 -70.76 -66.81
C GLU Y 64 11.81 -70.65 -65.31
N TYR Y 65 10.62 -70.15 -64.94
CA TYR Y 65 10.30 -69.96 -63.52
C TYR Y 65 10.28 -71.28 -62.78
N LEU Y 66 9.75 -72.34 -63.40
CA LEU Y 66 9.65 -73.64 -62.75
C LEU Y 66 10.99 -74.34 -62.60
N LYS Y 67 12.06 -73.82 -63.20
CA LYS Y 67 13.36 -74.44 -63.12
C LYS Y 67 14.19 -73.94 -61.94
N SER Y 68 13.67 -73.04 -61.13
CA SER Y 68 14.39 -72.47 -60.00
C SER Y 68 13.81 -73.02 -58.70
N ASP Y 69 14.68 -73.61 -57.88
CA ASP Y 69 14.23 -74.09 -56.57
C ASP Y 69 13.86 -72.95 -55.65
N TRP Y 70 14.62 -71.85 -55.70
CA TRP Y 70 14.29 -70.69 -54.88
C TRP Y 70 12.92 -70.14 -55.24
N CYS Y 71 12.60 -70.11 -56.53
CA CYS Y 71 11.26 -69.71 -56.95
C CYS Y 71 10.23 -70.76 -56.54
N TRP Y 72 10.61 -72.05 -56.56
CA TRP Y 72 9.65 -73.11 -56.30
C TRP Y 72 9.25 -73.15 -54.83
N ASP Y 73 10.23 -73.09 -53.92
CA ASP Y 73 9.90 -73.19 -52.50
C ASP Y 73 9.12 -71.96 -52.02
N GLU Y 74 9.38 -70.81 -52.62
CA GLU Y 74 8.62 -69.60 -52.28
C GLU Y 74 7.14 -69.79 -52.57
N LEU Y 75 6.80 -70.39 -53.72
CA LEU Y 75 5.41 -70.68 -54.03
C LEU Y 75 4.84 -71.69 -53.05
N GLU Y 76 5.64 -72.66 -52.63
CA GLU Y 76 5.15 -73.70 -51.71
C GLU Y 76 4.72 -73.10 -50.38
N GLN Y 77 5.51 -72.17 -49.83
CA GLN Y 77 5.13 -71.53 -48.58
C GLN Y 77 3.88 -70.69 -48.75
N ALA Y 78 3.75 -70.00 -49.88
CA ALA Y 78 2.59 -69.15 -50.11
C ALA Y 78 1.29 -69.94 -50.11
N TYR Y 79 1.29 -71.09 -50.79
CA TYR Y 79 0.08 -71.90 -50.84
C TYR Y 79 -0.20 -72.54 -49.49
N ALA Y 80 0.85 -72.89 -48.74
CA ALA Y 80 0.66 -73.49 -47.42
C ALA Y 80 -0.09 -72.54 -46.50
N LEU Y 81 0.29 -71.26 -46.49
CA LEU Y 81 -0.46 -70.26 -45.74
C LEU Y 81 -1.75 -69.87 -46.44
N HIS Y 82 -1.85 -70.08 -47.76
CA HIS Y 82 -3.08 -69.79 -48.47
C HIS Y 82 -4.22 -70.71 -48.00
N GLN Y 83 -3.88 -71.91 -47.55
CA GLN Y 83 -4.88 -72.80 -46.99
C GLN Y 83 -5.54 -72.20 -45.75
N LYS Y 84 -4.76 -71.49 -44.93
CA LYS Y 84 -5.32 -70.80 -43.78
C LYS Y 84 -6.17 -69.61 -44.17
N GLY Y 85 -6.16 -69.20 -45.43
CA GLY Y 85 -6.95 -68.09 -45.90
C GLY Y 85 -6.32 -66.72 -45.74
N LYS Y 86 -5.08 -66.65 -45.26
CA LYS Y 86 -4.44 -65.36 -45.08
C LYS Y 86 -4.25 -64.63 -46.40
N VAL Y 87 -3.78 -65.34 -47.44
CA VAL Y 87 -3.52 -64.76 -48.74
C VAL Y 87 -4.05 -65.70 -49.81
N LYS Y 88 -4.63 -65.10 -50.86
CA LYS Y 88 -5.07 -65.83 -52.04
C LYS Y 88 -4.03 -65.70 -53.14
N ILE Y 89 -3.94 -66.73 -53.98
CA ILE Y 89 -2.96 -66.79 -55.05
C ILE Y 89 -3.70 -66.73 -56.37
N ILE Y 90 -3.15 -65.97 -57.32
CA ILE Y 90 -3.67 -65.95 -58.69
C ILE Y 90 -2.48 -66.13 -59.63
N PRO Y 91 -2.33 -67.30 -60.25
CA PRO Y 91 -1.16 -67.56 -61.10
C PRO Y 91 -1.32 -66.95 -62.47
N ILE Y 92 -0.27 -66.29 -62.95
CA ILE Y 92 -0.24 -65.69 -64.28
C ILE Y 92 0.57 -66.62 -65.19
N LEU Y 93 -0.02 -67.02 -66.31
CA LEU Y 93 0.64 -67.93 -67.23
C LEU Y 93 1.37 -67.12 -68.30
N LEU Y 94 2.69 -66.94 -68.12
CA LEU Y 94 3.48 -66.25 -69.13
C LEU Y 94 3.42 -66.98 -70.46
N THR Y 95 3.55 -68.30 -70.43
CA THR Y 95 3.30 -69.15 -71.57
C THR Y 95 1.98 -69.88 -71.37
N ASN Y 96 1.42 -70.39 -72.46
CA ASN Y 96 0.14 -71.08 -72.37
C ASN Y 96 0.29 -72.41 -71.64
N ARG Y 97 -0.85 -72.93 -71.19
CA ARG Y 97 -0.86 -74.20 -70.47
C ARG Y 97 -0.32 -75.35 -71.31
N ALA Y 98 -0.50 -75.27 -72.63
CA ALA Y 98 -0.13 -76.39 -73.51
C ALA Y 98 1.36 -76.66 -73.48
N GLN Y 99 2.18 -75.61 -73.53
CA GLN Y 99 3.63 -75.76 -73.67
C GLN Y 99 4.37 -75.70 -72.34
N LEU Y 100 3.66 -75.73 -71.22
CA LEU Y 100 4.34 -75.75 -69.92
C LEU Y 100 5.12 -77.04 -69.76
N ASP Y 101 6.36 -76.93 -69.28
CA ASP Y 101 7.26 -78.07 -69.16
C ASP Y 101 6.99 -78.78 -67.83
N LEU Y 102 5.93 -79.59 -67.82
CA LEU Y 102 5.60 -80.36 -66.64
C LEU Y 102 6.48 -81.60 -66.48
N ASN Y 103 7.15 -82.04 -67.56
CA ASN Y 103 7.97 -83.25 -67.48
C ASN Y 103 9.23 -83.01 -66.68
N ALA Y 104 9.83 -81.82 -66.79
CA ALA Y 104 11.07 -81.54 -66.06
C ALA Y 104 10.84 -81.54 -64.57
N LEU Y 105 9.65 -81.11 -64.13
CA LEU Y 105 9.33 -81.11 -62.71
C LEU Y 105 9.23 -82.55 -62.19
N THR Y 106 9.60 -82.72 -60.93
CA THR Y 106 9.52 -84.03 -60.30
C THR Y 106 8.06 -84.41 -60.05
N ASP Y 107 7.85 -85.61 -59.51
CA ASP Y 107 6.49 -86.07 -59.24
C ASP Y 107 5.80 -85.18 -58.23
N ALA Y 108 6.49 -84.83 -57.15
CA ALA Y 108 5.88 -83.97 -56.13
C ALA Y 108 5.59 -82.58 -56.68
N ARG Y 109 6.53 -82.00 -57.44
CA ARG Y 109 6.32 -80.68 -58.01
C ARG Y 109 5.19 -80.68 -59.02
N ARG Y 110 5.15 -81.69 -59.89
CA ARG Y 110 4.12 -81.73 -60.92
C ARG Y 110 2.73 -81.94 -60.32
N ASN Y 111 2.63 -82.81 -59.32
CA ASN Y 111 1.35 -83.00 -58.64
C ASN Y 111 0.92 -81.74 -57.90
N PHE Y 112 1.87 -81.07 -57.24
CA PHE Y 112 1.54 -79.84 -56.52
C PHE Y 112 1.07 -78.74 -57.46
N LEU Y 113 1.73 -78.60 -58.62
CA LEU Y 113 1.35 -77.56 -59.56
C LEU Y 113 -0.03 -77.82 -60.16
N GLU Y 114 -0.29 -79.05 -60.60
CA GLU Y 114 -1.56 -79.35 -61.23
C GLU Y 114 -2.72 -79.26 -60.24
N SER Y 115 -2.47 -79.64 -58.99
CA SER Y 115 -3.50 -79.48 -57.97
C SER Y 115 -3.86 -78.01 -57.77
N ILE Y 116 -2.84 -77.15 -57.75
CA ILE Y 116 -3.09 -75.71 -57.64
C ILE Y 116 -3.68 -75.13 -58.92
N LEU Y 117 -3.12 -75.50 -60.08
CA LEU Y 117 -3.51 -74.86 -61.33
C LEU Y 117 -4.95 -75.18 -61.71
N THR Y 118 -5.40 -76.39 -61.43
CA THR Y 118 -6.75 -76.80 -61.79
C THR Y 118 -7.79 -76.37 -60.76
N ARG Y 119 -7.54 -76.67 -59.48
CA ARG Y 119 -8.50 -76.31 -58.43
C ARG Y 119 -8.69 -74.81 -58.32
N LEU Y 120 -7.67 -74.02 -58.63
CA LEU Y 120 -7.72 -72.58 -58.46
C LEU Y 120 -7.61 -71.92 -59.84
N LYS Y 121 -8.45 -70.91 -60.07
CA LYS Y 121 -8.58 -70.31 -61.38
C LYS Y 121 -7.29 -69.60 -61.79
N TYR Y 122 -6.90 -69.76 -63.05
CA TYR Y 122 -5.73 -69.10 -63.62
C TYR Y 122 -6.18 -68.07 -64.66
N VAL Y 123 -5.20 -67.33 -65.18
CA VAL Y 123 -5.42 -66.38 -66.27
C VAL Y 123 -4.26 -66.51 -67.24
N GLU Y 124 -4.58 -66.52 -68.54
CA GLU Y 124 -3.57 -66.62 -69.58
C GLU Y 124 -2.99 -65.25 -69.87
N PHE Y 125 -1.67 -65.21 -70.12
CA PHE Y 125 -0.95 -63.98 -70.41
C PHE Y 125 -0.18 -64.17 -71.70
N ASP Y 126 -0.35 -63.24 -72.64
CA ASP Y 126 0.30 -63.31 -73.95
C ASP Y 126 0.90 -61.95 -74.30
N PRO Y 127 2.18 -61.90 -74.66
CA PRO Y 127 2.79 -60.62 -75.04
C PRO Y 127 2.11 -59.93 -76.23
N HIS Y 128 1.49 -60.70 -77.12
CA HIS Y 128 0.88 -60.11 -78.31
C HIS Y 128 -0.30 -59.20 -77.94
N ASN Y 129 -1.17 -59.66 -77.06
CA ASN Y 129 -2.40 -58.93 -76.71
C ASN Y 129 -2.27 -58.25 -75.34
N MET Y 130 -1.57 -57.12 -75.34
CA MET Y 130 -1.40 -56.35 -74.10
C MET Y 130 -2.74 -55.83 -73.57
N THR Y 131 -3.58 -55.28 -74.45
CA THR Y 131 -4.78 -54.59 -73.98
C THR Y 131 -5.71 -55.54 -73.23
N ARG Y 132 -5.91 -56.75 -73.76
CA ARG Y 132 -6.74 -57.72 -73.06
C ARG Y 132 -5.99 -58.34 -71.88
N SER Y 133 -4.69 -58.56 -72.03
CA SER Y 133 -3.92 -59.23 -70.98
C SER Y 133 -3.85 -58.38 -69.71
N LEU Y 134 -3.56 -57.09 -69.86
CA LEU Y 134 -3.49 -56.22 -68.70
C LEU Y 134 -4.84 -56.10 -68.02
N GLY Y 135 -5.93 -56.08 -68.80
CA GLY Y 135 -7.25 -56.06 -68.21
C GLY Y 135 -7.58 -57.34 -67.47
N SER Y 136 -7.19 -58.49 -68.04
CA SER Y 136 -7.57 -59.78 -67.47
C SER Y 136 -6.93 -59.99 -66.10
N VAL Y 137 -5.64 -59.68 -65.96
CA VAL Y 137 -4.98 -59.86 -64.66
C VAL Y 137 -5.58 -58.91 -63.63
N ALA Y 138 -5.84 -57.67 -64.02
CA ALA Y 138 -6.53 -56.73 -63.13
C ALA Y 138 -7.96 -57.20 -62.87
N GLU Y 139 -8.60 -57.81 -63.87
CA GLU Y 139 -9.94 -58.33 -63.68
C GLU Y 139 -9.97 -59.38 -62.58
N ALA Y 140 -8.97 -60.27 -62.57
CA ALA Y 140 -8.89 -61.27 -61.50
C ALA Y 140 -8.65 -60.61 -60.16
N LEU Y 141 -7.89 -59.50 -60.14
CA LEU Y 141 -7.61 -58.81 -58.89
C LEU Y 141 -8.87 -58.21 -58.29
N TRP Y 142 -9.72 -57.61 -59.11
CA TRP Y 142 -10.90 -56.91 -58.62
C TRP Y 142 -12.14 -57.80 -58.53
N GLN Y 143 -12.04 -59.06 -58.96
CA GLN Y 143 -13.22 -59.94 -58.96
C GLN Y 143 -13.71 -60.22 -57.55
N ASN Y 144 -12.81 -60.68 -56.68
CA ASN Y 144 -13.16 -61.01 -55.30
C ASN Y 144 -12.90 -59.86 -54.36
N GLU Y 145 -13.02 -58.63 -54.85
CA GLU Y 145 -12.72 -57.43 -54.09
C GLU Y 145 -13.98 -56.58 -53.96
N ALA Y 146 -13.91 -55.62 -53.04
CA ALA Y 146 -14.90 -54.57 -52.92
C ALA Y 146 -14.65 -53.55 -54.01
N VAL Y 147 -15.19 -52.33 -53.86
CA VAL Y 147 -15.14 -51.29 -54.89
C VAL Y 147 -13.79 -51.28 -55.60
N ARG Y 148 -13.83 -51.36 -56.93
CA ARG Y 148 -12.64 -51.48 -57.75
C ARG Y 148 -12.22 -50.11 -58.28
N PHE Y 149 -11.00 -50.06 -58.80
CA PHE Y 149 -10.44 -48.82 -59.32
C PHE Y 149 -9.94 -49.04 -60.75
N GLU Y 150 -10.12 -48.03 -61.59
CA GLU Y 150 -9.63 -48.04 -62.94
C GLU Y 150 -8.30 -47.30 -63.03
N PRO Y 151 -7.48 -47.61 -64.02
CA PRO Y 151 -6.21 -46.88 -64.19
C PRO Y 151 -6.46 -45.39 -64.39
N ILE Y 152 -5.56 -44.58 -63.83
CA ILE Y 152 -5.70 -43.13 -63.92
C ILE Y 152 -5.56 -42.67 -65.35
N ARG Y 153 -6.49 -41.85 -65.81
CA ARG Y 153 -6.48 -41.30 -67.15
C ARG Y 153 -6.15 -39.81 -67.09
N MET Y 154 -5.07 -39.42 -67.76
CA MET Y 154 -4.66 -38.02 -67.81
C MET Y 154 -5.36 -37.37 -68.99
N ILE Y 155 -6.47 -36.70 -68.71
CA ILE Y 155 -7.31 -36.11 -69.74
C ILE Y 155 -7.41 -34.61 -69.53
N LYS Y 156 -7.79 -33.91 -70.59
CA LYS Y 156 -7.95 -32.46 -70.57
C LYS Y 156 -9.38 -32.11 -70.93
N VAL Y 157 -10.03 -31.34 -70.05
CA VAL Y 157 -11.41 -30.90 -70.27
C VAL Y 157 -11.43 -29.38 -70.26
N ASN Y 158 -11.91 -28.79 -71.34
CA ASN Y 158 -12.07 -27.34 -71.46
C ASN Y 158 -10.76 -26.62 -71.20
N GLY Y 159 -9.66 -27.19 -71.66
CA GLY Y 159 -8.35 -26.58 -71.52
C GLY Y 159 -7.69 -26.76 -70.16
N THR Y 160 -8.28 -27.54 -69.27
CA THR Y 160 -7.73 -27.77 -67.94
C THR Y 160 -7.29 -29.22 -67.81
N GLU Y 161 -6.07 -29.43 -67.33
CA GLU Y 161 -5.51 -30.76 -67.20
C GLU Y 161 -6.00 -31.42 -65.91
N LEU Y 162 -6.43 -32.68 -66.02
CA LEU Y 162 -6.91 -33.43 -64.87
C LEU Y 162 -6.44 -34.87 -64.98
N GLN Y 163 -6.43 -35.55 -63.83
CA GLN Y 163 -6.19 -37.00 -63.77
C GLN Y 163 -7.40 -37.62 -63.06
N VAL Y 164 -8.30 -38.19 -63.85
CA VAL Y 164 -9.56 -38.70 -63.32
C VAL Y 164 -9.31 -40.02 -62.61
N VAL Y 165 -9.76 -40.10 -61.36
CA VAL Y 165 -9.70 -41.33 -60.57
C VAL Y 165 -11.10 -41.91 -60.56
N GLU Y 166 -11.33 -42.92 -61.40
CA GLU Y 166 -12.65 -43.53 -61.55
C GLU Y 166 -12.69 -44.86 -60.81
N PHE Y 167 -13.72 -45.06 -60.00
CA PHE Y 167 -13.94 -46.30 -59.28
C PHE Y 167 -15.33 -46.82 -59.59
N LYS Y 168 -15.48 -48.14 -59.57
CA LYS Y 168 -16.75 -48.80 -59.84
C LYS Y 168 -17.17 -49.62 -58.64
N ILE Y 169 -18.46 -49.58 -58.32
CA ILE Y 169 -19.02 -50.26 -57.16
C ILE Y 169 -19.76 -51.49 -57.65
N PRO Y 170 -19.27 -52.70 -57.38
CA PRO Y 170 -19.99 -53.92 -57.79
C PRO Y 170 -21.13 -54.22 -56.82
N GLY Y 171 -22.36 -54.19 -57.33
CA GLY Y 171 -23.53 -54.44 -56.52
C GLY Y 171 -24.24 -53.21 -56.00
N SER Y 172 -23.61 -52.03 -56.09
CA SER Y 172 -24.22 -50.77 -55.67
C SER Y 172 -24.65 -50.81 -54.20
N ASN Y 173 -23.85 -51.47 -53.36
CA ASN Y 173 -24.14 -51.55 -51.94
C ASN Y 173 -22.88 -52.00 -51.20
N LEU Y 174 -22.50 -51.26 -50.18
CA LEU Y 174 -21.36 -51.60 -49.35
C LEU Y 174 -21.78 -51.61 -47.88
N PRO Y 175 -21.09 -52.40 -47.06
CA PRO Y 175 -21.32 -52.31 -45.60
C PRO Y 175 -20.97 -50.92 -45.10
N VAL Y 176 -21.68 -50.49 -44.06
CA VAL Y 176 -21.45 -49.15 -43.51
C VAL Y 176 -20.06 -49.02 -42.92
N ASP Y 177 -19.55 -50.09 -42.31
CA ASP Y 177 -18.21 -50.11 -41.72
C ASP Y 177 -17.17 -50.61 -42.70
N PHE Y 178 -17.39 -50.38 -44.00
CA PHE Y 178 -16.43 -50.82 -45.01
C PHE Y 178 -15.09 -50.11 -44.84
N LEU Y 179 -15.12 -48.82 -44.55
CA LEU Y 179 -13.87 -48.07 -44.40
C LEU Y 179 -13.03 -48.58 -43.24
N HIS Y 180 -13.64 -49.27 -42.27
CA HIS Y 180 -12.88 -49.81 -41.15
C HIS Y 180 -11.89 -50.87 -41.61
N HIS Y 181 -12.29 -51.71 -42.56
CA HIS Y 181 -11.47 -52.82 -43.01
C HIS Y 181 -10.86 -52.60 -44.38
N TRP Y 182 -10.94 -51.39 -44.91
CA TRP Y 182 -10.41 -51.09 -46.24
C TRP Y 182 -8.96 -50.66 -46.11
N ASP Y 183 -8.06 -51.40 -46.75
CA ASP Y 183 -6.62 -51.12 -46.70
C ASP Y 183 -6.19 -50.34 -47.94
N LEU Y 184 -6.65 -49.10 -48.00
CA LEU Y 184 -6.31 -48.20 -49.11
C LEU Y 184 -5.97 -46.83 -48.53
N LYS Y 185 -4.68 -46.58 -48.33
CA LYS Y 185 -4.18 -45.29 -47.89
C LYS Y 185 -3.74 -44.55 -49.15
N ILE Y 186 -4.51 -43.54 -49.54
CA ILE Y 186 -4.27 -42.83 -50.80
C ILE Y 186 -3.06 -41.91 -50.75
N GLU Y 187 -2.67 -41.44 -49.56
CA GLU Y 187 -1.59 -40.47 -49.48
C GLU Y 187 -0.26 -41.07 -49.92
N ASP Y 188 -0.13 -42.39 -49.84
CA ASP Y 188 1.09 -43.04 -50.31
C ASP Y 188 1.17 -43.13 -51.82
N PHE Y 189 0.09 -42.79 -52.54
CA PHE Y 189 0.07 -42.84 -53.99
C PHE Y 189 0.22 -41.46 -54.61
N ILE Y 190 0.52 -40.43 -53.82
CA ILE Y 190 0.67 -39.07 -54.30
C ILE Y 190 2.15 -38.77 -54.46
N ALA Y 191 2.55 -38.33 -55.65
CA ALA Y 191 3.94 -38.03 -55.91
C ALA Y 191 4.35 -36.75 -55.21
N THR Y 192 5.46 -36.81 -54.48
CA THR Y 192 5.99 -35.64 -53.80
C THR Y 192 6.83 -34.75 -54.70
N SER Y 193 7.25 -35.25 -55.86
CA SER Y 193 8.05 -34.50 -56.81
C SER Y 193 7.58 -34.83 -58.22
N PRO Y 194 7.78 -33.92 -59.17
CA PRO Y 194 7.37 -34.21 -60.56
C PRO Y 194 8.02 -35.45 -61.14
N ASN Y 195 9.28 -35.72 -60.79
CA ASN Y 195 9.99 -36.87 -61.34
C ASN Y 195 9.68 -38.16 -60.61
N GLU Y 196 9.07 -38.10 -59.43
CA GLU Y 196 8.75 -39.32 -58.70
C GLU Y 196 7.69 -40.12 -59.43
N GLN Y 197 7.86 -41.45 -59.44
CA GLN Y 197 6.97 -42.35 -60.16
C GLN Y 197 5.89 -42.80 -59.19
N LYS Y 198 4.75 -42.13 -59.23
CA LYS Y 198 3.60 -42.44 -58.41
C LYS Y 198 2.36 -42.37 -59.27
N PRO Y 199 1.28 -43.08 -58.89
CA PRO Y 199 0.07 -43.05 -59.72
C PRO Y 199 -0.52 -41.66 -59.89
N VAL Y 200 -0.46 -40.83 -58.86
CA VAL Y 200 -1.02 -39.48 -58.89
C VAL Y 200 0.11 -38.50 -59.13
N LYS Y 201 0.00 -37.70 -60.19
CA LYS Y 201 1.05 -36.77 -60.55
C LYS Y 201 1.14 -35.64 -59.52
N PHE Y 202 2.35 -35.09 -59.37
CA PHE Y 202 2.57 -34.01 -58.43
C PHE Y 202 1.92 -32.72 -58.94
N ASP Y 203 1.12 -32.09 -58.07
CA ASP Y 203 0.48 -30.81 -58.29
C ASP Y 203 -0.56 -30.82 -59.40
N VAL Y 204 -0.80 -31.96 -60.04
CA VAL Y 204 -1.80 -32.03 -61.10
C VAL Y 204 -3.18 -32.23 -60.49
N PRO Y 205 -4.18 -31.43 -60.86
CA PRO Y 205 -5.50 -31.57 -60.24
C PRO Y 205 -6.09 -32.95 -60.51
N VAL Y 206 -6.80 -33.47 -59.50
CA VAL Y 206 -7.42 -34.79 -59.58
C VAL Y 206 -8.93 -34.62 -59.66
N ALA Y 207 -9.59 -35.67 -60.14
CA ALA Y 207 -11.04 -35.70 -60.28
C ALA Y 207 -11.56 -37.04 -59.81
N LEU Y 208 -12.71 -37.01 -59.14
CA LEU Y 208 -13.37 -38.22 -58.65
C LEU Y 208 -14.54 -38.57 -59.56
N TYR Y 209 -14.63 -39.83 -59.94
CA TYR Y 209 -15.64 -40.29 -60.87
C TYR Y 209 -16.29 -41.57 -60.36
N GLY Y 210 -17.51 -41.82 -60.82
CA GLY Y 210 -18.23 -43.01 -60.46
C GLY Y 210 -19.25 -42.78 -59.36
N PRO Y 211 -20.41 -43.39 -59.49
CA PRO Y 211 -21.44 -43.25 -58.45
C PRO Y 211 -21.01 -43.91 -57.16
N GLY Y 212 -21.45 -43.33 -56.05
CA GLY Y 212 -21.14 -43.85 -54.74
C GLY Y 212 -21.71 -43.00 -53.62
N PRO Y 213 -21.63 -43.50 -52.40
CA PRO Y 213 -22.16 -42.74 -51.25
C PRO Y 213 -21.35 -41.49 -50.98
N ASN Y 214 -22.01 -40.53 -50.35
CA ASN Y 214 -21.37 -39.24 -50.07
C ASN Y 214 -20.19 -39.41 -49.11
N TRP Y 215 -20.29 -40.32 -48.14
CA TRP Y 215 -19.18 -40.53 -47.22
C TRP Y 215 -17.97 -41.14 -47.91
N LEU Y 216 -18.19 -41.91 -48.97
CA LEU Y 216 -17.05 -42.43 -49.75
C LEU Y 216 -16.30 -41.30 -50.44
N TYR Y 217 -17.04 -40.34 -51.01
CA TYR Y 217 -16.38 -39.20 -51.66
C TYR Y 217 -15.59 -38.37 -50.66
N ALA Y 218 -16.17 -38.12 -49.49
CA ALA Y 218 -15.46 -37.35 -48.46
C ALA Y 218 -14.21 -38.08 -48.00
N PHE Y 219 -14.28 -39.41 -47.88
CA PHE Y 219 -13.11 -40.17 -47.46
C PHE Y 219 -11.98 -40.06 -48.46
N LEU Y 220 -12.29 -40.11 -49.75
CA LEU Y 220 -11.25 -40.03 -50.78
C LEU Y 220 -10.75 -38.61 -50.96
N THR Y 221 -11.63 -37.62 -50.86
CA THR Y 221 -11.25 -36.24 -51.14
C THR Y 221 -10.40 -35.66 -50.02
N LEU Y 222 -10.69 -36.04 -48.78
CA LEU Y 222 -10.08 -35.39 -47.62
C LEU Y 222 -8.55 -35.44 -47.62
N PRO Y 223 -7.89 -36.58 -47.86
CA PRO Y 223 -6.42 -36.59 -47.78
C PRO Y 223 -5.72 -35.77 -48.84
N PHE Y 224 -6.44 -35.11 -49.73
CA PHE Y 224 -5.83 -34.32 -50.79
C PHE Y 224 -5.62 -32.87 -50.42
N LYS Y 225 -5.95 -32.46 -49.19
CA LYS Y 225 -5.71 -31.09 -48.77
C LYS Y 225 -4.21 -30.81 -48.73
N ASN Y 226 -3.83 -29.63 -49.21
CA ASN Y 226 -2.43 -29.20 -49.29
C ASN Y 226 -1.61 -30.07 -50.22
N ARG Y 227 -2.26 -30.92 -51.02
CA ARG Y 227 -1.55 -31.81 -51.93
C ARG Y 227 -1.93 -31.61 -53.39
N ASN Y 228 -3.22 -31.59 -53.70
CA ASN Y 228 -3.67 -31.48 -55.08
C ASN Y 228 -5.03 -30.81 -55.13
N THR Y 229 -5.31 -30.16 -56.25
CA THR Y 229 -6.64 -29.62 -56.49
C THR Y 229 -7.61 -30.76 -56.79
N VAL Y 230 -8.81 -30.70 -56.19
CA VAL Y 230 -9.77 -31.79 -56.25
C VAL Y 230 -10.97 -31.36 -57.07
N PHE Y 231 -11.38 -32.21 -58.01
CA PHE Y 231 -12.59 -32.03 -58.79
C PHE Y 231 -13.54 -33.18 -58.52
N VAL Y 232 -14.84 -32.90 -58.59
CA VAL Y 232 -15.87 -33.88 -58.30
C VAL Y 232 -16.90 -33.87 -59.42
N PHE Y 233 -17.34 -35.06 -59.82
CA PHE Y 233 -18.29 -35.23 -60.91
C PHE Y 233 -19.69 -35.42 -60.34
N ASN Y 234 -20.62 -34.61 -60.80
CA ASN Y 234 -22.02 -34.68 -60.39
C ASN Y 234 -22.87 -35.04 -61.60
N SER Y 235 -23.70 -36.07 -61.45
CA SER Y 235 -24.51 -36.57 -62.56
C SER Y 235 -25.73 -35.72 -62.85
N ARG Y 236 -26.07 -34.75 -61.99
CA ARG Y 236 -27.25 -33.93 -62.22
C ARG Y 236 -27.08 -33.11 -63.50
N THR Y 237 -25.88 -32.59 -63.74
CA THR Y 237 -25.57 -31.89 -64.98
C THR Y 237 -24.43 -32.54 -65.75
N SER Y 238 -23.93 -33.69 -65.27
CA SER Y 238 -22.80 -34.40 -65.88
C SER Y 238 -21.62 -33.46 -66.11
N GLU Y 239 -21.19 -32.77 -65.05
CA GLU Y 239 -20.09 -31.83 -65.13
C GLU Y 239 -19.17 -32.01 -63.93
N TYR Y 240 -17.92 -31.57 -64.10
CA TYR Y 240 -16.95 -31.63 -63.02
C TYR Y 240 -17.02 -30.37 -62.16
N ILE Y 241 -16.93 -30.56 -60.85
CA ILE Y 241 -17.07 -29.47 -59.89
C ILE Y 241 -15.77 -29.35 -59.11
N CYS Y 242 -15.23 -28.13 -59.05
CA CYS Y 242 -14.02 -27.85 -58.30
C CYS Y 242 -14.39 -27.60 -56.85
N VAL Y 243 -13.76 -28.34 -55.93
CA VAL Y 243 -14.02 -28.20 -54.50
C VAL Y 243 -12.79 -27.76 -53.71
N TYR Y 244 -11.60 -27.81 -54.32
CA TYR Y 244 -10.38 -27.37 -53.65
C TYR Y 244 -9.61 -26.47 -54.60
N SER Y 245 -9.04 -25.40 -54.06
CA SER Y 245 -8.30 -24.41 -54.84
C SER Y 245 -6.88 -24.33 -54.29
N LYS Y 246 -5.98 -25.10 -54.89
CA LYS Y 246 -4.56 -25.00 -54.58
C LYS Y 246 -3.74 -24.49 -55.76
N SER Y 247 -4.15 -24.81 -56.98
CA SER Y 247 -3.48 -24.28 -58.17
C SER Y 247 -4.01 -22.89 -58.49
N ALA Y 248 -3.17 -22.07 -59.09
CA ALA Y 248 -3.54 -20.71 -59.44
C ALA Y 248 -4.55 -20.71 -60.58
N GLY Y 249 -5.56 -19.85 -60.49
CA GLY Y 249 -6.55 -19.72 -61.52
C GLY Y 249 -7.69 -20.71 -61.46
N LEU Y 250 -7.69 -21.63 -60.49
CA LEU Y 250 -8.74 -22.63 -60.35
C LEU Y 250 -9.52 -22.34 -59.07
N ALA Y 251 -10.52 -21.47 -59.16
CA ALA Y 251 -11.36 -21.18 -58.03
C ALA Y 251 -12.27 -22.38 -57.73
N PRO Y 252 -12.63 -22.58 -56.45
CA PRO Y 252 -13.54 -23.69 -56.11
C PRO Y 252 -14.97 -23.35 -56.48
N GLY Y 253 -15.50 -24.06 -57.46
CA GLY Y 253 -16.83 -23.77 -57.97
C GLY Y 253 -16.85 -23.73 -59.49
N MET Y 254 -15.69 -23.88 -60.10
CA MET Y 254 -15.60 -23.90 -61.56
C MET Y 254 -16.23 -25.17 -62.11
N VAL Y 255 -16.80 -25.06 -63.30
CA VAL Y 255 -17.50 -26.16 -63.96
C VAL Y 255 -16.75 -26.52 -65.23
N LEU Y 256 -16.47 -27.81 -65.41
CA LEU Y 256 -15.85 -28.31 -66.63
C LEU Y 256 -16.84 -29.22 -67.34
N LYS Y 257 -17.12 -28.90 -68.60
CA LYS Y 257 -18.10 -29.65 -69.39
C LYS Y 257 -17.46 -30.95 -69.83
N GLY Y 258 -17.61 -31.98 -69.00
CA GLY Y 258 -17.04 -33.28 -69.28
C GLY Y 258 -18.09 -34.31 -69.69
N PRO Z 2 5.55 -4.96 -35.35
CA PRO Z 2 5.06 -3.60 -35.51
C PRO Z 2 5.53 -2.66 -34.41
N GLN Z 3 6.09 -1.52 -34.79
CA GLN Z 3 6.52 -0.50 -33.83
C GLN Z 3 5.29 0.23 -33.33
N ALA Z 4 5.40 0.84 -32.16
CA ALA Z 4 4.31 1.58 -31.55
C ALA Z 4 4.86 2.80 -30.82
N PHE Z 5 4.37 3.97 -31.21
CA PHE Z 5 4.75 5.24 -30.59
C PHE Z 5 3.63 5.68 -29.68
N PHE Z 6 3.96 5.99 -28.42
CA PHE Z 6 2.97 6.35 -27.43
C PHE Z 6 3.02 7.86 -27.20
N SER Z 7 1.96 8.55 -27.60
CA SER Z 7 1.80 9.98 -27.34
C SER Z 7 0.85 10.16 -26.18
N HIS Z 8 1.35 10.73 -25.08
CA HIS Z 8 0.59 10.82 -23.84
C HIS Z 8 1.12 11.98 -23.02
N ASN Z 9 0.35 12.35 -22.01
CA ASN Z 9 0.78 13.38 -21.08
C ASN Z 9 1.14 12.74 -19.73
N ASN Z 10 2.02 13.41 -19.00
CA ASN Z 10 2.62 12.81 -17.80
C ASN Z 10 1.64 12.63 -16.65
N LYS Z 11 0.53 13.37 -16.62
CA LYS Z 11 -0.49 13.12 -15.62
C LYS Z 11 -1.19 11.79 -15.88
N ASP Z 12 -1.25 11.36 -17.13
CA ASP Z 12 -1.80 10.06 -17.50
C ASP Z 12 -0.74 8.98 -17.58
N LYS Z 13 0.46 9.25 -17.07
CA LYS Z 13 1.57 8.31 -17.22
C LYS Z 13 1.26 6.96 -16.60
N LYS Z 14 0.58 6.94 -15.45
CA LYS Z 14 0.36 5.69 -14.73
C LYS Z 14 -0.37 4.66 -15.60
N ILE Z 15 -1.30 5.12 -16.44
CA ILE Z 15 -2.07 4.18 -17.25
C ILE Z 15 -1.34 3.80 -18.53
N VAL Z 16 -0.34 4.58 -18.96
CA VAL Z 16 0.37 4.27 -20.19
C VAL Z 16 1.25 3.04 -20.04
N LEU Z 17 2.00 2.96 -18.94
CA LEU Z 17 2.93 1.85 -18.76
C LEU Z 17 2.21 0.52 -18.68
N GLU Z 18 1.09 0.45 -17.94
CA GLU Z 18 0.35 -0.80 -17.90
C GLU Z 18 -0.31 -1.10 -19.24
N VAL Z 19 -0.61 -0.07 -20.03
CA VAL Z 19 -0.92 -0.30 -21.43
C VAL Z 19 0.34 -0.69 -22.20
N LEU Z 20 1.46 -0.04 -21.86
CA LEU Z 20 2.72 -0.32 -22.55
C LEU Z 20 3.15 -1.78 -22.38
N GLU Z 21 3.11 -2.29 -21.14
CA GLU Z 21 3.59 -3.65 -20.90
C GLU Z 21 2.68 -4.68 -21.53
N HIS Z 22 1.38 -4.40 -21.58
CA HIS Z 22 0.46 -5.34 -22.21
C HIS Z 22 0.75 -5.48 -23.70
N LEU Z 23 1.06 -4.36 -24.36
CA LEU Z 23 1.42 -4.43 -25.77
C LEU Z 23 2.78 -5.10 -25.96
N ARG Z 24 3.70 -4.88 -25.02
CA ARG Z 24 5.00 -5.54 -25.11
C ARG Z 24 4.86 -7.06 -25.04
N GLN Z 25 4.01 -7.55 -24.13
CA GLN Z 25 3.78 -8.99 -24.03
C GLN Z 25 3.19 -9.56 -25.32
N SER Z 26 2.56 -8.73 -26.14
CA SER Z 26 2.03 -9.15 -27.44
C SER Z 26 3.06 -9.05 -28.55
N LEU Z 27 4.35 -9.05 -28.21
CA LEU Z 27 5.45 -9.00 -29.17
C LEU Z 27 5.36 -7.76 -30.06
N VAL Z 28 4.97 -6.63 -29.47
CA VAL Z 28 4.87 -5.37 -30.20
C VAL Z 28 6.04 -4.50 -29.76
N ALA Z 29 6.83 -4.03 -30.72
CA ALA Z 29 7.92 -3.12 -30.41
C ALA Z 29 7.36 -1.77 -29.99
N THR Z 30 7.81 -1.27 -28.85
CA THR Z 30 7.25 -0.06 -28.27
C THR Z 30 8.35 0.98 -28.05
N TRP Z 31 8.01 2.23 -28.31
CA TRP Z 31 8.93 3.36 -28.17
C TRP Z 31 8.21 4.46 -27.40
N ILE Z 32 8.59 4.67 -26.15
CA ILE Z 32 7.90 5.63 -25.29
C ILE Z 32 8.65 6.95 -25.22
N ASP Z 33 9.97 6.91 -25.03
CA ASP Z 33 10.79 8.12 -25.03
C ASP Z 33 12.27 7.77 -25.15
N SER Z 42 12.94 12.39 -30.29
CA SER Z 42 11.50 12.61 -30.23
C SER Z 42 10.75 11.43 -30.83
N LEU Z 43 9.60 11.72 -31.46
CA LEU Z 43 8.77 10.68 -32.05
C LEU Z 43 8.51 10.97 -33.52
N ILE Z 44 8.47 12.25 -33.89
CA ILE Z 44 8.11 12.63 -35.25
C ILE Z 44 9.16 12.14 -36.23
N GLN Z 45 10.44 12.34 -35.92
CA GLN Z 45 11.49 11.85 -36.80
C GLN Z 45 11.63 10.34 -36.74
N GLN Z 46 11.31 9.71 -35.62
CA GLN Z 46 11.31 8.25 -35.55
C GLN Z 46 10.23 7.64 -36.41
N ILE Z 47 9.22 8.42 -36.81
CA ILE Z 47 8.19 7.94 -37.72
C ILE Z 47 8.82 7.53 -39.05
N ILE Z 48 9.74 8.36 -39.56
CA ILE Z 48 10.38 8.08 -40.85
C ILE Z 48 11.52 7.11 -40.55
N ALA Z 49 11.18 5.82 -40.51
CA ALA Z 49 12.15 4.77 -40.23
C ALA Z 49 11.54 3.40 -40.52
N GLY Z 50 12.33 2.52 -41.13
CA GLY Z 50 11.90 1.14 -41.33
C GLY Z 50 11.10 0.97 -42.61
N ILE Z 51 10.01 0.23 -42.52
CA ILE Z 51 9.21 -0.14 -43.67
C ILE Z 51 7.96 0.75 -43.71
N SER Z 52 7.29 0.74 -44.87
CA SER Z 52 6.05 1.50 -45.03
C SER Z 52 5.02 1.14 -43.97
N LYS Z 53 4.99 -0.13 -43.54
CA LYS Z 53 4.28 -0.51 -42.32
C LYS Z 53 5.07 0.00 -41.11
N SER Z 54 5.04 1.32 -40.96
CA SER Z 54 5.86 1.99 -39.95
C SER Z 54 5.43 1.63 -38.54
N GLN Z 55 4.26 2.09 -38.12
CA GLN Z 55 3.83 1.97 -36.72
C GLN Z 55 2.41 2.50 -36.62
N TYR Z 56 1.88 2.49 -35.40
CA TYR Z 56 0.56 3.05 -35.10
C TYR Z 56 0.72 4.12 -34.03
N PHE Z 57 0.21 5.31 -34.29
CA PHE Z 57 0.31 6.40 -33.34
C PHE Z 57 -0.75 6.24 -32.26
N LEU Z 58 -0.32 5.91 -31.04
CA LEU Z 58 -1.22 5.78 -29.90
C LEU Z 58 -1.33 7.14 -29.23
N ALA Z 59 -2.30 7.93 -29.67
CA ALA Z 59 -2.56 9.25 -29.09
C ALA Z 59 -3.53 9.07 -27.93
N PHE Z 60 -3.04 9.24 -26.71
CA PHE Z 60 -3.86 9.08 -25.51
C PHE Z 60 -4.60 10.38 -25.24
N LEU Z 61 -5.72 10.55 -25.94
CA LEU Z 61 -6.54 11.75 -25.76
C LEU Z 61 -7.16 11.78 -24.37
N SER Z 62 -7.03 12.93 -23.70
CA SER Z 62 -7.62 13.15 -22.40
C SER Z 62 -7.91 14.63 -22.26
N ASN Z 63 -8.68 14.98 -21.24
CA ASN Z 63 -9.08 16.37 -21.04
C ASN Z 63 -7.87 17.27 -20.80
N GLU Z 64 -6.92 16.83 -19.97
CA GLU Z 64 -5.71 17.60 -19.75
C GLU Z 64 -4.77 17.51 -20.95
N TYR Z 65 -4.81 16.39 -21.68
CA TYR Z 65 -3.98 16.26 -22.88
C TYR Z 65 -4.26 17.36 -23.88
N LEU Z 66 -5.53 17.76 -24.01
CA LEU Z 66 -5.89 18.85 -24.91
C LEU Z 66 -5.45 20.21 -24.39
N LYS Z 67 -4.98 20.29 -23.14
CA LYS Z 67 -4.53 21.54 -22.54
C LYS Z 67 -3.05 21.79 -22.72
N SER Z 68 -2.33 20.88 -23.37
CA SER Z 68 -0.88 21.01 -23.56
C SER Z 68 -0.61 21.31 -25.03
N ASP Z 69 0.06 22.44 -25.28
CA ASP Z 69 0.42 22.79 -26.65
C ASP Z 69 1.44 21.82 -27.21
N TRP Z 70 2.44 21.44 -26.40
CA TRP Z 70 3.46 20.50 -26.87
C TRP Z 70 2.85 19.17 -27.25
N CYS Z 71 1.79 18.75 -26.55
CA CYS Z 71 1.08 17.56 -26.95
C CYS Z 71 0.21 17.83 -28.18
N TRP Z 72 -0.36 19.03 -28.27
CA TRP Z 72 -1.26 19.33 -29.39
C TRP Z 72 -0.51 19.45 -30.71
N ASP Z 73 0.59 20.22 -30.72
CA ASP Z 73 1.32 20.38 -31.97
C ASP Z 73 1.98 19.06 -32.39
N GLU Z 74 2.33 18.22 -31.41
CA GLU Z 74 2.89 16.92 -31.73
C GLU Z 74 1.88 16.01 -32.41
N LEU Z 75 0.59 16.19 -32.09
CA LEU Z 75 -0.45 15.43 -32.77
C LEU Z 75 -0.61 15.87 -34.21
N GLU Z 76 -0.34 17.15 -34.49
CA GLU Z 76 -0.72 17.73 -35.78
C GLU Z 76 0.05 17.10 -36.94
N GLN Z 77 1.39 17.15 -36.90
CA GLN Z 77 2.14 16.64 -38.04
C GLN Z 77 2.04 15.11 -38.11
N ALA Z 78 1.88 14.47 -36.96
CA ALA Z 78 1.62 13.03 -36.96
C ALA Z 78 0.36 12.71 -37.76
N TYR Z 79 -0.67 13.55 -37.64
CA TYR Z 79 -1.82 13.44 -38.52
C TYR Z 79 -1.49 13.93 -39.93
N ALA Z 80 -0.64 14.95 -40.04
CA ALA Z 80 -0.32 15.51 -41.35
C ALA Z 80 0.37 14.47 -42.23
N LEU Z 81 1.33 13.73 -41.68
CA LEU Z 81 1.95 12.65 -42.43
C LEU Z 81 1.16 11.35 -42.36
N HIS Z 82 0.12 11.29 -41.52
CA HIS Z 82 -0.80 10.17 -41.56
C HIS Z 82 -1.62 10.19 -42.85
N GLN Z 83 -1.96 11.38 -43.33
CA GLN Z 83 -2.62 11.49 -44.63
C GLN Z 83 -1.76 10.91 -45.74
N LYS Z 84 -0.44 11.02 -45.62
CA LYS Z 84 0.47 10.42 -46.58
C LYS Z 84 0.51 8.90 -46.49
N GLY Z 85 -0.11 8.32 -45.46
CA GLY Z 85 -0.12 6.88 -45.29
C GLY Z 85 1.10 6.31 -44.61
N LYS Z 86 2.05 7.15 -44.18
CA LYS Z 86 3.23 6.64 -43.51
C LYS Z 86 2.87 5.99 -42.17
N VAL Z 87 1.95 6.60 -41.42
CA VAL Z 87 1.52 6.07 -40.14
C VAL Z 87 0.00 6.15 -40.08
N LYS Z 88 -0.59 5.34 -39.21
CA LYS Z 88 -2.01 5.42 -38.89
C LYS Z 88 -2.17 5.63 -37.39
N ILE Z 89 -3.17 6.43 -37.03
CA ILE Z 89 -3.36 6.90 -35.67
C ILE Z 89 -4.63 6.29 -35.10
N ILE Z 90 -4.51 5.60 -33.98
CA ILE Z 90 -5.68 5.20 -33.21
C ILE Z 90 -5.77 6.02 -31.93
N PRO Z 91 -6.84 6.79 -31.73
CA PRO Z 91 -6.93 7.64 -30.54
C PRO Z 91 -7.48 6.86 -29.36
N ILE Z 92 -6.73 6.86 -28.26
CA ILE Z 92 -7.13 6.21 -27.03
C ILE Z 92 -7.78 7.27 -26.14
N LEU Z 93 -9.04 7.06 -25.77
CA LEU Z 93 -9.78 7.99 -24.93
C LEU Z 93 -9.71 7.50 -23.49
N LEU Z 94 -8.91 8.18 -22.66
CA LEU Z 94 -8.89 7.86 -21.24
C LEU Z 94 -10.23 8.13 -20.60
N THR Z 95 -10.87 9.22 -20.98
CA THR Z 95 -12.23 9.55 -20.57
C THR Z 95 -13.17 9.46 -21.76
N ASN Z 96 -14.45 9.24 -21.47
CA ASN Z 96 -15.42 9.01 -22.52
C ASN Z 96 -15.62 10.25 -23.37
N ARG Z 97 -16.12 10.04 -24.59
CA ARG Z 97 -16.35 11.14 -25.52
C ARG Z 97 -17.37 12.14 -24.97
N ALA Z 98 -18.31 11.67 -24.16
CA ALA Z 98 -19.40 12.54 -23.71
C ALA Z 98 -18.88 13.73 -22.91
N GLN Z 99 -17.95 13.50 -21.99
CA GLN Z 99 -17.40 14.57 -21.17
C GLN Z 99 -16.01 15.01 -21.62
N LEU Z 100 -15.66 14.81 -22.88
CA LEU Z 100 -14.51 15.50 -23.45
C LEU Z 100 -14.77 17.00 -23.46
N ASP Z 101 -13.76 17.78 -23.06
CA ASP Z 101 -13.94 19.22 -22.92
C ASP Z 101 -13.65 19.88 -24.28
N LEU Z 102 -14.69 19.94 -25.10
CA LEU Z 102 -14.59 20.56 -26.41
C LEU Z 102 -14.56 22.09 -26.33
N ASN Z 103 -15.13 22.67 -25.29
CA ASN Z 103 -15.27 24.13 -25.24
C ASN Z 103 -13.93 24.82 -25.02
N ALA Z 104 -13.01 24.16 -24.31
CA ALA Z 104 -11.73 24.80 -23.98
C ALA Z 104 -10.93 25.12 -25.23
N LEU Z 105 -10.92 24.21 -26.20
CA LEU Z 105 -10.09 24.38 -27.38
C LEU Z 105 -10.62 25.49 -28.27
N THR Z 106 -9.73 26.04 -29.10
CA THR Z 106 -10.13 27.05 -30.08
C THR Z 106 -10.94 26.39 -31.19
N ASP Z 107 -11.49 27.23 -32.07
CA ASP Z 107 -12.30 26.73 -33.18
C ASP Z 107 -11.48 25.83 -34.10
N ALA Z 108 -10.25 26.25 -34.41
CA ALA Z 108 -9.39 25.43 -35.27
C ALA Z 108 -9.06 24.10 -34.61
N ARG Z 109 -8.71 24.12 -33.32
CA ARG Z 109 -8.41 22.89 -32.61
C ARG Z 109 -9.64 22.00 -32.50
N ARG Z 110 -10.80 22.59 -32.18
CA ARG Z 110 -12.02 21.80 -32.03
C ARG Z 110 -12.43 21.16 -33.35
N ASN Z 111 -12.36 21.92 -34.44
CA ASN Z 111 -12.70 21.37 -35.75
C ASN Z 111 -11.73 20.27 -36.15
N PHE Z 112 -10.44 20.48 -35.88
CA PHE Z 112 -9.44 19.47 -36.22
C PHE Z 112 -9.67 18.19 -35.43
N LEU Z 113 -9.95 18.31 -34.13
CA LEU Z 113 -10.15 17.13 -33.30
C LEU Z 113 -11.45 16.41 -33.67
N GLU Z 114 -12.50 17.18 -33.97
CA GLU Z 114 -13.78 16.58 -34.34
C GLU Z 114 -13.66 15.86 -35.69
N SER Z 115 -12.86 16.41 -36.60
CA SER Z 115 -12.68 15.78 -37.90
C SER Z 115 -12.03 14.40 -37.77
N ILE Z 116 -11.01 14.29 -36.92
CA ILE Z 116 -10.31 13.01 -36.79
C ILE Z 116 -11.06 12.03 -35.90
N LEU Z 117 -11.92 12.52 -34.99
CA LEU Z 117 -12.63 11.62 -34.10
C LEU Z 117 -13.72 10.87 -34.84
N THR Z 118 -14.35 11.50 -35.83
CA THR Z 118 -15.42 10.86 -36.57
C THR Z 118 -14.90 9.95 -37.69
N ARG Z 119 -13.91 10.42 -38.45
CA ARG Z 119 -13.42 9.65 -39.58
C ARG Z 119 -12.54 8.48 -39.17
N LEU Z 120 -11.87 8.57 -38.01
CA LEU Z 120 -10.99 7.52 -37.55
C LEU Z 120 -11.60 6.84 -36.33
N LYS Z 121 -11.53 5.51 -36.31
CA LYS Z 121 -12.05 4.76 -35.17
C LYS Z 121 -11.18 4.99 -33.94
N TYR Z 122 -11.83 5.32 -32.83
CA TYR Z 122 -11.18 5.49 -31.54
C TYR Z 122 -11.60 4.38 -30.60
N VAL Z 123 -10.79 4.17 -29.56
CA VAL Z 123 -11.02 3.12 -28.59
C VAL Z 123 -11.26 3.77 -27.23
N GLU Z 124 -12.38 3.39 -26.59
CA GLU Z 124 -12.71 3.89 -25.27
C GLU Z 124 -11.98 3.09 -24.20
N PHE Z 125 -11.48 3.80 -23.19
CA PHE Z 125 -10.74 3.18 -22.10
C PHE Z 125 -11.37 3.60 -20.77
N ASP Z 126 -11.64 2.62 -19.91
CA ASP Z 126 -12.15 2.88 -18.57
C ASP Z 126 -11.33 2.03 -17.60
N PRO Z 127 -10.72 2.65 -16.58
CA PRO Z 127 -9.88 1.87 -15.66
C PRO Z 127 -10.63 0.80 -14.88
N HIS Z 128 -11.95 0.91 -14.76
CA HIS Z 128 -12.70 -0.08 -13.99
C HIS Z 128 -12.69 -1.44 -14.68
N ASN Z 129 -13.22 -1.51 -15.89
CA ASN Z 129 -13.17 -2.75 -16.68
C ASN Z 129 -11.84 -2.79 -17.43
N MET Z 130 -10.78 -3.03 -16.65
CA MET Z 130 -9.43 -2.92 -17.18
C MET Z 130 -9.13 -3.99 -18.22
N THR Z 131 -9.48 -5.25 -17.94
CA THR Z 131 -9.08 -6.34 -18.81
C THR Z 131 -9.62 -6.16 -20.21
N ARG Z 132 -10.90 -5.76 -20.33
CA ARG Z 132 -11.47 -5.54 -21.65
C ARG Z 132 -10.87 -4.32 -22.32
N SER Z 133 -10.32 -3.39 -21.52
CA SER Z 133 -9.72 -2.19 -22.08
C SER Z 133 -8.45 -2.51 -22.88
N LEU Z 134 -7.56 -3.33 -22.31
CA LEU Z 134 -6.37 -3.73 -23.07
C LEU Z 134 -6.75 -4.53 -24.30
N GLY Z 135 -7.77 -5.39 -24.19
CA GLY Z 135 -8.22 -6.15 -25.35
C GLY Z 135 -8.70 -5.26 -26.47
N SER Z 136 -9.48 -4.21 -26.14
CA SER Z 136 -9.94 -3.28 -27.16
C SER Z 136 -8.78 -2.52 -27.78
N VAL Z 137 -7.82 -2.08 -26.96
CA VAL Z 137 -6.66 -1.37 -27.49
C VAL Z 137 -5.83 -2.29 -28.37
N ALA Z 138 -5.59 -3.52 -27.90
CA ALA Z 138 -4.80 -4.47 -28.68
C ALA Z 138 -5.49 -4.83 -29.99
N GLU Z 139 -6.82 -5.01 -29.95
CA GLU Z 139 -7.54 -5.39 -31.15
C GLU Z 139 -7.40 -4.33 -32.23
N ALA Z 140 -7.50 -3.06 -31.85
CA ALA Z 140 -7.32 -1.98 -32.81
C ALA Z 140 -5.92 -1.98 -33.40
N LEU Z 141 -4.94 -2.39 -32.61
CA LEU Z 141 -3.58 -2.53 -33.12
C LEU Z 141 -3.50 -3.60 -34.21
N TRP Z 142 -4.13 -4.74 -33.98
CA TRP Z 142 -4.03 -5.88 -34.87
C TRP Z 142 -5.10 -5.92 -35.95
N GLN Z 143 -6.08 -5.01 -35.90
CA GLN Z 143 -7.26 -5.14 -36.75
C GLN Z 143 -6.90 -5.01 -38.23
N ASN Z 144 -6.01 -4.08 -38.56
CA ASN Z 144 -5.52 -3.93 -39.93
C ASN Z 144 -4.14 -4.54 -40.14
N GLU Z 145 -3.81 -5.59 -39.37
CA GLU Z 145 -2.49 -6.18 -39.39
C GLU Z 145 -2.57 -7.62 -39.89
N ALA Z 146 -1.41 -8.17 -40.21
CA ALA Z 146 -1.25 -9.58 -40.54
C ALA Z 146 -1.28 -10.40 -39.26
N VAL Z 147 -0.78 -11.63 -39.32
CA VAL Z 147 -0.88 -12.61 -38.25
C VAL Z 147 -0.69 -11.97 -36.87
N ARG Z 148 -1.62 -12.23 -35.97
CA ARG Z 148 -1.69 -11.55 -34.69
C ARG Z 148 -0.65 -12.12 -33.72
N PHE Z 149 -0.68 -11.63 -32.48
CA PHE Z 149 0.24 -12.10 -31.45
C PHE Z 149 -0.40 -11.81 -30.10
N GLU Z 150 -0.98 -12.84 -29.49
CA GLU Z 150 -1.52 -12.70 -28.14
C GLU Z 150 -0.39 -12.63 -27.12
N PRO Z 151 -0.66 -12.08 -25.93
CA PRO Z 151 0.39 -11.99 -24.91
C PRO Z 151 0.92 -13.34 -24.52
N ILE Z 152 2.21 -13.37 -24.14
CA ILE Z 152 2.87 -14.60 -23.73
C ILE Z 152 2.24 -15.11 -22.45
N ARG Z 153 1.84 -16.38 -22.45
CA ARG Z 153 1.20 -17.00 -21.29
C ARG Z 153 2.22 -17.87 -20.57
N MET Z 154 2.39 -17.63 -19.28
CA MET Z 154 3.40 -18.30 -18.46
C MET Z 154 2.73 -19.49 -17.80
N ILE Z 155 2.71 -20.62 -18.50
CA ILE Z 155 1.93 -21.78 -18.10
C ILE Z 155 2.85 -22.95 -17.78
N LYS Z 156 2.30 -23.95 -17.11
CA LYS Z 156 3.02 -25.18 -16.75
C LYS Z 156 2.21 -26.36 -17.24
N VAL Z 157 2.85 -27.26 -17.98
CA VAL Z 157 2.19 -28.44 -18.53
C VAL Z 157 2.97 -29.68 -18.13
N ASN Z 158 2.28 -30.65 -17.53
CA ASN Z 158 2.85 -31.96 -17.20
C ASN Z 158 4.10 -31.84 -16.34
N GLY Z 159 4.12 -30.85 -15.46
CA GLY Z 159 5.20 -30.69 -14.52
C GLY Z 159 6.38 -29.88 -15.00
N THR Z 160 6.41 -29.50 -16.27
CA THR Z 160 7.49 -28.68 -16.81
C THR Z 160 6.95 -27.31 -17.18
N GLU Z 161 7.83 -26.31 -17.13
CA GLU Z 161 7.44 -24.91 -17.22
C GLU Z 161 7.90 -24.33 -18.55
N LEU Z 162 6.99 -23.64 -19.24
CA LEU Z 162 7.31 -23.04 -20.53
C LEU Z 162 6.40 -21.84 -20.77
N GLN Z 163 6.87 -20.94 -21.63
CA GLN Z 163 6.09 -19.78 -22.06
C GLN Z 163 5.62 -20.01 -23.49
N VAL Z 164 4.33 -19.82 -23.73
CA VAL Z 164 3.72 -20.11 -25.02
C VAL Z 164 3.59 -18.83 -25.82
N VAL Z 165 3.74 -18.96 -27.14
CA VAL Z 165 3.61 -17.84 -28.07
C VAL Z 165 2.52 -18.23 -29.06
N GLU Z 166 1.31 -17.76 -28.81
CA GLU Z 166 0.15 -18.13 -29.62
C GLU Z 166 -0.16 -17.01 -30.60
N PHE Z 167 -0.31 -17.39 -31.88
CA PHE Z 167 -0.65 -16.45 -32.94
C PHE Z 167 -1.75 -17.04 -33.81
N LYS Z 168 -2.62 -16.17 -34.31
CA LYS Z 168 -3.61 -16.55 -35.31
C LYS Z 168 -3.48 -15.65 -36.52
N ILE Z 169 -3.80 -16.20 -37.69
CA ILE Z 169 -3.71 -15.48 -38.96
C ILE Z 169 -5.13 -15.07 -39.35
N PRO Z 170 -5.43 -13.78 -39.44
CA PRO Z 170 -6.72 -13.37 -40.00
C PRO Z 170 -6.89 -13.92 -41.40
N GLY Z 171 -8.11 -14.35 -41.72
CA GLY Z 171 -8.27 -15.15 -42.91
C GLY Z 171 -7.65 -16.51 -42.69
N SER Z 172 -7.09 -17.09 -43.76
CA SER Z 172 -6.43 -18.38 -43.64
C SER Z 172 -5.09 -18.39 -44.35
N ASN Z 173 -4.90 -17.49 -45.31
CA ASN Z 173 -3.71 -17.48 -46.15
C ASN Z 173 -2.94 -16.20 -45.97
N LEU Z 174 -1.63 -16.28 -46.17
CA LEU Z 174 -0.71 -15.15 -46.16
C LEU Z 174 -0.10 -14.98 -47.55
N PRO Z 175 0.34 -13.77 -47.88
CA PRO Z 175 1.15 -13.61 -49.09
C PRO Z 175 2.40 -14.46 -49.01
N VAL Z 176 2.83 -14.99 -50.16
CA VAL Z 176 3.98 -15.89 -50.19
C VAL Z 176 5.24 -15.15 -49.71
N ASP Z 177 5.40 -13.90 -50.13
CA ASP Z 177 6.55 -13.09 -49.75
C ASP Z 177 6.26 -12.25 -48.50
N PHE Z 178 5.42 -12.75 -47.60
CA PHE Z 178 5.04 -11.98 -46.42
C PHE Z 178 6.24 -11.67 -45.55
N LEU Z 179 7.13 -12.65 -45.36
CA LEU Z 179 8.29 -12.45 -44.49
C LEU Z 179 9.21 -11.35 -44.99
N HIS Z 180 9.17 -11.03 -46.29
CA HIS Z 180 10.04 -10.00 -46.83
C HIS Z 180 9.72 -8.63 -46.23
N HIS Z 181 8.44 -8.31 -46.11
CA HIS Z 181 8.02 -7.00 -45.62
C HIS Z 181 7.75 -6.98 -44.13
N TRP Z 182 7.86 -8.12 -43.45
CA TRP Z 182 7.59 -8.16 -42.02
C TRP Z 182 8.71 -7.48 -41.24
N ASP Z 183 8.37 -7.01 -40.04
CA ASP Z 183 9.31 -6.34 -39.15
C ASP Z 183 9.19 -6.88 -37.74
N LEU Z 184 9.10 -8.20 -37.61
CA LEU Z 184 8.91 -8.81 -36.30
C LEU Z 184 10.11 -9.71 -36.02
N LYS Z 185 11.30 -9.17 -36.19
CA LYS Z 185 12.49 -9.89 -35.76
C LYS Z 185 12.45 -10.07 -34.25
N ILE Z 186 12.75 -11.28 -33.79
CA ILE Z 186 12.44 -11.67 -32.41
C ILE Z 186 13.63 -11.54 -31.47
N GLU Z 187 14.83 -11.31 -31.99
CA GLU Z 187 16.00 -11.16 -31.14
C GLU Z 187 15.87 -10.03 -30.13
N ASP Z 188 15.03 -9.03 -30.41
CA ASP Z 188 14.87 -7.88 -29.53
C ASP Z 188 13.86 -8.09 -28.42
N PHE Z 189 13.20 -9.25 -28.37
CA PHE Z 189 12.19 -9.52 -27.36
C PHE Z 189 12.61 -10.64 -26.41
N ILE Z 190 13.86 -11.09 -26.50
CA ILE Z 190 14.39 -12.16 -25.65
C ILE Z 190 15.26 -11.53 -24.57
N ALA Z 191 14.93 -11.81 -23.31
CA ALA Z 191 15.71 -11.27 -22.21
C ALA Z 191 17.08 -11.94 -22.14
N THR Z 192 18.09 -11.16 -21.76
CA THR Z 192 19.43 -11.68 -21.60
C THR Z 192 19.77 -12.04 -20.16
N SER Z 193 19.10 -11.43 -19.19
CA SER Z 193 19.33 -11.71 -17.79
C SER Z 193 17.99 -11.92 -17.09
N PRO Z 194 17.97 -12.69 -16.00
CA PRO Z 194 16.69 -12.93 -15.31
C PRO Z 194 16.01 -11.66 -14.82
N ASN Z 195 16.77 -10.67 -14.36
CA ASN Z 195 16.17 -9.44 -13.89
C ASN Z 195 15.68 -8.55 -15.03
N GLU Z 196 16.29 -8.66 -16.20
CA GLU Z 196 15.85 -7.89 -17.36
C GLU Z 196 14.41 -8.24 -17.71
N GLN Z 197 13.60 -7.22 -17.96
CA GLN Z 197 12.20 -7.44 -18.35
C GLN Z 197 12.13 -7.39 -19.87
N LYS Z 198 11.42 -8.36 -20.44
CA LYS Z 198 11.28 -8.56 -21.88
C LYS Z 198 10.05 -9.43 -22.09
N PRO Z 199 9.47 -9.42 -23.30
CA PRO Z 199 8.35 -10.33 -23.56
C PRO Z 199 8.70 -11.80 -23.37
N VAL Z 200 9.92 -12.21 -23.71
CA VAL Z 200 10.34 -13.61 -23.60
C VAL Z 200 11.29 -13.71 -22.40
N LYS Z 201 10.98 -14.63 -21.49
CA LYS Z 201 11.80 -14.81 -20.31
C LYS Z 201 13.15 -15.42 -20.66
N PHE Z 202 14.12 -15.21 -19.79
CA PHE Z 202 15.46 -15.73 -20.01
C PHE Z 202 15.52 -17.20 -19.61
N ASP Z 203 16.07 -18.03 -20.50
CA ASP Z 203 16.36 -19.47 -20.44
C ASP Z 203 15.10 -20.30 -20.26
N VAL Z 204 13.94 -19.66 -20.17
CA VAL Z 204 12.68 -20.38 -20.01
C VAL Z 204 12.30 -21.04 -21.33
N PRO Z 205 11.82 -22.28 -21.34
CA PRO Z 205 11.39 -22.90 -22.60
C PRO Z 205 10.31 -22.10 -23.29
N VAL Z 206 10.37 -22.07 -24.62
CA VAL Z 206 9.45 -21.30 -25.44
C VAL Z 206 8.66 -22.26 -26.32
N ALA Z 207 7.35 -22.08 -26.35
CA ALA Z 207 6.46 -22.91 -27.16
C ALA Z 207 5.71 -22.06 -28.15
N LEU Z 208 5.56 -22.57 -29.37
CA LEU Z 208 4.82 -21.90 -30.43
C LEU Z 208 3.48 -22.59 -30.64
N TYR Z 209 2.42 -21.81 -30.70
CA TYR Z 209 1.06 -22.32 -30.79
C TYR Z 209 0.32 -21.62 -31.91
N GLY Z 210 -0.62 -22.34 -32.52
CA GLY Z 210 -1.46 -21.78 -33.56
C GLY Z 210 -1.18 -22.38 -34.92
N PRO Z 211 -2.21 -22.44 -35.77
CA PRO Z 211 -2.03 -23.03 -37.10
C PRO Z 211 -1.32 -22.06 -38.03
N GLY Z 212 -0.41 -22.60 -38.84
CA GLY Z 212 0.34 -21.79 -39.76
C GLY Z 212 1.18 -22.62 -40.72
N PRO Z 213 1.75 -21.97 -41.72
CA PRO Z 213 2.59 -22.70 -42.68
C PRO Z 213 3.90 -23.13 -42.06
N ASN Z 214 4.54 -24.10 -42.72
CA ASN Z 214 5.79 -24.64 -42.21
C ASN Z 214 6.88 -23.57 -42.17
N TRP Z 215 6.91 -22.69 -43.16
CA TRP Z 215 7.95 -21.66 -43.17
C TRP Z 215 7.76 -20.65 -42.04
N LEU Z 216 6.51 -20.40 -41.63
CA LEU Z 216 6.28 -19.50 -40.51
C LEU Z 216 6.88 -20.06 -39.23
N TYR Z 217 6.72 -21.36 -38.99
CA TYR Z 217 7.29 -21.95 -37.80
C TYR Z 217 8.82 -21.94 -37.85
N ALA Z 218 9.39 -22.31 -39.00
CA ALA Z 218 10.83 -22.35 -39.13
C ALA Z 218 11.44 -20.96 -38.95
N PHE Z 219 10.77 -19.94 -39.48
CA PHE Z 219 11.25 -18.57 -39.32
C PHE Z 219 11.26 -18.13 -37.87
N LEU Z 220 10.43 -18.73 -37.02
CA LEU Z 220 10.34 -18.32 -35.62
C LEU Z 220 11.25 -19.13 -34.72
N THR Z 221 11.40 -20.44 -34.96
CA THR Z 221 12.26 -21.24 -34.13
C THR Z 221 13.74 -20.99 -34.41
N LEU Z 222 14.07 -20.58 -35.64
CA LEU Z 222 15.47 -20.42 -36.03
C LEU Z 222 16.22 -19.44 -35.14
N PRO Z 223 15.72 -18.24 -34.84
CA PRO Z 223 16.49 -17.31 -34.01
C PRO Z 223 16.65 -17.75 -32.57
N PHE Z 224 15.99 -18.83 -32.14
CA PHE Z 224 16.02 -19.25 -30.75
C PHE Z 224 17.17 -20.19 -30.43
N LYS Z 225 18.04 -20.49 -31.39
CA LYS Z 225 19.19 -21.34 -31.11
C LYS Z 225 20.12 -20.64 -30.14
N ASN Z 226 20.67 -21.42 -29.20
CA ASN Z 226 21.56 -20.95 -28.15
C ASN Z 226 20.88 -19.97 -27.19
N ARG Z 227 19.56 -19.83 -27.26
CA ARG Z 227 18.84 -18.95 -26.36
C ARG Z 227 17.88 -19.71 -25.45
N ASN Z 228 16.95 -20.48 -26.01
CA ASN Z 228 15.98 -21.21 -25.22
C ASN Z 228 15.62 -22.50 -25.94
N THR Z 229 15.11 -23.47 -25.18
CA THR Z 229 14.51 -24.64 -25.79
C THR Z 229 13.23 -24.26 -26.49
N VAL Z 230 12.94 -24.92 -27.60
CA VAL Z 230 11.79 -24.58 -28.44
C VAL Z 230 10.80 -25.75 -28.41
N PHE Z 231 9.54 -25.44 -28.16
CA PHE Z 231 8.45 -26.39 -28.24
C PHE Z 231 7.49 -25.96 -29.34
N VAL Z 232 6.87 -26.94 -29.98
CA VAL Z 232 5.91 -26.68 -31.05
C VAL Z 232 4.67 -27.52 -30.83
N PHE Z 233 3.51 -26.96 -31.16
CA PHE Z 233 2.24 -27.62 -30.97
C PHE Z 233 1.80 -28.27 -32.27
N ASN Z 234 1.55 -29.57 -32.24
CA ASN Z 234 1.08 -30.30 -33.41
C ASN Z 234 -0.37 -30.71 -33.19
N SER Z 235 -1.23 -30.38 -34.14
CA SER Z 235 -2.65 -30.63 -34.01
C SER Z 235 -3.03 -32.10 -34.20
N ARG Z 236 -2.11 -32.93 -34.69
CA ARG Z 236 -2.45 -34.34 -34.91
C ARG Z 236 -2.78 -35.04 -33.61
N THR Z 237 -2.02 -34.78 -32.55
CA THR Z 237 -2.29 -35.33 -31.24
C THR Z 237 -2.48 -34.25 -30.19
N SER Z 238 -2.48 -32.97 -30.59
CA SER Z 238 -2.68 -31.85 -29.67
C SER Z 238 -1.67 -31.87 -28.51
N GLU Z 239 -0.40 -32.02 -28.85
CA GLU Z 239 0.66 -32.11 -27.86
C GLU Z 239 1.84 -31.25 -28.27
N TYR Z 240 2.61 -30.80 -27.28
CA TYR Z 240 3.82 -30.04 -27.54
C TYR Z 240 5.00 -30.98 -27.78
N ILE Z 241 5.82 -30.64 -28.76
CA ILE Z 241 6.96 -31.45 -29.16
C ILE Z 241 8.22 -30.62 -28.99
N CYS Z 242 9.22 -31.20 -28.33
CA CYS Z 242 10.49 -30.53 -28.10
C CYS Z 242 11.41 -30.74 -29.30
N VAL Z 243 11.92 -29.64 -29.84
CA VAL Z 243 12.83 -29.68 -30.98
C VAL Z 243 14.24 -29.25 -30.59
N TYR Z 244 14.36 -28.31 -29.66
CA TYR Z 244 15.66 -27.85 -29.17
C TYR Z 244 15.76 -28.14 -27.68
N SER Z 245 16.95 -28.52 -27.23
CA SER Z 245 17.22 -28.80 -25.83
C SER Z 245 18.49 -28.06 -25.42
N LYS Z 246 18.31 -26.85 -24.89
CA LYS Z 246 19.39 -26.05 -24.37
C LYS Z 246 19.52 -26.13 -22.86
N SER Z 247 18.70 -26.94 -22.19
CA SER Z 247 18.73 -27.05 -20.74
C SER Z 247 18.71 -28.52 -20.34
N ALA Z 248 19.27 -28.80 -19.17
CA ALA Z 248 19.31 -30.16 -18.66
C ALA Z 248 17.92 -30.66 -18.31
N GLY Z 249 17.73 -31.97 -18.44
CA GLY Z 249 16.45 -32.58 -18.16
C GLY Z 249 15.46 -32.52 -19.29
N LEU Z 250 15.79 -31.87 -20.40
CA LEU Z 250 14.92 -31.76 -21.55
C LEU Z 250 15.62 -32.40 -22.75
N ALA Z 251 14.91 -33.27 -23.45
CA ALA Z 251 15.47 -33.92 -24.62
C ALA Z 251 14.66 -33.56 -25.85
N PRO Z 252 15.31 -33.37 -27.00
CA PRO Z 252 14.57 -33.02 -28.22
C PRO Z 252 13.69 -34.18 -28.69
N GLY Z 253 12.38 -34.02 -28.56
CA GLY Z 253 11.44 -35.06 -28.92
C GLY Z 253 10.54 -35.51 -27.79
N MET Z 254 10.69 -34.98 -26.59
CA MET Z 254 9.79 -35.33 -25.50
C MET Z 254 8.43 -34.66 -25.72
N VAL Z 255 7.40 -35.27 -25.16
CA VAL Z 255 6.01 -34.89 -25.45
C VAL Z 255 5.33 -34.43 -24.17
N LEU Z 256 4.52 -33.39 -24.30
CA LEU Z 256 3.72 -32.86 -23.19
C LEU Z 256 2.25 -32.95 -23.57
N LYS Z 257 1.47 -33.66 -22.77
CA LYS Z 257 0.05 -33.84 -23.03
C LYS Z 257 -0.69 -32.55 -22.74
N GLY Z 258 -1.36 -32.00 -23.76
CA GLY Z 258 -2.10 -30.77 -23.62
C GLY Z 258 -3.44 -30.95 -22.93
N PRO AA 2 21.41 -42.57 -39.16
CA PRO AA 2 21.82 -43.98 -39.09
C PRO AA 2 23.30 -44.16 -39.41
N GLN AA 3 24.02 -44.87 -38.54
CA GLN AA 3 25.43 -45.16 -38.75
C GLN AA 3 25.56 -46.38 -39.65
N ALA AA 4 26.70 -46.49 -40.33
CA ALA AA 4 26.99 -47.61 -41.21
C ALA AA 4 28.47 -47.98 -41.11
N PHE AA 5 28.74 -49.24 -40.82
CA PHE AA 5 30.10 -49.74 -40.68
C PHE AA 5 30.44 -50.58 -41.91
N PHE AA 6 31.61 -50.34 -42.47
CA PHE AA 6 32.01 -50.99 -43.72
C PHE AA 6 33.03 -52.09 -43.42
N SER AA 7 32.65 -53.33 -43.66
CA SER AA 7 33.55 -54.47 -43.55
C SER AA 7 33.87 -54.95 -44.97
N HIS AA 8 35.13 -54.78 -45.37
CA HIS AA 8 35.50 -55.01 -46.76
C HIS AA 8 36.96 -55.41 -46.85
N ASN AA 9 37.33 -55.96 -48.00
CA ASN AA 9 38.72 -56.26 -48.30
C ASN AA 9 39.33 -55.14 -49.14
N ASN AA 10 40.65 -54.97 -49.01
CA ASN AA 10 41.32 -53.85 -49.65
C ASN AA 10 41.26 -53.88 -51.17
N LYS AA 11 41.00 -55.06 -51.76
CA LYS AA 11 40.83 -55.12 -53.21
C LYS AA 11 39.56 -54.40 -53.65
N ASP AA 12 38.51 -54.50 -52.85
CA ASP AA 12 37.23 -53.86 -53.15
C ASP AA 12 37.18 -52.41 -52.64
N LYS AA 13 38.33 -51.83 -52.31
CA LYS AA 13 38.34 -50.47 -51.79
C LYS AA 13 37.87 -49.47 -52.85
N LYS AA 14 38.16 -49.74 -54.13
CA LYS AA 14 37.80 -48.80 -55.18
C LYS AA 14 36.28 -48.66 -55.30
N ILE AA 15 35.54 -49.71 -54.93
CA ILE AA 15 34.08 -49.64 -55.00
C ILE AA 15 33.47 -49.24 -53.66
N VAL AA 16 34.21 -49.39 -52.56
CA VAL AA 16 33.67 -49.05 -51.25
C VAL AA 16 33.52 -47.54 -51.11
N LEU AA 17 34.54 -46.79 -51.54
CA LEU AA 17 34.54 -45.34 -51.31
C LEU AA 17 33.39 -44.66 -52.03
N GLU AA 18 33.16 -45.01 -53.30
CA GLU AA 18 32.03 -44.42 -54.01
C GLU AA 18 30.69 -44.89 -53.44
N VAL AA 19 30.64 -46.13 -52.94
CA VAL AA 19 29.48 -46.55 -52.15
C VAL AA 19 29.39 -45.73 -50.88
N LEU AA 20 30.51 -45.55 -50.19
CA LEU AA 20 30.53 -44.72 -48.99
C LEU AA 20 30.16 -43.28 -49.29
N GLU AA 21 30.71 -42.72 -50.38
CA GLU AA 21 30.41 -41.35 -50.73
C GLU AA 21 28.93 -41.16 -51.03
N HIS AA 22 28.34 -42.10 -51.77
CA HIS AA 22 26.91 -42.02 -52.07
C HIS AA 22 26.09 -42.12 -50.80
N LEU AA 23 26.45 -43.03 -49.90
CA LEU AA 23 25.75 -43.13 -48.62
C LEU AA 23 25.91 -41.87 -47.79
N ARG AA 24 27.12 -41.29 -47.79
CA ARG AA 24 27.33 -40.04 -47.05
C ARG AA 24 26.47 -38.92 -47.60
N GLN AA 25 26.33 -38.84 -48.93
CA GLN AA 25 25.46 -37.84 -49.53
C GLN AA 25 24.01 -38.02 -49.12
N SER AA 26 23.63 -39.21 -48.67
CA SER AA 26 22.28 -39.48 -48.17
C SER AA 26 22.15 -39.25 -46.68
N LEU AA 27 23.00 -38.39 -46.10
CA LEU AA 27 22.93 -38.03 -44.68
C LEU AA 27 23.12 -39.25 -43.79
N VAL AA 28 23.93 -40.20 -44.23
CA VAL AA 28 24.20 -41.42 -43.47
C VAL AA 28 25.60 -41.31 -42.88
N ALA AA 29 25.72 -41.54 -41.58
CA ALA AA 29 27.01 -41.52 -40.92
C ALA AA 29 27.78 -42.78 -41.28
N THR AA 30 28.87 -42.61 -42.04
CA THR AA 30 29.69 -43.73 -42.48
C THR AA 30 30.97 -43.80 -41.67
N TRP AA 31 31.23 -44.97 -41.09
CA TRP AA 31 32.43 -45.22 -40.29
C TRP AA 31 33.19 -46.37 -40.95
N ILE AA 32 34.22 -46.03 -41.72
CA ILE AA 32 34.99 -47.03 -42.46
C ILE AA 32 36.17 -47.53 -41.65
N ASP AA 33 36.98 -46.62 -41.11
CA ASP AA 33 38.14 -47.00 -40.31
C ASP AA 33 38.65 -45.80 -39.51
N SER AA 42 38.69 -50.69 -34.41
CA SER AA 42 38.04 -51.65 -35.30
C SER AA 42 36.59 -51.28 -35.52
N LEU AA 43 35.73 -52.29 -35.61
CA LEU AA 43 34.31 -52.08 -35.85
C LEU AA 43 33.47 -52.82 -34.82
N ILE AA 44 33.99 -53.94 -34.33
CA ILE AA 44 33.22 -54.78 -33.41
C ILE AA 44 32.94 -54.03 -32.11
N GLN AA 45 33.95 -53.37 -31.55
CA GLN AA 45 33.76 -52.60 -30.34
C GLN AA 45 33.03 -51.29 -30.58
N GLN AA 46 32.92 -50.84 -31.83
CA GLN AA 46 32.13 -49.66 -32.13
C GLN AA 46 30.65 -50.00 -32.27
N ILE AA 47 30.29 -51.28 -32.27
CA ILE AA 47 28.89 -51.67 -32.45
C ILE AA 47 28.06 -51.24 -31.25
N ILE AA 48 28.55 -51.50 -30.04
CA ILE AA 48 27.75 -51.29 -28.82
C ILE AA 48 27.96 -49.83 -28.39
N ALA AA 49 27.21 -48.95 -29.04
CA ALA AA 49 27.24 -47.53 -28.72
C ALA AA 49 26.02 -46.81 -29.28
N GLY AA 50 25.47 -45.87 -28.52
CA GLY AA 50 24.35 -45.07 -28.99
C GLY AA 50 23.02 -45.71 -28.63
N ILE AA 51 22.14 -45.81 -29.62
CA ILE AA 51 20.78 -46.30 -29.42
C ILE AA 51 20.68 -47.69 -30.03
N SER AA 52 19.55 -48.36 -29.74
CA SER AA 52 19.29 -49.68 -30.30
C SER AA 52 19.39 -49.70 -31.81
N LYS AA 53 19.02 -48.61 -32.47
CA LYS AA 53 19.37 -48.39 -33.88
C LYS AA 53 20.84 -47.98 -33.96
N SER AA 54 21.70 -48.96 -33.67
CA SER AA 54 23.14 -48.72 -33.64
C SER AA 54 23.68 -48.42 -35.03
N GLN AA 55 23.56 -49.37 -35.94
CA GLN AA 55 24.05 -49.23 -37.30
C GLN AA 55 23.57 -50.43 -38.11
N TYR AA 56 23.80 -50.39 -39.42
CA TYR AA 56 23.53 -51.51 -40.32
C TYR AA 56 24.85 -52.00 -40.87
N PHE AA 57 25.19 -53.26 -40.56
CA PHE AA 57 26.46 -53.83 -40.98
C PHE AA 57 26.45 -54.09 -42.48
N LEU AA 58 27.43 -53.52 -43.19
CA LEU AA 58 27.58 -53.73 -44.63
C LEU AA 58 28.70 -54.76 -44.83
N ALA AA 59 28.32 -55.96 -45.28
CA ALA AA 59 29.28 -57.02 -45.56
C ALA AA 59 29.53 -57.03 -47.07
N PHE AA 60 30.72 -56.58 -47.47
CA PHE AA 60 31.11 -56.55 -48.89
C PHE AA 60 31.68 -57.90 -49.27
N LEU AA 61 30.78 -58.87 -49.49
CA LEU AA 61 31.20 -60.20 -49.89
C LEU AA 61 31.77 -60.17 -51.31
N SER AA 62 32.86 -60.89 -51.50
CA SER AA 62 33.49 -61.03 -52.80
C SER AA 62 34.31 -62.31 -52.79
N ASN AA 63 34.68 -62.78 -53.98
CA ASN AA 63 35.49 -63.99 -54.07
C ASN AA 63 36.81 -63.80 -53.34
N GLU AA 64 37.35 -62.58 -53.33
CA GLU AA 64 38.54 -62.30 -52.54
C GLU AA 64 38.20 -62.15 -51.07
N TYR AA 65 37.04 -61.55 -50.76
CA TYR AA 65 36.71 -61.20 -49.38
C TYR AA 65 36.59 -62.45 -48.51
N LEU AA 66 35.94 -63.50 -49.01
CA LEU AA 66 35.74 -64.70 -48.22
C LEU AA 66 37.01 -65.52 -48.05
N LYS AA 67 38.09 -65.16 -48.74
CA LYS AA 67 39.36 -65.84 -48.60
C LYS AA 67 40.09 -65.46 -47.32
N SER AA 68 39.94 -64.22 -46.85
CA SER AA 68 40.67 -63.72 -45.69
C SER AA 68 39.96 -64.16 -44.41
N ASP AA 69 40.73 -64.74 -43.49
CA ASP AA 69 40.16 -65.16 -42.21
C ASP AA 69 39.84 -63.96 -41.33
N TRP AA 70 40.63 -62.89 -41.45
CA TRP AA 70 40.35 -61.69 -40.67
C TRP AA 70 38.98 -61.12 -41.01
N CYS AA 71 38.63 -61.08 -42.29
CA CYS AA 71 37.30 -60.65 -42.68
C CYS AA 71 36.24 -61.62 -42.19
N TRP AA 72 36.56 -62.92 -42.16
CA TRP AA 72 35.58 -63.92 -41.76
C TRP AA 72 35.24 -63.82 -40.28
N ASP AA 73 36.26 -63.68 -39.43
CA ASP AA 73 36.00 -63.62 -38.00
C ASP AA 73 35.25 -62.35 -37.61
N GLU AA 74 35.53 -61.24 -38.30
CA GLU AA 74 34.77 -60.02 -38.05
C GLU AA 74 33.29 -60.22 -38.37
N LEU AA 75 33.00 -60.91 -39.47
CA LEU AA 75 31.61 -61.17 -39.84
C LEU AA 75 30.94 -62.08 -38.82
N GLU AA 76 31.68 -63.05 -38.27
CA GLU AA 76 31.08 -64.00 -37.35
C GLU AA 76 30.61 -63.30 -36.07
N GLN AA 77 31.45 -62.44 -35.50
CA GLN AA 77 31.03 -61.70 -34.31
C GLN AA 77 29.89 -60.74 -34.64
N ALA AA 78 29.93 -60.12 -35.81
CA ALA AA 78 28.84 -59.22 -36.21
C ALA AA 78 27.52 -59.97 -36.31
N TYR AA 79 27.54 -61.18 -36.89
CA TYR AA 79 26.33 -61.98 -36.96
C TYR AA 79 25.93 -62.48 -35.59
N ALA AA 80 26.92 -62.79 -34.74
CA ALA AA 80 26.61 -63.30 -33.41
C ALA AA 80 25.80 -62.29 -32.60
N LEU AA 81 26.21 -61.03 -32.61
CA LEU AA 81 25.42 -59.99 -31.96
C LEU AA 81 24.23 -59.56 -32.78
N HIS AA 82 24.19 -59.92 -34.07
CA HIS AA 82 23.02 -59.62 -34.89
C HIS AA 82 21.81 -60.42 -34.43
N GLN AA 83 22.03 -61.64 -33.93
CA GLN AA 83 20.94 -62.42 -33.37
C GLN AA 83 20.32 -61.72 -32.17
N LYS AA 84 21.12 -60.95 -31.43
CA LYS AA 84 20.61 -60.20 -30.28
C LYS AA 84 19.73 -59.03 -30.69
N GLY AA 85 19.70 -58.67 -31.98
CA GLY AA 85 18.93 -57.55 -32.44
C GLY AA 85 19.61 -56.21 -32.30
N LYS AA 86 20.85 -56.16 -31.79
CA LYS AA 86 21.54 -54.89 -31.65
C LYS AA 86 21.84 -54.26 -33.00
N VAL AA 87 22.32 -55.07 -33.96
CA VAL AA 87 22.67 -54.58 -35.28
C VAL AA 87 22.21 -55.60 -36.31
N LYS AA 88 21.62 -55.12 -37.40
CA LYS AA 88 21.26 -55.96 -38.52
C LYS AA 88 22.26 -55.77 -39.65
N ILE AA 89 22.52 -56.85 -40.38
CA ILE AA 89 23.52 -56.88 -41.44
C ILE AA 89 22.80 -56.88 -42.78
N ILE AA 90 23.25 -56.03 -43.69
CA ILE AA 90 22.77 -56.06 -45.07
C ILE AA 90 23.94 -56.42 -45.98
N PRO AA 91 24.03 -57.68 -46.40
CA PRO AA 91 25.21 -58.12 -47.16
C PRO AA 91 25.04 -57.83 -48.65
N ILE AA 92 26.02 -57.16 -49.22
CA ILE AA 92 26.04 -56.85 -50.65
C ILE AA 92 27.07 -57.75 -51.31
N LEU AA 93 26.73 -58.28 -52.48
CA LEU AA 93 27.60 -59.20 -53.20
C LEU AA 93 28.31 -58.44 -54.32
N LEU AA 94 29.64 -58.44 -54.27
CA LEU AA 94 30.40 -57.79 -55.33
C LEU AA 94 30.14 -58.47 -56.68
N THR AA 95 30.10 -59.79 -56.70
CA THR AA 95 29.76 -60.56 -57.88
C THR AA 95 28.50 -61.37 -57.63
N ASN AA 96 27.91 -61.86 -58.71
CA ASN AA 96 26.62 -62.53 -58.63
C ASN AA 96 26.73 -63.82 -57.82
N ARG AA 97 25.60 -64.22 -57.22
CA ARG AA 97 25.58 -65.36 -56.31
C ARG AA 97 26.06 -66.65 -56.98
N ALA AA 98 25.85 -66.79 -58.29
CA ALA AA 98 26.19 -68.03 -58.97
C ALA AA 98 27.68 -68.31 -58.93
N GLN AA 99 28.50 -67.28 -59.11
CA GLN AA 99 29.95 -67.45 -59.26
C GLN AA 99 30.72 -67.22 -57.97
N LEU AA 100 30.06 -67.22 -56.82
CA LEU AA 100 30.78 -67.18 -55.55
C LEU AA 100 31.55 -68.47 -55.35
N ASP AA 101 32.78 -68.36 -54.85
CA ASP AA 101 33.64 -69.53 -54.64
C ASP AA 101 33.29 -70.15 -53.30
N LEU AA 102 32.16 -70.86 -53.26
CA LEU AA 102 31.73 -71.55 -52.06
C LEU AA 102 32.49 -72.83 -51.80
N ASN AA 103 33.11 -73.41 -52.83
CA ASN AA 103 33.80 -74.68 -52.66
C ASN AA 103 35.09 -74.53 -51.86
N ALA AA 104 35.79 -73.41 -52.05
CA ALA AA 104 37.08 -73.23 -51.39
C ALA AA 104 36.94 -73.13 -49.88
N LEU AA 105 35.82 -72.58 -49.41
CA LEU AA 105 35.62 -72.41 -47.98
C LEU AA 105 35.33 -73.74 -47.31
N THR AA 106 35.55 -73.79 -45.99
CA THR AA 106 35.33 -75.00 -45.22
C THR AA 106 33.84 -75.28 -45.10
N ASP AA 107 33.52 -76.45 -44.57
CA ASP AA 107 32.12 -76.86 -44.44
C ASP AA 107 31.36 -75.94 -43.49
N ALA AA 108 31.95 -75.62 -42.34
CA ALA AA 108 31.27 -74.75 -41.38
C ALA AA 108 31.08 -73.36 -41.94
N ARG AA 109 32.10 -72.80 -42.59
CA ARG AA 109 31.98 -71.48 -43.17
C ARG AA 109 30.96 -71.45 -44.29
N ARG AA 110 30.97 -72.48 -45.14
CA ARG AA 110 30.00 -72.53 -46.24
C ARG AA 110 28.57 -72.66 -45.70
N ASN AA 111 28.38 -73.50 -44.68
CA ASN AA 111 27.07 -73.59 -44.05
C ASN AA 111 26.70 -72.28 -43.37
N PHE AA 112 27.66 -71.64 -42.71
CA PHE AA 112 27.40 -70.35 -42.07
C PHE AA 112 27.01 -69.29 -43.10
N LEU AA 113 27.73 -69.23 -44.21
CA LEU AA 113 27.41 -68.25 -45.25
C LEU AA 113 26.05 -68.53 -45.87
N GLU AA 114 25.76 -69.79 -46.18
CA GLU AA 114 24.47 -70.13 -46.78
C GLU AA 114 23.33 -69.88 -45.82
N SER AA 115 23.60 -69.97 -44.51
CA SER AA 115 22.58 -69.68 -43.51
C SER AA 115 22.13 -68.24 -43.59
N ILE AA 116 23.07 -67.32 -43.77
CA ILE AA 116 22.73 -65.90 -43.77
C ILE AA 116 22.40 -65.36 -45.16
N LEU AA 117 22.89 -66.01 -46.22
CA LEU AA 117 22.56 -65.55 -47.57
C LEU AA 117 21.13 -65.91 -47.95
N THR AA 118 20.62 -67.03 -47.44
CA THR AA 118 19.28 -67.47 -47.78
C THR AA 118 18.23 -66.86 -46.85
N ARG AA 119 18.41 -67.02 -45.53
CA ARG AA 119 17.44 -66.49 -44.57
C ARG AA 119 17.39 -64.98 -44.57
N LEU AA 120 18.54 -64.31 -44.72
CA LEU AA 120 18.62 -62.86 -44.64
C LEU AA 120 18.83 -62.31 -46.04
N LYS AA 121 18.07 -61.27 -46.39
CA LYS AA 121 18.08 -60.74 -47.75
C LYS AA 121 19.42 -60.11 -48.08
N TYR AA 122 19.92 -60.38 -49.28
CA TYR AA 122 21.18 -59.84 -49.77
C TYR AA 122 20.93 -58.84 -50.89
N VAL AA 123 21.99 -58.15 -51.30
CA VAL AA 123 21.93 -57.16 -52.35
C VAL AA 123 22.98 -57.51 -53.40
N GLU AA 124 22.56 -57.55 -54.67
CA GLU AA 124 23.48 -57.78 -55.77
C GLU AA 124 24.07 -56.47 -56.25
N PHE AA 125 25.37 -56.47 -56.53
CA PHE AA 125 26.08 -55.29 -56.98
C PHE AA 125 26.80 -55.60 -58.27
N ASP AA 126 26.66 -54.71 -59.26
CA ASP AA 126 27.32 -54.87 -60.55
C ASP AA 126 27.92 -53.53 -60.96
N PRO AA 127 29.22 -53.50 -61.28
CA PRO AA 127 29.84 -52.22 -61.66
C PRO AA 127 29.23 -51.60 -62.90
N HIS AA 128 28.71 -52.41 -63.81
CA HIS AA 128 28.16 -51.88 -65.07
C HIS AA 128 26.99 -50.94 -64.81
N ASN AA 129 26.05 -51.36 -63.96
CA ASN AA 129 24.87 -50.56 -63.65
C ASN AA 129 25.06 -49.84 -62.31
N MET AA 130 25.86 -48.78 -62.36
CA MET AA 130 26.18 -48.03 -61.15
C MET AA 130 24.94 -47.40 -60.54
N THR AA 131 24.08 -46.79 -61.37
CA THR AA 131 22.94 -46.05 -60.84
C THR AA 131 21.97 -46.97 -60.11
N ARG AA 132 21.67 -48.15 -60.68
CA ARG AA 132 20.74 -49.06 -60.03
C ARG AA 132 21.41 -49.78 -58.86
N SER AA 133 22.70 -50.07 -58.97
CA SER AA 133 23.40 -50.74 -57.88
C SER AA 133 23.41 -49.88 -56.62
N LEU AA 134 23.70 -48.59 -56.77
CA LEU AA 134 23.74 -47.70 -55.61
C LEU AA 134 22.36 -47.55 -54.99
N GLY AA 135 21.33 -47.42 -55.82
CA GLY AA 135 19.97 -47.30 -55.30
C GLY AA 135 19.52 -48.53 -54.52
N SER AA 136 19.88 -49.72 -55.01
CA SER AA 136 19.51 -50.94 -54.32
C SER AA 136 20.17 -51.02 -52.95
N VAL AA 137 21.45 -50.63 -52.86
CA VAL AA 137 22.12 -50.60 -51.57
C VAL AA 137 21.45 -49.60 -50.63
N ALA AA 138 21.14 -48.41 -51.15
CA ALA AA 138 20.44 -47.41 -50.34
C ALA AA 138 19.06 -47.90 -49.94
N GLU AA 139 18.36 -48.58 -50.87
CA GLU AA 139 17.04 -49.10 -50.55
C GLU AA 139 17.10 -50.10 -49.39
N ALA AA 140 18.10 -50.98 -49.40
CA ALA AA 140 18.26 -51.91 -48.29
C ALA AA 140 18.54 -51.18 -46.99
N LEU AA 141 19.31 -50.09 -47.06
CA LEU AA 141 19.60 -49.31 -45.87
C LEU AA 141 18.33 -48.68 -45.31
N TRP AA 142 17.48 -48.14 -46.17
CA TRP AA 142 16.30 -47.40 -45.74
C TRP AA 142 15.04 -48.25 -45.66
N GLN AA 143 15.11 -49.54 -46.02
CA GLN AA 143 13.90 -50.36 -46.08
C GLN AA 143 13.27 -50.53 -44.70
N ASN AA 144 14.09 -50.83 -43.69
CA ASN AA 144 13.60 -51.05 -42.33
C ASN AA 144 13.75 -49.81 -41.46
N GLU AA 145 13.77 -48.63 -42.07
CA GLU AA 145 14.09 -47.40 -41.37
C GLU AA 145 12.86 -46.51 -41.27
N ALA AA 146 12.94 -45.52 -40.38
CA ALA AA 146 11.98 -44.43 -40.30
C ALA AA 146 12.26 -43.47 -41.44
N VAL AA 147 11.74 -42.24 -41.34
CA VAL AA 147 11.86 -41.23 -42.39
C VAL AA 147 13.24 -41.27 -43.02
N ARG AA 148 13.28 -41.45 -44.34
CA ARG AA 148 14.50 -41.68 -45.08
C ARG AA 148 14.96 -40.40 -45.76
N PHE AA 149 16.17 -40.44 -46.32
CA PHE AA 149 16.77 -39.27 -46.94
C PHE AA 149 17.24 -39.61 -48.35
N GLU AA 150 17.15 -38.63 -49.23
CA GLU AA 150 17.67 -38.74 -50.59
C GLU AA 150 19.04 -38.09 -50.69
N PRO AA 151 19.86 -38.50 -51.65
CA PRO AA 151 21.16 -37.85 -51.84
C PRO AA 151 20.98 -36.37 -52.11
N ILE AA 152 21.90 -35.56 -51.55
CA ILE AA 152 21.80 -34.12 -51.66
C ILE AA 152 22.05 -33.70 -53.10
N ARG AA 153 21.14 -32.90 -53.65
CA ARG AA 153 21.22 -32.42 -55.02
C ARG AA 153 21.57 -30.94 -55.00
N MET AA 154 22.55 -30.56 -55.82
CA MET AA 154 22.97 -29.16 -55.93
C MET AA 154 22.32 -28.61 -57.20
N ILE AA 155 21.26 -27.82 -57.02
CA ILE AA 155 20.46 -27.32 -58.12
C ILE AA 155 20.39 -25.81 -58.06
N LYS AA 156 20.06 -25.21 -59.20
CA LYS AA 156 19.94 -23.76 -59.34
C LYS AA 156 18.56 -23.41 -59.85
N VAL AA 157 17.88 -22.50 -59.15
CA VAL AA 157 16.58 -21.99 -59.55
C VAL AA 157 16.62 -20.47 -59.51
N ASN AA 158 15.98 -19.83 -60.49
CA ASN AA 158 15.90 -18.38 -60.57
C ASN AA 158 17.28 -17.72 -60.48
N GLY AA 159 18.30 -18.42 -60.97
CA GLY AA 159 19.65 -17.90 -60.92
C GLY AA 159 20.29 -17.93 -59.56
N THR AA 160 19.71 -18.64 -58.59
CA THR AA 160 20.24 -18.72 -57.24
C THR AA 160 20.71 -20.15 -56.95
N GLU AA 161 21.94 -20.28 -56.45
CA GLU AA 161 22.48 -21.58 -56.13
C GLU AA 161 21.79 -22.15 -54.89
N LEU AA 162 21.59 -23.46 -54.87
CA LEU AA 162 20.86 -24.10 -53.79
C LEU AA 162 21.28 -25.57 -53.69
N GLN AA 163 21.04 -26.14 -52.51
CA GLN AA 163 21.14 -27.57 -52.31
C GLN AA 163 19.89 -28.04 -51.55
N VAL AA 164 19.32 -29.15 -51.98
CA VAL AA 164 18.04 -29.63 -51.48
C VAL AA 164 18.28 -30.90 -50.68
N VAL AA 165 17.67 -30.97 -49.49
CA VAL AA 165 17.74 -32.15 -48.64
C VAL AA 165 16.35 -32.79 -48.68
N GLU AA 166 16.16 -33.76 -49.56
CA GLU AA 166 14.88 -34.43 -49.72
C GLU AA 166 14.75 -35.58 -48.73
N PHE AA 167 13.67 -35.58 -47.98
CA PHE AA 167 13.37 -36.66 -47.05
C PHE AA 167 11.95 -37.16 -47.31
N LYS AA 168 11.74 -38.46 -47.15
CA LYS AA 168 10.46 -39.09 -47.37
C LYS AA 168 10.08 -39.94 -46.17
N ILE AA 169 8.82 -39.86 -45.76
CA ILE AA 169 8.31 -40.63 -44.63
C ILE AA 169 7.45 -41.76 -45.19
N PRO AA 170 7.85 -43.02 -45.04
CA PRO AA 170 6.98 -44.12 -45.48
C PRO AA 170 5.78 -44.26 -44.57
N GLY AA 171 4.59 -44.29 -45.18
CA GLY AA 171 3.35 -44.37 -44.44
C GLY AA 171 2.75 -43.04 -44.04
N SER AA 172 3.49 -41.93 -44.21
CA SER AA 172 3.00 -40.59 -43.90
C SER AA 172 2.51 -40.49 -42.45
N ASN AA 173 3.20 -41.17 -41.54
CA ASN AA 173 2.86 -41.11 -40.13
C ASN AA 173 4.09 -41.48 -39.32
N LEU AA 174 4.46 -40.63 -38.38
CA LEU AA 174 5.61 -40.85 -37.52
C LEU AA 174 5.16 -40.91 -36.07
N PRO AA 175 5.87 -41.67 -35.22
CA PRO AA 175 5.58 -41.62 -33.79
C PRO AA 175 5.75 -40.20 -33.26
N VAL AA 176 4.89 -39.84 -32.31
CA VAL AA 176 4.89 -38.47 -31.80
C VAL AA 176 6.21 -38.13 -31.13
N ASP AA 177 6.80 -39.11 -30.42
CA ASP AA 177 8.10 -38.95 -29.78
C ASP AA 177 9.23 -39.54 -30.61
N PHE AA 178 9.14 -39.43 -31.93
CA PHE AA 178 10.15 -40.03 -32.80
C PHE AA 178 11.52 -39.39 -32.60
N LEU AA 179 11.55 -38.06 -32.44
CA LEU AA 179 12.82 -37.36 -32.32
C LEU AA 179 13.63 -37.80 -31.10
N HIS AA 180 12.98 -38.43 -30.12
CA HIS AA 180 13.71 -38.88 -28.93
C HIS AA 180 14.73 -39.95 -29.28
N HIS AA 181 14.39 -40.85 -30.19
CA HIS AA 181 15.24 -41.98 -30.53
C HIS AA 181 15.93 -41.83 -31.87
N TRP AA 182 15.85 -40.65 -32.50
CA TRP AA 182 16.47 -40.44 -33.80
C TRP AA 182 17.92 -40.04 -33.62
N ASP AA 183 18.83 -40.87 -34.14
CA ASP AA 183 20.27 -40.64 -34.01
C ASP AA 183 20.83 -39.88 -35.21
N LEU AA 184 20.25 -38.73 -35.53
CA LEU AA 184 20.70 -37.92 -36.65
C LEU AA 184 20.99 -36.51 -36.15
N LYS AA 185 22.26 -36.21 -35.92
CA LYS AA 185 22.71 -34.86 -35.58
C LYS AA 185 23.25 -34.24 -36.86
N ILE AA 186 22.53 -33.26 -37.39
CA ILE AA 186 22.87 -32.67 -38.68
C ILE AA 186 24.13 -31.79 -38.61
N GLU AA 187 24.58 -31.45 -37.40
CA GLU AA 187 25.75 -30.60 -37.26
C GLU AA 187 26.99 -31.28 -37.84
N ASP AA 188 27.12 -32.59 -37.64
CA ASP AA 188 28.30 -33.32 -38.10
C ASP AA 188 28.41 -33.40 -39.61
N PHE AA 189 27.35 -33.07 -40.34
CA PHE AA 189 27.36 -33.14 -41.79
C PHE AA 189 27.53 -31.78 -42.46
N ILE AA 190 27.88 -30.75 -41.69
CA ILE AA 190 28.07 -29.40 -42.22
C ILE AA 190 29.56 -29.14 -42.40
N ALA AA 191 29.96 -28.80 -43.61
CA ALA AA 191 31.36 -28.52 -43.89
C ALA AA 191 31.77 -27.19 -43.29
N THR AA 192 32.91 -27.18 -42.61
CA THR AA 192 33.44 -25.97 -42.00
C THR AA 192 34.41 -25.22 -42.91
N SER AA 193 34.71 -25.76 -44.09
CA SER AA 193 35.62 -25.14 -45.02
C SER AA 193 35.23 -25.56 -46.43
N PRO AA 194 35.52 -24.73 -47.44
CA PRO AA 194 35.13 -25.11 -48.81
C PRO AA 194 35.75 -26.41 -49.28
N ASN AA 195 37.00 -26.69 -48.89
CA ASN AA 195 37.66 -27.90 -49.36
C ASN AA 195 37.18 -29.16 -48.66
N GLU AA 196 36.70 -29.02 -47.42
CA GLU AA 196 36.28 -30.18 -46.65
C GLU AA 196 35.14 -30.92 -47.33
N GLN AA 197 35.21 -32.25 -47.33
CA GLN AA 197 34.19 -33.08 -47.95
C GLN AA 197 33.13 -33.43 -46.90
N LYS AA 198 31.93 -32.90 -47.10
CA LYS AA 198 30.80 -33.15 -46.21
C LYS AA 198 29.53 -33.15 -47.06
N PRO AA 199 28.46 -33.79 -46.58
CA PRO AA 199 27.20 -33.77 -47.34
C PRO AA 199 26.68 -32.37 -47.60
N VAL AA 200 26.84 -31.46 -46.65
CA VAL AA 200 26.36 -30.09 -46.78
C VAL AA 200 27.55 -29.19 -47.08
N LYS AA 201 27.49 -28.49 -48.21
CA LYS AA 201 28.59 -27.62 -48.61
C LYS AA 201 28.67 -26.40 -47.68
N PHE AA 202 29.88 -25.89 -47.52
CA PHE AA 202 30.11 -24.75 -46.65
C PHE AA 202 29.51 -23.48 -47.26
N ASP AA 203 28.69 -22.79 -46.47
CA ASP AA 203 28.09 -21.49 -46.78
C ASP AA 203 27.09 -21.55 -47.93
N VAL AA 204 26.87 -22.71 -48.53
CA VAL AA 204 25.92 -22.84 -49.64
C VAL AA 204 24.52 -22.95 -49.05
N PRO AA 205 23.54 -22.21 -49.56
CA PRO AA 205 22.18 -22.31 -49.03
C PRO AA 205 21.63 -23.72 -49.13
N VAL AA 206 20.87 -24.12 -48.11
CA VAL AA 206 20.31 -25.46 -48.01
C VAL AA 206 18.80 -25.36 -47.98
N ALA AA 207 18.13 -26.16 -48.81
CA ALA AA 207 16.68 -26.16 -48.91
C ALA AA 207 16.11 -27.46 -48.36
N LEU AA 208 14.96 -27.36 -47.71
CA LEU AA 208 14.27 -28.53 -47.16
C LEU AA 208 13.10 -28.88 -48.06
N TYR AA 209 13.00 -30.16 -48.42
CA TYR AA 209 11.99 -30.63 -49.36
C TYR AA 209 11.32 -31.87 -48.81
N GLY AA 210 10.04 -32.04 -49.15
CA GLY AA 210 9.29 -33.21 -48.75
C GLY AA 210 8.24 -32.90 -47.70
N PRO AA 211 7.06 -33.51 -47.83
CA PRO AA 211 6.01 -33.29 -46.84
C PRO AA 211 6.38 -33.86 -45.49
N GLY AA 212 5.90 -33.19 -44.44
CA GLY AA 212 6.19 -33.60 -43.09
C GLY AA 212 5.59 -32.66 -42.07
N PRO AA 213 5.65 -33.06 -40.80
CA PRO AA 213 5.07 -32.23 -39.73
C PRO AA 213 5.92 -31.00 -39.47
N ASN AA 214 5.32 -30.05 -38.75
CA ASN AA 214 6.02 -28.81 -38.45
C ASN AA 214 7.22 -29.04 -37.55
N TRP AA 215 7.11 -29.95 -36.58
CA TRP AA 215 8.22 -30.19 -35.67
C TRP AA 215 9.40 -30.82 -36.39
N LEU AA 216 9.14 -31.68 -37.38
CA LEU AA 216 10.23 -32.23 -38.17
C LEU AA 216 10.97 -31.14 -38.93
N TYR AA 217 10.24 -30.19 -39.52
CA TYR AA 217 10.88 -29.10 -40.23
C TYR AA 217 11.67 -28.21 -39.27
N ALA AA 218 11.08 -27.88 -38.11
CA ALA AA 218 11.77 -27.02 -37.16
C ALA AA 218 13.03 -27.69 -36.61
N PHE AA 219 12.95 -28.99 -36.30
CA PHE AA 219 14.11 -29.69 -35.79
C PHE AA 219 15.23 -29.76 -36.82
N LEU AA 220 14.87 -29.99 -38.09
CA LEU AA 220 15.88 -30.14 -39.12
C LEU AA 220 16.54 -28.82 -39.49
N THR AA 221 15.81 -27.71 -39.40
CA THR AA 221 16.33 -26.43 -39.84
C THR AA 221 16.98 -25.60 -38.73
N LEU AA 222 16.69 -25.92 -37.48
CA LEU AA 222 17.22 -25.11 -36.37
C LEU AA 222 18.74 -25.13 -36.29
N PRO AA 223 19.43 -26.27 -36.34
CA PRO AA 223 20.90 -26.24 -36.16
C PRO AA 223 21.65 -25.51 -37.26
N PHE AA 224 20.98 -24.98 -38.28
CA PHE AA 224 21.63 -24.27 -39.36
C PHE AA 224 21.85 -22.79 -39.06
N LYS AA 225 21.44 -22.31 -37.90
CA LYS AA 225 21.67 -20.92 -37.55
C LYS AA 225 23.17 -20.65 -37.45
N ASN AA 226 23.59 -19.50 -37.98
CA ASN AA 226 24.98 -19.07 -38.05
C ASN AA 226 25.84 -19.97 -38.95
N ARG AA 227 25.22 -20.88 -39.69
CA ARG AA 227 25.96 -21.80 -40.56
C ARG AA 227 25.57 -21.65 -42.03
N ASN AA 228 24.28 -21.68 -42.34
CA ASN AA 228 23.81 -21.60 -43.72
C ASN AA 228 22.46 -20.91 -43.75
N THR AA 229 22.14 -20.34 -44.91
CA THR AA 229 20.80 -19.84 -45.15
C THR AA 229 19.90 -21.00 -45.58
N VAL AA 230 18.70 -21.08 -45.00
CA VAL AA 230 17.82 -22.22 -45.20
C VAL AA 230 16.62 -21.81 -46.03
N PHE AA 231 16.15 -22.75 -46.85
CA PHE AA 231 14.94 -22.59 -47.63
C PHE AA 231 14.00 -23.75 -47.32
N VAL AA 232 12.71 -23.51 -47.47
CA VAL AA 232 11.69 -24.53 -47.22
C VAL AA 232 10.69 -24.52 -48.36
N PHE AA 233 10.16 -25.70 -48.66
CA PHE AA 233 9.21 -25.88 -49.75
C PHE AA 233 7.80 -25.90 -49.20
N ASN AA 234 6.93 -25.07 -49.77
CA ASN AA 234 5.53 -25.00 -49.39
C ASN AA 234 4.70 -25.46 -50.57
N SER AA 235 3.88 -26.49 -50.37
CA SER AA 235 3.12 -27.07 -51.48
C SER AA 235 1.91 -26.24 -51.86
N ARG AA 236 1.51 -25.26 -51.05
CA ARG AA 236 0.35 -24.44 -51.40
C ARG AA 236 0.61 -23.67 -52.68
N THR AA 237 1.83 -23.21 -52.89
CA THR AA 237 2.23 -22.54 -54.12
C THR AA 237 3.37 -23.24 -54.83
N SER AA 238 3.97 -24.26 -54.21
CA SER AA 238 4.99 -25.10 -54.84
C SER AA 238 6.22 -24.27 -55.24
N GLU AA 239 6.82 -23.62 -54.25
CA GLU AA 239 8.09 -22.92 -54.46
C GLU AA 239 8.77 -22.71 -53.12
N TYR AA 240 10.08 -22.50 -53.18
CA TYR AA 240 10.88 -22.40 -51.97
C TYR AA 240 10.71 -21.03 -51.31
N ILE AA 241 10.84 -21.01 -49.98
CA ILE AA 241 10.72 -19.80 -49.19
C ILE AA 241 11.94 -19.67 -48.31
N CYS AA 242 12.57 -18.49 -48.33
CA CYS AA 242 13.73 -18.21 -47.49
C CYS AA 242 13.28 -17.76 -46.11
N VAL AA 243 13.73 -18.47 -45.07
CA VAL AA 243 13.37 -18.17 -43.70
C VAL AA 243 14.58 -17.82 -42.84
N TYR AA 244 15.79 -17.89 -43.38
CA TYR AA 244 16.99 -17.45 -42.68
C TYR AA 244 17.90 -16.75 -43.67
N SER AA 245 18.44 -15.60 -43.26
CA SER AA 245 19.30 -14.77 -44.10
C SER AA 245 20.67 -14.71 -43.46
N LYS AA 246 21.66 -15.35 -44.09
CA LYS AA 246 23.05 -15.24 -43.68
C LYS AA 246 23.96 -14.78 -44.80
N SER AA 247 23.62 -15.05 -46.06
CA SER AA 247 24.39 -14.58 -47.21
C SER AA 247 23.82 -13.26 -47.71
N ALA AA 248 24.68 -12.50 -48.39
CA ALA AA 248 24.29 -11.20 -48.92
C ALA AA 248 23.36 -11.39 -50.10
N GLY AA 249 22.35 -10.51 -50.19
CA GLY AA 249 21.40 -10.55 -51.29
C GLY AA 249 20.26 -11.54 -51.13
N LEU AA 250 20.22 -12.28 -50.03
CA LEU AA 250 19.16 -13.26 -49.78
C LEU AA 250 18.42 -12.82 -48.51
N ALA AA 251 17.40 -11.99 -48.70
CA ALA AA 251 16.56 -11.57 -47.60
C ALA AA 251 15.70 -12.73 -47.12
N PRO AA 252 15.32 -12.75 -45.85
CA PRO AA 252 14.43 -13.81 -45.36
C PRO AA 252 12.99 -13.52 -45.77
N GLY AA 253 12.50 -14.28 -46.74
CA GLY AA 253 11.19 -14.03 -47.30
C GLY AA 253 11.21 -14.07 -48.82
N MET AA 254 12.41 -14.17 -49.39
CA MET AA 254 12.54 -14.31 -50.83
C MET AA 254 11.94 -15.62 -51.30
N VAL AA 255 11.30 -15.59 -52.47
CA VAL AA 255 10.60 -16.73 -53.02
C VAL AA 255 11.27 -17.16 -54.32
N LEU AA 256 11.56 -18.45 -54.44
CA LEU AA 256 12.21 -19.00 -55.62
C LEU AA 256 11.30 -20.05 -56.25
N LYS AA 257 10.78 -19.75 -57.44
CA LYS AA 257 9.90 -20.69 -58.12
C LYS AA 257 10.67 -21.93 -58.56
N GLY AA 258 10.06 -23.09 -58.37
CA GLY AA 258 10.68 -24.35 -58.73
C GLY AA 258 9.68 -25.45 -59.05
N PRO BA 2 -43.76 21.70 -0.66
CA PRO BA 2 -43.71 21.13 0.69
C PRO BA 2 -42.31 20.63 1.05
N GLN BA 3 -41.87 20.91 2.27
CA GLN BA 3 -40.58 20.48 2.76
C GLN BA 3 -40.71 19.04 3.25
N ALA BA 4 -39.58 18.36 3.45
CA ALA BA 4 -39.55 17.02 4.02
C ALA BA 4 -38.18 16.74 4.63
N PHE BA 5 -38.17 16.27 5.87
CA PHE BA 5 -36.94 15.86 6.54
C PHE BA 5 -36.86 14.35 6.55
N PHE BA 6 -35.65 13.81 6.34
CA PHE BA 6 -35.44 12.37 6.28
C PHE BA 6 -34.77 11.96 7.58
N SER BA 7 -35.44 11.08 8.34
CA SER BA 7 -34.87 10.54 9.57
C SER BA 7 -34.45 9.10 9.32
N HIS BA 8 -33.16 8.83 9.47
CA HIS BA 8 -32.60 7.54 9.11
C HIS BA 8 -31.28 7.34 9.83
N ASN BA 9 -30.82 6.09 9.80
CA ASN BA 9 -29.48 5.77 10.28
C ASN BA 9 -28.57 5.47 9.09
N ASN BA 10 -27.25 5.62 9.31
CA ASN BA 10 -26.29 5.52 8.22
C ASN BA 10 -26.27 4.16 7.55
N LYS BA 11 -26.80 3.11 8.22
CA LYS BA 11 -26.83 1.79 7.61
C LYS BA 11 -27.70 1.78 6.36
N ASP BA 12 -28.85 2.46 6.41
CA ASP BA 12 -29.79 2.50 5.31
C ASP BA 12 -29.55 3.68 4.37
N LYS BA 13 -28.40 4.35 4.51
CA LYS BA 13 -28.14 5.58 3.77
C LYS BA 13 -28.30 5.39 2.26
N LYS BA 14 -27.97 4.21 1.76
CA LYS BA 14 -28.05 3.97 0.32
C LYS BA 14 -29.50 4.07 -0.15
N ILE BA 15 -30.44 3.53 0.63
CA ILE BA 15 -31.85 3.57 0.23
C ILE BA 15 -32.48 4.94 0.45
N VAL BA 16 -31.97 5.74 1.40
CA VAL BA 16 -32.56 7.05 1.67
C VAL BA 16 -32.26 8.01 0.51
N LEU BA 17 -31.01 8.03 0.05
CA LEU BA 17 -30.63 8.98 -0.99
C LEU BA 17 -31.38 8.71 -2.29
N GLU BA 18 -31.53 7.44 -2.65
CA GLU BA 18 -32.29 7.12 -3.86
C GLU BA 18 -33.77 7.40 -3.67
N VAL BA 19 -34.29 7.28 -2.45
CA VAL BA 19 -35.61 7.83 -2.14
C VAL BA 19 -35.56 9.35 -2.14
N LEU BA 20 -34.46 9.91 -1.63
CA LEU BA 20 -34.31 11.35 -1.53
C LEU BA 20 -34.39 12.02 -2.90
N GLU BA 21 -33.61 11.52 -3.88
CA GLU BA 21 -33.54 12.21 -5.16
C GLU BA 21 -34.83 12.08 -5.94
N HIS BA 22 -35.54 10.96 -5.79
CA HIS BA 22 -36.83 10.81 -6.45
C HIS BA 22 -37.83 11.83 -5.93
N LEU BA 23 -37.84 12.06 -4.62
CA LEU BA 23 -38.70 13.09 -4.06
C LEU BA 23 -38.29 14.47 -4.53
N ARG BA 24 -36.99 14.68 -4.73
CA ARG BA 24 -36.51 15.97 -5.23
C ARG BA 24 -37.03 16.24 -6.63
N GLN BA 25 -37.05 15.22 -7.50
CA GLN BA 25 -37.58 15.39 -8.84
C GLN BA 25 -39.06 15.74 -8.83
N SER BA 26 -39.76 15.47 -7.73
CA SER BA 26 -41.16 15.82 -7.60
C SER BA 26 -41.38 17.22 -7.04
N LEU BA 27 -40.39 18.10 -7.19
CA LEU BA 27 -40.46 19.48 -6.71
C LEU BA 27 -40.75 19.55 -5.22
N VAL BA 28 -40.12 18.67 -4.44
CA VAL BA 28 -40.30 18.61 -3.00
C VAL BA 28 -39.02 19.14 -2.36
N ALA BA 29 -39.15 20.16 -1.51
CA ALA BA 29 -38.00 20.65 -0.75
C ALA BA 29 -37.58 19.59 0.25
N THR BA 30 -36.29 19.26 0.27
CA THR BA 30 -35.78 18.21 1.12
C THR BA 30 -34.56 18.70 1.90
N TRP BA 31 -34.48 18.27 3.16
CA TRP BA 31 -33.38 18.63 4.05
C TRP BA 31 -32.88 17.33 4.68
N ILE BA 32 -31.69 16.89 4.31
CA ILE BA 32 -31.14 15.64 4.85
C ILE BA 32 -30.25 15.90 6.06
N ASP BA 33 -29.36 16.90 5.98
CA ASP BA 33 -28.52 17.28 7.10
C ASP BA 33 -27.86 18.63 6.86
N SER BA 42 -30.19 20.97 13.42
CA SER BA 42 -30.79 19.65 13.55
C SER BA 42 -31.99 19.50 12.64
N LEU BA 43 -33.02 18.83 13.15
CA LEU BA 43 -34.27 18.64 12.42
C LEU BA 43 -35.43 19.08 13.31
N ILE BA 44 -35.24 18.99 14.63
CA ILE BA 44 -36.33 19.29 15.56
C ILE BA 44 -36.63 20.79 15.55
N GLN BA 45 -35.59 21.63 15.67
CA GLN BA 45 -35.82 23.06 15.59
C GLN BA 45 -36.13 23.53 14.18
N GLN BA 46 -35.67 22.79 13.16
CA GLN BA 46 -36.06 23.10 11.79
C GLN BA 46 -37.52 22.76 11.52
N ILE BA 47 -38.16 22.00 12.42
CA ILE BA 47 -39.59 21.77 12.30
C ILE BA 47 -40.35 23.08 12.45
N ILE BA 48 -39.94 23.91 13.40
CA ILE BA 48 -40.62 25.20 13.65
C ILE BA 48 -40.01 26.19 12.67
N ALA BA 49 -40.59 26.22 11.46
CA ALA BA 49 -40.16 27.13 10.42
C ALA BA 49 -41.18 27.17 9.28
N GLY BA 50 -41.48 28.35 8.78
CA GLY BA 50 -42.38 28.48 7.64
C GLY BA 50 -43.83 28.64 8.07
N ILE BA 51 -44.71 27.86 7.46
CA ILE BA 51 -46.15 27.99 7.66
C ILE BA 51 -46.67 26.77 8.41
N SER BA 52 -47.95 26.85 8.80
CA SER BA 52 -48.60 25.75 9.50
C SER BA 52 -48.47 24.42 8.76
N LYS BA 53 -48.53 24.45 7.43
CA LYS BA 53 -48.15 23.30 6.61
C LYS BA 53 -46.62 23.21 6.60
N SER BA 54 -46.09 22.79 7.75
CA SER BA 54 -44.65 22.89 8.00
C SER BA 54 -43.85 21.97 7.07
N GLN BA 55 -43.92 20.67 7.30
CA GLN BA 55 -43.35 19.66 6.40
C GLN BA 55 -43.89 18.29 6.82
N TYR BA 56 -43.38 17.26 6.17
CA TYR BA 56 -43.67 15.86 6.50
C TYR BA 56 -42.41 15.17 7.02
N PHE BA 57 -42.52 14.54 8.18
CA PHE BA 57 -41.42 13.77 8.74
C PHE BA 57 -41.33 12.40 8.10
N LEU BA 58 -40.13 11.99 7.69
CA LEU BA 58 -39.89 10.68 7.10
C LEU BA 58 -39.04 9.87 8.08
N ALA BA 59 -39.68 8.93 8.78
CA ALA BA 59 -38.99 8.06 9.72
C ALA BA 59 -38.71 6.73 9.03
N PHE BA 60 -37.46 6.52 8.62
CA PHE BA 60 -37.05 5.30 7.94
C PHE BA 60 -36.85 4.20 8.97
N LEU BA 61 -37.97 3.60 9.38
CA LEU BA 61 -37.93 2.56 10.39
C LEU BA 61 -37.23 1.31 9.86
N SER BA 62 -36.40 0.71 10.70
CA SER BA 62 -35.70 -0.52 10.34
C SER BA 62 -35.35 -1.26 11.62
N ASN BA 63 -34.98 -2.53 11.47
CA ASN BA 63 -34.54 -3.31 12.62
C ASN BA 63 -33.30 -2.68 13.25
N GLU BA 64 -32.37 -2.21 12.42
CA GLU BA 64 -31.19 -1.53 12.94
C GLU BA 64 -31.53 -0.10 13.37
N TYR BA 65 -32.52 0.52 12.72
CA TYR BA 65 -32.85 1.91 13.02
C TYR BA 65 -33.33 2.07 14.47
N LEU BA 66 -34.16 1.13 14.95
CA LEU BA 66 -34.72 1.28 16.29
C LEU BA 66 -33.73 0.88 17.39
N LYS BA 67 -32.53 0.44 17.03
CA LYS BA 67 -31.53 0.05 18.01
C LYS BA 67 -30.63 1.21 18.43
N SER BA 68 -30.88 2.42 17.92
CA SER BA 68 -30.10 3.59 18.27
C SER BA 68 -30.94 4.51 19.14
N ASP BA 69 -30.41 4.87 20.31
CA ASP BA 69 -31.14 5.76 21.21
C ASP BA 69 -31.25 7.17 20.63
N TRP BA 70 -30.26 7.58 19.84
CA TRP BA 70 -30.34 8.89 19.20
C TRP BA 70 -31.51 8.96 18.23
N CYS BA 71 -31.74 7.89 17.47
CA CYS BA 71 -32.89 7.85 16.58
C CYS BA 71 -34.19 7.86 17.35
N TRP BA 72 -34.26 7.12 18.47
CA TRP BA 72 -35.50 7.03 19.21
C TRP BA 72 -35.91 8.35 19.84
N ASP BA 73 -34.98 9.02 20.52
CA ASP BA 73 -35.33 10.29 21.14
C ASP BA 73 -35.68 11.34 20.09
N GLU BA 74 -34.99 11.34 18.95
CA GLU BA 74 -35.34 12.25 17.86
C GLU BA 74 -36.74 11.91 17.33
N LEU BA 75 -37.06 10.62 17.24
CA LEU BA 75 -38.40 10.22 16.82
C LEU BA 75 -39.45 10.65 17.83
N GLU BA 76 -39.13 10.57 19.12
CA GLU BA 76 -40.11 10.91 20.16
C GLU BA 76 -40.47 12.39 20.10
N GLN BA 77 -39.47 13.26 19.98
CA GLN BA 77 -39.76 14.69 19.85
C GLN BA 77 -40.54 14.97 18.56
N ALA BA 78 -40.25 14.23 17.50
CA ALA BA 78 -41.02 14.38 16.27
C ALA BA 78 -42.49 14.06 16.51
N TYR BA 79 -42.77 12.97 17.23
CA TYR BA 79 -44.15 12.63 17.53
C TYR BA 79 -44.74 13.54 18.60
N ALA BA 80 -43.90 14.06 19.50
CA ALA BA 80 -44.40 14.92 20.57
C ALA BA 80 -45.04 16.17 20.01
N LEU BA 81 -44.35 16.89 19.15
CA LEU BA 81 -44.92 18.06 18.50
C LEU BA 81 -45.74 17.71 17.27
N HIS BA 82 -45.78 16.43 16.87
CA HIS BA 82 -46.76 16.00 15.87
C HIS BA 82 -48.16 16.04 16.44
N GLN BA 83 -48.32 15.72 17.73
CA GLN BA 83 -49.62 15.82 18.37
C GLN BA 83 -50.15 17.25 18.35
N LYS BA 84 -49.25 18.24 18.38
CA LYS BA 84 -49.65 19.64 18.32
C LYS BA 84 -50.15 20.03 16.94
N GLY BA 85 -50.02 19.16 15.94
CA GLY BA 85 -50.44 19.48 14.58
C GLY BA 85 -49.42 20.24 13.77
N LYS BA 86 -48.25 20.53 14.32
CA LYS BA 86 -47.24 21.26 13.57
C LYS BA 86 -46.74 20.46 12.38
N VAL BA 87 -46.53 19.15 12.57
CA VAL BA 87 -46.01 18.28 11.53
C VAL BA 87 -46.75 16.95 11.61
N LYS BA 88 -46.91 16.31 10.44
CA LYS BA 88 -47.41 14.96 10.37
C LYS BA 88 -46.29 14.04 9.90
N ILE BA 89 -46.25 12.84 10.46
CA ILE BA 89 -45.17 11.89 10.24
C ILE BA 89 -45.71 10.75 9.38
N ILE BA 90 -44.89 10.28 8.45
CA ILE BA 90 -45.22 9.06 7.70
C ILE BA 90 -44.08 8.06 7.91
N PRO BA 91 -44.33 6.96 8.64
CA PRO BA 91 -43.26 6.00 8.92
C PRO BA 91 -43.09 5.04 7.76
N ILE BA 92 -41.91 5.08 7.14
CA ILE BA 92 -41.58 4.23 6.00
C ILE BA 92 -40.78 3.04 6.52
N LEU BA 93 -41.31 1.84 6.34
CA LEU BA 93 -40.71 0.62 6.89
C LEU BA 93 -39.74 0.03 5.87
N LEU BA 94 -38.47 -0.05 6.24
CA LEU BA 94 -37.50 -0.72 5.38
C LEU BA 94 -37.80 -2.21 5.26
N THR BA 95 -38.18 -2.84 6.38
CA THR BA 95 -38.56 -4.25 6.40
C THR BA 95 -40.06 -4.37 6.66
N ASN BA 96 -40.60 -5.55 6.42
CA ASN BA 96 -42.02 -5.77 6.61
C ASN BA 96 -42.34 -5.78 8.11
N ARG BA 97 -43.59 -5.43 8.43
CA ARG BA 97 -43.99 -5.24 9.82
C ARG BA 97 -43.75 -6.48 10.67
N ALA BA 98 -43.99 -7.68 10.10
CA ALA BA 98 -43.82 -8.90 10.89
C ALA BA 98 -42.37 -9.13 11.27
N GLN BA 99 -41.44 -8.69 10.43
CA GLN BA 99 -40.01 -8.87 10.69
C GLN BA 99 -39.43 -7.75 11.55
N LEU BA 100 -40.26 -6.81 11.99
CA LEU BA 100 -39.79 -5.80 12.93
C LEU BA 100 -39.43 -6.45 14.26
N ASP BA 101 -38.23 -6.15 14.76
CA ASP BA 101 -37.74 -6.75 16.00
C ASP BA 101 -38.30 -5.93 17.16
N LEU BA 102 -39.56 -6.20 17.50
CA LEU BA 102 -40.22 -5.49 18.58
C LEU BA 102 -39.86 -6.04 19.96
N ASN BA 103 -39.22 -7.22 20.01
CA ASN BA 103 -38.84 -7.78 21.30
C ASN BA 103 -37.65 -7.05 21.91
N ALA BA 104 -36.79 -6.49 21.06
CA ALA BA 104 -35.59 -5.83 21.56
C ALA BA 104 -35.93 -4.59 22.39
N LEU BA 105 -36.96 -3.86 21.99
CA LEU BA 105 -37.32 -2.64 22.70
C LEU BA 105 -37.91 -2.96 24.07
N THR BA 106 -37.80 -2.00 24.98
CA THR BA 106 -38.38 -2.12 26.30
C THR BA 106 -39.90 -1.98 26.22
N ASP BA 107 -40.55 -2.05 27.38
CA ASP BA 107 -42.01 -1.92 27.42
C ASP BA 107 -42.45 -0.56 26.93
N ALA BA 108 -41.78 0.51 27.38
CA ALA BA 108 -42.16 1.85 26.96
C ALA BA 108 -41.93 2.05 25.47
N ARG BA 109 -40.76 1.63 24.97
CA ARG BA 109 -40.46 1.80 23.55
C ARG BA 109 -41.41 0.98 22.67
N ARG BA 110 -41.68 -0.27 23.06
CA ARG BA 110 -42.56 -1.11 22.26
C ARG BA 110 -43.97 -0.55 22.21
N ASN BA 111 -44.49 -0.09 23.35
CA ASN BA 111 -45.82 0.51 23.37
C ASN BA 111 -45.86 1.79 22.53
N PHE BA 112 -44.81 2.60 22.63
CA PHE BA 112 -44.77 3.83 21.84
C PHE BA 112 -44.74 3.53 20.35
N LEU BA 113 -43.95 2.53 19.94
CA LEU BA 113 -43.88 2.16 18.53
C LEU BA 113 -45.21 1.58 18.05
N GLU BA 114 -45.84 0.75 18.88
CA GLU BA 114 -47.12 0.16 18.49
C GLU BA 114 -48.21 1.21 18.40
N SER BA 115 -48.16 2.22 19.27
CA SER BA 115 -49.17 3.27 19.24
C SER BA 115 -49.13 4.05 17.94
N ILE BA 116 -47.92 4.35 17.44
CA ILE BA 116 -47.80 5.13 16.22
C ILE BA 116 -47.94 4.26 14.97
N LEU BA 117 -47.77 2.94 15.09
CA LEU BA 117 -47.88 2.07 13.92
C LEU BA 117 -49.33 1.81 13.56
N THR BA 118 -50.22 1.78 14.54
CA THR BA 118 -51.62 1.46 14.30
C THR BA 118 -52.46 2.70 14.01
N ARG BA 119 -52.47 3.67 14.93
CA ARG BA 119 -53.30 4.85 14.75
C ARG BA 119 -52.83 5.72 13.59
N LEU BA 120 -51.58 5.55 13.14
CA LEU BA 120 -51.02 6.38 12.09
C LEU BA 120 -50.63 5.49 10.93
N LYS BA 121 -51.07 5.87 9.73
CA LYS BA 121 -50.84 5.05 8.54
C LYS BA 121 -49.36 5.03 8.17
N TYR BA 122 -48.85 3.84 7.86
CA TYR BA 122 -47.46 3.64 7.45
C TYR BA 122 -47.39 3.14 6.01
N VAL BA 123 -46.18 3.17 5.46
CA VAL BA 123 -45.93 2.76 4.09
C VAL BA 123 -44.85 1.68 4.12
N GLU BA 124 -45.06 0.61 3.36
CA GLU BA 124 -44.14 -0.51 3.31
C GLU BA 124 -43.24 -0.41 2.09
N PHE BA 125 -41.94 -0.67 2.29
CA PHE BA 125 -40.93 -0.56 1.24
C PHE BA 125 -40.28 -1.91 1.03
N ASP BA 126 -40.04 -2.26 -0.24
CA ASP BA 126 -39.32 -3.47 -0.59
C ASP BA 126 -38.32 -3.11 -1.68
N PRO BA 127 -37.03 -3.35 -1.46
CA PRO BA 127 -36.03 -2.97 -2.48
C PRO BA 127 -36.19 -3.73 -3.80
N HIS BA 128 -36.83 -4.89 -3.78
CA HIS BA 128 -37.01 -5.65 -5.02
C HIS BA 128 -37.91 -4.89 -6.00
N ASN BA 129 -39.01 -4.32 -5.49
CA ASN BA 129 -39.93 -3.55 -6.32
C ASN BA 129 -39.73 -2.05 -6.06
N MET BA 130 -38.72 -1.49 -6.74
CA MET BA 130 -38.41 -0.08 -6.55
C MET BA 130 -39.54 0.83 -7.04
N THR BA 131 -40.03 0.60 -8.25
CA THR BA 131 -40.95 1.55 -8.87
C THR BA 131 -42.24 1.69 -8.07
N ARG BA 132 -42.81 0.57 -7.62
CA ARG BA 132 -44.04 0.65 -6.84
C ARG BA 132 -43.77 1.19 -5.45
N SER BA 133 -42.64 0.81 -4.85
CA SER BA 133 -42.30 1.29 -3.51
C SER BA 133 -42.12 2.80 -3.50
N LEU BA 134 -41.43 3.34 -4.50
CA LEU BA 134 -41.22 4.79 -4.54
C LEU BA 134 -42.53 5.53 -4.73
N GLY BA 135 -43.43 5.00 -5.56
CA GLY BA 135 -44.72 5.64 -5.76
C GLY BA 135 -45.54 5.69 -4.48
N SER BA 136 -45.48 4.63 -3.68
CA SER BA 136 -46.23 4.61 -2.42
C SER BA 136 -45.73 5.70 -1.48
N VAL BA 137 -44.42 5.89 -1.40
CA VAL BA 137 -43.87 6.98 -0.59
C VAL BA 137 -44.33 8.33 -1.13
N ALA BA 138 -44.27 8.49 -2.45
CA ALA BA 138 -44.77 9.73 -3.06
C ALA BA 138 -46.26 9.89 -2.84
N GLU BA 139 -47.03 8.80 -2.99
CA GLU BA 139 -48.47 8.88 -2.78
C GLU BA 139 -48.78 9.26 -1.33
N ALA BA 140 -48.06 8.67 -0.37
CA ALA BA 140 -48.25 9.04 1.02
C ALA BA 140 -47.85 10.50 1.25
N LEU BA 141 -46.93 11.02 0.44
CA LEU BA 141 -46.53 12.41 0.58
C LEU BA 141 -47.64 13.35 0.16
N TRP BA 142 -48.29 13.06 -0.97
CA TRP BA 142 -49.25 13.97 -1.58
C TRP BA 142 -50.69 13.69 -1.17
N GLN BA 143 -50.94 12.68 -0.35
CA GLN BA 143 -52.32 12.27 -0.08
C GLN BA 143 -53.10 13.34 0.68
N ASN BA 144 -52.40 14.16 1.47
CA ASN BA 144 -53.01 15.23 2.23
C ASN BA 144 -52.59 16.61 1.75
N GLU BA 145 -52.09 16.70 0.53
CA GLU BA 145 -51.52 17.94 -0.01
C GLU BA 145 -52.41 18.47 -1.14
N ALA BA 146 -52.13 19.70 -1.53
CA ALA BA 146 -52.79 20.36 -2.66
C ALA BA 146 -52.20 19.85 -3.96
N VAL BA 147 -52.40 20.60 -5.04
CA VAL BA 147 -52.04 20.18 -6.40
C VAL BA 147 -50.72 19.43 -6.43
N ARG BA 148 -50.73 18.24 -7.03
CA ARG BA 148 -49.61 17.32 -7.01
C ARG BA 148 -48.51 17.76 -7.97
N PHE BA 149 -47.44 16.99 -8.01
CA PHE BA 149 -46.31 17.27 -8.90
C PHE BA 149 -45.62 15.95 -9.20
N GLU BA 150 -45.86 15.42 -10.39
CA GLU BA 150 -45.18 14.21 -10.83
C GLU BA 150 -43.71 14.52 -11.11
N PRO BA 151 -42.84 13.52 -11.05
CA PRO BA 151 -41.42 13.76 -11.31
C PRO BA 151 -41.19 14.34 -12.69
N ILE BA 152 -40.20 15.22 -12.79
CA ILE BA 152 -39.89 15.87 -14.05
C ILE BA 152 -39.37 14.85 -15.05
N ARG BA 153 -39.93 14.88 -16.25
CA ARG BA 153 -39.55 13.96 -17.32
C ARG BA 153 -39.06 14.76 -18.51
N MET BA 154 -37.96 14.31 -19.11
CA MET BA 154 -37.40 14.94 -20.29
C MET BA 154 -37.90 14.21 -21.53
N ILE BA 155 -38.62 14.93 -22.38
CA ILE BA 155 -39.20 14.37 -23.61
C ILE BA 155 -38.74 15.21 -24.78
N LYS BA 156 -38.18 14.54 -25.79
CA LYS BA 156 -37.79 15.20 -27.04
C LYS BA 156 -38.98 15.14 -27.99
N VAL BA 157 -39.60 16.27 -28.25
CA VAL BA 157 -40.78 16.37 -29.10
C VAL BA 157 -40.39 17.11 -30.37
N ASN BA 158 -40.64 16.48 -31.53
CA ASN BA 158 -40.35 17.06 -32.83
C ASN BA 158 -38.88 17.47 -32.94
N GLY BA 159 -38.01 16.65 -32.35
CA GLY BA 159 -36.58 16.88 -32.43
C GLY BA 159 -36.05 17.92 -31.48
N THR BA 160 -36.89 18.49 -30.62
CA THR BA 160 -36.46 19.51 -29.67
C THR BA 160 -36.53 18.93 -28.26
N GLU BA 161 -35.39 18.98 -27.56
CA GLU BA 161 -35.35 18.51 -26.18
C GLU BA 161 -36.18 19.43 -25.29
N LEU BA 162 -36.87 18.82 -24.32
CA LEU BA 162 -37.77 19.57 -23.46
C LEU BA 162 -38.07 18.74 -22.23
N GLN BA 163 -38.30 19.42 -21.11
CA GLN BA 163 -38.67 18.79 -19.86
C GLN BA 163 -40.07 19.25 -19.44
N VAL BA 164 -40.84 18.33 -18.85
CA VAL BA 164 -42.24 18.56 -18.53
C VAL BA 164 -42.39 18.59 -17.01
N VAL BA 165 -43.06 19.62 -16.52
CA VAL BA 165 -43.41 19.73 -15.10
C VAL BA 165 -44.89 19.37 -15.02
N GLU BA 166 -45.18 18.10 -14.78
CA GLU BA 166 -46.55 17.62 -14.72
C GLU BA 166 -47.14 17.88 -13.35
N PHE BA 167 -48.32 18.50 -13.31
CA PHE BA 167 -49.02 18.75 -12.07
C PHE BA 167 -50.50 18.39 -12.23
N LYS BA 168 -51.09 17.82 -11.19
CA LYS BA 168 -52.50 17.48 -11.18
C LYS BA 168 -53.12 17.95 -9.86
N ILE BA 169 -54.37 18.37 -9.93
CA ILE BA 169 -55.09 18.93 -8.79
C ILE BA 169 -55.97 17.85 -8.20
N PRO BA 170 -55.81 17.49 -6.92
CA PRO BA 170 -56.76 16.56 -6.31
C PRO BA 170 -58.16 17.14 -6.31
N GLY BA 171 -59.16 16.27 -6.46
CA GLY BA 171 -60.51 16.76 -6.62
C GLY BA 171 -60.66 17.51 -7.93
N SER BA 172 -61.30 18.68 -7.86
CA SER BA 172 -61.55 19.49 -9.04
C SER BA 172 -61.24 20.97 -8.88
N ASN BA 173 -61.21 21.50 -7.65
CA ASN BA 173 -61.05 22.93 -7.43
C ASN BA 173 -60.03 23.18 -6.33
N LEU BA 174 -59.52 24.41 -6.30
CA LEU BA 174 -58.59 24.88 -5.29
C LEU BA 174 -59.12 26.15 -4.65
N PRO BA 175 -58.72 26.43 -3.40
CA PRO BA 175 -59.12 27.70 -2.78
C PRO BA 175 -58.61 28.88 -3.57
N VAL BA 176 -59.39 29.97 -3.54
CA VAL BA 176 -59.04 31.17 -4.31
C VAL BA 176 -57.73 31.75 -3.79
N ASP BA 177 -57.56 31.80 -2.46
CA ASP BA 177 -56.36 32.31 -1.84
C ASP BA 177 -55.36 31.22 -1.49
N PHE BA 178 -55.37 30.10 -2.23
CA PHE BA 178 -54.46 29.00 -1.93
C PHE BA 178 -53.01 29.41 -2.12
N LEU BA 179 -52.74 30.25 -3.11
CA LEU BA 179 -51.36 30.67 -3.40
C LEU BA 179 -50.70 31.37 -2.22
N HIS BA 180 -51.49 31.94 -1.30
CA HIS BA 180 -50.92 32.65 -0.17
C HIS BA 180 -50.14 31.72 0.74
N HIS BA 181 -50.66 30.52 0.99
CA HIS BA 181 -50.07 29.59 1.94
C HIS BA 181 -49.22 28.51 1.29
N TRP BA 182 -49.02 28.57 -0.03
CA TRP BA 182 -48.22 27.56 -0.69
C TRP BA 182 -46.74 27.74 -0.37
N ASP BA 183 -46.03 26.63 -0.28
CA ASP BA 183 -44.61 26.60 0.05
C ASP BA 183 -43.79 25.99 -1.08
N LEU BA 184 -44.08 26.38 -2.31
CA LEU BA 184 -43.45 25.79 -3.49
C LEU BA 184 -42.89 26.89 -4.38
N LYS BA 185 -42.08 27.76 -3.80
CA LYS BA 185 -41.33 28.72 -4.60
C LYS BA 185 -40.36 27.96 -5.50
N ILE BA 186 -40.37 28.30 -6.80
CA ILE BA 186 -39.72 27.45 -7.79
C ILE BA 186 -38.29 27.88 -8.12
N GLU BA 187 -37.88 29.07 -7.70
CA GLU BA 187 -36.52 29.52 -8.01
C GLU BA 187 -35.45 28.70 -7.30
N ASP BA 188 -35.82 27.90 -6.32
CA ASP BA 188 -34.87 27.05 -5.60
C ASP BA 188 -34.66 25.70 -6.26
N PHE BA 189 -35.35 25.41 -7.37
CA PHE BA 189 -35.23 24.12 -8.04
C PHE BA 189 -34.63 24.27 -9.44
N ILE BA 190 -34.14 25.45 -9.79
CA ILE BA 190 -33.57 25.70 -11.10
C ILE BA 190 -32.05 25.60 -10.98
N ALA BA 191 -31.45 24.72 -11.78
CA ALA BA 191 -30.00 24.57 -11.77
C ALA BA 191 -29.34 25.79 -12.38
N THR BA 192 -28.23 26.22 -11.77
CA THR BA 192 -27.48 27.36 -12.27
C THR BA 192 -26.37 26.96 -13.23
N SER BA 193 -25.87 25.73 -13.13
CA SER BA 193 -24.82 25.24 -14.01
C SER BA 193 -25.19 23.84 -14.48
N PRO BA 194 -24.69 23.44 -15.66
CA PRO BA 194 -25.02 22.10 -16.17
C PRO BA 194 -24.59 20.98 -15.26
N ASN BA 195 -23.44 21.10 -14.60
CA ASN BA 195 -22.96 20.04 -13.72
C ASN BA 195 -23.77 19.97 -12.42
N GLU BA 196 -24.17 21.13 -11.90
CA GLU BA 196 -24.94 21.16 -10.65
C GLU BA 196 -26.28 20.46 -10.86
N GLN BA 197 -26.72 19.73 -9.84
CA GLN BA 197 -27.91 18.90 -9.94
C GLN BA 197 -29.09 19.57 -9.25
N LYS BA 198 -30.23 19.59 -9.94
CA LYS BA 198 -31.46 20.23 -9.46
C LYS BA 198 -32.63 19.56 -10.17
N PRO BA 199 -33.84 19.71 -9.64
CA PRO BA 199 -35.00 19.14 -10.35
C PRO BA 199 -35.18 19.68 -11.75
N VAL BA 200 -34.85 20.94 -11.99
CA VAL BA 200 -35.00 21.57 -13.31
C VAL BA 200 -33.61 21.73 -13.91
N LYS BA 201 -33.42 21.20 -15.11
CA LYS BA 201 -32.12 21.27 -15.77
C LYS BA 201 -31.78 22.71 -16.14
N PHE BA 202 -30.48 22.99 -16.19
CA PHE BA 202 -30.03 24.34 -16.54
C PHE BA 202 -30.13 24.57 -18.03
N ASP BA 203 -30.81 25.66 -18.41
CA ASP BA 203 -31.02 26.18 -19.76
C ASP BA 203 -31.91 25.29 -20.63
N VAL BA 204 -32.34 24.13 -20.14
CA VAL BA 204 -33.23 23.27 -20.91
C VAL BA 204 -34.63 23.84 -20.86
N PRO BA 205 -35.33 23.96 -22.00
CA PRO BA 205 -36.70 24.48 -21.98
C PRO BA 205 -37.61 23.61 -21.12
N VAL BA 206 -38.49 24.27 -20.38
CA VAL BA 206 -39.41 23.60 -19.46
C VAL BA 206 -40.82 23.73 -20.01
N ALA BA 207 -41.67 22.76 -19.70
CA ALA BA 207 -43.05 22.74 -20.16
C ALA BA 207 -43.97 22.48 -18.98
N LEU BA 208 -45.10 23.19 -18.95
CA LEU BA 208 -46.12 23.01 -17.93
C LEU BA 208 -47.30 22.28 -18.56
N TYR BA 209 -47.71 21.18 -17.93
CA TYR BA 209 -48.78 20.33 -18.47
C TYR BA 209 -49.74 20.00 -17.34
N GLY BA 210 -51.03 19.99 -17.65
CA GLY BA 210 -52.04 19.65 -16.69
C GLY BA 210 -53.12 20.71 -16.58
N PRO BA 211 -54.36 20.29 -16.37
CA PRO BA 211 -55.45 21.26 -16.21
C PRO BA 211 -55.27 22.08 -14.94
N GLY BA 212 -55.71 23.34 -15.01
CA GLY BA 212 -55.61 24.23 -13.87
C GLY BA 212 -56.10 25.62 -14.18
N PRO BA 213 -56.20 26.45 -13.15
CA PRO BA 213 -56.66 27.83 -13.35
C PRO BA 213 -55.60 28.68 -14.03
N ASN BA 214 -56.04 29.84 -14.51
CA ASN BA 214 -55.14 30.74 -15.22
C ASN BA 214 -54.03 31.24 -14.31
N TRP BA 215 -54.36 31.59 -13.07
CA TRP BA 215 -53.35 32.16 -12.18
C TRP BA 215 -52.29 31.13 -11.80
N LEU BA 216 -52.65 29.85 -11.72
CA LEU BA 216 -51.65 28.84 -11.41
C LEU BA 216 -50.60 28.75 -12.51
N TYR BA 217 -51.02 28.81 -13.77
CA TYR BA 217 -50.05 28.82 -14.87
C TYR BA 217 -49.20 30.07 -14.84
N ALA BA 218 -49.81 31.23 -14.59
CA ALA BA 218 -49.06 32.48 -14.55
C ALA BA 218 -48.07 32.48 -13.38
N PHE BA 219 -48.50 31.97 -12.22
CA PHE BA 219 -47.62 31.96 -11.05
C PHE BA 219 -46.40 31.08 -11.28
N LEU BA 220 -46.58 29.93 -11.94
CA LEU BA 220 -45.46 29.04 -12.19
C LEU BA 220 -44.55 29.56 -13.30
N THR BA 221 -45.14 30.14 -14.34
CA THR BA 221 -44.35 30.56 -15.51
C THR BA 221 -43.48 31.77 -15.20
N LEU BA 222 -43.97 32.66 -14.34
CA LEU BA 222 -43.32 33.95 -14.14
C LEU BA 222 -41.87 33.85 -13.66
N PRO BA 223 -41.53 33.04 -12.64
CA PRO BA 223 -40.13 33.01 -12.19
C PRO BA 223 -39.14 32.48 -13.21
N PHE BA 224 -39.61 31.95 -14.34
CA PHE BA 224 -38.74 31.37 -15.34
C PHE BA 224 -38.17 32.39 -16.31
N LYS BA 225 -38.52 33.66 -16.17
CA LYS BA 225 -37.95 34.69 -17.04
C LYS BA 225 -36.45 34.80 -16.82
N ASN BA 226 -35.72 34.95 -17.92
CA ASN BA 226 -34.26 35.03 -17.94
C ASN BA 226 -33.58 33.77 -17.41
N ARG BA 227 -34.33 32.68 -17.24
CA ARG BA 227 -33.77 31.44 -16.73
C ARG BA 227 -33.88 30.30 -17.73
N ASN BA 228 -35.08 30.01 -18.22
CA ASN BA 228 -35.28 28.92 -19.16
C ASN BA 228 -36.40 29.30 -20.13
N THR BA 229 -36.37 28.68 -21.30
CA THR BA 229 -37.47 28.79 -22.24
C THR BA 229 -38.69 28.04 -21.69
N VAL BA 230 -39.86 28.64 -21.81
CA VAL BA 230 -41.08 28.13 -21.19
C VAL BA 230 -42.03 27.65 -22.27
N PHE BA 231 -42.64 26.49 -22.04
CA PHE BA 231 -43.67 25.95 -22.91
C PHE BA 231 -44.93 25.69 -22.10
N VAL BA 232 -46.09 25.90 -22.72
CA VAL BA 232 -47.37 25.72 -22.07
C VAL BA 232 -48.21 24.77 -22.91
N PHE BA 233 -48.89 23.83 -22.26
CA PHE BA 233 -49.72 22.85 -22.93
C PHE BA 233 -51.17 23.32 -22.94
N ASN BA 234 -51.78 23.32 -24.12
CA ASN BA 234 -53.17 23.70 -24.29
C ASN BA 234 -53.98 22.49 -24.72
N SER BA 235 -55.08 22.23 -24.01
CA SER BA 235 -55.88 21.04 -24.24
C SER BA 235 -56.89 21.19 -25.38
N ARG BA 236 -57.05 22.40 -25.92
CA ARG BA 236 -58.00 22.59 -27.02
C ARG BA 236 -57.57 21.78 -28.23
N THR BA 237 -56.28 21.78 -28.54
CA THR BA 237 -55.74 21.02 -29.66
C THR BA 237 -54.60 20.09 -29.27
N SER BA 238 -54.15 20.12 -28.01
CA SER BA 238 -53.15 19.21 -27.48
C SER BA 238 -51.78 19.33 -28.17
N GLU BA 239 -51.18 20.52 -28.11
CA GLU BA 239 -49.75 20.68 -28.36
C GLU BA 239 -49.18 21.62 -27.30
N TYR BA 240 -47.88 21.88 -27.41
CA TYR BA 240 -47.17 22.77 -26.50
C TYR BA 240 -47.01 24.13 -27.16
N ILE BA 241 -47.20 25.19 -26.38
CA ILE BA 241 -47.13 26.57 -26.86
C ILE BA 241 -45.95 27.25 -26.19
N CYS BA 242 -45.08 27.84 -26.99
CA CYS BA 242 -43.93 28.57 -26.48
C CYS BA 242 -44.33 29.98 -26.10
N VAL BA 243 -44.02 30.38 -24.86
CA VAL BA 243 -44.35 31.69 -24.38
C VAL BA 243 -43.12 32.55 -24.11
N TYR BA 244 -41.95 31.94 -23.90
CA TYR BA 244 -40.71 32.67 -23.67
C TYR BA 244 -39.59 32.01 -24.46
N SER BA 245 -38.70 32.82 -25.01
CA SER BA 245 -37.62 32.33 -25.87
C SER BA 245 -36.28 32.80 -25.33
N LYS BA 246 -35.60 31.93 -24.59
CA LYS BA 246 -34.24 32.19 -24.13
C LYS BA 246 -33.20 31.39 -24.89
N SER BA 247 -33.61 30.51 -25.79
CA SER BA 247 -32.69 29.65 -26.53
C SER BA 247 -32.74 29.99 -28.02
N ALA BA 248 -31.57 29.95 -28.66
CA ALA BA 248 -31.49 30.22 -30.09
C ALA BA 248 -32.21 29.14 -30.87
N GLY BA 249 -32.85 29.55 -31.96
CA GLY BA 249 -33.62 28.64 -32.78
C GLY BA 249 -35.06 28.44 -32.36
N LEU BA 250 -35.47 29.02 -31.24
CA LEU BA 250 -36.85 28.93 -30.76
C LEU BA 250 -37.44 30.33 -30.65
N ALA BA 251 -38.72 30.44 -30.96
CA ALA BA 251 -39.46 31.69 -30.89
C ALA BA 251 -40.77 31.47 -30.16
N PRO BA 252 -41.30 32.51 -29.51
CA PRO BA 252 -42.58 32.35 -28.81
C PRO BA 252 -43.74 32.18 -29.79
N GLY BA 253 -44.30 30.98 -29.86
CA GLY BA 253 -45.41 30.72 -30.75
C GLY BA 253 -45.34 29.40 -31.47
N MET BA 254 -44.20 28.71 -31.37
CA MET BA 254 -44.07 27.42 -32.02
C MET BA 254 -44.91 26.36 -31.33
N VAL BA 255 -45.26 25.32 -32.07
CA VAL BA 255 -46.14 24.26 -31.60
C VAL BA 255 -45.43 22.92 -31.78
N LEU BA 256 -45.51 22.07 -30.76
CA LEU BA 256 -44.94 20.72 -30.79
C LEU BA 256 -46.11 19.74 -30.80
N LYS BA 257 -46.40 19.20 -31.98
CA LYS BA 257 -47.49 18.24 -32.12
C LYS BA 257 -47.20 16.98 -31.31
N GLY BA 258 -48.21 16.52 -30.58
CA GLY BA 258 -48.07 15.33 -29.76
C GLY BA 258 -48.04 14.04 -30.57
N PRO CA 2 -49.52 46.46 -32.48
CA PRO CA 2 -49.44 46.97 -33.86
C PRO CA 2 -48.83 48.36 -33.93
N GLN CA 3 -48.14 48.65 -35.03
CA GLN CA 3 -47.51 49.94 -35.25
C GLN CA 3 -48.48 50.84 -36.00
N ALA CA 4 -48.18 52.14 -36.03
CA ALA CA 4 -48.99 53.12 -36.75
C ALA CA 4 -48.20 54.41 -36.92
N PHE CA 5 -48.17 54.92 -38.15
CA PHE CA 5 -47.60 56.23 -38.45
C PHE CA 5 -48.73 57.24 -38.61
N PHE CA 6 -48.49 58.45 -38.13
CA PHE CA 6 -49.48 59.53 -38.20
C PHE CA 6 -49.04 60.53 -39.25
N SER CA 7 -49.82 60.68 -40.30
CA SER CA 7 -49.57 61.65 -41.35
C SER CA 7 -50.50 62.83 -41.17
N HIS CA 8 -49.94 64.01 -40.93
CA HIS CA 8 -50.74 65.17 -40.57
C HIS CA 8 -49.95 66.45 -40.84
N ASN CA 9 -50.68 67.56 -40.84
CA ASN CA 9 -50.06 68.88 -40.91
C ASN CA 9 -49.86 69.42 -39.49
N ASN CA 10 -49.03 70.47 -39.38
CA ASN CA 10 -48.77 71.06 -38.08
C ASN CA 10 -49.99 71.81 -37.53
N LYS CA 11 -50.95 72.15 -38.39
CA LYS CA 11 -52.16 72.83 -37.90
C LYS CA 11 -52.99 71.91 -37.01
N ASP CA 12 -53.12 70.64 -37.41
CA ASP CA 12 -53.87 69.66 -36.63
C ASP CA 12 -52.97 68.90 -35.66
N LYS CA 13 -51.81 69.47 -35.31
CA LYS CA 13 -50.93 68.82 -34.35
C LYS CA 13 -51.58 68.72 -32.98
N LYS CA 14 -52.38 69.72 -32.61
CA LYS CA 14 -53.03 69.71 -31.30
C LYS CA 14 -53.98 68.52 -31.16
N ILE CA 15 -54.74 68.21 -32.21
CA ILE CA 15 -55.72 67.13 -32.12
C ILE CA 15 -55.09 65.77 -32.38
N VAL CA 16 -53.94 65.73 -33.05
CA VAL CA 16 -53.31 64.45 -33.38
C VAL CA 16 -52.72 63.80 -32.14
N LEU CA 17 -52.03 64.58 -31.30
CA LEU CA 17 -51.30 63.99 -30.19
C LEU CA 17 -52.25 63.38 -29.16
N GLU CA 18 -53.44 63.95 -28.99
CA GLU CA 18 -54.42 63.35 -28.10
C GLU CA 18 -55.00 62.08 -28.70
N VAL CA 19 -55.11 62.01 -30.03
CA VAL CA 19 -55.46 60.75 -30.67
C VAL CA 19 -54.33 59.75 -30.49
N LEU CA 20 -53.09 60.18 -30.68
CA LEU CA 20 -51.94 59.30 -30.48
C LEU CA 20 -51.85 58.84 -29.03
N GLU CA 21 -52.10 59.75 -28.08
CA GLU CA 21 -52.07 59.37 -26.68
C GLU CA 21 -53.14 58.33 -26.37
N HIS CA 22 -54.35 58.53 -26.88
CA HIS CA 22 -55.42 57.56 -26.66
C HIS CA 22 -55.07 56.22 -27.30
N LEU CA 23 -54.53 56.24 -28.51
CA LEU CA 23 -54.07 55.01 -29.14
C LEU CA 23 -52.92 54.37 -28.36
N ARG CA 24 -52.03 55.19 -27.81
CA ARG CA 24 -50.95 54.67 -26.99
C ARG CA 24 -51.47 53.94 -25.77
N GLN CA 25 -52.51 54.50 -25.13
CA GLN CA 25 -53.12 53.84 -23.99
C GLN CA 25 -53.76 52.51 -24.37
N SER CA 26 -54.01 52.28 -25.65
CA SER CA 26 -54.54 51.01 -26.14
C SER CA 26 -53.43 50.07 -26.60
N LEU CA 27 -52.21 50.22 -26.08
CA LEU CA 27 -51.09 49.34 -26.40
C LEU CA 27 -50.78 49.34 -27.89
N VAL CA 28 -50.88 50.49 -28.54
CA VAL CA 28 -50.60 50.63 -29.96
C VAL CA 28 -49.30 51.40 -30.11
N ALA CA 29 -48.32 50.80 -30.78
CA ALA CA 29 -47.05 51.47 -31.03
C ALA CA 29 -47.26 52.58 -32.05
N THR CA 30 -47.00 53.83 -31.64
CA THR CA 30 -47.21 54.98 -32.48
C THR CA 30 -45.88 55.67 -32.77
N TRP CA 31 -45.71 56.13 -34.00
CA TRP CA 31 -44.50 56.79 -34.45
C TRP CA 31 -44.90 58.04 -35.22
N ILE CA 32 -44.71 59.21 -34.61
CA ILE CA 32 -45.05 60.48 -35.26
C ILE CA 32 -43.83 61.09 -35.94
N ASP CA 33 -42.67 61.06 -35.29
CA ASP CA 33 -41.44 61.55 -35.89
C ASP CA 33 -40.22 61.06 -35.12
N SER CA 42 -37.96 59.93 -41.85
CA SER CA 42 -39.24 60.01 -42.54
C SER CA 42 -40.12 58.81 -42.19
N LEU CA 43 -41.07 58.50 -43.07
CA LEU CA 43 -42.03 57.43 -42.79
C LEU CA 43 -42.08 56.43 -43.94
N ILE CA 44 -41.76 56.87 -45.15
CA ILE CA 44 -41.89 56.01 -46.32
C ILE CA 44 -40.87 54.88 -46.28
N GLN CA 45 -39.65 55.17 -45.82
CA GLN CA 45 -38.64 54.13 -45.69
C GLN CA 45 -38.87 53.25 -44.47
N GLN CA 46 -39.52 53.77 -43.43
CA GLN CA 46 -39.85 52.96 -42.27
C GLN CA 46 -41.01 52.02 -42.53
N ILE CA 47 -41.65 52.13 -43.71
CA ILE CA 47 -42.71 51.20 -44.07
C ILE CA 47 -42.17 49.77 -44.13
N ILE CA 48 -41.01 49.61 -44.75
CA ILE CA 48 -40.42 48.26 -44.93
C ILE CA 48 -39.65 47.97 -43.65
N ALA CA 49 -40.37 47.41 -42.67
CA ALA CA 49 -39.78 47.06 -41.38
C ALA CA 49 -40.68 46.09 -40.62
N GLY CA 50 -40.09 45.02 -40.10
CA GLY CA 50 -40.84 44.09 -39.27
C GLY CA 50 -41.47 42.99 -40.08
N ILE CA 51 -42.74 42.70 -39.80
CA ILE CA 51 -43.46 41.60 -40.41
C ILE CA 51 -44.46 42.16 -41.41
N SER CA 52 -45.09 41.26 -42.18
CA SER CA 52 -46.10 41.65 -43.15
C SER CA 52 -47.20 42.49 -42.51
N LYS CA 53 -47.59 42.17 -41.27
CA LYS CA 53 -48.39 43.08 -40.46
C LYS CA 53 -47.50 44.24 -40.00
N SER CA 54 -47.18 45.12 -40.95
CA SER CA 54 -46.30 46.24 -40.67
C SER CA 54 -47.00 47.26 -39.77
N GLN CA 55 -48.07 47.87 -40.28
CA GLN CA 55 -48.82 48.88 -39.54
C GLN CA 55 -50.07 49.23 -40.35
N TYR CA 56 -50.87 50.14 -39.80
CA TYR CA 56 -51.98 50.76 -40.51
C TYR CA 56 -51.68 52.24 -40.66
N PHE CA 57 -51.75 52.75 -41.89
CA PHE CA 57 -51.42 54.15 -42.13
C PHE CA 57 -52.57 55.04 -41.68
N LEU CA 58 -52.26 56.05 -40.88
CA LEU CA 58 -53.24 57.02 -40.39
C LEU CA 58 -52.95 58.37 -41.05
N ALA CA 59 -53.57 58.62 -42.19
CA ALA CA 59 -53.42 59.88 -42.90
C ALA CA 59 -54.52 60.83 -42.44
N PHE CA 60 -54.14 61.88 -41.71
CA PHE CA 60 -55.10 62.84 -41.16
C PHE CA 60 -55.53 63.79 -42.27
N LEU CA 61 -56.60 63.40 -42.97
CA LEU CA 61 -57.14 64.24 -44.03
C LEU CA 61 -57.79 65.48 -43.43
N SER CA 62 -57.45 66.64 -43.98
CA SER CA 62 -57.97 67.90 -43.49
C SER CA 62 -57.93 68.92 -44.62
N ASN CA 63 -58.66 70.02 -44.42
CA ASN CA 63 -58.67 71.09 -45.42
C ASN CA 63 -57.28 71.67 -45.62
N GLU CA 64 -56.55 71.92 -44.53
CA GLU CA 64 -55.19 72.42 -44.65
C GLU CA 64 -54.24 71.33 -45.13
N TYR CA 65 -54.55 70.07 -44.83
CA TYR CA 65 -53.63 68.98 -45.13
C TYR CA 65 -53.41 68.83 -46.63
N LEU CA 66 -54.46 68.98 -47.43
CA LEU CA 66 -54.34 68.73 -48.86
C LEU CA 66 -53.80 69.92 -49.64
N LYS CA 67 -53.50 71.03 -48.99
CA LYS CA 67 -52.82 72.14 -49.64
C LYS CA 67 -51.31 72.03 -49.55
N SER CA 68 -50.79 70.98 -48.92
CA SER CA 68 -49.35 70.78 -48.76
C SER CA 68 -48.90 69.68 -49.71
N ASP CA 69 -47.98 70.02 -50.61
CA ASP CA 69 -47.44 69.01 -51.52
C ASP CA 69 -46.69 67.92 -50.77
N TRP CA 70 -45.89 68.32 -49.76
CA TRP CA 70 -45.13 67.34 -48.99
C TRP CA 70 -46.06 66.34 -48.31
N CYS CA 71 -47.15 66.82 -47.74
CA CYS CA 71 -48.15 65.92 -47.19
C CYS CA 71 -48.82 65.09 -48.28
N TRP CA 72 -48.96 65.67 -49.48
CA TRP CA 72 -49.66 64.98 -50.55
C TRP CA 72 -48.86 63.81 -51.12
N ASP CA 73 -47.58 64.03 -51.43
CA ASP CA 73 -46.81 62.95 -52.03
C ASP CA 73 -46.58 61.81 -51.04
N GLU CA 74 -46.52 62.12 -49.74
CA GLU CA 74 -46.39 61.08 -48.73
C GLU CA 74 -47.56 60.11 -48.79
N LEU CA 75 -48.78 60.64 -48.97
CA LEU CA 75 -49.94 59.78 -49.15
C LEU CA 75 -49.84 58.98 -50.45
N GLU CA 76 -49.32 59.61 -51.51
CA GLU CA 76 -49.19 58.91 -52.79
C GLU CA 76 -48.28 57.70 -52.68
N GLN CA 77 -47.09 57.87 -52.08
CA GLN CA 77 -46.20 56.75 -51.89
C GLN CA 77 -46.82 55.72 -50.94
N ALA CA 78 -47.49 56.18 -49.88
CA ALA CA 78 -48.09 55.25 -48.93
C ALA CA 78 -49.16 54.40 -49.60
N TYR CA 79 -49.99 55.01 -50.44
CA TYR CA 79 -51.03 54.24 -51.13
C TYR CA 79 -50.45 53.43 -52.27
N ALA CA 80 -49.34 53.91 -52.87
CA ALA CA 80 -48.76 53.21 -54.01
C ALA CA 80 -48.33 51.79 -53.64
N LEU CA 81 -47.60 51.65 -52.52
CA LEU CA 81 -47.21 50.32 -52.08
C LEU CA 81 -48.24 49.68 -51.16
N HIS CA 82 -49.30 50.41 -50.79
CA HIS CA 82 -50.41 49.79 -50.11
C HIS CA 82 -51.11 48.78 -51.02
N GLN CA 83 -51.05 49.00 -52.33
CA GLN CA 83 -51.58 48.02 -53.28
C GLN CA 83 -50.87 46.68 -53.15
N LYS CA 84 -49.58 46.70 -52.77
CA LYS CA 84 -48.84 45.47 -52.56
C LYS CA 84 -49.30 44.71 -51.33
N GLY CA 85 -50.14 45.31 -50.48
CA GLY CA 85 -50.59 44.69 -49.27
C GLY CA 85 -49.67 44.86 -48.08
N LYS CA 86 -48.57 45.61 -48.22
CA LYS CA 86 -47.65 45.79 -47.11
C LYS CA 86 -48.31 46.56 -45.96
N VAL CA 87 -49.06 47.61 -46.28
CA VAL CA 87 -49.69 48.46 -45.28
C VAL CA 87 -51.06 48.89 -45.79
N LYS CA 88 -52.01 48.97 -44.86
CA LYS CA 88 -53.34 49.49 -45.15
C LYS CA 88 -53.47 50.90 -44.58
N ILE CA 89 -54.29 51.71 -45.23
CA ILE CA 89 -54.44 53.12 -44.89
C ILE CA 89 -55.80 53.33 -44.26
N ILE CA 90 -55.84 54.05 -43.14
CA ILE CA 90 -57.10 54.46 -42.53
C ILE CA 90 -57.14 55.99 -42.59
N PRO CA 91 -57.94 56.57 -43.48
CA PRO CA 91 -57.99 58.04 -43.58
C PRO CA 91 -58.98 58.61 -42.57
N ILE CA 92 -58.47 59.43 -41.66
CA ILE CA 92 -59.28 60.07 -40.63
C ILE CA 92 -59.60 61.48 -41.09
N LEU CA 93 -60.89 61.80 -41.17
CA LEU CA 93 -61.36 63.06 -41.75
C LEU CA 93 -61.50 64.10 -40.65
N LEU CA 94 -60.60 65.08 -40.64
CA LEU CA 94 -60.67 66.16 -39.65
C LEU CA 94 -62.00 66.90 -39.77
N THR CA 95 -62.40 67.22 -41.00
CA THR CA 95 -63.72 67.77 -41.29
C THR CA 95 -64.53 66.74 -42.07
N ASN CA 96 -65.83 66.96 -42.12
CA ASN CA 96 -66.71 66.03 -42.81
C ASN CA 96 -66.47 66.07 -44.32
N ARG CA 97 -67.06 65.10 -45.01
CA ARG CA 97 -66.85 64.96 -46.45
C ARG CA 97 -67.37 66.16 -47.22
N ALA CA 98 -68.49 66.73 -46.79
CA ALA CA 98 -69.16 67.77 -47.58
C ALA CA 98 -68.30 69.02 -47.70
N GLN CA 99 -67.63 69.43 -46.62
CA GLN CA 99 -66.86 70.66 -46.61
C GLN CA 99 -65.44 70.50 -47.16
N LEU CA 100 -65.09 69.30 -47.62
CA LEU CA 100 -63.77 69.10 -48.21
C LEU CA 100 -63.65 69.89 -49.51
N ASP CA 101 -62.56 70.64 -49.65
CA ASP CA 101 -62.35 71.54 -50.78
C ASP CA 101 -61.64 70.78 -51.91
N LEU CA 102 -62.44 70.09 -52.72
CA LEU CA 102 -61.90 69.36 -53.86
C LEU CA 102 -61.71 70.24 -55.09
N ASN CA 103 -62.33 71.43 -55.12
CA ASN CA 103 -62.29 72.25 -56.32
C ASN CA 103 -60.92 72.85 -56.57
N ALA CA 104 -60.28 73.37 -55.51
CA ALA CA 104 -58.96 73.96 -55.68
C ALA CA 104 -57.92 72.92 -56.07
N LEU CA 105 -58.07 71.69 -55.59
CA LEU CA 105 -57.07 70.67 -55.82
C LEU CA 105 -57.22 70.13 -57.25
N THR CA 106 -56.09 69.73 -57.84
CA THR CA 106 -56.04 69.45 -59.27
C THR CA 106 -56.76 68.14 -59.61
N ASP CA 107 -56.91 67.89 -60.91
CA ASP CA 107 -57.75 66.79 -61.37
C ASP CA 107 -57.16 65.43 -61.02
N ALA CA 108 -55.89 65.20 -61.35
CA ALA CA 108 -55.30 63.90 -61.09
C ALA CA 108 -55.26 63.59 -59.61
N ARG CA 109 -54.91 64.58 -58.79
CA ARG CA 109 -54.95 64.38 -57.34
C ARG CA 109 -56.38 64.19 -56.85
N ARG CA 110 -57.32 64.96 -57.38
CA ARG CA 110 -58.72 64.81 -56.97
C ARG CA 110 -59.25 63.43 -57.31
N ASN CA 111 -58.90 62.92 -58.50
CA ASN CA 111 -59.25 61.55 -58.85
C ASN CA 111 -58.55 60.57 -57.91
N PHE CA 112 -57.29 60.85 -57.57
CA PHE CA 112 -56.58 60.01 -56.62
C PHE CA 112 -57.26 60.02 -55.25
N LEU CA 113 -57.65 61.21 -54.78
CA LEU CA 113 -58.32 61.29 -53.49
C LEU CA 113 -59.71 60.66 -53.54
N GLU CA 114 -60.44 60.88 -54.64
CA GLU CA 114 -61.76 60.27 -54.78
C GLU CA 114 -61.65 58.76 -54.92
N SER CA 115 -60.56 58.27 -55.51
CA SER CA 115 -60.37 56.83 -55.66
C SER CA 115 -60.25 56.14 -54.31
N ILE CA 116 -59.53 56.74 -53.37
CA ILE CA 116 -59.27 56.08 -52.10
C ILE CA 116 -60.39 56.30 -51.09
N LEU CA 117 -61.17 57.38 -51.23
CA LEU CA 117 -62.20 57.68 -50.24
C LEU CA 117 -63.39 56.73 -50.37
N THR CA 118 -63.79 56.41 -51.60
CA THR CA 118 -64.93 55.53 -51.80
C THR CA 118 -64.56 54.06 -51.77
N ARG CA 119 -63.48 53.67 -52.44
CA ARG CA 119 -63.08 52.27 -52.47
C ARG CA 119 -62.61 51.76 -51.11
N LEU CA 120 -62.23 52.65 -50.20
CA LEU CA 120 -61.71 52.27 -48.90
C LEU CA 120 -62.41 53.08 -47.82
N LYS CA 121 -62.81 52.40 -46.75
CA LYS CA 121 -63.63 53.03 -45.72
C LYS CA 121 -62.85 54.08 -44.94
N TYR CA 122 -63.47 55.22 -44.68
CA TYR CA 122 -62.89 56.30 -43.90
C TYR CA 122 -63.60 56.44 -42.56
N VAL CA 123 -63.00 57.25 -41.69
CA VAL CA 123 -63.54 57.51 -40.35
C VAL CA 123 -63.64 59.02 -40.16
N GLU CA 124 -64.79 59.46 -39.64
CA GLU CA 124 -65.06 60.88 -39.44
C GLU CA 124 -64.56 61.32 -38.08
N PHE CA 125 -64.11 62.58 -38.02
CA PHE CA 125 -63.60 63.18 -36.80
C PHE CA 125 -64.26 64.53 -36.60
N ASP CA 126 -64.77 64.77 -35.41
CA ASP CA 126 -65.41 66.03 -35.07
C ASP CA 126 -64.96 66.43 -33.67
N PRO CA 127 -64.68 67.71 -33.43
CA PRO CA 127 -64.17 68.10 -32.17
C PRO CA 127 -65.19 68.34 -31.06
N HIS CA 128 -66.48 68.10 -31.28
CA HIS CA 128 -67.46 68.18 -30.20
C HIS CA 128 -67.52 66.88 -29.41
N ASN CA 129 -67.56 65.73 -30.10
CA ASN CA 129 -67.78 64.45 -29.45
C ASN CA 129 -66.49 63.62 -29.44
N MET CA 130 -65.74 63.76 -28.34
CA MET CA 130 -64.57 62.92 -28.14
C MET CA 130 -64.93 61.46 -27.96
N THR CA 131 -65.91 61.18 -27.10
CA THR CA 131 -66.10 59.83 -26.58
C THR CA 131 -66.35 58.82 -27.69
N ARG CA 132 -67.15 59.20 -28.69
CA ARG CA 132 -67.36 58.30 -29.83
C ARG CA 132 -66.20 58.38 -30.80
N SER CA 133 -65.55 59.55 -30.89
CA SER CA 133 -64.55 59.76 -31.94
C SER CA 133 -63.33 58.87 -31.74
N LEU CA 134 -62.75 58.87 -30.54
CA LEU CA 134 -61.63 57.97 -30.29
C LEU CA 134 -62.06 56.51 -30.36
N GLY CA 135 -63.33 56.23 -30.08
CA GLY CA 135 -63.84 54.89 -30.26
C GLY CA 135 -63.86 54.48 -31.73
N SER CA 136 -64.21 55.41 -32.61
CA SER CA 136 -64.31 55.10 -34.03
C SER CA 136 -62.95 54.76 -34.62
N VAL CA 137 -61.93 55.58 -34.32
CA VAL CA 137 -60.60 55.31 -34.86
C VAL CA 137 -60.02 54.05 -34.23
N ALA CA 138 -60.28 53.82 -32.95
CA ALA CA 138 -59.86 52.58 -32.31
C ALA CA 138 -60.53 51.37 -32.93
N GLU CA 139 -61.83 51.50 -33.24
CA GLU CA 139 -62.55 50.40 -33.88
C GLU CA 139 -61.95 50.07 -35.24
N ALA CA 140 -61.62 51.10 -36.03
CA ALA CA 140 -60.98 50.88 -37.32
C ALA CA 140 -59.60 50.25 -37.13
N LEU CA 141 -58.91 50.61 -36.05
CA LEU CA 141 -57.60 50.03 -35.79
C LEU CA 141 -57.68 48.54 -35.54
N TRP CA 142 -58.69 48.11 -34.78
CA TRP CA 142 -58.81 46.72 -34.37
C TRP CA 142 -59.79 45.91 -35.23
N GLN CA 143 -60.40 46.52 -36.24
CA GLN CA 143 -61.40 45.81 -37.03
C GLN CA 143 -60.81 44.62 -37.77
N ASN CA 144 -59.74 44.85 -38.54
CA ASN CA 144 -59.07 43.80 -39.29
C ASN CA 144 -57.87 43.23 -38.54
N GLU CA 145 -57.80 43.47 -37.24
CA GLU CA 145 -56.69 43.02 -36.41
C GLU CA 145 -57.13 41.82 -35.58
N ALA CA 146 -56.15 41.19 -34.94
CA ALA CA 146 -56.39 40.09 -34.02
C ALA CA 146 -56.90 40.64 -32.69
N VAL CA 147 -56.81 39.83 -31.63
CA VAL CA 147 -57.35 40.17 -30.31
C VAL CA 147 -57.07 41.62 -29.96
N ARG CA 148 -58.12 42.34 -29.58
CA ARG CA 148 -58.07 43.78 -29.38
C ARG CA 148 -57.53 44.11 -27.99
N PHE CA 149 -57.23 45.39 -27.78
CA PHE CA 149 -56.80 45.90 -26.49
C PHE CA 149 -57.61 47.15 -26.15
N GLU CA 150 -58.09 47.21 -24.93
CA GLU CA 150 -58.83 48.37 -24.44
C GLU CA 150 -57.88 49.32 -23.73
N PRO CA 151 -58.21 50.61 -23.70
CA PRO CA 151 -57.36 51.57 -22.97
C PRO CA 151 -57.24 51.19 -21.50
N ILE CA 152 -56.04 51.37 -20.95
CA ILE CA 152 -55.78 50.98 -19.58
C ILE CA 152 -56.53 51.90 -18.63
N ARG CA 153 -57.24 51.31 -17.68
CA ARG CA 153 -58.05 52.05 -16.72
C ARG CA 153 -57.36 52.03 -15.36
N MET CA 154 -57.19 53.22 -14.78
CA MET CA 154 -56.55 53.38 -13.48
C MET CA 154 -57.63 53.18 -12.42
N ILE CA 155 -57.78 51.95 -11.95
CA ILE CA 155 -58.88 51.59 -11.06
C ILE CA 155 -58.32 51.11 -9.72
N LYS CA 156 -58.90 51.64 -8.64
CA LYS CA 156 -58.55 51.24 -7.29
C LYS CA 156 -59.60 50.25 -6.79
N VAL CA 157 -59.16 49.06 -6.43
CA VAL CA 157 -60.04 47.99 -5.96
C VAL CA 157 -59.63 47.61 -4.54
N ASN CA 158 -60.58 47.68 -3.61
CA ASN CA 158 -60.36 47.31 -2.22
C ASN CA 158 -59.17 48.06 -1.60
N GLY CA 159 -59.03 49.32 -1.98
CA GLY CA 159 -57.95 50.14 -1.47
C GLY CA 159 -56.60 49.89 -2.10
N THR CA 160 -56.54 49.10 -3.18
CA THR CA 160 -55.29 48.80 -3.86
C THR CA 160 -55.31 49.39 -5.26
N GLU CA 161 -54.18 50.00 -5.65
CA GLU CA 161 -54.09 50.65 -6.95
C GLU CA 161 -53.69 49.62 -8.02
N LEU CA 162 -54.49 49.55 -9.09
CA LEU CA 162 -54.22 48.63 -10.19
C LEU CA 162 -54.53 49.30 -11.51
N GLN CA 163 -53.80 48.91 -12.55
CA GLN CA 163 -54.07 49.34 -13.91
C GLN CA 163 -54.46 48.11 -14.71
N VAL CA 164 -55.74 48.01 -15.06
CA VAL CA 164 -56.28 46.82 -15.70
C VAL CA 164 -55.99 46.88 -17.20
N VAL CA 165 -55.39 45.82 -17.72
CA VAL CA 165 -55.14 45.68 -19.15
C VAL CA 165 -56.15 44.67 -19.67
N GLU CA 166 -57.27 45.16 -20.19
CA GLU CA 166 -58.34 44.31 -20.69
C GLU CA 166 -58.21 44.13 -22.20
N PHE CA 167 -58.24 42.87 -22.64
CA PHE CA 167 -58.17 42.54 -24.06
C PHE CA 167 -59.40 41.73 -24.45
N LYS CA 168 -59.88 41.95 -25.67
CA LYS CA 168 -61.05 41.26 -26.18
C LYS CA 168 -60.66 40.45 -27.42
N ILE CA 169 -61.08 39.20 -27.44
CA ILE CA 169 -60.78 38.28 -28.54
C ILE CA 169 -62.03 38.19 -29.41
N PRO CA 170 -62.00 38.68 -30.66
CA PRO CA 170 -63.15 38.54 -31.55
C PRO CA 170 -63.22 37.13 -32.11
N GLY CA 171 -64.35 36.45 -31.89
CA GLY CA 171 -64.52 35.09 -32.33
C GLY CA 171 -64.09 34.04 -31.34
N SER CA 172 -63.42 34.42 -30.25
CA SER CA 172 -62.97 33.51 -29.20
C SER CA 172 -62.21 32.31 -29.77
N ASN CA 173 -61.34 32.58 -30.75
CA ASN CA 173 -60.53 31.53 -31.35
C ASN CA 173 -59.34 32.17 -32.05
N LEU CA 174 -58.14 31.67 -31.74
CA LEU CA 174 -56.91 32.18 -32.34
C LEU CA 174 -56.10 31.02 -32.89
N PRO CA 175 -55.28 31.28 -33.91
CA PRO CA 175 -54.36 30.25 -34.41
C PRO CA 175 -53.38 29.83 -33.33
N VAL CA 176 -52.96 28.56 -33.39
CA VAL CA 176 -52.02 28.04 -32.40
C VAL CA 176 -50.69 28.79 -32.46
N ASP CA 177 -50.26 29.17 -33.65
CA ASP CA 177 -49.01 29.91 -33.85
C ASP CA 177 -49.25 31.42 -33.94
N PHE CA 178 -50.26 31.92 -33.22
CA PHE CA 178 -50.56 33.35 -33.25
C PHE CA 178 -49.39 34.16 -32.71
N LEU CA 179 -48.76 33.69 -31.63
CA LEU CA 179 -47.65 34.43 -31.04
C LEU CA 179 -46.45 34.50 -31.99
N HIS CA 180 -46.37 33.60 -32.98
CA HIS CA 180 -45.26 33.64 -33.92
C HIS CA 180 -45.26 34.91 -34.74
N HIS CA 181 -46.43 35.35 -35.20
CA HIS CA 181 -46.56 36.50 -36.07
C HIS CA 181 -47.14 37.72 -35.38
N TRP CA 182 -47.29 37.69 -34.06
CA TRP CA 182 -47.82 38.84 -33.32
C TRP CA 182 -46.66 39.76 -32.96
N ASP CA 183 -46.67 40.97 -33.53
CA ASP CA 183 -45.61 41.94 -33.30
C ASP CA 183 -45.98 42.86 -32.14
N LEU CA 184 -46.25 42.23 -30.99
CA LEU CA 184 -46.59 42.95 -29.77
C LEU CA 184 -45.75 42.40 -28.63
N LYS CA 185 -44.69 43.13 -28.29
CA LYS CA 185 -43.88 42.87 -27.11
C LYS CA 185 -44.20 43.99 -26.13
N ILE CA 186 -44.51 43.64 -24.89
CA ILE CA 186 -45.04 44.61 -23.94
C ILE CA 186 -43.96 45.43 -23.24
N GLU CA 187 -42.68 45.11 -23.44
CA GLU CA 187 -41.63 45.77 -22.67
C GLU CA 187 -41.57 47.27 -22.95
N ASP CA 188 -41.71 47.67 -24.22
CA ASP CA 188 -41.55 49.08 -24.57
C ASP CA 188 -42.67 49.96 -24.05
N PHE CA 189 -43.77 49.40 -23.56
CA PHE CA 189 -44.87 50.17 -23.01
C PHE CA 189 -44.80 50.29 -21.49
N ILE CA 190 -43.71 49.87 -20.87
CA ILE CA 190 -43.53 49.93 -19.43
C ILE CA 190 -42.67 51.13 -19.10
N ALA CA 191 -43.17 52.00 -18.23
CA ALA CA 191 -42.44 53.20 -17.86
C ALA CA 191 -41.30 52.86 -16.92
N THR CA 192 -40.11 53.36 -17.24
CA THR CA 192 -38.94 53.18 -16.38
C THR CA 192 -38.84 54.21 -15.26
N SER CA 193 -39.57 55.31 -15.37
CA SER CA 193 -39.57 56.37 -14.37
C SER CA 193 -40.99 56.90 -14.21
N PRO CA 194 -41.32 57.41 -13.02
CA PRO CA 194 -42.67 57.97 -12.83
C PRO CA 194 -43.00 59.10 -13.79
N ASN CA 195 -42.03 59.93 -14.15
CA ASN CA 195 -42.26 61.04 -15.06
C ASN CA 195 -42.33 60.61 -16.52
N GLU CA 196 -41.85 59.41 -16.84
CA GLU CA 196 -41.88 58.94 -18.22
C GLU CA 196 -43.31 58.71 -18.70
N GLN CA 197 -43.58 59.09 -19.94
CA GLN CA 197 -44.90 58.91 -20.53
C GLN CA 197 -44.93 57.55 -21.22
N LYS CA 198 -45.67 56.61 -20.65
CA LYS CA 198 -45.81 55.26 -21.16
C LYS CA 198 -47.20 54.75 -20.80
N PRO CA 199 -47.72 53.78 -21.55
CA PRO CA 199 -49.05 53.25 -21.20
C PRO CA 199 -49.11 52.64 -19.81
N VAL CA 200 -48.06 51.96 -19.37
CA VAL CA 200 -48.03 51.28 -18.08
C VAL CA 200 -47.26 52.16 -17.10
N LYS CA 201 -47.90 52.52 -16.00
CA LYS CA 201 -47.27 53.36 -15.00
C LYS CA 201 -46.15 52.61 -14.28
N PHE CA 202 -45.12 53.35 -13.91
CA PHE CA 202 -43.97 52.76 -13.24
C PHE CA 202 -44.35 52.29 -11.84
N ASP CA 203 -43.99 51.04 -11.53
CA ASP CA 203 -44.15 50.40 -10.23
C ASP CA 203 -45.62 50.19 -9.83
N VAL CA 204 -46.57 50.60 -10.66
CA VAL CA 204 -47.98 50.40 -10.34
C VAL CA 204 -48.38 48.98 -10.76
N PRO CA 205 -48.97 48.18 -9.86
CA PRO CA 205 -49.34 46.81 -10.22
C PRO CA 205 -50.32 46.78 -11.38
N VAL CA 206 -50.17 45.78 -12.24
CA VAL CA 206 -51.03 45.62 -13.41
C VAL CA 206 -51.92 44.40 -13.19
N ALA CA 207 -53.04 44.38 -13.91
CA ALA CA 207 -54.00 43.29 -13.85
C ALA CA 207 -54.43 42.90 -15.24
N LEU CA 208 -54.60 41.60 -15.46
CA LEU CA 208 -55.02 41.05 -16.74
C LEU CA 208 -56.51 40.72 -16.68
N TYR CA 209 -57.25 41.15 -17.70
CA TYR CA 209 -58.69 40.97 -17.76
C TYR CA 209 -59.10 40.41 -19.12
N GLY CA 210 -60.24 39.72 -19.13
CA GLY CA 210 -60.78 39.19 -20.34
C GLY CA 210 -60.48 37.72 -20.53
N PRO CA 211 -61.41 36.99 -21.15
CA PRO CA 211 -61.20 35.56 -21.40
C PRO CA 211 -60.12 35.33 -22.44
N GLY CA 212 -59.45 34.19 -22.32
CA GLY CA 212 -58.41 33.81 -23.25
C GLY CA 212 -57.73 32.52 -22.88
N PRO CA 213 -56.93 31.99 -23.79
CA PRO CA 213 -56.19 30.75 -23.51
C PRO CA 213 -55.13 30.98 -22.45
N ASN CA 214 -54.78 29.89 -21.76
CA ASN CA 214 -53.79 29.97 -20.70
C ASN CA 214 -52.42 30.40 -21.21
N TRP CA 215 -52.04 29.94 -22.41
CA TRP CA 215 -50.74 30.32 -22.95
C TRP CA 215 -50.67 31.79 -23.28
N LEU CA 216 -51.82 32.41 -23.62
CA LEU CA 216 -51.83 33.85 -23.83
C LEU CA 216 -51.53 34.60 -22.53
N TYR CA 217 -52.10 34.14 -21.41
CA TYR CA 217 -51.83 34.77 -20.13
C TYR CA 217 -50.37 34.64 -19.75
N ALA CA 218 -49.77 33.46 -19.97
CA ALA CA 218 -48.37 33.28 -19.65
C ALA CA 218 -47.49 34.19 -20.49
N PHE CA 219 -47.82 34.36 -21.77
CA PHE CA 219 -47.04 35.22 -22.64
C PHE CA 219 -47.06 36.67 -22.17
N LEU CA 220 -48.22 37.16 -21.74
CA LEU CA 220 -48.33 38.55 -21.33
C LEU CA 220 -47.75 38.78 -19.94
N THR CA 221 -47.96 37.83 -19.03
CA THR CA 221 -47.56 38.04 -17.63
C THR CA 221 -46.05 37.91 -17.46
N LEU CA 222 -45.41 37.11 -18.31
CA LEU CA 222 -43.99 36.79 -18.11
C LEU CA 222 -43.07 38.00 -18.15
N PRO CA 223 -43.17 38.91 -19.13
CA PRO CA 223 -42.21 40.03 -19.18
C PRO CA 223 -42.32 41.01 -18.03
N PHE CA 224 -43.29 40.85 -17.13
CA PHE CA 224 -43.49 41.78 -16.03
C PHE CA 224 -42.64 41.45 -14.81
N LYS CA 225 -41.82 40.40 -14.87
CA LYS CA 225 -40.95 40.08 -13.76
C LYS CA 225 -39.93 41.19 -13.55
N ASN CA 226 -39.68 41.54 -12.29
CA ASN CA 226 -38.76 42.61 -11.91
C ASN CA 226 -39.20 43.98 -12.41
N ARG CA 227 -40.42 44.09 -12.93
CA ARG CA 227 -40.93 45.34 -13.47
C ARG CA 227 -42.18 45.83 -12.76
N ASN CA 228 -43.17 44.97 -12.57
CA ASN CA 228 -44.41 45.37 -11.91
C ASN CA 228 -45.04 44.16 -11.23
N THR CA 229 -45.87 44.44 -10.23
CA THR CA 229 -46.66 43.38 -9.59
C THR CA 229 -47.79 42.96 -10.52
N VAL CA 230 -47.96 41.66 -10.69
CA VAL CA 230 -48.87 41.12 -11.70
C VAL CA 230 -50.12 40.58 -11.02
N PHE CA 231 -51.28 40.96 -11.55
CA PHE CA 231 -52.55 40.45 -11.11
C PHE CA 231 -53.27 39.82 -12.30
N VAL CA 232 -54.11 38.82 -12.03
CA VAL CA 232 -54.89 38.15 -13.06
C VAL CA 232 -56.33 38.02 -12.57
N PHE CA 233 -57.24 37.88 -13.53
CA PHE CA 233 -58.67 37.78 -13.25
C PHE CA 233 -59.16 36.38 -13.57
N ASN CA 234 -59.81 35.75 -12.59
CA ASN CA 234 -60.40 34.43 -12.76
C ASN CA 234 -61.91 34.56 -12.64
N SER CA 235 -62.63 34.05 -13.64
CA SER CA 235 -64.08 34.17 -13.67
C SER CA 235 -64.78 33.15 -12.79
N ARG CA 236 -64.05 32.20 -12.21
CA ARG CA 236 -64.67 31.23 -11.30
C ARG CA 236 -65.24 31.94 -10.08
N THR CA 237 -64.52 32.91 -9.53
CA THR CA 237 -64.99 33.71 -8.41
C THR CA 237 -65.07 35.19 -8.75
N SER CA 238 -64.79 35.57 -9.99
CA SER CA 238 -64.80 36.97 -10.44
C SER CA 238 -63.96 37.84 -9.51
N GLU CA 239 -62.77 37.36 -9.16
CA GLU CA 239 -61.87 38.08 -8.26
C GLU CA 239 -60.47 38.10 -8.85
N TYR CA 240 -59.75 39.18 -8.57
CA TYR CA 240 -58.37 39.32 -9.01
C TYR CA 240 -57.45 38.49 -8.14
N ILE CA 241 -56.45 37.88 -8.75
CA ILE CA 241 -55.50 37.01 -8.07
C ILE CA 241 -54.11 37.58 -8.25
N CYS CA 242 -53.37 37.69 -7.15
CA CYS CA 242 -52.00 38.18 -7.17
C CYS CA 242 -51.06 37.01 -7.44
N VAL CA 243 -50.25 37.12 -8.49
CA VAL CA 243 -49.29 36.08 -8.85
C VAL CA 243 -47.85 36.53 -8.71
N TYR CA 244 -47.59 37.82 -8.55
CA TYR CA 244 -46.24 38.33 -8.37
C TYR CA 244 -46.22 39.27 -7.18
N SER CA 245 -45.16 39.18 -6.38
CA SER CA 245 -44.99 40.00 -5.18
C SER CA 245 -43.73 40.85 -5.36
N LYS CA 246 -43.89 42.03 -5.93
CA LYS CA 246 -42.80 42.99 -6.03
C LYS CA 246 -43.02 44.21 -5.15
N SER CA 247 -44.23 44.74 -5.10
CA SER CA 247 -44.54 45.85 -4.20
C SER CA 247 -44.69 45.34 -2.77
N ALA CA 248 -44.41 46.23 -1.83
CA ALA CA 248 -44.48 45.87 -0.41
C ALA CA 248 -45.93 45.67 0.01
N GLY CA 249 -46.19 44.60 0.75
CA GLY CA 249 -47.52 44.32 1.26
C GLY CA 249 -48.43 43.56 0.32
N LEU CA 250 -48.01 43.31 -0.92
CA LEU CA 250 -48.82 42.59 -1.90
C LEU CA 250 -48.28 41.17 -2.01
N ALA CA 251 -48.75 40.30 -1.12
CA ALA CA 251 -48.35 38.90 -1.15
C ALA CA 251 -48.94 38.22 -2.38
N PRO CA 252 -48.25 37.22 -2.94
CA PRO CA 252 -48.80 36.49 -4.09
C PRO CA 252 -49.86 35.50 -3.66
N GLY CA 253 -51.12 35.83 -3.96
CA GLY CA 253 -52.23 35.00 -3.52
C GLY CA 253 -53.35 35.83 -2.90
N MET CA 254 -53.12 37.13 -2.78
CA MET CA 254 -54.14 38.02 -2.25
C MET CA 254 -55.30 38.14 -3.22
N VAL CA 255 -56.51 38.22 -2.67
CA VAL CA 255 -57.74 38.25 -3.46
C VAL CA 255 -58.35 39.64 -3.37
N LEU CA 256 -58.70 40.21 -4.52
CA LEU CA 256 -59.38 41.48 -4.61
C LEU CA 256 -60.73 41.28 -5.27
N LYS CA 257 -61.80 41.67 -4.59
CA LYS CA 257 -63.16 41.48 -5.09
C LYS CA 257 -63.42 42.51 -6.18
N GLY CA 258 -63.22 42.10 -7.43
CA GLY CA 258 -63.44 42.98 -8.56
C GLY CA 258 -64.89 43.04 -8.99
N PRO DA 2 -16.76 36.04 5.37
CA PRO DA 2 -16.63 35.45 6.70
C PRO DA 2 -15.21 35.02 7.03
N GLN DA 3 -14.75 35.34 8.23
CA GLN DA 3 -13.45 34.90 8.72
C GLN DA 3 -13.64 33.54 9.38
N ALA DA 4 -12.57 32.75 9.41
CA ALA DA 4 -12.59 31.42 10.01
C ALA DA 4 -11.33 31.21 10.83
N PHE DA 5 -11.52 30.90 12.11
CA PHE DA 5 -10.41 30.62 13.02
C PHE DA 5 -10.29 29.12 13.21
N PHE DA 6 -9.06 28.62 13.15
CA PHE DA 6 -8.80 27.19 13.22
C PHE DA 6 -8.18 26.87 14.58
N SER DA 7 -8.83 25.99 15.33
CA SER DA 7 -8.28 25.47 16.59
C SER DA 7 -7.89 24.02 16.37
N HIS DA 8 -6.63 23.70 16.61
CA HIS DA 8 -6.11 22.39 16.28
C HIS DA 8 -4.84 22.12 17.08
N ASN DA 9 -4.41 20.86 17.04
CA ASN DA 9 -3.14 20.47 17.61
C ASN DA 9 -2.14 20.15 16.50
N ASN DA 10 -0.86 20.33 16.80
CA ASN DA 10 0.18 20.12 15.79
C ASN DA 10 0.25 18.69 15.29
N LYS DA 11 -0.29 17.73 16.05
CA LYS DA 11 -0.33 16.35 15.56
C LYS DA 11 -1.20 16.23 14.33
N ASP DA 12 -2.36 16.90 14.33
CA ASP DA 12 -3.27 16.90 13.19
C ASP DA 12 -3.03 18.08 12.26
N LYS DA 13 -1.84 18.68 12.30
CA LYS DA 13 -1.58 19.88 11.51
C LYS DA 13 -1.80 19.62 10.02
N LYS DA 14 -1.37 18.46 9.54
CA LYS DA 14 -1.46 18.17 8.11
C LYS DA 14 -2.90 18.28 7.61
N ILE DA 15 -3.86 17.75 8.38
CA ILE DA 15 -5.25 17.82 7.97
C ILE DA 15 -5.81 19.23 8.02
N VAL DA 16 -5.09 20.18 8.61
CA VAL DA 16 -5.63 21.53 8.77
C VAL DA 16 -5.40 22.36 7.53
N LEU DA 17 -4.16 22.37 7.01
CA LEU DA 17 -3.82 23.34 5.96
C LEU DA 17 -4.65 23.15 4.71
N GLU DA 18 -4.80 21.92 4.22
CA GLU DA 18 -5.58 21.73 3.01
C GLU DA 18 -7.06 22.02 3.24
N VAL DA 19 -7.56 21.76 4.45
CA VAL DA 19 -8.89 22.25 4.81
C VAL DA 19 -8.90 23.77 4.77
N LEU DA 20 -7.88 24.40 5.33
CA LEU DA 20 -7.71 25.84 5.17
C LEU DA 20 -7.49 26.22 3.72
N GLU DA 21 -6.70 25.42 2.99
CA GLU DA 21 -6.46 25.68 1.57
C GLU DA 21 -7.75 25.60 0.77
N HIS DA 22 -8.58 24.59 1.04
CA HIS DA 22 -9.87 24.49 0.36
C HIS DA 22 -10.77 25.65 0.76
N LEU DA 23 -10.78 25.99 2.05
CA LEU DA 23 -11.63 27.07 2.51
C LEU DA 23 -11.17 28.42 1.98
N ARG DA 24 -9.86 28.61 1.85
CA ARG DA 24 -9.35 29.85 1.26
C ARG DA 24 -9.79 29.99 -0.19
N GLN DA 25 -9.80 28.88 -0.92
CA GLN DA 25 -10.30 28.90 -2.29
C GLN DA 25 -11.76 29.30 -2.37
N SER DA 26 -12.52 29.12 -1.29
CA SER DA 26 -13.92 29.51 -1.25
C SER DA 26 -14.12 30.95 -0.78
N LEU DA 27 -13.10 31.79 -0.94
CA LEU DA 27 -13.16 33.21 -0.58
C LEU DA 27 -13.47 33.40 0.89
N VAL DA 28 -12.90 32.56 1.75
CA VAL DA 28 -13.11 32.63 3.20
C VAL DA 28 -11.80 33.10 3.83
N ALA DA 29 -11.87 34.12 4.67
CA ALA DA 29 -10.69 34.59 5.39
C ALA DA 29 -10.33 33.58 6.46
N THR DA 30 -9.08 33.13 6.45
CA THR DA 30 -8.60 32.13 7.38
C THR DA 30 -7.45 32.68 8.21
N TRP DA 31 -7.55 32.51 9.53
CA TRP DA 31 -6.54 32.98 10.48
C TRP DA 31 -6.08 31.76 11.27
N ILE DA 32 -4.90 31.24 10.96
CA ILE DA 32 -4.39 30.04 11.61
C ILE DA 32 -3.53 30.38 12.83
N ASP DA 33 -2.63 31.35 12.70
CA ASP DA 33 -1.82 31.80 13.83
C ASP DA 33 -1.13 33.12 13.51
N SER DA 42 -2.71 34.42 19.68
CA SER DA 42 -3.83 33.63 20.18
C SER DA 42 -5.04 33.75 19.27
N LEU DA 43 -6.20 33.31 19.77
CA LEU DA 43 -7.42 33.33 18.98
C LEU DA 43 -8.55 34.00 19.74
N ILE DA 44 -8.43 34.06 21.07
CA ILE DA 44 -9.52 34.55 21.90
C ILE DA 44 -9.71 36.06 21.71
N GLN DA 45 -8.62 36.82 21.75
CA GLN DA 45 -8.74 38.28 21.66
C GLN DA 45 -9.10 38.76 20.27
N GLN DA 46 -8.79 37.97 19.23
CA GLN DA 46 -9.22 38.34 17.88
C GLN DA 46 -10.66 37.95 17.60
N ILE DA 47 -11.33 37.29 18.54
CA ILE DA 47 -12.78 37.11 18.42
C ILE DA 47 -13.47 38.47 18.44
N ILE DA 48 -13.03 39.36 19.32
CA ILE DA 48 -13.70 40.67 19.48
C ILE DA 48 -13.10 41.57 18.40
N ALA DA 49 -13.68 41.48 17.21
CA ALA DA 49 -13.25 42.27 16.06
C ALA DA 49 -14.27 42.22 14.94
N GLY DA 50 -14.60 43.37 14.37
CA GLY DA 50 -15.46 43.42 13.20
C GLY DA 50 -16.93 43.52 13.56
N ILE DA 51 -17.75 42.73 12.88
CA ILE DA 51 -19.20 42.81 13.00
C ILE DA 51 -19.68 41.59 13.79
N SER DA 52 -20.97 41.60 14.14
CA SER DA 52 -21.57 40.47 14.84
C SER DA 52 -21.34 39.15 14.09
N LYS DA 53 -21.33 39.18 12.77
CA LYS DA 53 -20.87 38.05 11.97
C LYS DA 53 -19.34 38.08 11.92
N SER DA 54 -18.75 37.80 13.08
CA SER DA 54 -17.32 38.00 13.28
C SER DA 54 -16.49 36.88 12.65
N GLN DA 55 -16.59 35.66 13.19
CA GLN DA 55 -16.00 34.47 12.58
C GLN DA 55 -16.81 33.27 13.03
N TYR DA 56 -16.45 32.09 12.52
CA TYR DA 56 -16.93 30.82 13.05
C TYR DA 56 -15.75 30.04 13.58
N PHE DA 57 -15.89 29.47 14.77
CA PHE DA 57 -14.80 28.73 15.40
C PHE DA 57 -14.74 27.32 14.82
N LEU DA 58 -13.56 26.91 14.36
CA LEU DA 58 -13.33 25.57 13.83
C LEU DA 58 -12.50 24.79 14.85
N ALA DA 59 -13.16 23.96 15.65
CA ALA DA 59 -12.48 23.14 16.65
C ALA DA 59 -12.24 21.76 16.07
N PHE DA 60 -11.00 21.49 15.68
CA PHE DA 60 -10.63 20.20 15.10
C PHE DA 60 -10.45 19.19 16.22
N LEU DA 61 -11.57 18.62 16.66
CA LEU DA 61 -11.54 17.66 17.76
C LEU DA 61 -10.86 16.37 17.31
N SER DA 62 -9.99 15.85 18.17
CA SER DA 62 -9.30 14.60 17.91
C SER DA 62 -8.98 13.95 19.25
N ASN DA 63 -8.68 12.65 19.21
CA ASN DA 63 -8.34 11.93 20.44
C ASN DA 63 -7.10 12.54 21.09
N GLU DA 64 -6.13 12.96 20.29
CA GLU DA 64 -4.97 13.64 20.85
C GLU DA 64 -5.30 15.09 21.19
N TYR DA 65 -6.23 15.70 20.45
CA TYR DA 65 -6.54 17.11 20.67
C TYR DA 65 -7.10 17.36 22.06
N LEU DA 66 -8.01 16.50 22.53
CA LEU DA 66 -8.63 16.71 23.82
C LEU DA 66 -7.73 16.30 24.98
N LYS DA 67 -6.51 15.84 24.70
CA LYS DA 67 -5.56 15.49 25.74
C LYS DA 67 -4.63 16.64 26.11
N SER DA 68 -4.77 17.79 25.46
CA SER DA 68 -3.94 18.96 25.72
C SER DA 68 -4.74 19.98 26.51
N ASP DA 69 -4.20 20.43 27.64
CA ASP DA 69 -4.89 21.43 28.45
C ASP DA 69 -4.99 22.77 27.73
N TRP DA 70 -3.95 23.14 26.99
CA TRP DA 70 -3.98 24.42 26.27
C TRP DA 70 -5.10 24.43 25.25
N CYS DA 71 -5.30 23.33 24.54
CA CYS DA 71 -6.41 23.24 23.59
C CYS DA 71 -7.75 23.29 24.31
N TRP DA 72 -7.86 22.62 25.46
CA TRP DA 72 -9.13 22.57 26.17
C TRP DA 72 -9.53 23.94 26.70
N ASP DA 73 -8.58 24.70 27.24
CA ASP DA 73 -8.89 26.04 27.70
C ASP DA 73 -9.30 26.95 26.55
N GLU DA 74 -8.67 26.82 25.38
CA GLU DA 74 -9.07 27.61 24.23
C GLU DA 74 -10.51 27.32 23.83
N LEU DA 75 -10.90 26.04 23.87
CA LEU DA 75 -12.27 25.68 23.52
C LEU DA 75 -13.25 26.24 24.54
N GLU DA 76 -12.89 26.23 25.83
CA GLU DA 76 -13.80 26.68 26.88
C GLU DA 76 -14.16 28.14 26.70
N GLN DA 77 -13.15 29.00 26.47
CA GLN DA 77 -13.43 30.41 26.26
C GLN DA 77 -14.19 30.63 24.96
N ALA DA 78 -13.88 29.84 23.92
CA ALA DA 78 -14.61 29.96 22.67
C ALA DA 78 -16.09 29.65 22.86
N TYR DA 79 -16.40 28.61 23.63
CA TYR DA 79 -17.80 28.30 23.91
C TYR DA 79 -18.40 29.28 24.90
N ALA DA 80 -17.57 29.85 25.77
CA ALA DA 80 -18.07 30.82 26.75
C ALA DA 80 -18.67 32.04 26.06
N LEU DA 81 -17.99 32.58 25.06
CA LEU DA 81 -18.53 33.70 24.30
C LEU DA 81 -19.47 33.25 23.18
N HIS DA 82 -19.51 31.94 22.90
CA HIS DA 82 -20.47 31.44 21.92
C HIS DA 82 -21.89 31.54 22.45
N GLN DA 83 -22.07 31.37 23.77
CA GLN DA 83 -23.38 31.58 24.36
C GLN DA 83 -23.86 33.01 24.20
N LYS DA 84 -22.92 33.96 24.16
CA LYS DA 84 -23.27 35.35 23.91
C LYS DA 84 -23.66 35.62 22.46
N GLY DA 85 -23.47 34.64 21.58
CA GLY DA 85 -23.79 34.80 20.18
C GLY DA 85 -22.74 35.49 19.34
N LYS DA 86 -21.59 35.83 19.93
CA LYS DA 86 -20.55 36.51 19.17
C LYS DA 86 -19.99 35.61 18.07
N VAL DA 87 -19.72 34.34 18.38
CA VAL DA 87 -19.14 33.40 17.44
C VAL DA 87 -19.80 32.04 17.65
N LYS DA 88 -20.11 31.37 16.54
CA LYS DA 88 -20.62 30.01 16.58
C LYS DA 88 -19.52 29.05 16.19
N ILE DA 89 -19.53 27.87 16.80
CA ILE DA 89 -18.45 26.91 16.70
C ILE DA 89 -18.87 25.79 15.76
N ILE DA 90 -17.95 25.34 14.92
CA ILE DA 90 -18.15 24.15 14.09
C ILE DA 90 -17.10 23.12 14.49
N PRO DA 91 -17.47 22.07 15.22
CA PRO DA 91 -16.49 21.07 15.66
C PRO DA 91 -16.24 20.03 14.58
N ILE DA 92 -15.00 19.91 14.14
CA ILE DA 92 -14.58 18.92 13.17
C ILE DA 92 -14.02 17.73 13.93
N LEU DA 93 -14.60 16.54 13.70
CA LEU DA 93 -14.13 15.32 14.33
C LEU DA 93 -13.14 14.63 13.41
N LEU DA 94 -11.86 14.66 13.78
CA LEU DA 94 -10.84 13.95 13.01
C LEU DA 94 -11.10 12.45 13.02
N THR DA 95 -11.45 11.90 14.19
CA THR DA 95 -11.86 10.52 14.32
C THR DA 95 -13.38 10.45 14.43
N ASN DA 96 -13.90 9.25 14.22
CA ASN DA 96 -15.35 9.05 14.32
C ASN DA 96 -15.76 9.21 15.78
N ARG DA 97 -17.04 9.54 15.99
CA ARG DA 97 -17.53 9.81 17.33
C ARG DA 97 -17.35 8.61 18.26
N ALA DA 98 -17.54 7.39 17.75
CA ALA DA 98 -17.45 6.21 18.60
C ALA DA 98 -16.04 6.02 19.15
N GLN DA 99 -15.02 6.25 18.33
CA GLN DA 99 -13.64 6.10 18.77
C GLN DA 99 -13.12 7.31 19.53
N LEU DA 100 -13.98 8.30 19.79
CA LEU DA 100 -13.58 9.40 20.65
C LEU DA 100 -13.41 8.88 22.07
N ASP DA 101 -12.22 9.06 22.63
CA ASP DA 101 -11.89 8.50 23.95
C ASP DA 101 -12.40 9.49 24.99
N LEU DA 102 -13.62 9.24 25.45
CA LEU DA 102 -14.22 10.07 26.49
C LEU DA 102 -13.81 9.67 27.89
N ASN DA 103 -13.17 8.51 28.05
CA ASN DA 103 -12.80 8.05 29.38
C ASN DA 103 -11.63 8.85 29.95
N ALA DA 104 -10.74 9.33 29.07
CA ALA DA 104 -9.57 10.07 29.55
C ALA DA 104 -9.97 11.36 30.25
N LEU DA 105 -10.95 12.08 29.70
CA LEU DA 105 -11.36 13.34 30.28
C LEU DA 105 -12.01 13.13 31.65
N THR DA 106 -11.86 14.13 32.50
CA THR DA 106 -12.49 14.09 33.82
C THR DA 106 -14.01 14.23 33.66
N ASP DA 107 -14.72 14.15 34.78
CA ASP DA 107 -16.17 14.27 34.75
C ASP DA 107 -16.60 15.64 34.24
N ALA DA 108 -15.93 16.70 34.69
CA ALA DA 108 -16.26 18.05 34.21
C ALA DA 108 -15.99 18.18 32.72
N ARG DA 109 -14.83 17.69 32.26
CA ARG DA 109 -14.50 17.79 30.85
C ARG DA 109 -15.43 16.94 30.00
N ARG DA 110 -15.73 15.72 30.46
CA ARG DA 110 -16.59 14.82 29.68
C ARG DA 110 -17.99 15.41 29.50
N ASN DA 111 -18.56 15.95 30.58
CA ASN DA 111 -19.88 16.55 30.49
C ASN DA 111 -19.86 17.79 29.59
N PHE DA 112 -18.81 18.60 29.69
CA PHE DA 112 -18.71 19.79 28.86
C PHE DA 112 -18.63 19.43 27.39
N LEU DA 113 -17.82 18.44 27.04
CA LEU DA 113 -17.71 18.03 25.64
C LEU DA 113 -18.99 17.35 25.17
N GLU DA 114 -19.61 16.53 26.03
CA GLU DA 114 -20.84 15.87 25.64
C GLU DA 114 -21.97 16.87 25.41
N SER DA 115 -22.06 17.89 26.26
CA SER DA 115 -23.12 18.88 26.12
C SER DA 115 -23.00 19.64 24.81
N ILE DA 116 -21.79 20.09 24.45
CA ILE DA 116 -21.63 20.85 23.22
C ILE DA 116 -21.74 19.97 21.99
N LEU DA 117 -21.46 18.67 22.11
CA LEU DA 117 -21.49 17.79 20.95
C LEU DA 117 -22.92 17.47 20.53
N THR DA 118 -23.84 17.41 21.50
CA THR DA 118 -25.22 17.06 21.19
C THR DA 118 -26.05 18.28 20.81
N ARG DA 119 -26.01 19.34 21.63
CA ARG DA 119 -26.80 20.53 21.34
C ARG DA 119 -26.31 21.27 20.10
N LEU DA 120 -25.04 21.10 19.74
CA LEU DA 120 -24.45 21.81 18.61
C LEU DA 120 -23.95 20.79 17.61
N LYS DA 121 -24.32 20.97 16.35
CA LYS DA 121 -24.02 19.98 15.32
C LYS DA 121 -22.55 20.00 14.93
N TYR DA 122 -22.01 18.80 14.75
CA TYR DA 122 -20.63 18.56 14.35
C TYR DA 122 -20.60 17.99 12.94
N VAL DA 123 -19.41 17.97 12.36
CA VAL DA 123 -19.19 17.44 11.01
C VAL DA 123 -18.16 16.32 11.09
N GLU DA 124 -18.49 15.17 10.53
CA GLU DA 124 -17.58 14.03 10.49
C GLU DA 124 -16.58 14.20 9.36
N PHE DA 125 -15.30 13.94 9.66
CA PHE DA 125 -14.22 14.09 8.70
C PHE DA 125 -13.42 12.81 8.64
N ASP DA 126 -13.12 12.36 7.41
CA ASP DA 126 -12.20 11.25 7.20
C ASP DA 126 -11.25 11.56 6.05
N PRO DA 127 -10.04 10.98 6.05
CA PRO DA 127 -9.12 11.28 4.93
C PRO DA 127 -9.41 10.46 3.69
N HIS DA 128 -10.14 9.34 3.81
CA HIS DA 128 -10.39 8.48 2.66
C HIS DA 128 -11.32 9.16 1.67
N ASN DA 129 -12.54 9.47 2.10
CA ASN DA 129 -13.48 10.23 1.27
C ASN DA 129 -13.21 11.72 1.45
N MET DA 130 -12.06 12.14 0.91
CA MET DA 130 -11.53 13.47 1.20
C MET DA 130 -12.41 14.57 0.59
N THR DA 131 -12.80 14.41 -0.67
CA THR DA 131 -13.59 15.45 -1.34
C THR DA 131 -14.93 15.66 -0.64
N ARG DA 132 -15.59 14.58 -0.25
CA ARG DA 132 -16.84 14.70 0.49
C ARG DA 132 -16.60 15.36 1.84
N SER DA 133 -15.51 14.99 2.52
CA SER DA 133 -15.22 15.56 3.83
C SER DA 133 -15.00 17.07 3.74
N LEU DA 134 -14.26 17.51 2.73
CA LEU DA 134 -14.06 18.95 2.55
C LEU DA 134 -15.37 19.65 2.26
N GLY DA 135 -16.23 19.05 1.42
CA GLY DA 135 -17.51 19.66 1.10
C GLY DA 135 -18.41 19.81 2.31
N SER DA 136 -18.44 18.78 3.16
CA SER DA 136 -19.28 18.84 4.36
C SER DA 136 -18.84 19.95 5.30
N VAL DA 137 -17.53 20.13 5.47
CA VAL DA 137 -17.02 21.21 6.30
C VAL DA 137 -17.40 22.56 5.71
N ALA DA 138 -17.24 22.71 4.39
CA ALA DA 138 -17.63 23.96 3.74
C ALA DA 138 -19.13 24.21 3.88
N GLU DA 139 -19.93 23.15 3.75
CA GLU DA 139 -21.38 23.30 3.86
C GLU DA 139 -21.77 23.81 5.24
N ALA DA 140 -21.08 23.35 6.29
CA ALA DA 140 -21.42 23.80 7.64
C ALA DA 140 -21.22 25.29 7.80
N LEU DA 141 -20.13 25.84 7.26
CA LEU DA 141 -19.90 27.28 7.31
C LEU DA 141 -20.95 28.04 6.53
N TRP DA 142 -21.28 27.56 5.33
CA TRP DA 142 -22.19 28.28 4.44
C TRP DA 142 -23.66 27.98 4.74
N GLN DA 143 -23.96 27.04 5.63
CA GLN DA 143 -25.34 26.69 5.91
C GLN DA 143 -26.08 27.86 6.56
N ASN DA 144 -25.46 28.52 7.53
CA ASN DA 144 -26.09 29.61 8.26
C ASN DA 144 -25.66 30.97 7.72
N GLU DA 145 -25.15 31.02 6.49
CA GLU DA 145 -24.57 32.23 5.93
C GLU DA 145 -25.44 32.77 4.81
N ALA DA 146 -25.07 33.97 4.35
CA ALA DA 146 -25.63 34.59 3.16
C ALA DA 146 -25.01 33.95 1.93
N VAL DA 147 -25.08 34.64 0.78
CA VAL DA 147 -24.71 34.09 -0.52
C VAL DA 147 -23.46 33.22 -0.44
N ARG DA 148 -23.50 32.07 -1.12
CA ARG DA 148 -22.43 31.09 -1.06
C ARG DA 148 -21.21 31.57 -1.84
N PHE DA 149 -20.18 30.73 -1.87
CA PHE DA 149 -19.00 31.02 -2.68
C PHE DA 149 -18.31 29.68 -2.97
N GLU DA 150 -18.51 29.18 -4.18
CA GLU DA 150 -17.84 27.96 -4.59
C GLU DA 150 -16.34 28.22 -4.75
N PRO DA 151 -15.52 27.18 -4.59
CA PRO DA 151 -14.08 27.36 -4.77
C PRO DA 151 -13.75 27.85 -6.17
N ILE DA 152 -12.72 28.70 -6.26
CA ILE DA 152 -12.33 29.28 -7.54
C ILE DA 152 -11.89 28.18 -8.48
N ARG DA 153 -12.52 28.13 -9.65
CA ARG DA 153 -12.22 27.12 -10.67
C ARG DA 153 -11.46 27.78 -11.80
N MET DA 154 -10.31 27.19 -12.16
CA MET DA 154 -9.52 27.67 -13.30
C MET DA 154 -9.95 26.88 -14.52
N ILE DA 155 -10.83 27.48 -15.31
CA ILE DA 155 -11.39 26.82 -16.47
C ILE DA 155 -10.90 27.50 -17.74
N LYS DA 156 -10.93 26.76 -18.84
CA LYS DA 156 -10.57 27.26 -20.16
C LYS DA 156 -11.81 27.26 -21.03
N VAL DA 157 -12.13 28.42 -21.61
CA VAL DA 157 -13.29 28.55 -22.49
C VAL DA 157 -12.83 29.18 -23.80
N ASN DA 158 -13.03 28.45 -24.90
CA ASN DA 158 -12.74 28.97 -26.25
C ASN DA 158 -11.30 29.47 -26.38
N GLY DA 159 -10.37 28.74 -25.77
CA GLY DA 159 -8.96 28.99 -25.97
C GLY DA 159 -8.31 29.95 -24.99
N THR DA 160 -9.08 30.59 -24.11
CA THR DA 160 -8.52 31.55 -23.17
C THR DA 160 -8.58 31.02 -21.75
N GLU DA 161 -7.72 31.54 -20.89
CA GLU DA 161 -7.62 31.14 -19.50
C GLU DA 161 -8.34 32.17 -18.63
N LEU DA 162 -9.12 31.69 -17.66
CA LEU DA 162 -9.72 32.57 -16.68
C LEU DA 162 -10.10 31.76 -15.45
N GLN DA 163 -10.27 32.47 -14.33
CA GLN DA 163 -10.73 31.86 -13.10
C GLN DA 163 -12.14 32.35 -12.80
N VAL DA 164 -13.05 31.42 -12.54
CA VAL DA 164 -14.46 31.73 -12.34
C VAL DA 164 -14.73 31.85 -10.85
N VAL DA 165 -15.66 32.74 -10.51
CA VAL DA 165 -16.07 32.97 -9.13
C VAL DA 165 -17.58 32.77 -9.11
N GLU DA 166 -18.01 31.55 -8.82
CA GLU DA 166 -19.42 31.19 -8.81
C GLU DA 166 -19.97 31.26 -7.39
N PHE DA 167 -21.08 31.95 -7.22
CA PHE DA 167 -21.72 32.10 -5.92
C PHE DA 167 -23.19 31.74 -6.03
N LYS DA 168 -23.74 31.19 -4.95
CA LYS DA 168 -25.14 30.81 -4.88
C LYS DA 168 -25.80 31.57 -3.74
N ILE DA 169 -27.00 32.08 -3.99
CA ILE DA 169 -27.76 32.84 -3.00
C ILE DA 169 -28.79 31.92 -2.39
N PRO DA 170 -28.71 31.58 -1.11
CA PRO DA 170 -29.79 30.81 -0.47
C PRO DA 170 -31.10 31.57 -0.57
N GLY DA 171 -32.18 30.82 -0.79
CA GLY DA 171 -33.43 31.48 -1.12
C GLY DA 171 -33.31 32.15 -2.48
N SER DA 172 -33.99 33.28 -2.63
CA SER DA 172 -33.95 34.00 -3.89
C SER DA 172 -33.66 35.48 -3.68
N ASN DA 173 -34.00 36.00 -2.51
CA ASN DA 173 -33.88 37.42 -2.22
C ASN DA 173 -32.89 37.64 -1.09
N LEU DA 174 -32.35 38.85 -1.02
CA LEU DA 174 -31.43 39.29 0.00
C LEU DA 174 -31.93 40.58 0.64
N PRO DA 175 -31.50 40.88 1.86
CA PRO DA 175 -31.80 42.20 2.43
C PRO DA 175 -31.28 43.30 1.53
N VAL DA 176 -32.04 44.39 1.44
CA VAL DA 176 -31.70 45.46 0.51
C VAL DA 176 -30.39 46.12 0.91
N ASP DA 177 -30.15 46.23 2.23
CA ASP DA 177 -28.90 46.77 2.77
C ASP DA 177 -27.90 45.69 3.14
N PHE DA 178 -27.87 44.59 2.37
CA PHE DA 178 -27.00 43.46 2.71
C PHE DA 178 -25.52 43.86 2.70
N LEU DA 179 -25.12 44.67 1.71
CA LEU DA 179 -23.71 45.03 1.58
C LEU DA 179 -23.19 45.79 2.79
N HIS DA 180 -24.07 46.46 3.54
CA HIS DA 180 -23.62 47.21 4.71
C HIS DA 180 -23.06 46.27 5.77
N HIS DA 181 -23.70 45.13 6.00
CA HIS DA 181 -23.29 44.19 7.03
C HIS DA 181 -22.30 43.14 6.52
N TRP DA 182 -22.05 43.09 5.21
CA TRP DA 182 -21.14 42.10 4.67
C TRP DA 182 -19.70 42.47 5.00
N ASP DA 183 -18.85 41.44 5.05
CA ASP DA 183 -17.44 41.60 5.37
C ASP DA 183 -16.58 40.80 4.39
N LEU DA 184 -16.89 40.91 3.10
CA LEU DA 184 -16.19 40.11 2.10
C LEU DA 184 -15.53 41.05 1.10
N LYS DA 185 -14.81 42.05 1.60
CA LYS DA 185 -14.01 42.88 0.71
C LYS DA 185 -12.98 42.02 -0.01
N ILE DA 186 -12.90 42.19 -1.33
CA ILE DA 186 -12.21 41.22 -2.18
C ILE DA 186 -10.77 41.62 -2.48
N GLU DA 187 -10.37 42.86 -2.21
CA GLU DA 187 -9.03 43.31 -2.53
C GLU DA 187 -7.94 42.59 -1.75
N ASP DA 188 -8.30 41.88 -0.67
CA ASP DA 188 -7.34 41.11 0.10
C ASP DA 188 -7.21 39.67 -0.38
N PHE DA 189 -7.95 39.27 -1.42
CA PHE DA 189 -7.88 37.92 -1.96
C PHE DA 189 -7.20 37.88 -3.32
N ILE DA 190 -6.65 39.00 -3.78
CA ILE DA 190 -6.01 39.11 -5.09
C ILE DA 190 -4.52 39.01 -4.90
N ALA DA 191 -3.89 38.05 -5.58
CA ALA DA 191 -2.45 37.90 -5.50
C ALA DA 191 -1.74 39.07 -6.18
N THR DA 192 -0.67 39.54 -5.56
CA THR DA 192 0.12 40.63 -6.12
C THR DA 192 1.28 40.14 -6.96
N SER DA 193 1.71 38.89 -6.78
CA SER DA 193 2.78 38.30 -7.56
C SER DA 193 2.40 36.90 -7.99
N PRO DA 194 2.93 36.41 -9.11
CA PRO DA 194 2.59 35.05 -9.56
C PRO DA 194 2.93 33.98 -8.54
N ASN DA 195 4.05 34.13 -7.82
CA ASN DA 195 4.43 33.12 -6.83
C ASN DA 195 3.59 33.19 -5.56
N GLU DA 196 3.06 34.37 -5.23
CA GLU DA 196 2.23 34.51 -4.05
C GLU DA 196 0.96 33.67 -4.19
N GLN DA 197 0.58 32.99 -3.11
CA GLN DA 197 -0.62 32.15 -3.11
C GLN DA 197 -1.77 32.99 -2.57
N LYS DA 198 -2.90 32.95 -3.26
CA LYS DA 198 -4.11 33.69 -2.94
C LYS DA 198 -5.27 33.01 -3.65
N PRO DA 199 -6.50 33.26 -3.21
CA PRO DA 199 -7.66 32.70 -3.93
C PRO DA 199 -7.73 33.15 -5.38
N VAL DA 200 -7.33 34.38 -5.69
CA VAL DA 200 -7.39 34.94 -7.03
C VAL DA 200 -5.98 35.01 -7.59
N LYS DA 201 -5.77 34.40 -8.75
CA LYS DA 201 -4.45 34.39 -9.37
C LYS DA 201 -4.08 35.78 -9.86
N PHE DA 202 -2.78 36.00 -10.03
CA PHE DA 202 -2.27 37.30 -10.44
C PHE DA 202 -2.44 37.50 -11.94
N ASP DA 203 -3.13 38.58 -12.31
CA ASP DA 203 -3.29 39.02 -13.69
C ASP DA 203 -4.12 38.03 -14.51
N VAL DA 204 -4.59 36.96 -13.89
CA VAL DA 204 -5.44 35.99 -14.60
C VAL DA 204 -6.85 36.57 -14.70
N PRO DA 205 -7.53 36.44 -15.84
CA PRO DA 205 -8.89 36.97 -15.95
C PRO DA 205 -9.83 36.37 -14.92
N VAL DA 206 -10.74 37.20 -14.42
CA VAL DA 206 -11.69 36.83 -13.39
C VAL DA 206 -13.08 36.84 -13.99
N ALA DA 207 -13.85 35.77 -13.78
CA ALA DA 207 -15.20 35.65 -14.28
C ALA DA 207 -16.16 35.46 -13.12
N LEU DA 208 -17.31 36.14 -13.19
CA LEU DA 208 -18.35 36.04 -12.17
C LEU DA 208 -19.52 35.24 -12.73
N TYR DA 209 -19.99 34.27 -11.94
CA TYR DA 209 -21.00 33.33 -12.38
C TYR DA 209 -22.09 33.23 -11.33
N GLY DA 210 -23.31 32.92 -11.77
CA GLY DA 210 -24.42 32.72 -10.87
C GLY DA 210 -25.42 33.86 -10.91
N PRO DA 211 -26.68 33.55 -10.61
CA PRO DA 211 -27.70 34.59 -10.64
C PRO DA 211 -27.61 35.50 -9.41
N GLY DA 212 -27.88 36.78 -9.63
CA GLY DA 212 -27.84 37.76 -8.56
C GLY DA 212 -28.29 39.13 -9.03
N PRO DA 213 -28.46 40.04 -8.08
CA PRO DA 213 -28.88 41.41 -8.43
C PRO DA 213 -27.74 42.17 -9.09
N ASN DA 214 -28.11 43.28 -9.74
CA ASN DA 214 -27.13 44.09 -10.44
C ASN DA 214 -26.13 44.70 -9.48
N TRP DA 215 -26.58 45.14 -8.30
CA TRP DA 215 -25.66 45.77 -7.35
C TRP DA 215 -24.66 44.77 -6.79
N LEU DA 216 -25.05 43.50 -6.67
CA LEU DA 216 -24.10 42.48 -6.24
C LEU DA 216 -22.99 42.33 -7.28
N TYR DA 217 -23.33 42.34 -8.56
CA TYR DA 217 -22.32 42.25 -9.60
C TYR DA 217 -21.43 43.49 -9.63
N ALA DA 218 -22.03 44.68 -9.53
CA ALA DA 218 -21.24 45.90 -9.56
C ALA DA 218 -20.29 45.98 -8.37
N PHE DA 219 -20.77 45.57 -7.19
CA PHE DA 219 -19.91 45.61 -6.00
C PHE DA 219 -18.71 44.68 -6.12
N LEU DA 220 -18.80 43.64 -6.94
CA LEU DA 220 -17.71 42.68 -7.07
C LEU DA 220 -16.72 43.06 -8.16
N THR DA 221 -17.19 43.56 -9.29
CA THR DA 221 -16.28 43.92 -10.37
C THR DA 221 -15.51 45.20 -10.07
N LEU DA 222 -16.11 46.13 -9.33
CA LEU DA 222 -15.50 47.44 -9.12
C LEU DA 222 -14.11 47.37 -8.50
N PRO DA 223 -13.86 46.58 -7.45
CA PRO DA 223 -12.50 46.53 -6.90
C PRO DA 223 -11.46 45.90 -7.83
N PHE DA 224 -11.88 45.33 -8.96
CA PHE DA 224 -10.95 44.67 -9.87
C PHE DA 224 -10.32 45.61 -10.88
N LYS DA 225 -10.61 46.90 -10.81
CA LYS DA 225 -9.96 47.85 -11.71
C LYS DA 225 -8.47 47.90 -11.45
N ASN DA 226 -7.69 47.95 -12.53
CA ASN DA 226 -6.23 47.94 -12.51
C ASN DA 226 -5.65 46.66 -11.93
N ARG DA 227 -6.47 45.62 -11.75
CA ARG DA 227 -5.99 44.35 -11.22
C ARG DA 227 -6.12 43.22 -12.22
N ASN DA 228 -7.33 42.95 -12.72
CA ASN DA 228 -7.55 41.84 -13.63
C ASN DA 228 -8.66 42.22 -14.60
N THR DA 229 -8.68 41.53 -15.74
CA THR DA 229 -9.83 41.60 -16.64
C THR DA 229 -11.02 40.91 -16.00
N VAL DA 230 -12.21 41.47 -16.21
CA VAL DA 230 -13.43 41.00 -15.56
C VAL DA 230 -14.36 40.43 -16.62
N PHE DA 231 -14.88 39.23 -16.38
CA PHE DA 231 -15.90 38.62 -17.19
C PHE DA 231 -17.16 38.41 -16.36
N VAL DA 232 -18.31 38.54 -17.00
CA VAL DA 232 -19.60 38.36 -16.34
C VAL DA 232 -20.45 37.43 -17.18
N PHE DA 233 -21.13 36.50 -16.52
CA PHE DA 233 -21.95 35.49 -17.18
C PHE DA 233 -23.37 36.03 -17.34
N ASN DA 234 -23.86 36.05 -18.57
CA ASN DA 234 -25.22 36.48 -18.85
C ASN DA 234 -26.06 35.27 -19.27
N SER DA 235 -27.19 35.08 -18.60
CA SER DA 235 -28.04 33.93 -18.86
C SER DA 235 -28.83 34.03 -20.16
N ARG DA 236 -28.90 35.22 -20.77
CA ARG DA 236 -29.68 35.37 -21.99
C ARG DA 236 -29.13 34.50 -23.11
N THR DA 237 -27.81 34.45 -23.25
CA THR DA 237 -27.16 33.59 -24.23
C THR DA 237 -26.16 32.63 -23.60
N SER DA 238 -26.11 32.57 -22.26
CA SER DA 238 -25.23 31.65 -21.55
C SER DA 238 -23.77 31.81 -21.96
N GLU DA 239 -23.32 33.06 -22.06
CA GLU DA 239 -21.98 33.35 -22.50
C GLU DA 239 -21.36 34.42 -21.60
N TYR DA 240 -20.03 34.34 -21.45
CA TYR DA 240 -19.30 35.33 -20.69
C TYR DA 240 -19.08 36.60 -21.51
N ILE DA 241 -19.15 37.74 -20.84
CA ILE DA 241 -18.98 39.04 -21.47
C ILE DA 241 -17.83 39.76 -20.78
N CYS DA 242 -16.88 40.26 -21.57
CA CYS DA 242 -15.73 40.98 -21.06
C CYS DA 242 -16.09 42.45 -20.87
N VAL DA 243 -15.86 42.95 -19.66
CA VAL DA 243 -16.18 44.33 -19.32
C VAL DA 243 -14.92 45.14 -19.03
N TYR DA 244 -13.84 44.49 -18.62
CA TYR DA 244 -12.56 45.14 -18.38
C TYR DA 244 -11.47 44.46 -19.20
N SER DA 245 -10.58 45.26 -19.77
CA SER DA 245 -9.47 44.75 -20.58
C SER DA 245 -8.18 45.38 -20.06
N LYS DA 246 -7.55 44.71 -19.10
CA LYS DA 246 -6.27 45.12 -18.55
C LYS DA 246 -5.10 44.38 -19.18
N SER DA 247 -5.35 43.49 -20.13
CA SER DA 247 -4.30 42.71 -20.76
C SER DA 247 -4.44 42.73 -22.27
N ALA DA 248 -3.32 42.56 -22.95
CA ALA DA 248 -3.31 42.54 -24.41
C ALA DA 248 -4.03 41.30 -24.94
N GLY DA 249 -4.62 41.44 -26.13
CA GLY DA 249 -5.39 40.37 -26.72
C GLY DA 249 -6.82 40.28 -26.23
N LEU DA 250 -7.23 41.16 -25.32
CA LEU DA 250 -8.59 41.17 -24.79
C LEU DA 250 -9.18 42.56 -24.97
N ALA DA 251 -10.39 42.60 -25.50
CA ALA DA 251 -11.14 43.83 -25.68
C ALA DA 251 -12.46 43.77 -24.93
N PRO DA 252 -12.93 44.88 -24.38
CA PRO DA 252 -14.20 44.83 -23.63
C PRO DA 252 -15.38 44.59 -24.54
N GLY DA 253 -15.96 43.40 -24.48
CA GLY DA 253 -17.11 43.06 -25.28
C GLY DA 253 -17.02 41.76 -26.05
N MET DA 254 -15.87 41.08 -26.05
CA MET DA 254 -15.79 39.80 -26.73
C MET DA 254 -16.58 38.75 -25.96
N VAL DA 255 -16.97 37.70 -26.66
CA VAL DA 255 -17.92 36.72 -26.14
C VAL DA 255 -17.27 35.34 -26.12
N LEU DA 256 -17.44 34.62 -25.01
CA LEU DA 256 -16.95 33.26 -24.87
C LEU DA 256 -18.14 32.32 -24.77
N LYS DA 257 -18.20 31.33 -25.66
CA LYS DA 257 -19.31 30.39 -25.69
C LYS DA 257 -19.14 29.36 -24.58
N GLY DA 258 -20.05 29.36 -23.62
CA GLY DA 258 -20.00 28.43 -22.51
C GLY DA 258 -20.33 27.00 -22.91
N PRO EA 2 -21.45 58.31 -28.11
CA PRO EA 2 -21.08 58.74 -29.46
C PRO EA 2 -20.40 60.11 -29.48
N GLN EA 3 -20.01 60.56 -30.65
CA GLN EA 3 -19.39 61.87 -30.83
C GLN EA 3 -20.09 62.60 -31.97
N ALA EA 4 -19.96 63.93 -32.00
CA ALA EA 4 -20.63 64.76 -32.99
C ALA EA 4 -19.71 65.85 -33.48
N PHE EA 5 -19.97 66.32 -34.70
CA PHE EA 5 -19.26 67.47 -35.28
C PHE EA 5 -20.25 68.62 -35.42
N PHE EA 6 -19.86 69.79 -34.91
CA PHE EA 6 -20.74 70.96 -34.94
C PHE EA 6 -20.25 71.89 -36.05
N SER EA 7 -21.06 72.08 -37.08
CA SER EA 7 -20.78 73.00 -38.16
C SER EA 7 -21.72 74.19 -38.06
N HIS EA 8 -21.16 75.38 -37.92
CA HIS EA 8 -21.96 76.57 -37.66
C HIS EA 8 -21.19 77.82 -38.05
N ASN EA 9 -21.91 78.93 -38.15
CA ASN EA 9 -21.32 80.23 -38.33
C ASN EA 9 -21.26 80.98 -36.99
N ASN EA 10 -20.36 81.95 -36.92
CA ASN EA 10 -20.17 82.70 -35.67
C ASN EA 10 -21.41 83.49 -35.26
N LYS EA 11 -22.32 83.76 -36.20
CA LYS EA 11 -23.55 84.45 -35.84
C LYS EA 11 -24.47 83.53 -35.03
N ASP EA 12 -24.41 82.22 -35.29
CA ASP EA 12 -25.18 81.23 -34.56
C ASP EA 12 -24.40 80.66 -33.38
N LYS EA 13 -23.30 81.30 -32.99
CA LYS EA 13 -22.46 80.77 -31.93
C LYS EA 13 -23.21 80.69 -30.61
N LYS EA 14 -23.98 81.71 -30.26
CA LYS EA 14 -24.61 81.78 -28.95
C LYS EA 14 -25.53 80.60 -28.71
N ILE EA 15 -26.26 80.17 -29.74
CA ILE EA 15 -27.15 79.03 -29.59
C ILE EA 15 -26.39 77.71 -29.65
N VAL EA 16 -25.16 77.70 -30.15
CA VAL EA 16 -24.45 76.44 -30.37
C VAL EA 16 -23.93 75.87 -29.05
N LEU EA 17 -23.31 76.71 -28.23
CA LEU EA 17 -22.74 76.20 -26.97
C LEU EA 17 -23.84 75.68 -26.05
N GLU EA 18 -24.97 76.39 -25.97
CA GLU EA 18 -26.08 75.89 -25.16
C GLU EA 18 -26.63 74.59 -25.73
N VAL EA 19 -26.57 74.42 -27.05
CA VAL EA 19 -26.83 73.11 -27.64
C VAL EA 19 -25.70 72.15 -27.31
N LEU EA 20 -24.46 72.62 -27.41
CA LEU EA 20 -23.32 71.79 -27.05
C LEU EA 20 -23.36 71.41 -25.57
N GLU EA 21 -23.68 72.37 -24.70
CA GLU EA 21 -23.75 72.07 -23.27
C GLU EA 21 -24.85 71.06 -22.98
N HIS EA 22 -26.01 71.22 -23.61
CA HIS EA 22 -27.09 70.25 -23.43
C HIS EA 22 -26.69 68.88 -23.94
N LEU EA 23 -26.03 68.83 -25.11
CA LEU EA 23 -25.54 67.55 -25.61
C LEU EA 23 -24.46 66.97 -24.72
N ARG EA 24 -23.55 67.82 -24.23
CA ARG EA 24 -22.49 67.32 -23.35
C ARG EA 24 -23.07 66.68 -22.09
N GLN EA 25 -24.14 67.26 -21.54
CA GLN EA 25 -24.83 66.66 -20.42
C GLN EA 25 -25.45 65.32 -20.78
N SER EA 26 -25.66 65.05 -22.07
CA SER EA 26 -26.22 63.79 -22.53
C SER EA 26 -25.15 62.75 -22.86
N LEU EA 27 -23.93 62.96 -22.39
CA LEU EA 27 -22.84 61.98 -22.49
C LEU EA 27 -22.49 61.65 -23.94
N VAL EA 28 -22.65 62.60 -24.85
CA VAL EA 28 -22.20 62.45 -26.23
C VAL EA 28 -21.00 63.38 -26.43
N ALA EA 29 -19.90 62.84 -26.94
CA ALA EA 29 -18.69 63.61 -27.14
C ALA EA 29 -18.93 64.69 -28.18
N THR EA 30 -18.37 65.87 -27.94
CA THR EA 30 -18.50 66.99 -28.87
C THR EA 30 -17.18 67.75 -28.97
N TRP EA 31 -16.69 67.90 -30.20
CA TRP EA 31 -15.50 68.69 -30.48
C TRP EA 31 -15.86 69.75 -31.52
N ILE EA 32 -15.84 71.02 -31.09
CA ILE EA 32 -16.16 72.14 -31.98
C ILE EA 32 -14.93 72.61 -32.76
N ASP EA 33 -13.83 72.91 -32.08
CA ASP EA 33 -12.64 73.44 -32.73
C ASP EA 33 -11.40 72.68 -32.27
N SER EA 42 -9.12 70.76 -38.14
CA SER EA 42 -10.44 71.07 -38.67
C SER EA 42 -11.45 69.98 -38.32
N LEU EA 43 -12.36 69.70 -39.24
CA LEU EA 43 -13.40 68.70 -39.00
C LEU EA 43 -13.44 67.67 -40.12
N ILE EA 44 -13.01 68.07 -41.33
CA ILE EA 44 -13.10 67.18 -42.48
C ILE EA 44 -12.17 65.99 -42.32
N GLN EA 45 -10.91 66.25 -41.97
CA GLN EA 45 -9.94 65.17 -41.80
C GLN EA 45 -10.20 64.33 -40.56
N GLN EA 46 -11.02 64.82 -39.62
CA GLN EA 46 -11.25 64.08 -38.38
C GLN EA 46 -12.30 63.00 -38.53
N ILE EA 47 -13.02 62.95 -39.65
CA ILE EA 47 -14.04 61.91 -39.81
C ILE EA 47 -13.40 60.55 -39.96
N ILE EA 48 -12.13 60.51 -40.36
CA ILE EA 48 -11.36 59.25 -40.42
C ILE EA 48 -10.82 59.03 -39.01
N ALA EA 49 -11.66 58.43 -38.17
CA ALA EA 49 -11.28 58.17 -36.78
C ALA EA 49 -12.24 57.20 -36.11
N GLY EA 50 -11.70 56.18 -35.46
CA GLY EA 50 -12.50 55.30 -34.63
C GLY EA 50 -13.19 54.22 -35.44
N ILE EA 51 -14.49 54.05 -35.21
CA ILE EA 51 -15.26 52.95 -35.77
C ILE EA 51 -16.17 53.50 -36.86
N SER EA 52 -16.77 52.59 -37.64
CA SER EA 52 -17.71 52.97 -38.68
C SER EA 52 -18.85 53.81 -38.14
N LYS EA 53 -19.24 53.61 -36.87
CA LYS EA 53 -20.10 54.55 -36.17
C LYS EA 53 -19.28 55.78 -35.81
N SER EA 54 -18.98 56.56 -36.85
CA SER EA 54 -18.10 57.71 -36.72
C SER EA 54 -18.69 58.80 -35.86
N GLN EA 55 -19.73 59.46 -36.34
CA GLN EA 55 -20.31 60.63 -35.67
C GLN EA 55 -21.60 61.01 -36.38
N TYR EA 56 -22.20 62.11 -35.94
CA TYR EA 56 -23.33 62.73 -36.63
C TYR EA 56 -22.99 64.20 -36.89
N PHE EA 57 -22.95 64.59 -38.16
CA PHE EA 57 -22.64 65.97 -38.51
C PHE EA 57 -23.80 66.89 -38.12
N LEU EA 58 -23.49 67.98 -37.42
CA LEU EA 58 -24.50 68.95 -37.01
C LEU EA 58 -24.40 70.15 -37.94
N ALA EA 59 -25.22 70.14 -39.00
CA ALA EA 59 -25.27 71.24 -39.96
C ALA EA 59 -26.27 72.27 -39.44
N PHE EA 60 -25.77 73.33 -38.82
CA PHE EA 60 -26.61 74.37 -38.24
C PHE EA 60 -27.09 75.30 -39.35
N LEU EA 61 -28.04 74.81 -40.14
CA LEU EA 61 -28.53 75.56 -41.28
C LEU EA 61 -29.17 76.87 -40.85
N SER EA 62 -28.76 77.96 -41.50
CA SER EA 62 -29.25 79.29 -41.19
C SER EA 62 -29.05 80.17 -42.41
N ASN EA 63 -29.74 81.32 -42.40
CA ASN EA 63 -29.61 82.26 -43.51
C ASN EA 63 -28.19 82.79 -43.62
N GLU EA 64 -27.56 83.09 -42.48
CA GLU EA 64 -26.18 83.56 -42.52
C GLU EA 64 -25.22 82.42 -42.85
N TYR EA 65 -25.57 81.19 -42.45
CA TYR EA 65 -24.69 80.05 -42.68
C TYR EA 65 -24.46 79.82 -44.17
N LEU EA 66 -25.52 79.89 -44.97
CA LEU EA 66 -25.41 79.55 -46.38
C LEU EA 66 -24.72 80.62 -47.21
N LYS EA 67 -24.43 81.78 -46.63
CA LYS EA 67 -23.76 82.86 -47.34
C LYS EA 67 -22.24 82.78 -47.24
N SER EA 68 -21.70 81.83 -46.48
CA SER EA 68 -20.27 81.69 -46.29
C SER EA 68 -19.76 80.58 -47.20
N ASP EA 69 -18.77 80.89 -48.04
CA ASP EA 69 -18.21 79.89 -48.93
C ASP EA 69 -17.43 78.84 -48.15
N TRP EA 70 -16.60 79.27 -47.21
CA TRP EA 70 -15.84 78.32 -46.40
C TRP EA 70 -16.77 77.34 -45.69
N CYS EA 71 -17.87 77.85 -45.14
CA CYS EA 71 -18.83 76.98 -44.46
C CYS EA 71 -19.51 76.02 -45.43
N TRP EA 72 -19.72 76.46 -46.68
CA TRP EA 72 -20.43 75.59 -47.63
C TRP EA 72 -19.58 74.42 -48.07
N ASP EA 73 -18.31 74.65 -48.43
CA ASP EA 73 -17.48 73.55 -48.90
C ASP EA 73 -17.30 72.48 -47.84
N GLU EA 74 -17.31 72.88 -46.56
CA GLU EA 74 -17.27 71.90 -45.49
C GLU EA 74 -18.48 70.97 -45.56
N LEU EA 75 -19.66 71.53 -45.84
CA LEU EA 75 -20.85 70.69 -46.00
C LEU EA 75 -20.75 69.83 -47.25
N GLU EA 76 -20.16 70.35 -48.31
CA GLU EA 76 -20.08 69.61 -49.57
C GLU EA 76 -19.27 68.33 -49.40
N GLN EA 77 -18.06 68.43 -48.85
CA GLN EA 77 -17.24 67.24 -48.62
C GLN EA 77 -17.91 66.30 -47.63
N ALA EA 78 -18.54 66.85 -46.59
CA ALA EA 78 -19.19 66.01 -45.59
C ALA EA 78 -20.30 65.16 -46.20
N TYR EA 79 -21.13 65.77 -47.06
CA TYR EA 79 -22.18 65.00 -47.71
C TYR EA 79 -21.60 64.02 -48.72
N ALA EA 80 -20.52 64.39 -49.39
CA ALA EA 80 -19.93 63.51 -50.40
C ALA EA 80 -19.45 62.20 -49.80
N LEU EA 81 -18.76 62.27 -48.66
CA LEU EA 81 -18.33 61.06 -47.98
C LEU EA 81 -19.42 60.48 -47.08
N HIS EA 82 -20.49 61.24 -46.82
CA HIS EA 82 -21.65 60.68 -46.14
C HIS EA 82 -22.33 59.62 -47.01
N GLN EA 83 -22.22 59.75 -48.34
CA GLN EA 83 -22.79 58.75 -49.23
C GLN EA 83 -22.14 57.40 -49.03
N LYS EA 84 -20.87 57.37 -48.64
CA LYS EA 84 -20.19 56.11 -48.37
C LYS EA 84 -20.67 55.44 -47.09
N GLY EA 85 -21.49 56.12 -46.29
CA GLY EA 85 -21.95 55.60 -45.03
C GLY EA 85 -20.99 55.80 -43.87
N LYS EA 86 -19.88 56.51 -44.08
CA LYS EA 86 -18.94 56.76 -43.00
C LYS EA 86 -19.58 57.60 -41.89
N VAL EA 87 -20.34 58.62 -42.27
CA VAL EA 87 -20.98 59.51 -41.31
C VAL EA 87 -22.36 59.90 -41.86
N LYS EA 88 -23.29 60.13 -40.94
CA LYS EA 88 -24.62 60.63 -41.29
C LYS EA 88 -24.75 62.07 -40.81
N ILE EA 89 -25.36 62.89 -41.65
CA ILE EA 89 -25.53 64.32 -41.38
C ILE EA 89 -26.99 64.57 -41.05
N ILE EA 90 -27.24 65.31 -39.97
CA ILE EA 90 -28.58 65.79 -39.69
C ILE EA 90 -28.57 67.31 -39.76
N PRO EA 91 -29.39 67.92 -40.61
CA PRO EA 91 -29.41 69.40 -40.70
C PRO EA 91 -30.37 69.98 -39.66
N ILE EA 92 -29.83 70.81 -38.77
CA ILE EA 92 -30.62 71.50 -37.76
C ILE EA 92 -30.89 72.91 -38.27
N LEU EA 93 -32.16 73.26 -38.38
CA LEU EA 93 -32.59 74.53 -38.97
C LEU EA 93 -32.64 75.60 -37.89
N LEU EA 94 -31.74 76.58 -37.98
CA LEU EA 94 -31.80 77.72 -37.06
C LEU EA 94 -33.09 78.50 -37.28
N THR EA 95 -33.49 78.69 -38.54
CA THR EA 95 -34.75 79.33 -38.90
C THR EA 95 -35.63 78.32 -39.62
N ASN EA 96 -36.92 78.63 -39.67
CA ASN EA 96 -37.88 77.73 -40.28
C ASN EA 96 -37.65 77.62 -41.78
N ARG EA 97 -38.03 76.47 -42.34
CA ARG EA 97 -37.74 76.16 -43.74
C ARG EA 97 -38.39 77.17 -44.69
N ALA EA 98 -39.60 77.63 -44.37
CA ALA EA 98 -40.35 78.45 -45.32
C ALA EA 98 -39.63 79.75 -45.66
N GLN EA 99 -39.06 80.41 -44.65
CA GLN EA 99 -38.39 81.69 -44.86
C GLN EA 99 -36.89 81.52 -45.10
N LEU EA 100 -36.42 80.30 -45.33
CA LEU EA 100 -35.02 80.10 -45.69
C LEU EA 100 -34.70 80.80 -47.00
N ASP EA 101 -33.60 81.55 -47.00
CA ASP EA 101 -33.20 82.31 -48.18
C ASP EA 101 -32.57 81.35 -49.19
N LEU EA 102 -33.40 80.93 -50.15
CA LEU EA 102 -32.95 79.98 -51.16
C LEU EA 102 -32.64 80.64 -52.50
N ASN EA 103 -33.08 81.88 -52.71
CA ASN EA 103 -32.91 82.52 -54.01
C ASN EA 103 -31.48 83.00 -54.21
N ALA EA 104 -30.79 83.37 -53.12
CA ALA EA 104 -29.47 83.98 -53.25
C ALA EA 104 -28.45 82.99 -53.81
N LEU EA 105 -28.51 81.73 -53.39
CA LEU EA 105 -27.51 80.75 -53.78
C LEU EA 105 -27.66 80.38 -55.26
N THR EA 106 -26.59 79.83 -55.82
CA THR EA 106 -26.58 79.43 -57.22
C THR EA 106 -27.49 78.22 -57.43
N ASP EA 107 -27.71 77.88 -58.70
CA ASP EA 107 -28.57 76.75 -59.03
C ASP EA 107 -28.01 75.45 -58.48
N ALA EA 108 -26.70 75.24 -58.64
CA ALA EA 108 -26.09 74.02 -58.11
C ALA EA 108 -26.18 73.97 -56.59
N ARG EA 109 -25.92 75.11 -55.92
CA ARG EA 109 -26.02 75.14 -54.47
C ARG EA 109 -27.46 74.95 -54.01
N ARG EA 110 -28.41 75.58 -54.70
CA ARG EA 110 -29.82 75.43 -54.34
C ARG EA 110 -30.30 74.00 -54.54
N ASN EA 111 -29.90 73.37 -55.66
CA ASN EA 111 -30.27 71.99 -55.89
C ASN EA 111 -29.61 71.06 -54.88
N PHE EA 112 -28.34 71.32 -54.55
CA PHE EA 112 -27.65 70.50 -53.57
C PHE EA 112 -28.30 70.63 -52.19
N LEU EA 113 -28.64 71.85 -51.78
CA LEU EA 113 -29.31 72.04 -50.50
C LEU EA 113 -30.69 71.39 -50.50
N GLU EA 114 -31.45 71.54 -51.59
CA GLU EA 114 -32.78 70.95 -51.66
C GLU EA 114 -32.69 69.43 -51.72
N SER EA 115 -31.60 68.90 -52.30
CA SER EA 115 -31.44 67.45 -52.37
C SER EA 115 -31.32 66.85 -50.97
N ILE EA 116 -30.53 67.48 -50.10
CA ILE EA 116 -30.33 66.93 -48.77
C ILE EA 116 -31.47 67.27 -47.82
N LEU EA 117 -32.29 68.28 -48.14
CA LEU EA 117 -33.34 68.71 -47.23
C LEU EA 117 -34.54 67.77 -47.28
N THR EA 118 -34.85 67.21 -48.45
CA THR EA 118 -36.03 66.37 -48.61
C THR EA 118 -35.72 64.88 -48.42
N ARG EA 119 -34.66 64.39 -49.06
CA ARG EA 119 -34.32 62.97 -48.93
C ARG EA 119 -33.84 62.62 -47.53
N LEU EA 120 -33.39 63.61 -46.76
CA LEU EA 120 -32.86 63.38 -45.42
C LEU EA 120 -33.64 64.22 -44.43
N LYS EA 121 -33.98 63.62 -43.29
CA LYS EA 121 -34.81 64.28 -42.29
C LYS EA 121 -34.06 65.43 -41.62
N TYR EA 122 -34.73 66.58 -41.53
CA TYR EA 122 -34.20 67.74 -40.84
C TYR EA 122 -34.93 67.94 -39.51
N VAL EA 123 -34.38 68.82 -38.69
CA VAL EA 123 -34.95 69.15 -37.38
C VAL EA 123 -35.07 70.66 -37.27
N GLU EA 124 -36.24 71.14 -36.86
CA GLU EA 124 -36.48 72.56 -36.69
C GLU EA 124 -36.02 73.01 -35.31
N PHE EA 125 -35.51 74.24 -35.24
CA PHE EA 125 -35.06 74.84 -33.98
C PHE EA 125 -35.69 76.20 -33.83
N ASP EA 126 -36.22 76.49 -32.64
CA ASP EA 126 -36.78 77.79 -32.33
C ASP EA 126 -36.36 78.17 -30.91
N PRO EA 127 -35.80 79.36 -30.71
CA PRO EA 127 -35.41 79.76 -29.34
C PRO EA 127 -36.58 79.89 -28.39
N HIS EA 128 -37.78 80.16 -28.90
CA HIS EA 128 -38.94 80.34 -28.02
C HIS EA 128 -39.27 79.05 -27.29
N ASN EA 129 -39.31 77.93 -27.99
CA ASN EA 129 -39.57 76.63 -27.38
C ASN EA 129 -38.25 75.91 -27.13
N MET EA 130 -37.57 76.37 -26.07
CA MET EA 130 -36.22 75.88 -25.78
C MET EA 130 -36.22 74.40 -25.42
N THR EA 131 -37.10 73.98 -24.52
CA THR EA 131 -37.08 72.60 -24.03
C THR EA 131 -37.39 71.62 -25.15
N ARG EA 132 -38.40 71.91 -25.98
CA ARG EA 132 -38.77 70.99 -27.05
C ARG EA 132 -37.74 71.02 -28.17
N SER EA 133 -37.13 72.18 -28.42
CA SER EA 133 -36.10 72.26 -29.45
C SER EA 133 -34.88 71.41 -29.09
N LEU EA 134 -34.43 71.48 -27.83
CA LEU EA 134 -33.28 70.70 -27.42
C LEU EA 134 -33.56 69.21 -27.49
N GLY EA 135 -34.77 68.80 -27.09
CA GLY EA 135 -35.10 67.38 -27.14
C GLY EA 135 -35.13 66.83 -28.55
N SER EA 136 -35.63 67.62 -29.50
CA SER EA 136 -35.69 67.17 -30.89
C SER EA 136 -34.30 66.91 -31.46
N VAL EA 137 -33.34 67.79 -31.15
CA VAL EA 137 -31.97 67.57 -31.59
C VAL EA 137 -31.41 66.29 -30.97
N ALA EA 138 -31.65 66.10 -29.67
CA ALA EA 138 -31.21 64.88 -29.01
C ALA EA 138 -31.92 63.66 -29.59
N GLU EA 139 -33.23 63.77 -29.84
CA GLU EA 139 -33.98 62.64 -30.38
C GLU EA 139 -33.45 62.22 -31.74
N ALA EA 140 -33.14 63.20 -32.59
CA ALA EA 140 -32.53 62.88 -33.88
C ALA EA 140 -31.16 62.23 -33.70
N LEU EA 141 -30.42 62.67 -32.67
CA LEU EA 141 -29.12 62.07 -32.39
C LEU EA 141 -29.24 60.61 -32.02
N TRP EA 142 -30.22 60.27 -31.18
CA TRP EA 142 -30.36 58.92 -30.66
C TRP EA 142 -31.34 58.06 -31.46
N GLN EA 143 -31.94 58.60 -32.51
CA GLN EA 143 -33.00 57.87 -33.22
C GLN EA 143 -32.45 56.61 -33.88
N ASN EA 144 -31.30 56.71 -34.53
CA ASN EA 144 -30.67 55.57 -35.19
C ASN EA 144 -29.49 55.02 -34.41
N GLU EA 145 -29.50 55.17 -33.09
CA GLU EA 145 -28.38 54.83 -32.24
C GLU EA 145 -28.76 53.66 -31.32
N ALA EA 146 -27.74 53.07 -30.70
CA ALA EA 146 -27.92 52.08 -29.65
C ALA EA 146 -28.32 52.81 -28.37
N VAL EA 147 -28.19 52.15 -27.22
CA VAL EA 147 -28.63 52.68 -25.94
C VAL EA 147 -28.30 54.16 -25.81
N ARG EA 148 -29.30 54.96 -25.45
CA ARG EA 148 -29.18 56.40 -25.40
C ARG EA 148 -28.91 56.85 -23.97
N PHE EA 149 -28.67 58.15 -23.80
CA PHE EA 149 -28.37 58.72 -22.50
C PHE EA 149 -29.17 60.00 -22.29
N GLU EA 150 -29.83 60.07 -21.15
CA GLU EA 150 -30.53 61.28 -20.75
C GLU EA 150 -29.56 62.28 -20.14
N PRO EA 151 -29.87 63.56 -20.18
CA PRO EA 151 -29.01 64.55 -19.52
C PRO EA 151 -28.88 64.26 -18.03
N ILE EA 152 -27.68 64.50 -17.51
CA ILE EA 152 -27.41 64.22 -16.10
C ILE EA 152 -28.22 65.17 -15.24
N ARG EA 153 -28.92 64.62 -14.24
CA ARG EA 153 -29.81 65.38 -13.39
C ARG EA 153 -29.21 65.51 -11.99
N MET EA 154 -29.19 66.73 -11.48
CA MET EA 154 -28.68 67.03 -10.14
C MET EA 154 -29.86 66.94 -9.17
N ILE EA 155 -29.97 65.81 -8.49
CA ILE EA 155 -31.08 65.57 -7.58
C ILE EA 155 -30.56 65.22 -6.18
N LYS EA 156 -31.43 65.42 -5.19
CA LYS EA 156 -31.14 65.08 -3.81
C LYS EA 156 -32.20 64.13 -3.29
N VAL EA 157 -31.76 62.99 -2.75
CA VAL EA 157 -32.65 62.00 -2.17
C VAL EA 157 -32.20 61.70 -0.76
N ASN EA 158 -33.16 61.68 0.18
CA ASN EA 158 -32.88 61.42 1.59
C ASN EA 158 -31.80 62.35 2.14
N GLY EA 159 -31.78 63.58 1.61
CA GLY EA 159 -30.81 64.56 2.07
C GLY EA 159 -29.39 64.35 1.58
N THR EA 160 -29.19 63.45 0.62
CA THR EA 160 -27.86 63.15 0.10
C THR EA 160 -27.76 63.60 -1.35
N GLU EA 161 -26.74 64.40 -1.65
CA GLU EA 161 -26.51 64.85 -3.01
C GLU EA 161 -26.16 63.67 -3.92
N LEU EA 162 -26.68 63.69 -5.14
CA LEU EA 162 -26.49 62.59 -6.07
C LEU EA 162 -26.72 63.08 -7.49
N GLN EA 163 -26.07 62.40 -8.44
CA GLN EA 163 -26.32 62.64 -9.86
C GLN EA 163 -26.62 61.31 -10.53
N VAL EA 164 -27.59 61.32 -11.43
CA VAL EA 164 -28.07 60.10 -12.09
C VAL EA 164 -27.61 60.13 -13.54
N VAL EA 165 -27.34 58.95 -14.09
CA VAL EA 165 -27.02 58.78 -15.49
C VAL EA 165 -28.07 57.85 -16.07
N GLU EA 166 -29.14 58.42 -16.59
CA GLU EA 166 -30.28 57.65 -17.09
C GLU EA 166 -30.02 57.23 -18.52
N PHE EA 167 -30.11 55.92 -18.78
CA PHE EA 167 -29.94 55.37 -20.10
C PHE EA 167 -31.11 54.48 -20.45
N LYS EA 168 -31.53 54.52 -21.71
CA LYS EA 168 -32.66 53.73 -22.19
C LYS EA 168 -32.21 52.89 -23.38
N ILE EA 169 -32.64 51.63 -23.40
CA ILE EA 169 -32.31 50.70 -24.46
C ILE EA 169 -33.54 50.57 -25.37
N PRO EA 170 -33.50 51.10 -26.59
CA PRO EA 170 -34.65 50.93 -27.49
C PRO EA 170 -34.73 49.49 -27.99
N GLY EA 171 -35.91 48.88 -27.84
CA GLY EA 171 -36.12 47.51 -28.20
C GLY EA 171 -35.85 46.51 -27.09
N SER EA 172 -35.24 46.95 -25.98
CA SER EA 172 -34.99 46.11 -24.82
C SER EA 172 -34.18 44.86 -25.18
N ASN EA 173 -33.31 45.01 -26.19
CA ASN EA 173 -32.45 43.91 -26.61
C ASN EA 173 -31.20 44.48 -27.22
N LEU EA 174 -30.05 43.91 -26.89
CA LEU EA 174 -28.77 44.39 -27.37
C LEU EA 174 -27.98 43.24 -27.98
N PRO EA 175 -27.08 43.54 -28.92
CA PRO EA 175 -26.14 42.52 -29.37
C PRO EA 175 -25.29 42.02 -28.21
N VAL EA 176 -24.99 40.73 -28.23
CA VAL EA 176 -24.25 40.13 -27.12
C VAL EA 176 -22.83 40.73 -27.05
N ASP EA 177 -22.26 41.03 -28.22
CA ASP EA 177 -20.94 41.67 -28.30
C ASP EA 177 -21.02 43.17 -28.53
N PHE EA 178 -22.08 43.82 -28.03
CA PHE EA 178 -22.30 45.24 -28.28
C PHE EA 178 -21.14 46.10 -27.80
N LEU EA 179 -20.56 45.75 -26.65
CA LEU EA 179 -19.50 46.58 -26.07
C LEU EA 179 -18.27 46.67 -26.97
N HIS EA 180 -18.12 45.75 -27.93
CA HIS EA 180 -16.94 45.75 -28.79
C HIS EA 180 -16.88 47.00 -29.66
N HIS EA 181 -18.02 47.41 -30.23
CA HIS EA 181 -18.06 48.54 -31.15
C HIS EA 181 -18.56 49.82 -30.49
N TRP EA 182 -18.83 49.81 -29.19
CA TRP EA 182 -19.34 50.99 -28.50
C TRP EA 182 -18.18 51.93 -28.18
N ASP EA 183 -18.16 53.08 -28.84
CA ASP EA 183 -17.10 54.07 -28.67
C ASP EA 183 -17.46 55.11 -27.61
N LEU EA 184 -17.80 54.65 -26.41
CA LEU EA 184 -18.15 55.52 -25.30
C LEU EA 184 -17.16 55.25 -24.17
N LYS EA 185 -16.18 56.13 -24.03
CA LYS EA 185 -15.21 56.07 -22.94
C LYS EA 185 -15.69 57.01 -21.84
N ILE EA 186 -16.22 56.44 -20.76
CA ILE EA 186 -16.73 57.24 -19.64
C ILE EA 186 -15.61 57.97 -18.92
N GLU EA 187 -14.35 57.60 -19.16
CA GLU EA 187 -13.23 58.27 -18.50
C GLU EA 187 -13.19 59.75 -18.83
N ASP EA 188 -13.39 60.10 -20.10
CA ASP EA 188 -13.18 61.46 -20.57
C ASP EA 188 -14.28 62.43 -20.13
N PHE EA 189 -15.38 61.94 -19.59
CA PHE EA 189 -16.48 62.79 -19.16
C PHE EA 189 -16.48 63.04 -17.65
N ILE EA 190 -15.40 62.68 -16.96
CA ILE EA 190 -15.29 62.87 -15.52
C ILE EA 190 -14.44 64.10 -15.26
N ALA EA 191 -14.98 65.04 -14.48
CA ALA EA 191 -14.24 66.24 -14.14
C ALA EA 191 -13.13 65.93 -13.15
N THR EA 192 -11.94 66.44 -13.43
CA THR EA 192 -10.80 66.29 -12.54
C THR EA 192 -10.69 67.41 -11.52
N SER EA 193 -11.51 68.46 -11.65
CA SER EA 193 -11.50 69.58 -10.71
C SER EA 193 -12.92 70.10 -10.59
N PRO EA 194 -13.27 70.72 -9.46
CA PRO EA 194 -14.63 71.25 -9.33
C PRO EA 194 -14.97 72.31 -10.37
N ASN EA 195 -14.00 73.12 -10.77
CA ASN EA 195 -14.26 74.20 -11.72
C ASN EA 195 -14.38 73.70 -13.16
N GLU EA 196 -13.75 72.57 -13.48
CA GLU EA 196 -13.76 72.08 -14.84
C GLU EA 196 -15.18 71.72 -15.29
N GLN EA 197 -15.50 72.04 -16.54
CA GLN EA 197 -16.81 71.77 -17.10
C GLN EA 197 -16.79 70.39 -17.75
N LYS EA 198 -17.43 69.43 -17.10
CA LYS EA 198 -17.53 68.06 -17.60
C LYS EA 198 -18.91 67.53 -17.26
N PRO EA 199 -19.40 66.53 -18.00
CA PRO EA 199 -20.73 65.98 -17.69
C PRO EA 199 -20.85 65.44 -16.28
N VAL EA 200 -19.79 64.83 -15.75
CA VAL EA 200 -19.82 64.25 -14.41
C VAL EA 200 -19.05 65.18 -13.48
N LYS EA 201 -19.71 65.64 -12.41
CA LYS EA 201 -19.09 66.54 -11.48
C LYS EA 201 -17.99 65.84 -10.69
N PHE EA 202 -16.98 66.62 -10.28
CA PHE EA 202 -15.85 66.05 -9.55
C PHE EA 202 -16.25 65.71 -8.12
N ASP EA 203 -15.97 64.47 -7.72
CA ASP EA 203 -16.17 63.93 -6.38
C ASP EA 203 -17.65 63.78 -6.01
N VAL EA 204 -18.56 64.22 -6.87
CA VAL EA 204 -20.00 64.09 -6.59
C VAL EA 204 -20.41 62.65 -6.85
N PRO EA 205 -21.18 62.03 -5.96
CA PRO EA 205 -21.63 60.65 -6.20
C PRO EA 205 -22.45 60.54 -7.46
N VAL EA 206 -22.29 59.42 -8.17
CA VAL EA 206 -23.00 59.15 -9.41
C VAL EA 206 -23.97 58.00 -9.18
N ALA EA 207 -25.04 57.96 -9.96
CA ALA EA 207 -26.05 56.92 -9.86
C ALA EA 207 -26.35 56.36 -11.24
N LEU EA 208 -26.60 55.05 -11.31
CA LEU EA 208 -26.99 54.39 -12.53
C LEU EA 208 -28.47 54.04 -12.48
N TYR EA 209 -29.21 54.47 -13.50
CA TYR EA 209 -30.66 54.29 -13.54
C TYR EA 209 -31.07 53.78 -14.91
N GLY EA 210 -32.04 52.86 -14.92
CA GLY EA 210 -32.55 52.31 -16.14
C GLY EA 210 -32.31 50.82 -16.26
N PRO EA 211 -33.29 50.09 -16.77
CA PRO EA 211 -33.13 48.64 -16.93
C PRO EA 211 -32.07 48.31 -17.95
N GLY EA 212 -31.37 47.20 -17.71
CA GLY EA 212 -30.31 46.78 -18.59
C GLY EA 212 -29.64 45.52 -18.09
N PRO EA 213 -28.78 44.93 -18.92
CA PRO EA 213 -28.10 43.69 -18.54
C PRO EA 213 -27.02 43.95 -17.50
N ASN EA 214 -26.58 42.86 -16.87
CA ASN EA 214 -25.56 42.96 -15.83
C ASN EA 214 -24.25 43.49 -16.39
N TRP EA 215 -23.84 43.03 -17.57
CA TRP EA 215 -22.56 43.46 -18.12
C TRP EA 215 -22.59 44.95 -18.47
N LEU EA 216 -23.73 45.47 -18.90
CA LEU EA 216 -23.84 46.90 -19.14
C LEU EA 216 -23.64 47.69 -17.85
N TYR EA 217 -24.24 47.22 -16.75
CA TYR EA 217 -24.03 47.87 -15.47
C TYR EA 217 -22.58 47.76 -15.01
N ALA EA 218 -21.99 46.56 -15.15
CA ALA EA 218 -20.61 46.37 -14.71
C ALA EA 218 -19.65 47.23 -15.52
N PHE EA 219 -19.87 47.33 -16.82
CA PHE EA 219 -18.97 48.10 -17.68
C PHE EA 219 -19.03 49.59 -17.35
N LEU EA 220 -20.21 50.09 -16.97
CA LEU EA 220 -20.36 51.53 -16.75
C LEU EA 220 -19.74 51.99 -15.44
N THR EA 221 -19.91 51.22 -14.35
CA THR EA 221 -19.45 51.65 -13.04
C THR EA 221 -18.03 51.23 -12.72
N LEU EA 222 -17.46 50.30 -13.46
CA LEU EA 222 -16.09 49.86 -13.19
C LEU EA 222 -15.06 50.99 -13.31
N PRO EA 223 -15.07 51.82 -14.36
CA PRO EA 223 -14.05 52.88 -14.46
C PRO EA 223 -14.15 53.95 -13.39
N PHE EA 224 -15.19 53.96 -12.57
CA PHE EA 224 -15.38 55.00 -11.57
C PHE EA 224 -14.58 54.75 -10.29
N LYS EA 225 -13.84 53.65 -10.21
CA LYS EA 225 -13.02 53.39 -9.03
C LYS EA 225 -11.99 54.50 -8.86
N ASN EA 226 -11.79 54.92 -7.61
CA ASN EA 226 -10.87 56.00 -7.23
C ASN EA 226 -11.30 57.36 -7.78
N ARG EA 227 -12.49 57.46 -8.38
CA ARG EA 227 -12.98 58.71 -8.94
C ARG EA 227 -14.24 59.21 -8.28
N ASN EA 228 -15.28 58.38 -8.20
CA ASN EA 228 -16.54 58.78 -7.60
C ASN EA 228 -17.21 57.57 -6.96
N THR EA 229 -18.04 57.84 -5.96
CA THR EA 229 -18.89 56.80 -5.39
C THR EA 229 -20.08 56.58 -6.32
N VAL EA 230 -20.44 55.32 -6.54
CA VAL EA 230 -21.43 54.95 -7.53
C VAL EA 230 -22.65 54.35 -6.84
N PHE EA 231 -23.82 54.62 -7.40
CA PHE EA 231 -25.07 54.03 -6.97
C PHE EA 231 -25.76 53.36 -8.15
N VAL EA 232 -26.57 52.35 -7.87
CA VAL EA 232 -27.31 51.65 -8.89
C VAL EA 232 -28.76 51.51 -8.43
N PHE EA 233 -29.66 51.40 -9.39
CA PHE EA 233 -31.09 51.32 -9.12
C PHE EA 233 -31.56 49.88 -9.26
N ASN EA 234 -32.22 49.37 -8.23
CA ASN EA 234 -32.80 48.03 -8.23
C ASN EA 234 -34.31 48.17 -8.21
N SER EA 235 -34.98 47.67 -9.25
CA SER EA 235 -36.42 47.84 -9.37
C SER EA 235 -37.21 46.92 -8.44
N ARG EA 236 -36.55 45.97 -7.78
CA ARG EA 236 -37.27 45.08 -6.88
C ARG EA 236 -37.90 45.86 -5.73
N THR EA 237 -37.17 46.83 -5.17
CA THR EA 237 -37.70 47.71 -4.15
C THR EA 237 -37.65 49.18 -4.55
N SER EA 238 -37.11 49.49 -5.74
CA SER EA 238 -37.13 50.84 -6.31
C SER EA 238 -36.43 51.84 -5.39
N GLU EA 239 -35.13 51.60 -5.17
CA GLU EA 239 -34.30 52.54 -4.45
C GLU EA 239 -32.84 52.29 -4.81
N TYR EA 240 -32.02 53.32 -4.65
CA TYR EA 240 -30.62 53.24 -5.03
C TYR EA 240 -29.83 52.43 -4.01
N ILE EA 241 -28.76 51.78 -4.49
CA ILE EA 241 -27.89 50.96 -3.67
C ILE EA 241 -26.46 51.46 -3.83
N CYS EA 242 -25.78 51.70 -2.71
CA CYS EA 242 -24.39 52.13 -2.74
C CYS EA 242 -23.47 50.92 -2.85
N VAL EA 243 -22.63 50.92 -3.88
CA VAL EA 243 -21.72 49.81 -4.13
C VAL EA 243 -20.26 50.24 -4.15
N TYR EA 244 -19.96 51.52 -3.94
CA TYR EA 244 -18.60 52.00 -3.82
C TYR EA 244 -18.54 53.08 -2.75
N SER EA 245 -17.46 53.09 -1.99
CA SER EA 245 -17.27 54.05 -0.90
C SER EA 245 -15.97 54.79 -1.13
N LYS EA 246 -16.07 56.04 -1.56
CA LYS EA 246 -14.92 56.94 -1.68
C LYS EA 246 -15.09 58.22 -0.91
N SER EA 247 -16.32 58.65 -0.63
CA SER EA 247 -16.57 59.83 0.18
C SER EA 247 -16.77 59.45 1.65
N ALA EA 248 -16.70 60.46 2.50
CA ALA EA 248 -16.87 60.25 3.94
C ALA EA 248 -18.35 60.12 4.27
N GLY EA 249 -18.68 59.10 5.07
CA GLY EA 249 -20.05 58.89 5.50
C GLY EA 249 -20.92 58.13 4.53
N LEU EA 250 -20.37 57.65 3.42
CA LEU EA 250 -21.13 56.90 2.42
C LEU EA 250 -20.64 55.46 2.45
N ALA EA 251 -21.22 54.66 3.34
CA ALA EA 251 -20.85 53.26 3.43
C ALA EA 251 -21.40 52.49 2.24
N PRO EA 252 -20.72 51.42 1.80
CA PRO EA 252 -21.20 50.63 0.65
C PRO EA 252 -22.32 49.70 1.11
N GLY EA 253 -23.55 50.03 0.72
CA GLY EA 253 -24.69 49.24 1.13
C GLY EA 253 -25.81 50.09 1.68
N MET EA 254 -25.55 51.38 1.89
CA MET EA 254 -26.58 52.28 2.37
C MET EA 254 -27.68 52.43 1.31
N VAL EA 255 -28.90 52.67 1.77
CA VAL EA 255 -30.08 52.64 0.91
C VAL EA 255 -30.65 54.05 0.83
N LEU EA 256 -30.97 54.48 -0.39
CA LEU EA 256 -31.57 55.79 -0.64
C LEU EA 256 -32.88 55.59 -1.40
N LYS EA 257 -33.99 55.86 -0.73
CA LYS EA 257 -35.30 55.72 -1.36
C LYS EA 257 -35.54 56.82 -2.38
N GLY EA 258 -36.06 56.44 -3.54
CA GLY EA 258 -36.35 57.39 -4.60
C GLY EA 258 -37.64 57.09 -5.33
N PRO FA 2 10.73 50.19 11.13
CA PRO FA 2 10.69 49.90 12.57
C PRO FA 2 12.02 49.38 13.10
N GLN FA 3 12.46 49.91 14.23
CA GLN FA 3 13.69 49.48 14.89
C GLN FA 3 13.46 48.14 15.56
N ALA FA 4 14.54 47.47 15.93
CA ALA FA 4 14.49 46.21 16.67
C ALA FA 4 15.76 46.05 17.52
N PHE FA 5 15.57 45.75 18.79
CA PHE FA 5 16.68 45.53 19.71
C PHE FA 5 16.75 44.03 20.01
N PHE FA 6 17.94 43.46 19.95
CA PHE FA 6 18.12 42.02 20.12
C PHE FA 6 18.66 41.74 21.52
N SER FA 7 17.89 41.00 22.30
CA SER FA 7 18.31 40.53 23.62
C SER FA 7 18.57 39.03 23.52
N HIS FA 8 19.80 38.62 23.83
CA HIS FA 8 20.20 37.24 23.61
C HIS FA 8 21.42 36.93 24.47
N ASN FA 9 21.72 35.64 24.59
CA ASN FA 9 22.94 35.21 25.23
C ASN FA 9 24.00 34.91 24.19
N ASN FA 10 25.27 35.07 24.58
CA ASN FA 10 26.37 34.90 23.64
C ASN FA 10 26.48 33.47 23.12
N LYS FA 11 25.91 32.49 23.82
CA LYS FA 11 25.90 31.13 23.31
C LYS FA 11 25.06 31.02 22.05
N ASP FA 12 23.92 31.70 22.01
CA ASP FA 12 23.04 31.70 20.86
C ASP FA 12 23.40 32.78 19.85
N LYS FA 13 24.62 33.30 19.90
CA LYS FA 13 25.02 34.39 19.01
C LYS FA 13 24.98 33.96 17.55
N LYS FA 14 25.41 32.73 17.27
CA LYS FA 14 25.53 32.28 15.87
C LYS FA 14 24.19 32.38 15.14
N ILE FA 15 23.09 32.05 15.83
CA ILE FA 15 21.78 32.12 15.21
C ILE FA 15 21.20 33.54 15.24
N VAL FA 16 21.82 34.45 15.98
CA VAL FA 16 21.22 35.77 16.17
C VAL FA 16 21.46 36.66 14.94
N LEU FA 17 22.72 36.75 14.50
CA LEU FA 17 23.03 37.64 13.38
C LEU FA 17 22.27 37.21 12.12
N GLU FA 18 22.23 35.91 11.85
CA GLU FA 18 21.52 35.44 10.66
C GLU FA 18 20.02 35.70 10.75
N VAL FA 19 19.47 35.71 11.97
CA VAL FA 19 18.11 36.21 12.15
C VAL FA 19 18.08 37.72 11.96
N LEU FA 20 19.07 38.42 12.52
CA LEU FA 20 19.17 39.86 12.33
C LEU FA 20 19.40 40.21 10.86
N GLU FA 21 20.24 39.44 10.18
CA GLU FA 21 20.52 39.71 8.77
C GLU FA 21 19.27 39.55 7.92
N HIS FA 22 18.47 38.52 8.19
CA HIS FA 22 17.21 38.35 7.47
C HIS FA 22 16.26 39.50 7.75
N LEU FA 23 16.19 39.94 9.01
CA LEU FA 23 15.35 41.08 9.35
C LEU FA 23 15.85 42.36 8.69
N ARG FA 24 17.16 42.56 8.67
CA ARG FA 24 17.72 43.76 8.02
C ARG FA 24 17.39 43.77 6.53
N GLN FA 25 17.43 42.61 5.89
CA GLN FA 25 17.06 42.52 4.47
C GLN FA 25 15.60 42.92 4.24
N SER FA 26 14.76 42.86 5.28
CA SER FA 26 13.37 43.27 5.19
C SER FA 26 13.17 44.73 5.55
N LEU FA 27 14.19 45.56 5.37
CA LEU FA 27 14.11 47.00 5.65
C LEU FA 27 13.75 47.28 7.10
N VAL FA 28 14.23 46.44 8.02
CA VAL FA 28 13.97 46.60 9.44
C VAL FA 28 15.25 47.13 10.08
N ALA FA 29 15.16 48.27 10.75
CA ALA FA 29 16.30 48.80 11.47
C ALA FA 29 16.61 47.90 12.66
N THR FA 30 17.87 47.52 12.80
CA THR FA 30 18.29 46.62 13.87
C THR FA 30 19.42 47.24 14.68
N TRP FA 31 19.35 47.03 16.00
CA TRP FA 31 20.36 47.52 16.93
C TRP FA 31 20.74 46.33 17.82
N ILE FA 32 21.92 45.77 17.58
CA ILE FA 32 22.36 44.58 18.33
C ILE FA 32 23.18 44.97 19.55
N ASP FA 33 24.21 45.79 19.37
CA ASP FA 33 24.94 46.39 20.48
C ASP FA 33 25.29 47.84 20.17
N SER FA 42 23.54 50.39 26.11
CA SER FA 42 22.65 49.31 26.53
C SER FA 42 21.47 49.19 25.57
N LEU FA 43 20.34 48.74 26.09
CA LEU FA 43 19.13 48.60 25.30
C LEU FA 43 17.94 49.24 25.99
N ILE FA 44 17.99 49.35 27.31
CA ILE FA 44 16.85 49.84 28.08
C ILE FA 44 16.59 51.32 27.79
N GLN FA 45 17.65 52.14 27.84
CA GLN FA 45 17.49 53.56 27.60
C GLN FA 45 17.28 53.88 26.12
N GLN FA 46 17.77 53.04 25.22
CA GLN FA 46 17.52 53.24 23.79
C GLN FA 46 16.06 52.98 23.43
N ILE FA 47 15.31 52.32 24.32
CA ILE FA 47 13.89 52.11 24.09
C ILE FA 47 13.16 53.46 24.05
N ILE FA 48 13.54 54.38 24.94
CA ILE FA 48 12.91 55.69 25.00
C ILE FA 48 13.62 56.55 23.96
N ALA FA 49 13.13 56.47 22.73
CA ALA FA 49 13.69 57.22 21.61
C ALA FA 49 12.76 57.19 20.41
N GLY FA 50 12.52 58.34 19.80
CA GLY FA 50 11.71 58.41 18.60
C GLY FA 50 10.25 58.62 18.90
N ILE FA 51 9.38 57.84 18.27
CA ILE FA 51 7.94 57.99 18.39
C ILE FA 51 7.41 56.85 19.26
N SER FA 52 6.12 56.94 19.62
CA SER FA 52 5.48 55.89 20.40
C SER FA 52 5.62 54.52 19.76
N LYS FA 53 5.56 54.44 18.44
CA LYS FA 53 5.96 53.24 17.72
C LYS FA 53 7.48 53.12 17.77
N SER FA 54 7.98 52.65 18.92
CA SER FA 54 9.41 52.61 19.16
C SER FA 54 10.07 51.47 18.41
N GLN FA 55 9.77 50.23 18.80
CA GLN FA 55 10.41 49.05 18.23
C GLN FA 55 9.80 47.80 18.87
N TYR FA 56 10.26 46.63 18.44
CA TYR FA 56 9.79 45.34 18.94
C TYR FA 56 10.94 44.62 19.62
N PHE FA 57 10.70 44.14 20.83
CA PHE FA 57 11.74 43.47 21.60
C PHE FA 57 11.80 42.00 21.23
N LEU FA 58 12.99 41.52 20.85
CA LEU FA 58 13.20 40.13 20.48
C LEU FA 58 14.04 39.48 21.58
N ALA FA 59 13.38 38.84 22.53
CA ALA FA 59 14.05 38.12 23.61
C ALA FA 59 14.30 36.68 23.15
N PHE FA 60 15.54 36.37 22.81
CA PHE FA 60 15.91 35.03 22.35
C PHE FA 60 15.96 34.09 23.55
N LEU FA 61 14.78 33.66 23.98
CA LEU FA 61 14.68 32.78 25.14
C LEU FA 61 15.30 31.42 24.83
N SER FA 62 16.11 30.94 25.76
CA SER FA 62 16.77 29.65 25.61
C SER FA 62 17.14 29.14 27.00
N ASN FA 63 17.47 27.85 27.07
CA ASN FA 63 17.84 27.26 28.35
C ASN FA 63 19.07 27.94 28.94
N GLU FA 64 20.00 28.36 28.08
CA GLU FA 64 21.17 29.08 28.56
C GLU FA 64 20.82 30.53 28.89
N TYR FA 65 19.89 31.12 28.13
CA TYR FA 65 19.58 32.54 28.30
C TYR FA 65 18.98 32.82 29.68
N LEU FA 66 18.10 31.94 30.16
CA LEU FA 66 17.40 32.20 31.40
C LEU FA 66 18.23 31.91 32.64
N LYS FA 67 19.44 31.39 32.49
CA LYS FA 67 20.31 31.15 33.63
C LYS FA 67 21.24 32.32 33.92
N SER FA 68 21.12 33.42 33.18
CA SER FA 68 21.96 34.61 33.37
C SER FA 68 21.13 35.69 34.04
N ASP FA 69 21.64 36.24 35.14
CA ASP FA 69 20.94 37.33 35.82
C ASP FA 69 20.89 38.58 34.95
N TRP FA 70 21.96 38.86 34.21
CA TRP FA 70 21.98 40.01 33.32
C TRP FA 70 20.91 39.87 32.23
N CYS FA 71 20.76 38.65 31.69
CA CYS FA 71 19.72 38.42 30.69
C CYS FA 71 18.34 38.50 31.29
N TRP FA 72 18.22 38.35 32.62
CA TRP FA 72 16.91 38.32 33.24
C TRP FA 72 16.41 39.72 33.60
N ASP FA 73 17.20 40.48 34.35
CA ASP FA 73 16.75 41.81 34.76
C ASP FA 73 16.59 42.72 33.56
N GLU FA 74 17.36 42.49 32.49
CA GLU FA 74 17.14 43.23 31.25
C GLU FA 74 15.75 42.97 30.70
N LEU FA 75 15.31 41.71 30.73
CA LEU FA 75 13.97 41.36 30.28
C LEU FA 75 12.92 41.96 31.21
N GLU FA 76 13.22 42.04 32.51
CA GLU FA 76 12.24 42.56 33.47
C GLU FA 76 11.92 44.02 33.19
N GLN FA 77 12.95 44.84 32.95
CA GLN FA 77 12.70 46.23 32.62
C GLN FA 77 11.99 46.36 31.28
N ALA FA 78 12.33 45.49 30.32
CA ALA FA 78 11.65 45.52 29.03
C ALA FA 78 10.16 45.23 29.20
N TYR FA 79 9.82 44.24 30.02
CA TYR FA 79 8.41 43.96 30.28
C TYR FA 79 7.78 45.03 31.15
N ALA FA 80 8.58 45.65 32.02
CA ALA FA 80 8.04 46.69 32.91
C ALA FA 80 7.49 47.86 32.12
N LEU FA 81 8.28 48.38 31.17
CA LEU FA 81 7.81 49.48 30.34
C LEU FA 81 6.99 49.01 29.14
N HIS FA 82 6.96 47.70 28.88
CA HIS FA 82 6.02 47.19 27.88
C HIS FA 82 4.58 47.33 28.35
N GLN FA 83 4.36 47.25 29.67
CA GLN FA 83 3.02 47.51 30.21
C GLN FA 83 2.57 48.93 29.92
N LYS FA 84 3.51 49.87 29.89
CA LYS FA 84 3.18 51.26 29.58
C LYS FA 84 2.80 51.47 28.11
N GLY FA 85 3.00 50.45 27.27
CA GLY FA 85 2.72 50.58 25.85
C GLY FA 85 3.82 51.20 25.04
N LYS FA 86 4.95 51.57 25.65
CA LYS FA 86 6.06 52.15 24.91
C LYS FA 86 6.65 51.15 23.93
N VAL FA 87 6.77 49.89 24.36
CA VAL FA 87 7.36 48.84 23.55
C VAL FA 87 6.50 47.59 23.61
N LYS FA 88 6.71 46.70 22.65
CA LYS FA 88 6.13 45.37 22.67
C LYS FA 88 7.22 44.33 22.45
N ILE FA 89 7.08 43.19 23.13
CA ILE FA 89 8.10 42.16 23.16
C ILE FA 89 7.61 40.95 22.39
N ILE FA 90 8.50 40.33 21.61
CA ILE FA 90 8.22 39.04 21.01
C ILE FA 90 9.27 38.04 21.49
N PRO FA 91 8.87 36.98 22.18
CA PRO FA 91 9.86 36.01 22.69
C PRO FA 91 10.17 34.95 21.64
N ILE FA 92 11.44 34.86 21.26
CA ILE FA 92 11.91 33.83 20.34
C ILE FA 92 12.42 32.66 21.17
N LEU FA 93 11.76 31.51 21.06
CA LEU FA 93 12.15 30.32 21.80
C LEU FA 93 13.13 29.53 20.94
N LEU FA 94 14.41 29.52 21.36
CA LEU FA 94 15.40 28.74 20.64
C LEU FA 94 15.07 27.25 20.68
N THR FA 95 14.61 26.77 21.83
CA THR FA 95 14.13 25.41 21.98
C THR FA 95 12.62 25.42 22.21
N ASN FA 96 12.00 24.27 22.01
CA ASN FA 96 10.56 24.15 22.12
C ASN FA 96 10.15 24.34 23.59
N ARG FA 97 8.91 24.80 23.78
CA ARG FA 97 8.39 25.06 25.12
C ARG FA 97 8.45 23.82 25.99
N ALA FA 98 8.38 22.63 25.39
CA ALA FA 98 8.31 21.39 26.18
C ALA FA 98 9.54 21.19 27.05
N GLN FA 99 10.73 21.42 26.49
CA GLN FA 99 11.97 21.21 27.23
C GLN FA 99 12.54 22.50 27.80
N LEU FA 100 11.73 23.55 27.94
CA LEU FA 100 12.16 24.72 28.68
C LEU FA 100 12.39 24.35 30.14
N ASP FA 101 13.56 24.69 30.67
CA ASP FA 101 13.94 24.28 32.02
C ASP FA 101 13.40 25.34 32.98
N LEU FA 102 12.15 25.16 33.38
CA LEU FA 102 11.52 26.06 34.35
C LEU FA 102 11.83 25.66 35.79
N ASN FA 103 12.40 24.48 36.00
CA ASN FA 103 12.67 24.04 37.37
C ASN FA 103 13.82 24.81 37.99
N ALA FA 104 14.80 25.21 37.18
CA ALA FA 104 15.95 25.95 37.72
C ALA FA 104 15.54 27.30 38.27
N LEU FA 105 14.60 27.96 37.62
CA LEU FA 105 14.19 29.30 38.04
C LEU FA 105 13.49 29.24 39.39
N THR FA 106 13.59 30.33 40.14
CA THR FA 106 12.91 30.43 41.42
C THR FA 106 11.41 30.58 41.19
N ASP FA 107 10.66 30.67 42.31
CA ASP FA 107 9.21 30.81 42.21
C ASP FA 107 8.83 32.11 41.51
N ALA FA 108 9.49 33.21 41.87
CA ALA FA 108 9.18 34.50 41.25
C ALA FA 108 9.52 34.50 39.77
N ARG FA 109 10.71 33.98 39.42
CA ARG FA 109 11.12 33.97 38.02
C ARG FA 109 10.24 33.07 37.18
N ARG FA 110 9.91 31.88 37.70
CA ARG FA 110 9.06 30.97 36.94
C ARG FA 110 7.67 31.55 36.71
N ASN FA 111 7.10 32.16 37.75
CA ASN FA 111 5.79 32.79 37.60
C ASN FA 111 5.86 33.97 36.63
N PHE FA 112 6.93 34.76 36.71
CA PHE FA 112 7.08 35.90 35.80
C PHE FA 112 7.19 35.43 34.36
N LEU FA 113 8.02 34.42 34.11
CA LEU FA 113 8.17 33.90 32.75
C LEU FA 113 6.89 33.26 32.26
N GLU FA 114 6.20 32.51 33.12
CA GLU FA 114 4.96 31.87 32.72
C GLU FA 114 3.89 32.90 32.41
N SER FA 115 3.86 34.01 33.16
CA SER FA 115 2.86 35.04 32.91
C SER FA 115 3.00 35.64 31.52
N ILE FA 116 4.23 35.93 31.10
CA ILE FA 116 4.44 36.53 29.79
C ILE FA 116 4.39 35.51 28.67
N LEU FA 117 4.56 34.23 28.97
CA LEU FA 117 4.49 33.22 27.91
C LEU FA 117 3.06 32.93 27.50
N THR FA 118 2.12 33.08 28.44
CA THR FA 118 0.72 32.78 28.16
C THR FA 118 -0.03 34.01 27.64
N ARG FA 119 0.06 35.13 28.34
CA ARG FA 119 -0.67 36.33 27.93
C ARG FA 119 -0.11 36.95 26.66
N LEU FA 120 1.13 36.64 26.31
CA LEU FA 120 1.80 37.27 25.18
C LEU FA 120 2.27 36.20 24.21
N LYS FA 121 1.97 36.41 22.92
CA LYS FA 121 2.26 35.41 21.91
C LYS FA 121 3.76 35.28 21.68
N TYR FA 122 4.24 34.04 21.62
CA TYR FA 122 5.63 33.74 21.35
C TYR FA 122 5.77 33.03 20.00
N VAL FA 123 7.00 32.93 19.53
CA VAL FA 123 7.30 32.30 18.24
C VAL FA 123 8.27 31.16 18.48
N GLU FA 124 7.96 30.00 17.92
CA GLU FA 124 8.83 28.83 18.00
C GLU FA 124 9.91 28.92 16.93
N PHE FA 125 11.12 28.50 17.30
CA PHE FA 125 12.26 28.52 16.39
C PHE FA 125 12.97 27.17 16.46
N ASP FA 126 13.32 26.62 15.30
CA ASP FA 126 14.06 25.37 15.23
C ASP FA 126 15.22 25.51 14.25
N PRO FA 127 16.39 24.92 14.55
CA PRO FA 127 17.53 25.05 13.64
C PRO FA 127 17.32 24.36 12.30
N HIS FA 128 16.58 23.25 12.26
CA HIS FA 128 16.49 22.45 11.05
C HIS FA 128 15.76 23.18 9.94
N ASN FA 129 14.58 23.70 10.23
CA ASN FA 129 13.76 24.37 9.21
C ASN FA 129 13.99 25.88 9.28
N MET FA 130 15.02 26.30 8.54
CA MET FA 130 15.37 27.72 8.50
C MET FA 130 14.29 28.56 7.84
N THR FA 131 13.67 28.05 6.78
CA THR FA 131 12.78 28.87 5.96
C THR FA 131 11.54 29.31 6.74
N ARG FA 132 10.84 28.38 7.37
CA ARG FA 132 9.60 28.75 8.06
C ARG FA 132 9.90 29.49 9.36
N SER FA 133 10.95 29.08 10.07
CA SER FA 133 11.28 29.74 11.33
C SER FA 133 11.63 31.21 11.12
N LEU FA 134 12.41 31.51 10.08
CA LEU FA 134 12.70 32.91 9.77
C LEU FA 134 11.43 33.66 9.36
N GLY FA 135 10.57 33.02 8.58
CA GLY FA 135 9.34 33.68 8.17
C GLY FA 135 8.41 33.97 9.33
N SER FA 136 8.29 33.03 10.27
CA SER FA 136 7.43 33.24 11.43
C SER FA 136 7.92 34.42 12.27
N VAL FA 137 9.24 34.53 12.45
CA VAL FA 137 9.79 35.66 13.19
C VAL FA 137 9.49 36.97 12.47
N ALA FA 138 9.66 36.98 11.15
CA ALA FA 138 9.32 38.17 10.38
C ALA FA 138 7.83 38.48 10.46
N GLU FA 139 6.99 37.44 10.40
CA GLU FA 139 5.55 37.65 10.44
C GLU FA 139 5.13 38.27 11.76
N ALA FA 140 5.68 37.78 12.87
CA ALA FA 140 5.37 38.37 14.17
C ALA FA 140 5.83 39.82 14.25
N LEU FA 141 6.95 40.13 13.57
CA LEU FA 141 7.40 41.52 13.49
C LEU FA 141 6.38 42.39 12.77
N TRP FA 142 5.81 41.88 11.68
CA TRP FA 142 4.92 42.65 10.83
C TRP FA 142 3.44 42.43 11.16
N GLN FA 143 3.12 41.56 12.13
CA GLN FA 143 1.73 41.19 12.36
C GLN FA 143 0.91 42.40 12.80
N ASN FA 144 1.46 43.21 13.70
CA ASN FA 144 0.77 44.40 14.21
C ASN FA 144 1.33 45.68 13.63
N GLU FA 145 1.89 45.63 12.42
CA GLU FA 145 2.54 46.76 11.78
C GLU FA 145 1.77 47.18 10.55
N ALA FA 146 2.13 48.37 10.04
CA ALA FA 146 1.59 48.91 8.80
C ALA FA 146 2.27 48.22 7.62
N VAL FA 147 2.19 48.83 6.44
CA VAL FA 147 2.65 48.24 5.17
C VAL FA 147 3.94 47.45 5.35
N ARG FA 148 3.92 46.20 4.89
CA ARG FA 148 5.00 45.26 5.14
C ARG FA 148 6.20 45.56 4.24
N PHE FA 149 7.21 44.70 4.32
CA PHE FA 149 8.41 44.84 3.50
C PHE FA 149 9.03 43.44 3.36
N GLU FA 150 8.82 42.81 2.21
CA GLU FA 150 9.45 41.54 1.94
C GLU FA 150 10.96 41.74 1.77
N PRO FA 151 11.76 40.69 2.03
CA PRO FA 151 13.20 40.83 1.86
C PRO FA 151 13.56 41.20 0.43
N ILE FA 152 14.59 42.02 0.29
CA ILE FA 152 15.01 42.47 -1.04
C ILE FA 152 15.54 41.30 -1.84
N ARG FA 153 15.00 41.13 -3.05
CA ARG FA 153 15.41 40.07 -3.94
C ARG FA 153 16.16 40.68 -5.12
N MET FA 154 17.23 40.00 -5.53
CA MET FA 154 18.26 40.57 -6.37
C MET FA 154 18.25 39.83 -7.70
N ILE FA 155 17.36 40.23 -8.61
CA ILE FA 155 16.94 39.40 -9.73
C ILE FA 155 17.18 40.11 -11.05
N LYS FA 156 17.44 39.33 -12.09
CA LYS FA 156 17.82 39.86 -13.40
C LYS FA 156 16.63 39.72 -14.35
N VAL FA 157 16.32 40.79 -15.08
CA VAL FA 157 15.25 40.80 -16.07
C VAL FA 157 15.81 41.26 -17.41
N ASN FA 158 15.60 40.45 -18.45
CA ASN FA 158 15.99 40.80 -19.82
C ASN FA 158 17.46 41.18 -19.91
N GLY FA 159 18.29 40.51 -19.12
CA GLY FA 159 19.70 40.83 -19.10
C GLY FA 159 20.04 42.07 -18.32
N THR FA 160 19.06 42.79 -17.79
CA THR FA 160 19.29 43.97 -16.96
C THR FA 160 19.10 43.57 -15.50
N GLU FA 161 20.19 43.65 -14.74
CA GLU FA 161 20.18 43.14 -13.38
C GLU FA 161 19.60 44.19 -12.44
N LEU FA 162 18.81 43.75 -11.46
CA LEU FA 162 17.98 44.69 -10.70
C LEU FA 162 17.62 44.09 -9.35
N GLN FA 163 17.36 44.96 -8.37
CA GLN FA 163 16.88 44.56 -7.07
C GLN FA 163 15.47 45.10 -6.83
N VAL FA 164 14.63 44.27 -6.22
CA VAL FA 164 13.20 44.56 -6.06
C VAL FA 164 12.92 44.81 -4.58
N VAL FA 165 12.21 45.90 -4.30
CA VAL FA 165 11.73 46.21 -2.96
C VAL FA 165 10.23 45.93 -2.97
N GLU FA 166 9.86 44.74 -2.52
CA GLU FA 166 8.46 44.32 -2.50
C GLU FA 166 7.82 44.67 -1.17
N PHE FA 167 6.72 45.42 -1.21
CA PHE FA 167 5.98 45.80 -0.01
C PHE FA 167 4.50 45.52 -0.22
N LYS FA 168 3.83 45.12 0.85
CA LYS FA 168 2.40 44.85 0.81
C LYS FA 168 1.73 45.53 2.00
N ILE FA 169 0.52 46.04 1.78
CA ILE FA 169 -0.23 46.78 2.78
C ILE FA 169 -1.25 45.82 3.40
N PRO FA 170 -1.23 45.61 4.72
CA PRO FA 170 -2.28 44.83 5.35
C PRO FA 170 -3.64 45.49 5.14
N GLY FA 171 -4.67 44.66 4.98
CA GLY FA 171 -5.95 45.21 4.58
C GLY FA 171 -5.87 45.80 3.18
N SER FA 172 -6.49 46.96 3.00
CA SER FA 172 -6.49 47.62 1.71
C SER FA 172 -6.20 49.12 1.76
N ASN FA 173 -6.40 49.78 2.90
CA ASN FA 173 -6.27 51.23 2.99
C ASN FA 173 -5.32 51.61 4.10
N LEU FA 174 -4.78 52.83 4.01
CA LEU FA 174 -3.88 53.40 4.99
C LEU FA 174 -4.40 54.76 5.45
N PRO FA 175 -4.05 55.18 6.67
CA PRO FA 175 -4.39 56.53 7.10
C PRO FA 175 -3.77 57.57 6.19
N VAL FA 176 -4.50 58.66 5.98
CA VAL FA 176 -4.04 59.70 5.05
C VAL FA 176 -2.79 60.38 5.58
N ASP FA 177 -2.60 60.36 6.91
CA ASP FA 177 -1.42 60.95 7.54
C ASP FA 177 -0.44 59.89 8.05
N PHE FA 178 -0.45 58.70 7.46
CA PHE FA 178 0.40 57.61 7.94
C PHE FA 178 1.87 57.97 7.81
N LEU FA 179 2.24 58.71 6.76
CA LEU FA 179 3.64 59.07 6.54
C LEU FA 179 4.20 59.92 7.67
N HIS FA 180 3.34 60.61 8.42
CA HIS FA 180 3.82 61.48 9.49
C HIS FA 180 4.49 60.70 10.60
N HIS FA 181 3.94 59.54 10.97
CA HIS FA 181 4.41 58.78 12.11
C HIS FA 181 5.26 57.57 11.71
N TRP FA 182 5.66 57.47 10.45
CA TRP FA 182 6.47 56.33 10.01
C TRP FA 182 7.92 56.50 10.48
N ASP FA 183 8.57 55.37 10.73
CA ASP FA 183 9.96 55.33 11.18
C ASP FA 183 10.82 54.54 10.21
N LEU FA 184 10.67 54.82 8.91
CA LEU FA 184 11.32 54.05 7.86
C LEU FA 184 11.99 54.98 6.86
N LYS FA 185 12.82 55.89 7.36
CA LYS FA 185 13.66 56.67 6.47
C LYS FA 185 14.61 55.76 5.72
N ILE FA 186 14.55 55.82 4.39
CA ILE FA 186 15.24 54.83 3.55
C ILE FA 186 16.69 55.19 3.26
N GLU FA 187 17.11 56.43 3.56
CA GLU FA 187 18.48 56.83 3.30
C GLU FA 187 19.48 56.09 4.18
N ASP FA 188 19.04 55.46 5.26
CA ASP FA 188 19.92 54.74 6.17
C ASP FA 188 20.11 53.29 5.78
N PHE FA 189 19.50 52.84 4.67
CA PHE FA 189 19.60 51.44 4.24
C PHE FA 189 20.24 51.32 2.86
N ILE FA 190 20.91 52.37 2.39
CA ILE FA 190 21.55 52.37 1.08
C ILE FA 190 23.05 52.22 1.28
N ALA FA 191 23.63 51.22 0.62
CA ALA FA 191 25.08 51.02 0.72
C ALA FA 191 25.83 52.14 0.03
N THR FA 192 26.92 52.58 0.64
CA THR FA 192 27.76 53.62 0.07
C THR FA 192 28.95 53.06 -0.70
N SER FA 193 29.37 51.85 -0.39
CA SER FA 193 30.47 51.20 -1.08
C SER FA 193 30.09 49.77 -1.42
N PRO FA 194 30.64 49.20 -2.49
CA PRO FA 194 30.30 47.81 -2.85
C PRO FA 194 30.62 46.82 -1.75
N ASN FA 195 31.73 47.03 -1.02
CA ASN FA 195 32.10 46.11 0.05
C ASN FA 195 31.15 46.23 1.24
N GLU FA 196 30.66 47.42 1.52
CA GLU FA 196 29.78 47.63 2.66
C GLU FA 196 28.48 46.86 2.46
N GLN FA 197 28.01 46.19 3.52
CA GLN FA 197 26.79 45.41 3.46
C GLN FA 197 25.61 46.24 3.95
N LYS FA 198 24.53 46.24 3.18
CA LYS FA 198 23.35 47.03 3.46
C LYS FA 198 22.16 46.36 2.77
N PRO FA 199 20.94 46.66 3.20
CA PRO FA 199 19.77 46.10 2.49
C PRO FA 199 19.71 46.44 1.02
N VAL FA 200 20.15 47.65 0.64
CA VAL FA 200 20.12 48.10 -0.74
C VAL FA 200 21.55 48.10 -1.26
N LYS FA 201 21.79 47.38 -2.35
CA LYS FA 201 23.12 47.29 -2.93
C LYS FA 201 23.55 48.64 -3.51
N PHE FA 202 24.85 48.90 -3.43
CA PHE FA 202 25.39 50.17 -3.92
C PHE FA 202 25.39 50.18 -5.44
N ASP FA 203 24.82 51.25 -6.01
CA ASP FA 203 24.79 51.54 -7.45
C ASP FA 203 23.94 50.55 -8.24
N VAL FA 204 23.35 49.55 -7.60
CA VAL FA 204 22.50 48.60 -8.33
C VAL FA 204 21.10 49.19 -8.46
N PRO FA 205 20.52 49.19 -9.66
CA PRO FA 205 19.18 49.77 -9.82
C PRO FA 205 18.16 49.08 -8.93
N VAL FA 206 17.24 49.87 -8.39
CA VAL FA 206 16.26 49.41 -7.41
C VAL FA 206 14.86 49.56 -7.99
N ALA FA 207 14.04 48.53 -7.83
CA ALA FA 207 12.67 48.52 -8.33
C ALA FA 207 11.69 48.50 -7.17
N LEU FA 208 10.58 49.20 -7.34
CA LEU FA 208 9.49 49.21 -6.37
C LEU FA 208 8.33 48.39 -6.94
N TYR FA 209 7.84 47.44 -6.14
CA TYR FA 209 6.81 46.52 -6.58
C TYR FA 209 5.72 46.45 -5.52
N GLY FA 210 4.48 46.26 -5.96
CA GLY FA 210 3.37 46.14 -5.05
C GLY FA 210 2.37 47.27 -5.19
N PRO FA 211 1.09 46.96 -5.00
CA PRO FA 211 0.07 48.00 -5.10
C PRO FA 211 0.21 49.02 -3.97
N GLY FA 212 -0.17 50.27 -4.27
CA GLY FA 212 -0.09 51.32 -3.29
C GLY FA 212 -0.47 52.68 -3.87
N PRO FA 213 -0.65 53.66 -3.00
CA PRO FA 213 -1.01 55.00 -3.46
C PRO FA 213 0.18 55.69 -4.11
N ASN FA 214 -0.12 56.78 -4.82
CA ASN FA 214 0.93 57.52 -5.52
C ASN FA 214 1.90 58.16 -4.55
N TRP FA 215 1.40 58.71 -3.44
CA TRP FA 215 2.29 59.39 -2.50
C TRP FA 215 3.27 58.42 -1.85
N LEU FA 216 2.84 57.19 -1.57
CA LEU FA 216 3.77 56.19 -1.04
C LEU FA 216 4.86 55.89 -2.06
N TYR FA 217 4.49 55.76 -3.33
CA TYR FA 217 5.50 55.56 -4.38
C TYR FA 217 6.41 56.78 -4.49
N ALA FA 218 5.83 57.98 -4.43
CA ALA FA 218 6.64 59.19 -4.49
C ALA FA 218 7.55 59.31 -3.28
N PHE FA 219 7.05 58.94 -2.09
CA PHE FA 219 7.85 59.05 -0.88
C PHE FA 219 9.06 58.12 -0.92
N LEU FA 220 8.90 56.92 -1.46
CA LEU FA 220 10.01 55.97 -1.51
C LEU FA 220 11.00 56.32 -2.62
N THR FA 221 10.50 56.82 -3.76
CA THR FA 221 11.36 57.06 -4.90
C THR FA 221 12.27 58.26 -4.68
N LEU FA 222 11.77 59.28 -3.99
CA LEU FA 222 12.50 60.55 -3.91
C LEU FA 222 13.88 60.43 -3.26
N PRO FA 223 14.06 59.76 -2.13
CA PRO FA 223 15.40 59.72 -1.51
C PRO FA 223 16.43 58.96 -2.32
N PHE FA 224 16.06 58.37 -3.46
CA PHE FA 224 16.99 57.62 -4.28
C PHE FA 224 17.71 58.49 -5.31
N LYS FA 225 17.43 59.79 -5.35
CA LYS FA 225 18.11 60.66 -6.29
C LYS FA 225 19.60 60.75 -5.94
N ASN FA 226 20.44 60.72 -6.98
CA ASN FA 226 21.89 60.72 -6.87
C ASN FA 226 22.43 59.52 -6.11
N ARG FA 227 21.59 58.51 -5.87
CA ARG FA 227 21.99 57.31 -5.14
C ARG FA 227 21.85 56.04 -5.96
N ASN FA 228 20.71 55.84 -6.62
CA ASN FA 228 20.49 54.61 -7.37
C ASN FA 228 19.51 54.87 -8.49
N THR FA 229 19.56 54.00 -9.50
CA THR FA 229 18.57 54.02 -10.57
C THR FA 229 17.27 53.40 -10.07
N VAL FA 230 16.15 54.07 -10.36
CA VAL FA 230 14.85 53.70 -9.82
C VAL FA 230 14.00 53.09 -10.93
N PHE FA 231 13.37 51.96 -10.63
CA PHE FA 231 12.40 51.32 -11.51
C PHE FA 231 11.07 51.22 -10.80
N VAL FA 232 9.98 51.39 -11.53
CA VAL FA 232 8.62 51.38 -10.98
C VAL FA 232 7.81 50.33 -11.73
N PHE FA 233 7.07 49.52 -10.99
CA PHE FA 233 6.23 48.48 -11.56
C PHE FA 233 4.82 49.02 -11.72
N ASN FA 234 4.26 48.85 -12.92
CA ASN FA 234 2.89 49.27 -13.23
C ASN FA 234 2.06 48.04 -13.55
N SER FA 235 0.88 47.96 -12.96
CA SER FA 235 0.01 46.79 -13.11
C SER FA 235 -0.82 46.82 -14.38
N ARG FA 236 -0.89 47.96 -15.08
CA ARG FA 236 -1.69 48.03 -16.30
C ARG FA 236 -1.16 47.07 -17.36
N THR FA 237 0.17 47.00 -17.50
CA THR FA 237 0.79 46.12 -18.46
C THR FA 237 1.79 45.16 -17.85
N SER FA 238 2.12 45.31 -16.57
CA SER FA 238 3.00 44.41 -15.83
C SER FA 238 4.42 44.36 -16.38
N GLU FA 239 5.10 45.50 -16.42
CA GLU FA 239 6.55 45.55 -16.53
C GLU FA 239 7.07 46.62 -15.57
N TYR FA 240 8.39 46.76 -15.54
CA TYR FA 240 9.05 47.78 -14.73
C TYR FA 240 9.36 48.99 -15.58
N ILE FA 241 9.03 50.18 -15.06
CA ILE FA 241 9.21 51.43 -15.78
C ILE FA 241 10.37 52.18 -15.14
N CYS FA 242 11.35 52.58 -15.95
CA CYS FA 242 12.50 53.31 -15.48
C CYS FA 242 12.17 54.79 -15.37
N VAL FA 243 12.41 55.37 -14.19
CA VAL FA 243 12.15 56.78 -13.98
C VAL FA 243 13.44 57.58 -13.78
N TYR FA 244 14.47 57.00 -13.17
CA TYR FA 244 15.75 57.66 -12.99
C TYR FA 244 16.82 56.90 -13.75
N SER FA 245 17.74 57.64 -14.37
CA SER FA 245 18.88 57.06 -15.07
C SER FA 245 20.15 57.56 -14.40
N LYS FA 246 20.62 56.83 -13.40
CA LYS FA 246 21.88 57.14 -12.76
C LYS FA 246 23.03 56.25 -13.21
N SER FA 247 22.76 55.25 -14.04
CA SER FA 247 23.77 54.35 -14.57
C SER FA 247 23.79 54.41 -16.08
N ALA FA 248 24.98 54.32 -16.66
CA ALA FA 248 25.11 54.35 -18.11
C ALA FA 248 24.47 53.12 -18.73
N GLY FA 249 23.99 53.28 -19.96
CA GLY FA 249 23.35 52.19 -20.68
C GLY FA 249 21.85 52.10 -20.53
N LEU FA 250 21.25 52.91 -19.66
CA LEU FA 250 19.80 52.93 -19.50
C LEU FA 250 19.32 54.36 -19.40
N ALA FA 251 18.07 54.57 -19.79
CA ALA FA 251 17.44 55.89 -19.82
C ALA FA 251 16.04 55.79 -19.21
N PRO FA 252 15.49 56.90 -18.71
CA PRO FA 252 14.14 56.85 -18.12
C PRO FA 252 13.08 56.62 -19.18
N GLY FA 253 12.49 55.43 -19.22
CA GLY FA 253 11.42 55.16 -20.16
C GLY FA 253 11.41 53.75 -20.70
N MET FA 254 12.51 53.03 -20.60
CA MET FA 254 12.55 51.66 -21.10
C MET FA 254 11.80 50.73 -20.14
N VAL FA 255 11.47 49.55 -20.64
CA VAL FA 255 10.61 48.61 -19.92
C VAL FA 255 11.33 47.28 -19.78
N LEU FA 256 11.10 46.61 -18.65
CA LEU FA 256 11.63 45.28 -18.38
C LEU FA 256 10.45 44.31 -18.37
N LYS FA 257 10.23 43.65 -19.52
CA LYS FA 257 9.11 42.73 -19.64
C LYS FA 257 9.27 41.56 -18.69
N GLY FA 258 8.20 41.23 -17.98
CA GLY FA 258 8.21 40.14 -17.03
C GLY FA 258 8.18 38.77 -17.70
N PRO GA 2 7.53 71.04 -23.73
CA PRO GA 2 7.84 71.07 -25.16
C PRO GA 2 8.66 72.27 -25.56
N GLN GA 3 9.58 72.09 -26.51
CA GLN GA 3 10.45 73.15 -26.99
C GLN GA 3 9.64 74.04 -27.93
N ALA GA 4 9.94 75.34 -27.91
CA ALA GA 4 9.22 76.31 -28.72
C ALA GA 4 10.17 77.41 -29.19
N PHE GA 5 9.98 77.84 -30.44
CA PHE GA 5 10.74 78.94 -31.02
C PHE GA 5 9.79 80.08 -31.35
N PHE GA 6 10.21 81.31 -31.06
CA PHE GA 6 9.40 82.50 -31.32
C PHE GA 6 10.08 83.34 -32.39
N SER GA 7 9.47 83.41 -33.57
CA SER GA 7 9.89 84.31 -34.63
C SER GA 7 8.94 85.49 -34.65
N HIS GA 8 9.46 86.69 -34.37
CA HIS GA 8 8.61 87.84 -34.17
C HIS GA 8 9.39 89.11 -34.50
N ASN GA 9 8.65 90.13 -34.93
CA ASN GA 9 9.24 91.43 -35.23
C ASN GA 9 9.17 92.33 -34.00
N ASN GA 10 10.06 93.33 -33.98
CA ASN GA 10 10.22 94.16 -32.78
C ASN GA 10 8.99 95.00 -32.47
N LYS GA 11 8.10 95.22 -33.44
CA LYS GA 11 6.90 95.99 -33.16
C LYS GA 11 5.96 95.23 -32.23
N ASP GA 12 5.82 93.91 -32.42
CA ASP GA 12 4.99 93.08 -31.56
C ASP GA 12 5.78 92.49 -30.40
N LYS GA 13 6.90 93.11 -30.02
CA LYS GA 13 7.68 92.61 -28.89
C LYS GA 13 6.88 92.69 -27.59
N LYS GA 14 6.03 93.70 -27.47
CA LYS GA 14 5.24 93.86 -26.25
C LYS GA 14 4.28 92.69 -26.06
N ILE GA 15 3.66 92.23 -27.14
CA ILE GA 15 2.66 91.16 -27.02
C ILE GA 15 3.28 89.78 -27.01
N VAL GA 16 4.50 89.62 -27.52
CA VAL GA 16 5.09 88.29 -27.64
C VAL GA 16 5.55 87.78 -26.29
N LEU GA 17 6.25 88.63 -25.51
CA LEU GA 17 6.84 88.15 -24.27
C LEU GA 17 5.76 87.80 -23.23
N GLU GA 18 4.63 88.51 -23.26
CA GLU GA 18 3.54 88.16 -22.36
C GLU GA 18 2.89 86.85 -22.76
N VAL GA 19 2.81 86.56 -24.06
CA VAL GA 19 2.37 85.24 -24.51
C VAL GA 19 3.41 84.19 -24.14
N LEU GA 20 4.68 84.51 -24.35
CA LEU GA 20 5.75 83.57 -24.02
C LEU GA 20 5.80 83.31 -22.51
N GLU GA 21 5.62 84.35 -21.70
CA GLU GA 21 5.61 84.17 -20.26
C GLU GA 21 4.48 83.24 -19.83
N HIS GA 22 3.29 83.42 -20.40
CA HIS GA 22 2.19 82.52 -20.12
C HIS GA 22 2.51 81.11 -20.58
N LEU GA 23 3.12 80.98 -21.76
CA LEU GA 23 3.55 79.67 -22.24
C LEU GA 23 4.62 79.09 -21.34
N ARG GA 24 5.55 79.91 -20.86
CA ARG GA 24 6.55 79.43 -19.92
C ARG GA 24 5.91 78.93 -18.62
N GLN GA 25 4.85 79.61 -18.16
CA GLN GA 25 4.12 79.15 -16.99
C GLN GA 25 3.50 77.78 -17.21
N SER GA 26 3.27 77.38 -18.47
CA SER GA 26 2.74 76.07 -18.80
C SER GA 26 3.85 75.04 -19.05
N LEU GA 27 5.03 75.24 -18.47
CA LEU GA 27 6.16 74.31 -18.58
C LEU GA 27 6.57 74.08 -20.03
N VAL GA 28 6.56 75.15 -20.84
CA VAL GA 28 6.93 75.07 -22.24
C VAL GA 28 8.30 75.73 -22.39
N ALA GA 29 9.23 75.00 -23.02
CA ALA GA 29 10.57 75.54 -23.23
C ALA GA 29 10.55 76.56 -24.37
N THR GA 30 10.96 77.78 -24.06
CA THR GA 30 10.91 78.89 -25.01
C THR GA 30 12.29 79.51 -25.20
N TRP GA 31 12.60 79.85 -26.45
CA TRP GA 31 13.85 80.52 -26.82
C TRP GA 31 13.51 81.62 -27.83
N ILE GA 32 13.97 82.83 -27.56
CA ILE GA 32 13.77 83.94 -28.49
C ILE GA 32 15.01 84.20 -29.32
N ASP GA 33 16.12 84.53 -28.67
CA ASP GA 33 17.37 84.80 -29.36
C ASP GA 33 18.52 84.02 -28.74
N SER GA 42 20.65 81.92 -34.57
CA SER GA 42 19.35 82.17 -35.18
C SER GA 42 18.32 81.18 -34.66
N LEU GA 43 17.44 80.72 -35.56
CA LEU GA 43 16.41 79.76 -35.20
C LEU GA 43 16.36 78.60 -36.18
N ILE GA 44 16.83 78.84 -37.40
CA ILE GA 44 16.72 77.82 -38.45
C ILE GA 44 17.59 76.61 -38.11
N GLN GA 45 18.85 76.85 -37.76
CA GLN GA 45 19.74 75.75 -37.39
C GLN GA 45 19.42 75.17 -36.02
N GLN GA 46 18.78 75.94 -35.13
CA GLN GA 46 18.35 75.41 -33.86
C GLN GA 46 17.19 74.42 -34.00
N ILE GA 47 16.55 74.39 -35.17
CA ILE GA 47 15.52 73.39 -35.44
C ILE GA 47 16.12 72.00 -35.39
N ILE GA 48 17.30 71.82 -35.94
CA ILE GA 48 17.95 70.50 -35.98
C ILE GA 48 18.66 70.33 -34.65
N ALA GA 49 17.89 69.91 -33.64
CA ALA GA 49 18.41 69.70 -32.29
C ALA GA 49 17.40 68.93 -31.46
N GLY GA 50 17.84 67.87 -30.81
CA GLY GA 50 16.95 67.09 -29.96
C GLY GA 50 16.40 65.88 -30.68
N ILE GA 51 15.08 65.71 -30.62
CA ILE GA 51 14.41 64.54 -31.15
C ILE GA 51 13.44 64.95 -32.25
N SER GA 52 12.76 63.96 -32.83
CA SER GA 52 11.77 64.21 -33.87
C SER GA 52 10.69 65.17 -33.40
N LYS GA 53 10.21 65.02 -32.17
CA LYS GA 53 9.38 66.04 -31.53
C LYS GA 53 10.29 67.21 -31.12
N SER GA 54 10.64 68.02 -32.12
CA SER GA 54 11.61 69.07 -31.91
C SER GA 54 11.00 70.28 -31.20
N GLN GA 55 10.06 70.95 -31.85
CA GLN GA 55 9.52 72.21 -31.37
C GLN GA 55 8.36 72.61 -32.28
N TYR GA 56 7.51 73.51 -31.80
CA TYR GA 56 6.36 74.00 -32.56
C TYR GA 56 6.62 75.45 -32.93
N PHE GA 57 6.62 75.75 -34.22
CA PHE GA 57 6.94 77.08 -34.71
C PHE GA 57 5.79 78.03 -34.44
N LEU GA 58 6.07 79.13 -33.74
CA LEU GA 58 5.09 80.18 -33.49
C LEU GA 58 5.36 81.31 -34.48
N ALA GA 59 4.61 81.32 -35.57
CA ALA GA 59 4.77 82.34 -36.61
C ALA GA 59 3.83 83.50 -36.28
N PHE GA 60 4.38 84.55 -35.69
CA PHE GA 60 3.60 85.72 -35.28
C PHE GA 60 3.38 86.62 -36.51
N LEU GA 61 2.48 86.18 -37.37
CA LEU GA 61 2.18 86.94 -38.58
C LEU GA 61 1.38 88.19 -38.24
N SER GA 62 1.70 89.28 -38.93
CA SER GA 62 1.03 90.55 -38.73
C SER GA 62 1.17 91.37 -40.01
N ASN GA 63 0.45 92.49 -40.06
CA ASN GA 63 0.55 93.37 -41.22
C ASN GA 63 1.96 93.89 -41.41
N GLU GA 64 2.60 94.36 -40.33
CA GLU GA 64 3.99 94.80 -40.44
C GLU GA 64 4.92 93.62 -40.61
N TYR GA 65 4.55 92.46 -40.09
CA TYR GA 65 5.43 91.29 -40.16
C TYR GA 65 5.71 90.90 -41.61
N LEU GA 66 4.75 91.14 -42.51
CA LEU GA 66 4.91 90.69 -43.88
C LEU GA 66 5.80 91.58 -44.74
N LYS GA 67 6.21 92.76 -44.28
CA LYS GA 67 7.10 93.58 -45.11
C LYS GA 67 8.57 93.35 -44.79
N SER GA 68 8.88 92.40 -43.92
CA SER GA 68 10.25 92.11 -43.51
C SER GA 68 10.76 90.92 -44.29
N ASP GA 69 11.86 91.11 -45.01
CA ASP GA 69 12.44 90.02 -45.80
C ASP GA 69 13.17 89.02 -44.90
N TRP GA 70 13.77 89.50 -43.81
CA TRP GA 70 14.49 88.61 -42.91
C TRP GA 70 13.55 87.57 -42.31
N CYS GA 71 12.41 88.01 -41.78
CA CYS GA 71 11.44 87.07 -41.22
C CYS GA 71 10.80 86.23 -42.32
N TRP GA 72 10.56 86.83 -43.50
CA TRP GA 72 9.91 86.09 -44.57
C TRP GA 72 10.75 84.92 -45.03
N ASP GA 73 12.06 85.11 -45.19
CA ASP GA 73 12.92 83.99 -45.52
C ASP GA 73 13.08 83.04 -44.35
N GLU GA 74 12.98 83.55 -43.12
CA GLU GA 74 12.97 82.68 -41.95
C GLU GA 74 11.77 81.74 -41.98
N LEU GA 75 10.59 82.26 -42.36
CA LEU GA 75 9.41 81.43 -42.49
C LEU GA 75 9.57 80.42 -43.63
N GLU GA 76 10.23 80.83 -44.71
CA GLU GA 76 10.36 79.96 -45.88
C GLU GA 76 11.13 78.69 -45.56
N GLN GA 77 12.32 78.82 -44.98
CA GLN GA 77 13.13 77.65 -44.68
C GLN GA 77 12.47 76.76 -43.64
N ALA GA 78 11.84 77.37 -42.62
CA ALA GA 78 11.20 76.58 -41.57
C ALA GA 78 10.08 75.72 -42.13
N TYR GA 79 9.26 76.28 -43.02
CA TYR GA 79 8.21 75.49 -43.64
C TYR GA 79 8.81 74.54 -44.68
N ALA GA 80 9.92 74.93 -45.29
CA ALA GA 80 10.57 74.06 -46.28
C ALA GA 80 10.99 72.74 -45.66
N LEU GA 81 11.57 72.78 -44.46
CA LEU GA 81 11.92 71.56 -43.75
C LEU GA 81 10.81 71.09 -42.82
N HIS GA 82 9.71 71.83 -42.73
CA HIS GA 82 8.54 71.33 -42.01
C HIS GA 82 7.88 70.17 -42.75
N GLN GA 83 7.93 70.19 -44.08
CA GLN GA 83 7.35 69.10 -44.86
C GLN GA 83 8.04 67.78 -44.57
N LYS GA 84 9.31 67.82 -44.16
CA LYS GA 84 10.01 66.62 -43.73
C LYS GA 84 9.47 66.06 -42.42
N GLY GA 85 8.62 66.81 -41.72
CA GLY GA 85 8.11 66.38 -40.44
C GLY GA 85 8.99 66.68 -39.25
N LYS GA 86 10.10 67.41 -39.46
CA LYS GA 86 10.97 67.75 -38.34
C LYS GA 86 10.27 68.69 -37.36
N VAL GA 87 9.54 69.67 -37.88
CA VAL GA 87 8.89 70.68 -37.05
C VAL GA 87 7.50 70.96 -37.62
N LYS GA 88 6.55 71.20 -36.72
CA LYS GA 88 5.21 71.63 -37.09
C LYS GA 88 5.02 73.09 -36.73
N ILE GA 89 4.38 73.83 -37.62
CA ILE GA 89 4.22 75.27 -37.51
C ILE GA 89 2.78 75.58 -37.18
N ILE GA 90 2.57 76.48 -36.22
CA ILE GA 90 1.25 77.05 -36.00
C ILE GA 90 1.36 78.55 -36.25
N PRO GA 91 0.59 79.10 -37.19
CA PRO GA 91 0.65 80.54 -37.46
C PRO GA 91 -0.30 81.29 -36.53
N ILE GA 92 0.26 82.21 -35.74
CA ILE GA 92 -0.53 83.05 -34.85
C ILE GA 92 -0.64 84.43 -35.49
N LEU GA 93 -1.86 84.83 -35.83
CA LEU GA 93 -2.10 86.06 -36.58
C LEU GA 93 -2.37 87.19 -35.59
N LEU GA 94 -1.49 88.18 -35.57
CA LEU GA 94 -1.67 89.32 -34.68
C LEU GA 94 -2.96 90.06 -34.99
N THR GA 95 -3.26 90.25 -36.27
CA THR GA 95 -4.50 90.84 -36.72
C THR GA 95 -5.40 89.76 -37.33
N ASN GA 96 -6.66 90.11 -37.52
CA ASN GA 96 -7.62 89.18 -38.09
C ASN GA 96 -7.39 89.06 -39.59
N ARG GA 97 -7.86 87.93 -40.15
CA ARG GA 97 -7.62 87.60 -41.56
C ARG GA 97 -8.14 88.70 -42.47
N ALA GA 98 -9.23 89.36 -42.08
CA ALA GA 98 -9.93 90.27 -42.99
C ALA GA 98 -9.04 91.43 -43.43
N GLN GA 99 -8.27 92.00 -42.51
CA GLN GA 99 -7.44 93.17 -42.82
C GLN GA 99 -5.98 92.83 -43.05
N LEU GA 100 -5.66 91.58 -43.37
CA LEU GA 100 -4.28 91.21 -43.64
C LEU GA 100 -3.83 91.83 -44.96
N ASP GA 101 -2.56 92.25 -45.02
CA ASP GA 101 -2.01 92.95 -46.18
C ASP GA 101 -1.45 91.93 -47.17
N LEU GA 102 -2.29 91.56 -48.14
CA LEU GA 102 -1.89 90.61 -49.18
C LEU GA 102 -1.44 91.28 -50.47
N ASN GA 103 -2.07 92.40 -50.85
CA ASN GA 103 -1.73 93.04 -52.11
C ASN GA 103 -0.30 93.56 -52.12
N ALA GA 104 0.20 93.95 -50.94
CA ALA GA 104 1.60 94.38 -50.86
C ALA GA 104 2.55 93.24 -51.18
N LEU GA 105 2.23 92.03 -50.72
CA LEU GA 105 3.07 90.87 -50.99
C LEU GA 105 3.04 90.53 -52.48
N THR GA 106 4.17 90.02 -52.96
CA THR GA 106 4.28 89.60 -54.35
C THR GA 106 3.42 88.35 -54.59
N ASP GA 107 3.35 87.95 -55.86
CA ASP GA 107 2.54 86.79 -56.21
C ASP GA 107 3.07 85.53 -55.54
N ALA GA 108 4.38 85.32 -55.54
CA ALA GA 108 4.95 84.15 -54.90
C ALA GA 108 4.73 84.19 -53.38
N ARG GA 109 4.93 85.36 -52.77
CA ARG GA 109 4.71 85.47 -51.33
C ARG GA 109 3.24 85.32 -50.97
N ARG GA 110 2.35 85.94 -51.75
CA ARG GA 110 0.92 85.82 -51.47
C ARG GA 110 0.45 84.39 -51.62
N ASN GA 111 0.91 83.70 -52.66
CA ASN GA 111 0.54 82.29 -52.84
C ASN GA 111 1.09 81.44 -51.71
N PHE GA 112 2.34 81.70 -51.30
CA PHE GA 112 2.94 80.94 -50.20
C PHE GA 112 2.17 81.17 -48.90
N LEU GA 113 1.81 82.43 -48.62
CA LEU GA 113 1.03 82.71 -47.42
C LEU GA 113 -0.35 82.08 -47.50
N GLU GA 114 -0.98 82.14 -48.68
CA GLU GA 114 -2.27 81.48 -48.85
C GLU GA 114 -2.13 79.96 -48.77
N SER GA 115 -0.96 79.44 -49.17
CA SER GA 115 -0.73 78.01 -49.07
C SER GA 115 -0.70 77.55 -47.62
N ILE GA 116 -0.09 78.34 -46.74
CA ILE GA 116 0.04 77.93 -45.33
C ILE GA 116 -1.20 78.25 -44.52
N LEU GA 117 -1.99 79.24 -44.94
CA LEU GA 117 -3.18 79.61 -44.15
C LEU GA 117 -4.31 78.61 -44.33
N THR GA 118 -4.44 78.04 -45.53
CA THR GA 118 -5.54 77.14 -45.83
C THR GA 118 -5.23 75.70 -45.43
N ARG GA 119 -4.09 75.17 -45.87
CA ARG GA 119 -3.76 73.78 -45.60
C ARG GA 119 -3.40 73.53 -44.14
N LEU GA 120 -3.14 74.58 -43.37
CA LEU GA 120 -2.72 74.42 -41.98
C LEU GA 120 -3.57 75.34 -41.10
N LYS GA 121 -4.01 74.82 -39.96
CA LYS GA 121 -4.90 75.56 -39.08
C LYS GA 121 -4.18 76.74 -38.44
N TYR GA 122 -4.87 77.88 -38.39
CA TYR GA 122 -4.33 79.09 -37.78
C TYR GA 122 -5.11 79.42 -36.52
N VAL GA 123 -4.48 80.22 -35.65
CA VAL GA 123 -5.07 80.66 -34.40
C VAL GA 123 -5.12 82.18 -34.41
N GLU GA 124 -6.28 82.74 -34.06
CA GLU GA 124 -6.48 84.18 -34.08
C GLU GA 124 -5.97 84.81 -32.79
N PHE GA 125 -5.46 86.04 -32.90
CA PHE GA 125 -5.02 86.80 -31.74
C PHE GA 125 -5.75 88.13 -31.73
N ASP GA 126 -6.44 88.41 -30.62
CA ASP GA 126 -7.15 89.66 -30.43
C ASP GA 126 -6.83 90.17 -29.03
N PRO GA 127 -6.17 91.32 -28.91
CA PRO GA 127 -5.69 91.75 -27.58
C PRO GA 127 -6.78 91.98 -26.56
N HIS GA 128 -7.97 92.46 -26.96
CA HIS GA 128 -8.99 92.81 -25.97
C HIS GA 128 -9.50 91.57 -25.24
N ASN GA 129 -9.54 90.43 -25.93
CA ASN GA 129 -9.84 89.15 -25.29
C ASN GA 129 -8.53 88.43 -24.99
N MET GA 130 -7.85 88.91 -23.95
CA MET GA 130 -6.55 88.34 -23.59
C MET GA 130 -6.68 86.89 -23.12
N THR GA 131 -7.67 86.62 -22.27
CA THR GA 131 -7.74 85.32 -21.61
C THR GA 131 -7.98 84.18 -22.60
N ARG GA 132 -8.96 84.34 -23.49
CA ARG GA 132 -9.26 83.27 -24.43
C ARG GA 132 -8.19 83.18 -25.51
N SER GA 133 -7.53 84.30 -25.79
CA SER GA 133 -6.41 84.27 -26.73
C SER GA 133 -5.26 83.42 -26.20
N LEU GA 134 -4.94 83.56 -24.91
CA LEU GA 134 -3.88 82.76 -24.32
C LEU GA 134 -4.23 81.28 -24.33
N GLY GA 135 -5.48 80.95 -24.01
CA GLY GA 135 -5.90 79.56 -24.02
C GLY GA 135 -5.87 78.95 -25.42
N SER GA 136 -6.28 79.72 -26.42
CA SER GA 136 -6.29 79.20 -27.79
C SER GA 136 -4.88 78.87 -28.27
N VAL GA 137 -3.91 79.72 -27.96
CA VAL GA 137 -2.52 79.43 -28.30
C VAL GA 137 -2.05 78.18 -27.56
N ALA GA 138 -2.37 78.09 -26.26
CA ALA GA 138 -2.00 76.91 -25.49
C ALA GA 138 -2.72 75.67 -26.02
N GLU GA 139 -4.01 75.80 -26.35
CA GLU GA 139 -4.75 74.66 -26.87
C GLU GA 139 -4.17 74.18 -28.20
N ALA GA 140 -3.78 75.11 -29.06
CA ALA GA 140 -3.11 74.74 -30.30
C ALA GA 140 -1.77 74.06 -30.01
N LEU GA 141 -1.09 74.50 -28.96
CA LEU GA 141 0.18 73.89 -28.59
C LEU GA 141 0.00 72.44 -28.16
N TRP GA 142 -1.02 72.17 -27.33
CA TRP GA 142 -1.23 70.85 -26.76
C TRP GA 142 -2.15 69.98 -27.60
N GLN GA 143 -2.64 70.48 -28.74
CA GLN GA 143 -3.63 69.73 -29.51
C GLN GA 143 -3.07 68.41 -30.03
N ASN GA 144 -1.86 68.44 -30.58
CA ASN GA 144 -1.22 67.25 -31.13
C ASN GA 144 -0.18 66.67 -30.18
N GLU GA 145 -0.18 67.10 -28.92
CA GLU GA 145 0.84 66.74 -27.96
C GLU GA 145 0.28 65.68 -27.01
N ALA GA 146 1.20 65.06 -26.25
CA ALA GA 146 0.85 64.15 -25.17
C ALA GA 146 0.40 64.97 -23.97
N VAL GA 147 0.38 64.37 -22.79
CA VAL GA 147 -0.16 64.99 -21.57
C VAL GA 147 0.25 66.46 -21.49
N ARG GA 148 -0.72 67.31 -21.21
CA ARG GA 148 -0.54 68.75 -21.24
C ARG GA 148 -0.27 69.29 -19.84
N PHE GA 149 0.16 70.55 -19.79
CA PHE GA 149 0.48 71.21 -18.54
C PHE GA 149 -0.29 72.52 -18.43
N GLU GA 150 -1.00 72.70 -17.34
CA GLU GA 150 -1.70 73.93 -17.06
C GLU GA 150 -0.76 74.95 -16.45
N PRO GA 151 -1.05 76.25 -16.59
CA PRO GA 151 -0.19 77.26 -15.97
C PRO GA 151 -0.12 77.07 -14.47
N ILE GA 152 1.07 77.33 -13.92
CA ILE GA 152 1.28 77.14 -12.49
C ILE GA 152 0.53 78.21 -11.72
N ARG GA 153 -0.26 77.78 -10.73
CA ARG GA 153 -1.14 78.67 -9.98
C ARG GA 153 -0.60 78.84 -8.57
N MET GA 154 -0.52 80.10 -8.12
CA MET GA 154 -0.07 80.43 -6.77
C MET GA 154 -1.27 80.35 -5.85
N ILE GA 155 -1.47 79.19 -5.25
CA ILE GA 155 -2.65 78.93 -4.44
C ILE GA 155 -2.23 78.72 -2.98
N LYS GA 156 -3.20 78.91 -2.08
CA LYS GA 156 -3.00 78.80 -0.65
C LYS GA 156 -4.05 77.86 -0.08
N VAL GA 157 -3.60 76.81 0.61
CA VAL GA 157 -4.49 75.88 1.29
C VAL GA 157 -4.06 75.79 2.76
N ASN GA 158 -5.01 76.08 3.66
CA ASN GA 158 -4.79 75.96 5.10
C ASN GA 158 -3.60 76.80 5.56
N GLY GA 159 -3.40 77.94 4.90
CA GLY GA 159 -2.33 78.84 5.28
C GLY GA 159 -0.95 78.45 4.79
N THR GA 160 -0.85 77.51 3.85
CA THR GA 160 0.43 77.06 3.32
C THR GA 160 0.54 77.42 1.85
N GLU GA 161 1.67 78.04 1.47
CA GLU GA 161 1.90 78.41 0.08
C GLU GA 161 2.21 77.17 -0.74
N LEU GA 162 1.55 77.05 -1.89
CA LEU GA 162 1.81 75.94 -2.81
C LEU GA 162 1.69 76.46 -4.24
N GLN GA 163 2.44 75.82 -5.13
CA GLN GA 163 2.36 76.09 -6.57
C GLN GA 163 1.94 74.80 -7.25
N VAL GA 164 0.68 74.71 -7.64
CA VAL GA 164 0.13 73.47 -8.19
C VAL GA 164 0.57 73.33 -9.65
N VAL GA 165 1.15 72.18 -9.96
CA VAL GA 165 1.52 71.83 -11.32
C VAL GA 165 0.52 70.76 -11.77
N GLU GA 166 -0.54 71.18 -12.44
CA GLU GA 166 -1.62 70.29 -12.85
C GLU GA 166 -1.41 69.88 -14.29
N PHE GA 167 -1.48 68.56 -14.53
CA PHE GA 167 -1.33 68.00 -15.87
C PHE GA 167 -2.57 67.21 -16.23
N LYS GA 168 -2.95 67.26 -17.50
CA LYS GA 168 -4.12 66.56 -18.01
C LYS GA 168 -3.70 65.56 -19.08
N ILE GA 169 -4.24 64.35 -18.98
CA ILE GA 169 -3.93 63.27 -19.91
C ILE GA 169 -5.09 63.12 -20.88
N PRO GA 170 -4.91 63.46 -22.16
CA PRO GA 170 -5.99 63.27 -23.14
C PRO GA 170 -6.07 61.80 -23.54
N GLY GA 171 -7.25 61.20 -23.36
CA GLY GA 171 -7.45 59.80 -23.67
C GLY GA 171 -7.21 58.86 -22.51
N SER GA 172 -6.58 59.32 -21.43
CA SER GA 172 -6.36 58.52 -20.23
C SER GA 172 -5.57 57.24 -20.54
N ASN GA 173 -4.67 57.33 -21.51
CA ASN GA 173 -3.81 56.20 -21.86
C ASN GA 173 -2.58 56.71 -22.58
N LEU GA 174 -1.42 56.20 -22.19
CA LEU GA 174 -0.15 56.62 -22.77
C LEU GA 174 0.65 55.39 -23.20
N PRO GA 175 1.54 55.55 -24.17
CA PRO GA 175 2.49 54.47 -24.47
C PRO GA 175 3.31 54.14 -23.23
N VAL GA 176 3.57 52.85 -23.03
CA VAL GA 176 4.22 52.42 -21.81
C VAL GA 176 5.64 52.96 -21.73
N ASP GA 177 6.27 53.17 -22.88
CA ASP GA 177 7.61 53.77 -22.96
C ASP GA 177 7.55 55.25 -23.31
N PHE GA 178 6.55 55.97 -22.77
CA PHE GA 178 6.38 57.38 -23.12
C PHE GA 178 7.57 58.21 -22.63
N LEU GA 179 8.08 57.93 -21.44
CA LEU GA 179 9.16 58.74 -20.86
C LEU GA 179 10.42 58.69 -21.69
N HIS GA 180 10.60 57.66 -22.52
CA HIS GA 180 11.81 57.56 -23.34
C HIS GA 180 11.91 58.72 -24.32
N HIS GA 181 10.81 59.08 -24.96
CA HIS GA 181 10.80 60.11 -25.99
C HIS GA 181 10.22 61.44 -25.51
N TRP GA 182 10.01 61.60 -24.21
CA TRP GA 182 9.48 62.85 -23.67
C TRP GA 182 10.64 63.78 -23.36
N ASP GA 183 10.68 64.92 -24.06
CA ASP GA 183 11.77 65.88 -23.90
C ASP GA 183 11.35 66.98 -22.94
N LEU GA 184 11.23 66.60 -21.66
CA LEU GA 184 10.87 67.54 -20.60
C LEU GA 184 11.80 67.30 -19.41
N LYS GA 185 12.83 68.13 -19.29
CA LYS GA 185 13.73 68.11 -18.13
C LYS GA 185 13.29 69.24 -17.22
N ILE GA 186 12.61 68.87 -16.12
CA ILE GA 186 12.01 69.86 -15.25
C ILE GA 186 13.04 70.61 -14.42
N GLU GA 187 14.31 70.18 -14.44
CA GLU GA 187 15.36 70.90 -13.74
C GLU GA 187 15.48 72.33 -14.24
N ASP GA 188 15.41 72.53 -15.56
CA ASP GA 188 15.58 73.86 -16.15
C ASP GA 188 14.45 74.81 -15.82
N PHE GA 189 13.34 74.32 -15.25
CA PHE GA 189 12.19 75.15 -14.94
C PHE GA 189 12.10 75.48 -13.46
N ILE GA 190 13.16 75.25 -12.69
CA ILE GA 190 13.19 75.54 -11.26
C ILE GA 190 14.08 76.76 -11.04
N ALA GA 191 13.57 77.74 -10.30
CA ALA GA 191 14.33 78.95 -10.05
C ALA GA 191 15.43 78.69 -9.02
N THR GA 192 16.66 79.05 -9.37
CA THR GA 192 17.78 78.93 -8.45
C THR GA 192 17.89 80.08 -7.47
N SER GA 193 17.19 81.18 -7.73
CA SER GA 193 17.20 82.35 -6.86
C SER GA 193 15.79 82.92 -6.79
N PRO GA 194 15.45 83.63 -5.71
CA PRO GA 194 14.12 84.23 -5.62
C PRO GA 194 13.82 85.21 -6.74
N ASN GA 195 14.82 85.96 -7.21
CA ASN GA 195 14.61 86.93 -8.27
C ASN GA 195 14.65 86.33 -9.65
N GLU GA 196 15.07 85.07 -9.79
CA GLU GA 196 15.12 84.42 -11.09
C GLU GA 196 13.71 84.23 -11.64
N GLN GA 197 13.57 84.43 -12.95
CA GLN GA 197 12.29 84.24 -13.62
C GLN GA 197 12.23 82.80 -14.14
N LYS GA 198 11.43 81.98 -13.46
CA LYS GA 198 11.26 80.57 -13.81
C LYS GA 198 9.82 80.18 -13.50
N PRO GA 199 9.31 79.14 -14.17
CA PRO GA 199 7.95 78.69 -13.87
C PRO GA 199 7.75 78.27 -12.41
N VAL GA 200 8.76 77.65 -11.81
CA VAL GA 200 8.68 77.15 -10.45
C VAL GA 200 9.43 78.11 -9.54
N LYS GA 201 8.75 78.64 -8.53
CA LYS GA 201 9.37 79.57 -7.60
C LYS GA 201 10.41 78.87 -6.74
N PHE GA 202 11.46 79.61 -6.39
CA PHE GA 202 12.53 79.06 -5.58
C PHE GA 202 12.06 78.83 -4.15
N ASP GA 203 12.31 77.62 -3.64
CA ASP GA 203 12.03 77.19 -2.27
C ASP GA 203 10.53 77.17 -1.94
N VAL GA 204 9.66 77.50 -2.87
CA VAL GA 204 8.22 77.43 -2.61
C VAL GA 204 7.75 76.00 -2.86
N PRO GA 205 7.05 75.37 -1.90
CA PRO GA 205 6.62 73.99 -2.09
C PRO GA 205 5.71 73.85 -3.30
N VAL GA 206 5.89 72.75 -4.03
CA VAL GA 206 5.13 72.48 -5.24
C VAL GA 206 4.12 71.38 -4.96
N ALA GA 207 3.12 71.30 -5.83
CA ALA GA 207 2.06 70.30 -5.72
C ALA GA 207 1.78 69.68 -7.08
N LEU GA 208 1.52 68.38 -7.09
CA LEU GA 208 1.18 67.65 -8.30
C LEU GA 208 -0.31 67.33 -8.30
N TYR GA 209 -0.97 67.60 -9.42
CA TYR GA 209 -2.41 67.45 -9.53
C TYR GA 209 -2.75 66.72 -10.81
N GLY GA 210 -3.91 66.06 -10.82
CA GLY GA 210 -4.40 65.37 -11.99
C GLY GA 210 -4.14 63.88 -11.95
N PRO GA 211 -5.04 63.10 -12.52
CA PRO GA 211 -4.85 61.65 -12.56
C PRO GA 211 -3.69 61.26 -13.46
N GLY GA 212 -3.05 60.15 -13.11
CA GLY GA 212 -1.93 59.64 -13.87
C GLY GA 212 -1.33 58.40 -13.25
N PRO GA 213 -0.51 57.70 -14.02
CA PRO GA 213 0.14 56.49 -13.49
C PRO GA 213 1.17 56.82 -12.43
N ASN GA 214 1.48 55.82 -11.60
CA ASN GA 214 2.42 56.02 -10.51
C ASN GA 214 3.81 56.36 -11.03
N TRP GA 215 4.25 55.72 -12.11
CA TRP GA 215 5.59 56.01 -12.64
C TRP GA 215 5.68 57.43 -13.17
N LEU GA 216 4.58 57.97 -13.71
CA LEU GA 216 4.59 59.37 -14.11
C LEU GA 216 4.77 60.29 -12.92
N TYR GA 217 4.10 59.99 -11.80
CA TYR GA 217 4.26 60.80 -10.60
C TYR GA 217 5.68 60.73 -10.08
N ALA GA 218 6.26 59.54 -10.05
CA ALA GA 218 7.63 59.40 -9.56
C ALA GA 218 8.62 60.14 -10.44
N PHE GA 219 8.39 60.12 -11.76
CA PHE GA 219 9.31 60.80 -12.68
C PHE GA 219 9.32 62.30 -12.44
N LEU GA 220 8.16 62.88 -12.13
CA LEU GA 220 8.10 64.31 -11.83
C LEU GA 220 8.57 64.61 -10.41
N THR GA 221 8.30 63.70 -9.47
CA THR GA 221 8.66 63.94 -8.07
C THR GA 221 10.16 63.90 -7.85
N LEU GA 222 10.86 62.98 -8.53
CA LEU GA 222 12.26 62.72 -8.24
C LEU GA 222 13.16 63.95 -8.41
N PRO GA 223 13.08 64.72 -9.50
CA PRO GA 223 14.06 65.81 -9.69
C PRO GA 223 13.94 66.94 -8.68
N PHE GA 224 13.04 66.86 -7.71
CA PHE GA 224 12.84 67.94 -6.75
C PHE GA 224 13.64 67.76 -5.47
N LYS GA 225 14.40 66.68 -5.33
CA LYS GA 225 15.16 66.46 -4.11
C LYS GA 225 16.18 67.57 -3.92
N ASN GA 226 16.27 68.08 -2.70
CA ASN GA 226 17.16 69.20 -2.34
C ASN GA 226 16.82 70.48 -3.09
N ARG GA 227 15.65 70.54 -3.74
CA ARG GA 227 15.25 71.71 -4.50
C ARG GA 227 13.98 72.35 -3.99
N ASN GA 228 12.92 71.57 -3.80
CA ASN GA 228 11.64 72.11 -3.34
C ASN GA 228 10.87 71.03 -2.61
N THR GA 229 10.08 71.45 -1.62
CA THR GA 229 9.14 70.54 -0.97
C THR GA 229 8.05 70.16 -1.95
N VAL GA 230 7.68 68.89 -1.97
CA VAL GA 230 6.75 68.36 -2.97
C VAL GA 230 5.47 67.91 -2.28
N PHE GA 231 4.33 68.32 -2.84
CA PHE GA 231 3.02 67.83 -2.42
C PHE GA 231 2.40 67.05 -3.58
N VAL GA 232 1.59 66.06 -3.23
CA VAL GA 232 0.89 65.26 -4.22
C VAL GA 232 -0.57 65.16 -3.82
N PHE GA 233 -1.43 64.95 -4.82
CA PHE GA 233 -2.88 64.92 -4.62
C PHE GA 233 -3.39 63.49 -4.75
N ASN GA 234 -4.13 63.04 -3.75
CA ASN GA 234 -4.75 61.72 -3.75
C ASN GA 234 -6.26 61.89 -3.79
N SER GA 235 -6.90 61.21 -4.74
CA SER GA 235 -8.35 61.31 -4.91
C SER GA 235 -9.13 60.52 -3.88
N ARG GA 236 -8.47 59.66 -3.10
CA ARG GA 236 -9.19 58.87 -2.11
C ARG GA 236 -9.83 59.75 -1.05
N THR GA 237 -9.13 60.80 -0.63
CA THR GA 237 -9.66 61.76 0.32
C THR GA 237 -9.66 63.18 -0.24
N SER GA 238 -9.31 63.36 -1.51
CA SER GA 238 -9.24 64.67 -2.17
C SER GA 238 -8.42 65.67 -1.34
N GLU GA 239 -7.23 65.24 -0.94
CA GLU GA 239 -6.35 66.07 -0.12
C GLU GA 239 -4.93 66.00 -0.67
N TYR GA 240 -4.14 67.02 -0.31
CA TYR GA 240 -2.74 67.05 -0.70
C TYR GA 240 -1.89 66.33 0.35
N ILE GA 241 -0.88 65.59 -0.13
CA ILE GA 241 -0.01 64.79 0.71
C ILE GA 241 1.41 65.31 0.56
N CYS GA 242 2.06 65.59 1.69
CA CYS GA 242 3.44 66.04 1.69
C CYS GA 242 4.37 64.84 1.72
N VAL GA 243 5.24 64.73 0.72
CA VAL GA 243 6.17 63.61 0.62
C VAL GA 243 7.62 64.05 0.74
N TYR GA 244 7.91 65.34 0.74
CA TYR GA 244 9.27 65.84 0.92
C TYR GA 244 9.27 66.93 1.98
N SER GA 245 10.26 66.88 2.87
CA SER GA 245 10.39 67.81 3.98
C SER GA 245 11.71 68.56 3.82
N LYS GA 246 11.69 69.66 3.08
CA LYS GA 246 12.85 70.54 2.95
C LYS GA 246 12.66 71.88 3.65
N SER GA 247 11.51 72.51 3.48
CA SER GA 247 11.20 73.73 4.20
C SER GA 247 10.87 73.41 5.65
N ALA GA 248 11.24 74.32 6.55
CA ALA GA 248 11.02 74.12 7.97
C ALA GA 248 9.53 74.11 8.28
N GLY GA 249 9.12 73.21 9.16
CA GLY GA 249 7.74 73.12 9.60
C GLY GA 249 6.83 72.31 8.69
N LEU GA 250 7.34 71.73 7.61
CA LEU GA 250 6.55 70.94 6.68
C LEU GA 250 7.02 69.49 6.76
N ALA GA 251 6.47 68.74 7.71
CA ALA GA 251 6.80 67.34 7.86
C ALA GA 251 6.24 66.54 6.68
N PRO GA 252 6.88 65.43 6.31
CA PRO GA 252 6.35 64.60 5.22
C PRO GA 252 5.20 63.74 5.72
N GLY GA 253 3.99 64.10 5.31
CA GLY GA 253 2.80 63.41 5.76
C GLY GA 253 1.70 64.37 6.18
N MET GA 254 2.01 65.66 6.19
CA MET GA 254 1.00 66.67 6.50
C MET GA 254 -0.04 66.72 5.39
N VAL GA 255 -1.30 66.91 5.79
CA VAL GA 255 -2.44 66.85 4.89
C VAL GA 255 -3.05 68.24 4.77
N LEU GA 256 -3.29 68.68 3.54
CA LEU GA 256 -3.96 69.95 3.27
C LEU GA 256 -5.27 69.66 2.55
N LYS GA 257 -6.37 70.14 3.12
CA LYS GA 257 -7.70 69.92 2.55
C LYS GA 257 -7.89 70.91 1.41
N GLY GA 258 -7.50 70.50 0.21
CA GLY GA 258 -7.63 71.34 -0.97
C GLY GA 258 -9.04 71.42 -1.49
#